data_2GPL
#
_entry.id   2GPL
#
_cell.length_a   136.425
_cell.length_b   300.962
_cell.length_c   144.762
_cell.angle_alpha   90.00
_cell.angle_beta   113.17
_cell.angle_gamma   90.00
#
_symmetry.space_group_name_H-M   'P 1 21 1'
#
loop_
_entity.id
_entity.type
_entity.pdbx_description
1 polymer 'Proteasome component Y7'
2 polymer 'Proteasome component Y13'
3 polymer 'Proteasome component PRE6'
4 polymer 'Proteasome component PUP2'
5 polymer 'Proteasome component PRE5'
6 polymer 'Proteasome component C1'
7 polymer 'Proteasome component C7-alpha'
8 polymer 'Proteasome component PUP1'
9 polymer 'Proteasome component PUP3'
10 polymer 'Proteasome component C11'
11 polymer 'Proteasome component PRE2'
12 polymer 'Proteasome component C5'
13 polymer 'Proteasome component PRE4'
14 polymer 'Proteasome component PRE3'
15 non-polymer 'BENZYL [12-(2-AMINO-2-OXOETHYL)-4-NITRO-10,13-DIOXO-15-[(PROPYLAMINO)CARBONYL]-2-OXA-11,14-DIAZATRICYCLO[15 .2.2.1~3,7~]DOCOSA-1(19),3(22),4,6,17,20-HEXAEN-9-YL]CARBAMATE'
16 water water
#
loop_
_entity_poly.entity_id
_entity_poly.type
_entity_poly.pdbx_seq_one_letter_code
_entity_poly.pdbx_strand_id
1 'polypeptide(L)'
;MTDRYSFSLTTFSPSGKLGQIDYALTAVKQGVTSLGIKATNGVVIATEKKSSSPLAMSETLSKVSLLTPDIGAVYSGMGP
DYRVLVDKSRKVAHTSYKRIYGEYPPTKLLVSEVAKIMQEATQSGGVRPFGVSLLIAGHDEFNGFSLYQVDPSGSYFPWK
ATAIGKGSVAAKTFLEKRWNDELELEDAIHIALLTLKESVEGEFNGDTIELAIIGDENPDLLGYTGIPTDKGPRFRKLTS
QEINDRLEAL
;
A,O
2 'polypeptide(L)'
;GSRRYDSRTTIFSPEGRLYQVEYALESISHAGTAIGIMASDGIVLAAERKVTSTLLEQDTSTEKLYKLNDKIAVAVAGLT
ADAEILINTARIHAQNYLKTYNEDIPVEILVRRLSDIKQGYTQHGGLRPFGVSFIYAGYDDRYGYQLYTSNPSGNYTGWK
AISVGANTSAAQTLLQMDYKDDMKVDDAIELALKTLSKTTDSSALTYDRLEFATIRKGANDGEVYQKIFKPQEIKDILVK
TGIT
;
B,P
3 'polypeptide(L)'
;GYDRALSIFSPDGHIFQVEYALEAVKRGTCAVGVKGKNCVVLGCERRSTLKLQDTRITPSKVSKIDSHVVLSFSGLNADS
RILIEKARVEAQSHRLTLEDPVTVEYLTRYVAGVQQRYTQSGGVRPFGVSTLIAGFDPRDDEPKLYQTEPSGIYSSWSAQ
TIGRNSKTVREFLEKNYDRKEPPATVEECVKLTVRSLLEVVQTGAKNIEITVVKPDSDIVALSSEEINQYVTQIEQEKQE
Q
;
C,Q
4 'polypeptide(L)'
;DRGVSTFSPEGRLFQVEYSLEAIKLGSTAIGIATKEGVVLGVEKRATSPLLESDSIEKIVEIDRHIGCAMSGLTADARSM
IEHARTAAVTHNLYYDEDINVESLTQSVCDLALRFGEGASGEERLMSRPFGVALLIAGHDADDGYQLFHAEPSGTFYRYN
AKAIGSGSEGAQAELLNEWHSSLTLKEAELLVLKILKQVMEEKLDENNAQLSCITKQDGFKIYDNEKTAELIKELKEKEA
AE
;
D,R
5 'polypeptide(L)'
;FRNNYDGDTVTFSPTGRLFQVEYALEAIKQGSVTVGLRSNTHAVLVALKRNADELSSYQKKIIKCDEHMGLSLAGLAPDA
RVLSNYLRQQCNYSSLVFNRKLAVERAGHLLCDKAQKNTQSYGGRPYGVGLLIIGYDKSGAHLLEFQPSGNVTELYGTAI
GARSQGAKTYLERTLDTFIKIDGNPDELIKAGVEAISQSLRDESLTVDNLSIAIVGKDTPFTIYDGEAVAKYI
;
E,S
6 'polypeptide(L)'
;GTGYDLSNSVFSPDGRNFQVEYAVKAVENGTTSIGIKCNDGVVFAVEKLITSKLLVPQKNVKIQVVDRHIGCVYSGLIPD
GRHLVNRGREEAASFKKLYKTPIPIPAFADRLGQYVQAHTLYNSVRPFGVSTIFGGVDKNGAHLYMLEPSGSYWGYKGAA
TGKGRQSAKAELEKLVDHHPEGLSAREAVKQAAKIIYLAHEDNKEKDFELEISWCSLSETNGLHKFVKGDLLQEAIDFAQ
KEIN
;
F,T
7 'polypeptide(L)'
;AGYDRHITIFSPEGRLYQVEYAFKATNQTNINSLAVRGKDCTVVISQKKVPDKLLDPTTVSYIFCISRTIGMVVNGPIPD
ARNAALRAKAEAAEFRYKYGYDMPCDVLAKRMANLSQIYTQRAYMRPLGVILTFVSVDEELGPSIYKTDPAGYYVGYKAT
ATGPKQQEITTNLENHFKKSKIDHINEESWEKVVEFAITHMIDALGTEFSKNDLEVGVATKDKFFTLSAENIEERLVAIA
EQD
;
G,U
8 'polypeptide(L)'
;TTIVGVKFNNGVVIAADTRSTQGPIVADKNCAKLHRISPKIWCAGAGTAADTEAVTQLIGSNIELHSLYTSREPRVVSAL
QMLKQHLFKYQGHIGAYLIVAGVDPTGSHLFSIHAHGSTDVGYYLSLGSGSLAAMAVLESHWKQDLTKEEAIKLASDAIQ
AGIWNDLGSGSNVDVCVMEIGKDAEYLRNYLTPNVREEKQKSYKFPRGTTAVLKESIVNICD
;
H,V
9 'polypeptide(L)'
;SDPSSINGGIVVAMTGKDCVAIACDLRLGSQSLGVSNKFEKIFHYGHVFLGITGLATDVTTLNEMFRYKTNLYKLKEERA
IEPETFTQLVSSSLYERRFGPYFVGPVVAGINSKSGKPFIAGFDLIGCIDEAKDFIVSGTASDQLFGMCESLYEPNLEPE
DLFETISQALLNAADRDALSGWGAVVYIIKKDEVVKRYLKMRQD
;
I,W
10 'polypeptide(L)'
;MDIILGIRVQDSVILASSKAVTRGISVLKDSDDKTRQLSPHTLMSFAGEAGDTVQFAEYIQANIQLYSIREDYELSPQAV
SSFVRQELAKSIRSRRPYQVNVLIGGYDKKKNKPELYQIDYLGTKVELPYGAHGYSGFYTFSLLDHHYRPDMTTEEGLDL
LKLCVQELEKRMPMDFKGVIVKIVDKDGIRQVDDFQAQ
;
J,X
11 'polypeptide(L)'
;TTTLAFRFQGGIIVAVDSRATAGNWVASQTVKKVIEINPFLLGTMAGGAADCQFWETWLGSQCRLHELREKERISVAAAS
KILSNLVYQYKGAGLSMGTMICGYTRKEGPTIYYVDSDGTRLKGDIFCVGSGQTFAYGVLDSNYKWDLSVEDALYLGKRS
ILAAAHRDAYSGGSVNLYHVTEDGWIYHGNHDVGELFWKVKEEEGSFNNVIG
;
K,Y
12 'polypeptide(L)'
;QFNPYGDNGGTILGIAGEDFAVLAGDTRNITDYSINSRYEPKVFDCGDNIVMSANGFAADGDALVKRFKNSVKWYHFDHN
DKKLSINSAARNIQHLLYGKRFFPYYVHTIIAGLDEDGKGAVYSFDPVGSYEREQCRAGGAAASLIMPFLDNQVNFKNQY
EPGTNGKVKKPLKYLSVEEVIKLVRDSFTSATERHIQVGDGLEILIVTKDGVRKEFYELKRD
;
L,Z
13 'polypeptide(L)'
;TQQPIVTGTSVISMKYDNGVIIAADNLGSYGSLLRFNGVERLIPVGDNTVVGISGDISDMQHIERLLKDLVTENAYDNPL
ADAEEALEPSYIFEYLATVMYQRRSKMNPLWNAIIVAGVQSNGDQFLRYVNLLGVTYSSPTLATGFGAHMANPLLRKVVD
RESDIPKTTVQVAEEAIVNAMRVLYYRDARSSRNFSLAIIDKNTGLTFKKNLQVENMKWDFAKDIKGYGTQKI
;
M,1
14 'polypeptide(L)'
;TSIMAVTFKDGVILGADSRTTTGAYIANRVTDKLTRVHDKIWCCRSGSAADTQAIADIVQYHLELYTSQYGTPSTETAAS
VFKELCYENKDNLTAGIIVAGYDDKNKGEVYTIPLGGSVHKLPYAIAGSGSTFIYGYCDKNFRENMSKEETVDFIKHSLS
QAIKWDGSSGGVIRMVVLTAAGVERLIFYPDEYEQL
;
N,2
#
loop_
_chem_comp.id
_chem_comp.type
_chem_comp.name
_chem_comp.formula
BIQ non-polymer 'BENZYL [12-(2-AMINO-2-OXOETHYL)-4-NITRO-10,13-DIOXO-15-[(PROPYLAMINO)CARBONYL]-2-OXA-11,14-DIAZATRICYCLO[15 .2.2.1~3,7~]DOCOSA-1(19),3(22),4,6,17,20-HEXAEN-9-YL]CARBAMATE' 'C33 H36 N6 O9'
#
# COMPACT_ATOMS: atom_id res chain seq x y z
N MET A 1 -25.24 40.94 -28.28
CA MET A 1 -25.82 40.84 -26.91
C MET A 1 -24.82 41.42 -25.93
N THR A 2 -24.87 40.91 -24.70
CA THR A 2 -23.97 41.34 -23.62
C THR A 2 -24.14 42.82 -23.33
N ASP A 3 -24.55 43.11 -22.10
CA ASP A 3 -24.74 44.48 -21.68
C ASP A 3 -23.46 45.23 -22.03
N ARG A 4 -23.53 46.11 -23.01
CA ARG A 4 -22.36 46.88 -23.41
C ARG A 4 -22.43 48.25 -22.74
N TYR A 5 -23.42 48.40 -21.87
CA TYR A 5 -23.64 49.63 -21.11
C TYR A 5 -22.89 49.53 -19.79
N SER A 6 -21.58 49.71 -19.85
CA SER A 6 -20.75 49.62 -18.66
C SER A 6 -20.38 50.99 -18.11
N PHE A 7 -21.01 52.03 -18.65
CA PHE A 7 -20.76 53.41 -18.22
C PHE A 7 -21.96 53.96 -17.46
N SER A 8 -21.72 54.91 -16.56
CA SER A 8 -22.78 55.51 -15.77
C SER A 8 -23.84 56.15 -16.65
N LEU A 9 -25.09 56.08 -16.20
CA LEU A 9 -26.21 56.68 -16.91
C LEU A 9 -26.68 57.89 -16.10
N THR A 10 -26.05 58.09 -14.95
CA THR A 10 -26.34 59.20 -14.06
C THR A 10 -25.00 59.90 -13.90
N THR A 11 -24.90 61.13 -14.39
CA THR A 11 -23.65 61.87 -14.27
C THR A 11 -23.90 63.29 -13.75
N PHE A 12 -22.83 64.05 -13.55
CA PHE A 12 -22.96 65.42 -13.05
C PHE A 12 -23.16 66.43 -14.16
N SER A 13 -24.10 67.34 -13.98
CA SER A 13 -24.35 68.37 -14.97
C SER A 13 -23.52 69.58 -14.52
N PRO A 14 -23.26 70.53 -15.42
CA PRO A 14 -22.46 71.70 -15.04
C PRO A 14 -22.86 72.37 -13.73
N SER A 15 -24.16 72.39 -13.44
CA SER A 15 -24.65 73.01 -12.20
C SER A 15 -24.39 72.14 -10.97
N GLY A 16 -24.00 70.89 -11.19
CA GLY A 16 -23.73 69.99 -10.09
C GLY A 16 -24.90 69.08 -9.75
N LYS A 17 -25.96 69.18 -10.54
CA LYS A 17 -27.13 68.34 -10.32
C LYS A 17 -26.91 66.95 -10.91
N LEU A 18 -27.61 65.97 -10.37
CA LEU A 18 -27.53 64.61 -10.88
C LEU A 18 -28.94 64.34 -11.41
N GLY A 19 -29.16 64.80 -12.64
CA GLY A 19 -30.44 64.66 -13.31
C GLY A 19 -31.29 63.43 -13.01
N GLN A 20 -30.79 62.24 -13.35
CA GLN A 20 -31.53 61.02 -13.13
C GLN A 20 -32.06 60.86 -11.71
N ILE A 21 -31.31 61.32 -10.71
CA ILE A 21 -31.78 61.22 -9.34
C ILE A 21 -32.89 62.24 -9.12
N ASP A 22 -32.75 63.42 -9.71
CA ASP A 22 -33.76 64.45 -9.58
C ASP A 22 -35.07 63.95 -10.18
N TYR A 23 -34.96 63.40 -11.39
CA TYR A 23 -36.12 62.87 -12.10
C TYR A 23 -36.77 61.74 -11.31
N ALA A 24 -35.95 60.87 -10.74
CA ALA A 24 -36.48 59.79 -9.93
C ALA A 24 -37.31 60.42 -8.81
N LEU A 25 -36.76 61.43 -8.15
CA LEU A 25 -37.48 62.09 -7.07
C LEU A 25 -38.81 62.64 -7.57
N THR A 26 -38.83 63.11 -8.81
CA THR A 26 -40.06 63.65 -9.39
C THR A 26 -41.08 62.52 -9.50
N ALA A 27 -40.63 61.34 -9.92
CA ALA A 27 -41.52 60.20 -10.05
C ALA A 27 -42.12 59.92 -8.68
N VAL A 28 -41.30 60.03 -7.64
CA VAL A 28 -41.76 59.81 -6.29
C VAL A 28 -42.87 60.78 -5.91
N LYS A 29 -42.74 62.05 -6.30
CA LYS A 29 -43.73 63.06 -6.01
C LYS A 29 -45.13 62.75 -6.53
N GLN A 30 -45.21 62.14 -7.71
CA GLN A 30 -46.49 61.78 -8.31
C GLN A 30 -47.08 60.56 -7.64
N GLY A 31 -46.29 59.90 -6.80
CA GLY A 31 -46.77 58.71 -6.14
C GLY A 31 -47.83 58.94 -5.08
N VAL A 32 -48.59 57.91 -4.77
CA VAL A 32 -49.63 58.04 -3.76
C VAL A 32 -48.95 58.34 -2.42
N THR A 33 -49.61 59.15 -1.60
CA THR A 33 -49.06 59.52 -0.31
C THR A 33 -48.96 58.36 0.65
N SER A 34 -47.85 58.32 1.41
CA SER A 34 -47.62 57.31 2.45
C SER A 34 -46.93 58.02 3.62
N LEU A 35 -47.15 57.53 4.84
CA LEU A 35 -46.58 58.20 5.99
C LEU A 35 -46.19 57.29 7.14
N GLY A 36 -45.47 57.84 8.12
CA GLY A 36 -45.04 57.08 9.27
C GLY A 36 -45.01 57.93 10.53
N ILE A 37 -45.41 57.36 11.65
CA ILE A 37 -45.42 58.09 12.91
C ILE A 37 -44.89 57.24 14.04
N LYS A 38 -43.92 57.77 14.77
CA LYS A 38 -43.33 57.04 15.85
C LYS A 38 -43.97 57.43 17.17
N ALA A 39 -44.39 56.45 17.95
CA ALA A 39 -45.00 56.70 19.25
C ALA A 39 -43.98 56.25 20.31
N THR A 40 -44.33 56.35 21.58
CA THR A 40 -43.42 55.95 22.65
C THR A 40 -43.28 54.42 22.69
N ASN A 41 -44.32 53.72 22.26
CA ASN A 41 -44.29 52.27 22.30
C ASN A 41 -44.67 51.63 20.97
N GLY A 42 -44.21 52.22 19.88
CA GLY A 42 -44.51 51.65 18.57
C GLY A 42 -44.36 52.63 17.44
N VAL A 43 -44.61 52.15 16.22
CA VAL A 43 -44.52 52.97 15.04
C VAL A 43 -45.63 52.53 14.12
N VAL A 44 -46.15 53.46 13.32
CA VAL A 44 -47.21 53.13 12.38
C VAL A 44 -46.83 53.68 11.02
N ILE A 45 -47.04 52.87 9.99
CA ILE A 45 -46.78 53.30 8.62
C ILE A 45 -48.07 53.03 7.87
N ALA A 46 -48.44 53.95 6.99
CA ALA A 46 -49.69 53.78 6.26
C ALA A 46 -49.65 54.40 4.88
N THR A 47 -50.57 53.96 4.03
CA THR A 47 -50.65 54.47 2.68
C THR A 47 -52.06 54.21 2.14
N GLU A 48 -52.33 54.66 0.93
CA GLU A 48 -53.63 54.46 0.30
C GLU A 48 -53.53 53.36 -0.76
N LYS A 49 -54.51 52.45 -0.80
CA LYS A 49 -54.50 51.39 -1.80
C LYS A 49 -55.26 51.87 -3.03
N LYS A 50 -54.56 52.64 -3.86
CA LYS A 50 -55.13 53.21 -5.08
C LYS A 50 -55.49 52.17 -6.15
N SER A 51 -56.55 51.39 -5.91
CA SER A 51 -56.99 50.37 -6.85
C SER A 51 -57.12 50.94 -8.28
N SER A 52 -56.39 50.37 -9.22
CA SER A 52 -56.41 50.81 -10.62
C SER A 52 -57.56 50.22 -11.45
N SER A 53 -58.60 49.78 -10.76
CA SER A 53 -59.80 49.19 -11.37
C SER A 53 -60.56 48.46 -10.28
N PRO A 54 -61.90 48.54 -10.31
CA PRO A 54 -62.68 47.84 -9.28
C PRO A 54 -62.64 46.33 -9.48
N LEU A 55 -62.26 45.91 -10.69
CA LEU A 55 -62.15 44.48 -11.00
C LEU A 55 -60.90 43.87 -10.37
N ALA A 56 -59.93 44.73 -10.09
CA ALA A 56 -58.69 44.31 -9.46
C ALA A 56 -59.04 43.96 -8.03
N MET A 57 -58.20 43.13 -7.41
CA MET A 57 -58.40 42.73 -6.03
C MET A 57 -57.35 43.41 -5.17
N SER A 58 -57.72 44.56 -4.60
CA SER A 58 -56.82 45.35 -3.77
C SER A 58 -55.99 44.58 -2.74
N GLU A 59 -56.50 43.45 -2.26
CA GLU A 59 -55.75 42.67 -1.28
C GLU A 59 -54.55 41.98 -1.91
N THR A 60 -54.70 41.53 -3.15
CA THR A 60 -53.61 40.85 -3.87
C THR A 60 -52.45 41.79 -4.16
N LEU A 61 -52.46 42.95 -3.53
CA LEU A 61 -51.38 43.89 -3.74
C LEU A 61 -51.11 44.64 -2.43
N SER A 62 -50.06 44.23 -1.73
CA SER A 62 -49.68 44.89 -0.50
C SER A 62 -48.66 45.96 -0.79
N LYS A 63 -48.89 47.14 -0.25
CA LYS A 63 -47.97 48.24 -0.43
C LYS A 63 -47.13 48.32 0.83
N VAL A 64 -47.59 47.65 1.88
CA VAL A 64 -46.88 47.61 3.15
C VAL A 64 -46.31 46.21 3.29
N SER A 65 -44.99 46.10 3.44
CA SER A 65 -44.33 44.81 3.51
C SER A 65 -43.50 44.57 4.75
N LEU A 66 -43.48 43.31 5.19
CA LEU A 66 -42.68 42.89 6.32
C LEU A 66 -41.32 42.53 5.73
N LEU A 67 -40.26 43.08 6.32
CA LEU A 67 -38.90 42.81 5.87
C LEU A 67 -38.28 41.79 6.81
N THR A 68 -38.63 41.91 8.09
CA THR A 68 -38.18 41.00 9.14
C THR A 68 -39.32 41.05 10.14
N PRO A 69 -39.38 40.10 11.08
CA PRO A 69 -40.49 40.17 12.04
C PRO A 69 -40.59 41.44 12.90
N ASP A 70 -39.61 42.34 12.80
CA ASP A 70 -39.65 43.58 13.58
C ASP A 70 -39.44 44.82 12.71
N ILE A 71 -39.49 44.63 11.40
CA ILE A 71 -39.28 45.76 10.48
C ILE A 71 -40.25 45.70 9.30
N GLY A 72 -40.82 46.86 8.97
CA GLY A 72 -41.75 46.93 7.86
C GLY A 72 -41.40 48.09 6.95
N ALA A 73 -41.88 48.04 5.72
CA ALA A 73 -41.62 49.10 4.77
C ALA A 73 -42.86 49.49 3.98
N VAL A 74 -42.87 50.73 3.51
CA VAL A 74 -43.96 51.25 2.71
C VAL A 74 -43.29 52.24 1.76
N TYR A 75 -43.95 52.60 0.68
CA TYR A 75 -43.32 53.51 -0.27
C TYR A 75 -44.25 54.46 -1.02
N SER A 76 -43.64 55.23 -1.91
CA SER A 76 -44.31 56.16 -2.78
C SER A 76 -43.45 56.24 -4.02
N GLY A 77 -44.06 56.03 -5.17
CA GLY A 77 -43.33 56.06 -6.41
C GLY A 77 -43.70 54.87 -7.27
N MET A 78 -42.70 54.28 -7.92
CA MET A 78 -42.89 53.15 -8.81
C MET A 78 -42.98 51.81 -8.10
N GLY A 79 -44.21 51.30 -7.98
CA GLY A 79 -44.45 50.02 -7.32
C GLY A 79 -43.53 48.87 -7.71
N PRO A 80 -43.33 48.58 -9.01
CA PRO A 80 -42.44 47.48 -9.36
C PRO A 80 -41.00 47.62 -8.82
N ASP A 81 -40.48 48.85 -8.78
CA ASP A 81 -39.14 49.07 -8.23
C ASP A 81 -39.16 48.73 -6.74
N TYR A 82 -40.25 49.08 -6.07
CA TYR A 82 -40.41 48.79 -4.65
C TYR A 82 -40.43 47.28 -4.39
N ARG A 83 -41.15 46.56 -5.24
CA ARG A 83 -41.26 45.12 -5.09
C ARG A 83 -39.89 44.42 -5.16
N VAL A 84 -39.07 44.75 -6.17
CA VAL A 84 -37.77 44.11 -6.25
C VAL A 84 -36.88 44.58 -5.12
N LEU A 85 -37.08 45.81 -4.64
CA LEU A 85 -36.29 46.32 -3.52
C LEU A 85 -36.60 45.54 -2.25
N VAL A 86 -37.87 45.18 -2.09
CA VAL A 86 -38.32 44.41 -0.93
C VAL A 86 -37.72 43.00 -0.97
N ASP A 87 -37.72 42.39 -2.16
CA ASP A 87 -37.15 41.05 -2.28
C ASP A 87 -35.69 41.10 -1.84
N LYS A 88 -34.94 42.06 -2.40
CA LYS A 88 -33.54 42.22 -2.08
C LYS A 88 -33.34 42.55 -0.60
N SER A 89 -34.20 43.39 -0.05
CA SER A 89 -34.06 43.77 1.35
C SER A 89 -34.26 42.57 2.27
N ARG A 90 -35.24 41.73 1.97
CA ARG A 90 -35.49 40.58 2.81
C ARG A 90 -34.32 39.61 2.73
N LYS A 91 -33.73 39.50 1.56
CA LYS A 91 -32.61 38.57 1.38
C LYS A 91 -31.32 39.07 2.01
N VAL A 92 -31.05 40.37 1.89
CA VAL A 92 -29.83 40.91 2.45
C VAL A 92 -29.88 40.84 3.98
N ALA A 93 -31.08 40.89 4.54
CA ALA A 93 -31.21 40.80 5.98
C ALA A 93 -30.70 39.44 6.44
N HIS A 94 -30.86 38.43 5.58
CA HIS A 94 -30.41 37.08 5.90
C HIS A 94 -28.93 36.89 5.59
N THR A 95 -28.56 37.02 4.32
CA THR A 95 -27.19 36.82 3.88
C THR A 95 -26.14 37.70 4.55
N SER A 96 -26.46 38.96 4.78
CA SER A 96 -25.49 39.84 5.39
C SER A 96 -25.64 40.01 6.89
N TYR A 97 -26.52 39.26 7.50
CA TYR A 97 -26.70 39.44 8.92
C TYR A 97 -27.18 38.22 9.70
N LYS A 98 -28.38 37.74 9.42
CA LYS A 98 -28.88 36.60 10.18
C LYS A 98 -28.02 35.35 10.03
N ARG A 99 -27.46 35.13 8.84
CA ARG A 99 -26.62 33.97 8.61
C ARG A 99 -25.23 34.12 9.24
N ILE A 100 -24.97 35.30 9.80
CA ILE A 100 -23.71 35.58 10.44
C ILE A 100 -23.80 35.63 11.96
N TYR A 101 -24.75 36.41 12.47
CA TYR A 101 -24.94 36.57 13.93
C TYR A 101 -26.15 35.84 14.50
N GLY A 102 -26.88 35.12 13.65
CA GLY A 102 -28.02 34.37 14.14
C GLY A 102 -29.19 35.19 14.68
N GLU A 103 -29.26 36.45 14.28
CA GLU A 103 -30.35 37.33 14.70
C GLU A 103 -30.62 38.31 13.56
N TYR A 104 -31.82 38.86 13.52
CA TYR A 104 -32.17 39.80 12.46
C TYR A 104 -31.44 41.11 12.67
N PRO A 105 -31.19 41.83 11.58
CA PRO A 105 -30.47 43.12 11.70
C PRO A 105 -31.27 44.22 12.37
N PRO A 106 -30.59 45.15 13.04
CA PRO A 106 -31.32 46.24 13.68
C PRO A 106 -31.81 47.16 12.55
N THR A 107 -32.89 47.90 12.79
CA THR A 107 -33.47 48.78 11.78
C THR A 107 -32.48 49.64 10.97
N LYS A 108 -31.64 50.40 11.65
CA LYS A 108 -30.70 51.26 10.96
C LYS A 108 -29.79 50.49 9.97
N LEU A 109 -29.26 49.35 10.41
CA LEU A 109 -28.38 48.56 9.54
C LEU A 109 -29.05 48.04 8.29
N LEU A 110 -30.27 47.52 8.43
CA LEU A 110 -30.98 47.01 7.27
C LEU A 110 -31.24 48.17 6.32
N VAL A 111 -31.63 49.31 6.89
CA VAL A 111 -31.92 50.52 6.12
C VAL A 111 -30.64 50.88 5.39
N SER A 112 -29.54 50.79 6.11
CA SER A 112 -28.23 51.09 5.58
C SER A 112 -27.98 50.20 4.36
N GLU A 113 -28.40 48.95 4.47
CA GLU A 113 -28.25 47.99 3.38
C GLU A 113 -29.05 48.38 2.16
N VAL A 114 -30.33 48.70 2.37
CA VAL A 114 -31.20 49.07 1.27
C VAL A 114 -30.67 50.29 0.56
N ALA A 115 -30.26 51.26 1.36
CA ALA A 115 -29.73 52.52 0.85
C ALA A 115 -28.53 52.23 -0.06
N LYS A 116 -27.71 51.27 0.33
CA LYS A 116 -26.56 50.94 -0.48
C LYS A 116 -26.99 50.46 -1.86
N ILE A 117 -27.98 49.57 -1.89
CA ILE A 117 -28.50 49.03 -3.14
C ILE A 117 -28.98 50.16 -4.04
N MET A 118 -29.63 51.15 -3.43
CA MET A 118 -30.12 52.28 -4.20
C MET A 118 -28.96 53.15 -4.66
N GLN A 119 -27.99 53.39 -3.80
CA GLN A 119 -26.84 54.22 -4.19
C GLN A 119 -26.13 53.67 -5.43
N GLU A 120 -26.02 52.35 -5.49
CA GLU A 120 -25.35 51.73 -6.62
C GLU A 120 -26.06 51.92 -7.95
N ALA A 121 -27.38 51.97 -7.92
CA ALA A 121 -28.18 52.16 -9.14
C ALA A 121 -28.05 53.61 -9.60
N THR A 122 -27.21 54.35 -8.91
CA THR A 122 -26.97 55.77 -9.14
C THR A 122 -25.60 55.99 -9.78
N GLN A 123 -24.79 54.93 -9.77
CA GLN A 123 -23.42 55.03 -10.26
C GLN A 123 -22.96 53.84 -11.13
N SER A 124 -23.51 52.66 -10.90
CA SER A 124 -23.12 51.49 -11.70
C SER A 124 -23.39 51.72 -13.17
N GLY A 125 -22.80 50.90 -14.01
CA GLY A 125 -23.01 51.06 -15.42
C GLY A 125 -24.35 50.53 -15.89
N GLY A 126 -24.86 51.15 -16.95
CA GLY A 126 -26.12 50.74 -17.56
C GLY A 126 -27.43 50.69 -16.79
N VAL A 127 -27.60 51.46 -15.73
CA VAL A 127 -28.87 51.41 -15.02
C VAL A 127 -29.38 52.80 -14.69
N ARG A 128 -30.62 52.87 -14.21
CA ARG A 128 -31.25 54.13 -13.84
C ARG A 128 -31.55 54.00 -12.35
N PRO A 129 -31.61 55.13 -11.65
CA PRO A 129 -31.90 55.06 -10.20
C PRO A 129 -33.28 54.46 -9.98
N PHE A 130 -33.54 53.99 -8.76
CA PHE A 130 -34.86 53.45 -8.43
C PHE A 130 -35.82 54.63 -8.31
N GLY A 131 -37.03 54.48 -8.85
CA GLY A 131 -38.00 55.56 -8.78
C GLY A 131 -38.89 55.47 -7.54
N VAL A 132 -38.31 55.29 -6.36
CA VAL A 132 -39.13 55.23 -5.16
C VAL A 132 -38.46 55.79 -3.92
N SER A 133 -39.25 56.04 -2.90
CA SER A 133 -38.75 56.51 -1.60
C SER A 133 -39.45 55.58 -0.63
N LEU A 134 -38.70 55.08 0.34
CA LEU A 134 -39.30 54.16 1.28
C LEU A 134 -39.32 54.71 2.69
N LEU A 135 -40.29 54.27 3.47
CA LEU A 135 -40.37 54.62 4.87
C LEU A 135 -40.26 53.25 5.50
N ILE A 136 -39.24 53.06 6.32
CA ILE A 136 -39.01 51.79 6.97
C ILE A 136 -39.14 52.00 8.46
N ALA A 137 -39.95 51.16 9.09
CA ALA A 137 -40.16 51.26 10.52
C ALA A 137 -39.86 49.93 11.20
N GLY A 138 -39.21 50.00 12.35
CA GLY A 138 -38.88 48.77 13.04
C GLY A 138 -38.48 48.97 14.48
N HIS A 139 -38.11 47.85 15.11
CA HIS A 139 -37.69 47.87 16.49
C HIS A 139 -36.57 46.86 16.71
N ASP A 140 -35.66 47.19 17.62
CA ASP A 140 -34.57 46.28 17.95
C ASP A 140 -34.17 46.60 19.38
N GLU A 141 -33.81 45.55 20.11
CA GLU A 141 -33.45 45.65 21.52
C GLU A 141 -32.59 46.82 21.98
N PHE A 142 -31.54 47.14 21.25
CA PHE A 142 -30.69 48.24 21.68
C PHE A 142 -31.03 49.62 21.14
N ASN A 143 -32.01 49.72 20.26
CA ASN A 143 -32.37 51.02 19.69
C ASN A 143 -33.86 51.36 19.87
N GLY A 144 -34.63 50.39 20.36
CA GLY A 144 -36.05 50.62 20.54
C GLY A 144 -36.76 50.75 19.21
N PHE A 145 -37.70 51.68 19.12
CA PHE A 145 -38.44 51.90 17.89
C PHE A 145 -37.79 52.98 17.05
N SER A 146 -37.89 52.84 15.73
CA SER A 146 -37.31 53.83 14.84
C SER A 146 -38.03 53.87 13.51
N LEU A 147 -37.91 55.01 12.83
CA LEU A 147 -38.54 55.23 11.53
C LEU A 147 -37.52 55.92 10.63
N TYR A 148 -37.40 55.44 9.40
CA TYR A 148 -36.44 56.00 8.46
C TYR A 148 -37.05 56.20 7.09
N GLN A 149 -36.47 57.14 6.34
CA GLN A 149 -36.90 57.43 4.98
C GLN A 149 -35.67 57.19 4.13
N VAL A 150 -35.83 56.56 2.97
CA VAL A 150 -34.71 56.28 2.07
C VAL A 150 -35.08 56.79 0.68
N ASP A 151 -34.24 57.67 0.14
CA ASP A 151 -34.48 58.25 -1.18
C ASP A 151 -33.71 57.61 -2.33
N PRO A 152 -34.14 57.88 -3.58
CA PRO A 152 -33.50 57.34 -4.78
C PRO A 152 -31.98 57.56 -4.82
N SER A 153 -31.52 58.60 -4.14
CA SER A 153 -30.09 58.90 -4.10
C SER A 153 -29.36 57.88 -3.24
N GLY A 154 -30.07 57.32 -2.28
CA GLY A 154 -29.49 56.35 -1.38
C GLY A 154 -29.38 56.96 0.02
N SER A 155 -29.78 58.22 0.13
CA SER A 155 -29.75 58.94 1.39
C SER A 155 -30.85 58.45 2.29
N TYR A 156 -30.65 58.54 3.60
CA TYR A 156 -31.68 58.10 4.51
C TYR A 156 -31.59 58.89 5.80
N PHE A 157 -32.71 59.10 6.45
CA PHE A 157 -32.72 59.87 7.68
C PHE A 157 -33.81 59.42 8.63
N PRO A 158 -33.56 59.53 9.94
CA PRO A 158 -34.51 59.14 10.99
C PRO A 158 -35.55 60.24 11.22
N TRP A 159 -36.80 59.83 11.41
CA TRP A 159 -37.90 60.76 11.63
C TRP A 159 -38.74 60.43 12.84
N LYS A 160 -39.41 61.44 13.39
CA LYS A 160 -40.33 61.24 14.50
C LYS A 160 -41.65 60.96 13.79
N ALA A 161 -41.82 61.62 12.65
CA ALA A 161 -43.01 61.46 11.81
C ALA A 161 -42.75 62.12 10.46
N THR A 162 -43.31 61.58 9.40
CA THR A 162 -43.13 62.18 8.08
C THR A 162 -44.05 61.60 7.04
N ALA A 163 -44.04 62.19 5.85
CA ALA A 163 -44.86 61.72 4.74
C ALA A 163 -44.11 61.92 3.44
N ILE A 164 -44.40 61.07 2.47
CA ILE A 164 -43.75 61.14 1.16
C ILE A 164 -44.83 60.98 0.09
N GLY A 165 -44.54 61.46 -1.11
CA GLY A 165 -45.50 61.34 -2.20
C GLY A 165 -46.30 62.61 -2.46
N LYS A 166 -47.43 62.42 -3.14
CA LYS A 166 -48.36 63.49 -3.53
C LYS A 166 -48.54 64.67 -2.58
N GLY A 167 -49.27 64.47 -1.49
CA GLY A 167 -49.50 65.58 -0.58
C GLY A 167 -48.61 65.57 0.64
N SER A 168 -47.35 65.25 0.42
CA SER A 168 -46.39 65.16 1.50
C SER A 168 -46.22 66.48 2.24
N VAL A 169 -46.17 67.57 1.49
CA VAL A 169 -45.98 68.90 2.11
C VAL A 169 -47.09 69.23 3.11
N ALA A 170 -48.34 69.08 2.67
CA ALA A 170 -49.47 69.34 3.55
C ALA A 170 -49.44 68.38 4.74
N ALA A 171 -49.25 67.09 4.43
CA ALA A 171 -49.20 66.03 5.44
C ALA A 171 -48.14 66.28 6.49
N LYS A 172 -46.94 66.64 6.07
CA LYS A 172 -45.87 66.89 7.02
C LYS A 172 -46.26 68.03 7.94
N THR A 173 -46.90 69.05 7.39
CA THR A 173 -47.34 70.18 8.20
C THR A 173 -48.36 69.73 9.23
N PHE A 174 -49.38 68.99 8.78
CA PHE A 174 -50.39 68.55 9.73
C PHE A 174 -49.78 67.68 10.82
N LEU A 175 -48.75 66.92 10.46
CA LEU A 175 -48.09 66.04 11.42
C LEU A 175 -47.33 66.83 12.49
N GLU A 176 -46.66 67.91 12.07
CA GLU A 176 -45.90 68.73 13.00
C GLU A 176 -46.81 69.31 14.09
N LYS A 177 -48.07 69.52 13.77
CA LYS A 177 -49.02 70.06 14.74
C LYS A 177 -49.43 69.04 15.78
N ARG A 178 -49.83 67.86 15.32
CA ARG A 178 -50.31 66.80 16.21
C ARG A 178 -49.26 65.96 16.94
N TRP A 179 -48.01 65.96 16.46
CA TRP A 179 -46.99 65.13 17.09
C TRP A 179 -46.36 65.70 18.36
N ASN A 180 -46.07 64.82 19.30
CA ASN A 180 -45.43 65.19 20.56
C ASN A 180 -44.70 63.92 21.01
N ASP A 181 -43.80 64.04 21.97
CA ASP A 181 -43.03 62.90 22.43
C ASP A 181 -43.67 62.04 23.52
N GLU A 182 -44.98 62.17 23.71
CA GLU A 182 -45.67 61.38 24.73
C GLU A 182 -46.81 60.56 24.14
N LEU A 183 -46.85 60.47 22.81
CA LEU A 183 -47.88 59.72 22.11
C LEU A 183 -47.83 58.22 22.36
N GLU A 184 -49.00 57.62 22.51
CA GLU A 184 -49.12 56.18 22.72
C GLU A 184 -49.36 55.65 21.28
N LEU A 185 -49.19 54.35 21.05
CA LEU A 185 -49.38 53.82 19.70
C LEU A 185 -50.74 54.12 19.08
N GLU A 186 -51.81 53.96 19.86
CA GLU A 186 -53.18 54.23 19.37
C GLU A 186 -53.37 55.67 18.94
N ASP A 187 -52.71 56.58 19.66
CA ASP A 187 -52.78 58.00 19.34
C ASP A 187 -52.19 58.25 17.97
N ALA A 188 -51.05 57.60 17.70
CA ALA A 188 -50.38 57.74 16.41
C ALA A 188 -51.22 57.15 15.30
N ILE A 189 -51.83 56.00 15.55
CA ILE A 189 -52.67 55.37 14.54
C ILE A 189 -53.79 56.34 14.20
N HIS A 190 -54.36 56.94 15.25
CA HIS A 190 -55.43 57.89 15.07
C HIS A 190 -54.95 59.09 14.25
N ILE A 191 -53.83 59.67 14.63
CA ILE A 191 -53.28 60.81 13.90
C ILE A 191 -52.95 60.41 12.48
N ALA A 192 -52.50 59.16 12.33
CA ALA A 192 -52.15 58.64 11.01
C ALA A 192 -53.39 58.62 10.12
N LEU A 193 -54.48 58.12 10.68
CA LEU A 193 -55.74 58.03 9.95
C LEU A 193 -56.26 59.40 9.56
N LEU A 194 -56.12 60.37 10.46
CA LEU A 194 -56.58 61.73 10.19
C LEU A 194 -55.77 62.31 9.05
N THR A 195 -54.44 62.20 9.17
CA THR A 195 -53.51 62.72 8.16
C THR A 195 -53.77 62.15 6.79
N LEU A 196 -53.98 60.84 6.73
CA LEU A 196 -54.22 60.17 5.47
C LEU A 196 -55.54 60.56 4.82
N LYS A 197 -56.54 60.89 5.65
CA LYS A 197 -57.85 61.29 5.13
C LYS A 197 -57.76 62.48 4.17
N GLU A 198 -56.94 63.48 4.52
CA GLU A 198 -56.79 64.67 3.68
C GLU A 198 -56.21 64.35 2.30
N SER A 199 -55.44 63.27 2.20
CA SER A 199 -54.81 62.89 0.95
C SER A 199 -55.64 61.93 0.10
N VAL A 200 -56.73 61.41 0.66
CA VAL A 200 -57.57 60.48 -0.08
C VAL A 200 -58.80 61.16 -0.67
N GLU A 201 -58.90 61.12 -2.00
CA GLU A 201 -60.00 61.73 -2.73
C GLU A 201 -61.33 60.98 -2.62
N GLY A 202 -61.30 59.68 -2.92
CA GLY A 202 -62.50 58.86 -2.88
C GLY A 202 -62.85 58.21 -1.56
N GLU A 203 -63.22 56.93 -1.62
CA GLU A 203 -63.58 56.19 -0.43
C GLU A 203 -62.45 56.08 0.57
N PHE A 204 -62.79 56.14 1.85
CA PHE A 204 -61.79 56.07 2.91
C PHE A 204 -62.23 55.06 3.97
N ASN A 205 -61.80 53.82 3.80
CA ASN A 205 -62.17 52.76 4.73
C ASN A 205 -61.06 51.70 4.79
N GLY A 206 -61.29 50.67 5.58
CA GLY A 206 -60.32 49.60 5.74
C GLY A 206 -60.02 48.79 4.49
N ASP A 207 -60.66 49.11 3.37
CA ASP A 207 -60.40 48.37 2.13
C ASP A 207 -59.64 49.21 1.13
N THR A 208 -59.60 50.52 1.35
CA THR A 208 -58.90 51.45 0.47
C THR A 208 -57.66 51.99 1.18
N ILE A 209 -57.49 51.55 2.43
CA ILE A 209 -56.37 51.96 3.26
C ILE A 209 -55.55 50.75 3.72
N GLU A 210 -54.22 50.90 3.72
CA GLU A 210 -53.31 49.85 4.15
C GLU A 210 -52.52 50.44 5.32
N LEU A 211 -52.54 49.76 6.47
CA LEU A 211 -51.83 50.27 7.63
C LEU A 211 -51.23 49.17 8.51
N ALA A 212 -49.97 49.36 8.90
CA ALA A 212 -49.28 48.38 9.73
C ALA A 212 -48.57 49.06 10.89
N ILE A 213 -48.22 48.30 11.91
CA ILE A 213 -47.53 48.85 13.07
C ILE A 213 -46.34 48.00 13.51
N ILE A 214 -45.53 48.58 14.36
CA ILE A 214 -44.39 47.88 14.93
C ILE A 214 -44.61 48.16 16.40
N GLY A 215 -45.07 47.15 17.14
CA GLY A 215 -45.35 47.36 18.55
C GLY A 215 -44.88 46.24 19.44
N ASP A 216 -45.77 45.76 20.31
CA ASP A 216 -45.42 44.65 21.20
C ASP A 216 -45.25 43.38 20.40
N GLU A 217 -44.77 42.33 21.07
CA GLU A 217 -44.58 41.05 20.43
C GLU A 217 -45.91 40.30 20.33
N ASN A 218 -46.13 39.62 19.21
CA ASN A 218 -47.37 38.87 18.95
C ASN A 218 -47.15 37.36 19.02
N PRO A 219 -47.06 36.80 20.24
CA PRO A 219 -46.84 35.36 20.39
C PRO A 219 -47.82 34.56 19.55
N ASP A 220 -49.04 35.05 19.49
CA ASP A 220 -50.10 34.40 18.72
C ASP A 220 -49.78 34.34 17.23
N LEU A 221 -48.83 35.16 16.80
CA LEU A 221 -48.45 35.19 15.39
C LEU A 221 -47.16 34.43 15.10
N LEU A 222 -46.59 33.77 16.12
CA LEU A 222 -45.35 33.03 15.98
C LEU A 222 -45.51 31.70 15.25
N GLY A 223 -46.53 30.92 15.60
CA GLY A 223 -46.75 29.66 14.92
C GLY A 223 -46.27 28.43 15.68
N TYR A 224 -45.58 28.66 16.80
CA TYR A 224 -45.09 27.57 17.64
C TYR A 224 -44.82 28.06 19.05
N THR A 225 -44.57 27.13 19.97
CA THR A 225 -44.28 27.46 21.35
C THR A 225 -43.19 26.53 21.88
N GLY A 226 -42.60 26.87 23.01
CA GLY A 226 -41.55 26.04 23.58
C GLY A 226 -40.19 26.69 23.68
N ILE A 227 -40.04 27.85 23.05
CA ILE A 227 -38.77 28.57 23.09
C ILE A 227 -39.01 29.93 23.74
N PRO A 228 -38.85 30.01 25.07
CA PRO A 228 -39.04 31.22 25.87
C PRO A 228 -38.58 32.55 25.27
N THR A 229 -37.42 32.58 24.64
CA THR A 229 -36.90 33.82 24.07
C THR A 229 -37.58 34.26 22.77
N ASP A 230 -38.42 33.40 22.20
CA ASP A 230 -39.13 33.74 20.97
C ASP A 230 -40.57 34.08 21.35
N LYS A 231 -40.87 35.37 21.43
CA LYS A 231 -42.22 35.81 21.81
C LYS A 231 -43.11 36.27 20.65
N GLY A 232 -42.61 36.17 19.43
CA GLY A 232 -43.39 36.58 18.27
C GLY A 232 -42.94 37.89 17.64
N PRO A 233 -43.43 38.19 16.42
CA PRO A 233 -43.09 39.41 15.68
C PRO A 233 -43.74 40.67 16.23
N ARG A 234 -43.06 41.80 16.09
CA ARG A 234 -43.57 43.08 16.55
C ARG A 234 -44.29 43.76 15.40
N PHE A 235 -44.06 43.25 14.19
CA PHE A 235 -44.68 43.79 13.00
C PHE A 235 -46.08 43.21 12.85
N ARG A 236 -47.07 44.07 12.71
CA ARG A 236 -48.42 43.58 12.53
C ARG A 236 -49.20 44.49 11.59
N LYS A 237 -49.77 43.87 10.56
CA LYS A 237 -50.57 44.59 9.59
C LYS A 237 -51.99 44.62 10.18
N LEU A 238 -52.69 45.75 10.06
CA LEU A 238 -54.04 45.80 10.59
C LEU A 238 -55.02 45.23 9.57
N THR A 239 -56.15 44.74 10.06
CA THR A 239 -57.17 44.17 9.18
C THR A 239 -58.16 45.25 8.78
N SER A 240 -58.81 45.03 7.65
CA SER A 240 -59.82 45.97 7.14
C SER A 240 -60.74 46.35 8.30
N GLN A 241 -61.20 45.33 9.02
CA GLN A 241 -62.09 45.51 10.16
C GLN A 241 -61.47 46.37 11.27
N GLU A 242 -60.22 46.08 11.64
CA GLU A 242 -59.56 46.85 12.68
C GLU A 242 -59.46 48.33 12.31
N ILE A 243 -59.30 48.60 11.02
CA ILE A 243 -59.18 49.97 10.53
C ILE A 243 -60.52 50.67 10.73
N ASN A 244 -61.59 50.05 10.21
CA ASN A 244 -62.93 50.61 10.32
C ASN A 244 -63.37 50.89 11.75
N ASP A 245 -63.02 50.00 12.69
CA ASP A 245 -63.38 50.22 14.08
C ASP A 245 -62.82 51.55 14.57
N ARG A 246 -61.66 51.92 14.05
CA ARG A 246 -61.03 53.16 14.45
C ARG A 246 -61.49 54.35 13.62
N LEU A 247 -61.98 54.08 12.42
CA LEU A 247 -62.47 55.15 11.56
C LEU A 247 -63.73 55.74 12.17
N GLU A 248 -64.44 54.95 12.95
CA GLU A 248 -65.65 55.42 13.60
C GLU A 248 -65.26 56.47 14.63
N ALA A 249 -64.27 56.15 15.47
CA ALA A 249 -63.79 57.06 16.48
C ALA A 249 -62.91 58.16 15.86
N LEU A 250 -63.10 58.41 14.57
CA LEU A 250 -62.33 59.42 13.84
C LEU A 250 -62.94 60.81 14.05
N GLY B 1 -25.42 51.03 -31.78
CA GLY B 1 -24.66 50.57 -30.57
C GLY B 1 -24.90 51.41 -29.32
N SER B 2 -24.14 51.13 -28.26
CA SER B 2 -24.24 51.83 -26.98
C SER B 2 -23.46 53.14 -26.96
N ARG B 3 -22.33 53.17 -27.65
CA ARG B 3 -21.46 54.35 -27.71
C ARG B 3 -22.26 55.65 -27.69
N ARG B 4 -23.40 55.61 -28.36
CA ARG B 4 -24.31 56.74 -28.49
C ARG B 4 -24.66 57.40 -27.15
N TYR B 5 -24.95 56.59 -26.13
CA TYR B 5 -25.36 57.10 -24.83
C TYR B 5 -24.26 57.26 -23.77
N ASP B 6 -23.03 57.01 -24.17
CA ASP B 6 -21.88 57.11 -23.26
C ASP B 6 -21.47 58.59 -23.03
N SER B 7 -21.59 59.05 -21.79
CA SER B 7 -21.23 60.41 -21.43
C SER B 7 -19.73 60.63 -21.45
N ARG B 8 -18.97 59.55 -21.27
CA ARG B 8 -17.51 59.64 -21.23
C ARG B 8 -17.14 60.51 -20.03
N THR B 9 -17.36 59.95 -18.83
CA THR B 9 -17.11 60.65 -17.59
C THR B 9 -15.64 60.88 -17.28
N THR B 10 -14.74 60.25 -18.02
CA THR B 10 -13.32 60.43 -17.74
C THR B 10 -12.50 61.05 -18.86
N ILE B 11 -12.93 62.18 -19.40
CA ILE B 11 -12.13 62.80 -20.45
C ILE B 11 -11.67 64.20 -20.08
N PHE B 12 -10.65 64.65 -20.81
CA PHE B 12 -10.06 65.97 -20.62
C PHE B 12 -10.78 67.01 -21.47
N SER B 13 -10.90 68.22 -20.94
CA SER B 13 -11.49 69.33 -21.67
C SER B 13 -10.34 69.91 -22.50
N PRO B 14 -10.64 70.70 -23.53
CA PRO B 14 -9.55 71.27 -24.32
C PRO B 14 -8.55 72.01 -23.43
N GLU B 15 -9.04 72.50 -22.29
CA GLU B 15 -8.21 73.21 -21.32
C GLU B 15 -7.45 72.25 -20.38
N GLY B 16 -7.64 70.95 -20.57
CA GLY B 16 -6.96 69.99 -19.72
C GLY B 16 -7.58 69.87 -18.34
N ARG B 17 -8.90 69.87 -18.29
CA ARG B 17 -9.61 69.75 -17.02
C ARG B 17 -10.55 68.55 -17.08
N LEU B 18 -10.94 68.05 -15.91
CA LEU B 18 -11.85 66.91 -15.85
C LEU B 18 -13.26 67.38 -15.58
N TYR B 19 -14.07 67.45 -16.64
CA TYR B 19 -15.46 67.89 -16.55
C TYR B 19 -16.18 67.41 -15.30
N GLN B 20 -16.34 66.09 -15.20
CA GLN B 20 -17.04 65.49 -14.08
C GLN B 20 -16.50 65.90 -12.71
N VAL B 21 -15.18 66.00 -12.58
CA VAL B 21 -14.61 66.38 -11.30
C VAL B 21 -15.01 67.82 -10.94
N GLU B 22 -14.96 68.69 -11.93
CA GLU B 22 -15.31 70.09 -11.74
C GLU B 22 -16.79 70.23 -11.37
N TYR B 23 -17.63 69.47 -12.04
CA TYR B 23 -19.06 69.51 -11.78
C TYR B 23 -19.40 68.90 -10.42
N ALA B 24 -18.64 67.89 -10.01
CA ALA B 24 -18.88 67.26 -8.72
C ALA B 24 -18.54 68.29 -7.65
N LEU B 25 -17.43 68.99 -7.84
CA LEU B 25 -17.02 70.03 -6.90
C LEU B 25 -18.12 71.08 -6.80
N GLU B 26 -18.68 71.44 -7.96
CA GLU B 26 -19.76 72.40 -8.02
C GLU B 26 -20.90 71.92 -7.13
N SER B 27 -21.11 70.61 -7.14
CA SER B 27 -22.15 69.99 -6.33
C SER B 27 -21.82 70.16 -4.85
N ILE B 28 -20.59 69.81 -4.49
CA ILE B 28 -20.10 69.89 -3.11
C ILE B 28 -20.29 71.28 -2.51
N SER B 29 -20.04 72.30 -3.32
CA SER B 29 -20.16 73.69 -2.88
C SER B 29 -21.53 74.10 -2.38
N HIS B 30 -22.55 73.28 -2.64
CA HIS B 30 -23.90 73.59 -2.20
C HIS B 30 -24.22 72.82 -0.92
N ALA B 31 -23.25 72.03 -0.47
CA ALA B 31 -23.43 71.20 0.72
C ALA B 31 -23.16 71.91 2.04
N GLY B 32 -23.82 71.45 3.09
CA GLY B 32 -23.62 72.03 4.40
C GLY B 32 -22.14 72.14 4.68
N THR B 33 -21.71 73.29 5.19
CA THR B 33 -20.31 73.54 5.48
C THR B 33 -19.77 72.73 6.65
N ALA B 34 -18.53 72.27 6.49
CA ALA B 34 -17.85 71.51 7.52
C ALA B 34 -16.51 72.18 7.78
N ILE B 35 -16.18 72.36 9.06
CA ILE B 35 -14.93 72.98 9.46
C ILE B 35 -14.02 72.01 10.21
N GLY B 36 -12.72 72.14 9.97
CA GLY B 36 -11.74 71.30 10.64
C GLY B 36 -10.64 72.21 11.18
N ILE B 37 -10.48 72.24 12.50
CA ILE B 37 -9.45 73.07 13.13
C ILE B 37 -8.52 72.26 14.01
N MET B 38 -7.22 72.41 13.79
CA MET B 38 -6.25 71.66 14.57
C MET B 38 -5.51 72.49 15.62
N ALA B 39 -5.65 72.12 16.88
CA ALA B 39 -5.01 72.80 17.99
C ALA B 39 -3.75 72.04 18.40
N SER B 40 -3.10 72.51 19.47
CA SER B 40 -1.90 71.85 19.95
C SER B 40 -2.24 70.59 20.75
N ASP B 41 -3.38 70.64 21.44
CA ASP B 41 -3.82 69.52 22.27
C ASP B 41 -5.07 68.82 21.74
N GLY B 42 -5.27 68.81 20.43
CA GLY B 42 -6.44 68.15 19.88
C GLY B 42 -6.95 68.70 18.56
N ILE B 43 -8.05 68.13 18.08
CA ILE B 43 -8.64 68.56 16.82
C ILE B 43 -10.14 68.75 16.96
N VAL B 44 -10.68 69.71 16.21
CA VAL B 44 -12.11 70.00 16.26
C VAL B 44 -12.75 69.86 14.89
N LEU B 45 -13.88 69.17 14.86
CA LEU B 45 -14.64 68.97 13.64
C LEU B 45 -16.06 69.49 13.87
N ALA B 46 -16.49 70.41 13.01
CA ALA B 46 -17.82 70.97 13.14
C ALA B 46 -18.47 70.99 11.77
N ALA B 47 -19.78 70.74 11.73
CA ALA B 47 -20.50 70.72 10.45
C ALA B 47 -21.94 71.17 10.60
N GLU B 48 -22.42 71.86 9.57
CA GLU B 48 -23.77 72.39 9.54
C GLU B 48 -24.70 71.43 8.80
N ARG B 49 -25.69 70.89 9.52
CA ARG B 49 -26.67 69.98 8.92
C ARG B 49 -27.46 70.76 7.88
N LYS B 50 -27.43 70.30 6.64
CA LYS B 50 -28.18 70.99 5.60
C LYS B 50 -29.62 70.46 5.64
N VAL B 51 -30.58 71.39 5.57
CA VAL B 51 -32.01 71.05 5.61
C VAL B 51 -32.39 70.26 6.87
N THR B 52 -33.42 70.75 7.54
CA THR B 52 -33.92 70.10 8.75
C THR B 52 -35.40 70.37 8.91
N SER B 53 -36.01 69.73 9.91
CA SER B 53 -37.42 69.89 10.17
C SER B 53 -37.67 69.73 11.66
N THR B 54 -38.86 70.12 12.10
CA THR B 54 -39.22 69.99 13.50
C THR B 54 -39.32 68.51 13.84
N LEU B 55 -39.63 67.70 12.84
CA LEU B 55 -39.78 66.26 13.01
C LEU B 55 -38.52 65.44 12.80
N LEU B 56 -37.51 66.02 12.17
CA LEU B 56 -36.27 65.29 11.96
C LEU B 56 -35.70 64.87 13.32
N GLU B 57 -35.49 63.58 13.48
CA GLU B 57 -34.94 63.02 14.71
C GLU B 57 -33.45 63.34 14.71
N GLN B 58 -33.00 64.19 15.61
CA GLN B 58 -31.59 64.56 15.63
C GLN B 58 -30.71 63.65 16.48
N ASP B 59 -31.26 63.12 17.56
CA ASP B 59 -30.52 62.24 18.45
C ASP B 59 -30.07 60.98 17.72
N THR B 60 -30.83 60.55 16.73
CA THR B 60 -30.54 59.34 15.97
C THR B 60 -29.88 59.66 14.62
N SER B 61 -29.65 60.94 14.34
CA SER B 61 -29.06 61.36 13.08
C SER B 61 -27.53 61.50 13.07
N THR B 62 -26.95 61.30 11.88
CA THR B 62 -25.52 61.40 11.63
C THR B 62 -25.35 61.53 10.12
N GLU B 63 -25.18 62.75 9.63
CA GLU B 63 -25.02 62.95 8.19
C GLU B 63 -23.68 63.57 7.81
N LYS B 64 -22.94 64.05 8.80
CA LYS B 64 -21.68 64.69 8.49
C LYS B 64 -20.44 64.23 9.25
N LEU B 65 -20.61 63.66 10.44
CA LEU B 65 -19.47 63.20 11.21
C LEU B 65 -19.47 61.70 11.37
N TYR B 66 -18.46 61.06 10.81
CA TYR B 66 -18.35 59.62 10.88
C TYR B 66 -17.01 59.17 11.47
N LYS B 67 -17.09 58.13 12.28
CA LYS B 67 -15.93 57.57 12.91
C LYS B 67 -15.38 56.52 11.95
N LEU B 68 -14.10 56.62 11.60
CA LEU B 68 -13.49 55.65 10.69
C LEU B 68 -12.71 54.62 11.48
N ASN B 69 -12.15 55.10 12.59
CA ASN B 69 -11.27 54.33 13.43
C ASN B 69 -11.45 54.88 14.84
N ASP B 70 -10.63 54.43 15.78
CA ASP B 70 -10.72 54.96 17.14
C ASP B 70 -9.88 56.23 17.20
N LYS B 71 -9.10 56.49 16.16
CA LYS B 71 -8.23 57.65 16.10
C LYS B 71 -8.44 58.54 14.89
N ILE B 72 -9.11 58.02 13.86
CA ILE B 72 -9.39 58.81 12.67
C ILE B 72 -10.90 59.07 12.62
N ALA B 73 -11.29 60.23 12.10
CA ALA B 73 -12.70 60.57 11.96
C ALA B 73 -12.79 61.51 10.78
N VAL B 74 -13.94 61.56 10.11
CA VAL B 74 -14.07 62.46 8.97
C VAL B 74 -15.36 63.28 9.01
N ALA B 75 -15.31 64.44 8.36
CA ALA B 75 -16.46 65.31 8.25
C ALA B 75 -16.79 65.25 6.77
N VAL B 76 -18.06 65.09 6.43
CA VAL B 76 -18.48 64.97 5.04
C VAL B 76 -19.16 66.19 4.42
N ALA B 77 -18.90 66.39 3.13
CA ALA B 77 -19.52 67.47 2.38
C ALA B 77 -19.83 66.94 0.99
N GLY B 78 -21.12 66.74 0.71
CA GLY B 78 -21.52 66.23 -0.59
C GLY B 78 -22.60 65.17 -0.46
N LEU B 79 -22.64 64.21 -1.40
CA LEU B 79 -23.64 63.13 -1.38
C LEU B 79 -23.43 62.17 -0.22
N THR B 80 -24.33 62.18 0.76
CA THR B 80 -24.19 61.29 1.90
C THR B 80 -24.00 59.84 1.48
N ALA B 81 -24.90 59.35 0.62
CA ALA B 81 -24.84 57.97 0.15
C ALA B 81 -23.47 57.62 -0.45
N ASP B 82 -22.91 58.49 -1.29
CA ASP B 82 -21.60 58.26 -1.89
C ASP B 82 -20.55 58.21 -0.79
N ALA B 83 -20.68 59.11 0.18
CA ALA B 83 -19.75 59.16 1.29
C ALA B 83 -19.76 57.85 2.07
N GLU B 84 -20.95 57.31 2.34
CA GLU B 84 -21.01 56.07 3.08
C GLU B 84 -20.28 54.94 2.37
N ILE B 85 -20.36 54.88 1.04
CA ILE B 85 -19.65 53.84 0.32
C ILE B 85 -18.17 53.94 0.66
N LEU B 86 -17.60 55.12 0.46
CA LEU B 86 -16.19 55.35 0.72
C LEU B 86 -15.80 55.11 2.18
N ILE B 87 -16.65 55.58 3.08
CA ILE B 87 -16.40 55.42 4.51
C ILE B 87 -16.25 53.94 4.88
N ASN B 88 -17.15 53.10 4.37
CA ASN B 88 -17.06 51.70 4.68
C ASN B 88 -15.76 51.07 4.20
N THR B 89 -15.32 51.39 2.98
CA THR B 89 -14.07 50.80 2.50
C THR B 89 -12.94 51.35 3.33
N ALA B 90 -13.08 52.61 3.77
CA ALA B 90 -12.06 53.25 4.59
C ALA B 90 -11.93 52.46 5.90
N ARG B 91 -13.05 52.16 6.55
CA ARG B 91 -13.05 51.41 7.79
C ARG B 91 -12.41 50.03 7.61
N ILE B 92 -12.55 49.44 6.43
CA ILE B 92 -11.98 48.12 6.17
C ILE B 92 -10.47 48.19 5.98
N HIS B 93 -10.01 49.20 5.24
CA HIS B 93 -8.58 49.34 5.01
C HIS B 93 -7.91 49.49 6.37
N ALA B 94 -8.53 50.27 7.25
CA ALA B 94 -7.99 50.48 8.58
C ALA B 94 -7.80 49.16 9.30
N GLN B 95 -8.84 48.32 9.28
CA GLN B 95 -8.76 47.03 9.94
C GLN B 95 -7.81 46.04 9.28
N ASN B 96 -7.65 46.08 7.94
CA ASN B 96 -6.73 45.16 7.29
C ASN B 96 -5.31 45.49 7.76
N TYR B 97 -5.01 46.79 7.77
CA TYR B 97 -3.71 47.27 8.19
C TYR B 97 -3.43 46.81 9.61
N LEU B 98 -4.41 46.98 10.48
CA LEU B 98 -4.26 46.57 11.87
C LEU B 98 -4.00 45.07 11.95
N LYS B 99 -4.64 44.29 11.09
CA LYS B 99 -4.46 42.85 11.12
C LYS B 99 -3.09 42.42 10.61
N THR B 100 -2.58 43.14 9.62
CA THR B 100 -1.30 42.84 9.02
C THR B 100 -0.10 43.23 9.85
N TYR B 101 -0.15 44.41 10.45
CA TYR B 101 0.98 44.92 11.21
C TYR B 101 0.78 45.01 12.71
N ASN B 102 -0.44 44.80 13.18
CA ASN B 102 -0.74 44.89 14.61
C ASN B 102 -0.44 46.27 15.16
N GLU B 103 -0.73 47.28 14.35
CA GLU B 103 -0.56 48.68 14.70
C GLU B 103 -1.68 49.43 14.01
N ASP B 104 -2.13 50.53 14.60
CA ASP B 104 -3.20 51.33 14.00
C ASP B 104 -2.65 51.96 12.73
N ILE B 105 -3.49 52.12 11.73
CA ILE B 105 -3.01 52.68 10.48
C ILE B 105 -2.65 54.15 10.56
N PRO B 106 -1.42 54.50 10.14
CA PRO B 106 -0.96 55.90 10.17
C PRO B 106 -1.99 56.70 9.38
N VAL B 107 -2.42 57.83 9.95
CA VAL B 107 -3.44 58.68 9.32
C VAL B 107 -3.30 58.97 7.83
N GLU B 108 -2.11 59.33 7.37
CA GLU B 108 -1.96 59.63 5.95
C GLU B 108 -2.14 58.42 5.07
N ILE B 109 -1.65 57.27 5.51
CA ILE B 109 -1.76 56.06 4.71
C ILE B 109 -3.23 55.78 4.40
N LEU B 110 -4.11 56.01 5.38
CA LEU B 110 -5.53 55.78 5.17
C LEU B 110 -6.10 56.82 4.22
N VAL B 111 -5.68 58.08 4.37
CA VAL B 111 -6.17 59.16 3.52
C VAL B 111 -5.71 59.01 2.07
N ARG B 112 -4.47 58.59 1.86
CA ARG B 112 -3.94 58.41 0.52
C ARG B 112 -4.67 57.27 -0.19
N ARG B 113 -5.04 56.25 0.59
CA ARG B 113 -5.73 55.10 0.04
C ARG B 113 -7.09 55.48 -0.50
N LEU B 114 -7.90 56.15 0.32
CA LEU B 114 -9.22 56.60 -0.09
C LEU B 114 -9.12 57.50 -1.30
N SER B 115 -8.15 58.41 -1.29
CA SER B 115 -7.95 59.33 -2.39
C SER B 115 -7.60 58.61 -3.69
N ASP B 116 -6.81 57.54 -3.58
CA ASP B 116 -6.43 56.76 -4.76
C ASP B 116 -7.68 56.13 -5.38
N ILE B 117 -8.61 55.72 -4.53
CA ILE B 117 -9.87 55.13 -4.96
C ILE B 117 -10.59 56.17 -5.81
N LYS B 118 -10.74 57.36 -5.25
CA LYS B 118 -11.40 58.45 -5.95
C LYS B 118 -10.70 58.75 -7.26
N GLN B 119 -9.38 58.85 -7.21
CA GLN B 119 -8.61 59.14 -8.40
C GLN B 119 -8.88 58.11 -9.49
N GLY B 120 -9.19 56.88 -9.08
CA GLY B 120 -9.46 55.83 -10.04
C GLY B 120 -10.66 56.13 -10.91
N TYR B 121 -11.75 56.57 -10.28
CA TYR B 121 -12.98 56.89 -10.98
C TYR B 121 -12.79 58.05 -11.93
N THR B 122 -11.57 58.57 -11.94
CA THR B 122 -11.17 59.70 -12.77
C THR B 122 -10.46 59.28 -14.06
N GLN B 123 -9.76 58.15 -14.01
CA GLN B 123 -8.99 57.72 -15.16
C GLN B 123 -9.52 56.53 -15.95
N HIS B 124 -10.38 55.75 -15.35
CA HIS B 124 -10.91 54.59 -16.05
C HIS B 124 -12.24 54.12 -15.45
N GLY B 125 -13.01 53.36 -16.23
CA GLY B 125 -14.26 52.84 -15.72
C GLY B 125 -15.54 53.38 -16.33
N GLY B 126 -15.49 54.59 -16.88
CA GLY B 126 -16.69 55.16 -17.48
C GLY B 126 -17.79 55.46 -16.46
N LEU B 127 -17.44 55.52 -15.17
CA LEU B 127 -18.43 55.80 -14.13
C LEU B 127 -18.28 57.22 -13.59
N ARG B 128 -19.35 57.75 -13.02
CA ARG B 128 -19.30 59.10 -12.47
C ARG B 128 -18.47 59.07 -11.19
N PRO B 129 -17.80 60.19 -10.87
CA PRO B 129 -16.98 60.31 -9.67
C PRO B 129 -17.90 60.34 -8.45
N PHE B 130 -17.31 60.27 -7.26
CA PHE B 130 -18.10 60.35 -6.04
C PHE B 130 -18.24 61.84 -5.76
N GLY B 131 -19.45 62.29 -5.45
CA GLY B 131 -19.66 63.70 -5.17
C GLY B 131 -19.41 63.93 -3.69
N VAL B 132 -18.17 63.73 -3.27
CA VAL B 132 -17.82 63.87 -1.87
C VAL B 132 -16.48 64.53 -1.60
N SER B 133 -16.43 65.31 -0.53
CA SER B 133 -15.19 65.95 -0.10
C SER B 133 -15.08 65.62 1.37
N PHE B 134 -13.90 65.17 1.78
CA PHE B 134 -13.68 64.78 3.17
C PHE B 134 -12.70 65.66 3.92
N ILE B 135 -12.91 65.78 5.23
CA ILE B 135 -11.97 66.49 6.09
C ILE B 135 -11.60 65.38 7.05
N TYR B 136 -10.34 64.97 7.07
CA TYR B 136 -9.92 63.90 7.97
C TYR B 136 -9.26 64.48 9.20
N ALA B 137 -9.71 64.03 10.37
CA ALA B 137 -9.15 64.48 11.64
C ALA B 137 -8.68 63.26 12.40
N GLY B 138 -7.37 63.07 12.46
CA GLY B 138 -6.86 61.91 13.15
C GLY B 138 -5.56 62.13 13.92
N TYR B 139 -5.13 61.09 14.61
CA TYR B 139 -3.92 61.13 15.40
C TYR B 139 -3.15 59.81 15.34
N ASP B 140 -1.85 59.90 15.17
CA ASP B 140 -1.02 58.70 15.17
C ASP B 140 0.29 59.10 15.84
N ASP B 141 1.10 58.11 16.21
CA ASP B 141 2.34 58.38 16.92
C ASP B 141 3.56 58.73 16.06
N ARG B 142 3.35 59.31 14.88
CA ARG B 142 4.48 59.70 14.05
C ARG B 142 4.37 61.17 13.69
N TYR B 143 3.13 61.66 13.65
CA TYR B 143 2.87 63.04 13.31
C TYR B 143 1.86 63.66 14.26
N GLY B 144 1.46 62.91 15.27
CA GLY B 144 0.48 63.42 16.22
C GLY B 144 -0.78 63.84 15.48
N TYR B 145 -1.48 64.84 16.02
CA TYR B 145 -2.71 65.34 15.41
C TYR B 145 -2.49 65.79 13.98
N GLN B 146 -3.37 65.37 13.09
CA GLN B 146 -3.28 65.75 11.68
C GLN B 146 -4.64 66.14 11.14
N LEU B 147 -4.64 66.86 10.03
CA LEU B 147 -5.89 67.30 9.43
C LEU B 147 -5.70 67.25 7.93
N TYR B 148 -6.56 66.52 7.25
CA TYR B 148 -6.46 66.38 5.79
C TYR B 148 -7.76 66.68 5.08
N THR B 149 -7.67 66.77 3.76
CA THR B 149 -8.84 67.05 2.96
C THR B 149 -8.67 66.34 1.63
N SER B 150 -9.74 65.75 1.12
CA SER B 150 -9.72 65.08 -0.18
C SER B 150 -11.02 65.40 -0.90
N ASN B 151 -10.93 65.57 -2.22
CA ASN B 151 -12.10 65.90 -3.04
C ASN B 151 -12.25 64.93 -4.22
N PRO B 152 -13.35 65.07 -4.98
CA PRO B 152 -13.61 64.19 -6.13
C PRO B 152 -12.41 63.81 -7.03
N SER B 153 -11.46 64.73 -7.21
CA SER B 153 -10.32 64.46 -8.07
C SER B 153 -9.38 63.41 -7.50
N GLY B 154 -9.33 63.31 -6.18
CA GLY B 154 -8.46 62.33 -5.57
C GLY B 154 -7.19 62.97 -5.05
N ASN B 155 -7.20 64.29 -5.01
CA ASN B 155 -6.04 65.02 -4.51
C ASN B 155 -6.28 65.25 -3.02
N TYR B 156 -5.23 65.25 -2.22
CA TYR B 156 -5.40 65.51 -0.80
C TYR B 156 -4.28 66.39 -0.27
N THR B 157 -4.57 67.12 0.80
CA THR B 157 -3.59 68.02 1.41
C THR B 157 -3.77 68.16 2.93
N GLY B 158 -2.74 68.67 3.61
CA GLY B 158 -2.80 68.84 5.06
C GLY B 158 -3.08 70.27 5.49
N TRP B 159 -3.75 70.45 6.63
CA TRP B 159 -4.09 71.79 7.10
C TRP B 159 -4.06 71.97 8.60
N LYS B 160 -4.04 73.24 9.03
CA LYS B 160 -4.07 73.57 10.45
C LYS B 160 -5.54 73.86 10.74
N ALA B 161 -6.20 74.40 9.74
CA ALA B 161 -7.63 74.72 9.77
C ALA B 161 -8.09 74.70 8.30
N ILE B 162 -9.27 74.16 8.04
CA ILE B 162 -9.75 74.08 6.66
C ILE B 162 -11.26 73.85 6.67
N SER B 163 -11.91 74.17 5.56
CA SER B 163 -13.36 73.99 5.47
C SER B 163 -13.75 73.40 4.11
N VAL B 164 -14.91 72.75 4.06
CA VAL B 164 -15.40 72.19 2.80
C VAL B 164 -16.90 72.41 2.77
N GLY B 165 -17.45 72.44 1.55
CA GLY B 165 -18.88 72.66 1.40
C GLY B 165 -19.19 74.05 0.92
N ALA B 166 -20.27 74.62 1.42
CA ALA B 166 -20.69 75.96 1.04
C ALA B 166 -19.87 77.06 1.69
N ASN B 167 -19.76 78.17 0.98
CA ASN B 167 -19.05 79.36 1.47
C ASN B 167 -17.67 79.08 2.01
N THR B 168 -16.90 78.26 1.31
CA THR B 168 -15.55 77.95 1.78
C THR B 168 -14.68 79.18 1.77
N SER B 169 -14.79 79.98 0.72
CA SER B 169 -14.01 81.20 0.58
C SER B 169 -14.20 82.09 1.81
N ALA B 170 -15.45 82.39 2.13
CA ALA B 170 -15.78 83.21 3.28
C ALA B 170 -15.20 82.61 4.56
N ALA B 171 -15.42 81.30 4.73
CA ALA B 171 -14.95 80.58 5.91
C ALA B 171 -13.43 80.52 6.03
N GLN B 172 -12.76 80.26 4.91
CA GLN B 172 -11.32 80.17 4.91
C GLN B 172 -10.71 81.50 5.35
N THR B 173 -11.26 82.59 4.84
CA THR B 173 -10.78 83.92 5.20
C THR B 173 -10.94 84.17 6.70
N LEU B 174 -12.12 83.86 7.24
CA LEU B 174 -12.39 84.06 8.67
C LEU B 174 -11.41 83.27 9.55
N LEU B 175 -11.05 82.07 9.10
CA LEU B 175 -10.14 81.19 9.83
C LEU B 175 -8.71 81.71 9.73
N GLN B 176 -8.33 82.07 8.52
CA GLN B 176 -6.99 82.58 8.25
C GLN B 176 -6.76 83.88 9.01
N MET B 177 -7.84 84.45 9.53
CA MET B 177 -7.78 85.72 10.23
C MET B 177 -7.59 85.56 11.73
N ASP B 178 -8.29 84.61 12.36
CA ASP B 178 -8.18 84.41 13.80
C ASP B 178 -7.47 83.15 14.28
N TYR B 179 -6.84 82.42 13.37
CA TYR B 179 -6.14 81.20 13.79
C TYR B 179 -4.73 81.48 14.28
N LYS B 180 -4.31 80.76 15.32
CA LYS B 180 -2.96 80.93 15.85
C LYS B 180 -2.38 79.56 16.26
N ASP B 181 -1.15 79.31 15.84
CA ASP B 181 -0.44 78.05 16.11
C ASP B 181 -0.47 77.57 17.55
N ASP B 182 -0.46 78.51 18.49
CA ASP B 182 -0.48 78.17 19.91
C ASP B 182 -1.88 77.90 20.45
N MET B 183 -2.87 77.89 19.56
CA MET B 183 -4.25 77.64 19.96
C MET B 183 -4.43 76.45 20.87
N LYS B 184 -5.61 76.35 21.45
CA LYS B 184 -5.93 75.27 22.35
C LYS B 184 -7.30 74.74 21.90
N VAL B 185 -7.56 73.46 22.13
CA VAL B 185 -8.82 72.84 21.74
C VAL B 185 -10.05 73.69 22.02
N ASP B 186 -10.12 74.26 23.21
CA ASP B 186 -11.26 75.10 23.57
C ASP B 186 -11.33 76.36 22.73
N ASP B 187 -10.16 76.88 22.35
CA ASP B 187 -10.10 78.06 21.52
C ASP B 187 -10.63 77.67 20.14
N ALA B 188 -10.12 76.54 19.64
CA ALA B 188 -10.51 76.01 18.34
C ALA B 188 -12.02 75.78 18.27
N ILE B 189 -12.56 75.13 19.29
CA ILE B 189 -13.99 74.87 19.31
C ILE B 189 -14.75 76.16 19.06
N GLU B 190 -14.40 77.18 19.83
CA GLU B 190 -15.04 78.47 19.71
C GLU B 190 -14.86 79.11 18.35
N LEU B 191 -13.67 79.01 17.78
CA LEU B 191 -13.42 79.61 16.46
C LEU B 191 -14.29 78.92 15.40
N ALA B 192 -14.41 77.60 15.50
CA ALA B 192 -15.22 76.84 14.55
C ALA B 192 -16.65 77.30 14.58
N LEU B 193 -17.22 77.41 15.78
CA LEU B 193 -18.59 77.86 15.93
C LEU B 193 -18.81 79.28 15.37
N LYS B 194 -17.85 80.16 15.61
CA LYS B 194 -17.96 81.53 15.13
C LYS B 194 -17.97 81.56 13.61
N THR B 195 -17.04 80.83 13.01
CA THR B 195 -16.93 80.78 11.56
C THR B 195 -18.22 80.32 10.91
N LEU B 196 -18.75 79.18 11.38
CA LEU B 196 -19.99 78.64 10.83
C LEU B 196 -21.09 79.67 11.05
N SER B 197 -21.12 80.20 12.27
CA SER B 197 -22.09 81.21 12.67
C SER B 197 -22.15 82.38 11.69
N LYS B 198 -21.01 82.79 11.15
CA LYS B 198 -20.97 83.89 10.21
C LYS B 198 -21.15 83.51 8.75
N THR B 199 -21.05 82.21 8.45
CA THR B 199 -21.19 81.76 7.07
C THR B 199 -22.51 81.05 6.78
N THR B 200 -23.27 80.73 7.82
CA THR B 200 -24.55 80.05 7.65
C THR B 200 -25.43 80.83 6.70
N ASP B 201 -26.31 80.12 5.99
CA ASP B 201 -27.24 80.77 5.09
C ASP B 201 -28.58 80.79 5.81
N SER B 202 -28.60 80.21 7.00
CA SER B 202 -29.82 80.15 7.82
C SER B 202 -29.90 81.35 8.73
N SER B 203 -31.07 81.52 9.35
CA SER B 203 -31.29 82.63 10.27
C SER B 203 -30.23 82.63 11.35
N ALA B 204 -30.45 81.82 12.38
CA ALA B 204 -29.51 81.72 13.48
C ALA B 204 -28.78 80.38 13.34
N LEU B 205 -27.97 80.07 14.35
CA LEU B 205 -27.22 78.83 14.34
C LEU B 205 -27.58 78.06 15.60
N THR B 206 -28.64 77.28 15.53
CA THR B 206 -29.09 76.49 16.67
C THR B 206 -28.41 75.12 16.70
N TYR B 207 -28.45 74.49 17.87
CA TYR B 207 -27.81 73.19 18.05
C TYR B 207 -28.39 72.11 17.15
N ASP B 208 -29.71 72.11 16.98
CA ASP B 208 -30.39 71.12 16.15
C ASP B 208 -29.90 71.14 14.71
N ARG B 209 -29.01 72.07 14.38
CA ARG B 209 -28.49 72.16 13.02
C ARG B 209 -26.98 71.92 12.98
N LEU B 210 -26.43 71.35 14.04
CA LEU B 210 -24.99 71.12 14.12
C LEU B 210 -24.55 69.73 14.55
N GLU B 211 -23.32 69.39 14.14
CA GLU B 211 -22.69 68.14 14.50
C GLU B 211 -21.31 68.56 14.98
N PHE B 212 -20.89 68.01 16.11
CA PHE B 212 -19.60 68.40 16.67
C PHE B 212 -18.80 67.22 17.16
N ALA B 213 -17.49 67.27 16.92
CA ALA B 213 -16.62 66.20 17.35
C ALA B 213 -15.24 66.73 17.69
N THR B 214 -14.59 66.05 18.63
CA THR B 214 -13.23 66.42 19.05
C THR B 214 -12.36 65.20 19.31
N ILE B 215 -11.11 65.27 18.87
CA ILE B 215 -10.15 64.19 19.12
C ILE B 215 -9.16 64.81 20.09
N ARG B 216 -9.29 64.46 21.36
CA ARG B 216 -8.39 64.97 22.40
C ARG B 216 -7.61 63.83 23.01
N LYS B 217 -6.52 64.15 23.68
CA LYS B 217 -5.71 63.12 24.31
C LYS B 217 -5.80 63.33 25.82
N GLY B 218 -7.03 63.25 26.35
CA GLY B 218 -7.26 63.42 27.78
C GLY B 218 -6.01 63.29 28.63
N ALA B 219 -5.58 64.39 29.25
CA ALA B 219 -4.38 64.41 30.09
C ALA B 219 -4.39 63.28 31.12
N ASN B 220 -5.56 63.03 31.71
CA ASN B 220 -5.72 61.98 32.71
C ASN B 220 -6.03 60.66 31.99
N ASP B 221 -5.01 60.08 31.36
CA ASP B 221 -5.16 58.82 30.63
C ASP B 221 -3.88 58.49 29.85
N GLY B 222 -3.52 59.34 28.90
CA GLY B 222 -2.34 59.11 28.09
C GLY B 222 -2.67 58.53 26.73
N GLU B 223 -3.96 58.45 26.42
CA GLU B 223 -4.43 57.91 25.13
C GLU B 223 -5.31 58.93 24.41
N VAL B 224 -5.63 58.66 23.14
CA VAL B 224 -6.46 59.53 22.32
C VAL B 224 -7.95 59.15 22.42
N TYR B 225 -8.80 60.16 22.58
CA TYR B 225 -10.23 59.93 22.71
C TYR B 225 -11.09 60.78 21.77
N GLN B 226 -11.96 60.12 21.01
CA GLN B 226 -12.85 60.82 20.09
C GLN B 226 -14.12 61.08 20.83
N LYS B 227 -14.73 62.24 20.60
CA LYS B 227 -15.96 62.57 21.27
C LYS B 227 -16.92 63.22 20.28
N ILE B 228 -17.99 62.51 19.97
CA ILE B 228 -18.96 63.06 19.04
C ILE B 228 -20.08 63.63 19.91
N PHE B 229 -20.10 64.95 20.02
CA PHE B 229 -21.07 65.64 20.85
C PHE B 229 -22.53 65.28 20.62
N LYS B 230 -23.27 65.14 21.71
CA LYS B 230 -24.68 64.82 21.69
C LYS B 230 -25.43 66.15 21.55
N PRO B 231 -26.70 66.11 21.11
CA PRO B 231 -27.48 67.34 20.96
C PRO B 231 -27.34 68.31 22.13
N GLN B 232 -27.58 67.83 23.34
CA GLN B 232 -27.48 68.67 24.52
C GLN B 232 -26.10 69.28 24.67
N GLU B 233 -25.07 68.47 24.45
CA GLU B 233 -23.69 68.92 24.55
C GLU B 233 -23.42 70.07 23.59
N ILE B 234 -24.00 70.01 22.40
CA ILE B 234 -23.82 71.06 21.40
C ILE B 234 -24.59 72.29 21.86
N LYS B 235 -25.77 72.07 22.42
CA LYS B 235 -26.62 73.16 22.90
C LYS B 235 -25.90 73.93 24.01
N ASP B 236 -25.28 73.20 24.92
CA ASP B 236 -24.55 73.80 26.03
C ASP B 236 -23.41 74.68 25.54
N ILE B 237 -22.47 74.06 24.84
CA ILE B 237 -21.31 74.75 24.31
C ILE B 237 -21.68 75.91 23.40
N LEU B 238 -22.89 75.88 22.88
CA LEU B 238 -23.36 76.94 22.00
C LEU B 238 -23.69 78.16 22.87
N VAL B 239 -24.16 77.91 24.07
CA VAL B 239 -24.52 78.97 25.02
C VAL B 239 -23.26 79.62 25.59
N LYS B 240 -22.36 78.79 26.11
CA LYS B 240 -21.13 79.27 26.71
C LYS B 240 -20.36 80.15 25.74
N THR B 241 -20.13 79.65 24.53
CA THR B 241 -19.41 80.42 23.52
C THR B 241 -20.20 81.66 23.12
N GLY B 242 -21.26 81.95 23.86
CA GLY B 242 -22.05 83.13 23.59
C GLY B 242 -22.83 83.22 22.28
N ILE B 243 -23.39 82.09 21.83
CA ILE B 243 -24.19 82.10 20.61
C ILE B 243 -25.60 81.77 21.10
N THR B 244 -25.68 81.31 22.35
CA THR B 244 -26.91 80.91 23.02
C THR B 244 -27.77 80.04 22.12
N GLY C 1 -15.44 46.27 -17.87
CA GLY C 1 -15.83 46.07 -19.29
C GLY C 1 -15.82 47.33 -20.14
N TYR C 2 -15.67 48.49 -19.49
CA TYR C 2 -15.66 49.76 -20.22
C TYR C 2 -14.36 49.90 -21.01
N ASP C 3 -14.43 49.85 -22.34
CA ASP C 3 -13.22 49.98 -23.16
C ASP C 3 -13.32 50.97 -24.32
N ARG C 4 -14.08 52.04 -24.11
CA ARG C 4 -14.24 53.06 -25.15
C ARG C 4 -12.90 53.67 -25.53
N ALA C 5 -12.71 53.90 -26.83
CA ALA C 5 -11.46 54.49 -27.31
C ALA C 5 -11.54 56.00 -27.06
N LEU C 6 -10.95 56.44 -25.95
CA LEU C 6 -10.98 57.86 -25.61
C LEU C 6 -9.86 58.63 -26.31
N SER C 7 -8.70 57.98 -26.47
CA SER C 7 -7.56 58.60 -27.16
C SER C 7 -7.53 58.11 -28.58
N ILE C 8 -8.01 58.93 -29.51
CA ILE C 8 -8.04 58.55 -30.91
C ILE C 8 -7.51 59.66 -31.81
N PHE C 9 -7.32 59.36 -33.09
CA PHE C 9 -6.82 60.35 -34.04
C PHE C 9 -7.95 61.22 -34.58
N SER C 10 -7.61 62.47 -34.87
CA SER C 10 -8.55 63.42 -35.46
C SER C 10 -7.95 63.71 -36.85
N PRO C 11 -8.76 64.17 -37.80
CA PRO C 11 -8.36 64.49 -39.19
C PRO C 11 -6.94 64.99 -39.42
N ASP C 12 -6.52 65.96 -38.63
CA ASP C 12 -5.18 66.56 -38.75
C ASP C 12 -4.04 65.68 -38.19
N GLY C 13 -4.37 64.51 -37.67
CA GLY C 13 -3.36 63.62 -37.12
C GLY C 13 -3.01 63.90 -35.66
N HIS C 14 -3.97 64.45 -34.90
CA HIS C 14 -3.73 64.74 -33.50
C HIS C 14 -4.54 63.83 -32.60
N ILE C 15 -4.08 63.66 -31.37
CA ILE C 15 -4.77 62.86 -30.39
C ILE C 15 -5.11 63.86 -29.30
N PHE C 16 -6.27 64.47 -29.42
CA PHE C 16 -6.68 65.50 -28.50
C PHE C 16 -6.61 65.19 -27.02
N GLN C 17 -6.99 63.99 -26.62
CA GLN C 17 -6.91 63.66 -25.21
C GLN C 17 -5.47 63.74 -24.66
N VAL C 18 -4.48 63.43 -25.50
CA VAL C 18 -3.09 63.51 -25.08
C VAL C 18 -2.70 64.99 -25.05
N GLU C 19 -3.19 65.73 -26.04
CA GLU C 19 -2.93 67.15 -26.16
C GLU C 19 -3.49 67.90 -24.95
N TYR C 20 -4.71 67.54 -24.56
CA TYR C 20 -5.35 68.17 -23.42
C TYR C 20 -4.64 67.76 -22.14
N ALA C 21 -4.05 66.57 -22.15
CA ALA C 21 -3.32 66.08 -20.99
C ALA C 21 -2.23 67.12 -20.73
N LEU C 22 -1.56 67.55 -21.80
CA LEU C 22 -0.50 68.54 -21.70
C LEU C 22 -1.02 69.86 -21.13
N GLU C 23 -2.23 70.26 -21.55
CA GLU C 23 -2.82 71.50 -21.06
C GLU C 23 -2.97 71.48 -19.53
N ALA C 24 -3.11 70.28 -18.96
CA ALA C 24 -3.25 70.14 -17.53
C ALA C 24 -1.88 70.32 -16.90
N VAL C 25 -0.85 69.92 -17.64
CA VAL C 25 0.52 70.05 -17.15
C VAL C 25 0.92 71.51 -17.10
N LYS C 26 0.56 72.25 -18.15
CA LYS C 26 0.86 73.68 -18.26
C LYS C 26 0.28 74.40 -17.06
N ARG C 27 -0.80 73.85 -16.53
CA ARG C 27 -1.49 74.42 -15.39
C ARG C 27 -0.83 74.06 -14.06
N GLY C 28 0.01 73.04 -14.05
CA GLY C 28 0.65 72.63 -12.82
C GLY C 28 1.73 73.59 -12.37
N THR C 29 2.03 73.61 -11.07
CA THR C 29 3.06 74.48 -10.54
C THR C 29 4.38 74.14 -11.23
N CYS C 30 5.18 75.17 -11.49
CA CYS C 30 6.45 74.98 -12.17
C CYS C 30 7.43 74.06 -11.47
N ALA C 31 8.18 73.31 -12.27
CA ALA C 31 9.18 72.39 -11.75
C ALA C 31 10.41 72.55 -12.64
N VAL C 32 11.59 72.48 -12.04
CA VAL C 32 12.81 72.63 -12.80
C VAL C 32 13.93 71.77 -12.24
N GLY C 33 14.85 71.39 -13.11
CA GLY C 33 15.99 70.60 -12.67
C GLY C 33 17.23 70.92 -13.48
N VAL C 34 18.37 71.11 -12.80
CA VAL C 34 19.61 71.41 -13.49
C VAL C 34 20.68 70.48 -12.99
N LYS C 35 21.44 69.91 -13.91
CA LYS C 35 22.49 69.00 -13.50
C LYS C 35 23.84 69.70 -13.43
N GLY C 36 24.48 69.56 -12.26
CA GLY C 36 25.79 70.15 -12.04
C GLY C 36 26.85 69.23 -12.58
N LYS C 37 28.08 69.39 -12.11
CA LYS C 37 29.15 68.54 -12.59
C LYS C 37 29.17 67.26 -11.78
N ASN C 38 28.66 67.34 -10.55
CA ASN C 38 28.64 66.20 -9.65
C ASN C 38 27.37 66.22 -8.80
N CYS C 39 26.26 66.61 -9.40
CA CYS C 39 25.00 66.65 -8.67
C CYS C 39 23.89 67.10 -9.59
N VAL C 40 22.65 66.95 -9.12
CA VAL C 40 21.48 67.37 -9.87
C VAL C 40 20.61 68.06 -8.85
N VAL C 41 19.94 69.13 -9.27
CA VAL C 41 19.08 69.88 -8.35
C VAL C 41 17.66 70.03 -8.89
N LEU C 42 16.69 69.87 -8.00
CA LEU C 42 15.29 69.99 -8.36
C LEU C 42 14.60 71.09 -7.59
N GLY C 43 13.92 71.98 -8.30
CA GLY C 43 13.23 73.07 -7.66
C GLY C 43 11.77 73.05 -8.03
N CYS C 44 10.92 73.41 -7.08
CA CYS C 44 9.49 73.43 -7.33
C CYS C 44 8.88 74.64 -6.63
N GLU C 45 7.93 75.29 -7.29
CA GLU C 45 7.27 76.45 -6.72
C GLU C 45 6.04 75.98 -5.95
N ARG C 46 5.64 76.72 -4.92
CA ARG C 46 4.47 76.35 -4.13
C ARG C 46 3.32 77.33 -4.34
N ARG C 47 2.20 76.80 -4.82
CA ARG C 47 1.00 77.60 -5.09
C ARG C 47 0.58 78.32 -3.80
N SER C 48 -0.43 79.17 -3.91
CA SER C 48 -0.97 79.91 -2.77
C SER C 48 -2.44 80.28 -2.97
N THR C 49 -3.20 79.35 -3.57
CA THR C 49 -4.65 79.52 -3.82
C THR C 49 -5.37 79.49 -2.45
N LEU C 50 -4.68 78.89 -1.48
CA LEU C 50 -5.14 78.74 -0.09
C LEU C 50 -3.88 78.48 0.75
N LYS C 51 -3.65 79.29 1.76
CA LYS C 51 -2.50 79.11 2.63
C LYS C 51 -2.97 79.15 4.09
N LEU C 52 -2.79 78.03 4.77
CA LEU C 52 -3.17 77.84 6.17
C LEU C 52 -3.02 76.34 6.37
N GLN C 53 -2.16 75.77 5.54
CA GLN C 53 -1.86 74.36 5.52
C GLN C 53 -1.00 73.88 6.67
N ASP C 54 -0.69 72.58 6.61
CA ASP C 54 0.14 71.92 7.59
C ASP C 54 1.23 71.25 6.75
N THR C 55 2.26 72.03 6.45
CA THR C 55 3.38 71.58 5.65
C THR C 55 4.05 70.27 6.06
N ARG C 56 3.99 69.94 7.34
CA ARG C 56 4.60 68.70 7.84
C ARG C 56 4.08 67.52 7.04
N ILE C 57 2.77 67.35 7.06
CA ILE C 57 2.10 66.25 6.39
C ILE C 57 1.82 66.45 4.89
N THR C 58 1.26 67.59 4.50
CA THR C 58 0.94 67.85 3.09
C THR C 58 2.00 67.28 2.16
N PRO C 59 1.58 66.39 1.24
CA PRO C 59 2.50 65.77 0.28
C PRO C 59 3.48 66.74 -0.37
N SER C 60 4.77 66.41 -0.31
CA SER C 60 5.83 67.23 -0.91
C SER C 60 5.96 66.91 -2.40
N LYS C 61 6.45 67.85 -3.19
CA LYS C 61 6.55 67.67 -4.63
C LYS C 61 7.62 66.70 -5.15
N VAL C 62 8.74 66.59 -4.45
CA VAL C 62 9.79 65.67 -4.88
C VAL C 62 9.65 64.33 -4.18
N SER C 63 9.60 63.25 -4.96
CA SER C 63 9.43 61.92 -4.40
C SER C 63 10.61 60.99 -4.71
N LYS C 64 10.98 60.18 -3.72
CA LYS C 64 12.06 59.23 -3.90
C LYS C 64 11.46 57.95 -4.49
N ILE C 65 12.03 57.48 -5.59
CA ILE C 65 11.54 56.25 -6.21
C ILE C 65 12.37 55.14 -5.53
N ASP C 66 13.67 55.39 -5.40
CA ASP C 66 14.56 54.47 -4.70
C ASP C 66 15.46 55.40 -3.89
N SER C 67 16.53 54.89 -3.30
CA SER C 67 17.39 55.75 -2.50
C SER C 67 18.34 56.61 -3.33
N HIS C 68 18.43 56.33 -4.63
CA HIS C 68 19.33 57.08 -5.49
C HIS C 68 18.62 57.78 -6.64
N VAL C 69 17.29 57.72 -6.66
CA VAL C 69 16.53 58.34 -7.74
C VAL C 69 15.30 59.04 -7.22
N VAL C 70 15.05 60.24 -7.74
CA VAL C 70 13.88 60.99 -7.31
C VAL C 70 13.05 61.41 -8.51
N LEU C 71 11.81 61.77 -8.23
CA LEU C 71 10.89 62.18 -9.28
C LEU C 71 10.02 63.35 -8.85
N SER C 72 9.94 64.36 -9.72
CA SER C 72 9.10 65.52 -9.45
C SER C 72 8.22 65.60 -10.68
N PHE C 73 7.15 66.39 -10.60
CA PHE C 73 6.21 66.44 -11.71
C PHE C 73 5.42 67.74 -11.74
N SER C 74 4.66 67.92 -12.81
CA SER C 74 3.77 69.07 -12.97
C SER C 74 2.49 68.56 -13.59
N GLY C 75 1.37 68.90 -12.99
CA GLY C 75 0.09 68.46 -13.53
C GLY C 75 -0.82 68.02 -12.42
N LEU C 76 -1.64 67.01 -12.72
CA LEU C 76 -2.59 66.47 -11.75
C LEU C 76 -1.92 65.66 -10.65
N ASN C 77 -2.03 66.13 -9.42
CA ASN C 77 -1.43 65.44 -8.29
C ASN C 77 -1.86 63.99 -8.19
N ALA C 78 -3.16 63.75 -8.09
CA ALA C 78 -3.68 62.39 -7.98
C ALA C 78 -3.06 61.47 -9.03
N ASP C 79 -2.96 61.94 -10.28
CA ASP C 79 -2.37 61.13 -11.34
C ASP C 79 -0.90 60.79 -11.03
N SER C 80 -0.15 61.76 -10.55
CA SER C 80 1.25 61.52 -10.25
C SER C 80 1.44 60.40 -9.22
N ARG C 81 0.54 60.30 -8.25
CA ARG C 81 0.66 59.24 -7.24
C ARG C 81 0.67 57.87 -7.89
N ILE C 82 -0.21 57.66 -8.86
CA ILE C 82 -0.29 56.39 -9.56
C ILE C 82 1.03 56.05 -10.21
N LEU C 83 1.62 57.00 -10.93
CA LEU C 83 2.90 56.76 -11.59
C LEU C 83 4.03 56.49 -10.58
N ILE C 84 4.04 57.26 -9.50
CA ILE C 84 5.07 57.11 -8.49
C ILE C 84 5.04 55.74 -7.83
N GLU C 85 3.85 55.26 -7.50
CA GLU C 85 3.71 53.96 -6.86
C GLU C 85 4.23 52.86 -7.81
N LYS C 86 3.80 52.91 -9.07
CA LYS C 86 4.25 51.92 -10.04
C LYS C 86 5.75 51.94 -10.22
N ALA C 87 6.35 53.12 -10.12
CA ALA C 87 7.79 53.26 -10.28
C ALA C 87 8.57 52.71 -9.09
N ARG C 88 8.06 52.98 -7.88
CA ARG C 88 8.69 52.49 -6.66
C ARG C 88 8.62 50.98 -6.62
N VAL C 89 7.52 50.43 -7.14
CA VAL C 89 7.34 48.99 -7.20
C VAL C 89 8.29 48.38 -8.22
N GLU C 90 8.37 49.00 -9.39
CA GLU C 90 9.26 48.50 -10.43
C GLU C 90 10.71 48.59 -10.00
N ALA C 91 11.01 49.52 -9.11
CA ALA C 91 12.36 49.69 -8.61
C ALA C 91 12.76 48.48 -7.78
N GLN C 92 11.87 48.07 -6.87
CA GLN C 92 12.12 46.93 -6.00
C GLN C 92 12.18 45.63 -6.79
N SER C 93 11.33 45.51 -7.79
CA SER C 93 11.28 44.34 -8.63
C SER C 93 12.62 44.18 -9.36
N HIS C 94 13.12 45.28 -9.90
CA HIS C 94 14.38 45.27 -10.63
C HIS C 94 15.54 44.83 -9.72
N ARG C 95 15.54 45.32 -8.49
CA ARG C 95 16.59 44.93 -7.55
C ARG C 95 16.45 43.45 -7.26
N LEU C 96 15.22 43.00 -7.07
CA LEU C 96 14.94 41.60 -6.76
C LEU C 96 15.29 40.58 -7.83
N THR C 97 15.26 40.98 -9.09
CA THR C 97 15.58 40.03 -10.16
C THR C 97 16.91 40.24 -10.88
N LEU C 98 17.33 41.49 -11.07
CA LEU C 98 18.61 41.77 -11.72
C LEU C 98 19.71 41.89 -10.67
N GLU C 99 19.30 41.99 -9.42
CA GLU C 99 20.22 42.12 -8.31
C GLU C 99 21.07 43.37 -8.47
N ASP C 100 20.40 44.49 -8.75
CA ASP C 100 21.06 45.77 -8.93
C ASP C 100 19.98 46.83 -9.11
N PRO C 101 20.08 47.95 -8.38
CA PRO C 101 19.06 48.99 -8.54
C PRO C 101 19.02 49.52 -9.97
N VAL C 102 17.91 50.14 -10.32
CA VAL C 102 17.71 50.67 -11.67
C VAL C 102 18.58 51.86 -12.02
N THR C 103 18.89 51.99 -13.31
CA THR C 103 19.65 53.14 -13.79
C THR C 103 18.56 54.21 -13.88
N VAL C 104 18.92 55.47 -13.99
CA VAL C 104 17.91 56.52 -14.07
C VAL C 104 17.17 56.46 -15.41
N GLU C 105 17.88 56.04 -16.45
CA GLU C 105 17.28 55.93 -17.77
C GLU C 105 16.24 54.80 -17.81
N TYR C 106 16.57 53.70 -17.14
CA TYR C 106 15.68 52.55 -17.09
C TYR C 106 14.37 52.94 -16.41
N LEU C 107 14.49 53.51 -15.22
CA LEU C 107 13.33 53.93 -14.45
C LEU C 107 12.51 54.93 -15.23
N THR C 108 13.18 55.77 -16.03
CA THR C 108 12.50 56.77 -16.85
C THR C 108 11.76 56.08 -17.97
N ARG C 109 12.43 55.16 -18.64
CA ARG C 109 11.82 54.43 -19.74
C ARG C 109 10.58 53.67 -19.22
N TYR C 110 10.63 53.23 -17.97
CA TYR C 110 9.49 52.53 -17.40
C TYR C 110 8.28 53.44 -17.25
N VAL C 111 8.47 54.55 -16.55
CA VAL C 111 7.38 55.50 -16.35
C VAL C 111 6.83 55.94 -17.70
N ALA C 112 7.71 56.27 -18.63
CA ALA C 112 7.29 56.72 -19.95
C ALA C 112 6.40 55.66 -20.61
N GLY C 113 6.79 54.40 -20.47
CA GLY C 113 6.01 53.32 -21.05
C GLY C 113 4.60 53.24 -20.47
N VAL C 114 4.49 53.40 -19.15
CA VAL C 114 3.20 53.37 -18.51
C VAL C 114 2.37 54.51 -19.05
N GLN C 115 2.99 55.66 -19.30
CA GLN C 115 2.24 56.81 -19.84
C GLN C 115 1.82 56.57 -21.28
N GLN C 116 2.72 56.01 -22.09
CA GLN C 116 2.39 55.76 -23.48
C GLN C 116 1.21 54.83 -23.57
N ARG C 117 1.23 53.79 -22.74
CA ARG C 117 0.18 52.77 -22.73
C ARG C 117 -1.20 53.39 -22.46
N TYR C 118 -1.29 54.33 -21.53
CA TYR C 118 -2.56 54.96 -21.25
C TYR C 118 -3.02 55.88 -22.38
N THR C 119 -2.27 55.94 -23.47
CA THR C 119 -2.66 56.79 -24.59
C THR C 119 -3.27 55.95 -25.71
N GLN C 120 -3.16 54.63 -25.62
CA GLN C 120 -3.78 53.79 -26.64
C GLN C 120 -4.38 52.50 -26.07
N SER C 121 -5.07 52.66 -24.95
CA SER C 121 -5.76 51.58 -24.28
C SER C 121 -7.20 52.03 -24.07
N GLY C 122 -8.15 51.14 -24.40
CA GLY C 122 -9.56 51.48 -24.24
C GLY C 122 -9.96 51.70 -22.79
N GLY C 123 -10.96 52.55 -22.57
CA GLY C 123 -11.44 52.81 -21.23
C GLY C 123 -10.63 53.70 -20.31
N VAL C 124 -9.52 54.27 -20.79
CA VAL C 124 -8.69 55.13 -19.93
C VAL C 124 -8.24 56.41 -20.62
N ARG C 125 -8.02 57.46 -19.82
CA ARG C 125 -7.55 58.73 -20.36
C ARG C 125 -6.06 58.79 -20.03
N PRO C 126 -5.29 59.58 -20.80
CA PRO C 126 -3.85 59.71 -20.57
C PRO C 126 -3.60 60.38 -19.21
N PHE C 127 -2.37 60.26 -18.71
CA PHE C 127 -2.03 60.89 -17.44
C PHE C 127 -1.85 62.39 -17.66
N GLY C 128 -2.47 63.21 -16.82
CA GLY C 128 -2.30 64.64 -16.97
C GLY C 128 -1.06 65.04 -16.19
N VAL C 129 0.05 64.40 -16.51
CA VAL C 129 1.30 64.64 -15.81
C VAL C 129 2.54 64.58 -16.69
N SER C 130 3.55 65.34 -16.29
CA SER C 130 4.85 65.35 -16.98
C SER C 130 5.86 65.22 -15.85
N THR C 131 6.94 64.48 -16.07
CA THR C 131 7.89 64.32 -15.00
C THR C 131 9.35 64.65 -15.29
N LEU C 132 10.07 64.87 -14.20
CA LEU C 132 11.50 65.13 -14.22
C LEU C 132 12.01 64.07 -13.27
N ILE C 133 12.88 63.21 -13.78
CA ILE C 133 13.45 62.13 -12.98
C ILE C 133 14.96 62.34 -12.97
N ALA C 134 15.57 62.28 -11.79
CA ALA C 134 17.00 62.49 -11.65
C ALA C 134 17.66 61.64 -10.59
N GLY C 135 18.95 61.40 -10.79
CA GLY C 135 19.71 60.59 -9.85
C GLY C 135 21.02 60.11 -10.44
N PHE C 136 21.64 59.14 -9.78
CA PHE C 136 22.90 58.59 -10.23
C PHE C 136 22.82 57.08 -10.36
N ASP C 137 23.24 56.56 -11.51
CA ASP C 137 23.24 55.12 -11.72
C ASP C 137 24.07 54.47 -10.62
N PRO C 138 23.74 53.23 -10.25
CA PRO C 138 24.52 52.55 -9.21
C PRO C 138 26.02 52.55 -9.52
N ARG C 139 26.82 52.92 -8.53
CA ARG C 139 28.28 52.95 -8.68
C ARG C 139 28.75 53.91 -9.77
N ASP C 140 27.96 54.94 -10.06
CA ASP C 140 28.31 55.92 -11.08
C ASP C 140 28.19 57.29 -10.43
N ASP C 141 29.01 58.23 -10.89
CA ASP C 141 28.99 59.58 -10.33
C ASP C 141 28.43 60.63 -11.31
N GLU C 142 28.30 60.26 -12.58
CA GLU C 142 27.78 61.16 -13.59
C GLU C 142 26.27 61.42 -13.38
N PRO C 143 25.87 62.69 -13.15
CA PRO C 143 24.46 63.02 -12.94
C PRO C 143 23.53 62.74 -14.12
N LYS C 144 22.30 62.35 -13.79
CA LYS C 144 21.29 62.04 -14.80
C LYS C 144 20.02 62.85 -14.56
N LEU C 145 19.43 63.33 -15.65
CA LEU C 145 18.20 64.11 -15.57
C LEU C 145 17.37 63.82 -16.81
N TYR C 146 16.15 63.34 -16.60
CA TYR C 146 15.26 63.03 -17.72
C TYR C 146 13.89 63.66 -17.57
N GLN C 147 13.14 63.62 -18.66
CA GLN C 147 11.80 64.19 -18.66
C GLN C 147 10.82 63.30 -19.45
N THR C 148 9.61 63.14 -18.92
CA THR C 148 8.59 62.35 -19.60
C THR C 148 7.36 63.24 -19.69
N GLU C 149 6.47 62.90 -20.62
CA GLU C 149 5.22 63.64 -20.82
C GLU C 149 4.06 62.72 -21.12
N PRO C 150 2.82 63.24 -21.03
CA PRO C 150 1.63 62.41 -21.29
C PRO C 150 1.72 61.47 -22.50
N SER C 151 2.37 61.90 -23.58
CA SER C 151 2.46 61.07 -24.78
C SER C 151 3.30 59.81 -24.59
N GLY C 152 4.19 59.83 -23.60
CA GLY C 152 5.06 58.68 -23.37
C GLY C 152 6.48 58.89 -23.87
N ILE C 153 6.73 60.06 -24.45
CA ILE C 153 8.05 60.39 -24.96
C ILE C 153 8.95 60.89 -23.83
N TYR C 154 10.24 60.57 -23.91
CA TYR C 154 11.17 60.99 -22.88
C TYR C 154 12.56 61.23 -23.47
N SER C 155 13.41 61.95 -22.72
CA SER C 155 14.77 62.26 -23.16
C SER C 155 15.52 62.92 -22.02
N SER C 156 16.84 63.05 -22.15
CA SER C 156 17.63 63.68 -21.08
C SER C 156 17.97 65.13 -21.36
N TRP C 157 18.10 65.89 -20.29
CA TRP C 157 18.38 67.31 -20.38
C TRP C 157 19.50 67.73 -19.45
N SER C 158 20.17 68.83 -19.81
CA SER C 158 21.25 69.40 -18.99
C SER C 158 20.51 70.15 -17.89
N ALA C 159 19.39 70.75 -18.29
CA ALA C 159 18.51 71.50 -17.41
C ALA C 159 17.17 71.57 -18.15
N GLN C 160 16.08 71.51 -17.38
CA GLN C 160 14.76 71.55 -17.99
C GLN C 160 13.73 71.97 -16.96
N THR C 161 12.59 72.43 -17.45
CA THR C 161 11.52 72.89 -16.58
C THR C 161 10.18 72.50 -17.20
N ILE C 162 9.15 72.33 -16.37
CA ILE C 162 7.82 71.99 -16.85
C ILE C 162 6.81 72.68 -15.97
N GLY C 163 5.60 72.86 -16.50
CA GLY C 163 4.57 73.51 -15.73
C GLY C 163 4.33 74.93 -16.19
N ARG C 164 3.53 75.68 -15.43
CA ARG C 164 3.23 77.07 -15.79
C ARG C 164 4.48 77.94 -15.85
N ASN C 165 4.53 78.79 -16.87
CA ASN C 165 5.64 79.71 -17.06
C ASN C 165 6.97 78.98 -17.28
N SER C 166 6.91 77.70 -17.61
CA SER C 166 8.11 76.94 -17.86
C SER C 166 8.77 77.52 -19.12
N LYS C 167 7.96 78.18 -19.94
CA LYS C 167 8.44 78.80 -21.17
C LYS C 167 9.48 79.82 -20.77
N THR C 168 9.11 80.65 -19.81
CA THR C 168 9.95 81.70 -19.26
C THR C 168 11.25 81.15 -18.70
N VAL C 169 11.13 80.36 -17.64
CA VAL C 169 12.29 79.78 -16.99
C VAL C 169 13.15 78.93 -17.90
N ARG C 170 12.59 78.40 -18.99
CA ARG C 170 13.42 77.61 -19.89
C ARG C 170 14.35 78.58 -20.60
N GLU C 171 13.79 79.74 -20.98
CA GLU C 171 14.56 80.79 -21.67
C GLU C 171 15.72 81.21 -20.79
N PHE C 172 15.42 81.49 -19.51
CA PHE C 172 16.45 81.87 -18.58
C PHE C 172 17.58 80.84 -18.64
N LEU C 173 17.23 79.58 -18.43
CA LEU C 173 18.19 78.50 -18.45
C LEU C 173 18.94 78.37 -19.76
N GLU C 174 18.28 78.61 -20.89
CA GLU C 174 18.95 78.50 -22.18
C GLU C 174 20.03 79.55 -22.39
N LYS C 175 19.93 80.66 -21.70
CA LYS C 175 20.92 81.72 -21.82
C LYS C 175 21.54 81.98 -20.45
N ASN C 176 21.70 80.91 -19.68
CA ASN C 176 22.29 80.99 -18.35
C ASN C 176 22.90 79.65 -17.95
N TYR C 177 22.86 78.67 -18.86
CA TYR C 177 23.44 77.35 -18.59
C TYR C 177 24.43 77.00 -19.69
N ASP C 178 25.69 76.87 -19.31
CA ASP C 178 26.75 76.56 -20.25
C ASP C 178 27.16 75.10 -20.13
N ARG C 179 26.99 74.35 -21.20
CA ARG C 179 27.37 72.95 -21.18
C ARG C 179 28.88 72.82 -21.01
N LYS C 180 29.60 73.85 -21.45
CA LYS C 180 31.05 73.87 -21.32
C LYS C 180 31.43 73.84 -19.84
N GLU C 181 30.74 74.63 -19.03
CA GLU C 181 31.02 74.67 -17.60
C GLU C 181 29.77 74.53 -16.74
N PRO C 182 29.30 73.29 -16.54
CA PRO C 182 28.12 73.05 -15.72
C PRO C 182 28.42 73.46 -14.29
N PRO C 183 27.44 74.05 -13.57
CA PRO C 183 27.63 74.49 -12.18
C PRO C 183 28.52 73.51 -11.41
N ALA C 184 29.83 73.72 -11.49
CA ALA C 184 30.81 72.86 -10.84
C ALA C 184 30.64 72.67 -9.34
N THR C 185 29.63 73.30 -8.76
CA THR C 185 29.40 73.18 -7.32
C THR C 185 27.94 72.95 -6.97
N VAL C 186 27.72 72.27 -5.86
CA VAL C 186 26.36 72.03 -5.40
C VAL C 186 25.75 73.40 -5.12
N GLU C 187 26.56 74.30 -4.58
CA GLU C 187 26.09 75.65 -4.25
C GLU C 187 25.78 76.49 -5.49
N GLU C 188 26.71 76.60 -6.42
CA GLU C 188 26.43 77.41 -7.60
C GLU C 188 25.36 76.77 -8.47
N CYS C 189 25.10 75.49 -8.23
CA CYS C 189 24.08 74.79 -9.01
C CYS C 189 22.72 75.08 -8.37
N VAL C 190 22.69 75.11 -7.04
CA VAL C 190 21.45 75.41 -6.32
C VAL C 190 21.05 76.87 -6.54
N LYS C 191 22.03 77.72 -6.78
CA LYS C 191 21.77 79.14 -7.00
C LYS C 191 21.17 79.32 -8.38
N LEU C 192 21.81 78.75 -9.39
CA LEU C 192 21.32 78.85 -10.75
C LEU C 192 19.86 78.40 -10.79
N THR C 193 19.53 77.45 -9.92
CA THR C 193 18.17 76.92 -9.84
C THR C 193 17.22 77.95 -9.23
N VAL C 194 17.54 78.42 -8.03
CA VAL C 194 16.71 79.42 -7.38
C VAL C 194 16.50 80.61 -8.30
N ARG C 195 17.57 81.02 -8.98
CA ARG C 195 17.49 82.15 -9.90
C ARG C 195 16.43 81.94 -10.96
N SER C 196 16.47 80.79 -11.64
CA SER C 196 15.50 80.50 -12.69
C SER C 196 14.08 80.50 -12.12
N LEU C 197 13.93 80.10 -10.87
CA LEU C 197 12.61 80.07 -10.24
C LEU C 197 12.10 81.46 -9.88
N LEU C 198 12.98 82.32 -9.38
CA LEU C 198 12.58 83.67 -9.01
C LEU C 198 12.00 84.43 -10.21
N GLU C 199 12.36 83.99 -11.42
CA GLU C 199 11.86 84.62 -12.64
C GLU C 199 10.34 84.48 -12.71
N VAL C 200 9.80 83.52 -11.96
CA VAL C 200 8.37 83.27 -12.00
C VAL C 200 7.67 83.15 -10.65
N VAL C 201 8.42 82.79 -9.60
CA VAL C 201 7.81 82.62 -8.28
C VAL C 201 7.31 83.91 -7.63
N GLN C 202 7.91 85.03 -8.01
CA GLN C 202 7.52 86.33 -7.44
C GLN C 202 7.61 86.27 -5.92
N THR C 203 8.84 86.46 -5.42
CA THR C 203 9.12 86.42 -3.98
C THR C 203 8.36 85.31 -3.28
N GLY C 204 8.96 84.13 -3.28
CA GLY C 204 8.32 82.98 -2.65
C GLY C 204 9.24 82.21 -1.74
N ALA C 205 9.63 82.83 -0.62
CA ALA C 205 10.49 82.17 0.34
C ALA C 205 9.87 80.80 0.64
N LYS C 206 8.58 80.80 0.98
CA LYS C 206 7.86 79.57 1.28
C LYS C 206 7.26 79.01 0.00
N ASN C 207 7.53 79.69 -1.12
CA ASN C 207 7.01 79.26 -2.43
C ASN C 207 8.10 78.69 -3.33
N ILE C 208 9.21 78.24 -2.72
CA ILE C 208 10.31 77.65 -3.45
C ILE C 208 11.02 76.61 -2.60
N GLU C 209 10.92 75.35 -3.02
CA GLU C 209 11.59 74.26 -2.32
C GLU C 209 12.62 73.67 -3.26
N ILE C 210 13.75 73.24 -2.69
CA ILE C 210 14.81 72.66 -3.50
C ILE C 210 15.43 71.44 -2.87
N THR C 211 15.60 70.40 -3.69
CA THR C 211 16.20 69.16 -3.24
C THR C 211 17.50 68.92 -4.00
N VAL C 212 18.54 68.56 -3.27
CA VAL C 212 19.83 68.29 -3.87
C VAL C 212 20.12 66.80 -3.83
N VAL C 213 20.53 66.25 -4.96
CA VAL C 213 20.85 64.84 -5.05
C VAL C 213 22.28 64.64 -5.55
N LYS C 214 23.07 63.93 -4.73
CA LYS C 214 24.47 63.65 -5.04
C LYS C 214 24.64 62.15 -5.21
N PRO C 215 25.80 61.72 -5.75
CA PRO C 215 26.07 60.30 -5.96
C PRO C 215 25.92 59.46 -4.69
N ASP C 216 25.65 58.16 -4.88
CA ASP C 216 25.49 57.20 -3.79
C ASP C 216 24.36 57.46 -2.81
N SER C 217 23.14 57.60 -3.34
CA SER C 217 21.96 57.81 -2.52
C SER C 217 22.03 58.97 -1.53
N ASP C 218 22.78 60.00 -1.88
CA ASP C 218 22.91 61.17 -1.03
C ASP C 218 21.87 62.19 -1.48
N ILE C 219 20.70 62.15 -0.87
CA ILE C 219 19.62 63.07 -1.22
C ILE C 219 19.15 63.85 0.00
N VAL C 220 19.07 65.16 -0.14
CA VAL C 220 18.64 66.03 0.95
C VAL C 220 17.91 67.25 0.44
N ALA C 221 16.91 67.70 1.19
CA ALA C 221 16.12 68.86 0.83
C ALA C 221 16.43 70.03 1.75
N LEU C 222 16.66 71.19 1.16
CA LEU C 222 16.99 72.39 1.92
C LEU C 222 15.79 72.89 2.71
N SER C 223 16.05 73.65 3.77
CA SER C 223 14.99 74.20 4.60
C SER C 223 14.77 75.65 4.17
N SER C 224 13.63 76.21 4.58
CA SER C 224 13.27 77.58 4.23
C SER C 224 14.47 78.51 4.30
N GLU C 225 15.12 78.56 5.46
CA GLU C 225 16.29 79.41 5.68
C GLU C 225 17.36 79.19 4.64
N GLU C 226 17.91 77.98 4.61
CA GLU C 226 18.95 77.62 3.66
C GLU C 226 18.66 78.17 2.28
N ILE C 227 17.41 78.04 1.85
CA ILE C 227 16.99 78.53 0.54
C ILE C 227 16.85 80.04 0.60
N ASN C 228 16.15 80.51 1.61
CA ASN C 228 15.91 81.93 1.82
C ASN C 228 17.22 82.71 1.75
N GLN C 229 18.30 82.06 2.17
CA GLN C 229 19.62 82.69 2.14
C GLN C 229 20.08 82.87 0.70
N TYR C 230 19.75 81.91 -0.15
CA TYR C 230 20.14 81.98 -1.56
C TYR C 230 19.41 83.13 -2.25
N VAL C 231 18.14 83.30 -1.92
CA VAL C 231 17.35 84.37 -2.51
C VAL C 231 17.95 85.72 -2.12
N THR C 232 18.19 85.90 -0.83
CA THR C 232 18.77 87.14 -0.31
C THR C 232 20.03 87.54 -1.06
N GLN C 233 20.96 86.59 -1.19
CA GLN C 233 22.20 86.85 -1.89
C GLN C 233 21.96 87.17 -3.37
N ILE C 234 20.87 86.61 -3.92
CA ILE C 234 20.52 86.83 -5.32
C ILE C 234 19.91 88.22 -5.54
N GLU C 235 19.05 88.65 -4.62
CA GLU C 235 18.42 89.95 -4.73
C GLU C 235 19.44 91.06 -4.60
N GLN C 236 20.57 90.74 -3.98
CA GLN C 236 21.64 91.72 -3.82
C GLN C 236 22.41 91.81 -5.13
N GLU C 237 22.72 90.67 -5.73
CA GLU C 237 23.45 90.64 -6.99
C GLU C 237 22.80 91.65 -7.94
N LYS C 238 21.47 91.75 -7.87
CA LYS C 238 20.71 92.66 -8.71
C LYS C 238 20.89 94.10 -8.23
N GLN C 239 20.46 94.37 -7.00
CA GLN C 239 20.57 95.70 -6.41
C GLN C 239 21.97 96.28 -6.51
N GLU C 240 22.98 95.41 -6.37
CA GLU C 240 24.37 95.83 -6.48
C GLU C 240 24.65 96.19 -7.94
N GLN C 241 23.64 96.77 -8.59
CA GLN C 241 23.72 97.16 -9.98
C GLN C 241 22.48 97.98 -10.36
N ASP D 1 -20.75 58.77 -31.31
CA ASP D 1 -19.63 59.26 -32.17
C ASP D 1 -19.51 58.41 -33.45
N ARG D 2 -18.36 57.76 -33.63
CA ARG D 2 -18.13 56.92 -34.80
C ARG D 2 -17.03 55.91 -34.49
N GLY D 3 -17.29 54.64 -34.79
CA GLY D 3 -16.31 53.60 -34.52
C GLY D 3 -14.90 53.89 -34.99
N VAL D 4 -13.92 53.32 -34.30
CA VAL D 4 -12.52 53.56 -34.66
C VAL D 4 -12.10 52.65 -35.81
N SER D 5 -13.04 51.87 -36.31
CA SER D 5 -12.75 50.98 -37.43
C SER D 5 -13.82 51.12 -38.51
N THR D 6 -14.29 52.35 -38.71
CA THR D 6 -15.30 52.67 -39.70
C THR D 6 -14.65 52.93 -41.07
N PHE D 7 -15.40 52.68 -42.14
CA PHE D 7 -14.92 52.90 -43.50
C PHE D 7 -15.45 54.22 -44.02
N SER D 8 -14.61 54.93 -44.77
CA SER D 8 -15.02 56.21 -45.37
C SER D 8 -15.78 55.84 -46.63
N PRO D 9 -16.52 56.81 -47.20
CA PRO D 9 -17.25 56.49 -48.43
C PRO D 9 -16.34 56.06 -49.57
N GLU D 10 -15.06 56.41 -49.50
CA GLU D 10 -14.09 56.05 -50.53
C GLU D 10 -13.52 54.66 -50.30
N GLY D 11 -13.85 54.06 -49.16
CA GLY D 11 -13.33 52.74 -48.85
C GLY D 11 -12.00 52.76 -48.12
N ARG D 12 -11.82 53.74 -47.25
CA ARG D 12 -10.60 53.86 -46.47
C ARG D 12 -10.97 53.89 -45.00
N LEU D 13 -10.05 53.46 -44.14
CA LEU D 13 -10.30 53.47 -42.71
C LEU D 13 -9.86 54.81 -42.13
N PHE D 14 -10.82 55.58 -41.65
CA PHE D 14 -10.55 56.89 -41.08
C PHE D 14 -9.36 56.94 -40.14
N GLN D 15 -9.39 56.15 -39.07
CA GLN D 15 -8.29 56.15 -38.12
C GLN D 15 -6.91 55.89 -38.72
N VAL D 16 -6.85 55.07 -39.77
CA VAL D 16 -5.58 54.77 -40.42
C VAL D 16 -5.08 55.96 -41.23
N GLU D 17 -6.00 56.65 -41.92
CA GLU D 17 -5.63 57.81 -42.73
C GLU D 17 -5.18 58.95 -41.82
N TYR D 18 -5.89 59.19 -40.73
CA TYR D 18 -5.53 60.25 -39.80
C TYR D 18 -4.19 59.90 -39.15
N SER D 19 -3.92 58.61 -39.04
CA SER D 19 -2.68 58.13 -38.46
C SER D 19 -1.54 58.55 -39.40
N LEU D 20 -1.77 58.40 -40.70
CA LEU D 20 -0.80 58.77 -41.71
C LEU D 20 -0.50 60.27 -41.70
N GLU D 21 -1.44 61.07 -41.25
CA GLU D 21 -1.23 62.51 -41.18
C GLU D 21 -0.20 62.81 -40.10
N ALA D 22 -0.40 62.22 -38.92
CA ALA D 22 0.51 62.42 -37.80
C ALA D 22 1.95 62.04 -38.18
N ILE D 23 2.06 61.04 -39.04
CA ILE D 23 3.37 60.57 -39.49
C ILE D 23 4.06 61.59 -40.39
N LYS D 24 3.27 62.35 -41.15
CA LYS D 24 3.82 63.37 -42.03
C LYS D 24 4.50 64.45 -41.21
N LEU D 25 4.03 64.66 -39.99
CA LEU D 25 4.59 65.66 -39.09
C LEU D 25 5.88 65.19 -38.42
N GLY D 26 6.18 63.91 -38.52
CA GLY D 26 7.38 63.38 -37.88
C GLY D 26 8.70 63.73 -38.54
N SER D 27 9.79 63.52 -37.80
CA SER D 27 11.13 63.78 -38.29
C SER D 27 11.43 62.86 -39.46
N THR D 28 12.13 63.40 -40.45
CA THR D 28 12.47 62.63 -41.62
C THR D 28 13.38 61.44 -41.30
N ALA D 29 13.20 60.36 -42.06
CA ALA D 29 13.99 59.15 -41.91
C ALA D 29 14.18 58.63 -43.33
N ILE D 30 15.40 58.22 -43.65
CA ILE D 30 15.70 57.74 -44.99
C ILE D 30 16.45 56.41 -45.01
N GLY D 31 16.07 55.54 -45.94
CA GLY D 31 16.73 54.27 -46.08
C GLY D 31 17.15 53.99 -47.52
N ILE D 32 18.39 53.57 -47.72
CA ILE D 32 18.90 53.25 -49.05
C ILE D 32 19.55 51.86 -49.04
N ALA D 33 19.05 50.99 -49.92
CA ALA D 33 19.55 49.62 -49.99
C ALA D 33 20.40 49.37 -51.22
N THR D 34 21.63 48.94 -50.98
CA THR D 34 22.59 48.64 -52.05
C THR D 34 23.12 47.21 -51.86
N LYS D 35 23.82 46.70 -52.87
CA LYS D 35 24.36 45.34 -52.81
C LYS D 35 25.54 45.23 -51.85
N GLU D 36 25.83 46.32 -51.14
CA GLU D 36 26.93 46.35 -50.18
C GLU D 36 26.41 46.60 -48.79
N GLY D 37 25.09 46.66 -48.66
CA GLY D 37 24.49 46.91 -47.36
C GLY D 37 23.32 47.86 -47.48
N VAL D 38 22.72 48.21 -46.35
CA VAL D 38 21.59 49.12 -46.35
C VAL D 38 21.92 50.23 -45.38
N VAL D 39 21.67 51.47 -45.79
CA VAL D 39 21.96 52.62 -44.94
C VAL D 39 20.65 53.18 -44.42
N LEU D 40 20.67 53.62 -43.16
CA LEU D 40 19.49 54.18 -42.52
C LEU D 40 19.90 55.48 -41.82
N GLY D 41 19.21 56.57 -42.14
CA GLY D 41 19.52 57.84 -41.52
C GLY D 41 18.26 58.55 -41.03
N VAL D 42 18.40 59.34 -39.97
CA VAL D 42 17.27 60.06 -39.41
C VAL D 42 17.62 61.46 -38.92
N GLU D 43 16.60 62.31 -38.83
CA GLU D 43 16.77 63.67 -38.34
C GLU D 43 16.45 63.62 -36.84
N LYS D 44 17.42 63.95 -36.00
CA LYS D 44 17.19 63.95 -34.56
C LYS D 44 16.07 64.92 -34.20
N ARG D 45 16.18 66.16 -34.68
CA ARG D 45 15.20 67.22 -34.42
C ARG D 45 14.90 67.50 -32.93
N ALA D 46 15.93 67.83 -32.16
CA ALA D 46 15.71 68.15 -30.75
C ALA D 46 14.82 69.40 -30.70
N THR D 47 14.17 69.65 -29.56
CA THR D 47 13.28 70.80 -29.45
C THR D 47 13.85 71.97 -28.66
N SER D 48 15.05 71.79 -28.12
CA SER D 48 15.71 72.83 -27.33
C SER D 48 17.18 72.50 -27.23
N PRO D 49 18.04 73.53 -27.11
CA PRO D 49 19.48 73.29 -27.00
C PRO D 49 19.87 72.59 -25.69
N LEU D 50 18.98 72.64 -24.70
CA LEU D 50 19.24 72.00 -23.42
C LEU D 50 19.01 70.49 -23.45
N LEU D 51 18.36 70.02 -24.51
CA LEU D 51 18.09 68.60 -24.69
C LEU D 51 19.37 67.90 -25.17
N GLU D 52 19.76 66.83 -24.50
CA GLU D 52 20.96 66.09 -24.90
C GLU D 52 20.64 65.24 -26.12
N SER D 53 20.99 65.77 -27.29
CA SER D 53 20.74 65.13 -28.58
C SER D 53 21.03 63.65 -28.70
N ASP D 54 21.95 63.12 -27.92
CA ASP D 54 22.25 61.70 -28.06
C ASP D 54 21.32 60.77 -27.29
N SER D 55 20.36 61.36 -26.57
CA SER D 55 19.37 60.57 -25.84
C SER D 55 18.16 60.41 -26.76
N ILE D 56 18.32 60.81 -28.02
CA ILE D 56 17.26 60.70 -29.02
C ILE D 56 17.57 59.44 -29.81
N GLU D 57 16.75 58.43 -29.60
CA GLU D 57 16.94 57.12 -30.23
C GLU D 57 15.88 56.82 -31.28
N LYS D 58 16.15 57.16 -32.54
CA LYS D 58 15.18 56.89 -33.59
C LYS D 58 15.64 55.82 -34.56
N ILE D 59 16.74 55.18 -34.24
CA ILE D 59 17.27 54.07 -35.03
C ILE D 59 17.61 53.01 -34.00
N VAL D 60 16.92 51.87 -34.05
CA VAL D 60 17.15 50.81 -33.09
C VAL D 60 17.49 49.49 -33.77
N GLU D 61 18.11 48.59 -33.00
CA GLU D 61 18.47 47.26 -33.49
C GLU D 61 17.38 46.24 -33.17
N ILE D 62 16.98 45.46 -34.17
CA ILE D 62 15.97 44.44 -33.99
C ILE D 62 16.71 43.16 -33.61
N ASP D 63 17.75 42.87 -34.40
CA ASP D 63 18.62 41.71 -34.19
C ASP D 63 19.93 42.09 -34.90
N ARG D 64 20.94 41.23 -34.82
CA ARG D 64 22.22 41.54 -35.44
C ARG D 64 22.13 41.78 -36.95
N HIS D 65 21.12 41.25 -37.61
CA HIS D 65 20.98 41.41 -39.06
C HIS D 65 19.78 42.26 -39.45
N ILE D 66 19.17 42.93 -38.47
CA ILE D 66 18.01 43.78 -38.71
C ILE D 66 18.00 45.00 -37.81
N GLY D 67 17.70 46.15 -38.41
CA GLY D 67 17.63 47.39 -37.65
C GLY D 67 16.50 48.19 -38.26
N CYS D 68 16.06 49.25 -37.59
CA CYS D 68 14.98 50.04 -38.18
C CYS D 68 14.96 51.50 -37.72
N ALA D 69 14.34 52.33 -38.55
CA ALA D 69 14.22 53.74 -38.27
C ALA D 69 12.74 54.07 -38.17
N MET D 70 12.40 54.98 -37.25
CA MET D 70 11.01 55.34 -37.04
C MET D 70 10.73 56.82 -37.32
N SER D 71 9.46 57.12 -37.61
CA SER D 71 9.03 58.49 -37.87
C SER D 71 7.57 58.67 -37.47
N GLY D 72 7.30 59.69 -36.67
CA GLY D 72 5.94 59.96 -36.24
C GLY D 72 5.88 60.01 -34.72
N LEU D 73 4.82 59.46 -34.15
CA LEU D 73 4.69 59.43 -32.69
C LEU D 73 5.60 58.31 -32.22
N THR D 74 6.88 58.63 -32.04
CA THR D 74 7.88 57.66 -31.65
C THR D 74 7.64 56.82 -30.38
N ALA D 75 6.86 57.33 -29.43
CA ALA D 75 6.60 56.54 -28.23
C ALA D 75 5.77 55.31 -28.60
N ASP D 76 4.95 55.43 -29.66
CA ASP D 76 4.12 54.33 -30.13
C ASP D 76 4.96 53.22 -30.74
N ALA D 77 6.23 53.49 -31.01
CA ALA D 77 7.08 52.49 -31.62
C ALA D 77 7.76 51.56 -30.61
N ARG D 78 7.75 51.93 -29.33
CA ARG D 78 8.40 51.10 -28.33
C ARG D 78 7.89 49.67 -28.30
N SER D 79 6.57 49.51 -28.21
CA SER D 79 6.00 48.16 -28.17
C SER D 79 6.20 47.43 -29.50
N MET D 80 6.24 48.17 -30.61
CA MET D 80 6.46 47.54 -31.91
C MET D 80 7.88 46.96 -31.97
N ILE D 81 8.83 47.70 -31.43
CA ILE D 81 10.22 47.27 -31.42
C ILE D 81 10.34 46.04 -30.52
N GLU D 82 9.64 46.09 -29.39
CA GLU D 82 9.66 45.00 -28.42
C GLU D 82 9.13 43.73 -29.08
N HIS D 83 8.03 43.88 -29.80
CA HIS D 83 7.44 42.75 -30.48
C HIS D 83 8.43 42.21 -31.50
N ALA D 84 9.06 43.12 -32.25
CA ALA D 84 10.02 42.75 -33.28
C ALA D 84 11.22 41.98 -32.74
N ARG D 85 11.80 42.49 -31.66
CA ARG D 85 12.95 41.82 -31.06
C ARG D 85 12.55 40.45 -30.53
N THR D 86 11.38 40.38 -29.92
CA THR D 86 10.93 39.11 -29.39
C THR D 86 10.68 38.13 -30.54
N ALA D 87 10.13 38.61 -31.63
CA ALA D 87 9.86 37.75 -32.78
C ALA D 87 11.15 37.18 -33.32
N ALA D 88 12.16 38.03 -33.49
CA ALA D 88 13.43 37.57 -34.04
C ALA D 88 14.12 36.60 -33.10
N VAL D 89 14.15 36.91 -31.81
CA VAL D 89 14.78 36.03 -30.82
C VAL D 89 14.03 34.71 -30.76
N THR D 90 12.70 34.78 -30.71
CA THR D 90 11.87 33.59 -30.63
C THR D 90 12.10 32.69 -31.84
N HIS D 91 12.14 33.29 -33.02
CA HIS D 91 12.34 32.50 -34.23
C HIS D 91 13.66 31.73 -34.10
N ASN D 92 14.67 32.42 -33.61
CA ASN D 92 15.95 31.78 -33.48
C ASN D 92 15.91 30.61 -32.51
N LEU D 93 15.21 30.80 -31.38
CA LEU D 93 15.09 29.75 -30.37
C LEU D 93 14.43 28.51 -30.97
N TYR D 94 13.37 28.72 -31.75
CA TYR D 94 12.66 27.61 -32.38
C TYR D 94 13.38 26.93 -33.53
N TYR D 95 14.03 27.72 -34.39
CA TYR D 95 14.70 27.12 -35.56
C TYR D 95 16.20 27.16 -35.64
N ASP D 96 16.86 27.67 -34.60
CA ASP D 96 18.31 27.72 -34.61
C ASP D 96 18.79 28.39 -35.91
N GLU D 97 18.28 29.58 -36.19
CA GLU D 97 18.65 30.31 -37.39
C GLU D 97 18.18 31.76 -37.29
N ASP D 98 18.46 32.55 -38.32
CA ASP D 98 18.04 33.95 -38.37
C ASP D 98 16.68 34.06 -39.02
N ILE D 99 15.87 34.99 -38.52
CA ILE D 99 14.55 35.21 -39.10
C ILE D 99 14.74 36.01 -40.37
N ASN D 100 14.00 35.67 -41.40
CA ASN D 100 14.09 36.42 -42.65
C ASN D 100 13.55 37.83 -42.42
N VAL D 101 14.21 38.82 -43.03
CA VAL D 101 13.81 40.22 -42.90
C VAL D 101 12.33 40.43 -43.22
N GLU D 102 11.85 39.76 -44.27
CA GLU D 102 10.47 39.91 -44.67
C GLU D 102 9.54 39.35 -43.59
N SER D 103 9.87 38.17 -43.08
CA SER D 103 9.08 37.53 -42.05
C SER D 103 8.98 38.41 -40.80
N LEU D 104 10.10 39.02 -40.42
CA LEU D 104 10.13 39.89 -39.26
C LEU D 104 9.19 41.08 -39.49
N THR D 105 9.22 41.62 -40.71
CA THR D 105 8.37 42.75 -41.06
C THR D 105 6.89 42.37 -40.99
N GLN D 106 6.57 41.23 -41.61
CA GLN D 106 5.20 40.73 -41.63
C GLN D 106 4.66 40.59 -40.21
N SER D 107 5.51 40.12 -39.30
CA SER D 107 5.12 39.94 -37.91
C SER D 107 4.71 41.27 -37.29
N VAL D 108 5.54 42.29 -37.50
CA VAL D 108 5.28 43.61 -36.96
C VAL D 108 3.98 44.16 -37.53
N CYS D 109 3.81 44.03 -38.85
CA CYS D 109 2.59 44.51 -39.49
C CYS D 109 1.35 43.81 -39.00
N ASP D 110 1.51 42.61 -38.44
CA ASP D 110 0.37 41.87 -37.92
C ASP D 110 -0.27 42.58 -36.72
N LEU D 111 0.50 43.43 -36.03
CA LEU D 111 -0.04 44.16 -34.89
C LEU D 111 -0.86 45.34 -35.42
N ALA D 112 -0.37 45.94 -36.48
CA ALA D 112 -1.00 47.09 -37.09
C ALA D 112 -2.51 47.20 -36.94
N LEU D 113 -3.26 46.35 -37.64
CA LEU D 113 -4.72 46.42 -37.59
C LEU D 113 -5.41 45.87 -36.34
N ARG D 114 -4.63 45.45 -35.34
CA ARG D 114 -5.21 44.92 -34.11
C ARG D 114 -5.75 46.01 -33.21
N PHE D 115 -6.63 46.86 -33.74
CA PHE D 115 -7.21 47.91 -32.93
C PHE D 115 -8.72 47.88 -33.12
N GLY D 116 -9.43 48.56 -32.22
CA GLY D 116 -10.88 48.61 -32.29
C GLY D 116 -11.49 48.53 -30.91
N GLU D 117 -12.82 48.62 -30.83
CA GLU D 117 -13.52 48.55 -29.55
C GLU D 117 -14.27 47.24 -29.39
N GLY D 118 -14.04 46.31 -30.31
CA GLY D 118 -14.69 45.02 -30.26
C GLY D 118 -14.90 44.43 -31.66
N ALA D 119 -13.85 44.49 -32.49
CA ALA D 119 -13.91 43.96 -33.85
C ALA D 119 -13.99 42.43 -33.87
N SER D 120 -15.09 41.91 -34.44
CA SER D 120 -15.35 40.46 -34.52
C SER D 120 -14.37 39.70 -35.44
N GLY D 121 -13.19 39.37 -34.90
CA GLY D 121 -12.20 38.64 -35.65
C GLY D 121 -11.16 37.97 -34.75
N GLU D 122 -11.16 38.39 -33.49
CA GLU D 122 -10.26 37.88 -32.45
C GLU D 122 -10.41 38.78 -31.22
N GLU D 123 -9.29 39.19 -30.62
CA GLU D 123 -9.35 40.08 -29.45
C GLU D 123 -8.41 41.28 -29.62
N ARG D 124 -8.65 42.08 -30.65
CA ARG D 124 -7.84 43.26 -30.92
C ARG D 124 -8.07 44.38 -29.92
N LEU D 125 -7.36 44.30 -28.79
CA LEU D 125 -7.47 45.31 -27.76
C LEU D 125 -6.31 46.29 -27.94
N MET D 126 -6.65 47.45 -28.47
CA MET D 126 -5.73 48.55 -28.74
C MET D 126 -6.71 49.58 -29.28
N SER D 127 -6.91 50.66 -28.54
CA SER D 127 -7.89 51.67 -28.92
C SER D 127 -7.70 52.42 -30.23
N ARG D 128 -6.46 52.54 -30.70
CA ARG D 128 -6.21 53.27 -31.93
C ARG D 128 -5.04 52.68 -32.68
N PRO D 129 -4.87 53.07 -33.96
CA PRO D 129 -3.75 52.56 -34.76
C PRO D 129 -2.46 53.19 -34.23
N PHE D 130 -1.31 52.66 -34.64
CA PHE D 130 -0.02 53.22 -34.22
C PHE D 130 0.16 54.51 -34.99
N GLY D 131 0.79 55.50 -34.37
CA GLY D 131 1.00 56.76 -35.07
C GLY D 131 2.45 56.92 -35.49
N VAL D 132 3.02 55.86 -36.04
CA VAL D 132 4.42 55.88 -36.45
C VAL D 132 4.69 54.88 -37.55
N ALA D 133 5.49 55.26 -38.53
CA ALA D 133 5.84 54.33 -39.62
C ALA D 133 7.26 53.85 -39.35
N LEU D 134 7.65 52.76 -39.98
CA LEU D 134 8.98 52.23 -39.74
C LEU D 134 9.70 51.80 -41.01
N LEU D 135 11.00 52.04 -41.02
CA LEU D 135 11.82 51.62 -42.14
C LEU D 135 12.60 50.46 -41.55
N ILE D 136 12.30 49.25 -42.03
CA ILE D 136 12.97 48.07 -41.53
C ILE D 136 13.99 47.60 -42.56
N ALA D 137 15.23 47.51 -42.14
CA ALA D 137 16.30 47.10 -43.04
C ALA D 137 17.17 45.98 -42.47
N GLY D 138 17.56 45.06 -43.34
CA GLY D 138 18.39 43.98 -42.89
C GLY D 138 18.87 43.12 -44.03
N HIS D 139 19.56 42.04 -43.68
CA HIS D 139 20.08 41.11 -44.66
C HIS D 139 19.82 39.68 -44.22
N ASP D 140 19.64 38.80 -45.19
CA ASP D 140 19.43 37.39 -44.91
C ASP D 140 19.88 36.62 -46.16
N ALA D 141 20.29 35.36 -45.97
CA ALA D 141 20.80 34.55 -47.07
C ALA D 141 19.95 34.42 -48.33
N ASP D 142 18.65 34.32 -48.19
CA ASP D 142 17.80 34.13 -49.37
C ASP D 142 17.55 35.34 -50.28
N ASP D 143 17.34 36.52 -49.70
CA ASP D 143 17.08 37.72 -50.50
C ASP D 143 18.04 38.88 -50.25
N GLY D 144 19.20 38.59 -49.67
CA GLY D 144 20.17 39.63 -49.41
C GLY D 144 19.69 40.84 -48.65
N TYR D 145 20.25 42.00 -49.00
CA TYR D 145 19.90 43.25 -48.35
C TYR D 145 18.52 43.71 -48.73
N GLN D 146 17.73 44.08 -47.72
CA GLN D 146 16.36 44.52 -47.93
C GLN D 146 15.94 45.72 -47.10
N LEU D 147 15.08 46.54 -47.70
CA LEU D 147 14.55 47.73 -47.05
C LEU D 147 13.03 47.62 -47.15
N PHE D 148 12.37 47.80 -46.02
CA PHE D 148 10.91 47.71 -45.97
C PHE D 148 10.32 48.93 -45.29
N HIS D 149 9.12 49.30 -45.74
CA HIS D 149 8.39 50.42 -45.16
C HIS D 149 7.14 49.81 -44.54
N ALA D 150 7.04 49.89 -43.22
CA ALA D 150 5.87 49.35 -42.53
C ALA D 150 4.97 50.48 -42.02
N GLU D 151 3.70 50.46 -42.44
CA GLU D 151 2.73 51.48 -42.05
C GLU D 151 1.71 50.98 -41.04
N PRO D 152 0.98 51.90 -40.36
CA PRO D 152 -0.04 51.57 -39.36
C PRO D 152 -1.24 50.89 -40.00
N SER D 153 -1.23 50.82 -41.32
CA SER D 153 -2.31 50.19 -42.07
C SER D 153 -2.18 48.69 -41.96
N GLY D 154 -0.93 48.23 -41.94
CA GLY D 154 -0.68 46.81 -41.84
C GLY D 154 0.03 46.35 -43.10
N THR D 155 0.01 47.20 -44.11
CA THR D 155 0.68 46.86 -45.36
C THR D 155 2.14 47.27 -45.25
N PHE D 156 3.01 46.62 -46.00
CA PHE D 156 4.41 46.95 -45.97
C PHE D 156 4.96 46.74 -47.38
N TYR D 157 5.77 47.69 -47.80
CA TYR D 157 6.34 47.67 -49.13
C TYR D 157 7.84 47.54 -49.08
N ARG D 158 8.41 46.97 -50.13
CA ARG D 158 9.85 46.84 -50.21
C ARG D 158 10.36 47.95 -51.15
N TYR D 159 11.44 48.62 -50.75
CA TYR D 159 11.99 49.70 -51.55
C TYR D 159 13.50 49.55 -51.77
N ASN D 160 14.01 50.25 -52.78
CA ASN D 160 15.44 50.29 -53.05
C ASN D 160 15.93 51.48 -52.26
N ALA D 161 15.01 52.41 -52.04
CA ALA D 161 15.27 53.62 -51.27
C ALA D 161 13.91 54.16 -50.85
N LYS D 162 13.85 54.78 -49.68
CA LYS D 162 12.58 55.31 -49.20
C LYS D 162 12.77 56.38 -48.16
N ALA D 163 11.85 57.34 -48.17
CA ALA D 163 11.88 58.44 -47.22
C ALA D 163 10.51 58.60 -46.57
N ILE D 164 10.51 58.75 -45.25
CA ILE D 164 9.26 58.95 -44.51
C ILE D 164 9.51 60.13 -43.58
N GLY D 165 8.42 60.82 -43.22
CA GLY D 165 8.55 61.98 -42.35
C GLY D 165 8.17 63.28 -43.04
N SER D 166 8.37 64.40 -42.35
CA SER D 166 8.03 65.71 -42.89
C SER D 166 8.50 66.00 -44.33
N GLY D 167 9.75 65.72 -44.66
CA GLY D 167 10.19 66.01 -46.00
C GLY D 167 10.31 64.82 -46.93
N SER D 168 9.37 63.89 -46.84
CA SER D 168 9.42 62.67 -47.66
C SER D 168 9.07 62.79 -49.15
N GLU D 169 8.10 63.63 -49.51
CA GLU D 169 7.74 63.78 -50.92
C GLU D 169 8.91 64.39 -51.69
N GLY D 170 9.53 65.40 -51.10
CA GLY D 170 10.66 66.06 -51.73
C GLY D 170 11.86 65.13 -51.75
N ALA D 171 12.14 64.49 -50.62
CA ALA D 171 13.26 63.58 -50.49
C ALA D 171 13.11 62.33 -51.36
N GLN D 172 11.87 61.87 -51.52
CA GLN D 172 11.65 60.66 -52.32
C GLN D 172 11.96 61.01 -53.77
N ALA D 173 11.52 62.19 -54.20
CA ALA D 173 11.77 62.64 -55.56
C ALA D 173 13.27 62.59 -55.79
N GLU D 174 14.02 63.05 -54.80
CA GLU D 174 15.46 63.06 -54.87
C GLU D 174 15.95 61.64 -55.10
N LEU D 175 15.58 60.74 -54.18
CA LEU D 175 15.97 59.34 -54.23
C LEU D 175 15.67 58.73 -55.60
N LEU D 176 14.57 59.19 -56.21
CA LEU D 176 14.16 58.70 -57.51
C LEU D 176 15.30 58.85 -58.53
N ASN D 177 15.85 60.06 -58.58
CA ASN D 177 16.93 60.37 -59.52
C ASN D 177 18.28 59.77 -59.11
N GLU D 178 18.63 59.95 -57.84
CA GLU D 178 19.91 59.47 -57.32
C GLU D 178 20.16 57.97 -57.24
N TRP D 179 19.12 57.17 -57.08
CA TRP D 179 19.31 55.73 -56.93
C TRP D 179 19.52 54.91 -58.19
N HIS D 180 20.51 54.01 -58.13
CA HIS D 180 20.82 53.11 -59.22
C HIS D 180 21.41 51.80 -58.66
N SER D 181 21.14 50.69 -59.34
CA SER D 181 21.56 49.36 -58.92
C SER D 181 23.02 49.13 -58.55
N SER D 182 23.91 50.04 -58.90
CA SER D 182 25.31 49.83 -58.56
C SER D 182 25.88 50.80 -57.53
N LEU D 183 25.01 51.41 -56.75
CA LEU D 183 25.44 52.34 -55.71
C LEU D 183 26.32 51.59 -54.74
N THR D 184 27.24 52.29 -54.08
CA THR D 184 28.11 51.64 -53.13
C THR D 184 27.69 52.16 -51.76
N LEU D 185 28.06 51.43 -50.72
CA LEU D 185 27.70 51.82 -49.37
C LEU D 185 28.15 53.26 -49.08
N LYS D 186 29.38 53.58 -49.48
CA LYS D 186 29.94 54.92 -49.26
C LYS D 186 29.06 55.96 -49.94
N GLU D 187 28.67 55.68 -51.19
CA GLU D 187 27.83 56.58 -51.95
C GLU D 187 26.52 56.78 -51.19
N ALA D 188 25.84 55.67 -50.92
CA ALA D 188 24.57 55.67 -50.19
C ALA D 188 24.65 56.51 -48.92
N GLU D 189 25.70 56.32 -48.14
CA GLU D 189 25.86 57.09 -46.91
C GLU D 189 25.83 58.58 -47.22
N LEU D 190 26.70 58.99 -48.13
CA LEU D 190 26.82 60.40 -48.55
C LEU D 190 25.48 60.89 -49.07
N LEU D 191 24.86 60.07 -49.90
CA LEU D 191 23.58 60.37 -50.51
C LEU D 191 22.46 60.59 -49.48
N VAL D 192 22.42 59.76 -48.44
CA VAL D 192 21.40 59.89 -47.40
C VAL D 192 21.65 61.17 -46.63
N LEU D 193 22.92 61.37 -46.27
CA LEU D 193 23.35 62.55 -45.53
C LEU D 193 22.99 63.83 -46.28
N LYS D 194 23.06 63.76 -47.62
CA LYS D 194 22.75 64.90 -48.48
C LYS D 194 21.27 65.24 -48.49
N ILE D 195 20.41 64.25 -48.76
CA ILE D 195 18.96 64.49 -48.80
C ILE D 195 18.46 64.98 -47.44
N LEU D 196 19.03 64.43 -46.36
CA LEU D 196 18.61 64.85 -45.03
C LEU D 196 18.85 66.35 -44.89
N LYS D 197 20.00 66.79 -45.38
CA LYS D 197 20.39 68.20 -45.33
C LYS D 197 19.43 69.11 -46.11
N GLN D 198 18.93 68.63 -47.25
CA GLN D 198 18.00 69.42 -48.06
C GLN D 198 16.65 69.64 -47.40
N VAL D 199 16.10 68.59 -46.76
CA VAL D 199 14.79 68.70 -46.13
C VAL D 199 14.81 69.19 -44.69
N MET D 200 15.88 68.90 -43.96
CA MET D 200 15.98 69.33 -42.57
C MET D 200 15.88 70.84 -42.45
N GLU D 201 15.16 71.31 -41.45
CA GLU D 201 15.02 72.75 -41.21
C GLU D 201 16.38 73.27 -40.75
N GLU D 202 16.99 72.54 -39.83
CA GLU D 202 18.29 72.90 -39.29
C GLU D 202 19.42 72.58 -40.25
N LYS D 203 20.61 73.08 -39.93
CA LYS D 203 21.79 72.83 -40.73
C LYS D 203 22.35 71.51 -40.24
N LEU D 204 22.29 70.50 -41.08
CA LEU D 204 22.78 69.18 -40.72
C LEU D 204 24.21 69.11 -40.23
N ASP D 205 24.40 68.55 -39.05
CA ASP D 205 25.72 68.35 -38.46
C ASP D 205 25.64 66.99 -37.75
N GLU D 206 26.74 66.53 -37.15
CA GLU D 206 26.73 65.21 -36.50
C GLU D 206 25.93 65.11 -35.20
N ASN D 207 25.30 66.20 -34.78
CA ASN D 207 24.53 66.17 -33.55
C ASN D 207 23.02 66.25 -33.74
N ASN D 208 22.57 66.57 -34.94
CA ASN D 208 21.14 66.65 -35.20
C ASN D 208 20.71 65.65 -36.26
N ALA D 209 21.60 64.73 -36.57
CA ALA D 209 21.34 63.69 -37.57
C ALA D 209 22.15 62.46 -37.20
N GLN D 210 21.68 61.29 -37.63
CA GLN D 210 22.35 60.06 -37.30
C GLN D 210 22.27 59.04 -38.42
N LEU D 211 23.39 58.39 -38.69
CA LEU D 211 23.47 57.37 -39.73
C LEU D 211 23.67 56.00 -39.12
N SER D 212 23.40 54.98 -39.92
CA SER D 212 23.58 53.61 -39.49
C SER D 212 23.46 52.74 -40.72
N CYS D 213 23.91 51.50 -40.60
CA CYS D 213 23.81 50.59 -41.72
C CYS D 213 23.82 49.16 -41.20
N ILE D 214 23.71 48.23 -42.13
CA ILE D 214 23.74 46.84 -41.80
C ILE D 214 24.37 46.13 -42.98
N THR D 215 25.44 45.39 -42.69
CA THR D 215 26.15 44.63 -43.72
C THR D 215 26.21 43.19 -43.27
N LYS D 216 26.24 42.28 -44.24
CA LYS D 216 26.31 40.86 -43.95
C LYS D 216 27.51 40.56 -43.06
N GLN D 217 28.59 41.30 -43.25
CA GLN D 217 29.79 41.06 -42.47
C GLN D 217 29.76 41.53 -41.02
N ASP D 218 29.26 42.73 -40.77
CA ASP D 218 29.27 43.22 -39.40
C ASP D 218 27.93 43.50 -38.76
N GLY D 219 26.86 43.21 -39.50
CA GLY D 219 25.54 43.42 -38.97
C GLY D 219 25.14 44.88 -38.84
N PHE D 220 24.10 45.12 -38.05
CA PHE D 220 23.60 46.46 -37.84
C PHE D 220 24.45 47.27 -36.86
N LYS D 221 24.90 48.43 -37.33
CA LYS D 221 25.72 49.33 -36.54
C LYS D 221 25.23 50.76 -36.64
N ILE D 222 25.29 51.50 -35.53
CA ILE D 222 24.88 52.89 -35.54
C ILE D 222 26.19 53.69 -35.53
N TYR D 223 26.37 54.56 -36.53
CA TYR D 223 27.59 55.36 -36.62
C TYR D 223 27.65 56.36 -35.48
N ASP D 224 28.76 56.37 -34.77
CA ASP D 224 28.92 57.33 -33.68
C ASP D 224 29.25 58.67 -34.32
N ASN D 225 28.86 59.75 -33.65
CA ASN D 225 29.08 61.10 -34.15
C ASN D 225 30.37 61.33 -34.93
N GLU D 226 31.51 61.02 -34.32
CA GLU D 226 32.80 61.21 -34.98
C GLU D 226 32.78 60.67 -36.40
N LYS D 227 32.38 59.41 -36.55
CA LYS D 227 32.34 58.80 -37.88
C LYS D 227 31.45 59.55 -38.86
N THR D 228 30.32 60.06 -38.36
CA THR D 228 29.38 60.80 -39.19
C THR D 228 29.93 62.17 -39.56
N ALA D 229 30.48 62.87 -38.56
CA ALA D 229 31.05 64.19 -38.76
C ALA D 229 31.95 64.20 -39.99
N GLU D 230 32.81 63.19 -40.08
CA GLU D 230 33.72 63.09 -41.22
C GLU D 230 32.96 62.92 -42.51
N LEU D 231 31.93 62.09 -42.51
CA LEU D 231 31.14 61.87 -43.71
C LEU D 231 30.45 63.17 -44.13
N ILE D 232 30.17 64.03 -43.16
CA ILE D 232 29.53 65.31 -43.43
C ILE D 232 30.52 66.15 -44.23
N LYS D 233 31.70 66.36 -43.63
CA LYS D 233 32.79 67.11 -44.24
C LYS D 233 33.03 66.60 -45.66
N GLU D 234 33.21 65.30 -45.80
CA GLU D 234 33.45 64.70 -47.09
C GLU D 234 32.34 65.02 -48.09
N LEU D 235 31.14 65.26 -47.57
CA LEU D 235 30.01 65.58 -48.44
C LEU D 235 30.12 67.05 -48.87
N LYS D 236 30.34 67.93 -47.89
CA LYS D 236 30.47 69.36 -48.16
C LYS D 236 31.51 69.60 -49.24
N GLU D 237 32.59 68.84 -49.19
CA GLU D 237 33.66 68.96 -50.15
C GLU D 237 33.23 68.52 -51.54
N LYS D 238 32.76 67.30 -51.67
CA LYS D 238 32.35 66.81 -52.98
C LYS D 238 31.25 67.68 -53.63
N GLU D 239 30.52 68.44 -52.81
CA GLU D 239 29.46 69.29 -53.32
C GLU D 239 30.05 70.61 -53.81
N ALA D 240 30.95 71.17 -53.02
CA ALA D 240 31.59 72.43 -53.38
C ALA D 240 32.50 72.18 -54.58
N ALA D 241 32.77 70.91 -54.85
CA ALA D 241 33.62 70.50 -55.97
C ALA D 241 32.86 70.54 -57.28
N GLU D 242 31.76 71.28 -57.28
CA GLU D 242 30.88 71.47 -58.43
C GLU D 242 29.44 71.66 -57.99
N PHE E 1 -29.92 61.58 -45.06
CA PHE E 1 -30.04 60.12 -45.35
C PHE E 1 -28.74 59.40 -44.96
N ARG E 2 -28.25 58.55 -45.87
CA ARG E 2 -27.03 57.76 -45.70
C ARG E 2 -26.17 58.13 -44.49
N ASN E 3 -25.76 59.38 -44.43
CA ASN E 3 -24.92 59.87 -43.33
C ASN E 3 -25.42 59.45 -41.95
N ASN E 4 -26.72 59.25 -41.81
CA ASN E 4 -27.29 58.85 -40.53
C ASN E 4 -27.33 57.35 -40.37
N TYR E 5 -27.08 56.62 -41.45
CA TYR E 5 -27.15 55.17 -41.40
C TYR E 5 -25.86 54.43 -41.83
N ASP E 6 -24.75 55.14 -41.95
CA ASP E 6 -23.51 54.49 -42.35
C ASP E 6 -22.43 54.54 -41.26
N GLY E 7 -22.87 54.72 -40.02
CA GLY E 7 -21.94 54.80 -38.91
C GLY E 7 -21.33 53.47 -38.51
N ASP E 8 -22.05 52.38 -38.78
CA ASP E 8 -21.57 51.03 -38.46
C ASP E 8 -22.47 49.98 -39.12
N THR E 9 -21.94 48.78 -39.29
CA THR E 9 -22.65 47.69 -39.95
C THR E 9 -23.91 47.17 -39.28
N VAL E 10 -24.06 47.45 -37.99
CA VAL E 10 -25.22 46.97 -37.27
C VAL E 10 -26.48 47.81 -37.55
N THR E 11 -26.39 48.74 -38.50
CA THR E 11 -27.51 49.60 -38.83
C THR E 11 -28.03 49.43 -40.25
N PHE E 12 -29.34 49.30 -40.37
CA PHE E 12 -29.99 49.17 -41.67
C PHE E 12 -30.45 50.56 -42.08
N SER E 13 -30.33 50.89 -43.37
CA SER E 13 -30.78 52.20 -43.83
C SER E 13 -32.29 52.04 -44.06
N PRO E 14 -33.02 53.15 -44.27
CA PRO E 14 -34.46 53.04 -44.49
C PRO E 14 -34.86 52.21 -45.71
N THR E 15 -33.94 52.03 -46.66
CA THR E 15 -34.25 51.24 -47.84
C THR E 15 -33.77 49.80 -47.72
N GLY E 16 -33.20 49.44 -46.57
CA GLY E 16 -32.72 48.09 -46.35
C GLY E 16 -31.28 47.82 -46.76
N ARG E 17 -30.46 48.85 -46.76
CA ARG E 17 -29.06 48.71 -47.15
C ARG E 17 -28.10 48.75 -45.96
N LEU E 18 -26.91 48.21 -46.19
CA LEU E 18 -25.85 48.19 -45.18
C LEU E 18 -24.66 48.94 -45.79
N PHE E 19 -24.64 50.25 -45.55
CA PHE E 19 -23.60 51.11 -46.10
C PHE E 19 -22.16 50.75 -45.74
N GLN E 20 -21.91 50.42 -44.49
CA GLN E 20 -20.56 50.05 -44.10
C GLN E 20 -20.05 48.93 -45.00
N VAL E 21 -20.92 48.00 -45.35
CA VAL E 21 -20.55 46.90 -46.22
C VAL E 21 -20.30 47.40 -47.63
N GLU E 22 -21.16 48.30 -48.09
CA GLU E 22 -21.03 48.87 -49.42
C GLU E 22 -19.74 49.67 -49.53
N TYR E 23 -19.37 50.34 -48.45
CA TYR E 23 -18.14 51.13 -48.44
C TYR E 23 -16.95 50.20 -48.53
N ALA E 24 -17.05 49.04 -47.88
CA ALA E 24 -15.99 48.06 -47.91
C ALA E 24 -15.81 47.59 -49.35
N LEU E 25 -16.93 47.28 -50.01
CA LEU E 25 -16.89 46.83 -51.40
C LEU E 25 -16.17 47.86 -52.24
N GLU E 26 -16.22 49.12 -51.82
CA GLU E 26 -15.57 50.18 -52.58
C GLU E 26 -14.06 50.06 -52.56
N ALA E 27 -13.50 49.54 -51.47
CA ALA E 27 -12.06 49.37 -51.37
C ALA E 27 -11.59 48.38 -52.41
N ILE E 28 -12.49 47.47 -52.79
CA ILE E 28 -12.17 46.46 -53.78
C ILE E 28 -11.93 47.12 -55.13
N LYS E 29 -12.94 47.85 -55.61
CA LYS E 29 -12.83 48.53 -56.89
C LYS E 29 -11.57 49.39 -56.96
N GLN E 30 -11.15 49.93 -55.82
CA GLN E 30 -9.96 50.75 -55.76
C GLN E 30 -8.70 49.88 -55.89
N GLY E 31 -8.86 48.57 -55.79
CA GLY E 31 -7.72 47.67 -55.89
C GLY E 31 -7.34 47.27 -57.31
N SER E 32 -6.07 46.90 -57.50
CA SER E 32 -5.59 46.49 -58.81
C SER E 32 -6.35 45.28 -59.36
N VAL E 33 -6.58 45.28 -60.66
CA VAL E 33 -7.31 44.19 -61.30
C VAL E 33 -6.63 42.83 -61.22
N THR E 34 -7.45 41.80 -61.14
CA THR E 34 -6.97 40.42 -61.08
C THR E 34 -8.02 39.57 -61.82
N VAL E 35 -7.57 38.52 -62.50
CA VAL E 35 -8.50 37.70 -63.26
C VAL E 35 -8.43 36.21 -62.93
N GLY E 36 -9.52 35.51 -63.19
CA GLY E 36 -9.58 34.08 -62.95
C GLY E 36 -10.43 33.37 -63.99
N LEU E 37 -9.98 32.23 -64.48
CA LEU E 37 -10.70 31.46 -65.49
C LEU E 37 -10.28 30.00 -65.43
N ARG E 38 -11.14 29.11 -65.92
CA ARG E 38 -10.83 27.69 -65.88
C ARG E 38 -11.41 26.88 -67.04
N SER E 39 -10.68 25.83 -67.43
CA SER E 39 -11.17 24.93 -68.47
C SER E 39 -11.74 23.77 -67.63
N ASN E 40 -11.45 22.53 -67.99
CA ASN E 40 -11.97 21.41 -67.20
C ASN E 40 -10.81 20.69 -66.57
N THR E 41 -9.60 21.08 -66.96
CA THR E 41 -8.42 20.45 -66.43
C THR E 41 -7.63 21.41 -65.56
N HIS E 42 -7.81 22.71 -65.78
CA HIS E 42 -7.08 23.71 -65.01
C HIS E 42 -7.88 24.93 -64.64
N ALA E 43 -7.33 25.70 -63.72
CA ALA E 43 -7.92 26.95 -63.26
C ALA E 43 -6.72 27.88 -63.20
N VAL E 44 -6.91 29.13 -63.64
CA VAL E 44 -5.82 30.09 -63.67
C VAL E 44 -6.13 31.42 -63.00
N LEU E 45 -5.12 31.98 -62.36
CA LEU E 45 -5.24 33.26 -61.72
C LEU E 45 -4.16 34.16 -62.30
N VAL E 46 -4.60 35.27 -62.89
CA VAL E 46 -3.69 36.26 -63.49
C VAL E 46 -3.98 37.57 -62.75
N ALA E 47 -3.01 38.04 -61.97
CA ALA E 47 -3.22 39.25 -61.23
C ALA E 47 -2.18 40.31 -61.53
N LEU E 48 -2.67 41.52 -61.78
CA LEU E 48 -1.81 42.67 -62.06
C LEU E 48 -1.29 43.23 -60.74
N LYS E 49 0.01 43.07 -60.47
CA LYS E 49 0.57 43.59 -59.24
C LYS E 49 0.79 45.08 -59.37
N ARG E 50 0.41 45.83 -58.33
CA ARG E 50 0.55 47.28 -58.33
C ARG E 50 1.73 47.73 -57.49
N ASN E 51 2.42 48.78 -57.96
CA ASN E 51 3.58 49.32 -57.26
C ASN E 51 3.34 50.73 -56.72
N ALA E 52 3.87 51.01 -55.54
CA ALA E 52 3.75 52.32 -54.90
C ALA E 52 4.54 53.37 -55.69
N ASP E 53 5.87 53.23 -55.68
CA ASP E 53 6.78 54.12 -56.40
C ASP E 53 7.46 53.27 -57.46
N GLU E 54 8.46 53.84 -58.11
CA GLU E 54 9.20 53.10 -59.13
C GLU E 54 10.43 52.54 -58.43
N LEU E 55 10.49 52.82 -57.14
CA LEU E 55 11.58 52.35 -56.28
C LEU E 55 10.97 51.28 -55.37
N SER E 56 9.68 51.02 -55.55
CA SER E 56 8.96 50.05 -54.74
C SER E 56 8.66 48.75 -55.49
N SER E 57 8.22 47.76 -54.73
CA SER E 57 7.88 46.45 -55.27
C SER E 57 6.44 46.45 -55.74
N TYR E 58 6.07 45.42 -56.49
CA TYR E 58 4.70 45.27 -56.97
C TYR E 58 3.97 44.24 -56.11
N GLN E 59 3.55 44.69 -54.93
CA GLN E 59 2.84 43.87 -53.92
C GLN E 59 2.22 42.54 -54.39
N LYS E 60 2.52 41.46 -53.67
CA LYS E 60 2.01 40.13 -54.02
C LYS E 60 0.49 40.05 -53.87
N LYS E 61 -0.19 39.60 -54.92
CA LYS E 61 -1.64 39.49 -54.92
C LYS E 61 -2.16 38.04 -54.94
N ILE E 62 -1.26 37.06 -54.89
CA ILE E 62 -1.69 35.67 -54.90
C ILE E 62 -1.17 34.88 -53.70
N ILE E 63 -2.09 34.21 -53.01
CA ILE E 63 -1.74 33.42 -51.84
C ILE E 63 -2.16 31.96 -52.06
N LYS E 64 -1.28 31.05 -51.66
CA LYS E 64 -1.55 29.61 -51.77
C LYS E 64 -2.12 29.15 -50.42
N CYS E 65 -3.24 28.43 -50.46
CA CYS E 65 -3.89 27.95 -49.23
C CYS E 65 -3.61 26.47 -48.94
N ASP E 66 -3.38 25.71 -50.02
CA ASP E 66 -3.09 24.29 -49.91
C ASP E 66 -2.43 23.88 -51.22
N GLU E 67 -2.19 22.59 -51.40
CA GLU E 67 -1.55 22.12 -52.62
C GLU E 67 -2.53 22.10 -53.79
N HIS E 68 -3.81 22.23 -53.49
CA HIS E 68 -4.85 22.18 -54.50
C HIS E 68 -5.75 23.43 -54.50
N MET E 69 -5.33 24.48 -53.81
CA MET E 69 -6.19 25.66 -53.72
C MET E 69 -5.41 26.96 -53.44
N GLY E 70 -5.89 28.06 -54.02
CA GLY E 70 -5.22 29.33 -53.82
C GLY E 70 -6.14 30.48 -54.21
N LEU E 71 -5.73 31.71 -53.93
CA LEU E 71 -6.58 32.84 -54.28
C LEU E 71 -5.84 34.10 -54.67
N SER E 72 -6.55 35.01 -55.32
CA SER E 72 -5.99 36.30 -55.72
C SER E 72 -6.81 37.33 -54.95
N LEU E 73 -6.17 38.42 -54.53
CA LEU E 73 -6.83 39.45 -53.75
C LEU E 73 -6.91 40.81 -54.42
N ALA E 74 -7.92 41.59 -54.06
CA ALA E 74 -8.13 42.94 -54.59
C ALA E 74 -8.72 43.77 -53.46
N GLY E 75 -7.90 44.62 -52.85
CA GLY E 75 -8.38 45.44 -51.75
C GLY E 75 -7.40 45.50 -50.60
N LEU E 76 -7.90 45.55 -49.37
CA LEU E 76 -7.02 45.61 -48.21
C LEU E 76 -6.20 44.32 -48.07
N ALA E 77 -4.89 44.42 -48.27
CA ALA E 77 -4.01 43.26 -48.17
C ALA E 77 -4.09 42.56 -46.80
N PRO E 78 -4.08 43.34 -45.70
CA PRO E 78 -4.15 42.72 -44.37
C PRO E 78 -5.36 41.79 -44.24
N ASP E 79 -6.50 42.21 -44.77
CA ASP E 79 -7.70 41.41 -44.70
C ASP E 79 -7.57 40.11 -45.49
N ALA E 80 -6.86 40.18 -46.62
CA ALA E 80 -6.66 39.01 -47.45
C ALA E 80 -5.79 38.03 -46.68
N ARG E 81 -4.86 38.56 -45.90
CA ARG E 81 -3.98 37.72 -45.10
C ARG E 81 -4.81 36.98 -44.05
N VAL E 82 -5.67 37.71 -43.34
CA VAL E 82 -6.54 37.12 -42.34
C VAL E 82 -7.42 36.02 -42.94
N LEU E 83 -8.10 36.34 -44.05
CA LEU E 83 -8.99 35.38 -44.71
C LEU E 83 -8.29 34.20 -45.37
N SER E 84 -7.11 34.43 -45.92
CA SER E 84 -6.40 33.35 -46.58
C SER E 84 -5.80 32.45 -45.50
N ASN E 85 -5.50 33.03 -44.35
CA ASN E 85 -4.93 32.26 -43.27
C ASN E 85 -6.03 31.39 -42.66
N TYR E 86 -7.24 31.93 -42.61
CA TYR E 86 -8.37 31.17 -42.09
C TYR E 86 -8.62 30.01 -43.04
N LEU E 87 -8.45 30.25 -44.34
CA LEU E 87 -8.65 29.22 -45.33
C LEU E 87 -7.56 28.17 -45.22
N ARG E 88 -6.35 28.60 -44.96
CA ARG E 88 -5.24 27.68 -44.81
C ARG E 88 -5.51 26.69 -43.69
N GLN E 89 -6.10 27.18 -42.60
CA GLN E 89 -6.42 26.32 -41.46
C GLN E 89 -7.53 25.33 -41.78
N GLN E 90 -8.60 25.82 -42.38
CA GLN E 90 -9.71 24.93 -42.73
C GLN E 90 -9.22 23.84 -43.68
N CYS E 91 -8.36 24.19 -44.63
CA CYS E 91 -7.84 23.19 -45.56
C CYS E 91 -6.99 22.18 -44.77
N ASN E 92 -6.28 22.69 -43.76
CA ASN E 92 -5.40 21.89 -42.93
C ASN E 92 -6.19 20.96 -42.01
N TYR E 93 -7.26 21.49 -41.42
CA TYR E 93 -8.08 20.70 -40.54
C TYR E 93 -8.64 19.51 -41.30
N SER E 94 -9.15 19.77 -42.50
CA SER E 94 -9.74 18.72 -43.32
C SER E 94 -8.78 17.58 -43.59
N SER E 95 -7.52 17.93 -43.86
CA SER E 95 -6.51 16.94 -44.13
C SER E 95 -6.09 16.17 -42.89
N LEU E 96 -5.85 16.90 -41.81
CA LEU E 96 -5.41 16.27 -40.57
C LEU E 96 -6.45 15.36 -39.96
N VAL E 97 -7.65 15.87 -39.75
CA VAL E 97 -8.71 15.11 -39.13
C VAL E 97 -9.39 14.08 -40.01
N PHE E 98 -9.66 14.42 -41.26
CA PHE E 98 -10.33 13.49 -42.15
C PHE E 98 -9.50 12.95 -43.31
N ASN E 99 -8.25 13.37 -43.38
CA ASN E 99 -7.36 12.90 -44.44
C ASN E 99 -8.05 13.15 -45.77
N ARG E 100 -8.71 14.30 -45.86
CA ARG E 100 -9.48 14.67 -47.04
C ARG E 100 -9.18 16.09 -47.52
N LYS E 101 -9.02 16.26 -48.82
CA LYS E 101 -8.76 17.59 -49.35
C LYS E 101 -10.07 18.37 -49.35
N LEU E 102 -10.03 19.58 -48.79
CA LEU E 102 -11.22 20.39 -48.70
C LEU E 102 -11.76 20.82 -50.06
N ALA E 103 -13.06 20.59 -50.28
CA ALA E 103 -13.73 20.96 -51.53
C ALA E 103 -13.80 22.48 -51.68
N VAL E 104 -13.49 22.96 -52.89
CA VAL E 104 -13.52 24.38 -53.19
C VAL E 104 -14.86 25.00 -52.85
N GLU E 105 -15.94 24.29 -53.17
CA GLU E 105 -17.27 24.79 -52.89
C GLU E 105 -17.47 24.98 -51.39
N ARG E 106 -16.83 24.12 -50.61
CA ARG E 106 -16.91 24.18 -49.16
C ARG E 106 -16.09 25.34 -48.59
N ALA E 107 -14.91 25.57 -49.16
CA ALA E 107 -14.04 26.65 -48.71
C ALA E 107 -14.80 27.95 -48.94
N GLY E 108 -15.64 27.97 -49.97
CA GLY E 108 -16.42 29.15 -50.27
C GLY E 108 -17.42 29.41 -49.17
N HIS E 109 -18.10 28.35 -48.72
CA HIS E 109 -19.10 28.47 -47.67
C HIS E 109 -18.47 28.98 -46.38
N LEU E 110 -17.25 28.53 -46.11
CA LEU E 110 -16.57 28.94 -44.89
C LEU E 110 -16.22 30.42 -44.92
N LEU E 111 -15.75 30.90 -46.07
CA LEU E 111 -15.40 32.30 -46.21
C LEU E 111 -16.65 33.14 -46.07
N CYS E 112 -17.71 32.73 -46.75
CA CYS E 112 -18.97 33.47 -46.67
C CYS E 112 -19.43 33.60 -45.21
N ASP E 113 -19.39 32.51 -44.47
CA ASP E 113 -19.82 32.51 -43.09
C ASP E 113 -18.91 33.34 -42.19
N LYS E 114 -17.62 33.40 -42.52
CA LYS E 114 -16.71 34.18 -41.69
C LYS E 114 -16.95 35.66 -41.96
N ALA E 115 -17.22 36.00 -43.22
CA ALA E 115 -17.47 37.38 -43.61
C ALA E 115 -18.73 37.93 -43.00
N GLN E 116 -19.77 37.10 -42.96
CA GLN E 116 -21.07 37.49 -42.45
C GLN E 116 -21.09 37.91 -40.98
N LYS E 117 -20.28 37.26 -40.15
CA LYS E 117 -20.24 37.57 -38.73
C LYS E 117 -19.79 39.01 -38.48
N ASN E 118 -19.06 39.54 -39.44
CA ASN E 118 -18.54 40.90 -39.37
C ASN E 118 -19.45 41.91 -40.04
N THR E 119 -20.74 41.59 -40.11
CA THR E 119 -21.71 42.49 -40.74
C THR E 119 -23.02 42.51 -39.96
N GLN E 120 -23.04 41.83 -38.81
CA GLN E 120 -24.25 41.78 -38.01
C GLN E 120 -23.98 42.16 -36.56
N SER E 121 -22.70 42.33 -36.23
CA SER E 121 -22.29 42.68 -34.88
C SER E 121 -21.62 44.04 -34.71
N TYR E 122 -21.95 44.68 -33.62
CA TYR E 122 -21.42 46.00 -33.28
C TYR E 122 -19.93 45.91 -32.98
N GLY E 123 -19.20 46.98 -33.31
CA GLY E 123 -17.76 46.99 -33.05
C GLY E 123 -16.87 46.41 -34.14
N GLY E 124 -17.41 45.48 -34.92
CA GLY E 124 -16.61 44.90 -35.99
C GLY E 124 -16.79 45.70 -37.26
N ARG E 125 -15.94 45.45 -38.24
CA ARG E 125 -16.02 46.13 -39.52
C ARG E 125 -15.98 45.04 -40.57
N PRO E 126 -16.63 45.27 -41.73
CA PRO E 126 -16.61 44.25 -42.77
C PRO E 126 -15.19 44.11 -43.29
N TYR E 127 -14.92 43.06 -44.05
CA TYR E 127 -13.59 42.92 -44.61
C TYR E 127 -13.56 43.79 -45.86
N GLY E 128 -12.43 44.43 -46.10
CA GLY E 128 -12.32 45.29 -47.26
C GLY E 128 -11.45 44.71 -48.35
N VAL E 129 -11.79 43.51 -48.79
CA VAL E 129 -11.01 42.87 -49.83
C VAL E 129 -11.84 41.85 -50.58
N GLY E 130 -11.60 41.73 -51.88
CA GLY E 130 -12.30 40.77 -52.71
C GLY E 130 -11.33 39.64 -53.01
N LEU E 131 -11.85 38.43 -53.22
CA LEU E 131 -10.99 37.30 -53.48
C LEU E 131 -11.51 36.39 -54.58
N LEU E 132 -10.59 35.87 -55.38
CA LEU E 132 -10.92 34.94 -56.45
C LEU E 132 -10.18 33.66 -56.09
N ILE E 133 -10.92 32.58 -55.83
CA ILE E 133 -10.30 31.31 -55.44
C ILE E 133 -10.39 30.24 -56.52
N ILE E 134 -9.24 29.65 -56.86
CA ILE E 134 -9.20 28.59 -57.86
C ILE E 134 -8.69 27.33 -57.18
N GLY E 135 -9.14 26.19 -57.67
CA GLY E 135 -8.71 24.93 -57.08
C GLY E 135 -9.16 23.72 -57.85
N TYR E 136 -8.43 22.61 -57.69
CA TYR E 136 -8.78 21.37 -58.37
C TYR E 136 -9.06 20.33 -57.29
N ASP E 137 -10.32 19.93 -57.16
CA ASP E 137 -10.70 18.95 -56.15
C ASP E 137 -11.31 17.70 -56.78
N LYS E 138 -12.11 16.95 -56.02
CA LYS E 138 -12.72 15.73 -56.53
C LYS E 138 -13.82 15.92 -57.57
N SER E 139 -14.10 17.16 -57.95
CA SER E 139 -15.11 17.39 -58.97
C SER E 139 -14.54 18.29 -60.07
N GLY E 140 -13.22 18.29 -60.19
CA GLY E 140 -12.57 19.07 -61.22
C GLY E 140 -12.02 20.43 -60.85
N ALA E 141 -11.95 21.30 -61.84
CA ALA E 141 -11.44 22.65 -61.66
C ALA E 141 -12.57 23.54 -61.16
N HIS E 142 -12.22 24.56 -60.39
CA HIS E 142 -13.21 25.48 -59.82
C HIS E 142 -12.65 26.89 -59.67
N LEU E 143 -13.54 27.88 -59.83
CA LEU E 143 -13.20 29.28 -59.66
C LEU E 143 -14.33 29.92 -58.87
N LEU E 144 -13.98 30.58 -57.77
CA LEU E 144 -14.94 31.23 -56.91
C LEU E 144 -14.65 32.72 -56.78
N GLU E 145 -15.70 33.52 -56.60
CA GLU E 145 -15.53 34.96 -56.40
C GLU E 145 -16.14 35.27 -55.04
N PHE E 146 -15.33 35.86 -54.17
CA PHE E 146 -15.74 36.20 -52.82
C PHE E 146 -15.88 37.72 -52.63
N GLN E 147 -17.04 38.14 -52.13
CA GLN E 147 -17.28 39.56 -51.86
C GLN E 147 -17.45 39.78 -50.35
N PRO E 148 -16.87 40.85 -49.80
CA PRO E 148 -16.91 41.23 -48.38
C PRO E 148 -18.30 41.19 -47.76
N SER E 149 -19.33 41.25 -48.59
CA SER E 149 -20.69 41.20 -48.09
C SER E 149 -20.91 39.77 -47.60
N GLY E 150 -20.09 38.87 -48.12
CA GLY E 150 -20.19 37.47 -47.76
C GLY E 150 -20.69 36.61 -48.91
N ASN E 151 -20.90 37.24 -50.07
CA ASN E 151 -21.39 36.51 -51.24
C ASN E 151 -20.27 35.84 -52.02
N VAL E 152 -20.38 34.52 -52.13
CA VAL E 152 -19.41 33.73 -52.87
C VAL E 152 -20.12 33.04 -54.04
N THR E 153 -19.57 33.19 -55.24
CA THR E 153 -20.17 32.61 -56.44
C THR E 153 -19.18 31.83 -57.30
N GLU E 154 -19.63 30.70 -57.84
CA GLU E 154 -18.80 29.86 -58.69
C GLU E 154 -18.99 30.27 -60.15
N LEU E 155 -17.88 30.48 -60.85
CA LEU E 155 -17.92 30.92 -62.24
C LEU E 155 -16.90 30.19 -63.11
N TYR E 156 -16.96 30.42 -64.42
CA TYR E 156 -16.02 29.83 -65.37
C TYR E 156 -14.83 30.78 -65.41
N GLY E 157 -15.13 32.06 -65.20
CA GLY E 157 -14.11 33.10 -65.20
C GLY E 157 -14.65 34.40 -64.64
N THR E 158 -13.76 35.34 -64.34
CA THR E 158 -14.16 36.63 -63.81
C THR E 158 -12.96 37.52 -63.46
N ALA E 159 -13.26 38.75 -63.07
CA ALA E 159 -12.24 39.70 -62.70
C ALA E 159 -12.81 40.69 -61.67
N ILE E 160 -11.95 41.18 -60.80
CA ILE E 160 -12.35 42.13 -59.78
C ILE E 160 -11.26 43.18 -59.63
N GLY E 161 -11.64 44.35 -59.15
CA GLY E 161 -10.69 45.44 -58.99
C GLY E 161 -11.00 46.57 -59.94
N ALA E 162 -10.02 47.46 -60.15
CA ALA E 162 -10.21 48.59 -61.03
C ALA E 162 -10.26 48.21 -62.51
N ARG E 163 -11.29 48.69 -63.19
CA ARG E 163 -11.46 48.42 -64.62
C ARG E 163 -11.68 46.96 -64.90
N SER E 164 -11.86 46.17 -63.85
CA SER E 164 -12.08 44.74 -63.99
C SER E 164 -13.12 44.42 -65.07
N GLN E 165 -14.11 45.31 -65.20
CA GLN E 165 -15.19 45.15 -66.18
C GLN E 165 -14.68 44.92 -67.59
N GLY E 166 -13.45 45.35 -67.87
CA GLY E 166 -12.90 45.15 -69.19
C GLY E 166 -12.76 43.66 -69.43
N ALA E 167 -11.91 43.03 -68.64
CA ALA E 167 -11.65 41.60 -68.74
C ALA E 167 -12.91 40.77 -68.56
N LYS E 168 -13.81 41.22 -67.70
CA LYS E 168 -15.03 40.47 -67.46
C LYS E 168 -15.90 40.34 -68.71
N THR E 169 -15.85 41.35 -69.57
CA THR E 169 -16.63 41.31 -70.81
C THR E 169 -15.92 40.36 -71.76
N TYR E 170 -14.61 40.52 -71.83
CA TYR E 170 -13.78 39.69 -72.68
C TYR E 170 -14.06 38.22 -72.41
N LEU E 171 -13.99 37.84 -71.13
CA LEU E 171 -14.22 36.46 -70.73
C LEU E 171 -15.62 36.01 -71.09
N GLU E 172 -16.62 36.80 -70.70
CA GLU E 172 -18.01 36.49 -70.99
C GLU E 172 -18.20 36.24 -72.47
N ARG E 173 -17.23 36.71 -73.26
CA ARG E 173 -17.25 36.56 -74.70
C ARG E 173 -16.45 35.32 -75.11
N THR E 174 -15.20 35.27 -74.67
CA THR E 174 -14.29 34.16 -74.96
C THR E 174 -14.74 32.83 -74.33
N LEU E 175 -15.80 32.87 -73.53
CA LEU E 175 -16.30 31.67 -72.83
C LEU E 175 -16.19 30.35 -73.58
N ASP E 176 -17.07 30.14 -74.56
CA ASP E 176 -17.07 28.90 -75.34
C ASP E 176 -15.70 28.46 -75.79
N THR E 177 -14.76 29.42 -75.83
CA THR E 177 -13.40 29.16 -76.27
C THR E 177 -12.47 28.57 -75.19
N PHE E 178 -12.19 29.36 -74.14
CA PHE E 178 -11.29 28.89 -73.09
C PHE E 178 -11.84 27.72 -72.26
N ILE E 179 -13.17 27.60 -72.19
CA ILE E 179 -13.79 26.53 -71.44
C ILE E 179 -13.33 25.17 -71.95
N LYS E 180 -12.74 25.17 -73.13
CA LYS E 180 -12.28 23.94 -73.74
C LYS E 180 -10.77 23.82 -73.84
N ILE E 181 -10.04 24.75 -73.24
CA ILE E 181 -8.59 24.70 -73.28
C ILE E 181 -8.11 23.66 -72.27
N ASP E 182 -8.56 22.43 -72.45
CA ASP E 182 -8.18 21.35 -71.56
C ASP E 182 -6.85 20.74 -72.01
N GLY E 183 -6.11 20.16 -71.08
CA GLY E 183 -4.85 19.56 -71.43
C GLY E 183 -3.74 20.51 -71.82
N ASN E 184 -4.06 21.79 -72.00
CA ASN E 184 -3.01 22.76 -72.38
C ASN E 184 -3.02 24.00 -71.52
N PRO E 185 -2.26 23.97 -70.42
CA PRO E 185 -2.16 25.10 -69.49
C PRO E 185 -1.68 26.42 -70.11
N ASP E 186 -0.56 26.39 -70.82
CA ASP E 186 0.00 27.59 -71.43
C ASP E 186 -1.03 28.37 -72.24
N GLU E 187 -2.00 27.66 -72.82
CA GLU E 187 -3.05 28.32 -73.60
C GLU E 187 -4.02 29.00 -72.66
N LEU E 188 -4.38 28.32 -71.57
CA LEU E 188 -5.30 28.89 -70.60
C LEU E 188 -4.69 30.16 -69.96
N ILE E 189 -3.40 30.08 -69.65
CA ILE E 189 -2.70 31.23 -69.06
C ILE E 189 -2.68 32.39 -70.04
N LYS E 190 -2.44 32.10 -71.32
CA LYS E 190 -2.42 33.15 -72.34
C LYS E 190 -3.78 33.81 -72.44
N ALA E 191 -4.84 33.02 -72.42
CA ALA E 191 -6.20 33.56 -72.49
C ALA E 191 -6.44 34.39 -71.24
N GLY E 192 -5.79 34.02 -70.14
CA GLY E 192 -5.95 34.76 -68.91
C GLY E 192 -5.27 36.11 -69.00
N VAL E 193 -4.08 36.13 -69.58
CA VAL E 193 -3.32 37.37 -69.74
C VAL E 193 -3.97 38.30 -70.77
N GLU E 194 -4.68 37.72 -71.72
CA GLU E 194 -5.34 38.51 -72.75
C GLU E 194 -6.50 39.23 -72.08
N ALA E 195 -7.24 38.50 -71.26
CA ALA E 195 -8.38 39.07 -70.55
C ALA E 195 -7.93 40.20 -69.64
N ILE E 196 -6.86 39.96 -68.88
CA ILE E 196 -6.37 40.96 -67.94
C ILE E 196 -5.95 42.26 -68.60
N SER E 197 -5.43 42.17 -69.83
CA SER E 197 -4.98 43.36 -70.54
C SER E 197 -6.16 44.18 -71.08
N GLN E 198 -7.34 43.59 -71.00
CA GLN E 198 -8.57 44.25 -71.44
C GLN E 198 -8.93 45.32 -70.42
N SER E 199 -8.31 45.27 -69.25
CA SER E 199 -8.56 46.23 -68.18
C SER E 199 -7.36 47.15 -67.98
N LEU E 200 -6.41 47.08 -68.90
CA LEU E 200 -5.23 47.93 -68.85
C LEU E 200 -5.65 49.33 -69.30
N ARG E 201 -4.68 50.25 -69.40
CA ARG E 201 -4.98 51.62 -69.78
C ARG E 201 -3.74 52.42 -69.43
N ASP E 202 -3.37 52.31 -68.16
CA ASP E 202 -2.20 52.98 -67.61
C ASP E 202 -0.97 52.57 -68.42
N GLU E 203 -0.44 51.39 -68.11
CA GLU E 203 0.74 50.86 -68.76
C GLU E 203 0.40 49.56 -69.50
N SER E 204 1.36 48.66 -69.51
CA SER E 204 1.23 47.34 -70.12
C SER E 204 1.97 46.37 -69.21
N LEU E 205 1.37 45.21 -68.94
CA LEU E 205 1.97 44.22 -68.08
C LEU E 205 3.44 43.94 -68.39
N THR E 206 4.30 44.14 -67.40
CA THR E 206 5.73 43.90 -67.54
C THR E 206 6.14 42.62 -66.80
N VAL E 207 7.44 42.33 -66.78
CA VAL E 207 7.93 41.11 -66.13
C VAL E 207 7.79 41.11 -64.61
N ASP E 208 8.16 42.21 -63.97
CA ASP E 208 8.05 42.28 -62.51
C ASP E 208 6.70 42.84 -62.12
N ASN E 209 5.87 43.06 -63.13
CA ASN E 209 4.54 43.61 -62.94
C ASN E 209 3.44 42.53 -63.05
N LEU E 210 3.75 41.45 -63.77
CA LEU E 210 2.80 40.35 -63.96
C LEU E 210 2.96 39.25 -62.91
N SER E 211 1.85 38.59 -62.61
CA SER E 211 1.82 37.51 -61.64
C SER E 211 0.77 36.47 -62.05
N ILE E 212 1.19 35.22 -62.17
CA ILE E 212 0.29 34.14 -62.58
C ILE E 212 0.35 32.91 -61.69
N ALA E 213 -0.81 32.30 -61.48
CA ALA E 213 -0.92 31.10 -60.65
C ALA E 213 -1.77 30.05 -61.36
N ILE E 214 -1.39 28.78 -61.21
CA ILE E 214 -2.11 27.69 -61.86
C ILE E 214 -2.25 26.45 -60.97
N VAL E 215 -3.33 25.70 -61.21
CA VAL E 215 -3.64 24.48 -60.48
C VAL E 215 -4.48 23.60 -61.40
N GLY E 216 -4.33 22.29 -61.30
CA GLY E 216 -5.13 21.42 -62.15
C GLY E 216 -4.81 19.94 -62.06
N LYS E 217 -5.56 19.14 -62.83
CA LYS E 217 -5.44 17.69 -62.88
C LYS E 217 -4.16 17.12 -62.30
N ASP E 218 -3.02 17.44 -62.91
CA ASP E 218 -1.76 16.94 -62.40
C ASP E 218 -0.81 18.11 -62.19
N THR E 219 -1.33 19.15 -61.55
CA THR E 219 -0.55 20.36 -61.30
C THR E 219 -0.88 20.95 -59.93
N PRO E 220 0.06 20.87 -58.99
CA PRO E 220 -0.22 21.43 -57.66
C PRO E 220 -0.18 22.96 -57.77
N PHE E 221 -1.15 23.63 -57.14
CA PHE E 221 -1.22 25.09 -57.17
C PHE E 221 0.17 25.70 -57.06
N THR E 222 0.59 26.42 -58.09
CA THR E 222 1.91 27.03 -58.11
C THR E 222 1.91 28.50 -58.59
N ILE E 223 2.82 29.30 -58.05
CA ILE E 223 2.94 30.72 -58.37
C ILE E 223 4.10 31.07 -59.30
N TYR E 224 3.80 31.81 -60.37
CA TYR E 224 4.83 32.23 -61.31
C TYR E 224 4.92 33.75 -61.34
N ASP E 225 6.11 34.28 -61.05
CA ASP E 225 6.36 35.72 -61.04
C ASP E 225 7.65 36.05 -61.76
N GLY E 226 7.68 37.23 -62.38
CA GLY E 226 8.87 37.67 -63.10
C GLY E 226 9.28 36.83 -64.29
N GLU E 227 10.59 36.62 -64.42
CA GLU E 227 11.17 35.83 -65.49
C GLU E 227 10.26 34.68 -65.89
N ALA E 228 9.77 33.95 -64.88
CA ALA E 228 8.90 32.82 -65.10
C ALA E 228 7.63 33.14 -65.90
N VAL E 229 7.27 34.42 -65.97
CA VAL E 229 6.06 34.83 -66.73
C VAL E 229 6.42 35.63 -67.97
N ALA E 230 7.72 35.81 -68.21
CA ALA E 230 8.21 36.55 -69.37
C ALA E 230 7.65 35.98 -70.67
N LYS E 231 7.64 34.65 -70.76
CA LYS E 231 7.13 34.01 -71.96
C LYS E 231 5.63 34.19 -72.17
N TYR E 232 5.03 35.17 -71.50
CA TYR E 232 3.60 35.43 -71.64
C TYR E 232 3.32 36.89 -71.93
N ILE E 233 4.34 37.72 -71.81
CA ILE E 233 4.21 39.16 -72.06
C ILE E 233 4.27 39.46 -73.56
N GLY F 1 -39.99 63.19 -30.83
CA GLY F 1 -38.93 63.65 -31.79
C GLY F 1 -38.64 62.64 -32.91
N THR F 2 -37.37 62.33 -33.11
CA THR F 2 -36.96 61.37 -34.14
C THR F 2 -35.73 60.58 -33.71
N GLY F 3 -35.20 59.76 -34.61
CA GLY F 3 -34.03 58.96 -34.31
C GLY F 3 -34.44 57.59 -33.80
N TYR F 4 -35.73 57.38 -33.63
CA TYR F 4 -36.25 56.10 -33.15
C TYR F 4 -35.89 54.95 -34.09
N ASP F 5 -35.42 55.27 -35.29
CA ASP F 5 -35.06 54.28 -36.28
C ASP F 5 -33.55 54.06 -36.46
N LEU F 6 -32.76 54.54 -35.51
CA LEU F 6 -31.32 54.39 -35.60
C LEU F 6 -30.76 53.23 -34.74
N SER F 7 -31.53 52.80 -33.75
CA SER F 7 -31.12 51.71 -32.88
C SER F 7 -32.09 50.54 -32.95
N ASN F 8 -31.53 49.35 -33.17
CA ASN F 8 -32.30 48.13 -33.29
C ASN F 8 -33.40 47.83 -32.26
N SER F 9 -33.16 47.97 -30.96
CA SER F 9 -34.26 47.59 -30.07
C SER F 9 -35.17 48.71 -29.56
N VAL F 10 -35.13 49.87 -30.20
CA VAL F 10 -35.93 51.01 -29.78
C VAL F 10 -37.38 51.04 -30.27
N PHE F 11 -38.32 51.26 -29.35
CA PHE F 11 -39.74 51.36 -29.69
C PHE F 11 -40.03 52.79 -30.18
N SER F 12 -40.67 52.91 -31.33
CA SER F 12 -41.03 54.24 -31.83
C SER F 12 -42.25 54.63 -31.00
N PRO F 13 -42.67 55.90 -31.07
CA PRO F 13 -43.85 56.28 -30.28
C PRO F 13 -45.11 55.48 -30.61
N ASP F 14 -45.16 54.92 -31.82
CA ASP F 14 -46.31 54.10 -32.22
C ASP F 14 -46.05 52.59 -32.02
N GLY F 15 -45.18 52.27 -31.06
CA GLY F 15 -44.87 50.89 -30.72
C GLY F 15 -44.21 50.02 -31.76
N ARG F 16 -43.49 50.61 -32.72
CA ARG F 16 -42.83 49.85 -33.77
C ARG F 16 -41.32 49.76 -33.57
N ASN F 17 -40.68 48.92 -34.37
CA ASN F 17 -39.23 48.73 -34.34
C ASN F 17 -38.73 48.92 -35.77
N PHE F 18 -38.49 50.17 -36.13
CA PHE F 18 -38.07 50.51 -37.47
C PHE F 18 -36.93 49.71 -38.09
N GLN F 19 -35.90 49.40 -37.32
CA GLN F 19 -34.81 48.63 -37.90
C GLN F 19 -35.28 47.27 -38.41
N VAL F 20 -36.28 46.70 -37.77
CA VAL F 20 -36.80 45.42 -38.21
C VAL F 20 -37.55 45.65 -39.51
N GLU F 21 -38.22 46.78 -39.61
CA GLU F 21 -38.98 47.13 -40.81
C GLU F 21 -38.05 47.41 -41.98
N TYR F 22 -36.91 48.01 -41.69
CA TYR F 22 -35.94 48.30 -42.74
C TYR F 22 -35.37 46.98 -43.22
N ALA F 23 -35.23 46.03 -42.30
CA ALA F 23 -34.70 44.72 -42.66
C ALA F 23 -35.63 44.13 -43.71
N VAL F 24 -36.93 44.21 -43.44
CA VAL F 24 -37.93 43.68 -44.35
C VAL F 24 -37.73 44.23 -45.76
N LYS F 25 -37.33 45.49 -45.88
CA LYS F 25 -37.09 46.05 -47.20
C LYS F 25 -36.05 45.21 -47.91
N ALA F 26 -34.97 44.87 -47.21
CA ALA F 26 -33.91 44.07 -47.79
C ALA F 26 -34.47 42.74 -48.28
N VAL F 27 -35.46 42.21 -47.57
CA VAL F 27 -36.06 40.94 -47.95
C VAL F 27 -36.88 41.09 -49.23
N GLU F 28 -37.64 42.18 -49.32
CA GLU F 28 -38.47 42.44 -50.49
C GLU F 28 -37.63 42.69 -51.71
N ASN F 29 -36.43 43.21 -51.49
CA ASN F 29 -35.54 43.52 -52.59
C ASN F 29 -34.85 42.26 -53.11
N GLY F 30 -35.16 41.11 -52.52
CA GLY F 30 -34.52 39.88 -52.95
C GLY F 30 -35.30 39.01 -53.92
N THR F 31 -34.63 37.95 -54.38
CA THR F 31 -35.19 36.96 -55.30
C THR F 31 -36.47 36.39 -54.70
N THR F 32 -37.38 35.93 -55.54
CA THR F 32 -38.61 35.36 -55.02
C THR F 32 -38.45 33.86 -54.80
N SER F 33 -39.00 33.37 -53.69
CA SER F 33 -38.93 31.96 -53.34
C SER F 33 -40.26 31.56 -52.70
N ILE F 34 -40.59 30.27 -52.77
CA ILE F 34 -41.88 29.81 -52.26
C ILE F 34 -41.90 28.45 -51.58
N GLY F 35 -43.08 28.11 -51.08
CA GLY F 35 -43.28 26.84 -50.41
C GLY F 35 -44.71 26.39 -50.62
N ILE F 36 -44.87 25.14 -51.03
CA ILE F 36 -46.20 24.59 -51.26
C ILE F 36 -46.35 23.32 -50.44
N LYS F 37 -47.31 23.33 -49.53
CA LYS F 37 -47.56 22.18 -48.68
C LYS F 37 -48.51 21.27 -49.46
N CYS F 38 -48.12 20.02 -49.66
CA CYS F 38 -48.98 19.10 -50.39
C CYS F 38 -49.61 18.06 -49.45
N ASN F 39 -50.30 17.09 -50.02
CA ASN F 39 -50.97 16.08 -49.21
C ASN F 39 -50.12 15.26 -48.23
N ASP F 40 -48.83 15.11 -48.51
CA ASP F 40 -47.98 14.34 -47.59
C ASP F 40 -46.52 14.83 -47.57
N GLY F 41 -46.33 16.11 -47.82
CA GLY F 41 -44.98 16.67 -47.82
C GLY F 41 -45.03 18.16 -48.12
N VAL F 42 -43.91 18.69 -48.59
CA VAL F 42 -43.82 20.10 -48.91
C VAL F 42 -42.84 20.24 -50.05
N VAL F 43 -43.00 21.30 -50.83
CA VAL F 43 -42.11 21.57 -51.96
C VAL F 43 -41.54 22.97 -51.82
N PHE F 44 -40.25 23.10 -52.14
CA PHE F 44 -39.58 24.39 -52.05
C PHE F 44 -39.01 24.74 -53.41
N ALA F 45 -39.09 26.01 -53.77
CA ALA F 45 -38.56 26.47 -55.05
C ALA F 45 -38.10 27.91 -54.92
N VAL F 46 -37.12 28.28 -55.73
CA VAL F 46 -36.59 29.64 -55.70
C VAL F 46 -36.05 30.06 -57.05
N GLU F 47 -36.08 31.37 -57.27
CA GLU F 47 -35.59 31.99 -58.49
C GLU F 47 -34.10 32.31 -58.34
N LYS F 48 -33.31 31.98 -59.35
CA LYS F 48 -31.88 32.26 -59.30
C LYS F 48 -31.51 33.14 -60.49
N LEU F 49 -31.30 34.43 -60.25
CA LEU F 49 -30.96 35.35 -61.33
C LEU F 49 -29.62 35.11 -61.98
N ILE F 50 -29.63 34.92 -63.30
CA ILE F 50 -28.41 34.69 -64.05
C ILE F 50 -27.76 36.03 -64.36
N THR F 51 -26.86 36.46 -63.47
CA THR F 51 -26.16 37.72 -63.66
C THR F 51 -25.38 37.71 -64.97
N SER F 52 -24.82 36.56 -65.33
CA SER F 52 -24.04 36.45 -66.55
C SER F 52 -23.89 35.00 -67.01
N LYS F 53 -23.28 34.84 -68.19
CA LYS F 53 -23.04 33.52 -68.76
C LYS F 53 -21.90 32.87 -67.98
N LEU F 54 -21.13 33.69 -67.28
CA LEU F 54 -19.99 33.20 -66.52
C LEU F 54 -20.36 32.34 -65.31
N LEU F 55 -21.59 32.46 -64.83
CA LEU F 55 -22.01 31.64 -63.69
C LEU F 55 -22.13 30.20 -64.16
N VAL F 56 -21.46 29.28 -63.47
CA VAL F 56 -21.57 27.87 -63.85
C VAL F 56 -23.02 27.46 -63.52
N PRO F 57 -23.76 26.97 -64.53
CA PRO F 57 -25.14 26.55 -64.30
C PRO F 57 -25.27 25.41 -63.32
N GLN F 58 -26.33 25.44 -62.52
CA GLN F 58 -26.63 24.39 -61.54
C GLN F 58 -25.70 24.31 -60.34
N LYS F 59 -24.68 25.16 -60.29
CA LYS F 59 -23.74 25.11 -59.19
C LYS F 59 -24.11 25.86 -57.92
N ASN F 60 -24.29 27.18 -58.03
CA ASN F 60 -24.61 27.98 -56.87
C ASN F 60 -25.96 27.65 -56.25
N VAL F 61 -26.04 26.51 -55.56
CA VAL F 61 -27.27 26.05 -54.92
C VAL F 61 -27.73 26.98 -53.80
N LYS F 62 -29.03 27.18 -53.68
CA LYS F 62 -29.56 28.06 -52.64
C LYS F 62 -30.39 27.39 -51.57
N ILE F 63 -31.12 26.33 -51.93
CA ILE F 63 -31.94 25.64 -50.95
C ILE F 63 -31.03 24.84 -50.00
N GLN F 64 -31.29 24.93 -48.70
CA GLN F 64 -30.48 24.21 -47.73
C GLN F 64 -31.27 23.22 -46.92
N VAL F 65 -30.61 22.14 -46.52
CA VAL F 65 -31.25 21.11 -45.72
C VAL F 65 -30.77 21.21 -44.27
N VAL F 66 -31.65 20.87 -43.35
CA VAL F 66 -31.34 20.88 -41.94
C VAL F 66 -31.65 19.46 -41.49
N ASP F 67 -30.68 18.84 -40.81
CA ASP F 67 -30.81 17.46 -40.37
C ASP F 67 -30.99 16.68 -41.67
N ARG F 68 -31.92 15.75 -41.71
CA ARG F 68 -32.14 15.00 -42.93
C ARG F 68 -33.57 15.14 -43.46
N HIS F 69 -34.43 15.82 -42.72
CA HIS F 69 -35.83 15.94 -43.12
C HIS F 69 -36.38 17.36 -43.28
N ILE F 70 -35.54 18.37 -43.18
CA ILE F 70 -36.02 19.73 -43.27
C ILE F 70 -35.39 20.52 -44.42
N GLY F 71 -36.23 21.31 -45.09
CA GLY F 71 -35.75 22.11 -46.19
C GLY F 71 -35.94 23.57 -45.86
N CYS F 72 -34.97 24.40 -46.26
CA CYS F 72 -35.04 25.83 -46.00
C CYS F 72 -34.61 26.61 -47.22
N VAL F 73 -35.39 27.64 -47.54
CA VAL F 73 -35.10 28.52 -48.65
C VAL F 73 -35.44 29.90 -48.13
N TYR F 74 -34.74 30.92 -48.60
CA TYR F 74 -34.96 32.29 -48.13
C TYR F 74 -34.64 33.36 -49.16
N SER F 75 -35.21 34.54 -48.95
CA SER F 75 -35.02 35.69 -49.83
C SER F 75 -34.50 36.84 -48.99
N GLY F 76 -33.57 37.60 -49.56
CA GLY F 76 -33.01 38.74 -48.85
C GLY F 76 -31.50 38.62 -48.87
N LEU F 77 -30.84 39.02 -47.79
CA LEU F 77 -29.40 38.92 -47.69
C LEU F 77 -29.03 37.43 -47.55
N ILE F 78 -28.45 36.86 -48.60
CA ILE F 78 -28.12 35.45 -48.57
C ILE F 78 -27.29 35.01 -47.38
N PRO F 79 -26.13 35.66 -47.15
CA PRO F 79 -25.32 35.26 -46.00
C PRO F 79 -26.13 35.16 -44.70
N ASP F 80 -27.05 36.09 -44.48
CA ASP F 80 -27.86 36.03 -43.26
C ASP F 80 -28.65 34.73 -43.23
N GLY F 81 -29.06 34.27 -44.41
CA GLY F 81 -29.80 33.03 -44.51
C GLY F 81 -28.95 31.86 -44.09
N ARG F 82 -27.73 31.78 -44.61
CA ARG F 82 -26.84 30.69 -44.23
C ARG F 82 -26.62 30.70 -42.72
N HIS F 83 -26.35 31.88 -42.16
CA HIS F 83 -26.15 32.05 -40.72
C HIS F 83 -27.31 31.41 -39.96
N LEU F 84 -28.53 31.69 -40.39
CA LEU F 84 -29.71 31.16 -39.74
C LEU F 84 -29.83 29.64 -39.87
N VAL F 85 -29.39 29.09 -41.00
CA VAL F 85 -29.45 27.65 -41.21
C VAL F 85 -28.42 26.95 -40.32
N ASN F 86 -27.23 27.54 -40.22
CA ASN F 86 -26.18 27.00 -39.39
C ASN F 86 -26.70 26.88 -37.96
N ARG F 87 -27.39 27.91 -37.52
CA ARG F 87 -27.96 27.89 -36.19
C ARG F 87 -28.99 26.76 -36.12
N GLY F 88 -29.84 26.68 -37.14
CA GLY F 88 -30.85 25.65 -37.15
C GLY F 88 -30.26 24.25 -37.07
N ARG F 89 -29.14 24.05 -37.76
CA ARG F 89 -28.47 22.77 -37.75
C ARG F 89 -27.98 22.40 -36.35
N GLU F 90 -27.39 23.37 -35.64
CA GLU F 90 -26.90 23.14 -34.28
C GLU F 90 -28.12 22.86 -33.42
N GLU F 91 -29.14 23.66 -33.67
CA GLU F 91 -30.39 23.57 -32.94
C GLU F 91 -30.94 22.14 -33.09
N ALA F 92 -30.98 21.65 -34.32
CA ALA F 92 -31.50 20.32 -34.61
C ALA F 92 -30.64 19.22 -33.97
N ALA F 93 -29.32 19.27 -34.21
CA ALA F 93 -28.39 18.31 -33.64
C ALA F 93 -28.57 18.21 -32.12
N SER F 94 -28.64 19.36 -31.46
CA SER F 94 -28.82 19.41 -30.03
C SER F 94 -30.09 18.67 -29.59
N PHE F 95 -31.19 18.94 -30.27
CA PHE F 95 -32.47 18.30 -29.96
C PHE F 95 -32.41 16.79 -30.14
N LYS F 96 -31.86 16.34 -31.26
CA LYS F 96 -31.77 14.92 -31.54
C LYS F 96 -30.85 14.22 -30.54
N LYS F 97 -29.76 14.89 -30.18
CA LYS F 97 -28.80 14.32 -29.25
C LYS F 97 -29.42 13.95 -27.92
N LEU F 98 -30.30 14.82 -27.41
CA LEU F 98 -30.93 14.57 -26.11
C LEU F 98 -32.19 13.73 -26.19
N TYR F 99 -33.01 13.98 -27.20
CA TYR F 99 -34.27 13.28 -27.34
C TYR F 99 -34.30 12.11 -28.31
N LYS F 100 -33.20 11.89 -29.02
CA LYS F 100 -33.05 10.77 -29.95
C LYS F 100 -33.83 10.92 -31.26
N THR F 101 -35.10 11.30 -31.14
CA THR F 101 -35.94 11.49 -32.32
C THR F 101 -35.55 12.76 -33.11
N PRO F 102 -35.56 12.70 -34.45
CA PRO F 102 -35.20 13.91 -35.19
C PRO F 102 -36.23 15.00 -34.84
N ILE F 103 -35.80 16.26 -34.84
CA ILE F 103 -36.67 17.37 -34.44
C ILE F 103 -37.96 17.64 -35.23
N PRO F 104 -39.09 17.73 -34.52
CA PRO F 104 -40.40 17.99 -35.13
C PRO F 104 -40.35 19.37 -35.77
N ILE F 105 -41.02 19.53 -36.92
CA ILE F 105 -41.00 20.80 -37.63
C ILE F 105 -41.51 21.97 -36.78
N PRO F 106 -42.59 21.76 -36.02
CA PRO F 106 -43.07 22.88 -35.20
C PRO F 106 -41.99 23.31 -34.18
N ALA F 107 -41.37 22.34 -33.53
CA ALA F 107 -40.32 22.64 -32.56
C ALA F 107 -39.16 23.38 -33.21
N PHE F 108 -38.79 22.94 -34.41
CA PHE F 108 -37.70 23.55 -35.16
C PHE F 108 -38.01 24.99 -35.52
N ALA F 109 -39.26 25.22 -35.91
CA ALA F 109 -39.69 26.56 -36.29
C ALA F 109 -39.49 27.51 -35.13
N ASP F 110 -39.92 27.11 -33.93
CA ASP F 110 -39.78 27.99 -32.78
C ASP F 110 -38.31 28.22 -32.44
N ARG F 111 -37.48 27.21 -32.65
CA ARG F 111 -36.07 27.37 -32.38
C ARG F 111 -35.57 28.56 -33.21
N LEU F 112 -35.81 28.52 -34.51
CA LEU F 112 -35.40 29.61 -35.40
C LEU F 112 -36.09 30.91 -34.99
N GLY F 113 -37.35 30.77 -34.57
CA GLY F 113 -38.12 31.94 -34.18
C GLY F 113 -37.57 32.69 -32.99
N GLN F 114 -37.29 31.97 -31.91
CA GLN F 114 -36.74 32.57 -30.69
C GLN F 114 -35.39 33.21 -30.97
N TYR F 115 -34.61 32.58 -31.84
CA TYR F 115 -33.28 33.05 -32.20
C TYR F 115 -33.36 34.36 -32.97
N VAL F 116 -34.24 34.39 -33.98
CA VAL F 116 -34.42 35.60 -34.78
C VAL F 116 -35.00 36.72 -33.93
N GLN F 117 -35.94 36.38 -33.05
CA GLN F 117 -36.55 37.37 -32.17
C GLN F 117 -35.49 37.96 -31.24
N ALA F 118 -34.50 37.14 -30.91
CA ALA F 118 -33.42 37.57 -30.04
C ALA F 118 -32.69 38.75 -30.68
N HIS F 119 -32.53 38.72 -32.00
CA HIS F 119 -31.84 39.80 -32.69
C HIS F 119 -32.65 41.08 -32.87
N THR F 120 -33.66 41.26 -32.02
CA THR F 120 -34.50 42.47 -32.06
C THR F 120 -34.65 42.95 -30.62
N LEU F 121 -33.82 42.41 -29.74
CA LEU F 121 -33.86 42.75 -28.33
C LEU F 121 -32.73 43.68 -27.86
N TYR F 122 -31.69 43.82 -28.68
CA TYR F 122 -30.52 44.63 -28.34
C TYR F 122 -30.07 45.54 -29.48
N ASN F 123 -29.48 46.68 -29.14
CA ASN F 123 -29.01 47.58 -30.19
C ASN F 123 -27.59 47.21 -30.60
N SER F 124 -27.07 46.14 -30.01
CA SER F 124 -25.73 45.70 -30.33
C SER F 124 -25.72 44.73 -31.51
N VAL F 125 -26.91 44.32 -31.94
CA VAL F 125 -27.02 43.42 -33.10
C VAL F 125 -27.97 44.00 -34.12
N ARG F 126 -27.92 43.42 -35.31
CA ARG F 126 -28.76 43.83 -36.43
C ARG F 126 -29.79 42.73 -36.66
N PRO F 127 -31.01 43.09 -37.10
CA PRO F 127 -32.01 42.05 -37.35
C PRO F 127 -31.62 41.26 -38.60
N PHE F 128 -32.25 40.11 -38.82
CA PHE F 128 -31.93 39.32 -40.00
C PHE F 128 -32.52 39.90 -41.28
N GLY F 129 -31.69 39.99 -42.31
CA GLY F 129 -32.16 40.51 -43.58
C GLY F 129 -32.76 39.45 -44.50
N VAL F 130 -33.59 38.57 -43.95
CA VAL F 130 -34.22 37.53 -44.75
C VAL F 130 -35.53 37.01 -44.18
N SER F 131 -36.31 36.39 -45.06
CA SER F 131 -37.56 35.74 -44.68
C SER F 131 -37.27 34.33 -45.14
N THR F 132 -37.55 33.37 -44.27
CA THR F 132 -37.27 31.99 -44.57
C THR F 132 -38.50 31.11 -44.66
N ILE F 133 -38.51 30.29 -45.71
CA ILE F 133 -39.59 29.35 -45.92
C ILE F 133 -38.94 28.00 -45.65
N PHE F 134 -39.56 27.20 -44.80
CA PHE F 134 -38.97 25.92 -44.44
C PHE F 134 -40.04 24.97 -43.91
N GLY F 135 -39.70 23.69 -43.87
CA GLY F 135 -40.63 22.70 -43.37
C GLY F 135 -40.16 21.31 -43.72
N GLY F 136 -41.00 20.32 -43.40
CA GLY F 136 -40.67 18.95 -43.69
C GLY F 136 -41.74 18.04 -43.14
N VAL F 137 -41.47 16.74 -43.13
CA VAL F 137 -42.41 15.72 -42.64
C VAL F 137 -41.99 15.26 -41.25
N ASP F 138 -42.95 14.96 -40.39
CA ASP F 138 -42.59 14.49 -39.08
C ASP F 138 -43.61 13.49 -38.52
N LYS F 139 -43.43 13.11 -37.26
CA LYS F 139 -44.29 12.15 -36.58
C LYS F 139 -45.77 12.30 -36.96
N ASN F 140 -46.22 13.52 -37.21
CA ASN F 140 -47.61 13.69 -37.62
C ASN F 140 -47.89 14.72 -38.71
N GLY F 141 -47.55 14.34 -39.93
CA GLY F 141 -47.81 15.20 -41.06
C GLY F 141 -46.68 16.04 -41.56
N ALA F 142 -46.99 16.83 -42.58
CA ALA F 142 -46.04 17.75 -43.19
C ALA F 142 -46.36 19.11 -42.60
N HIS F 143 -45.37 19.99 -42.57
CA HIS F 143 -45.58 21.33 -42.04
C HIS F 143 -44.80 22.32 -42.89
N LEU F 144 -45.43 23.45 -43.21
CA LEU F 144 -44.78 24.50 -43.99
C LEU F 144 -44.77 25.76 -43.13
N TYR F 145 -43.65 26.48 -43.16
CA TYR F 145 -43.50 27.68 -42.34
C TYR F 145 -42.76 28.82 -43.03
N MET F 146 -43.03 30.03 -42.55
CA MET F 146 -42.37 31.22 -43.04
C MET F 146 -42.07 32.10 -41.84
N LEU F 147 -40.82 32.51 -41.73
CA LEU F 147 -40.32 33.32 -40.62
C LEU F 147 -39.86 34.68 -41.13
N GLU F 148 -40.37 35.76 -40.53
CA GLU F 148 -40.02 37.13 -40.91
C GLU F 148 -38.88 37.69 -40.04
N PRO F 149 -38.27 38.81 -40.46
CA PRO F 149 -37.17 39.41 -39.68
C PRO F 149 -37.53 39.79 -38.24
N SER F 150 -38.82 39.92 -37.95
CA SER F 150 -39.25 40.27 -36.60
C SER F 150 -39.24 39.03 -35.71
N GLY F 151 -38.96 37.87 -36.31
CA GLY F 151 -38.97 36.64 -35.56
C GLY F 151 -40.35 36.01 -35.59
N SER F 152 -41.28 36.68 -36.27
CA SER F 152 -42.64 36.17 -36.39
C SER F 152 -42.73 35.05 -37.43
N TYR F 153 -43.55 34.04 -37.14
CA TYR F 153 -43.74 32.92 -38.07
C TYR F 153 -45.09 32.25 -37.80
N TRP F 154 -45.63 31.58 -38.83
CA TRP F 154 -46.89 30.88 -38.73
C TRP F 154 -46.84 29.69 -39.66
N GLY F 155 -47.83 28.80 -39.54
CA GLY F 155 -47.92 27.64 -40.42
C GLY F 155 -48.59 28.11 -41.70
N TYR F 156 -48.21 27.56 -42.85
CA TYR F 156 -48.81 27.98 -44.11
C TYR F 156 -49.23 26.85 -45.02
N LYS F 157 -50.25 27.12 -45.86
CA LYS F 157 -50.72 26.17 -46.84
C LYS F 157 -49.77 26.36 -48.00
N GLY F 158 -49.37 27.61 -48.20
CA GLY F 158 -48.44 27.96 -49.26
C GLY F 158 -47.82 29.28 -48.85
N ALA F 159 -46.58 29.52 -49.25
CA ALA F 159 -45.93 30.77 -48.85
C ALA F 159 -44.97 31.29 -49.91
N ALA F 160 -44.78 32.60 -49.91
CA ALA F 160 -43.91 33.24 -50.86
C ALA F 160 -43.30 34.50 -50.26
N THR F 161 -42.11 34.85 -50.73
CA THR F 161 -41.44 36.03 -50.24
C THR F 161 -40.50 36.53 -51.33
N GLY F 162 -40.11 37.79 -51.24
CA GLY F 162 -39.23 38.37 -52.24
C GLY F 162 -39.90 39.26 -53.26
N LYS F 163 -39.14 39.58 -54.31
CA LYS F 163 -39.59 40.43 -55.41
C LYS F 163 -41.00 40.18 -55.91
N GLY F 164 -41.26 38.95 -56.38
CA GLY F 164 -42.57 38.63 -56.91
C GLY F 164 -43.50 37.90 -55.97
N ARG F 165 -43.48 38.27 -54.70
CA ARG F 165 -44.31 37.61 -53.70
C ARG F 165 -45.82 37.78 -53.95
N GLN F 166 -46.22 38.90 -54.56
CA GLN F 166 -47.65 39.13 -54.82
C GLN F 166 -48.18 38.17 -55.89
N SER F 167 -47.41 38.01 -56.96
CA SER F 167 -47.80 37.10 -58.05
C SER F 167 -47.95 35.71 -57.45
N ALA F 168 -46.88 35.25 -56.81
CA ALA F 168 -46.84 33.96 -56.17
C ALA F 168 -48.01 33.79 -55.21
N LYS F 169 -48.17 34.73 -54.28
CA LYS F 169 -49.26 34.65 -53.31
C LYS F 169 -50.61 34.51 -54.01
N ALA F 170 -50.76 35.16 -55.16
CA ALA F 170 -52.01 35.09 -55.92
C ALA F 170 -52.19 33.67 -56.47
N GLU F 171 -51.16 33.18 -57.17
CA GLU F 171 -51.20 31.85 -57.73
C GLU F 171 -51.43 30.80 -56.65
N LEU F 172 -50.82 31.03 -55.48
CA LEU F 172 -50.97 30.12 -54.35
C LEU F 172 -52.43 30.09 -53.86
N GLU F 173 -53.03 31.27 -53.73
CA GLU F 173 -54.42 31.35 -53.27
C GLU F 173 -55.36 30.59 -54.20
N LYS F 174 -55.06 30.64 -55.50
CA LYS F 174 -55.89 29.93 -56.48
C LYS F 174 -55.85 28.45 -56.20
N LEU F 175 -54.63 27.91 -56.12
CA LEU F 175 -54.44 26.49 -55.84
C LEU F 175 -55.18 26.11 -54.58
N VAL F 176 -55.09 26.93 -53.55
CA VAL F 176 -55.76 26.62 -52.29
C VAL F 176 -57.25 26.46 -52.49
N ASP F 177 -57.85 27.38 -53.26
CA ASP F 177 -59.29 27.32 -53.54
C ASP F 177 -59.67 26.12 -54.39
N HIS F 178 -58.99 25.97 -55.52
CA HIS F 178 -59.25 24.89 -56.47
C HIS F 178 -58.78 23.50 -56.06
N HIS F 179 -58.40 23.32 -54.80
CA HIS F 179 -57.93 22.03 -54.33
C HIS F 179 -58.12 21.87 -52.82
N PRO F 180 -59.36 21.92 -52.36
CA PRO F 180 -59.65 21.78 -50.93
C PRO F 180 -59.31 20.39 -50.38
N GLU F 181 -59.00 19.47 -51.28
CA GLU F 181 -58.65 18.10 -50.89
C GLU F 181 -57.14 17.90 -50.78
N GLY F 182 -56.37 18.86 -51.29
CA GLY F 182 -54.92 18.79 -51.21
C GLY F 182 -54.19 18.39 -52.48
N LEU F 183 -53.16 19.17 -52.83
CA LEU F 183 -52.35 18.90 -54.00
C LEU F 183 -51.51 17.66 -53.72
N SER F 184 -50.67 17.25 -54.66
CA SER F 184 -49.84 16.07 -54.45
C SER F 184 -48.37 16.44 -54.63
N ALA F 185 -47.49 15.62 -54.06
CA ALA F 185 -46.06 15.89 -54.17
C ALA F 185 -45.70 16.18 -55.63
N ARG F 186 -46.06 15.25 -56.51
CA ARG F 186 -45.81 15.37 -57.95
C ARG F 186 -46.39 16.66 -58.52
N GLU F 187 -47.65 16.91 -58.20
CA GLU F 187 -48.33 18.11 -58.69
C GLU F 187 -47.69 19.39 -58.19
N ALA F 188 -47.51 19.48 -56.87
CA ALA F 188 -46.90 20.66 -56.26
C ALA F 188 -45.57 21.02 -56.93
N VAL F 189 -44.81 20.02 -57.33
CA VAL F 189 -43.52 20.26 -57.98
C VAL F 189 -43.66 21.09 -59.25
N LYS F 190 -44.58 20.67 -60.14
CA LYS F 190 -44.80 21.39 -61.39
C LYS F 190 -45.43 22.75 -61.10
N GLN F 191 -46.46 22.72 -60.26
CA GLN F 191 -47.18 23.92 -59.86
C GLN F 191 -46.20 24.96 -59.34
N ALA F 192 -45.23 24.50 -58.55
CA ALA F 192 -44.21 25.38 -57.99
C ALA F 192 -43.33 25.98 -59.08
N ALA F 193 -43.00 25.18 -60.09
CA ALA F 193 -42.17 25.67 -61.20
C ALA F 193 -42.93 26.76 -61.96
N LYS F 194 -44.25 26.64 -62.00
CA LYS F 194 -45.08 27.62 -62.69
C LYS F 194 -45.06 28.94 -61.92
N ILE F 195 -45.46 28.90 -60.65
CA ILE F 195 -45.48 30.09 -59.80
C ILE F 195 -44.17 30.87 -59.90
N ILE F 196 -43.05 30.16 -59.94
CA ILE F 196 -41.75 30.81 -60.05
C ILE F 196 -41.60 31.48 -61.41
N TYR F 197 -41.99 30.78 -62.47
CA TYR F 197 -41.91 31.34 -63.81
C TYR F 197 -42.77 32.60 -63.91
N LEU F 198 -44.00 32.53 -63.40
CA LEU F 198 -44.91 33.67 -63.42
C LEU F 198 -44.31 34.81 -62.61
N ALA F 199 -44.04 34.57 -61.33
CA ALA F 199 -43.46 35.58 -60.45
C ALA F 199 -42.15 36.13 -60.95
N HIS F 200 -41.60 35.56 -62.02
CA HIS F 200 -40.33 36.06 -62.54
C HIS F 200 -40.51 37.33 -63.36
N GLU F 201 -41.76 37.66 -63.69
CA GLU F 201 -42.07 38.86 -64.47
C GLU F 201 -41.62 40.15 -63.78
N ASP F 202 -41.72 40.18 -62.45
CA ASP F 202 -41.31 41.33 -61.66
C ASP F 202 -39.79 41.43 -61.68
N ASN F 203 -39.17 40.74 -62.63
CA ASN F 203 -37.72 40.71 -62.75
C ASN F 203 -37.37 40.16 -64.14
N LYS F 204 -38.38 40.15 -65.01
CA LYS F 204 -38.26 39.65 -66.38
C LYS F 204 -37.04 40.16 -67.14
N GLU F 205 -36.37 41.16 -66.57
CA GLU F 205 -35.20 41.76 -67.19
C GLU F 205 -33.98 40.83 -67.27
N LYS F 206 -33.75 40.03 -66.24
CA LYS F 206 -32.61 39.12 -66.20
C LYS F 206 -33.05 37.68 -66.38
N ASP F 207 -32.22 36.88 -67.05
CA ASP F 207 -32.56 35.48 -67.25
C ASP F 207 -32.26 34.78 -65.92
N PHE F 208 -33.00 33.72 -65.62
CA PHE F 208 -32.81 33.02 -64.36
C PHE F 208 -32.62 31.50 -64.46
N GLU F 209 -32.53 30.87 -63.30
CA GLU F 209 -32.36 29.42 -63.20
C GLU F 209 -33.29 28.96 -62.09
N LEU F 210 -34.09 27.93 -62.37
CA LEU F 210 -35.04 27.42 -61.40
C LEU F 210 -34.44 26.35 -60.50
N GLU F 211 -34.89 26.33 -59.25
CA GLU F 211 -34.41 25.33 -58.29
C GLU F 211 -35.60 24.83 -57.48
N ILE F 212 -35.73 23.51 -57.36
CA ILE F 212 -36.83 22.91 -56.62
C ILE F 212 -36.32 21.77 -55.76
N SER F 213 -36.99 21.55 -54.64
CA SER F 213 -36.66 20.47 -53.73
C SER F 213 -37.97 20.10 -53.05
N TRP F 214 -38.02 18.90 -52.50
CA TRP F 214 -39.25 18.47 -51.85
C TRP F 214 -38.98 17.45 -50.77
N CYS F 215 -40.00 17.21 -49.98
CA CYS F 215 -39.93 16.26 -48.87
C CYS F 215 -41.32 15.65 -48.77
N SER F 216 -41.46 14.45 -49.33
CA SER F 216 -42.74 13.74 -49.31
C SER F 216 -42.61 12.38 -48.68
N LEU F 217 -43.56 12.04 -47.80
CA LEU F 217 -43.57 10.76 -47.12
C LEU F 217 -43.63 9.58 -48.08
N SER F 218 -44.15 9.82 -49.28
CA SER F 218 -44.27 8.76 -50.27
C SER F 218 -43.29 8.89 -51.44
N GLU F 219 -42.96 10.12 -51.80
CA GLU F 219 -42.05 10.33 -52.91
C GLU F 219 -40.57 10.36 -52.50
N THR F 220 -40.29 10.78 -51.28
CA THR F 220 -38.90 10.85 -50.81
C THR F 220 -38.67 10.10 -49.49
N ASN F 221 -39.72 9.52 -48.92
CA ASN F 221 -39.61 8.78 -47.68
C ASN F 221 -39.46 9.68 -46.45
N GLY F 222 -39.91 10.93 -46.59
CA GLY F 222 -39.79 11.85 -45.48
C GLY F 222 -38.43 12.50 -45.41
N LEU F 223 -37.64 12.31 -46.46
CA LEU F 223 -36.30 12.88 -46.51
C LEU F 223 -36.28 14.01 -47.53
N HIS F 224 -35.65 15.12 -47.17
CA HIS F 224 -35.56 16.24 -48.08
C HIS F 224 -34.60 15.94 -49.23
N LYS F 225 -35.07 16.10 -50.46
CA LYS F 225 -34.25 15.83 -51.64
C LYS F 225 -34.46 16.90 -52.72
N PHE F 226 -33.44 17.12 -53.53
CA PHE F 226 -33.54 18.10 -54.61
C PHE F 226 -34.12 17.46 -55.84
N VAL F 227 -34.89 18.25 -56.60
CA VAL F 227 -35.48 17.77 -57.83
C VAL F 227 -34.39 17.93 -58.89
N LYS F 228 -34.02 16.82 -59.52
CA LYS F 228 -32.97 16.84 -60.54
C LYS F 228 -33.42 16.12 -61.81
N GLY F 229 -32.61 16.29 -62.86
CA GLY F 229 -32.88 15.65 -64.14
C GLY F 229 -34.28 15.68 -64.73
N ASP F 230 -34.74 14.51 -65.17
CA ASP F 230 -36.06 14.36 -65.78
C ASP F 230 -37.19 15.06 -65.06
N LEU F 231 -37.42 14.70 -63.80
CA LEU F 231 -38.49 15.29 -63.02
C LEU F 231 -38.40 16.81 -63.00
N LEU F 232 -37.17 17.32 -62.98
CA LEU F 232 -36.97 18.75 -62.98
C LEU F 232 -37.37 19.32 -64.34
N GLN F 233 -36.77 18.79 -65.40
CA GLN F 233 -37.07 19.24 -66.77
C GLN F 233 -38.56 19.19 -67.09
N GLU F 234 -39.21 18.12 -66.66
CA GLU F 234 -40.65 17.95 -66.87
C GLU F 234 -41.40 19.15 -66.31
N ALA F 235 -41.00 19.61 -65.12
CA ALA F 235 -41.64 20.75 -64.46
C ALA F 235 -41.28 22.06 -65.15
N ILE F 236 -40.06 22.14 -65.71
CA ILE F 236 -39.62 23.35 -66.41
C ILE F 236 -40.57 23.55 -67.58
N ASP F 237 -40.78 22.47 -68.34
CA ASP F 237 -41.66 22.52 -69.50
C ASP F 237 -43.09 22.90 -69.10
N PHE F 238 -43.64 22.20 -68.11
CA PHE F 238 -44.99 22.50 -67.64
C PHE F 238 -45.18 23.99 -67.39
N ALA F 239 -44.12 24.65 -66.94
CA ALA F 239 -44.17 26.08 -66.67
C ALA F 239 -43.98 26.89 -67.95
N GLN F 240 -43.02 26.48 -68.77
CA GLN F 240 -42.73 27.14 -70.04
C GLN F 240 -43.94 27.09 -70.97
N LYS F 241 -44.71 26.03 -70.83
CA LYS F 241 -45.90 25.82 -71.64
C LYS F 241 -47.05 26.75 -71.21
N GLU F 242 -47.30 26.81 -69.90
CA GLU F 242 -48.37 27.64 -69.38
C GLU F 242 -48.00 29.11 -69.21
N ILE F 243 -46.77 29.46 -69.60
CA ILE F 243 -46.31 30.84 -69.50
C ILE F 243 -46.67 31.51 -70.83
N ASN F 244 -47.42 30.79 -71.65
CA ASN F 244 -47.85 31.26 -72.96
C ASN F 244 -49.26 30.74 -73.27
N ALA G 1 -29.46 64.03 -24.50
CA ALA G 1 -30.70 64.50 -23.80
C ALA G 1 -31.95 63.85 -24.40
N GLY G 2 -32.18 64.09 -25.70
CA GLY G 2 -33.35 63.51 -26.38
C GLY G 2 -33.34 62.00 -26.46
N TYR G 3 -32.34 61.38 -25.84
CA TYR G 3 -32.24 59.92 -25.83
C TYR G 3 -32.97 59.33 -24.65
N ASP G 4 -33.50 60.18 -23.78
CA ASP G 4 -34.24 59.69 -22.63
C ASP G 4 -35.54 59.12 -23.16
N ARG G 5 -35.60 58.93 -24.47
CA ARG G 5 -36.77 58.38 -25.13
C ARG G 5 -36.41 57.14 -25.93
N HIS G 6 -35.13 56.81 -25.97
CA HIS G 6 -34.67 55.65 -26.69
C HIS G 6 -34.35 54.48 -25.75
N ILE G 7 -33.86 54.80 -24.55
CA ILE G 7 -33.53 53.78 -23.58
C ILE G 7 -34.34 54.05 -22.34
N THR G 8 -34.36 53.09 -21.43
CA THR G 8 -35.15 53.23 -20.21
C THR G 8 -34.56 54.05 -19.08
N ILE G 9 -34.35 55.35 -19.33
CA ILE G 9 -33.87 56.25 -18.29
C ILE G 9 -35.01 57.25 -18.07
N PHE G 10 -35.00 57.95 -16.95
CA PHE G 10 -36.06 58.90 -16.66
C PHE G 10 -36.10 60.12 -17.55
N SER G 11 -37.30 60.64 -17.77
CA SER G 11 -37.49 61.85 -18.55
C SER G 11 -37.63 62.90 -17.44
N PRO G 12 -37.47 64.19 -17.75
CA PRO G 12 -37.60 65.21 -16.71
C PRO G 12 -38.90 65.12 -15.89
N GLU G 13 -39.95 64.53 -16.49
CA GLU G 13 -41.23 64.37 -15.79
C GLU G 13 -41.23 63.07 -14.99
N GLY G 14 -40.08 62.41 -14.93
CA GLY G 14 -39.97 61.16 -14.20
C GLY G 14 -40.68 60.02 -14.93
N ARG G 15 -40.75 60.11 -16.25
CA ARG G 15 -41.42 59.08 -17.04
C ARG G 15 -40.45 58.21 -17.82
N LEU G 16 -40.93 57.04 -18.22
CA LEU G 16 -40.14 56.10 -19.01
C LEU G 16 -40.85 55.85 -20.34
N TYR G 17 -40.59 56.69 -21.33
CA TYR G 17 -41.24 56.58 -22.63
C TYR G 17 -41.18 55.22 -23.29
N GLN G 18 -40.02 54.56 -23.23
CA GLN G 18 -39.90 53.25 -23.86
C GLN G 18 -40.88 52.27 -23.26
N VAL G 19 -41.19 52.42 -21.97
CA VAL G 19 -42.15 51.53 -21.34
C VAL G 19 -43.54 51.88 -21.87
N GLU G 20 -43.79 53.16 -22.09
CA GLU G 20 -45.07 53.61 -22.60
C GLU G 20 -45.31 53.12 -24.03
N TYR G 21 -44.28 53.20 -24.87
CA TYR G 21 -44.42 52.76 -26.24
C TYR G 21 -44.53 51.25 -26.33
N ALA G 22 -43.96 50.54 -25.37
CA ALA G 22 -44.03 49.09 -25.36
C ALA G 22 -45.50 48.72 -25.14
N PHE G 23 -46.17 49.51 -24.30
CA PHE G 23 -47.57 49.31 -24.02
C PHE G 23 -48.34 49.49 -25.33
N LYS G 24 -47.90 50.46 -26.12
CA LYS G 24 -48.54 50.74 -27.40
C LYS G 24 -48.50 49.50 -28.28
N ALA G 25 -47.36 48.84 -28.29
CA ALA G 25 -47.18 47.64 -29.10
C ALA G 25 -48.14 46.52 -28.72
N THR G 26 -48.56 46.46 -27.46
CA THR G 26 -49.46 45.39 -27.03
C THR G 26 -50.81 45.36 -27.75
N ASN G 27 -51.10 46.38 -28.56
CA ASN G 27 -52.36 46.42 -29.28
C ASN G 27 -52.17 46.27 -30.79
N GLN G 28 -50.94 46.06 -31.19
CA GLN G 28 -50.59 45.90 -32.59
C GLN G 28 -51.36 44.78 -33.31
N THR G 29 -51.80 43.77 -32.55
CA THR G 29 -52.52 42.64 -33.11
C THR G 29 -54.03 42.87 -33.25
N ASN G 30 -54.50 43.96 -32.65
CA ASN G 30 -55.90 44.32 -32.71
C ASN G 30 -56.81 43.19 -32.21
N ILE G 31 -56.33 42.46 -31.20
CA ILE G 31 -57.06 41.36 -30.62
C ILE G 31 -57.49 41.69 -29.20
N ASN G 32 -58.72 41.32 -28.86
CA ASN G 32 -59.24 41.56 -27.53
C ASN G 32 -59.43 40.22 -26.84
N SER G 33 -59.29 40.21 -25.51
CA SER G 33 -59.43 38.99 -24.73
C SER G 33 -59.97 39.32 -23.34
N LEU G 34 -60.54 38.31 -22.68
CA LEU G 34 -61.06 38.54 -21.34
C LEU G 34 -61.04 37.25 -20.55
N ALA G 35 -61.02 37.38 -19.24
CA ALA G 35 -60.99 36.20 -18.39
C ALA G 35 -61.99 36.31 -17.24
N VAL G 36 -62.63 35.21 -16.91
CA VAL G 36 -63.59 35.20 -15.82
C VAL G 36 -63.37 33.99 -14.94
N ARG G 37 -63.79 34.09 -13.69
CA ARG G 37 -63.66 33.00 -12.76
C ARG G 37 -64.98 32.33 -12.43
N GLY G 38 -65.04 31.02 -12.62
CA GLY G 38 -66.23 30.26 -12.32
C GLY G 38 -66.22 29.90 -10.85
N LYS G 39 -67.05 28.93 -10.48
CA LYS G 39 -67.15 28.49 -9.10
C LYS G 39 -65.90 27.65 -8.77
N ASP G 40 -65.38 26.97 -9.79
CA ASP G 40 -64.19 26.13 -9.61
C ASP G 40 -63.41 25.96 -10.92
N CYS G 41 -63.43 27.00 -11.76
CA CYS G 41 -62.73 26.98 -13.03
C CYS G 41 -62.38 28.42 -13.41
N THR G 42 -61.55 28.58 -14.44
CA THR G 42 -61.18 29.90 -14.89
C THR G 42 -61.22 29.82 -16.40
N VAL G 43 -61.85 30.80 -17.04
CA VAL G 43 -61.96 30.78 -18.48
C VAL G 43 -61.37 32.03 -19.13
N VAL G 44 -60.82 31.84 -20.31
CA VAL G 44 -60.25 32.95 -21.05
C VAL G 44 -60.62 32.85 -22.52
N ILE G 45 -61.24 33.91 -23.01
CA ILE G 45 -61.66 34.00 -24.40
C ILE G 45 -60.77 35.03 -25.08
N SER G 46 -60.48 34.79 -26.35
CA SER G 46 -59.66 35.71 -27.10
C SER G 46 -60.04 35.62 -28.56
N GLN G 47 -60.13 36.77 -29.21
CA GLN G 47 -60.49 36.79 -30.61
C GLN G 47 -59.41 36.11 -31.43
N LYS G 48 -59.83 35.38 -32.45
CA LYS G 48 -58.89 34.71 -33.32
C LYS G 48 -59.14 35.25 -34.72
N LYS G 49 -58.17 35.96 -35.28
CA LYS G 49 -58.33 36.52 -36.61
C LYS G 49 -57.26 35.97 -37.55
N VAL G 50 -57.71 35.29 -38.61
CA VAL G 50 -56.76 34.74 -39.56
C VAL G 50 -56.98 35.41 -40.91
N PRO G 51 -56.24 36.49 -41.18
CA PRO G 51 -56.35 37.24 -42.45
C PRO G 51 -56.01 36.50 -43.73
N ASP G 52 -54.77 36.05 -43.89
CA ASP G 52 -54.35 35.34 -45.10
C ASP G 52 -55.03 33.98 -45.31
N LYS G 53 -55.38 33.70 -46.57
CA LYS G 53 -56.01 32.44 -46.94
C LYS G 53 -54.96 31.35 -46.97
N LEU G 54 -53.71 31.75 -47.16
CA LEU G 54 -52.58 30.83 -47.22
C LEU G 54 -52.11 30.33 -45.84
N LEU G 55 -52.60 30.95 -44.78
CA LEU G 55 -52.23 30.54 -43.42
C LEU G 55 -52.87 29.23 -43.03
N ASP G 56 -52.24 28.55 -42.08
CA ASP G 56 -52.74 27.30 -41.55
C ASP G 56 -53.39 27.67 -40.20
N PRO G 57 -54.69 27.99 -40.23
CA PRO G 57 -55.52 28.36 -39.08
C PRO G 57 -55.19 27.68 -37.76
N THR G 58 -54.80 26.41 -37.82
CA THR G 58 -54.50 25.66 -36.61
C THR G 58 -53.27 26.16 -35.86
N THR G 59 -52.40 26.86 -36.57
CA THR G 59 -51.17 27.37 -35.96
C THR G 59 -51.20 28.84 -35.57
N VAL G 60 -52.38 29.45 -35.59
CA VAL G 60 -52.48 30.87 -35.23
C VAL G 60 -53.15 30.98 -33.87
N SER G 61 -52.33 31.13 -32.83
CA SER G 61 -52.86 31.21 -31.48
C SER G 61 -52.12 32.20 -30.59
N TYR G 62 -52.79 32.70 -29.57
CA TYR G 62 -52.17 33.63 -28.63
C TYR G 62 -52.42 33.14 -27.22
N ILE G 63 -52.84 31.88 -27.12
CA ILE G 63 -53.09 31.24 -25.85
C ILE G 63 -52.00 30.17 -25.72
N PHE G 64 -51.44 30.02 -24.51
CA PHE G 64 -50.39 29.04 -24.29
C PHE G 64 -50.60 28.16 -23.07
N CYS G 65 -50.12 26.93 -23.16
CA CYS G 65 -50.20 25.99 -22.04
C CYS G 65 -48.83 26.05 -21.38
N ILE G 66 -48.72 26.87 -20.34
CA ILE G 66 -47.46 27.05 -19.64
C ILE G 66 -47.07 25.81 -18.84
N SER G 67 -48.03 25.24 -18.13
CA SER G 67 -47.76 24.04 -17.34
C SER G 67 -49.05 23.23 -17.30
N ARG G 68 -49.00 22.06 -16.69
CA ARG G 68 -50.18 21.23 -16.59
C ARG G 68 -51.34 22.05 -15.99
N THR G 69 -51.03 23.00 -15.11
CA THR G 69 -52.09 23.78 -14.47
C THR G 69 -52.18 25.26 -14.82
N ILE G 70 -51.15 25.83 -15.42
CA ILE G 70 -51.15 27.25 -15.75
C ILE G 70 -51.39 27.51 -17.23
N GLY G 71 -52.30 28.44 -17.50
CA GLY G 71 -52.58 28.81 -18.87
C GLY G 71 -52.27 30.30 -19.00
N MET G 72 -51.76 30.70 -20.17
CA MET G 72 -51.43 32.09 -20.40
C MET G 72 -51.84 32.59 -21.77
N VAL G 73 -52.56 33.71 -21.78
CA VAL G 73 -53.00 34.33 -23.03
C VAL G 73 -52.20 35.62 -23.15
N VAL G 74 -51.77 35.94 -24.36
CA VAL G 74 -50.96 37.12 -24.58
C VAL G 74 -51.55 38.17 -25.52
N ASN G 75 -51.44 39.44 -25.12
CA ASN G 75 -51.88 40.54 -25.96
C ASN G 75 -50.61 41.24 -26.42
N GLY G 76 -50.28 41.08 -27.71
CA GLY G 76 -49.08 41.69 -28.24
C GLY G 76 -48.54 40.88 -29.40
N PRO G 77 -47.50 41.35 -30.09
CA PRO G 77 -46.87 40.67 -31.23
C PRO G 77 -46.47 39.23 -30.90
N ILE G 78 -46.67 38.31 -31.85
CA ILE G 78 -46.35 36.91 -31.60
C ILE G 78 -44.90 36.61 -31.21
N PRO G 79 -43.91 37.26 -31.86
CA PRO G 79 -42.54 36.94 -31.44
C PRO G 79 -42.26 37.25 -29.97
N ASP G 80 -42.71 38.40 -29.47
CA ASP G 80 -42.48 38.72 -28.07
C ASP G 80 -43.31 37.79 -27.19
N ALA G 81 -44.52 37.46 -27.63
CA ALA G 81 -45.38 36.57 -26.85
C ALA G 81 -44.74 35.20 -26.67
N ARG G 82 -44.16 34.66 -27.74
CA ARG G 82 -43.52 33.34 -27.70
C ARG G 82 -42.28 33.35 -26.80
N ASN G 83 -41.64 34.51 -26.74
CA ASN G 83 -40.45 34.70 -25.93
C ASN G 83 -40.91 34.59 -24.48
N ALA G 84 -41.98 35.30 -24.13
CA ALA G 84 -42.52 35.27 -22.78
C ALA G 84 -43.01 33.88 -22.38
N ALA G 85 -43.57 33.17 -23.35
CA ALA G 85 -44.11 31.83 -23.12
C ALA G 85 -42.98 30.84 -22.82
N LEU G 86 -41.98 30.79 -23.69
CA LEU G 86 -40.84 29.88 -23.51
C LEU G 86 -40.26 30.09 -22.13
N ARG G 87 -40.08 31.35 -21.76
CA ARG G 87 -39.53 31.67 -20.46
C ARG G 87 -40.40 31.18 -19.32
N ALA G 88 -41.68 31.50 -19.38
CA ALA G 88 -42.61 31.09 -18.32
C ALA G 88 -42.64 29.57 -18.19
N LYS G 89 -42.54 28.87 -19.32
CA LYS G 89 -42.55 27.41 -19.31
C LYS G 89 -41.34 26.87 -18.57
N ALA G 90 -40.17 27.42 -18.90
CA ALA G 90 -38.91 27.04 -18.28
C ALA G 90 -38.98 27.36 -16.78
N GLU G 91 -39.47 28.55 -16.46
CA GLU G 91 -39.60 28.98 -15.07
C GLU G 91 -40.54 28.07 -14.28
N ALA G 92 -41.58 27.57 -14.94
CA ALA G 92 -42.53 26.72 -14.27
C ALA G 92 -41.93 25.34 -13.99
N ALA G 93 -41.15 24.84 -14.95
CA ALA G 93 -40.51 23.54 -14.83
C ALA G 93 -39.45 23.54 -13.73
N GLU G 94 -38.61 24.57 -13.74
CA GLU G 94 -37.56 24.70 -12.75
C GLU G 94 -38.12 24.82 -11.33
N PHE G 95 -39.18 25.60 -11.17
CA PHE G 95 -39.78 25.80 -9.86
C PHE G 95 -40.18 24.46 -9.27
N ARG G 96 -40.83 23.63 -10.09
CA ARG G 96 -41.31 22.33 -9.64
C ARG G 96 -40.15 21.46 -9.19
N TYR G 97 -39.07 21.49 -9.96
CA TYR G 97 -37.87 20.71 -9.68
C TYR G 97 -37.19 21.10 -8.38
N LYS G 98 -37.10 22.40 -8.13
CA LYS G 98 -36.45 22.91 -6.95
C LYS G 98 -37.28 22.89 -5.68
N TYR G 99 -38.58 23.19 -5.77
CA TYR G 99 -39.40 23.25 -4.56
C TYR G 99 -40.38 22.12 -4.29
N GLY G 100 -40.47 21.18 -5.24
CA GLY G 100 -41.33 20.02 -5.04
C GLY G 100 -42.83 20.11 -5.23
N TYR G 101 -43.31 21.27 -5.63
CA TYR G 101 -44.73 21.43 -5.88
C TYR G 101 -44.90 22.36 -7.07
N ASP G 102 -46.09 22.35 -7.66
CA ASP G 102 -46.37 23.17 -8.84
C ASP G 102 -46.36 24.66 -8.60
N MET G 103 -45.72 25.40 -9.50
CA MET G 103 -45.64 26.84 -9.37
C MET G 103 -47.02 27.45 -9.43
N PRO G 104 -47.41 28.19 -8.38
CA PRO G 104 -48.74 28.83 -8.36
C PRO G 104 -48.79 29.95 -9.41
N CYS G 105 -49.99 30.15 -9.96
CA CYS G 105 -50.28 31.16 -10.96
C CYS G 105 -49.78 32.55 -10.55
N ASP G 106 -50.18 32.99 -9.36
CA ASP G 106 -49.75 34.30 -8.87
C ASP G 106 -48.23 34.43 -8.75
N VAL G 107 -47.56 33.35 -8.37
CA VAL G 107 -46.10 33.38 -8.24
C VAL G 107 -45.43 33.52 -9.61
N LEU G 108 -45.87 32.73 -10.59
CA LEU G 108 -45.29 32.83 -11.93
C LEU G 108 -45.51 34.23 -12.47
N ALA G 109 -46.65 34.82 -12.10
CA ALA G 109 -46.95 36.18 -12.55
C ALA G 109 -45.91 37.13 -11.92
N LYS G 110 -45.74 37.07 -10.61
CA LYS G 110 -44.77 37.91 -9.94
C LYS G 110 -43.39 37.75 -10.59
N ARG G 111 -42.97 36.51 -10.78
CA ARG G 111 -41.69 36.21 -11.40
C ARG G 111 -41.51 36.88 -12.75
N MET G 112 -42.51 36.73 -13.62
CA MET G 112 -42.44 37.33 -14.95
C MET G 112 -42.49 38.86 -14.84
N ALA G 113 -43.22 39.36 -13.85
CA ALA G 113 -43.34 40.79 -13.66
C ALA G 113 -41.97 41.34 -13.28
N ASN G 114 -41.29 40.64 -12.39
CA ASN G 114 -39.97 41.05 -11.93
C ASN G 114 -38.98 41.10 -13.10
N LEU G 115 -39.06 40.10 -13.96
CA LEU G 115 -38.20 40.04 -15.13
C LEU G 115 -38.45 41.29 -15.99
N SER G 116 -39.72 41.67 -16.13
CA SER G 116 -40.05 42.84 -16.94
C SER G 116 -39.57 44.11 -16.25
N GLN G 117 -39.71 44.16 -14.94
CA GLN G 117 -39.25 45.32 -14.17
C GLN G 117 -37.76 45.59 -14.48
N ILE G 118 -37.00 44.52 -14.70
CA ILE G 118 -35.59 44.67 -15.02
C ILE G 118 -35.34 45.36 -16.36
N TYR G 119 -36.10 45.02 -17.39
CA TYR G 119 -35.87 45.65 -18.70
C TYR G 119 -36.16 47.17 -18.58
N THR G 120 -36.94 47.49 -17.55
CA THR G 120 -37.35 48.83 -17.22
C THR G 120 -36.20 49.64 -16.61
N GLN G 121 -35.26 48.94 -15.96
CA GLN G 121 -34.13 49.57 -15.28
C GLN G 121 -32.78 49.43 -15.97
N ARG G 122 -32.55 48.31 -16.66
CA ARG G 122 -31.30 48.11 -17.38
C ARG G 122 -31.44 48.59 -18.81
N ALA G 123 -30.49 49.45 -19.22
CA ALA G 123 -30.52 50.04 -20.55
C ALA G 123 -30.41 49.12 -21.75
N TYR G 124 -29.65 48.04 -21.65
CA TYR G 124 -29.49 47.18 -22.82
C TYR G 124 -30.63 46.22 -23.14
N MET G 125 -31.56 46.06 -22.21
CA MET G 125 -32.72 45.19 -22.41
C MET G 125 -33.97 46.02 -22.77
N ARG G 126 -34.63 45.70 -23.88
CA ARG G 126 -35.85 46.43 -24.24
C ARG G 126 -37.04 45.74 -23.59
N PRO G 127 -38.09 46.51 -23.26
CA PRO G 127 -39.22 45.80 -22.63
C PRO G 127 -39.90 44.95 -23.71
N LEU G 128 -40.70 43.98 -23.30
CA LEU G 128 -41.43 43.17 -24.25
C LEU G 128 -42.79 43.87 -24.44
N GLY G 129 -43.21 44.00 -25.69
CA GLY G 129 -44.48 44.66 -25.97
C GLY G 129 -45.68 43.74 -25.82
N VAL G 130 -45.87 43.22 -24.62
CA VAL G 130 -46.98 42.31 -24.40
C VAL G 130 -47.57 42.43 -22.99
N ILE G 131 -48.78 41.90 -22.85
CA ILE G 131 -49.47 41.87 -21.57
C ILE G 131 -49.82 40.40 -21.36
N LEU G 132 -49.41 39.85 -20.23
CA LEU G 132 -49.65 38.45 -19.95
C LEU G 132 -50.75 38.23 -18.93
N THR G 133 -51.70 37.39 -19.29
CA THR G 133 -52.80 37.07 -18.40
C THR G 133 -52.62 35.60 -18.04
N PHE G 134 -52.39 35.34 -16.76
CA PHE G 134 -52.20 33.97 -16.30
C PHE G 134 -53.46 33.51 -15.58
N VAL G 135 -53.84 32.26 -15.83
CA VAL G 135 -55.03 31.70 -15.20
C VAL G 135 -54.81 30.26 -14.79
N SER G 136 -55.56 29.84 -13.78
CA SER G 136 -55.49 28.48 -13.27
C SER G 136 -56.44 28.36 -12.10
N VAL G 137 -56.52 27.15 -11.55
CA VAL G 137 -57.32 26.90 -10.37
C VAL G 137 -56.28 26.50 -9.33
N ASP G 138 -55.69 27.51 -8.69
CA ASP G 138 -54.65 27.28 -7.70
C ASP G 138 -55.17 26.35 -6.59
N GLU G 139 -54.28 25.50 -6.08
CA GLU G 139 -54.67 24.57 -5.03
C GLU G 139 -54.88 25.22 -3.68
N GLU G 140 -54.46 26.46 -3.54
CA GLU G 140 -54.64 27.17 -2.27
C GLU G 140 -55.58 28.35 -2.44
N LEU G 141 -55.44 29.04 -3.56
CA LEU G 141 -56.26 30.22 -3.84
C LEU G 141 -57.53 29.98 -4.64
N GLY G 142 -57.62 28.85 -5.34
CA GLY G 142 -58.81 28.58 -6.14
C GLY G 142 -58.65 29.22 -7.50
N PRO G 143 -59.76 29.47 -8.24
CA PRO G 143 -59.68 30.08 -9.57
C PRO G 143 -58.86 31.37 -9.50
N SER G 144 -57.90 31.52 -10.40
CA SER G 144 -57.03 32.71 -10.36
C SER G 144 -56.72 33.39 -11.67
N ILE G 145 -56.71 34.71 -11.63
CA ILE G 145 -56.35 35.53 -12.78
C ILE G 145 -55.31 36.57 -12.35
N TYR G 146 -54.14 36.53 -12.98
CA TYR G 146 -53.06 37.47 -12.68
C TYR G 146 -52.50 37.95 -14.01
N LYS G 147 -52.40 39.25 -14.14
CA LYS G 147 -51.93 39.84 -15.39
C LYS G 147 -50.75 40.79 -15.14
N THR G 148 -49.78 40.77 -16.06
CA THR G 148 -48.59 41.61 -15.96
C THR G 148 -48.39 42.39 -17.25
N ASP G 149 -47.75 43.55 -17.13
CA ASP G 149 -47.51 44.44 -18.26
C ASP G 149 -46.04 44.84 -18.44
N PRO G 150 -45.74 45.67 -19.46
CA PRO G 150 -44.35 46.11 -19.70
C PRO G 150 -43.73 46.96 -18.59
N ALA G 151 -44.54 47.38 -17.62
CA ALA G 151 -44.03 48.21 -16.54
C ALA G 151 -43.55 47.37 -15.37
N GLY G 152 -43.80 46.07 -15.44
CA GLY G 152 -43.39 45.17 -14.38
C GLY G 152 -44.47 45.11 -13.32
N TYR G 153 -45.63 45.64 -13.66
CA TYR G 153 -46.75 45.66 -12.73
C TYR G 153 -47.59 44.39 -12.90
N TYR G 154 -48.24 43.97 -11.82
CA TYR G 154 -49.09 42.80 -11.90
C TYR G 154 -50.03 42.79 -10.71
N VAL G 155 -51.20 42.19 -10.90
CA VAL G 155 -52.17 42.12 -9.81
C VAL G 155 -53.18 41.03 -10.13
N GLY G 156 -53.98 40.68 -9.12
CA GLY G 156 -55.00 39.66 -9.31
C GLY G 156 -56.33 40.31 -9.65
N TYR G 157 -57.14 39.59 -10.42
CA TYR G 157 -58.45 40.10 -10.82
C TYR G 157 -59.58 39.09 -10.60
N LYS G 158 -60.80 39.64 -10.46
CA LYS G 158 -62.01 38.84 -10.29
C LYS G 158 -62.37 38.42 -11.71
N ALA G 159 -62.03 39.30 -12.65
CA ALA G 159 -62.22 39.10 -14.08
C ALA G 159 -61.46 40.26 -14.72
N THR G 160 -61.04 40.11 -15.97
CA THR G 160 -60.28 41.18 -16.61
C THR G 160 -60.40 41.08 -18.13
N ALA G 161 -59.93 42.12 -18.82
CA ALA G 161 -59.99 42.17 -20.28
C ALA G 161 -58.78 42.93 -20.80
N THR G 162 -58.38 42.62 -22.02
CA THR G 162 -57.20 43.23 -22.59
C THR G 162 -57.30 43.40 -24.12
N GLY G 163 -56.88 44.55 -24.62
CA GLY G 163 -56.93 44.79 -26.05
C GLY G 163 -57.39 46.19 -26.41
N PRO G 164 -57.58 46.48 -27.70
CA PRO G 164 -58.03 47.81 -28.12
C PRO G 164 -59.34 48.21 -27.47
N LYS G 165 -60.28 47.28 -27.40
CA LYS G 165 -61.57 47.55 -26.82
C LYS G 165 -61.71 47.06 -25.38
N GLN G 166 -60.59 47.11 -24.68
CA GLN G 166 -60.49 46.70 -23.29
C GLN G 166 -61.55 47.38 -22.41
N GLN G 167 -61.67 48.70 -22.54
CA GLN G 167 -62.59 49.47 -21.72
C GLN G 167 -64.05 49.03 -21.81
N GLU G 168 -64.51 48.75 -23.02
CA GLU G 168 -65.89 48.32 -23.23
C GLU G 168 -66.15 47.00 -22.50
N ILE G 169 -65.25 46.03 -22.70
CA ILE G 169 -65.36 44.74 -22.06
C ILE G 169 -65.38 44.90 -20.55
N THR G 170 -64.45 45.70 -20.04
CA THR G 170 -64.31 45.93 -18.61
C THR G 170 -65.58 46.49 -17.94
N THR G 171 -66.09 47.59 -18.47
CA THR G 171 -67.28 48.22 -17.90
C THR G 171 -68.47 47.24 -17.94
N ASN G 172 -68.53 46.45 -19.00
CA ASN G 172 -69.59 45.46 -19.15
C ASN G 172 -69.53 44.49 -17.97
N LEU G 173 -68.35 43.94 -17.72
CA LEU G 173 -68.13 43.00 -16.61
C LEU G 173 -68.31 43.69 -15.27
N GLU G 174 -67.83 44.92 -15.16
CA GLU G 174 -67.96 45.68 -13.92
C GLU G 174 -69.43 45.75 -13.54
N ASN G 175 -70.25 46.09 -14.53
CA ASN G 175 -71.68 46.21 -14.33
C ASN G 175 -72.30 44.92 -13.83
N HIS G 176 -71.97 43.82 -14.50
CA HIS G 176 -72.50 42.52 -14.11
C HIS G 176 -72.22 42.17 -12.66
N PHE G 177 -71.01 42.47 -12.17
CA PHE G 177 -70.66 42.14 -10.80
C PHE G 177 -71.30 43.08 -9.78
N LYS G 178 -71.49 44.34 -10.17
CA LYS G 178 -72.12 45.31 -9.27
C LYS G 178 -73.51 44.77 -9.00
N LYS G 179 -74.07 44.13 -10.02
CA LYS G 179 -75.39 43.54 -9.98
C LYS G 179 -75.44 42.25 -9.17
N SER G 180 -74.62 41.28 -9.54
CA SER G 180 -74.58 39.99 -8.86
C SER G 180 -74.01 40.06 -7.44
N LYS G 181 -73.30 41.13 -7.12
CA LYS G 181 -72.74 41.32 -5.78
C LYS G 181 -71.73 40.26 -5.32
N ILE G 182 -71.34 39.36 -6.22
CA ILE G 182 -70.35 38.35 -5.90
C ILE G 182 -69.18 38.55 -6.86
N ASP G 183 -68.04 37.94 -6.56
CA ASP G 183 -66.85 38.10 -7.38
C ASP G 183 -66.55 36.93 -8.31
N HIS G 184 -67.59 36.32 -8.89
CA HIS G 184 -67.40 35.21 -9.80
C HIS G 184 -68.71 34.76 -10.43
N ILE G 185 -68.61 34.03 -11.54
CA ILE G 185 -69.78 33.51 -12.22
C ILE G 185 -70.21 32.27 -11.45
N ASN G 186 -71.31 32.38 -10.73
CA ASN G 186 -71.81 31.27 -9.93
C ASN G 186 -72.34 30.11 -10.79
N GLU G 187 -71.41 29.36 -11.38
CA GLU G 187 -71.78 28.24 -12.24
C GLU G 187 -70.92 27.03 -11.89
N GLU G 188 -71.52 25.84 -11.87
CA GLU G 188 -70.82 24.62 -11.52
C GLU G 188 -70.07 24.01 -12.68
N SER G 189 -70.54 24.27 -13.90
CA SER G 189 -69.88 23.72 -15.08
C SER G 189 -69.06 24.80 -15.78
N TRP G 190 -67.92 24.41 -16.32
CA TRP G 190 -67.10 25.38 -17.02
C TRP G 190 -67.76 25.80 -18.32
N GLU G 191 -68.50 24.88 -18.95
CA GLU G 191 -69.18 25.16 -20.21
C GLU G 191 -70.09 26.38 -20.08
N LYS G 192 -70.85 26.44 -18.98
CA LYS G 192 -71.74 27.58 -18.76
C LYS G 192 -70.91 28.83 -18.47
N VAL G 193 -69.77 28.67 -17.81
CA VAL G 193 -68.90 29.81 -17.53
C VAL G 193 -68.29 30.27 -18.85
N VAL G 194 -67.96 29.33 -19.73
CA VAL G 194 -67.41 29.66 -21.04
C VAL G 194 -68.46 30.41 -21.86
N GLU G 195 -69.71 30.00 -21.71
CA GLU G 195 -70.81 30.63 -22.44
C GLU G 195 -71.04 32.05 -21.92
N PHE G 196 -71.01 32.21 -20.60
CA PHE G 196 -71.17 33.53 -20.00
C PHE G 196 -70.11 34.44 -20.60
N ALA G 197 -68.88 33.94 -20.58
CA ALA G 197 -67.74 34.66 -21.11
C ALA G 197 -67.98 35.14 -22.53
N ILE G 198 -68.30 34.21 -23.43
CA ILE G 198 -68.54 34.57 -24.82
C ILE G 198 -69.72 35.52 -24.99
N THR G 199 -70.76 35.35 -24.19
CA THR G 199 -71.93 36.20 -24.28
C THR G 199 -71.52 37.66 -24.05
N HIS G 200 -70.95 37.93 -22.88
CA HIS G 200 -70.55 39.30 -22.58
C HIS G 200 -69.50 39.83 -23.54
N MET G 201 -68.79 38.92 -24.18
CA MET G 201 -67.78 39.33 -25.16
C MET G 201 -68.55 39.94 -26.34
N ILE G 202 -69.70 39.35 -26.62
CA ILE G 202 -70.55 39.81 -27.72
C ILE G 202 -71.27 41.11 -27.38
N ASP G 203 -71.79 41.21 -26.17
CA ASP G 203 -72.49 42.42 -25.74
C ASP G 203 -71.59 43.65 -25.83
N ALA G 204 -70.46 43.57 -25.14
CA ALA G 204 -69.49 44.66 -25.12
C ALA G 204 -68.86 44.98 -26.47
N LEU G 205 -68.67 43.98 -27.31
CA LEU G 205 -68.06 44.25 -28.61
C LEU G 205 -69.09 44.48 -29.69
N GLY G 206 -70.35 44.18 -29.38
CA GLY G 206 -71.42 44.35 -30.35
C GLY G 206 -71.18 43.52 -31.60
N THR G 207 -70.58 42.34 -31.44
CA THR G 207 -70.31 41.49 -32.59
C THR G 207 -70.72 40.05 -32.38
N GLU G 208 -71.00 39.39 -33.49
CA GLU G 208 -71.40 37.99 -33.50
C GLU G 208 -70.13 37.21 -33.83
N PHE G 209 -70.03 35.99 -33.32
CA PHE G 209 -68.85 35.18 -33.57
C PHE G 209 -69.19 33.84 -34.18
N SER G 210 -68.34 33.34 -35.07
CA SER G 210 -68.54 32.02 -35.64
C SER G 210 -67.65 31.14 -34.77
N LYS G 211 -67.39 29.90 -35.17
CA LYS G 211 -66.55 29.02 -34.36
C LYS G 211 -65.06 29.27 -34.59
N ASN G 212 -64.72 29.95 -35.68
CA ASN G 212 -63.33 30.24 -36.01
C ASN G 212 -62.92 31.67 -35.70
N ASP G 213 -63.75 32.38 -34.94
CA ASP G 213 -63.47 33.76 -34.59
C ASP G 213 -62.99 33.86 -33.16
N LEU G 214 -63.12 32.76 -32.45
CA LEU G 214 -62.72 32.70 -31.06
C LEU G 214 -61.58 31.72 -30.79
N GLU G 215 -61.14 31.75 -29.54
CA GLU G 215 -60.07 30.91 -29.03
C GLU G 215 -60.43 30.85 -27.56
N VAL G 216 -60.55 29.64 -27.01
CA VAL G 216 -60.93 29.50 -25.61
C VAL G 216 -60.02 28.57 -24.80
N GLY G 217 -59.68 29.02 -23.60
CA GLY G 217 -58.84 28.21 -22.73
C GLY G 217 -59.61 28.06 -21.44
N VAL G 218 -59.51 26.89 -20.83
CA VAL G 218 -60.20 26.61 -19.56
C VAL G 218 -59.24 25.97 -18.58
N ALA G 219 -59.30 26.44 -17.35
CA ALA G 219 -58.47 25.90 -16.29
C ALA G 219 -59.37 25.33 -15.20
N THR G 220 -59.03 24.15 -14.72
CA THR G 220 -59.79 23.49 -13.67
C THR G 220 -58.78 22.84 -12.74
N LYS G 221 -59.28 22.22 -11.68
CA LYS G 221 -58.41 21.53 -10.72
C LYS G 221 -57.49 20.59 -11.50
N ASP G 222 -56.18 20.79 -11.33
CA ASP G 222 -55.17 19.95 -11.97
C ASP G 222 -55.10 19.97 -13.48
N LYS G 223 -55.75 20.93 -14.13
CA LYS G 223 -55.63 20.99 -15.57
C LYS G 223 -56.13 22.26 -16.26
N PHE G 224 -55.42 22.62 -17.33
CA PHE G 224 -55.74 23.77 -18.15
C PHE G 224 -55.68 23.26 -19.59
N PHE G 225 -56.74 23.51 -20.35
CA PHE G 225 -56.81 23.06 -21.73
C PHE G 225 -57.50 24.11 -22.58
N THR G 226 -57.36 23.97 -23.90
CA THR G 226 -58.00 24.89 -24.83
C THR G 226 -59.02 24.13 -25.69
N LEU G 227 -60.20 24.73 -25.89
CA LEU G 227 -61.26 24.12 -26.68
C LEU G 227 -60.93 24.09 -28.16
N SER G 228 -61.65 23.25 -28.91
CA SER G 228 -61.45 23.12 -30.35
C SER G 228 -62.56 23.89 -31.07
N ALA G 229 -62.43 24.02 -32.39
CA ALA G 229 -63.44 24.73 -33.17
C ALA G 229 -64.80 24.12 -32.87
N GLU G 230 -64.83 22.80 -32.77
CA GLU G 230 -66.08 22.10 -32.49
C GLU G 230 -66.57 22.25 -31.05
N ASN G 231 -65.66 22.29 -30.09
CA ASN G 231 -66.07 22.45 -28.70
C ASN G 231 -66.69 23.83 -28.56
N ILE G 232 -66.19 24.77 -29.35
CA ILE G 232 -66.67 26.14 -29.34
C ILE G 232 -68.03 26.22 -30.00
N GLU G 233 -68.12 25.63 -31.20
CA GLU G 233 -69.37 25.60 -31.95
C GLU G 233 -70.49 25.12 -31.04
N GLU G 234 -70.21 24.08 -30.26
CA GLU G 234 -71.18 23.53 -29.34
C GLU G 234 -71.55 24.58 -28.29
N ARG G 235 -70.61 25.46 -27.99
CA ARG G 235 -70.81 26.52 -27.01
C ARG G 235 -71.66 27.62 -27.65
N LEU G 236 -71.33 27.97 -28.89
CA LEU G 236 -72.03 28.99 -29.65
C LEU G 236 -73.50 28.63 -29.89
N VAL G 237 -73.76 27.34 -30.09
CA VAL G 237 -75.10 26.84 -30.30
C VAL G 237 -75.95 27.04 -29.07
N ALA G 238 -75.40 26.71 -27.91
CA ALA G 238 -76.12 26.87 -26.66
C ALA G 238 -76.50 28.33 -26.41
N ILE G 239 -75.56 29.26 -26.61
CA ILE G 239 -75.87 30.67 -26.39
C ILE G 239 -76.91 31.13 -27.41
N ALA G 240 -76.94 30.45 -28.55
CA ALA G 240 -77.89 30.78 -29.61
C ALA G 240 -79.30 30.50 -29.13
N GLU G 241 -79.49 29.36 -28.49
CA GLU G 241 -80.80 28.96 -27.98
C GLU G 241 -81.07 29.58 -26.62
N GLN G 242 -81.23 30.90 -26.63
CA GLN G 242 -81.48 31.67 -25.42
C GLN G 242 -81.75 33.11 -25.82
N ASP G 243 -81.22 33.47 -27.00
CA ASP G 243 -81.38 34.80 -27.59
C ASP G 243 -82.36 34.68 -28.77
N THR H 1 -26.52 8.94 18.96
CA THR H 1 -27.78 9.73 18.79
C THR H 1 -28.97 8.85 18.44
N THR H 2 -30.13 9.22 18.97
CA THR H 2 -31.37 8.51 18.67
C THR H 2 -32.43 9.55 18.29
N ILE H 3 -32.92 9.48 17.06
CA ILE H 3 -33.97 10.41 16.64
C ILE H 3 -35.07 9.59 15.98
N VAL H 4 -36.32 9.97 16.24
CA VAL H 4 -37.47 9.28 15.67
C VAL H 4 -38.53 10.24 15.18
N GLY H 5 -39.40 9.72 14.33
CA GLY H 5 -40.52 10.49 13.78
C GLY H 5 -41.72 9.56 13.77
N VAL H 6 -42.86 10.03 14.26
CA VAL H 6 -44.07 9.20 14.30
C VAL H 6 -45.31 9.99 13.90
N LYS H 7 -46.04 9.48 12.91
CA LYS H 7 -47.27 10.13 12.45
C LYS H 7 -48.42 9.65 13.33
N PHE H 8 -49.40 10.53 13.54
CA PHE H 8 -50.59 10.17 14.31
C PHE H 8 -51.82 10.68 13.56
N ASN H 9 -53.01 10.29 14.02
CA ASN H 9 -54.25 10.66 13.33
C ASN H 9 -54.38 12.11 12.80
N ASN H 10 -53.81 13.09 13.49
CA ASN H 10 -53.96 14.46 13.03
C ASN H 10 -52.68 15.30 12.98
N GLY H 11 -51.54 14.64 12.83
CA GLY H 11 -50.29 15.36 12.77
C GLY H 11 -49.08 14.46 12.69
N VAL H 12 -47.98 14.94 13.27
CA VAL H 12 -46.72 14.21 13.27
C VAL H 12 -45.89 14.67 14.46
N VAL H 13 -45.15 13.75 15.06
CA VAL H 13 -44.31 14.08 16.20
C VAL H 13 -42.85 13.59 15.97
N ILE H 14 -41.89 14.31 16.53
CA ILE H 14 -40.51 13.89 16.42
C ILE H 14 -39.83 14.06 17.76
N ALA H 15 -38.88 13.18 18.07
CA ALA H 15 -38.16 13.23 19.33
C ALA H 15 -36.69 12.88 19.14
N ALA H 16 -35.89 13.18 20.15
CA ALA H 16 -34.46 12.90 20.12
C ALA H 16 -33.86 12.92 21.51
N ASP H 17 -32.66 12.38 21.65
CA ASP H 17 -31.97 12.39 22.93
C ASP H 17 -31.13 13.67 22.93
N THR H 18 -30.35 13.89 23.97
CA THR H 18 -29.56 15.11 24.05
C THR H 18 -28.08 14.96 24.28
N ARG H 19 -27.54 13.78 23.98
CA ARG H 19 -26.10 13.55 24.15
C ARG H 19 -25.31 13.86 22.90
N SER H 20 -24.31 14.73 23.06
CA SER H 20 -23.41 15.12 22.00
C SER H 20 -22.07 14.50 22.39
N THR H 21 -21.36 13.90 21.44
CA THR H 21 -20.11 13.28 21.80
C THR H 21 -19.01 13.45 20.77
N GLN H 22 -17.79 13.19 21.22
CA GLN H 22 -16.65 13.22 20.34
C GLN H 22 -15.69 12.24 20.97
N GLY H 23 -15.51 11.11 20.28
CA GLY H 23 -14.69 10.06 20.83
C GLY H 23 -15.58 9.48 21.90
N PRO H 24 -15.04 8.94 23.00
CA PRO H 24 -15.94 8.39 24.01
C PRO H 24 -16.30 9.42 25.06
N ILE H 25 -16.05 10.69 24.78
CA ILE H 25 -16.35 11.72 25.75
C ILE H 25 -17.61 12.49 25.39
N VAL H 26 -18.47 12.68 26.38
CA VAL H 26 -19.70 13.43 26.19
C VAL H 26 -19.36 14.91 26.13
N ALA H 27 -19.49 15.48 24.94
CA ALA H 27 -19.21 16.90 24.71
C ALA H 27 -20.30 17.76 25.34
N ASP H 28 -21.55 17.45 25.04
CA ASP H 28 -22.68 18.19 25.57
C ASP H 28 -23.68 17.20 26.18
N LYS H 29 -24.09 17.47 27.42
CA LYS H 29 -25.04 16.60 28.10
C LYS H 29 -26.48 16.94 27.77
N ASN H 30 -26.69 18.04 27.03
CA ASN H 30 -28.05 18.41 26.71
C ASN H 30 -28.09 19.28 25.46
N CYS H 31 -27.58 18.79 24.34
CA CYS H 31 -27.64 19.60 23.14
C CYS H 31 -28.95 19.33 22.44
N ALA H 32 -29.46 20.32 21.71
CA ALA H 32 -30.73 20.18 21.01
C ALA H 32 -30.57 19.62 19.61
N LYS H 33 -31.16 18.46 19.36
CA LYS H 33 -31.07 17.83 18.05
C LYS H 33 -32.34 18.07 17.25
N LEU H 34 -33.23 18.88 17.81
CA LEU H 34 -34.49 19.23 17.17
C LEU H 34 -34.35 20.63 16.59
N HIS H 35 -34.45 20.74 15.27
CA HIS H 35 -34.27 22.00 14.57
C HIS H 35 -35.52 22.54 13.90
N ARG H 36 -35.76 23.84 14.02
CA ARG H 36 -36.91 24.45 13.39
C ARG H 36 -36.53 24.92 11.97
N ILE H 37 -37.30 24.55 10.97
CA ILE H 37 -37.00 24.98 9.61
C ILE H 37 -37.92 26.16 9.33
N SER H 38 -39.19 26.02 9.71
CA SER H 38 -40.16 27.09 9.59
C SER H 38 -40.99 26.84 10.83
N PRO H 39 -41.93 27.73 11.15
CA PRO H 39 -42.74 27.51 12.36
C PRO H 39 -43.33 26.11 12.49
N LYS H 40 -43.76 25.52 11.38
CA LYS H 40 -44.38 24.21 11.46
C LYS H 40 -43.70 23.04 10.77
N ILE H 41 -42.43 23.22 10.40
CA ILE H 41 -41.64 22.16 9.79
C ILE H 41 -40.42 22.03 10.68
N TRP H 42 -40.34 20.96 11.46
CA TRP H 42 -39.19 20.77 12.33
C TRP H 42 -38.32 19.62 11.86
N CYS H 43 -37.09 19.61 12.33
CA CYS H 43 -36.13 18.61 11.92
C CYS H 43 -35.38 17.97 13.06
N ALA H 44 -35.19 16.67 12.95
CA ALA H 44 -34.42 15.93 13.93
C ALA H 44 -33.15 15.54 13.18
N GLY H 45 -32.00 15.91 13.70
CA GLY H 45 -30.77 15.59 13.01
C GLY H 45 -29.77 14.73 13.75
N ALA H 46 -29.08 13.87 13.01
CA ALA H 46 -28.05 12.98 13.54
C ALA H 46 -26.87 13.05 12.58
N GLY H 47 -25.67 12.72 13.07
CA GLY H 47 -24.48 12.78 12.24
C GLY H 47 -23.50 13.82 12.77
N THR H 48 -22.87 14.57 11.86
CA THR H 48 -21.94 15.60 12.25
C THR H 48 -22.75 16.77 12.79
N ALA H 49 -22.69 16.98 14.11
CA ALA H 49 -23.42 18.03 14.79
C ALA H 49 -23.43 19.40 14.13
N ALA H 50 -22.26 19.90 13.73
CA ALA H 50 -22.20 21.20 13.08
C ALA H 50 -22.95 21.15 11.75
N ASP H 51 -22.85 20.01 11.04
CA ASP H 51 -23.52 19.87 9.76
C ASP H 51 -25.04 19.85 9.85
N THR H 52 -25.60 19.11 10.80
CA THR H 52 -27.06 19.08 10.90
C THR H 52 -27.56 20.48 11.26
N GLU H 53 -26.83 21.17 12.12
CA GLU H 53 -27.22 22.51 12.52
C GLU H 53 -27.12 23.51 11.37
N ALA H 54 -26.05 23.40 10.62
CA ALA H 54 -25.79 24.28 9.49
C ALA H 54 -26.77 24.12 8.34
N VAL H 55 -26.90 22.89 7.84
CA VAL H 55 -27.76 22.65 6.70
C VAL H 55 -29.22 22.93 7.06
N THR H 56 -29.54 22.69 8.31
CA THR H 56 -30.89 22.87 8.80
C THR H 56 -31.26 24.36 8.85
N GLN H 57 -30.29 25.22 9.12
CA GLN H 57 -30.55 26.65 9.17
C GLN H 57 -30.48 27.28 7.79
N LEU H 58 -29.61 26.77 6.93
CA LEU H 58 -29.45 27.28 5.58
C LEU H 58 -30.77 27.15 4.83
N ILE H 59 -31.28 25.93 4.79
CA ILE H 59 -32.54 25.66 4.12
C ILE H 59 -33.66 26.43 4.81
N GLY H 60 -33.58 26.50 6.14
CA GLY H 60 -34.57 27.24 6.89
C GLY H 60 -34.62 28.68 6.41
N SER H 61 -33.45 29.28 6.30
CA SER H 61 -33.32 30.66 5.83
C SER H 61 -33.94 30.81 4.44
N ASN H 62 -33.57 29.93 3.52
CA ASN H 62 -34.09 30.00 2.18
C ASN H 62 -35.60 29.75 2.15
N ILE H 63 -36.06 28.88 3.04
CA ILE H 63 -37.48 28.56 3.14
C ILE H 63 -38.26 29.80 3.56
N GLU H 64 -37.74 30.53 4.54
CA GLU H 64 -38.39 31.75 5.01
C GLU H 64 -38.49 32.75 3.86
N LEU H 65 -37.39 32.93 3.13
CA LEU H 65 -37.38 33.86 2.01
C LEU H 65 -38.37 33.42 0.93
N HIS H 66 -38.45 32.12 0.67
CA HIS H 66 -39.36 31.57 -0.33
C HIS H 66 -40.81 31.82 0.10
N SER H 67 -41.06 31.70 1.39
CA SER H 67 -42.38 31.91 1.95
C SER H 67 -42.83 33.36 1.74
N LEU H 68 -41.96 34.31 2.07
CA LEU H 68 -42.27 35.71 1.88
C LEU H 68 -42.51 36.01 0.39
N TYR H 69 -41.72 35.40 -0.46
CA TYR H 69 -41.83 35.64 -1.90
C TYR H 69 -43.12 35.11 -2.49
N THR H 70 -43.60 33.98 -1.98
CA THR H 70 -44.82 33.37 -2.50
C THR H 70 -46.07 33.62 -1.66
N SER H 71 -45.91 34.29 -0.54
CA SER H 71 -47.03 34.57 0.33
C SER H 71 -47.79 33.31 0.70
N ARG H 72 -47.06 32.20 0.87
CA ARG H 72 -47.65 30.92 1.24
C ARG H 72 -46.91 30.31 2.42
N GLU H 73 -47.58 29.40 3.12
CA GLU H 73 -46.97 28.69 4.24
C GLU H 73 -45.98 27.74 3.58
N PRO H 74 -44.83 27.51 4.22
CA PRO H 74 -43.84 26.61 3.64
C PRO H 74 -44.36 25.19 3.62
N ARG H 75 -43.95 24.42 2.61
CA ARG H 75 -44.36 23.03 2.53
C ARG H 75 -43.20 22.10 2.88
N VAL H 76 -43.51 21.02 3.58
CA VAL H 76 -42.50 20.06 3.97
C VAL H 76 -41.76 19.52 2.75
N VAL H 77 -42.45 19.30 1.63
CA VAL H 77 -41.78 18.79 0.45
C VAL H 77 -40.77 19.78 -0.13
N SER H 78 -40.87 21.05 0.24
CA SER H 78 -39.90 22.02 -0.25
C SER H 78 -38.62 21.93 0.59
N ALA H 79 -38.79 21.80 1.90
CA ALA H 79 -37.63 21.68 2.78
C ALA H 79 -36.90 20.41 2.38
N LEU H 80 -37.67 19.40 2.01
CA LEU H 80 -37.12 18.11 1.61
C LEU H 80 -36.35 18.16 0.30
N GLN H 81 -36.89 18.88 -0.67
CA GLN H 81 -36.23 18.96 -1.96
C GLN H 81 -34.97 19.82 -1.87
N MET H 82 -35.04 20.91 -1.11
CA MET H 82 -33.89 21.79 -0.96
C MET H 82 -32.77 21.09 -0.21
N LEU H 83 -33.13 20.39 0.86
CA LEU H 83 -32.16 19.66 1.65
C LEU H 83 -31.47 18.56 0.86
N LYS H 84 -32.24 17.71 0.20
CA LYS H 84 -31.67 16.62 -0.55
C LYS H 84 -30.82 17.02 -1.76
N GLN H 85 -31.16 18.11 -2.43
CA GLN H 85 -30.35 18.49 -3.59
C GLN H 85 -29.05 19.10 -3.10
N HIS H 86 -29.09 19.69 -1.91
CA HIS H 86 -27.90 20.29 -1.32
C HIS H 86 -26.95 19.18 -0.85
N LEU H 87 -27.48 18.24 -0.07
CA LEU H 87 -26.68 17.14 0.43
C LEU H 87 -26.11 16.33 -0.73
N PHE H 88 -26.91 16.13 -1.78
CA PHE H 88 -26.45 15.36 -2.92
C PHE H 88 -25.28 16.05 -3.60
N LYS H 89 -25.38 17.35 -3.72
CA LYS H 89 -24.35 18.16 -4.34
C LYS H 89 -23.00 17.94 -3.63
N TYR H 90 -23.04 17.83 -2.29
CA TYR H 90 -21.84 17.62 -1.49
C TYR H 90 -21.44 16.16 -1.29
N GLN H 91 -21.93 15.31 -2.17
CA GLN H 91 -21.63 13.88 -2.18
C GLN H 91 -21.41 13.20 -0.82
N GLY H 92 -22.18 13.59 0.19
CA GLY H 92 -22.02 12.96 1.48
C GLY H 92 -21.07 13.64 2.46
N HIS H 93 -20.27 14.58 1.99
CA HIS H 93 -19.33 15.26 2.87
C HIS H 93 -20.01 16.09 3.96
N ILE H 94 -21.28 16.41 3.78
CA ILE H 94 -22.00 17.12 4.82
C ILE H 94 -22.73 15.98 5.51
N GLY H 95 -22.15 15.52 6.61
CA GLY H 95 -22.71 14.39 7.34
C GLY H 95 -23.99 14.64 8.09
N ALA H 96 -25.04 14.98 7.35
CA ALA H 96 -26.33 15.23 7.94
C ALA H 96 -27.29 14.08 7.65
N TYR H 97 -27.92 13.59 8.71
CA TYR H 97 -28.89 12.52 8.60
C TYR H 97 -30.10 13.10 9.32
N LEU H 98 -31.11 13.45 8.55
CA LEU H 98 -32.28 14.11 9.09
C LEU H 98 -33.61 13.40 8.96
N ILE H 99 -34.49 13.71 9.90
CA ILE H 99 -35.86 13.21 9.89
C ILE H 99 -36.65 14.53 9.87
N VAL H 100 -37.18 14.88 8.70
CA VAL H 100 -37.94 16.12 8.54
C VAL H 100 -39.44 15.89 8.53
N ALA H 101 -40.13 16.55 9.46
CA ALA H 101 -41.57 16.44 9.60
C ALA H 101 -42.23 17.81 9.67
N GLY H 102 -43.56 17.83 9.63
CA GLY H 102 -44.26 19.09 9.71
C GLY H 102 -45.64 19.07 9.07
N VAL H 103 -46.37 20.15 9.28
CA VAL H 103 -47.71 20.29 8.71
C VAL H 103 -47.77 21.56 7.88
N ASP H 104 -48.44 21.48 6.75
CA ASP H 104 -48.58 22.62 5.85
C ASP H 104 -49.94 22.54 5.17
N PRO H 105 -50.25 23.49 4.27
CA PRO H 105 -51.55 23.45 3.59
C PRO H 105 -51.96 22.09 3.00
N THR H 106 -51.00 21.23 2.65
CA THR H 106 -51.36 19.96 2.06
C THR H 106 -51.47 18.78 3.03
N GLY H 107 -51.33 19.04 4.33
CA GLY H 107 -51.44 17.96 5.32
C GLY H 107 -50.22 17.79 6.18
N SER H 108 -50.07 16.61 6.79
CA SER H 108 -48.91 16.34 7.65
C SER H 108 -47.95 15.37 6.94
N HIS H 109 -46.64 15.58 7.14
CA HIS H 109 -45.64 14.75 6.48
C HIS H 109 -44.49 14.23 7.37
N LEU H 110 -43.87 13.13 6.93
CA LEU H 110 -42.77 12.52 7.65
C LEU H 110 -41.77 11.92 6.65
N PHE H 111 -40.57 12.47 6.61
CA PHE H 111 -39.54 11.99 5.69
C PHE H 111 -38.18 11.83 6.39
N SER H 112 -37.28 11.15 5.72
CA SER H 112 -35.92 10.99 6.22
C SER H 112 -34.98 11.28 5.06
N ILE H 113 -33.81 11.83 5.39
CA ILE H 113 -32.80 12.16 4.38
C ILE H 113 -31.43 11.66 4.85
N HIS H 114 -30.68 11.03 3.97
CA HIS H 114 -29.35 10.57 4.33
C HIS H 114 -28.31 11.52 3.75
N ALA H 115 -27.14 11.53 4.39
CA ALA H 115 -26.05 12.41 3.98
C ALA H 115 -25.80 12.50 2.49
N HIS H 116 -25.98 11.39 1.76
CA HIS H 116 -25.75 11.42 0.33
C HIS H 116 -26.86 12.02 -0.50
N GLY H 117 -28.05 12.19 0.10
CA GLY H 117 -29.14 12.79 -0.63
C GLY H 117 -30.38 11.96 -0.92
N SER H 118 -30.38 10.69 -0.54
CA SER H 118 -31.54 9.86 -0.76
C SER H 118 -32.59 10.19 0.31
N THR H 119 -33.87 10.03 -0.03
CA THR H 119 -34.94 10.31 0.92
C THR H 119 -35.93 9.16 1.03
N ASP H 120 -36.68 9.14 2.13
CA ASP H 120 -37.67 8.09 2.38
C ASP H 120 -38.95 8.67 2.98
N VAL H 121 -40.04 7.92 2.83
CA VAL H 121 -41.31 8.33 3.38
C VAL H 121 -41.89 7.18 4.19
N GLY H 122 -42.47 7.48 5.34
CA GLY H 122 -43.05 6.44 6.18
C GLY H 122 -43.90 7.00 7.31
N TYR H 123 -44.49 6.12 8.12
CA TYR H 123 -45.32 6.56 9.25
C TYR H 123 -44.52 6.63 10.54
N TYR H 124 -43.41 5.90 10.56
CA TYR H 124 -42.52 5.90 11.71
C TYR H 124 -41.10 5.67 11.21
N LEU H 125 -40.16 6.47 11.70
CA LEU H 125 -38.77 6.38 11.29
C LEU H 125 -37.80 6.66 12.43
N SER H 126 -36.55 6.22 12.27
CA SER H 126 -35.50 6.48 13.25
C SER H 126 -34.13 6.51 12.57
N LEU H 127 -33.22 7.30 13.13
CA LEU H 127 -31.87 7.42 12.59
C LEU H 127 -30.92 7.59 13.76
N GLY H 128 -29.64 7.37 13.51
CA GLY H 128 -28.64 7.53 14.56
C GLY H 128 -28.10 6.21 15.05
N SER H 129 -27.12 6.26 15.94
CA SER H 129 -26.53 5.04 16.46
C SER H 129 -27.56 4.30 17.32
N GLY H 130 -28.55 5.05 17.81
CA GLY H 130 -29.59 4.44 18.63
C GLY H 130 -30.73 3.94 17.74
N SER H 131 -30.57 4.20 16.45
CA SER H 131 -31.53 3.83 15.44
C SER H 131 -32.17 2.44 15.62
N LEU H 132 -31.36 1.42 15.89
CA LEU H 132 -31.89 0.07 16.04
C LEU H 132 -32.65 -0.17 17.34
N ALA H 133 -32.20 0.43 18.44
CA ALA H 133 -32.90 0.27 19.71
C ALA H 133 -34.29 0.91 19.55
N ALA H 134 -34.31 2.12 19.00
CA ALA H 134 -35.54 2.86 18.77
C ALA H 134 -36.48 2.08 17.85
N MET H 135 -35.97 1.65 16.70
CA MET H 135 -36.79 0.93 15.74
C MET H 135 -37.35 -0.38 16.29
N ALA H 136 -36.64 -1.03 17.20
CA ALA H 136 -37.16 -2.27 17.75
C ALA H 136 -38.46 -1.95 18.51
N VAL H 137 -38.46 -0.82 19.22
CA VAL H 137 -39.62 -0.41 19.97
C VAL H 137 -40.76 -0.01 19.02
N LEU H 138 -40.42 0.68 17.95
CA LEU H 138 -41.44 1.11 17.01
C LEU H 138 -42.07 -0.10 16.33
N GLU H 139 -41.25 -1.03 15.88
CA GLU H 139 -41.78 -2.21 15.20
C GLU H 139 -42.64 -3.02 16.16
N SER H 140 -42.51 -2.77 17.46
CA SER H 140 -43.26 -3.49 18.47
C SER H 140 -44.54 -2.84 18.98
N HIS H 141 -44.64 -1.51 18.89
CA HIS H 141 -45.83 -0.84 19.40
C HIS H 141 -46.58 0.07 18.45
N TRP H 142 -46.04 0.27 17.26
CA TRP H 142 -46.72 1.14 16.33
C TRP H 142 -47.94 0.42 15.76
N LYS H 143 -48.96 1.21 15.48
CA LYS H 143 -50.21 0.72 14.88
C LYS H 143 -50.74 1.92 14.11
N GLN H 144 -51.59 1.67 13.13
CA GLN H 144 -52.17 2.75 12.35
C GLN H 144 -53.19 3.49 13.20
N ASP H 145 -53.33 4.79 12.96
CA ASP H 145 -54.27 5.62 13.69
C ASP H 145 -54.00 5.79 15.17
N LEU H 146 -52.82 6.29 15.49
CA LEU H 146 -52.45 6.55 16.87
C LEU H 146 -53.01 7.92 17.18
N THR H 147 -53.22 8.20 18.46
CA THR H 147 -53.72 9.50 18.86
C THR H 147 -52.48 10.31 19.21
N LYS H 148 -52.64 11.62 19.33
CA LYS H 148 -51.51 12.47 19.68
C LYS H 148 -50.80 11.94 20.93
N GLU H 149 -51.57 11.60 21.96
CA GLU H 149 -51.00 11.10 23.20
C GLU H 149 -50.26 9.77 23.03
N GLU H 150 -50.80 8.90 22.19
CA GLU H 150 -50.17 7.61 21.94
C GLU H 150 -48.86 7.81 21.18
N ALA H 151 -48.89 8.67 20.17
CA ALA H 151 -47.69 8.94 19.38
C ALA H 151 -46.59 9.49 20.29
N ILE H 152 -46.89 10.49 21.12
CA ILE H 152 -45.88 11.03 22.01
C ILE H 152 -45.29 9.92 22.90
N LYS H 153 -46.14 9.03 23.39
CA LYS H 153 -45.71 7.92 24.26
C LYS H 153 -44.76 7.01 23.49
N LEU H 154 -45.17 6.65 22.29
CA LEU H 154 -44.40 5.77 21.42
C LEU H 154 -43.04 6.38 21.06
N ALA H 155 -43.05 7.62 20.57
CA ALA H 155 -41.85 8.31 20.18
C ALA H 155 -40.93 8.42 21.39
N SER H 156 -41.50 8.79 22.53
CA SER H 156 -40.75 8.96 23.76
C SER H 156 -40.09 7.63 24.23
N ASP H 157 -40.83 6.54 24.13
CA ASP H 157 -40.33 5.24 24.52
C ASP H 157 -39.20 4.80 23.60
N ALA H 158 -39.34 5.10 22.31
CA ALA H 158 -38.31 4.74 21.34
C ALA H 158 -36.98 5.45 21.65
N ILE H 159 -37.05 6.73 21.99
CA ILE H 159 -35.84 7.49 22.31
C ILE H 159 -35.21 6.88 23.55
N GLN H 160 -36.03 6.46 24.49
CA GLN H 160 -35.50 5.86 25.72
C GLN H 160 -34.76 4.56 25.43
N ALA H 161 -35.27 3.77 24.48
CA ALA H 161 -34.62 2.53 24.10
C ALA H 161 -33.17 2.90 23.74
N GLY H 162 -33.03 4.03 23.04
CA GLY H 162 -31.71 4.48 22.64
C GLY H 162 -30.88 4.95 23.82
N ILE H 163 -31.42 5.85 24.63
CA ILE H 163 -30.70 6.36 25.77
C ILE H 163 -30.12 5.24 26.63
N TRP H 164 -30.97 4.29 27.01
CA TRP H 164 -30.54 3.18 27.85
C TRP H 164 -29.65 2.12 27.20
N ASN H 165 -29.90 1.80 25.93
CA ASN H 165 -29.13 0.76 25.27
C ASN H 165 -28.02 1.18 24.30
N ASP H 166 -28.03 2.43 23.86
CA ASP H 166 -26.98 2.91 22.95
C ASP H 166 -26.03 3.84 23.69
N LEU H 167 -24.74 3.56 23.55
CA LEU H 167 -23.72 4.36 24.22
C LEU H 167 -23.59 5.74 23.57
N GLY H 168 -24.00 5.84 22.31
CA GLY H 168 -23.92 7.12 21.61
C GLY H 168 -25.07 8.03 21.99
N SER H 169 -26.02 7.50 22.77
CA SER H 169 -27.19 8.26 23.19
C SER H 169 -27.37 8.32 24.69
N GLY H 170 -27.92 9.44 25.17
CA GLY H 170 -28.15 9.59 26.60
C GLY H 170 -28.86 10.87 27.02
N SER H 171 -28.91 11.07 28.33
CA SER H 171 -29.52 12.24 28.95
C SER H 171 -31.03 12.39 28.87
N ASN H 172 -31.49 13.42 28.18
CA ASN H 172 -32.91 13.71 28.09
C ASN H 172 -33.62 13.43 26.78
N VAL H 173 -34.94 13.57 26.82
CA VAL H 173 -35.77 13.37 25.65
C VAL H 173 -36.39 14.70 25.25
N ASP H 174 -36.20 15.09 23.99
CA ASP H 174 -36.77 16.32 23.46
C ASP H 174 -37.86 15.89 22.50
N VAL H 175 -38.97 16.63 22.50
CA VAL H 175 -40.08 16.33 21.63
C VAL H 175 -40.66 17.58 20.97
N CYS H 176 -41.28 17.40 19.81
CA CYS H 176 -41.93 18.49 19.11
C CYS H 176 -43.13 17.90 18.42
N VAL H 177 -44.30 18.46 18.72
CA VAL H 177 -45.56 18.00 18.15
C VAL H 177 -46.11 18.98 17.14
N MET H 178 -46.44 18.48 15.96
CA MET H 178 -46.99 19.30 14.91
C MET H 178 -48.35 18.74 14.52
N GLU H 179 -49.41 19.41 14.96
CA GLU H 179 -50.77 18.97 14.65
C GLU H 179 -51.39 19.83 13.56
N ILE H 180 -52.14 19.20 12.67
CA ILE H 180 -52.76 19.86 11.52
C ILE H 180 -53.33 21.26 11.72
N GLY H 181 -54.13 21.49 12.75
CA GLY H 181 -54.68 22.82 12.87
C GLY H 181 -54.13 23.71 13.97
N LYS H 182 -53.13 23.23 14.69
CA LYS H 182 -52.61 24.03 15.79
C LYS H 182 -51.18 24.52 15.58
N ASP H 183 -50.65 25.17 16.60
CA ASP H 183 -49.27 25.66 16.56
C ASP H 183 -48.38 24.47 16.88
N ALA H 184 -47.19 24.45 16.31
CA ALA H 184 -46.28 23.34 16.59
C ALA H 184 -45.83 23.55 18.04
N GLU H 185 -45.78 22.48 18.82
CA GLU H 185 -45.32 22.66 20.19
C GLU H 185 -44.04 21.90 20.50
N TYR H 186 -43.00 22.68 20.79
CA TYR H 186 -41.68 22.17 21.09
C TYR H 186 -41.54 21.93 22.60
N LEU H 187 -41.36 20.67 22.96
CA LEU H 187 -41.20 20.29 24.35
C LEU H 187 -39.75 19.90 24.64
N ARG H 188 -38.94 20.92 24.86
CA ARG H 188 -37.53 20.75 25.18
C ARG H 188 -37.39 20.09 26.55
N ASN H 189 -36.75 18.91 26.60
CA ASN H 189 -36.56 18.19 27.86
C ASN H 189 -37.90 17.67 28.38
N TYR H 190 -38.68 17.09 27.49
CA TYR H 190 -39.97 16.51 27.82
C TYR H 190 -39.78 15.47 28.92
N LEU H 191 -38.60 14.86 28.93
CA LEU H 191 -38.23 13.87 29.93
C LEU H 191 -36.80 14.11 30.33
N THR H 192 -36.52 13.97 31.63
CA THR H 192 -35.17 14.16 32.15
C THR H 192 -34.90 13.04 33.17
N PRO H 193 -34.83 11.79 32.69
CA PRO H 193 -34.59 10.57 33.49
C PRO H 193 -33.17 10.33 33.95
N ASN H 194 -32.28 11.28 33.71
CA ASN H 194 -30.89 11.11 34.10
C ASN H 194 -30.29 12.22 34.94
N VAL H 195 -30.95 12.58 36.03
CA VAL H 195 -30.44 13.63 36.91
C VAL H 195 -29.32 13.03 37.77
N ARG H 196 -28.19 13.71 37.86
CA ARG H 196 -27.07 13.21 38.66
C ARG H 196 -27.35 13.25 40.16
N GLU H 197 -27.16 12.13 40.84
CA GLU H 197 -27.40 12.08 42.28
C GLU H 197 -26.51 13.09 42.99
N GLU H 198 -26.91 13.48 44.20
CA GLU H 198 -26.14 14.43 44.97
C GLU H 198 -24.77 13.85 45.27
N LYS H 199 -23.74 14.70 45.16
CA LYS H 199 -22.39 14.24 45.42
C LYS H 199 -22.21 13.87 46.88
N GLN H 200 -21.27 12.96 47.11
CA GLN H 200 -20.97 12.47 48.45
C GLN H 200 -20.26 13.52 49.28
N LYS H 201 -19.81 14.59 48.65
CA LYS H 201 -19.03 15.60 49.36
C LYS H 201 -19.00 16.92 48.60
N SER H 202 -18.58 18.00 49.26
CA SER H 202 -18.47 19.30 48.62
C SER H 202 -16.98 19.61 48.51
N TYR H 203 -16.55 20.06 47.34
CA TYR H 203 -15.15 20.33 47.12
C TYR H 203 -14.79 21.80 47.13
N LYS H 204 -15.65 22.58 47.76
CA LYS H 204 -15.44 24.01 47.89
C LYS H 204 -14.15 24.19 48.70
N PHE H 205 -13.15 24.83 48.10
CA PHE H 205 -11.86 25.06 48.72
C PHE H 205 -11.85 26.25 49.66
N PRO H 206 -10.99 26.21 50.70
CA PRO H 206 -10.94 27.35 51.62
C PRO H 206 -10.15 28.42 50.87
N ARG H 207 -10.64 29.66 50.87
CA ARG H 207 -9.98 30.74 50.15
C ARG H 207 -8.52 30.86 50.53
N GLY H 208 -7.69 31.15 49.54
CA GLY H 208 -6.26 31.28 49.78
C GLY H 208 -5.52 29.98 49.47
N THR H 209 -6.28 28.93 49.17
CA THR H 209 -5.67 27.64 48.86
C THR H 209 -4.74 27.69 47.65
N THR H 210 -5.09 28.53 46.67
CA THR H 210 -4.30 28.67 45.44
C THR H 210 -3.19 29.71 45.53
N ALA H 211 -1.98 29.33 45.09
CA ALA H 211 -0.84 30.24 45.12
C ALA H 211 -0.87 31.22 43.94
N VAL H 212 -0.95 32.51 44.24
CA VAL H 212 -1.01 33.54 43.21
C VAL H 212 0.31 34.27 43.10
N LEU H 213 0.77 34.51 41.87
CA LEU H 213 2.03 35.22 41.64
C LEU H 213 1.83 36.71 41.42
N LYS H 214 0.87 37.05 40.56
CA LYS H 214 0.60 38.45 40.25
C LYS H 214 -0.89 38.67 40.09
N GLU H 215 -1.32 39.89 40.36
CA GLU H 215 -2.74 40.21 40.26
C GLU H 215 -2.91 41.62 39.67
N SER H 216 -4.03 41.86 39.01
CA SER H 216 -4.29 43.16 38.40
C SER H 216 -5.72 43.25 37.88
N ILE H 217 -6.15 44.47 37.59
CA ILE H 217 -7.49 44.70 37.07
C ILE H 217 -7.43 44.85 35.57
N VAL H 218 -8.40 44.28 34.88
CA VAL H 218 -8.44 44.36 33.43
C VAL H 218 -9.34 45.50 32.96
N ASN H 219 -8.90 46.20 31.93
CA ASN H 219 -9.67 47.32 31.41
C ASN H 219 -10.61 46.93 30.27
N ILE H 220 -11.90 46.99 30.56
CA ILE H 220 -12.93 46.66 29.58
C ILE H 220 -13.46 47.90 28.86
N CYS H 221 -13.49 49.02 29.59
CA CYS H 221 -13.98 50.29 29.05
C CYS H 221 -13.02 50.93 28.03
N ASP H 222 -13.56 51.31 26.88
CA ASP H 222 -12.76 51.93 25.83
C ASP H 222 -12.50 53.43 26.03
N SER I 1 1.78 15.83 13.49
CA SER I 1 0.72 15.18 12.67
C SER I 1 -0.66 15.74 12.99
N ASP I 2 -1.13 15.50 14.22
CA ASP I 2 -2.43 16.01 14.64
C ASP I 2 -2.24 17.47 15.01
N PRO I 3 -2.72 18.39 14.17
CA PRO I 3 -2.58 19.82 14.42
C PRO I 3 -2.90 20.24 15.84
N SER I 4 -3.67 19.42 16.55
CA SER I 4 -4.07 19.72 17.91
C SER I 4 -3.10 19.28 19.01
N SER I 5 -2.09 18.49 18.64
CA SER I 5 -1.13 18.01 19.62
C SER I 5 0.28 18.53 19.36
N ILE I 6 0.39 19.59 18.55
CA ILE I 6 1.70 20.13 18.24
C ILE I 6 2.13 21.19 19.24
N ASN I 7 1.23 22.11 19.55
CA ASN I 7 1.54 23.20 20.46
C ASN I 7 1.09 23.00 21.90
N GLY I 8 0.02 22.23 22.10
CA GLY I 8 -0.49 21.98 23.44
C GLY I 8 -1.20 23.18 24.04
N GLY I 9 -1.86 22.98 25.18
CA GLY I 9 -2.55 24.09 25.82
C GLY I 9 -3.97 23.75 26.25
N ILE I 10 -4.48 24.49 27.22
CA ILE I 10 -5.84 24.28 27.71
C ILE I 10 -6.54 25.57 28.12
N VAL I 11 -7.86 25.51 28.16
CA VAL I 11 -8.70 26.63 28.55
C VAL I 11 -9.93 26.06 29.23
N VAL I 12 -10.39 26.71 30.28
CA VAL I 12 -11.58 26.26 30.98
C VAL I 12 -12.37 27.50 31.42
N ALA I 13 -13.69 27.42 31.31
CA ALA I 13 -14.56 28.51 31.71
C ALA I 13 -15.61 27.97 32.67
N MET I 14 -16.00 28.79 33.64
CA MET I 14 -16.97 28.41 34.65
C MET I 14 -17.92 29.55 34.97
N THR I 15 -19.11 29.23 35.46
CA THR I 15 -20.08 30.25 35.84
C THR I 15 -20.27 30.23 37.36
N GLY I 16 -20.63 31.38 37.91
CA GLY I 16 -20.84 31.48 39.34
C GLY I 16 -21.95 32.48 39.61
N LYS I 17 -22.11 32.86 40.87
CA LYS I 17 -23.15 33.82 41.24
C LYS I 17 -22.85 35.19 40.65
N ASP I 18 -23.56 35.54 39.59
CA ASP I 18 -23.40 36.83 38.92
C ASP I 18 -22.00 37.06 38.38
N CYS I 19 -21.30 35.98 38.05
CA CYS I 19 -19.94 36.10 37.52
C CYS I 19 -19.57 34.90 36.66
N VAL I 20 -18.49 35.04 35.91
CA VAL I 20 -17.97 33.98 35.07
C VAL I 20 -16.47 34.00 35.24
N ALA I 21 -15.82 32.90 34.91
CA ALA I 21 -14.38 32.81 35.03
C ALA I 21 -13.84 32.03 33.85
N ILE I 22 -12.76 32.53 33.25
CA ILE I 22 -12.12 31.90 32.10
C ILE I 22 -10.63 31.78 32.46
N ALA I 23 -10.02 30.65 32.15
CA ALA I 23 -8.61 30.45 32.49
C ALA I 23 -7.85 29.59 31.49
N CYS I 24 -6.53 29.79 31.44
CA CYS I 24 -5.69 29.04 30.51
C CYS I 24 -4.26 28.87 31.00
N ASP I 25 -3.53 27.95 30.38
CA ASP I 25 -2.13 27.72 30.71
C ASP I 25 -1.31 28.67 29.82
N LEU I 26 0.00 28.71 29.99
CA LEU I 26 0.79 29.63 29.18
C LEU I 26 1.80 28.97 28.25
N ARG I 27 1.82 27.64 28.23
CA ARG I 27 2.76 26.93 27.39
C ARG I 27 2.48 26.98 25.89
N LEU I 28 3.55 26.97 25.12
CA LEU I 28 3.51 26.94 23.67
C LEU I 28 4.69 26.05 23.39
N GLY I 29 4.45 24.87 22.85
CA GLY I 29 5.57 24.00 22.59
C GLY I 29 5.63 23.61 21.14
N SER I 30 6.54 22.70 20.85
CA SER I 30 6.70 22.17 19.52
C SER I 30 7.03 20.72 19.80
N GLN I 31 5.97 19.92 19.98
CA GLN I 31 6.12 18.53 20.32
C GLN I 31 6.69 18.50 21.74
N SER I 32 7.76 17.76 21.96
CA SER I 32 8.34 17.68 23.30
C SER I 32 9.00 18.97 23.79
N LEU I 33 9.52 19.76 22.85
CA LEU I 33 10.22 21.02 23.19
C LEU I 33 9.34 22.19 23.65
N GLY I 34 9.54 22.66 24.88
CA GLY I 34 8.80 23.80 25.35
C GLY I 34 9.44 25.00 24.63
N VAL I 35 8.64 25.94 24.16
CA VAL I 35 9.20 27.08 23.44
C VAL I 35 8.92 28.43 24.08
N SER I 36 7.71 28.58 24.61
CA SER I 36 7.33 29.81 25.28
C SER I 36 6.49 29.52 26.51
N ASN I 37 6.65 30.35 27.53
CA ASN I 37 5.91 30.23 28.78
C ASN I 37 5.05 31.46 28.95
N LYS I 38 4.85 32.19 27.86
CA LYS I 38 4.07 33.40 27.92
C LYS I 38 3.01 33.48 26.84
N PHE I 39 2.63 32.33 26.30
CA PHE I 39 1.61 32.27 25.26
C PHE I 39 0.21 32.25 25.87
N GLU I 40 -0.36 33.42 26.12
CA GLU I 40 -1.70 33.52 26.69
C GLU I 40 -2.72 33.11 25.63
N LYS I 41 -3.74 32.38 26.07
CA LYS I 41 -4.76 31.90 25.17
C LYS I 41 -6.12 32.55 25.40
N ILE I 42 -6.13 33.63 26.18
CA ILE I 42 -7.37 34.34 26.47
C ILE I 42 -7.31 35.74 25.87
N PHE I 43 -8.34 36.11 25.10
CA PHE I 43 -8.38 37.44 24.50
C PHE I 43 -9.75 38.02 24.81
N HIS I 44 -9.92 39.31 24.57
CA HIS I 44 -11.20 39.90 24.85
C HIS I 44 -11.48 41.07 23.92
N TYR I 45 -12.75 41.21 23.56
CA TYR I 45 -13.21 42.28 22.68
C TYR I 45 -14.34 42.88 23.50
N GLY I 46 -14.10 44.08 24.03
CA GLY I 46 -15.10 44.73 24.86
C GLY I 46 -15.14 43.92 26.13
N HIS I 47 -16.35 43.60 26.60
CA HIS I 47 -16.49 42.80 27.81
C HIS I 47 -16.61 41.31 27.50
N VAL I 48 -16.42 40.94 26.24
CA VAL I 48 -16.52 39.53 25.85
C VAL I 48 -15.13 38.89 25.77
N PHE I 49 -14.97 37.77 26.45
CA PHE I 49 -13.69 37.05 26.45
C PHE I 49 -13.73 35.79 25.61
N LEU I 50 -12.61 35.51 24.95
CA LEU I 50 -12.48 34.35 24.10
C LEU I 50 -11.17 33.63 24.33
N GLY I 51 -11.25 32.35 24.69
CA GLY I 51 -10.05 31.56 24.87
C GLY I 51 -9.91 30.65 23.65
N ILE I 52 -8.69 30.41 23.17
CA ILE I 52 -8.51 29.52 22.03
C ILE I 52 -7.39 28.51 22.27
N THR I 53 -7.70 27.22 22.24
CA THR I 53 -6.66 26.21 22.38
C THR I 53 -6.46 25.61 20.98
N GLY I 54 -5.35 24.91 20.74
CA GLY I 54 -5.14 24.32 19.43
C GLY I 54 -3.84 24.69 18.76
N LEU I 55 -3.81 24.66 17.43
CA LEU I 55 -2.62 25.02 16.66
C LEU I 55 -2.43 26.52 16.87
N ALA I 56 -1.27 26.89 17.41
CA ALA I 56 -0.92 28.28 17.74
C ALA I 56 -1.11 29.29 16.62
N THR I 57 -0.64 28.96 15.41
CA THR I 57 -0.77 29.87 14.28
C THR I 57 -2.25 30.25 14.05
N ASP I 58 -3.15 29.30 14.33
CA ASP I 58 -4.58 29.54 14.16
C ASP I 58 -5.17 30.30 15.34
N VAL I 59 -4.65 30.04 16.55
CA VAL I 59 -5.13 30.75 17.73
C VAL I 59 -4.84 32.21 17.46
N THR I 60 -3.63 32.49 16.99
CA THR I 60 -3.23 33.86 16.66
C THR I 60 -4.09 34.43 15.55
N THR I 61 -4.19 33.71 14.42
CA THR I 61 -4.99 34.17 13.29
C THR I 61 -6.44 34.48 13.68
N LEU I 62 -7.05 33.59 14.46
CA LEU I 62 -8.44 33.80 14.85
C LEU I 62 -8.62 35.00 15.74
N ASN I 63 -7.68 35.22 16.65
CA ASN I 63 -7.79 36.37 17.52
C ASN I 63 -7.74 37.64 16.68
N GLU I 64 -6.86 37.65 15.67
CA GLU I 64 -6.73 38.80 14.79
C GLU I 64 -8.01 38.99 13.98
N MET I 65 -8.61 37.87 13.58
CA MET I 65 -9.85 37.92 12.81
C MET I 65 -11.01 38.50 13.62
N PHE I 66 -11.19 38.01 14.85
CA PHE I 66 -12.29 38.50 15.67
C PHE I 66 -12.10 39.94 16.16
N ARG I 67 -10.86 40.38 16.32
CA ARG I 67 -10.64 41.75 16.73
C ARG I 67 -11.14 42.61 15.56
N TYR I 68 -10.76 42.19 14.37
CA TYR I 68 -11.12 42.83 13.10
C TYR I 68 -12.65 42.92 12.97
N LYS I 69 -13.32 41.79 13.16
CA LYS I 69 -14.77 41.74 13.05
C LYS I 69 -15.51 42.48 14.14
N THR I 70 -15.07 42.34 15.39
CA THR I 70 -15.75 43.06 16.46
C THR I 70 -15.53 44.56 16.35
N ASN I 71 -14.43 44.97 15.74
CA ASN I 71 -14.17 46.38 15.55
C ASN I 71 -15.21 46.95 14.59
N LEU I 72 -15.32 46.37 13.40
CA LEU I 72 -16.28 46.84 12.42
C LEU I 72 -17.70 46.73 12.96
N TYR I 73 -17.94 45.73 13.80
CA TYR I 73 -19.26 45.54 14.39
C TYR I 73 -19.64 46.71 15.29
N LYS I 74 -18.67 47.17 16.08
CA LYS I 74 -18.89 48.28 16.99
C LYS I 74 -19.12 49.57 16.21
N LEU I 75 -18.39 49.76 15.12
CA LEU I 75 -18.53 50.95 14.31
C LEU I 75 -19.90 51.04 13.64
N LYS I 76 -20.48 49.91 13.29
CA LYS I 76 -21.78 49.89 12.63
C LYS I 76 -22.92 49.85 13.63
N GLU I 77 -22.84 48.92 14.58
CA GLU I 77 -23.88 48.75 15.58
C GLU I 77 -23.87 49.85 16.62
N GLU I 78 -22.75 50.56 16.71
CA GLU I 78 -22.56 51.63 17.69
C GLU I 78 -22.74 51.14 19.11
N ARG I 79 -22.35 49.90 19.34
CA ARG I 79 -22.43 49.28 20.65
C ARG I 79 -21.50 48.10 20.62
N ALA I 80 -21.09 47.65 21.80
CA ALA I 80 -20.18 46.51 21.91
C ALA I 80 -20.93 45.20 21.76
N ILE I 81 -20.34 44.26 21.04
CA ILE I 81 -20.97 42.96 20.82
C ILE I 81 -21.19 42.22 22.16
N GLU I 82 -22.27 41.45 22.23
CA GLU I 82 -22.61 40.68 23.43
C GLU I 82 -22.18 39.22 23.32
N PRO I 83 -21.97 38.55 24.46
CA PRO I 83 -21.55 37.14 24.52
C PRO I 83 -22.30 36.23 23.54
N GLU I 84 -23.61 36.26 23.60
CA GLU I 84 -24.46 35.42 22.75
C GLU I 84 -24.28 35.70 21.26
N THR I 85 -24.26 36.98 20.89
CA THR I 85 -24.11 37.38 19.50
C THR I 85 -22.75 36.93 18.99
N PHE I 86 -21.73 37.16 19.82
CA PHE I 86 -20.36 36.80 19.47
C PHE I 86 -20.23 35.31 19.21
N THR I 87 -20.84 34.51 20.10
CA THR I 87 -20.82 33.07 19.98
C THR I 87 -21.26 32.68 18.58
N GLN I 88 -22.35 33.31 18.13
CA GLN I 88 -22.88 33.05 16.81
C GLN I 88 -21.86 33.42 15.74
N LEU I 89 -21.18 34.54 15.95
CA LEU I 89 -20.18 35.00 15.00
C LEU I 89 -19.03 34.00 14.89
N VAL I 90 -18.59 33.49 16.04
CA VAL I 90 -17.50 32.51 16.08
C VAL I 90 -17.92 31.25 15.30
N SER I 91 -19.12 30.78 15.60
CA SER I 91 -19.65 29.59 14.95
C SER I 91 -19.74 29.73 13.42
N SER I 92 -20.39 30.80 12.95
CA SER I 92 -20.49 30.99 11.51
C SER I 92 -19.09 31.17 10.89
N SER I 93 -18.20 31.84 11.60
CA SER I 93 -16.85 32.04 11.07
C SER I 93 -16.10 30.71 10.93
N LEU I 94 -16.27 29.82 11.90
CA LEU I 94 -15.59 28.53 11.82
C LEU I 94 -16.15 27.63 10.72
N TYR I 95 -17.48 27.56 10.64
CA TYR I 95 -18.13 26.72 9.64
C TYR I 95 -17.82 27.17 8.22
N GLU I 96 -17.47 28.43 8.07
CA GLU I 96 -17.17 28.96 6.76
C GLU I 96 -15.97 28.24 6.14
N ARG I 97 -15.17 27.65 7.02
CA ARG I 97 -13.97 26.92 6.59
C ARG I 97 -14.24 25.45 6.85
N ARG I 98 -15.50 25.05 6.69
CA ARG I 98 -15.90 23.66 6.92
C ARG I 98 -14.97 22.59 6.35
N PHE I 99 -14.47 22.79 5.14
CA PHE I 99 -13.61 21.78 4.54
C PHE I 99 -12.13 22.16 4.48
N GLY I 100 -11.73 23.03 5.39
CA GLY I 100 -10.35 23.47 5.51
C GLY I 100 -10.33 24.25 6.80
N PRO I 101 -10.82 23.64 7.90
CA PRO I 101 -10.92 24.25 9.22
C PRO I 101 -9.68 24.74 9.91
N TYR I 102 -9.91 25.62 10.87
CA TYR I 102 -8.85 26.15 11.71
C TYR I 102 -8.84 25.06 12.78
N PHE I 103 -7.65 24.60 13.17
CA PHE I 103 -7.59 23.54 14.18
C PHE I 103 -7.56 24.16 15.57
N VAL I 104 -8.74 24.54 16.05
CA VAL I 104 -8.84 25.19 17.33
C VAL I 104 -10.03 24.72 18.17
N GLY I 105 -10.04 25.14 19.43
CA GLY I 105 -11.11 24.79 20.34
C GLY I 105 -11.47 26.07 21.09
N PRO I 106 -12.33 26.90 20.51
CA PRO I 106 -12.75 28.16 21.15
C PRO I 106 -13.64 28.02 22.38
N VAL I 107 -13.54 29.02 23.26
CA VAL I 107 -14.34 29.08 24.48
C VAL I 107 -14.72 30.54 24.67
N VAL I 108 -16.01 30.79 24.86
CA VAL I 108 -16.51 32.16 25.06
C VAL I 108 -17.07 32.34 26.47
N ALA I 109 -16.71 33.46 27.10
CA ALA I 109 -17.19 33.78 28.45
C ALA I 109 -17.46 35.28 28.59
N GLY I 110 -18.49 35.62 29.37
CA GLY I 110 -18.83 37.02 29.58
C GLY I 110 -20.16 37.20 30.26
N ILE I 111 -20.48 38.45 30.61
CA ILE I 111 -21.76 38.76 31.24
C ILE I 111 -22.52 39.64 30.27
N ASN I 112 -23.81 39.36 30.05
CA ASN I 112 -24.59 40.19 29.15
C ASN I 112 -24.82 41.56 29.78
N SER I 113 -24.33 42.61 29.14
CA SER I 113 -24.44 43.97 29.66
C SER I 113 -25.86 44.42 29.99
N LYS I 114 -26.84 43.94 29.23
CA LYS I 114 -28.21 44.36 29.47
C LYS I 114 -28.96 43.52 30.50
N SER I 115 -28.73 42.21 30.49
CA SER I 115 -29.41 41.31 31.42
C SER I 115 -28.59 40.97 32.66
N GLY I 116 -27.30 41.23 32.62
CA GLY I 116 -26.45 40.93 33.76
C GLY I 116 -26.26 39.44 33.96
N LYS I 117 -26.74 38.65 33.00
CA LYS I 117 -26.65 37.19 33.06
C LYS I 117 -25.32 36.62 32.58
N PRO I 118 -24.74 35.67 33.35
CA PRO I 118 -23.46 35.05 33.01
C PRO I 118 -23.63 34.13 31.81
N PHE I 119 -22.60 34.08 30.97
CA PHE I 119 -22.64 33.26 29.76
C PHE I 119 -21.30 32.63 29.37
N ILE I 120 -21.35 31.35 29.02
CA ILE I 120 -20.17 30.63 28.56
C ILE I 120 -20.57 29.68 27.44
N ALA I 121 -19.64 29.43 26.52
CA ALA I 121 -19.90 28.51 25.40
C ALA I 121 -18.62 27.94 24.83
N GLY I 122 -18.73 26.75 24.24
CA GLY I 122 -17.60 26.09 23.63
C GLY I 122 -17.95 25.70 22.20
N PHE I 123 -16.94 25.47 21.35
CA PHE I 123 -17.19 25.09 19.97
C PHE I 123 -16.22 24.00 19.54
N ASP I 124 -16.58 23.26 18.50
CA ASP I 124 -15.68 22.26 17.96
C ASP I 124 -14.99 23.01 16.80
N LEU I 125 -14.01 22.40 16.14
CA LEU I 125 -13.30 23.11 15.08
C LEU I 125 -14.11 23.62 13.89
N ILE I 126 -15.32 23.12 13.67
CA ILE I 126 -16.10 23.62 12.55
C ILE I 126 -17.33 24.44 12.98
N GLY I 127 -17.35 24.88 14.23
CA GLY I 127 -18.46 25.71 14.66
C GLY I 127 -19.58 25.17 15.54
N CYS I 128 -19.66 23.87 15.75
CA CYS I 128 -20.73 23.35 16.59
C CYS I 128 -20.69 24.00 17.99
N ILE I 129 -21.78 24.66 18.37
CA ILE I 129 -21.86 25.35 19.65
C ILE I 129 -22.35 24.49 20.81
N ASP I 130 -21.55 24.43 21.87
CA ASP I 130 -21.92 23.70 23.07
C ASP I 130 -22.19 24.81 24.10
N GLU I 131 -23.42 24.90 24.57
CA GLU I 131 -23.72 25.96 25.52
C GLU I 131 -24.11 25.46 26.90
N ALA I 132 -23.12 25.07 27.69
CA ALA I 132 -23.37 24.59 29.04
C ALA I 132 -23.64 25.76 29.98
N LYS I 133 -24.22 25.44 31.12
CA LYS I 133 -24.54 26.45 32.14
C LYS I 133 -23.47 26.40 33.24
N ASP I 134 -22.77 25.29 33.37
CA ASP I 134 -21.75 25.16 34.39
C ASP I 134 -20.33 25.45 33.94
N PHE I 135 -19.77 24.60 33.08
CA PHE I 135 -18.39 24.80 32.62
C PHE I 135 -18.13 24.28 31.22
N ILE I 136 -17.10 24.84 30.59
CA ILE I 136 -16.66 24.41 29.25
C ILE I 136 -15.15 24.19 29.32
N VAL I 137 -14.68 23.09 28.75
CA VAL I 137 -13.25 22.77 28.75
C VAL I 137 -12.77 22.63 27.31
N SER I 138 -11.47 22.80 27.11
CA SER I 138 -10.89 22.70 25.79
C SER I 138 -9.39 22.55 25.90
N GLY I 139 -8.77 21.85 24.94
CA GLY I 139 -7.33 21.70 24.98
C GLY I 139 -6.86 20.26 25.02
N THR I 140 -5.53 20.09 25.13
CA THR I 140 -4.90 18.77 25.15
C THR I 140 -5.07 18.00 26.44
N ALA I 141 -5.68 18.64 27.45
CA ALA I 141 -5.93 17.99 28.73
C ALA I 141 -7.40 18.16 29.07
N SER I 142 -8.23 18.19 28.03
CA SER I 142 -9.67 18.36 28.21
C SER I 142 -10.30 17.19 28.99
N ASP I 143 -9.79 15.98 28.81
CA ASP I 143 -10.31 14.83 29.54
C ASP I 143 -10.08 15.07 31.03
N GLN I 144 -8.85 15.44 31.36
CA GLN I 144 -8.48 15.74 32.74
C GLN I 144 -9.38 16.86 33.29
N LEU I 145 -9.57 17.92 32.50
CA LEU I 145 -10.43 19.03 32.91
C LEU I 145 -11.87 18.59 33.18
N PHE I 146 -12.41 17.72 32.32
CA PHE I 146 -13.76 17.23 32.51
C PHE I 146 -13.84 16.53 33.85
N GLY I 147 -12.82 15.73 34.14
CA GLY I 147 -12.79 15.02 35.40
C GLY I 147 -12.78 16.01 36.55
N MET I 148 -11.88 16.98 36.51
CA MET I 148 -11.78 17.97 37.57
C MET I 148 -13.09 18.71 37.75
N CYS I 149 -13.55 19.36 36.68
CA CYS I 149 -14.79 20.11 36.72
C CYS I 149 -15.99 19.30 37.20
N GLU I 150 -16.23 18.15 36.59
CA GLU I 150 -17.36 17.33 36.97
C GLU I 150 -17.45 17.06 38.49
N SER I 151 -16.32 17.13 39.18
CA SER I 151 -16.32 16.89 40.62
C SER I 151 -16.25 18.19 41.43
N LEU I 152 -15.19 18.98 41.20
CA LEU I 152 -14.99 20.21 41.92
C LEU I 152 -16.12 21.22 41.80
N TYR I 153 -16.78 21.24 40.66
CA TYR I 153 -17.84 22.21 40.42
C TYR I 153 -19.13 22.11 41.24
N GLU I 154 -19.74 23.27 41.48
CA GLU I 154 -21.03 23.41 42.16
C GLU I 154 -21.56 24.80 41.79
N PRO I 155 -22.89 24.94 41.70
CA PRO I 155 -23.57 26.19 41.34
C PRO I 155 -23.34 27.41 42.24
N ASN I 156 -23.74 28.57 41.70
CA ASN I 156 -23.67 29.85 42.37
C ASN I 156 -22.50 30.17 43.30
N LEU I 157 -21.29 29.78 42.91
CA LEU I 157 -20.15 30.10 43.75
C LEU I 157 -19.92 31.60 43.66
N GLU I 158 -19.39 32.19 44.73
CA GLU I 158 -19.10 33.60 44.75
C GLU I 158 -17.80 33.81 44.00
N PRO I 159 -17.57 35.01 43.48
CA PRO I 159 -16.33 35.28 42.74
C PRO I 159 -15.09 34.70 43.42
N GLU I 160 -14.90 35.02 44.69
CA GLU I 160 -13.75 34.55 45.49
C GLU I 160 -13.65 33.02 45.58
N ASP I 161 -14.79 32.36 45.58
CA ASP I 161 -14.83 30.91 45.67
C ASP I 161 -14.63 30.30 44.28
N LEU I 162 -15.33 30.86 43.29
CA LEU I 162 -15.20 30.37 41.92
C LEU I 162 -13.74 30.37 41.52
N PHE I 163 -13.01 31.39 41.96
CA PHE I 163 -11.60 31.48 41.64
C PHE I 163 -10.82 30.25 42.10
N GLU I 164 -11.03 29.85 43.37
CA GLU I 164 -10.33 28.69 43.92
C GLU I 164 -10.64 27.44 43.11
N THR I 165 -11.91 27.29 42.72
CA THR I 165 -12.35 26.14 41.95
C THR I 165 -11.76 26.10 40.55
N ILE I 166 -12.03 27.12 39.75
CA ILE I 166 -11.52 27.19 38.40
C ILE I 166 -10.00 26.96 38.39
N SER I 167 -9.30 27.52 39.37
CA SER I 167 -7.83 27.40 39.46
C SER I 167 -7.35 25.99 39.74
N GLN I 168 -7.96 25.34 40.73
CA GLN I 168 -7.59 23.99 41.10
C GLN I 168 -7.93 23.04 39.96
N ALA I 169 -8.97 23.38 39.20
CA ALA I 169 -9.39 22.55 38.07
C ALA I 169 -8.32 22.62 36.98
N LEU I 170 -7.89 23.83 36.65
CA LEU I 170 -6.87 24.04 35.63
C LEU I 170 -5.52 23.43 36.04
N LEU I 171 -5.03 23.82 37.21
CA LEU I 171 -3.76 23.35 37.75
C LEU I 171 -3.54 21.84 37.79
N ASN I 172 -4.52 21.12 38.34
CA ASN I 172 -4.41 19.68 38.46
C ASN I 172 -4.58 18.91 37.17
N ALA I 173 -5.29 19.50 36.22
CA ALA I 173 -5.49 18.87 34.93
C ALA I 173 -4.21 19.05 34.13
N ALA I 174 -3.67 20.28 34.16
CA ALA I 174 -2.45 20.60 33.44
C ALA I 174 -1.27 19.76 33.91
N ASP I 175 -1.25 19.43 35.19
CA ASP I 175 -0.17 18.64 35.74
C ASP I 175 -0.22 17.18 35.37
N ARG I 176 -1.25 16.80 34.61
CA ARG I 176 -1.39 15.42 34.14
C ARG I 176 -1.24 15.39 32.61
N ASP I 177 -1.00 16.55 32.03
CA ASP I 177 -0.82 16.69 30.60
C ASP I 177 0.60 17.12 30.29
N ALA I 178 1.28 16.33 29.46
CA ALA I 178 2.66 16.60 29.07
C ALA I 178 2.78 17.86 28.23
N LEU I 179 1.71 18.24 27.56
CA LEU I 179 1.77 19.42 26.70
C LEU I 179 1.19 20.70 27.29
N SER I 180 0.75 20.64 28.55
CA SER I 180 0.20 21.82 29.22
C SER I 180 1.00 22.23 30.43
N GLY I 181 0.72 23.44 30.94
CA GLY I 181 1.40 23.96 32.10
C GLY I 181 2.28 25.17 31.82
N TRP I 182 3.43 25.25 32.50
CA TRP I 182 4.37 26.34 32.33
C TRP I 182 3.76 27.69 32.69
N GLY I 183 2.86 27.71 33.66
CA GLY I 183 2.25 28.96 34.06
C GLY I 183 0.79 28.99 33.66
N ALA I 184 -0.02 29.74 34.40
CA ALA I 184 -1.43 29.84 34.11
C ALA I 184 -1.96 31.19 34.54
N VAL I 185 -3.03 31.63 33.88
CA VAL I 185 -3.66 32.90 34.20
C VAL I 185 -5.18 32.69 34.30
N VAL I 186 -5.78 33.31 35.30
CA VAL I 186 -7.22 33.17 35.53
C VAL I 186 -7.91 34.52 35.52
N TYR I 187 -9.06 34.58 34.85
CA TYR I 187 -9.84 35.80 34.79
C TYR I 187 -11.14 35.60 35.55
N ILE I 188 -11.43 36.51 36.47
CA ILE I 188 -12.68 36.47 37.22
C ILE I 188 -13.45 37.67 36.71
N ILE I 189 -14.62 37.41 36.13
CA ILE I 189 -15.41 38.48 35.52
C ILE I 189 -16.74 38.80 36.19
N LYS I 190 -16.99 40.10 36.39
CA LYS I 190 -18.22 40.61 36.99
C LYS I 190 -18.71 41.78 36.15
N LYS I 191 -20.00 42.09 36.25
CA LYS I 191 -20.59 43.20 35.49
C LYS I 191 -19.71 44.44 35.46
N ASP I 192 -19.27 44.82 36.64
CA ASP I 192 -18.47 46.01 36.86
C ASP I 192 -16.96 45.89 36.67
N GLU I 193 -16.38 44.78 37.14
CA GLU I 193 -14.93 44.61 37.04
C GLU I 193 -14.42 43.25 36.60
N VAL I 194 -13.13 43.24 36.26
CA VAL I 194 -12.43 42.05 35.80
C VAL I 194 -11.05 42.01 36.44
N VAL I 195 -10.76 40.92 37.14
CA VAL I 195 -9.47 40.74 37.79
C VAL I 195 -8.74 39.61 37.09
N LYS I 196 -7.45 39.81 36.87
CA LYS I 196 -6.62 38.81 36.21
C LYS I 196 -5.48 38.40 37.15
N ARG I 197 -5.39 37.12 37.48
CA ARG I 197 -4.33 36.63 38.35
C ARG I 197 -3.50 35.53 37.69
N TYR I 198 -2.20 35.57 37.92
CA TYR I 198 -1.30 34.55 37.41
C TYR I 198 -1.12 33.57 38.55
N LEU I 199 -1.07 32.28 38.23
CA LEU I 199 -0.92 31.26 39.25
C LEU I 199 0.51 30.76 39.33
N LYS I 200 0.86 30.14 40.46
CA LYS I 200 2.19 29.59 40.67
C LYS I 200 2.05 28.09 40.50
N MET I 201 2.85 27.49 39.62
CA MET I 201 2.76 26.05 39.39
C MET I 201 4.09 25.45 38.97
N ARG I 202 4.13 24.13 38.89
CA ARG I 202 5.33 23.43 38.48
C ARG I 202 5.76 23.97 37.12
N GLN I 203 7.04 23.86 36.80
CA GLN I 203 7.51 24.34 35.52
C GLN I 203 8.20 23.21 34.75
N ASP I 204 7.62 22.02 34.82
CA ASP I 204 8.17 20.86 34.12
C ASP I 204 7.11 20.14 33.25
N MET J 1 19.00 19.89 10.17
CA MET J 1 18.80 21.28 9.67
C MET J 1 20.03 22.15 9.97
N ASP J 2 19.97 23.40 9.53
CA ASP J 2 21.04 24.37 9.74
C ASP J 2 20.90 24.96 11.15
N ILE J 3 21.91 25.68 11.63
CA ILE J 3 21.83 26.29 12.95
C ILE J 3 21.33 27.70 12.81
N ILE J 4 20.34 28.04 13.63
CA ILE J 4 19.74 29.36 13.62
C ILE J 4 19.53 29.72 15.08
N LEU J 5 20.38 30.60 15.61
CA LEU J 5 20.29 31.01 17.01
C LEU J 5 20.11 32.50 17.13
N GLY J 6 19.47 32.91 18.21
CA GLY J 6 19.25 34.31 18.46
C GLY J 6 19.23 34.57 19.94
N ILE J 7 19.90 35.63 20.36
CA ILE J 7 19.93 35.99 21.77
C ILE J 7 19.69 37.49 21.87
N ARG J 8 18.80 37.87 22.76
CA ARG J 8 18.46 39.27 22.99
C ARG J 8 19.07 39.73 24.32
N VAL J 9 20.08 40.59 24.25
CA VAL J 9 20.72 41.09 25.46
C VAL J 9 20.20 42.47 25.84
N GLN J 10 20.93 43.17 26.70
CA GLN J 10 20.51 44.49 27.17
C GLN J 10 20.21 45.51 26.10
N ASP J 11 21.13 45.71 25.16
CA ASP J 11 20.91 46.73 24.15
C ASP J 11 21.04 46.27 22.72
N SER J 12 20.94 44.96 22.49
CA SER J 12 21.05 44.46 21.14
C SER J 12 20.59 43.03 20.99
N VAL J 13 20.51 42.59 19.75
CA VAL J 13 20.09 41.24 19.43
C VAL J 13 21.21 40.61 18.62
N ILE J 14 21.58 39.39 18.97
CA ILE J 14 22.65 38.70 18.26
C ILE J 14 22.05 37.52 17.49
N LEU J 15 22.48 37.32 16.26
CA LEU J 15 22.01 36.19 15.46
C LEU J 15 23.21 35.39 14.96
N ALA J 16 23.21 34.09 15.26
CA ALA J 16 24.26 33.20 14.82
C ALA J 16 23.64 32.17 13.88
N SER J 17 24.22 32.00 12.69
CA SER J 17 23.69 31.08 11.68
C SER J 17 24.81 30.27 11.03
N SER J 18 24.66 28.96 10.97
CA SER J 18 25.67 28.09 10.37
C SER J 18 26.00 28.50 8.93
N LYS J 19 27.21 28.18 8.49
CA LYS J 19 27.66 28.55 7.15
C LYS J 19 27.63 27.43 6.13
N ALA J 20 27.40 26.21 6.58
CA ALA J 20 27.37 25.08 5.67
C ALA J 20 26.13 25.00 4.80
N VAL J 21 26.31 24.56 3.57
CA VAL J 21 25.22 24.35 2.62
C VAL J 21 25.54 22.99 2.04
N THR J 22 24.81 21.98 2.49
CA THR J 22 25.03 20.60 2.05
C THR J 22 23.97 20.12 1.09
N ARG J 23 24.39 19.40 0.06
CA ARG J 23 23.46 18.85 -0.91
C ARG J 23 23.76 17.39 -1.14
N GLY J 24 23.04 16.55 -0.40
CA GLY J 24 23.22 15.12 -0.51
C GLY J 24 24.47 14.65 0.18
N ILE J 25 25.43 14.23 -0.66
CA ILE J 25 26.68 13.69 -0.17
C ILE J 25 27.78 14.74 0.05
N SER J 26 27.72 15.86 -0.66
CA SER J 26 28.76 16.89 -0.52
C SER J 26 28.34 18.20 0.15
N VAL J 27 29.32 18.86 0.75
CA VAL J 27 29.11 20.16 1.41
C VAL J 27 29.55 21.18 0.34
N LEU J 28 28.59 21.67 -0.43
CA LEU J 28 28.85 22.64 -1.51
C LEU J 28 29.45 23.98 -1.12
N LYS J 29 29.13 24.46 0.07
CA LYS J 29 29.65 25.74 0.51
C LYS J 29 29.79 25.74 2.02
N ASP J 30 30.75 26.51 2.51
CA ASP J 30 31.00 26.60 3.94
C ASP J 30 31.09 28.06 4.39
N SER J 31 30.57 28.96 3.56
CA SER J 31 30.59 30.38 3.82
C SER J 31 29.26 31.01 3.44
N ASP J 32 28.17 30.33 3.78
CA ASP J 32 26.85 30.81 3.43
C ASP J 32 26.25 31.70 4.50
N ASP J 33 25.72 32.84 4.08
CA ASP J 33 25.11 33.79 5.00
C ASP J 33 23.58 33.66 4.91
N LYS J 34 23.01 32.92 5.87
CA LYS J 34 21.57 32.67 5.91
C LYS J 34 20.82 33.82 6.56
N THR J 35 21.08 35.02 6.07
CA THR J 35 20.45 36.20 6.63
C THR J 35 20.20 37.28 5.57
N ARG J 36 19.20 38.12 5.82
CA ARG J 36 18.87 39.25 4.94
C ARG J 36 18.53 40.42 5.83
N GLN J 37 18.95 41.62 5.44
CA GLN J 37 18.63 42.80 6.21
C GLN J 37 17.33 43.38 5.64
N LEU J 38 16.31 43.45 6.48
CA LEU J 38 15.02 43.96 6.04
C LEU J 38 14.99 45.49 6.04
N SER J 39 15.64 46.09 7.03
CA SER J 39 15.72 47.55 7.13
C SER J 39 16.97 47.81 7.95
N PRO J 40 17.45 49.06 7.99
CA PRO J 40 18.66 49.37 8.76
C PRO J 40 18.74 48.82 10.18
N HIS J 41 17.58 48.64 10.84
CA HIS J 41 17.58 48.12 12.21
C HIS J 41 16.86 46.79 12.39
N THR J 42 16.64 46.05 11.30
CA THR J 42 15.97 44.77 11.39
C THR J 42 16.64 43.70 10.54
N LEU J 43 17.00 42.60 11.19
CA LEU J 43 17.66 41.49 10.52
C LEU J 43 16.84 40.21 10.65
N MET J 44 16.86 39.39 9.60
CA MET J 44 16.14 38.13 9.61
C MET J 44 17.01 36.96 9.15
N SER J 45 17.08 35.92 9.98
CA SER J 45 17.83 34.72 9.65
C SER J 45 16.77 33.68 9.24
N PHE J 46 17.18 32.67 8.47
CA PHE J 46 16.21 31.68 8.03
C PHE J 46 16.81 30.31 7.72
N ALA J 47 15.98 29.28 7.84
CA ALA J 47 16.41 27.91 7.57
C ALA J 47 15.21 27.08 7.10
N GLY J 48 15.46 26.08 6.26
CA GLY J 48 14.38 25.24 5.76
C GLY J 48 14.61 24.65 4.39
N GLU J 49 13.52 24.42 3.67
CA GLU J 49 13.54 23.84 2.33
C GLU J 49 14.45 24.60 1.35
N ALA J 50 15.25 23.84 0.61
CA ALA J 50 16.22 24.33 -0.36
C ALA J 50 16.01 25.66 -1.08
N GLY J 51 15.10 25.72 -2.04
CA GLY J 51 14.95 26.98 -2.75
C GLY J 51 14.07 28.03 -2.07
N ASP J 52 13.04 27.57 -1.36
CA ASP J 52 12.08 28.44 -0.69
C ASP J 52 12.71 29.36 0.33
N THR J 53 13.78 28.89 0.93
CA THR J 53 14.48 29.61 1.96
C THR J 53 14.92 31.02 1.54
N VAL J 54 15.70 31.10 0.47
CA VAL J 54 16.16 32.41 0.01
C VAL J 54 15.05 33.15 -0.70
N GLN J 55 14.25 32.45 -1.50
CA GLN J 55 13.14 33.06 -2.24
C GLN J 55 12.22 33.82 -1.29
N PHE J 56 11.92 33.20 -0.16
CA PHE J 56 11.05 33.83 0.82
C PHE J 56 11.70 35.04 1.45
N ALA J 57 12.94 34.87 1.91
CA ALA J 57 13.65 35.96 2.55
C ALA J 57 13.77 37.18 1.63
N GLU J 58 14.16 36.97 0.38
CA GLU J 58 14.31 38.09 -0.55
C GLU J 58 12.96 38.71 -0.84
N TYR J 59 11.92 37.90 -0.86
CA TYR J 59 10.57 38.42 -1.10
C TYR J 59 10.17 39.33 0.06
N ILE J 60 10.45 38.90 1.29
CA ILE J 60 10.11 39.73 2.45
C ILE J 60 10.93 41.02 2.43
N GLN J 61 12.22 40.89 2.10
CA GLN J 61 13.09 42.04 2.04
C GLN J 61 12.55 43.09 1.05
N ALA J 62 12.26 42.68 -0.17
CA ALA J 62 11.71 43.59 -1.17
C ALA J 62 10.51 44.34 -0.62
N ASN J 63 9.59 43.64 0.02
CA ASN J 63 8.40 44.29 0.56
C ASN J 63 8.69 45.32 1.65
N ILE J 64 9.57 45.00 2.59
CA ILE J 64 9.86 45.97 3.62
C ILE J 64 10.56 47.20 3.02
N GLN J 65 11.42 46.98 2.03
CA GLN J 65 12.10 48.11 1.38
C GLN J 65 11.09 49.01 0.68
N LEU J 66 10.15 48.39 -0.04
CA LEU J 66 9.12 49.16 -0.73
C LEU J 66 8.32 50.00 0.29
N TYR J 67 8.05 49.43 1.45
CA TYR J 67 7.30 50.15 2.48
C TYR J 67 8.10 51.36 2.96
N SER J 68 9.39 51.14 3.20
CA SER J 68 10.29 52.20 3.66
C SER J 68 10.29 53.38 2.69
N ILE J 69 10.37 53.10 1.40
CA ILE J 69 10.39 54.17 0.43
C ILE J 69 9.05 54.88 0.26
N ARG J 70 7.97 54.14 0.32
CA ARG J 70 6.67 54.76 0.15
C ARG J 70 6.37 55.68 1.33
N GLU J 71 6.69 55.23 2.52
CA GLU J 71 6.41 56.00 3.75
C GLU J 71 7.57 56.79 4.31
N ASP J 72 8.76 56.61 3.72
CA ASP J 72 9.96 57.29 4.22
C ASP J 72 9.98 57.10 5.74
N TYR J 73 9.85 55.85 6.15
CA TYR J 73 9.82 55.50 7.57
C TYR J 73 10.23 54.03 7.70
N GLU J 74 10.70 53.64 8.88
CA GLU J 74 11.11 52.27 9.12
C GLU J 74 10.14 51.60 10.08
N LEU J 75 9.43 50.58 9.62
CA LEU J 75 8.47 49.85 10.44
C LEU J 75 9.10 49.30 11.70
N SER J 76 8.34 49.26 12.79
CA SER J 76 8.88 48.72 14.02
C SER J 76 9.13 47.22 13.83
N PRO J 77 10.04 46.66 14.65
CA PRO J 77 10.33 45.23 14.53
C PRO J 77 9.04 44.42 14.75
N GLN J 78 8.18 44.90 15.63
CA GLN J 78 6.94 44.22 15.92
C GLN J 78 6.07 44.21 14.66
N ALA J 79 6.01 45.36 14.00
CA ALA J 79 5.21 45.47 12.79
C ALA J 79 5.77 44.55 11.71
N VAL J 80 7.09 44.55 11.55
CA VAL J 80 7.72 43.72 10.53
C VAL J 80 7.48 42.23 10.80
N SER J 81 7.56 41.83 12.05
CA SER J 81 7.36 40.41 12.36
C SER J 81 5.91 39.99 12.14
N SER J 82 4.96 40.89 12.41
CA SER J 82 3.55 40.57 12.20
C SER J 82 3.31 40.40 10.70
N PHE J 83 3.91 41.27 9.89
CA PHE J 83 3.75 41.18 8.47
C PHE J 83 4.26 39.82 8.00
N VAL J 84 5.44 39.44 8.49
CA VAL J 84 6.04 38.18 8.10
C VAL J 84 5.21 37.00 8.60
N ARG J 85 4.68 37.07 9.82
CA ARG J 85 3.85 35.95 10.32
C ARG J 85 2.68 35.73 9.40
N GLN J 86 1.96 36.81 9.07
CA GLN J 86 0.82 36.72 8.19
C GLN J 86 1.18 36.06 6.86
N GLU J 87 2.31 36.45 6.29
CA GLU J 87 2.73 35.86 5.03
C GLU J 87 2.83 34.34 5.15
N LEU J 88 3.47 33.87 6.21
CA LEU J 88 3.63 32.43 6.39
C LEU J 88 2.30 31.73 6.66
N ALA J 89 1.42 32.36 7.43
CA ALA J 89 0.13 31.76 7.72
C ALA J 89 -0.70 31.59 6.44
N LYS J 90 -0.46 32.43 5.42
CA LYS J 90 -1.17 32.32 4.14
C LYS J 90 -0.57 31.12 3.44
N SER J 91 0.76 31.13 3.38
CA SER J 91 1.53 30.07 2.74
C SER J 91 1.16 28.67 3.22
N ILE J 92 0.97 28.52 4.53
CA ILE J 92 0.65 27.22 5.09
C ILE J 92 -0.61 26.55 4.49
N ARG J 93 -1.59 27.35 4.09
CA ARG J 93 -2.80 26.78 3.52
C ARG J 93 -2.89 26.92 2.01
N SER J 94 -1.76 27.22 1.36
CA SER J 94 -1.71 27.38 -0.09
C SER J 94 -1.30 26.09 -0.80
N ARG J 95 -1.24 26.14 -2.12
CA ARG J 95 -0.90 24.97 -2.94
C ARG J 95 0.42 24.35 -2.55
N ARG J 96 1.48 25.15 -2.53
CA ARG J 96 2.80 24.66 -2.14
C ARG J 96 3.41 25.63 -1.14
N PRO J 97 3.21 25.39 0.16
CA PRO J 97 3.73 26.25 1.23
C PRO J 97 5.25 26.45 1.25
N TYR J 98 5.65 27.58 1.81
CA TYR J 98 7.05 27.93 1.97
C TYR J 98 7.50 27.16 3.21
N GLN J 99 8.48 26.29 3.07
CA GLN J 99 8.95 25.59 4.25
C GLN J 99 10.16 26.34 4.79
N VAL J 100 9.90 27.47 5.42
CA VAL J 100 10.95 28.31 5.96
C VAL J 100 10.69 28.76 7.39
N ASN J 101 11.72 28.69 8.23
CA ASN J 101 11.64 29.12 9.62
C ASN J 101 12.52 30.35 9.76
N VAL J 102 12.11 31.31 10.58
CA VAL J 102 12.91 32.51 10.69
C VAL J 102 13.04 33.09 12.09
N LEU J 103 14.09 33.88 12.27
CA LEU J 103 14.34 34.60 13.51
C LEU J 103 14.42 36.03 13.03
N ILE J 104 13.69 36.91 13.69
CA ILE J 104 13.76 38.30 13.29
C ILE J 104 14.30 39.10 14.48
N GLY J 105 15.45 39.71 14.26
CA GLY J 105 16.07 40.51 15.30
C GLY J 105 16.10 41.96 14.88
N GLY J 106 15.64 42.83 15.77
CA GLY J 106 15.63 44.23 15.43
C GLY J 106 15.73 45.14 16.64
N TYR J 107 16.19 46.36 16.40
CA TYR J 107 16.29 47.33 17.47
C TYR J 107 15.21 48.36 17.23
N ASP J 108 14.29 48.46 18.17
CA ASP J 108 13.19 49.40 18.07
C ASP J 108 13.66 50.79 18.49
N LYS J 109 13.92 51.66 17.51
CA LYS J 109 14.39 53.01 17.78
C LYS J 109 13.42 53.88 18.58
N LYS J 110 12.13 53.56 18.51
CA LYS J 110 11.14 54.34 19.25
C LYS J 110 11.08 53.93 20.72
N LYS J 111 11.16 52.63 21.00
CA LYS J 111 11.13 52.12 22.37
C LYS J 111 12.53 52.06 22.94
N ASN J 112 13.52 52.08 22.05
CA ASN J 112 14.92 51.99 22.42
C ASN J 112 15.18 50.70 23.20
N LYS J 113 14.81 49.59 22.56
CA LYS J 113 14.99 48.26 23.14
C LYS J 113 15.14 47.25 22.01
N PRO J 114 15.96 46.21 22.23
CA PRO J 114 16.14 45.21 21.17
C PRO J 114 15.00 44.20 21.24
N GLU J 115 14.70 43.54 20.13
CA GLU J 115 13.62 42.57 20.12
C GLU J 115 13.95 41.38 19.23
N LEU J 116 13.62 40.18 19.72
CA LEU J 116 13.85 38.94 19.00
C LEU J 116 12.54 38.19 18.80
N TYR J 117 12.28 37.81 17.55
CA TYR J 117 11.05 37.10 17.22
C TYR J 117 11.33 35.78 16.53
N GLN J 118 10.65 34.74 16.98
CA GLN J 118 10.79 33.42 16.39
C GLN J 118 9.50 33.10 15.67
N ILE J 119 9.59 32.70 14.40
CA ILE J 119 8.41 32.35 13.63
C ILE J 119 8.69 31.11 12.78
N ASP J 120 7.87 30.07 12.92
CA ASP J 120 8.07 28.86 12.11
C ASP J 120 7.24 28.95 10.82
N TYR J 121 7.44 28.00 9.92
CA TYR J 121 6.72 28.02 8.64
C TYR J 121 5.20 27.94 8.73
N LEU J 122 4.66 27.54 9.88
CA LEU J 122 3.21 27.47 10.04
C LEU J 122 2.64 28.86 10.34
N GLY J 123 3.52 29.80 10.64
CA GLY J 123 3.08 31.14 10.97
C GLY J 123 2.94 31.28 12.48
N THR J 124 3.70 30.47 13.22
CA THR J 124 3.67 30.50 14.68
C THR J 124 4.71 31.52 15.16
N LYS J 125 4.27 32.59 15.77
CA LYS J 125 5.20 33.61 16.24
C LYS J 125 5.19 33.74 17.75
N VAL J 126 6.35 34.09 18.30
CA VAL J 126 6.48 34.28 19.74
C VAL J 126 7.69 35.20 19.95
N GLU J 127 7.69 35.99 21.03
CA GLU J 127 8.83 36.87 21.30
C GLU J 127 9.65 36.22 22.42
N LEU J 128 10.97 36.26 22.30
CA LEU J 128 11.82 35.60 23.29
C LEU J 128 13.14 36.29 23.62
N PRO J 129 13.73 35.94 24.77
CA PRO J 129 15.00 36.49 25.23
C PRO J 129 16.03 35.82 24.31
N TYR J 130 15.72 34.59 23.92
CA TYR J 130 16.56 33.83 23.00
C TYR J 130 15.74 32.71 22.41
N GLY J 131 16.08 32.31 21.19
CA GLY J 131 15.37 31.24 20.53
C GLY J 131 16.18 30.58 19.44
N ALA J 132 15.63 29.52 18.86
CA ALA J 132 16.30 28.75 17.81
C ALA J 132 15.28 28.05 16.93
N HIS J 133 15.77 27.34 15.93
CA HIS J 133 14.92 26.57 15.04
C HIS J 133 15.56 25.22 14.79
N GLY J 134 14.73 24.19 14.65
CA GLY J 134 15.26 22.88 14.41
C GLY J 134 15.74 22.24 15.70
N TYR J 135 16.88 21.54 15.60
CA TYR J 135 17.44 20.85 16.74
C TYR J 135 18.30 21.74 17.64
N SER J 136 18.71 22.87 17.11
CA SER J 136 19.55 23.79 17.86
C SER J 136 19.04 24.02 19.29
N GLY J 137 17.76 24.30 19.42
CA GLY J 137 17.20 24.54 20.74
C GLY J 137 17.44 23.39 21.71
N PHE J 138 17.37 22.17 21.21
CA PHE J 138 17.56 20.96 22.00
C PHE J 138 18.90 20.88 22.73
N TYR J 139 19.93 21.51 22.16
CA TYR J 139 21.26 21.46 22.76
C TYR J 139 21.61 22.73 23.52
N THR J 140 21.12 23.86 23.02
CA THR J 140 21.45 25.15 23.62
C THR J 140 20.50 25.75 24.65
N PHE J 141 19.22 25.37 24.61
CA PHE J 141 18.28 25.94 25.58
C PHE J 141 18.59 25.69 27.04
N SER J 142 19.25 24.59 27.36
CA SER J 142 19.55 24.33 28.75
C SER J 142 20.67 25.27 29.20
N LEU J 143 21.58 25.59 28.29
CA LEU J 143 22.67 26.51 28.60
C LEU J 143 22.14 27.93 28.79
N LEU J 144 21.31 28.38 27.86
CA LEU J 144 20.74 29.72 27.93
C LEU J 144 19.83 29.85 29.15
N ASP J 145 19.00 28.84 29.39
CA ASP J 145 18.11 28.86 30.56
C ASP J 145 18.93 29.11 31.82
N HIS J 146 20.16 28.64 31.80
CA HIS J 146 21.06 28.77 32.93
C HIS J 146 21.78 30.11 33.03
N HIS J 147 22.63 30.39 32.04
CA HIS J 147 23.43 31.61 32.03
C HIS J 147 22.78 32.91 31.54
N TYR J 148 21.55 32.87 31.02
CA TYR J 148 20.96 34.10 30.52
C TYR J 148 20.54 35.12 31.58
N ARG J 149 20.86 36.38 31.31
CA ARG J 149 20.51 37.50 32.18
C ARG J 149 20.08 38.67 31.28
N PRO J 150 18.94 39.31 31.59
CA PRO J 150 18.38 40.44 30.83
C PRO J 150 19.32 41.64 30.65
N ASP J 151 20.25 41.81 31.59
CA ASP J 151 21.18 42.93 31.53
C ASP J 151 22.54 42.61 30.91
N MET J 152 22.68 41.43 30.32
CA MET J 152 23.94 41.05 29.68
C MET J 152 24.40 42.09 28.65
N THR J 153 25.70 42.21 28.50
CA THR J 153 26.23 43.16 27.53
C THR J 153 26.40 42.39 26.23
N THR J 154 26.53 43.12 25.13
CA THR J 154 26.72 42.46 23.85
C THR J 154 27.91 41.53 23.99
N GLU J 155 28.87 41.90 24.83
CA GLU J 155 30.05 41.08 25.02
C GLU J 155 29.76 39.79 25.78
N GLU J 156 28.93 39.89 26.82
CA GLU J 156 28.56 38.72 27.60
C GLU J 156 27.71 37.79 26.71
N GLY J 157 26.86 38.39 25.89
CA GLY J 157 26.02 37.61 25.00
C GLY J 157 26.87 36.84 24.01
N LEU J 158 27.84 37.50 23.38
CA LEU J 158 28.70 36.82 22.41
C LEU J 158 29.45 35.67 23.06
N ASP J 159 29.64 35.73 24.38
CA ASP J 159 30.35 34.68 25.07
C ASP J 159 29.42 33.51 25.35
N LEU J 160 28.15 33.84 25.65
CA LEU J 160 27.15 32.82 25.91
C LEU J 160 26.90 32.03 24.63
N LEU J 161 26.94 32.71 23.48
CA LEU J 161 26.75 32.06 22.19
C LEU J 161 27.89 31.11 21.95
N LYS J 162 29.10 31.64 22.07
CA LYS J 162 30.28 30.83 21.88
C LYS J 162 30.12 29.51 22.65
N LEU J 163 29.64 29.60 23.88
CA LEU J 163 29.43 28.43 24.69
C LEU J 163 28.43 27.51 23.98
N CYS J 164 27.32 28.09 23.54
CA CYS J 164 26.27 27.35 22.84
C CYS J 164 26.81 26.66 21.61
N VAL J 165 27.53 27.41 20.77
CA VAL J 165 28.10 26.87 19.55
C VAL J 165 29.09 25.74 19.84
N GLN J 166 29.76 25.80 20.98
CA GLN J 166 30.72 24.74 21.30
C GLN J 166 29.98 23.46 21.64
N GLU J 167 28.89 23.58 22.40
CA GLU J 167 28.09 22.41 22.77
C GLU J 167 27.53 21.79 21.48
N LEU J 168 27.17 22.63 20.53
CA LEU J 168 26.66 22.14 19.26
C LEU J 168 27.74 21.41 18.48
N GLU J 169 28.94 21.96 18.45
CA GLU J 169 30.01 21.30 17.72
C GLU J 169 30.42 19.99 18.38
N LYS J 170 30.16 19.85 19.66
CA LYS J 170 30.50 18.64 20.35
C LYS J 170 29.49 17.50 20.16
N ARG J 171 28.23 17.78 20.46
CA ARG J 171 27.15 16.79 20.39
C ARG J 171 26.37 16.61 19.08
N MET J 172 26.37 17.59 18.20
CA MET J 172 25.63 17.44 16.95
C MET J 172 26.40 16.62 15.93
N PRO J 173 25.72 15.66 15.29
CA PRO J 173 26.28 14.76 14.27
C PRO J 173 26.82 15.42 13.01
N MET J 174 26.17 16.50 12.59
CA MET J 174 26.55 17.18 11.37
C MET J 174 27.61 18.26 11.55
N ASP J 175 28.39 18.48 10.50
CA ASP J 175 29.41 19.51 10.53
C ASP J 175 28.79 20.71 9.83
N PHE J 176 28.40 21.72 10.61
CA PHE J 176 27.78 22.91 10.02
C PHE J 176 28.74 24.03 9.64
N LYS J 177 30.03 23.74 9.71
CA LYS J 177 31.10 24.67 9.35
C LYS J 177 31.09 26.01 10.09
N GLY J 178 30.78 25.98 11.38
CA GLY J 178 30.77 27.21 12.15
C GLY J 178 29.59 28.11 11.86
N VAL J 179 29.57 29.27 12.51
CA VAL J 179 28.50 30.23 12.32
C VAL J 179 28.97 31.64 11.97
N ILE J 180 28.07 32.42 11.41
CA ILE J 180 28.32 33.82 11.10
C ILE J 180 27.47 34.54 12.12
N VAL J 181 28.06 35.50 12.84
CA VAL J 181 27.33 36.22 13.86
C VAL J 181 27.08 37.66 13.46
N LYS J 182 25.94 38.21 13.89
CA LYS J 182 25.63 39.61 13.56
C LYS J 182 24.94 40.27 14.72
N ILE J 183 25.18 41.57 14.87
CA ILE J 183 24.59 42.33 15.96
C ILE J 183 23.65 43.39 15.44
N VAL J 184 22.53 43.56 16.13
CA VAL J 184 21.55 44.57 15.78
C VAL J 184 21.38 45.44 17.02
N ASP J 185 21.69 46.73 16.90
CA ASP J 185 21.55 47.64 18.02
C ASP J 185 21.12 49.01 17.53
N LYS J 186 21.07 49.98 18.45
CA LYS J 186 20.65 51.33 18.12
C LYS J 186 21.40 51.94 16.93
N ASP J 187 22.56 51.39 16.60
CA ASP J 187 23.34 51.94 15.49
C ASP J 187 23.21 51.18 14.19
N GLY J 188 22.48 50.07 14.20
CA GLY J 188 22.33 49.31 12.98
C GLY J 188 22.73 47.86 13.09
N ILE J 189 23.21 47.32 11.98
CA ILE J 189 23.62 45.93 11.90
C ILE J 189 25.08 45.80 11.50
N ARG J 190 25.86 45.05 12.28
CA ARG J 190 27.26 44.83 11.96
C ARG J 190 27.57 43.36 12.15
N GLN J 191 28.57 42.88 11.43
CA GLN J 191 28.97 41.49 11.51
C GLN J 191 30.27 41.23 12.26
N VAL J 192 30.19 40.39 13.29
CA VAL J 192 31.36 40.02 14.09
C VAL J 192 32.22 39.13 13.19
N ASP J 193 33.16 39.72 12.48
CA ASP J 193 34.02 38.97 11.57
C ASP J 193 35.07 38.12 12.30
N ASP J 194 35.01 38.11 13.63
CA ASP J 194 35.95 37.34 14.42
C ASP J 194 35.30 36.42 15.47
N PHE J 195 34.67 35.34 15.00
CA PHE J 195 34.04 34.38 15.90
C PHE J 195 34.63 33.00 15.60
N GLN J 196 35.48 32.96 14.56
CA GLN J 196 36.16 31.72 14.15
C GLN J 196 37.21 31.37 15.21
N ALA J 197 37.40 32.29 16.17
CA ALA J 197 38.35 32.13 17.26
C ALA J 197 38.30 33.37 18.15
N GLN J 198 37.11 33.64 18.71
CA GLN J 198 36.91 34.79 19.59
C GLN J 198 37.25 34.45 21.05
N THR K 1 27.77 11.15 -14.75
CA THR K 1 28.11 12.53 -15.19
C THR K 1 28.98 13.27 -14.21
N THR K 2 30.01 13.94 -14.74
CA THR K 2 30.89 14.73 -13.90
C THR K 2 31.13 16.08 -14.56
N THR K 3 30.91 17.15 -13.81
CA THR K 3 31.12 18.49 -14.33
C THR K 3 31.71 19.35 -13.23
N LEU K 4 32.65 20.22 -13.61
CA LEU K 4 33.26 21.11 -12.65
C LEU K 4 33.51 22.46 -13.28
N ALA K 5 33.75 23.44 -12.43
CA ALA K 5 34.03 24.78 -12.86
C ALA K 5 34.65 25.47 -11.67
N PHE K 6 35.80 26.09 -11.89
CA PHE K 6 36.44 26.80 -10.81
C PHE K 6 37.00 28.14 -11.30
N ARG K 7 37.03 29.07 -10.37
CA ARG K 7 37.49 30.43 -10.58
C ARG K 7 38.93 30.55 -10.17
N PHE K 8 39.71 31.29 -10.97
CA PHE K 8 41.13 31.51 -10.67
C PHE K 8 41.63 32.80 -11.32
N GLN K 9 42.89 33.11 -11.06
CA GLN K 9 43.54 34.29 -11.61
C GLN K 9 43.26 34.54 -13.12
N GLY K 10 43.34 33.49 -13.93
CA GLY K 10 43.14 33.66 -15.36
C GLY K 10 41.70 33.59 -15.86
N GLY K 11 40.75 33.60 -14.93
CA GLY K 11 39.35 33.51 -15.31
C GLY K 11 38.65 32.28 -14.76
N ILE K 12 38.03 31.51 -15.64
CA ILE K 12 37.32 30.32 -15.21
C ILE K 12 37.61 29.10 -16.06
N ILE K 13 37.73 27.94 -15.41
CA ILE K 13 37.95 26.69 -16.13
C ILE K 13 36.70 25.86 -15.98
N VAL K 14 36.22 25.32 -17.09
CA VAL K 14 35.03 24.49 -17.08
C VAL K 14 35.38 23.18 -17.78
N ALA K 15 35.22 22.07 -17.07
CA ALA K 15 35.52 20.75 -17.61
C ALA K 15 34.35 19.80 -17.34
N VAL K 16 34.00 19.00 -18.35
CA VAL K 16 32.90 18.06 -18.21
C VAL K 16 33.20 16.76 -18.94
N ASP K 17 32.50 15.68 -18.60
CA ASP K 17 32.71 14.40 -19.29
C ASP K 17 31.68 14.40 -20.40
N SER K 18 31.43 13.25 -21.02
CA SER K 18 30.44 13.26 -22.11
C SER K 18 29.67 11.96 -22.22
N ARG K 19 29.47 11.29 -21.09
CA ARG K 19 28.74 10.03 -21.12
C ARG K 19 27.26 10.18 -20.72
N ALA K 20 26.42 9.36 -21.35
CA ALA K 20 24.99 9.33 -21.07
C ALA K 20 24.60 7.86 -21.04
N THR K 21 23.91 7.48 -19.97
CA THR K 21 23.48 6.10 -19.79
C THR K 21 22.00 5.99 -19.44
N ALA K 22 21.36 4.94 -19.94
CA ALA K 22 19.96 4.65 -19.65
C ALA K 22 20.06 3.35 -18.83
N GLY K 23 20.17 3.50 -17.52
CA GLY K 23 20.32 2.34 -16.66
C GLY K 23 21.80 1.95 -16.68
N ASN K 24 22.10 0.75 -17.15
CA ASN K 24 23.48 0.30 -17.22
C ASN K 24 23.96 0.42 -18.66
N TRP K 25 23.02 0.77 -19.53
CA TRP K 25 23.31 0.92 -20.95
C TRP K 25 23.82 2.32 -21.26
N VAL K 26 24.98 2.36 -21.92
CA VAL K 26 25.61 3.62 -22.30
C VAL K 26 25.03 4.08 -23.64
N ALA K 27 24.18 5.09 -23.56
CA ALA K 27 23.50 5.64 -24.71
C ALA K 27 24.43 6.42 -25.63
N SER K 28 25.30 7.23 -25.03
CA SER K 28 26.22 8.03 -25.80
C SER K 28 27.49 8.38 -25.04
N GLN K 29 28.58 8.52 -25.77
CA GLN K 29 29.87 8.89 -25.19
C GLN K 29 30.28 10.25 -25.81
N THR K 30 29.37 10.81 -26.60
CA THR K 30 29.62 12.07 -27.30
C THR K 30 28.64 13.19 -26.98
N VAL K 31 28.22 13.28 -25.73
CA VAL K 31 27.25 14.31 -25.32
C VAL K 31 27.94 15.62 -24.99
N LYS K 32 27.34 16.74 -25.38
CA LYS K 32 27.90 18.04 -25.07
C LYS K 32 27.26 18.50 -23.75
N LYS K 33 28.00 18.40 -22.66
CA LYS K 33 27.46 18.80 -21.38
C LYS K 33 27.80 20.25 -21.05
N VAL K 34 28.27 20.98 -22.05
CA VAL K 34 28.56 22.39 -21.84
C VAL K 34 27.69 23.14 -22.81
N ILE K 35 26.64 23.77 -22.29
CA ILE K 35 25.75 24.54 -23.14
C ILE K 35 26.39 25.91 -23.37
N GLU K 36 26.53 26.28 -24.63
CA GLU K 36 27.10 27.58 -24.97
C GLU K 36 25.97 28.61 -24.99
N ILE K 37 25.66 29.15 -23.81
CA ILE K 37 24.59 30.16 -23.64
C ILE K 37 24.77 31.22 -24.71
N ASN K 38 25.98 31.75 -24.79
CA ASN K 38 26.38 32.75 -25.78
C ASN K 38 27.90 32.88 -25.65
N PRO K 39 28.54 33.63 -26.57
CA PRO K 39 30.00 33.81 -26.56
C PRO K 39 30.67 34.21 -25.24
N PHE K 40 29.90 34.65 -24.26
CA PHE K 40 30.50 35.06 -22.99
C PHE K 40 30.04 34.23 -21.80
N LEU K 41 28.96 33.48 -21.99
CA LEU K 41 28.41 32.66 -20.92
C LEU K 41 28.38 31.18 -21.23
N LEU K 42 28.66 30.37 -20.21
CA LEU K 42 28.66 28.92 -20.35
C LEU K 42 27.78 28.29 -19.26
N GLY K 43 27.17 27.15 -19.59
CA GLY K 43 26.34 26.46 -18.64
C GLY K 43 26.67 24.98 -18.71
N THR K 44 26.63 24.30 -17.56
CA THR K 44 26.92 22.86 -17.53
C THR K 44 25.63 22.04 -17.46
N MET K 45 25.70 20.81 -17.94
CA MET K 45 24.55 19.91 -17.96
C MET K 45 24.68 18.72 -16.99
N ALA K 46 23.82 18.69 -15.99
CA ALA K 46 23.78 17.59 -15.02
C ALA K 46 22.31 17.45 -14.63
N GLY K 47 21.86 16.20 -14.47
CA GLY K 47 20.47 15.96 -14.15
C GLY K 47 19.73 15.56 -15.41
N GLY K 48 18.71 16.33 -15.79
CA GLY K 48 17.96 15.99 -17.00
C GLY K 48 18.58 16.64 -18.22
N ALA K 49 19.01 15.82 -19.18
CA ALA K 49 19.63 16.34 -20.39
C ALA K 49 18.73 17.37 -21.06
N ALA K 50 17.51 16.95 -21.39
CA ALA K 50 16.55 17.84 -22.01
C ALA K 50 16.34 19.09 -21.15
N ASP K 51 16.09 18.91 -19.85
CA ASP K 51 15.86 20.04 -18.99
C ASP K 51 16.94 21.10 -19.06
N CYS K 52 18.20 20.67 -18.96
CA CYS K 52 19.32 21.60 -19.03
C CYS K 52 19.47 22.20 -20.44
N GLN K 53 19.54 21.32 -21.43
CA GLN K 53 19.71 21.75 -22.81
C GLN K 53 18.64 22.76 -23.19
N PHE K 54 17.40 22.46 -22.85
CA PHE K 54 16.27 23.31 -23.21
C PHE K 54 16.24 24.66 -22.49
N TRP K 55 16.26 24.62 -21.16
CA TRP K 55 16.19 25.86 -20.40
C TRP K 55 17.40 26.74 -20.48
N GLU K 56 18.56 26.15 -20.77
CA GLU K 56 19.76 26.96 -20.88
C GLU K 56 19.84 27.56 -22.27
N THR K 57 19.24 26.91 -23.26
CA THR K 57 19.21 27.49 -24.60
C THR K 57 18.25 28.68 -24.49
N TRP K 58 17.14 28.45 -23.80
CA TRP K 58 16.14 29.48 -23.57
C TRP K 58 16.83 30.63 -22.84
N LEU K 59 17.68 30.28 -21.87
CA LEU K 59 18.37 31.31 -21.09
C LEU K 59 19.11 32.23 -22.04
N GLY K 60 19.80 31.61 -23.01
CA GLY K 60 20.54 32.36 -24.00
C GLY K 60 19.65 33.37 -24.67
N SER K 61 18.45 32.95 -25.07
CA SER K 61 17.52 33.87 -25.70
C SER K 61 17.14 35.03 -24.79
N GLN K 62 16.96 34.75 -23.50
CA GLN K 62 16.57 35.80 -22.55
C GLN K 62 17.70 36.80 -22.36
N CYS K 63 18.94 36.30 -22.40
CA CYS K 63 20.11 37.16 -22.24
C CYS K 63 20.28 38.06 -23.45
N ARG K 64 20.03 37.51 -24.63
CA ARG K 64 20.13 38.31 -25.84
C ARG K 64 19.10 39.44 -25.81
N LEU K 65 17.90 39.12 -25.33
CA LEU K 65 16.82 40.11 -25.22
C LEU K 65 17.17 41.22 -24.25
N HIS K 66 17.90 40.86 -23.19
CA HIS K 66 18.33 41.82 -22.18
C HIS K 66 19.25 42.85 -22.83
N GLU K 67 20.25 42.33 -23.54
CA GLU K 67 21.23 43.16 -24.20
C GLU K 67 20.67 44.07 -25.28
N LEU K 68 19.60 43.65 -25.94
CA LEU K 68 19.01 44.50 -26.96
C LEU K 68 18.27 45.62 -26.24
N ARG K 69 17.68 45.28 -25.10
CA ARG K 69 16.91 46.25 -24.33
C ARG K 69 17.77 47.26 -23.58
N GLU K 70 18.73 46.75 -22.82
CA GLU K 70 19.61 47.58 -22.00
C GLU K 70 20.91 47.97 -22.67
N LYS K 71 21.06 47.64 -23.95
CA LYS K 71 22.27 47.97 -24.68
C LYS K 71 23.50 47.81 -23.79
N GLU K 72 23.59 46.65 -23.14
CA GLU K 72 24.68 46.35 -22.24
C GLU K 72 24.71 44.87 -21.88
N ARG K 73 25.88 44.27 -21.99
CA ARG K 73 26.08 42.85 -21.66
C ARG K 73 25.45 42.50 -20.30
N ILE K 74 24.73 41.38 -20.25
CA ILE K 74 24.09 40.98 -19.00
C ILE K 74 25.08 40.43 -17.98
N SER K 75 24.83 40.69 -16.70
CA SER K 75 25.73 40.20 -15.66
C SER K 75 25.47 38.73 -15.38
N VAL K 76 26.48 38.04 -14.87
CA VAL K 76 26.34 36.64 -14.53
C VAL K 76 25.32 36.49 -13.41
N ALA K 77 25.29 37.48 -12.51
CA ALA K 77 24.34 37.42 -11.42
C ALA K 77 22.91 37.36 -11.96
N ALA K 78 22.59 38.26 -12.88
CA ALA K 78 21.26 38.31 -13.44
C ALA K 78 20.93 37.15 -14.39
N ALA K 79 21.90 36.71 -15.18
CA ALA K 79 21.65 35.62 -16.10
C ALA K 79 21.28 34.37 -15.29
N SER K 80 22.07 34.12 -14.25
CA SER K 80 21.85 32.97 -13.39
C SER K 80 20.52 33.06 -12.67
N LYS K 81 20.15 34.26 -12.22
CA LYS K 81 18.89 34.42 -11.50
C LYS K 81 17.67 34.26 -12.41
N ILE K 82 17.83 34.50 -13.70
CA ILE K 82 16.72 34.33 -14.61
C ILE K 82 16.42 32.84 -14.67
N LEU K 83 17.48 32.05 -14.84
CA LEU K 83 17.33 30.60 -14.90
C LEU K 83 16.80 30.08 -13.57
N SER K 84 17.35 30.61 -12.49
CA SER K 84 16.96 30.19 -11.15
C SER K 84 15.48 30.47 -10.86
N ASN K 85 15.03 31.67 -11.21
CA ASN K 85 13.63 32.05 -10.97
C ASN K 85 12.65 31.23 -11.81
N LEU K 86 13.04 30.90 -13.04
CA LEU K 86 12.20 30.10 -13.93
C LEU K 86 12.04 28.70 -13.31
N VAL K 87 13.18 28.08 -13.05
CA VAL K 87 13.21 26.75 -12.46
C VAL K 87 12.35 26.71 -11.18
N TYR K 88 12.46 27.73 -10.36
CA TYR K 88 11.70 27.77 -9.12
C TYR K 88 10.19 27.79 -9.37
N GLN K 89 9.76 28.37 -10.48
CA GLN K 89 8.33 28.41 -10.80
C GLN K 89 7.81 26.98 -10.99
N TYR K 90 8.70 26.08 -11.42
CA TYR K 90 8.33 24.68 -11.68
C TYR K 90 8.59 23.75 -10.50
N LYS K 91 9.04 24.30 -9.38
CA LYS K 91 9.33 23.47 -8.20
C LYS K 91 8.23 22.46 -7.89
N GLY K 92 8.63 21.19 -7.78
CA GLY K 92 7.68 20.13 -7.50
C GLY K 92 7.16 19.43 -8.75
N ALA K 93 7.33 20.03 -9.93
CA ALA K 93 6.83 19.43 -11.15
C ALA K 93 7.73 18.31 -11.68
N GLY K 94 8.93 18.19 -11.15
CA GLY K 94 9.80 17.12 -11.63
C GLY K 94 11.01 17.49 -12.48
N LEU K 95 11.26 18.79 -12.71
CA LEU K 95 12.43 19.18 -13.49
C LEU K 95 13.64 18.65 -12.75
N SER K 96 14.69 18.33 -13.48
CA SER K 96 15.90 17.82 -12.85
C SER K 96 17.15 18.45 -13.44
N MET K 97 17.81 19.29 -12.67
CA MET K 97 19.03 19.91 -13.15
C MET K 97 19.96 20.50 -12.09
N GLY K 98 21.25 20.27 -12.32
CA GLY K 98 22.30 20.78 -11.47
C GLY K 98 23.17 21.51 -12.47
N THR K 99 23.35 22.81 -12.33
CA THR K 99 24.12 23.51 -13.33
C THR K 99 25.02 24.63 -12.83
N MET K 100 26.08 24.89 -13.59
CA MET K 100 27.02 25.97 -13.27
C MET K 100 26.85 27.04 -14.33
N ILE K 101 26.54 28.26 -13.91
CA ILE K 101 26.42 29.36 -14.87
C ILE K 101 27.71 30.16 -14.69
N CYS K 102 28.53 30.14 -15.74
CA CYS K 102 29.84 30.78 -15.72
C CYS K 102 30.04 31.94 -16.68
N GLY K 103 30.58 33.01 -16.13
CA GLY K 103 30.82 34.20 -16.93
C GLY K 103 31.90 35.07 -16.36
N TYR K 104 32.34 36.03 -17.17
CA TYR K 104 33.39 36.95 -16.78
C TYR K 104 32.98 38.32 -17.26
N THR K 105 32.49 39.15 -16.35
CA THR K 105 32.10 40.50 -16.74
C THR K 105 33.03 41.49 -16.10
N ARG K 106 33.17 42.65 -16.74
CA ARG K 106 34.03 43.70 -16.26
C ARG K 106 33.64 44.07 -14.83
N LYS K 107 32.34 44.25 -14.63
CA LYS K 107 31.81 44.64 -13.33
C LYS K 107 31.93 43.59 -12.24
N GLU K 108 31.88 42.30 -12.62
CA GLU K 108 31.94 41.21 -11.65
C GLU K 108 33.24 40.44 -11.59
N GLY K 109 33.94 40.34 -12.72
CA GLY K 109 35.17 39.57 -12.76
C GLY K 109 34.74 38.15 -13.03
N PRO K 110 35.60 37.15 -12.78
CA PRO K 110 35.15 35.77 -13.06
C PRO K 110 34.06 35.40 -12.04
N THR K 111 32.95 34.85 -12.53
CA THR K 111 31.88 34.47 -11.63
C THR K 111 31.21 33.15 -11.98
N ILE K 112 30.93 32.36 -10.94
CA ILE K 112 30.27 31.07 -11.10
C ILE K 112 29.07 30.95 -10.16
N TYR K 113 27.93 30.57 -10.72
CA TYR K 113 26.72 30.39 -9.93
C TYR K 113 26.23 28.96 -10.08
N TYR K 114 26.05 28.29 -8.95
CA TYR K 114 25.51 26.94 -8.97
C TYR K 114 23.99 27.12 -8.90
N VAL K 115 23.27 26.45 -9.80
CA VAL K 115 21.82 26.52 -9.86
C VAL K 115 21.18 25.15 -10.07
N ASP K 116 20.34 24.69 -9.16
CA ASP K 116 19.69 23.41 -9.34
C ASP K 116 18.17 23.56 -9.36
N SER K 117 17.48 22.50 -9.76
CA SER K 117 16.03 22.49 -9.84
C SER K 117 15.28 22.65 -8.52
N ASP K 118 15.98 22.57 -7.39
CA ASP K 118 15.35 22.76 -6.09
C ASP K 118 15.09 24.26 -5.89
N GLY K 119 15.80 25.07 -6.68
CA GLY K 119 15.67 26.51 -6.58
C GLY K 119 16.90 27.15 -5.96
N THR K 120 17.89 26.33 -5.63
CA THR K 120 19.12 26.81 -5.02
C THR K 120 19.98 27.57 -6.02
N ARG K 121 20.52 28.69 -5.57
CA ARG K 121 21.40 29.54 -6.39
C ARG K 121 22.54 29.93 -5.45
N LEU K 122 23.76 29.50 -5.78
CA LEU K 122 24.93 29.79 -4.95
C LEU K 122 26.12 30.30 -5.73
N LYS K 123 26.71 31.38 -5.23
CA LYS K 123 27.89 31.94 -5.85
C LYS K 123 29.07 31.22 -5.20
N GLY K 124 30.08 30.87 -5.98
CA GLY K 124 31.22 30.18 -5.41
C GLY K 124 32.44 30.13 -6.29
N ASP K 125 33.52 29.59 -5.74
CA ASP K 125 34.79 29.49 -6.46
C ASP K 125 35.00 28.13 -7.11
N ILE K 126 34.59 27.06 -6.43
CA ILE K 126 34.74 25.70 -6.96
C ILE K 126 33.44 24.91 -6.85
N PHE K 127 33.00 24.31 -7.95
CA PHE K 127 31.77 23.52 -7.93
C PHE K 127 31.89 22.25 -8.78
N CYS K 128 31.44 21.14 -8.24
CA CYS K 128 31.44 19.87 -8.97
C CYS K 128 30.03 19.34 -8.87
N VAL K 129 29.46 18.96 -10.01
CA VAL K 129 28.11 18.43 -10.01
C VAL K 129 28.04 17.17 -10.83
N GLY K 130 27.31 16.18 -10.31
CA GLY K 130 27.16 14.92 -11.03
C GLY K 130 27.46 13.69 -10.20
N SER K 131 27.16 12.52 -10.76
CA SER K 131 27.41 11.27 -10.06
C SER K 131 28.90 11.08 -9.76
N GLY K 132 29.76 11.76 -10.52
CA GLY K 132 31.19 11.65 -10.30
C GLY K 132 31.79 12.82 -9.53
N GLN K 133 30.96 13.70 -9.03
CA GLN K 133 31.46 14.87 -8.32
C GLN K 133 32.51 14.64 -7.23
N THR K 134 32.20 13.80 -6.25
CA THR K 134 33.14 13.54 -5.17
C THR K 134 34.54 13.14 -5.65
N PHE K 135 34.63 12.48 -6.80
CA PHE K 135 35.94 12.08 -7.31
C PHE K 135 36.70 13.31 -7.78
N ALA K 136 36.02 14.18 -8.52
CA ALA K 136 36.65 15.39 -9.02
C ALA K 136 37.00 16.34 -7.87
N TYR K 137 36.14 16.45 -6.87
CA TYR K 137 36.42 17.32 -5.73
C TYR K 137 37.73 16.92 -5.06
N GLY K 138 38.00 15.62 -5.00
CA GLY K 138 39.23 15.16 -4.38
C GLY K 138 40.46 15.75 -5.05
N VAL K 139 40.55 15.57 -6.37
CA VAL K 139 41.65 16.09 -7.18
C VAL K 139 41.73 17.61 -7.07
N LEU K 140 40.63 18.30 -7.35
CA LEU K 140 40.57 19.76 -7.31
C LEU K 140 41.01 20.34 -5.96
N ASP K 141 40.39 19.89 -4.88
CA ASP K 141 40.69 20.39 -3.55
C ASP K 141 42.16 20.38 -3.13
N SER K 142 42.91 19.38 -3.58
CA SER K 142 44.32 19.29 -3.19
C SER K 142 45.32 19.97 -4.12
N ASN K 143 44.88 20.41 -5.29
CA ASN K 143 45.79 21.05 -6.23
C ASN K 143 45.35 22.46 -6.61
N TYR K 144 44.24 22.92 -6.05
CA TYR K 144 43.76 24.24 -6.41
C TYR K 144 44.49 25.38 -5.70
N LYS K 145 44.86 26.38 -6.49
CA LYS K 145 45.54 27.59 -6.04
C LYS K 145 44.93 28.72 -6.87
N TRP K 146 44.75 29.90 -6.29
CA TRP K 146 44.18 31.00 -7.05
C TRP K 146 45.16 31.46 -8.15
N ASP K 147 46.43 31.16 -7.94
CA ASP K 147 47.48 31.56 -8.88
C ASP K 147 47.89 30.54 -9.91
N LEU K 148 47.00 29.62 -10.25
CA LEU K 148 47.33 28.62 -11.25
C LEU K 148 47.42 29.32 -12.60
N SER K 149 48.32 28.85 -13.47
CA SER K 149 48.45 29.46 -14.78
C SER K 149 47.35 28.89 -15.66
N VAL K 150 46.87 29.69 -16.61
CA VAL K 150 45.82 29.22 -17.52
C VAL K 150 46.11 27.81 -18.02
N GLU K 151 47.38 27.54 -18.36
CA GLU K 151 47.78 26.23 -18.87
C GLU K 151 47.68 25.13 -17.80
N ASP K 152 48.06 25.47 -16.56
CA ASP K 152 48.00 24.52 -15.45
C ASP K 152 46.59 24.30 -14.93
N ALA K 153 45.78 25.36 -14.90
CA ALA K 153 44.41 25.25 -14.45
C ALA K 153 43.69 24.33 -15.42
N LEU K 154 43.86 24.58 -16.72
CA LEU K 154 43.22 23.75 -17.74
C LEU K 154 43.52 22.29 -17.50
N TYR K 155 44.76 21.98 -17.13
CA TYR K 155 45.14 20.60 -16.89
C TYR K 155 44.46 20.04 -15.63
N LEU K 156 44.46 20.80 -14.54
CA LEU K 156 43.84 20.36 -13.29
C LEU K 156 42.39 19.94 -13.53
N GLY K 157 41.69 20.73 -14.33
CA GLY K 157 40.31 20.41 -14.63
C GLY K 157 40.27 19.11 -15.42
N LYS K 158 40.99 19.07 -16.52
CA LYS K 158 41.04 17.87 -17.34
C LYS K 158 41.38 16.65 -16.50
N ARG K 159 42.31 16.82 -15.57
CA ARG K 159 42.74 15.73 -14.72
C ARG K 159 41.67 15.32 -13.71
N SER K 160 40.93 16.29 -13.20
CA SER K 160 39.87 16.00 -12.23
C SER K 160 38.73 15.20 -12.88
N ILE K 161 38.40 15.52 -14.13
CA ILE K 161 37.37 14.78 -14.82
C ILE K 161 37.88 13.36 -15.01
N LEU K 162 39.14 13.23 -15.43
CA LEU K 162 39.73 11.91 -15.62
C LEU K 162 39.62 11.07 -14.34
N ALA K 163 39.85 11.69 -13.19
CA ALA K 163 39.74 10.96 -11.93
C ALA K 163 38.34 10.36 -11.79
N ALA K 164 37.34 11.17 -12.12
CA ALA K 164 35.95 10.74 -12.02
C ALA K 164 35.57 9.71 -13.09
N ALA K 165 35.96 9.94 -14.33
CA ALA K 165 35.62 9.02 -15.42
C ALA K 165 36.14 7.62 -15.15
N HIS K 166 37.23 7.53 -14.40
CA HIS K 166 37.85 6.27 -14.07
C HIS K 166 37.10 5.49 -12.98
N ARG K 167 36.72 6.18 -11.90
CA ARG K 167 35.99 5.54 -10.81
C ARG K 167 34.48 5.44 -11.01
N ASP K 168 33.85 6.51 -11.50
CA ASP K 168 32.41 6.53 -11.71
C ASP K 168 31.98 5.80 -12.97
N ALA K 169 31.18 4.76 -12.80
CA ALA K 169 30.68 3.97 -13.91
C ALA K 169 29.83 4.82 -14.84
N TYR K 170 29.24 5.88 -14.29
CA TYR K 170 28.37 6.74 -15.08
C TYR K 170 29.03 7.96 -15.70
N SER K 171 30.36 8.01 -15.65
CA SER K 171 31.13 9.10 -16.22
C SER K 171 32.19 8.50 -17.12
N GLY K 172 32.51 9.22 -18.19
CA GLY K 172 33.51 8.74 -19.11
C GLY K 172 33.34 9.30 -20.51
N GLY K 173 33.89 8.58 -21.49
CA GLY K 173 33.81 9.01 -22.88
C GLY K 173 34.95 9.94 -23.27
N SER K 174 34.78 11.23 -23.02
CA SER K 174 35.79 12.20 -23.36
C SER K 174 35.62 13.44 -22.50
N VAL K 175 36.68 14.24 -22.42
CA VAL K 175 36.64 15.46 -21.63
C VAL K 175 36.55 16.67 -22.56
N ASN K 176 35.75 17.65 -22.18
CA ASN K 176 35.61 18.88 -22.95
C ASN K 176 36.06 20.01 -22.05
N LEU K 177 37.00 20.80 -22.55
CA LEU K 177 37.58 21.90 -21.79
C LEU K 177 37.22 23.27 -22.30
N TYR K 178 37.13 24.20 -21.36
CA TYR K 178 36.81 25.58 -21.69
C TYR K 178 37.55 26.54 -20.79
N HIS K 179 37.94 27.68 -21.36
CA HIS K 179 38.58 28.71 -20.60
C HIS K 179 37.70 29.92 -20.80
N VAL K 180 37.31 30.54 -19.69
CA VAL K 180 36.44 31.71 -19.74
C VAL K 180 37.20 32.95 -19.35
N THR K 181 37.27 33.88 -20.30
CA THR K 181 37.96 35.16 -20.14
C THR K 181 36.92 36.25 -20.36
N GLU K 182 37.21 37.46 -19.88
CA GLU K 182 36.29 38.58 -20.05
C GLU K 182 35.94 38.81 -21.53
N ASP K 183 36.82 38.39 -22.43
CA ASP K 183 36.58 38.56 -23.86
C ASP K 183 35.74 37.43 -24.43
N GLY K 184 35.38 36.48 -23.56
CA GLY K 184 34.59 35.34 -23.99
C GLY K 184 35.28 34.06 -23.59
N TRP K 185 34.66 32.93 -23.91
CA TRP K 185 35.24 31.64 -23.59
C TRP K 185 36.00 31.08 -24.78
N ILE K 186 37.04 30.31 -24.50
CA ILE K 186 37.80 29.68 -25.58
C ILE K 186 37.74 28.19 -25.37
N TYR K 187 37.22 27.50 -26.38
CA TYR K 187 37.13 26.04 -26.31
C TYR K 187 38.54 25.49 -26.36
N HIS K 188 38.81 24.49 -25.52
CA HIS K 188 40.13 23.88 -25.47
C HIS K 188 40.11 22.39 -25.78
N GLY K 189 39.25 22.03 -26.74
CA GLY K 189 39.17 20.66 -27.21
C GLY K 189 38.51 19.52 -26.47
N ASN K 190 38.29 18.46 -27.23
CA ASN K 190 37.66 17.24 -26.76
C ASN K 190 38.74 16.17 -26.60
N HIS K 191 38.92 15.68 -25.39
CA HIS K 191 39.93 14.67 -25.12
C HIS K 191 39.37 13.31 -24.75
N ASP K 192 39.46 12.36 -25.67
CA ASP K 192 38.97 11.00 -25.40
C ASP K 192 39.62 10.45 -24.15
N VAL K 193 38.80 10.04 -23.19
CA VAL K 193 39.28 9.49 -21.93
C VAL K 193 40.10 8.22 -22.16
N GLY K 194 39.70 7.45 -23.16
CA GLY K 194 40.42 6.24 -23.47
C GLY K 194 41.90 6.52 -23.61
N GLU K 195 42.26 7.36 -24.57
CA GLU K 195 43.66 7.72 -24.79
C GLU K 195 44.23 8.59 -23.66
N LEU K 196 43.46 9.57 -23.23
CA LEU K 196 43.94 10.46 -22.17
C LEU K 196 44.44 9.71 -20.93
N PHE K 197 43.76 8.63 -20.55
CA PHE K 197 44.13 7.84 -19.36
C PHE K 197 45.53 7.24 -19.44
N TRP K 198 45.82 6.54 -20.53
CA TRP K 198 47.12 5.92 -20.69
C TRP K 198 48.21 6.99 -20.70
N LYS K 199 47.97 8.05 -21.47
CA LYS K 199 48.92 9.16 -21.55
C LYS K 199 49.22 9.69 -20.15
N VAL K 200 48.19 10.17 -19.47
CA VAL K 200 48.35 10.72 -18.13
C VAL K 200 49.06 9.73 -17.21
N LYS K 201 48.73 8.46 -17.33
CA LYS K 201 49.33 7.47 -16.45
C LYS K 201 50.86 7.44 -16.60
N GLU K 202 51.30 7.34 -17.85
CA GLU K 202 52.73 7.30 -18.16
C GLU K 202 53.44 8.58 -17.73
N GLU K 203 53.01 9.71 -18.28
CA GLU K 203 53.62 11.00 -17.98
C GLU K 203 53.51 11.45 -16.54
N GLU K 204 52.59 10.87 -15.78
CA GLU K 204 52.36 11.28 -14.41
C GLU K 204 52.74 10.23 -13.36
N GLY K 205 52.65 8.95 -13.74
CA GLY K 205 53.00 7.88 -12.83
C GLY K 205 51.89 7.53 -11.85
N SER K 206 50.74 8.14 -12.05
CA SER K 206 49.56 7.90 -11.22
C SER K 206 48.81 6.69 -11.79
N PHE K 207 47.71 6.33 -11.13
CA PHE K 207 46.89 5.18 -11.54
C PHE K 207 47.82 3.99 -11.55
N ASN K 208 48.68 3.94 -10.55
CA ASN K 208 49.64 2.86 -10.46
C ASN K 208 48.95 1.51 -10.41
N ASN K 209 47.80 1.46 -9.72
CA ASN K 209 47.02 0.23 -9.58
C ASN K 209 46.71 -0.45 -10.91
N VAL K 210 46.34 0.33 -11.92
CA VAL K 210 46.01 -0.21 -13.24
C VAL K 210 47.24 -0.74 -14.00
N ILE K 211 47.10 -1.90 -14.63
CA ILE K 211 48.18 -2.52 -15.41
C ILE K 211 48.11 -2.02 -16.85
N GLY K 212 49.23 -1.53 -17.36
CA GLY K 212 49.23 -1.03 -18.72
C GLY K 212 50.57 -1.16 -19.43
N GLN L 1 -6.49 0.30 -13.51
CA GLN L 1 -6.61 1.73 -13.90
C GLN L 1 -6.06 1.95 -15.33
N PHE L 2 -6.55 2.96 -16.03
CA PHE L 2 -6.13 3.24 -17.40
C PHE L 2 -4.68 3.69 -17.59
N ASN L 3 -3.98 3.00 -18.46
CA ASN L 3 -2.60 3.32 -18.78
C ASN L 3 -2.57 3.86 -20.21
N PRO L 4 -2.22 5.14 -20.36
CA PRO L 4 -2.15 5.84 -21.65
C PRO L 4 -1.05 5.39 -22.59
N TYR L 5 -0.09 4.62 -22.10
CA TYR L 5 1.02 4.16 -22.92
C TYR L 5 1.01 2.69 -23.32
N GLY L 6 1.74 2.39 -24.38
CA GLY L 6 1.87 1.03 -24.88
C GLY L 6 3.21 0.94 -25.57
N ASP L 7 3.64 -0.25 -25.96
CA ASP L 7 4.93 -0.45 -26.62
C ASP L 7 4.76 -1.32 -27.85
N ASN L 8 5.03 -0.75 -29.03
CA ASN L 8 4.86 -1.49 -30.27
C ASN L 8 6.14 -2.08 -30.86
N GLY L 9 7.17 -2.19 -30.02
CA GLY L 9 8.43 -2.77 -30.44
C GLY L 9 9.11 -1.98 -31.55
N GLY L 10 9.74 -2.69 -32.48
CA GLY L 10 10.40 -2.01 -33.57
C GLY L 10 11.78 -1.51 -33.21
N THR L 11 12.64 -1.41 -34.21
CA THR L 11 14.01 -0.93 -34.04
C THR L 11 14.37 -0.09 -35.25
N ILE L 12 14.99 1.07 -35.02
CA ILE L 12 15.37 1.93 -36.13
C ILE L 12 16.86 2.23 -36.10
N LEU L 13 17.41 2.59 -37.26
CA LEU L 13 18.84 2.86 -37.38
C LEU L 13 19.16 4.00 -38.34
N GLY L 14 20.05 4.90 -37.92
CA GLY L 14 20.43 6.02 -38.78
C GLY L 14 21.93 6.17 -38.95
N ILE L 15 22.38 6.21 -40.20
CA ILE L 15 23.80 6.37 -40.49
C ILE L 15 24.02 7.49 -41.50
N ALA L 16 24.92 8.39 -41.15
CA ALA L 16 25.25 9.52 -42.01
C ALA L 16 26.53 9.27 -42.78
N GLY L 17 26.41 9.21 -44.11
CA GLY L 17 27.59 9.03 -44.95
C GLY L 17 28.24 10.38 -45.15
N GLU L 18 29.10 10.49 -46.15
CA GLU L 18 29.77 11.76 -46.40
C GLU L 18 28.84 12.73 -47.15
N ASP L 19 28.11 12.22 -48.12
CA ASP L 19 27.22 13.04 -48.91
C ASP L 19 25.85 12.36 -49.05
N PHE L 20 25.54 11.51 -48.08
CA PHE L 20 24.28 10.80 -48.04
C PHE L 20 24.00 10.44 -46.58
N ALA L 21 22.79 9.96 -46.32
CA ALA L 21 22.41 9.55 -44.98
C ALA L 21 21.30 8.53 -45.18
N VAL L 22 21.22 7.57 -44.26
CA VAL L 22 20.18 6.56 -44.35
C VAL L 22 19.47 6.40 -43.01
N LEU L 23 18.18 6.08 -43.06
CA LEU L 23 17.41 5.87 -41.85
C LEU L 23 16.59 4.61 -42.12
N ALA L 24 16.88 3.54 -41.40
CA ALA L 24 16.18 2.29 -41.60
C ALA L 24 15.44 1.84 -40.37
N GLY L 25 14.41 1.03 -40.60
CA GLY L 25 13.63 0.50 -39.51
C GLY L 25 12.98 -0.79 -39.96
N ASP L 26 12.71 -1.70 -39.04
CA ASP L 26 12.06 -2.95 -39.44
C ASP L 26 10.61 -2.57 -39.65
N THR L 27 9.82 -3.44 -40.27
CA THR L 27 8.44 -3.11 -40.51
C THR L 27 7.43 -3.88 -39.66
N ARG L 28 7.89 -4.48 -38.57
CA ARG L 28 7.00 -5.24 -37.72
C ARG L 28 6.45 -4.37 -36.59
N ASN L 29 5.15 -4.51 -36.35
CA ASN L 29 4.45 -3.77 -35.30
C ASN L 29 3.84 -4.79 -34.35
N ILE L 30 4.13 -4.69 -33.07
CA ILE L 30 3.62 -5.67 -32.12
C ILE L 30 2.92 -5.11 -30.88
N THR L 31 2.29 -6.02 -30.15
CA THR L 31 1.63 -5.73 -28.88
C THR L 31 1.85 -6.99 -28.07
N ASP L 32 2.60 -6.87 -26.98
CA ASP L 32 2.89 -8.02 -26.15
C ASP L 32 3.56 -9.10 -27.00
N TYR L 33 2.93 -10.26 -27.11
CA TYR L 33 3.48 -11.36 -27.89
C TYR L 33 2.81 -11.59 -29.23
N SER L 34 1.96 -10.64 -29.63
CA SER L 34 1.27 -10.75 -30.91
C SER L 34 1.83 -9.80 -31.95
N ILE L 35 1.67 -10.19 -33.21
CA ILE L 35 2.11 -9.36 -34.31
C ILE L 35 0.87 -8.65 -34.83
N ASN L 36 0.94 -7.32 -34.93
CA ASN L 36 -0.20 -6.54 -35.41
C ASN L 36 -0.14 -6.39 -36.93
N SER L 37 1.08 -6.29 -37.45
CA SER L 37 1.31 -6.15 -38.88
C SER L 37 2.76 -6.51 -39.15
N ARG L 38 2.99 -7.13 -40.31
CA ARG L 38 4.33 -7.52 -40.72
C ARG L 38 4.91 -6.41 -41.58
N TYR L 39 4.05 -5.50 -42.02
CA TYR L 39 4.49 -4.38 -42.83
C TYR L 39 3.74 -3.09 -42.54
N GLU L 40 4.26 -2.33 -41.58
CA GLU L 40 3.67 -1.04 -41.19
C GLU L 40 4.84 -0.06 -41.12
N PRO L 41 5.09 0.67 -42.22
CA PRO L 41 6.17 1.65 -42.32
C PRO L 41 6.31 2.51 -41.08
N LYS L 42 7.55 2.74 -40.67
CA LYS L 42 7.84 3.49 -39.48
C LYS L 42 8.83 4.65 -39.73
N VAL L 43 9.38 4.70 -40.95
CA VAL L 43 10.30 5.76 -41.35
C VAL L 43 9.60 6.55 -42.46
N PHE L 44 9.47 7.87 -42.30
CA PHE L 44 8.77 8.69 -43.29
C PHE L 44 9.54 9.84 -43.95
N ASP L 45 9.16 10.12 -45.19
CA ASP L 45 9.72 11.22 -45.95
C ASP L 45 8.82 12.41 -45.57
N CYS L 46 9.39 13.42 -44.91
CA CYS L 46 8.62 14.56 -44.46
C CYS L 46 8.72 15.80 -45.33
N GLY L 47 9.38 15.68 -46.48
CA GLY L 47 9.54 16.84 -47.34
C GLY L 47 10.88 17.50 -47.08
N ASP L 48 11.26 18.45 -47.94
CA ASP L 48 12.53 19.17 -47.79
C ASP L 48 13.74 18.29 -47.58
N ASN L 49 13.68 17.06 -48.09
CA ASN L 49 14.78 16.10 -47.99
C ASN L 49 15.11 15.72 -46.56
N ILE L 50 14.06 15.49 -45.76
CA ILE L 50 14.23 15.09 -44.37
C ILE L 50 13.44 13.81 -44.12
N VAL L 51 14.11 12.80 -43.55
CA VAL L 51 13.43 11.55 -43.23
C VAL L 51 13.40 11.46 -41.71
N MET L 52 12.31 10.92 -41.19
CA MET L 52 12.12 10.82 -39.75
C MET L 52 11.42 9.56 -39.27
N SER L 53 11.73 9.19 -38.03
CA SER L 53 11.12 8.03 -37.42
C SER L 53 11.04 8.24 -35.91
N ALA L 54 9.87 7.96 -35.34
CA ALA L 54 9.64 8.11 -33.90
C ALA L 54 9.25 6.74 -33.38
N ASN L 55 10.24 5.98 -32.94
CA ASN L 55 10.01 4.63 -32.46
C ASN L 55 9.65 4.49 -30.98
N GLY L 56 8.80 3.52 -30.66
CA GLY L 56 8.39 3.27 -29.28
C GLY L 56 6.91 3.00 -29.19
N PHE L 57 6.15 3.96 -28.69
CA PHE L 57 4.71 3.81 -28.58
C PHE L 57 4.16 4.40 -29.88
N ALA L 58 3.75 3.53 -30.80
CA ALA L 58 3.23 3.93 -32.11
C ALA L 58 2.24 5.11 -32.15
N ALA L 59 1.30 5.16 -31.23
CA ALA L 59 0.35 6.27 -31.24
C ALA L 59 1.07 7.60 -31.07
N ASP L 60 2.03 7.66 -30.14
CA ASP L 60 2.78 8.89 -29.90
C ASP L 60 3.71 9.14 -31.09
N GLY L 61 4.27 8.06 -31.64
CA GLY L 61 5.15 8.19 -32.78
C GLY L 61 4.44 8.80 -33.98
N ASP L 62 3.22 8.35 -34.22
CA ASP L 62 2.43 8.87 -35.33
C ASP L 62 2.04 10.33 -35.12
N ALA L 63 1.66 10.67 -33.89
CA ALA L 63 1.27 12.03 -33.59
C ALA L 63 2.44 12.98 -33.84
N LEU L 64 3.62 12.57 -33.40
CA LEU L 64 4.80 13.40 -33.57
C LEU L 64 5.10 13.63 -35.05
N VAL L 65 5.33 12.55 -35.79
CA VAL L 65 5.63 12.67 -37.22
C VAL L 65 4.58 13.52 -37.96
N LYS L 66 3.32 13.32 -37.64
CA LYS L 66 2.23 14.07 -38.26
C LYS L 66 2.34 15.55 -37.90
N ARG L 67 2.67 15.83 -36.64
CA ARG L 67 2.81 17.20 -36.16
C ARG L 67 4.01 17.86 -36.82
N PHE L 68 5.12 17.13 -36.94
CA PHE L 68 6.31 17.69 -37.58
C PHE L 68 6.09 18.00 -39.06
N LYS L 69 5.46 17.06 -39.77
CA LYS L 69 5.19 17.27 -41.19
C LYS L 69 4.40 18.54 -41.36
N ASN L 70 3.40 18.71 -40.52
CA ASN L 70 2.55 19.88 -40.60
C ASN L 70 3.41 21.11 -40.33
N SER L 71 4.37 20.95 -39.42
CA SER L 71 5.27 22.03 -39.06
C SER L 71 6.06 22.51 -40.28
N VAL L 72 6.48 21.57 -41.13
CA VAL L 72 7.22 21.88 -42.35
C VAL L 72 6.32 22.69 -43.29
N LYS L 73 5.08 22.24 -43.42
CA LYS L 73 4.08 22.90 -44.26
C LYS L 73 3.93 24.37 -43.86
N TRP L 74 3.73 24.62 -42.58
CA TRP L 74 3.57 25.99 -42.14
C TRP L 74 4.86 26.77 -42.22
N TYR L 75 5.99 26.07 -42.16
CA TYR L 75 7.26 26.77 -42.27
C TYR L 75 7.27 27.46 -43.63
N HIS L 76 6.88 26.71 -44.67
CA HIS L 76 6.83 27.26 -46.01
C HIS L 76 5.83 28.42 -46.07
N PHE L 77 4.65 28.23 -45.50
CA PHE L 77 3.65 29.30 -45.50
C PHE L 77 4.17 30.59 -44.85
N ASP L 78 4.81 30.45 -43.70
CA ASP L 78 5.31 31.60 -42.97
C ASP L 78 6.66 32.17 -43.37
N HIS L 79 7.43 31.44 -44.18
CA HIS L 79 8.74 31.98 -44.55
C HIS L 79 9.09 31.86 -46.01
N ASN L 80 8.15 32.30 -46.85
CA ASN L 80 8.33 32.30 -48.29
C ASN L 80 8.94 31.02 -48.83
N ASP L 81 8.26 29.91 -48.60
CA ASP L 81 8.74 28.62 -49.08
C ASP L 81 10.19 28.27 -48.81
N LYS L 82 10.79 28.90 -47.80
CA LYS L 82 12.18 28.60 -47.48
C LYS L 82 12.32 27.13 -47.10
N LYS L 83 13.39 26.50 -47.58
CA LYS L 83 13.62 25.11 -47.27
C LYS L 83 14.01 24.99 -45.81
N LEU L 84 13.44 24.00 -45.12
CA LEU L 84 13.75 23.77 -43.71
C LEU L 84 15.03 22.97 -43.60
N SER L 85 16.10 23.61 -43.14
CA SER L 85 17.37 22.93 -42.99
C SER L 85 17.22 21.90 -41.89
N ILE L 86 17.90 20.77 -42.06
CA ILE L 86 17.79 19.69 -41.06
C ILE L 86 18.15 20.12 -39.63
N ASN L 87 19.09 21.06 -39.49
CA ASN L 87 19.47 21.53 -38.17
C ASN L 87 18.30 22.33 -37.59
N SER L 88 17.60 23.06 -38.45
CA SER L 88 16.47 23.85 -38.03
C SER L 88 15.32 22.93 -37.66
N ALA L 89 15.14 21.87 -38.45
CA ALA L 89 14.08 20.92 -38.20
C ALA L 89 14.31 20.28 -36.83
N ALA L 90 15.58 19.96 -36.56
CA ALA L 90 15.94 19.35 -35.27
C ALA L 90 15.56 20.24 -34.09
N ARG L 91 15.87 21.52 -34.17
CA ARG L 91 15.54 22.44 -33.08
C ARG L 91 14.01 22.49 -32.93
N ASN L 92 13.32 22.43 -34.06
CA ASN L 92 11.88 22.45 -34.06
C ASN L 92 11.34 21.22 -33.29
N ILE L 93 11.87 20.04 -33.62
CA ILE L 93 11.46 18.80 -32.98
C ILE L 93 11.66 18.90 -31.47
N GLN L 94 12.75 19.55 -31.04
CA GLN L 94 13.00 19.67 -29.61
C GLN L 94 11.84 20.38 -28.95
N HIS L 95 11.37 21.47 -29.53
CA HIS L 95 10.26 22.19 -28.94
C HIS L 95 8.97 21.40 -28.96
N LEU L 96 8.79 20.58 -29.99
CA LEU L 96 7.59 19.75 -30.08
C LEU L 96 7.59 18.76 -28.93
N LEU L 97 8.73 18.10 -28.70
CA LEU L 97 8.83 17.12 -27.63
C LEU L 97 8.76 17.75 -26.25
N TYR L 98 9.57 18.75 -26.00
CA TYR L 98 9.58 19.37 -24.68
C TYR L 98 8.23 20.02 -24.37
N GLY L 99 7.44 20.21 -25.42
CA GLY L 99 6.11 20.79 -25.21
C GLY L 99 5.28 19.88 -24.35
N LYS L 100 5.57 18.58 -24.39
CA LYS L 100 4.86 17.60 -23.60
C LYS L 100 5.78 17.03 -22.50
N ARG L 101 6.62 17.90 -21.96
CA ARG L 101 7.57 17.51 -20.92
C ARG L 101 6.93 16.79 -19.74
N PHE L 102 5.67 17.10 -19.46
CA PHE L 102 4.99 16.46 -18.33
C PHE L 102 3.89 15.46 -18.70
N PHE L 103 4.06 14.82 -19.86
CA PHE L 103 3.17 13.80 -20.41
C PHE L 103 3.79 13.57 -21.78
N PRO L 104 5.04 13.08 -21.78
CA PRO L 104 5.89 12.78 -22.92
C PRO L 104 5.37 11.90 -24.02
N TYR L 105 5.93 12.12 -25.20
CA TYR L 105 5.64 11.30 -26.36
C TYR L 105 6.59 10.16 -26.04
N TYR L 106 6.05 8.99 -25.77
CA TYR L 106 6.87 7.85 -25.40
C TYR L 106 7.60 7.27 -26.62
N VAL L 107 8.48 8.08 -27.21
CA VAL L 107 9.23 7.65 -28.39
C VAL L 107 10.66 8.16 -28.41
N HIS L 108 11.51 7.43 -29.11
CA HIS L 108 12.92 7.80 -29.32
C HIS L 108 12.91 8.15 -30.80
N THR L 109 13.10 9.42 -31.11
CA THR L 109 13.04 9.82 -32.49
C THR L 109 14.38 10.16 -33.16
N ILE L 110 14.48 9.81 -34.43
CA ILE L 110 15.68 10.07 -35.22
C ILE L 110 15.31 10.65 -36.60
N ILE L 111 16.08 11.63 -37.05
CA ILE L 111 15.84 12.21 -38.37
C ILE L 111 17.15 12.18 -39.14
N ALA L 112 17.04 12.14 -40.47
CA ALA L 112 18.22 12.10 -41.32
C ALA L 112 18.07 12.95 -42.58
N GLY L 113 19.21 13.43 -43.07
CA GLY L 113 19.22 14.25 -44.27
C GLY L 113 20.61 14.75 -44.58
N LEU L 114 20.70 15.91 -45.22
CA LEU L 114 21.99 16.50 -45.55
C LEU L 114 22.02 17.85 -44.88
N ASP L 115 23.17 18.23 -44.31
CA ASP L 115 23.23 19.54 -43.69
C ASP L 115 23.38 20.60 -44.79
N GLU L 116 23.63 21.84 -44.41
CA GLU L 116 23.74 22.90 -45.40
C GLU L 116 24.97 22.87 -46.32
N ASP L 117 25.91 21.95 -46.06
CA ASP L 117 27.10 21.85 -46.90
C ASP L 117 27.03 20.60 -47.75
N GLY L 118 25.87 19.95 -47.74
CA GLY L 118 25.68 18.73 -48.52
C GLY L 118 26.16 17.48 -47.80
N LYS L 119 26.74 17.63 -46.61
CA LYS L 119 27.23 16.49 -45.85
C LYS L 119 26.09 15.69 -45.22
N GLY L 120 26.28 14.38 -45.08
CA GLY L 120 25.27 13.52 -44.48
C GLY L 120 25.04 13.89 -43.03
N ALA L 121 23.79 13.86 -42.58
CA ALA L 121 23.48 14.24 -41.20
C ALA L 121 22.40 13.40 -40.51
N VAL L 122 22.65 13.12 -39.24
CA VAL L 122 21.71 12.37 -38.42
C VAL L 122 21.58 13.04 -37.06
N TYR L 123 20.34 13.16 -36.59
CA TYR L 123 20.02 13.75 -35.28
C TYR L 123 19.13 12.76 -34.54
N SER L 124 19.39 12.55 -33.26
CA SER L 124 18.57 11.63 -32.49
C SER L 124 18.04 12.38 -31.26
N PHE L 125 16.78 12.12 -30.93
CA PHE L 125 16.13 12.78 -29.80
C PHE L 125 15.76 11.90 -28.62
N ASP L 126 15.57 12.60 -27.53
CA ASP L 126 15.19 12.10 -26.21
C ASP L 126 13.67 12.10 -26.19
N PRO L 127 13.04 11.28 -25.35
CA PRO L 127 11.59 11.33 -25.35
C PRO L 127 11.08 12.73 -24.99
N VAL L 128 11.88 13.50 -24.25
CA VAL L 128 11.46 14.84 -23.88
C VAL L 128 12.17 16.00 -24.58
N GLY L 129 12.88 15.71 -25.66
CA GLY L 129 13.50 16.79 -26.40
C GLY L 129 15.01 16.97 -26.41
N SER L 130 15.73 16.16 -25.66
CA SER L 130 17.18 16.28 -25.67
C SER L 130 17.66 15.76 -27.03
N TYR L 131 18.58 16.48 -27.67
CA TYR L 131 19.08 16.03 -28.98
C TYR L 131 20.54 16.36 -29.26
N GLU L 132 21.14 15.60 -30.17
CA GLU L 132 22.56 15.73 -30.54
C GLU L 132 22.73 15.30 -31.99
N ARG L 133 23.64 15.93 -32.73
CA ARG L 133 23.87 15.47 -34.09
C ARG L 133 24.78 14.27 -33.92
N GLU L 134 24.64 13.28 -34.79
CA GLU L 134 25.46 12.09 -34.67
C GLU L 134 25.86 11.41 -35.97
N GLN L 135 26.84 10.51 -35.87
CA GLN L 135 27.34 9.76 -37.02
C GLN L 135 26.34 8.67 -37.36
N CYS L 136 26.06 7.83 -36.36
CA CYS L 136 25.09 6.76 -36.52
C CYS L 136 24.43 6.53 -35.19
N ARG L 137 23.16 6.13 -35.22
CA ARG L 137 22.39 5.91 -34.00
C ARG L 137 21.28 4.91 -34.19
N ALA L 138 21.28 3.88 -33.35
CA ALA L 138 20.24 2.86 -33.38
C ALA L 138 19.25 3.23 -32.29
N GLY L 139 17.98 2.95 -32.51
CA GLY L 139 16.98 3.27 -31.51
C GLY L 139 15.92 2.20 -31.43
N GLY L 140 15.38 2.00 -30.25
CA GLY L 140 14.33 1.01 -30.10
C GLY L 140 14.75 -0.26 -29.39
N ALA L 141 13.90 -1.27 -29.53
CA ALA L 141 14.11 -2.55 -28.89
C ALA L 141 15.51 -3.14 -28.99
N ALA L 142 16.01 -3.27 -30.21
CA ALA L 142 17.34 -3.87 -30.41
C ALA L 142 18.52 -2.90 -30.44
N ALA L 143 18.30 -1.67 -30.03
CA ALA L 143 19.38 -0.68 -30.03
C ALA L 143 20.64 -1.16 -29.33
N SER L 144 20.50 -1.87 -28.22
CA SER L 144 21.67 -2.35 -27.48
C SER L 144 22.40 -3.49 -28.20
N LEU L 145 21.75 -4.10 -29.18
CA LEU L 145 22.40 -5.17 -29.93
C LEU L 145 23.15 -4.59 -31.13
N ILE L 146 22.61 -3.52 -31.70
CA ILE L 146 23.19 -2.88 -32.88
C ILE L 146 24.34 -1.91 -32.61
N MET L 147 24.18 -0.99 -31.67
CA MET L 147 25.22 -0.01 -31.40
C MET L 147 26.63 -0.56 -31.22
N PRO L 148 26.80 -1.54 -30.32
CA PRO L 148 28.15 -2.07 -30.13
C PRO L 148 28.79 -2.43 -31.47
N PHE L 149 28.00 -3.05 -32.33
CA PHE L 149 28.46 -3.47 -33.65
C PHE L 149 28.92 -2.27 -34.47
N LEU L 150 28.07 -1.26 -34.56
CA LEU L 150 28.39 -0.05 -35.31
C LEU L 150 29.65 0.64 -34.80
N ASP L 151 29.79 0.78 -33.48
CA ASP L 151 30.99 1.42 -32.96
C ASP L 151 32.23 0.72 -33.49
N ASN L 152 32.11 -0.59 -33.70
CA ASN L 152 33.23 -1.38 -34.16
C ASN L 152 33.44 -1.34 -35.67
N GLN L 153 32.36 -1.50 -36.43
CA GLN L 153 32.47 -1.54 -37.88
C GLN L 153 32.36 -0.21 -38.61
N VAL L 154 31.79 0.80 -37.95
CA VAL L 154 31.65 2.11 -38.57
C VAL L 154 32.70 3.10 -38.10
N ASN L 155 32.98 3.11 -36.81
CA ASN L 155 33.98 4.02 -36.27
C ASN L 155 35.26 3.28 -35.88
N PHE L 156 35.40 2.05 -36.36
CA PHE L 156 36.57 1.21 -36.09
C PHE L 156 37.11 1.21 -34.67
N LYS L 157 36.23 1.22 -33.67
CA LYS L 157 36.66 1.22 -32.27
C LYS L 157 37.36 -0.08 -31.86
N ASN L 158 38.33 0.04 -30.97
CA ASN L 158 39.09 -1.11 -30.49
C ASN L 158 39.91 -1.82 -31.54
N GLN L 159 39.86 -1.33 -32.77
CA GLN L 159 40.63 -1.91 -33.86
C GLN L 159 41.91 -1.10 -34.07
N TYR L 160 43.02 -1.81 -34.28
CA TYR L 160 44.32 -1.17 -34.48
C TYR L 160 45.09 -1.69 -35.70
N GLU L 161 46.21 -1.04 -36.00
CA GLU L 161 47.07 -1.43 -37.13
C GLU L 161 47.84 -2.71 -36.82
N PRO L 162 47.57 -3.78 -37.57
CA PRO L 162 48.26 -5.05 -37.34
C PRO L 162 49.76 -4.87 -37.33
N GLY L 163 50.38 -5.08 -36.17
CA GLY L 163 51.81 -4.93 -36.08
C GLY L 163 52.27 -3.72 -35.28
N THR L 164 51.39 -2.73 -35.13
CA THR L 164 51.75 -1.52 -34.38
C THR L 164 51.62 -1.71 -32.88
N ASN L 165 51.25 -2.91 -32.46
CA ASN L 165 51.09 -3.21 -31.04
C ASN L 165 50.03 -2.27 -30.45
N GLY L 166 48.90 -2.18 -31.13
CA GLY L 166 47.84 -1.30 -30.67
C GLY L 166 48.31 0.12 -30.43
N LYS L 167 49.44 0.50 -31.01
CA LYS L 167 49.97 1.85 -30.85
C LYS L 167 49.39 2.77 -31.90
N VAL L 168 48.98 2.19 -33.03
CA VAL L 168 48.41 2.94 -34.14
C VAL L 168 46.96 2.50 -34.40
N LYS L 169 46.02 3.42 -34.26
CA LYS L 169 44.60 3.13 -34.48
C LYS L 169 44.28 2.96 -35.96
N LYS L 170 43.35 2.05 -36.26
CA LYS L 170 42.94 1.84 -37.63
C LYS L 170 42.33 3.15 -38.11
N PRO L 171 42.75 3.62 -39.30
CA PRO L 171 42.27 4.86 -39.91
C PRO L 171 40.77 4.89 -40.22
N LEU L 172 40.15 6.05 -39.96
CA LEU L 172 38.72 6.25 -40.16
C LEU L 172 38.26 6.51 -41.60
N LYS L 173 38.64 5.64 -42.54
CA LYS L 173 38.22 5.83 -43.93
C LYS L 173 36.70 5.79 -43.94
N TYR L 174 36.05 6.71 -44.64
CA TYR L 174 34.59 6.66 -44.63
C TYR L 174 33.91 5.83 -45.70
N LEU L 175 32.82 5.20 -45.28
CA LEU L 175 32.02 4.30 -46.08
C LEU L 175 31.14 4.88 -47.17
N SER L 176 30.88 4.05 -48.17
CA SER L 176 30.02 4.41 -49.28
C SER L 176 28.60 4.00 -48.91
N VAL L 177 27.64 4.39 -49.75
CA VAL L 177 26.26 4.04 -49.48
C VAL L 177 26.06 2.53 -49.60
N GLU L 178 26.86 1.89 -50.45
CA GLU L 178 26.75 0.44 -50.63
C GLU L 178 27.30 -0.30 -49.42
N GLU L 179 28.43 0.17 -48.91
CA GLU L 179 29.05 -0.48 -47.76
C GLU L 179 28.19 -0.21 -46.52
N VAL L 180 27.61 0.98 -46.45
CA VAL L 180 26.74 1.30 -45.32
C VAL L 180 25.56 0.34 -45.28
N ILE L 181 24.83 0.24 -46.39
CA ILE L 181 23.67 -0.65 -46.46
C ILE L 181 23.98 -2.10 -46.07
N LYS L 182 25.17 -2.59 -46.38
CA LYS L 182 25.55 -3.95 -46.01
C LYS L 182 25.49 -4.04 -44.51
N LEU L 183 26.10 -3.06 -43.84
CA LEU L 183 26.12 -3.01 -42.38
C LEU L 183 24.70 -2.93 -41.81
N VAL L 184 23.85 -2.10 -42.40
CA VAL L 184 22.49 -1.99 -41.94
C VAL L 184 21.83 -3.37 -42.00
N ARG L 185 21.85 -3.99 -43.18
CA ARG L 185 21.26 -5.31 -43.35
C ARG L 185 21.78 -6.32 -42.34
N ASP L 186 23.09 -6.39 -42.19
CA ASP L 186 23.67 -7.33 -41.25
C ASP L 186 23.27 -7.00 -39.82
N SER L 187 23.11 -5.71 -39.52
CA SER L 187 22.70 -5.31 -38.18
C SER L 187 21.30 -5.85 -37.89
N PHE L 188 20.40 -5.70 -38.84
CA PHE L 188 19.03 -6.17 -38.66
C PHE L 188 18.86 -7.67 -38.70
N THR L 189 19.63 -8.38 -39.54
CA THR L 189 19.48 -9.83 -39.57
C THR L 189 19.97 -10.38 -38.23
N SER L 190 21.01 -9.77 -37.70
CA SER L 190 21.54 -10.20 -36.41
C SER L 190 20.50 -9.90 -35.34
N ALA L 191 20.02 -8.67 -35.29
CA ALA L 191 19.02 -8.31 -34.31
C ALA L 191 17.82 -9.25 -34.38
N THR L 192 17.42 -9.60 -35.60
CA THR L 192 16.28 -10.50 -35.79
C THR L 192 16.47 -11.88 -35.15
N GLU L 193 17.71 -12.34 -35.11
CA GLU L 193 18.03 -13.65 -34.54
C GLU L 193 17.90 -13.70 -33.00
N ARG L 194 18.20 -12.58 -32.34
CA ARG L 194 18.15 -12.60 -30.88
C ARG L 194 17.09 -11.78 -30.18
N HIS L 195 16.37 -10.93 -30.93
CA HIS L 195 15.32 -10.14 -30.29
C HIS L 195 13.99 -10.50 -30.92
N ILE L 196 13.06 -10.97 -30.10
CA ILE L 196 11.75 -11.40 -30.58
C ILE L 196 10.84 -10.35 -31.16
N GLN L 197 11.18 -9.08 -30.98
CA GLN L 197 10.32 -8.02 -31.52
C GLN L 197 10.78 -7.55 -32.90
N VAL L 198 12.02 -7.88 -33.25
CA VAL L 198 12.58 -7.48 -34.54
C VAL L 198 12.45 -8.57 -35.60
N GLY L 199 11.92 -8.21 -36.77
CA GLY L 199 11.74 -9.16 -37.85
C GLY L 199 10.77 -8.73 -38.95
N ASP L 200 10.35 -9.70 -39.75
CA ASP L 200 9.42 -9.48 -40.87
C ASP L 200 9.97 -8.75 -42.09
N GLY L 201 10.41 -7.51 -41.91
CA GLY L 201 10.93 -6.76 -43.04
C GLY L 201 11.74 -5.55 -42.66
N LEU L 202 12.64 -5.15 -43.54
CA LEU L 202 13.51 -4.01 -43.35
C LEU L 202 13.29 -3.00 -44.48
N GLU L 203 13.05 -1.75 -44.12
CA GLU L 203 12.83 -0.72 -45.12
C GLU L 203 13.84 0.38 -44.86
N ILE L 204 14.56 0.78 -45.91
CA ILE L 204 15.57 1.81 -45.77
C ILE L 204 15.31 3.00 -46.68
N LEU L 205 15.47 4.20 -46.14
CA LEU L 205 15.31 5.40 -46.94
C LEU L 205 16.69 6.03 -47.09
N ILE L 206 17.11 6.28 -48.32
CA ILE L 206 18.41 6.88 -48.57
C ILE L 206 18.25 8.34 -49.02
N VAL L 207 19.01 9.23 -48.41
CA VAL L 207 18.93 10.65 -48.73
C VAL L 207 20.23 11.21 -49.34
N THR L 208 20.12 11.71 -50.56
CA THR L 208 21.24 12.30 -51.27
C THR L 208 20.76 13.62 -51.86
N LYS L 209 21.65 14.35 -52.52
CA LYS L 209 21.27 15.62 -53.11
C LYS L 209 20.25 15.42 -54.21
N ASP L 210 19.97 14.17 -54.57
CA ASP L 210 19.00 13.91 -55.61
C ASP L 210 17.63 13.57 -55.05
N GLY L 211 17.50 13.61 -53.73
CA GLY L 211 16.22 13.30 -53.13
C GLY L 211 16.20 12.11 -52.21
N VAL L 212 15.04 11.48 -52.09
CA VAL L 212 14.86 10.34 -51.21
C VAL L 212 14.49 9.07 -51.95
N ARG L 213 15.30 8.02 -51.76
CA ARG L 213 15.07 6.72 -52.39
C ARG L 213 14.75 5.67 -51.31
N LYS L 214 14.06 4.60 -51.69
CA LYS L 214 13.70 3.52 -50.75
C LYS L 214 14.13 2.12 -51.18
N GLU L 215 14.46 1.29 -50.19
CA GLU L 215 14.85 -0.09 -50.45
C GLU L 215 14.19 -0.99 -49.39
N PHE L 216 13.87 -2.21 -49.78
CA PHE L 216 13.23 -3.15 -48.87
C PHE L 216 13.88 -4.52 -48.89
N TYR L 217 13.90 -5.17 -47.73
CA TYR L 217 14.47 -6.51 -47.62
C TYR L 217 13.66 -7.28 -46.60
N GLU L 218 13.43 -8.55 -46.86
CA GLU L 218 12.65 -9.36 -45.93
C GLU L 218 13.51 -9.80 -44.73
N LEU L 219 12.85 -10.05 -43.61
CA LEU L 219 13.50 -10.52 -42.40
C LEU L 219 12.72 -11.76 -41.95
N LYS L 220 13.34 -12.60 -41.11
CA LYS L 220 12.64 -13.80 -40.66
C LYS L 220 11.34 -13.41 -39.94
N ARG L 221 10.30 -14.23 -40.12
CA ARG L 221 8.98 -13.95 -39.55
C ARG L 221 8.59 -14.69 -38.28
N ASP L 222 9.51 -15.43 -37.67
CA ASP L 222 9.18 -16.17 -36.47
C ASP L 222 9.27 -15.31 -35.19
N THR M 1 -10.65 8.45 -17.05
CA THR M 1 -10.29 7.03 -16.84
C THR M 1 -11.51 6.29 -16.35
N GLN M 2 -11.78 5.15 -16.98
CA GLN M 2 -12.96 4.38 -16.65
C GLN M 2 -12.65 2.90 -16.64
N GLN M 3 -13.69 2.08 -16.82
CA GLN M 3 -13.57 0.64 -16.86
C GLN M 3 -14.76 0.14 -17.64
N PRO M 4 -14.53 -0.73 -18.62
CA PRO M 4 -15.63 -1.26 -19.43
C PRO M 4 -16.67 -2.01 -18.58
N ILE M 5 -17.93 -2.00 -19.01
CA ILE M 5 -18.99 -2.70 -18.28
C ILE M 5 -19.64 -3.74 -19.21
N VAL M 6 -20.44 -3.29 -20.16
CA VAL M 6 -21.07 -4.21 -21.10
C VAL M 6 -20.10 -4.29 -22.27
N THR M 7 -19.61 -5.48 -22.57
CA THR M 7 -18.63 -5.60 -23.65
C THR M 7 -18.90 -6.54 -24.81
N GLY M 8 -18.26 -6.23 -25.92
CA GLY M 8 -18.39 -7.05 -27.11
C GLY M 8 -17.01 -7.64 -27.38
N THR M 9 -16.97 -8.90 -27.77
CA THR M 9 -15.69 -9.54 -28.01
C THR M 9 -15.15 -9.31 -29.43
N SER M 10 -14.35 -10.25 -29.92
CA SER M 10 -13.69 -10.18 -31.23
C SER M 10 -14.39 -9.62 -32.45
N VAL M 11 -13.58 -9.00 -33.31
CA VAL M 11 -14.00 -8.46 -34.58
C VAL M 11 -12.90 -8.91 -35.53
N ILE M 12 -13.21 -9.79 -36.47
CA ILE M 12 -12.19 -10.28 -37.40
C ILE M 12 -12.45 -9.78 -38.82
N SER M 13 -11.39 -9.70 -39.60
CA SER M 13 -11.51 -9.19 -40.96
C SER M 13 -10.30 -9.51 -41.81
N MET M 14 -10.48 -9.47 -43.12
CA MET M 14 -9.40 -9.72 -44.06
C MET M 14 -9.80 -9.12 -45.39
N LYS M 15 -8.85 -9.01 -46.30
CA LYS M 15 -9.18 -8.45 -47.59
C LYS M 15 -8.83 -9.46 -48.68
N TYR M 16 -9.69 -9.54 -49.70
CA TYR M 16 -9.46 -10.45 -50.83
C TYR M 16 -9.23 -9.59 -52.07
N ASP M 17 -9.19 -10.23 -53.23
CA ASP M 17 -8.91 -9.52 -54.48
C ASP M 17 -9.84 -8.37 -54.88
N ASN M 18 -11.12 -8.46 -54.55
CA ASN M 18 -12.07 -7.43 -54.96
C ASN M 18 -12.71 -6.61 -53.84
N GLY M 19 -12.38 -6.95 -52.60
CA GLY M 19 -12.97 -6.21 -51.50
C GLY M 19 -12.43 -6.61 -50.14
N VAL M 20 -13.30 -6.53 -49.14
CA VAL M 20 -12.93 -6.86 -47.78
C VAL M 20 -14.11 -7.52 -47.07
N ILE M 21 -13.80 -8.40 -46.12
CA ILE M 21 -14.83 -9.06 -45.36
C ILE M 21 -14.58 -8.75 -43.88
N ILE M 22 -15.66 -8.63 -43.12
CA ILE M 22 -15.58 -8.34 -41.71
C ILE M 22 -16.78 -8.96 -40.99
N ALA M 23 -16.53 -9.51 -39.79
CA ALA M 23 -17.57 -10.15 -39.00
C ALA M 23 -17.38 -9.94 -37.49
N ALA M 24 -18.47 -10.10 -36.74
CA ALA M 24 -18.48 -9.93 -35.28
C ALA M 24 -19.72 -10.59 -34.72
N ASP M 25 -19.58 -11.35 -33.63
CA ASP M 25 -20.75 -12.02 -33.07
C ASP M 25 -21.73 -10.99 -32.52
N ASN M 26 -22.91 -11.45 -32.10
CA ASN M 26 -23.94 -10.54 -31.61
C ASN M 26 -24.12 -10.49 -30.09
N LEU M 27 -23.05 -10.80 -29.38
CA LEU M 27 -23.12 -10.83 -27.92
C LEU M 27 -22.68 -9.54 -27.20
N GLY M 28 -23.37 -9.26 -26.09
CA GLY M 28 -23.08 -8.10 -25.27
C GLY M 28 -22.89 -8.64 -23.86
N SER M 29 -21.66 -8.96 -23.49
CA SER M 29 -21.39 -9.51 -22.16
C SER M 29 -21.38 -8.48 -21.04
N TYR M 30 -21.54 -8.97 -19.82
CA TYR M 30 -21.53 -8.13 -18.62
C TYR M 30 -20.70 -8.94 -17.65
N GLY M 31 -19.39 -8.93 -17.86
CA GLY M 31 -18.52 -9.71 -17.03
C GLY M 31 -18.65 -11.12 -17.59
N SER M 32 -18.96 -12.10 -16.75
CA SER M 32 -19.10 -13.46 -17.22
C SER M 32 -20.55 -13.78 -17.58
N LEU M 33 -21.46 -12.84 -17.34
CA LEU M 33 -22.86 -13.04 -17.68
C LEU M 33 -23.09 -12.64 -19.13
N LEU M 34 -23.56 -13.59 -19.95
CA LEU M 34 -23.83 -13.33 -21.36
C LEU M 34 -25.19 -12.64 -21.44
N ARG M 35 -25.23 -11.38 -21.01
CA ARG M 35 -26.46 -10.60 -20.91
C ARG M 35 -27.29 -10.26 -22.14
N PHE M 36 -26.72 -9.60 -23.13
CA PHE M 36 -27.51 -9.21 -24.29
C PHE M 36 -27.18 -10.00 -25.55
N ASN M 37 -28.21 -10.46 -26.24
CA ASN M 37 -27.99 -11.24 -27.44
C ASN M 37 -28.36 -10.67 -28.79
N GLY M 38 -28.90 -9.47 -28.84
CA GLY M 38 -29.23 -8.93 -30.14
C GLY M 38 -28.36 -7.73 -30.47
N VAL M 39 -27.10 -7.78 -30.07
CA VAL M 39 -26.20 -6.67 -30.29
C VAL M 39 -25.49 -6.67 -31.65
N GLU M 40 -25.76 -5.66 -32.45
CA GLU M 40 -25.11 -5.57 -33.75
C GLU M 40 -23.86 -4.74 -33.54
N ARG M 41 -22.71 -5.32 -33.85
CA ARG M 41 -21.45 -4.62 -33.67
C ARG M 41 -20.79 -4.22 -34.98
N LEU M 42 -21.54 -4.35 -36.08
CA LEU M 42 -21.02 -3.94 -37.37
C LEU M 42 -21.83 -2.72 -37.79
N ILE M 43 -21.17 -1.57 -37.94
CA ILE M 43 -21.85 -0.35 -38.31
C ILE M 43 -21.53 0.04 -39.75
N PRO M 44 -22.54 -0.04 -40.64
CA PRO M 44 -22.30 0.32 -42.04
C PRO M 44 -22.41 1.83 -42.18
N VAL M 45 -21.48 2.43 -42.90
CA VAL M 45 -21.49 3.87 -43.12
C VAL M 45 -21.49 4.09 -44.61
N GLY M 46 -22.61 4.54 -45.14
CA GLY M 46 -22.69 4.71 -46.57
C GLY M 46 -22.83 3.31 -47.15
N ASP M 47 -22.25 3.08 -48.31
CA ASP M 47 -22.35 1.76 -48.93
C ASP M 47 -20.99 1.28 -49.41
N ASN M 48 -19.94 1.79 -48.77
CA ASN M 48 -18.58 1.42 -49.13
C ASN M 48 -17.77 1.23 -47.85
N THR M 49 -18.42 1.36 -46.70
CA THR M 49 -17.74 1.25 -45.42
C THR M 49 -18.52 0.57 -44.32
N VAL M 50 -17.82 -0.28 -43.58
CA VAL M 50 -18.39 -0.98 -42.44
C VAL M 50 -17.38 -0.87 -41.30
N VAL M 51 -17.87 -0.45 -40.14
CA VAL M 51 -17.02 -0.28 -38.96
C VAL M 51 -17.33 -1.35 -37.93
N GLY M 52 -16.34 -2.19 -37.63
CA GLY M 52 -16.52 -3.23 -36.62
C GLY M 52 -15.97 -2.75 -35.29
N ILE M 53 -16.77 -2.87 -34.24
CA ILE M 53 -16.36 -2.38 -32.92
C ILE M 53 -16.41 -3.39 -31.78
N SER M 54 -15.35 -3.42 -30.97
CA SER M 54 -15.29 -4.31 -29.81
C SER M 54 -14.98 -3.47 -28.57
N GLY M 55 -15.24 -4.03 -27.41
CA GLY M 55 -15.00 -3.29 -26.19
C GLY M 55 -16.30 -2.86 -25.54
N ASP M 56 -16.22 -1.74 -24.82
CA ASP M 56 -17.36 -1.21 -24.11
C ASP M 56 -18.52 -0.87 -25.06
N ILE M 57 -19.70 -1.44 -24.78
CA ILE M 57 -20.86 -1.23 -25.62
C ILE M 57 -21.45 0.19 -25.54
N SER M 58 -21.44 0.80 -24.35
CA SER M 58 -21.98 2.15 -24.24
C SER M 58 -21.15 3.10 -25.08
N ASP M 59 -19.83 2.88 -25.09
CA ASP M 59 -18.95 3.73 -25.88
C ASP M 59 -19.16 3.43 -27.36
N MET M 60 -19.49 2.19 -27.67
CA MET M 60 -19.75 1.82 -29.07
C MET M 60 -20.98 2.58 -29.57
N GLN M 61 -22.05 2.56 -28.78
CA GLN M 61 -23.28 3.27 -29.13
C GLN M 61 -23.00 4.75 -29.36
N HIS M 62 -22.05 5.28 -28.61
CA HIS M 62 -21.64 6.66 -28.73
C HIS M 62 -20.97 6.87 -30.09
N ILE M 63 -20.04 5.99 -30.44
CA ILE M 63 -19.33 6.08 -31.71
C ILE M 63 -20.31 5.93 -32.87
N GLU M 64 -21.35 5.15 -32.62
CA GLU M 64 -22.39 4.94 -33.61
C GLU M 64 -23.05 6.26 -33.96
N ARG M 65 -23.44 7.00 -32.92
CA ARG M 65 -24.09 8.28 -33.09
C ARG M 65 -23.12 9.23 -33.81
N LEU M 66 -21.84 9.15 -33.49
CA LEU M 66 -20.89 10.03 -34.14
C LEU M 66 -20.89 9.76 -35.63
N LEU M 67 -20.92 8.48 -35.98
CA LEU M 67 -20.90 8.07 -37.38
C LEU M 67 -22.14 8.56 -38.15
N LYS M 68 -23.32 8.45 -37.53
CA LYS M 68 -24.52 8.92 -38.20
C LYS M 68 -24.44 10.42 -38.41
N ASP M 69 -23.95 11.16 -37.40
CA ASP M 69 -23.83 12.60 -37.53
C ASP M 69 -22.84 12.98 -38.61
N LEU M 70 -21.83 12.15 -38.82
CA LEU M 70 -20.85 12.43 -39.86
C LEU M 70 -21.54 12.41 -41.21
N VAL M 71 -22.43 11.44 -41.39
CA VAL M 71 -23.17 11.33 -42.63
C VAL M 71 -24.05 12.56 -42.85
N THR M 72 -24.92 12.84 -41.87
CA THR M 72 -25.80 14.00 -41.93
C THR M 72 -25.01 15.27 -42.26
N GLU M 73 -23.90 15.45 -41.58
CA GLU M 73 -23.07 16.63 -41.76
C GLU M 73 -22.44 16.69 -43.15
N ASN M 74 -21.94 15.56 -43.64
CA ASN M 74 -21.31 15.53 -44.96
C ASN M 74 -22.31 15.88 -46.04
N ALA M 75 -23.59 15.68 -45.73
CA ALA M 75 -24.65 15.96 -46.67
C ALA M 75 -24.93 17.46 -46.76
N TYR M 76 -24.79 18.18 -45.65
CA TYR M 76 -25.06 19.63 -45.66
C TYR M 76 -24.31 20.42 -46.73
N ASP M 77 -25.05 21.19 -47.52
CA ASP M 77 -24.49 22.02 -48.58
C ASP M 77 -23.50 21.26 -49.45
N ASN M 78 -23.77 19.97 -49.65
CA ASN M 78 -22.92 19.11 -50.46
C ASN M 78 -23.77 18.46 -51.54
N PRO M 79 -23.73 19.04 -52.76
CA PRO M 79 -24.51 18.51 -53.88
C PRO M 79 -23.95 17.22 -54.47
N LEU M 80 -22.75 16.84 -54.04
CA LEU M 80 -22.12 15.61 -54.52
C LEU M 80 -21.96 14.61 -53.37
N ALA M 81 -22.84 14.73 -52.39
CA ALA M 81 -22.83 13.88 -51.19
C ALA M 81 -22.93 12.39 -51.50
N ASP M 82 -23.66 12.06 -52.56
CA ASP M 82 -23.83 10.67 -52.95
C ASP M 82 -23.02 10.35 -54.20
N ALA M 83 -22.04 11.20 -54.50
CA ALA M 83 -21.17 10.99 -55.65
C ALA M 83 -19.73 11.26 -55.25
N GLU M 84 -19.04 12.10 -56.01
CA GLU M 84 -17.63 12.40 -55.74
C GLU M 84 -17.33 12.85 -54.31
N GLU M 85 -18.33 13.39 -53.61
CA GLU M 85 -18.09 13.88 -52.26
C GLU M 85 -18.77 13.10 -51.15
N ALA M 86 -18.84 11.78 -51.32
CA ALA M 86 -19.41 10.92 -50.31
C ALA M 86 -18.28 10.53 -49.37
N LEU M 87 -18.63 10.07 -48.17
CA LEU M 87 -17.62 9.65 -47.22
C LEU M 87 -16.85 8.45 -47.73
N GLU M 88 -15.52 8.55 -47.65
CA GLU M 88 -14.62 7.46 -48.06
C GLU M 88 -14.27 6.67 -46.80
N PRO M 89 -13.89 5.38 -46.97
CA PRO M 89 -13.53 4.63 -45.77
C PRO M 89 -12.38 5.33 -45.02
N SER M 90 -11.40 5.84 -45.77
CA SER M 90 -10.28 6.52 -45.14
C SER M 90 -10.70 7.77 -44.35
N TYR M 91 -11.72 8.48 -44.81
CA TYR M 91 -12.15 9.68 -44.09
C TYR M 91 -12.73 9.28 -42.73
N ILE M 92 -13.56 8.24 -42.74
CA ILE M 92 -14.19 7.75 -41.54
C ILE M 92 -13.13 7.25 -40.56
N PHE M 93 -12.10 6.60 -41.09
CA PHE M 93 -11.05 6.10 -40.22
C PHE M 93 -10.24 7.23 -39.60
N GLU M 94 -9.72 8.11 -40.43
CA GLU M 94 -8.91 9.22 -39.96
C GLU M 94 -9.63 9.99 -38.86
N TYR M 95 -10.94 10.07 -39.01
CA TYR M 95 -11.78 10.77 -38.05
C TYR M 95 -11.82 10.01 -36.72
N LEU M 96 -12.22 8.75 -36.78
CA LEU M 96 -12.30 7.94 -35.57
C LEU M 96 -10.95 7.84 -34.88
N ALA M 97 -9.89 7.63 -35.67
CA ALA M 97 -8.56 7.53 -35.10
C ALA M 97 -8.25 8.82 -34.36
N THR M 98 -8.62 9.95 -34.98
CA THR M 98 -8.38 11.24 -34.37
C THR M 98 -9.06 11.28 -33.01
N VAL M 99 -10.35 10.97 -32.99
CA VAL M 99 -11.10 10.99 -31.75
C VAL M 99 -10.47 10.10 -30.69
N MET M 100 -10.19 8.85 -31.09
CA MET M 100 -9.60 7.88 -30.18
C MET M 100 -8.37 8.42 -29.49
N TYR M 101 -7.47 9.01 -30.28
CA TYR M 101 -6.24 9.54 -29.71
C TYR M 101 -6.45 10.74 -28.78
N GLN M 102 -7.33 11.67 -29.17
CA GLN M 102 -7.59 12.81 -28.33
C GLN M 102 -8.15 12.35 -27.00
N ARG M 103 -9.03 11.36 -27.05
CA ARG M 103 -9.64 10.83 -25.84
C ARG M 103 -8.65 10.15 -24.89
N ARG M 104 -7.69 9.41 -25.44
CA ARG M 104 -6.70 8.75 -24.59
C ARG M 104 -5.77 9.81 -24.05
N SER M 105 -5.62 10.90 -24.80
CA SER M 105 -4.73 11.96 -24.37
C SER M 105 -5.35 12.83 -23.27
N LYS M 106 -6.64 12.69 -23.05
CA LYS M 106 -7.29 13.46 -22.00
C LYS M 106 -7.60 12.50 -20.85
N MET M 107 -7.00 11.32 -20.93
CA MET M 107 -7.19 10.30 -19.90
C MET M 107 -8.64 9.91 -19.71
N ASN M 108 -9.40 9.94 -20.80
CA ASN M 108 -10.81 9.55 -20.79
C ASN M 108 -11.05 8.81 -22.09
N PRO M 109 -10.48 7.60 -22.22
CA PRO M 109 -10.64 6.82 -23.44
C PRO M 109 -12.00 6.25 -23.77
N LEU M 110 -12.18 5.96 -25.06
CA LEU M 110 -13.37 5.28 -25.55
C LEU M 110 -12.79 3.86 -25.52
N TRP M 111 -13.28 3.06 -24.59
CA TRP M 111 -12.76 1.72 -24.37
C TRP M 111 -13.08 0.71 -25.47
N ASN M 112 -12.58 0.97 -26.67
CA ASN M 112 -12.86 0.09 -27.79
C ASN M 112 -11.67 -0.28 -28.62
N ALA M 113 -11.89 -1.25 -29.50
CA ALA M 113 -10.89 -1.71 -30.46
C ALA M 113 -11.77 -1.66 -31.71
N ILE M 114 -11.35 -0.92 -32.72
CA ILE M 114 -12.15 -0.76 -33.93
C ILE M 114 -11.43 -1.13 -35.21
N ILE M 115 -12.18 -1.68 -36.16
CA ILE M 115 -11.62 -2.00 -37.46
C ILE M 115 -12.54 -1.38 -38.50
N VAL M 116 -11.94 -0.58 -39.39
CA VAL M 116 -12.69 0.07 -40.45
C VAL M 116 -12.42 -0.68 -41.74
N ALA M 117 -13.47 -1.20 -42.36
CA ALA M 117 -13.34 -1.96 -43.61
C ALA M 117 -14.17 -1.38 -44.73
N GLY M 118 -13.57 -1.31 -45.92
CA GLY M 118 -14.30 -0.79 -47.05
C GLY M 118 -13.47 -0.70 -48.31
N VAL M 119 -14.11 -0.19 -49.36
CA VAL M 119 -13.44 -0.01 -50.64
C VAL M 119 -13.43 1.47 -50.98
N GLN M 120 -12.26 1.98 -51.31
CA GLN M 120 -12.10 3.38 -51.68
C GLN M 120 -12.77 3.61 -53.02
N SER M 121 -12.99 4.88 -53.37
CA SER M 121 -13.63 5.24 -54.63
C SER M 121 -12.90 4.75 -55.88
N ASN M 122 -11.59 4.54 -55.78
CA ASN M 122 -10.82 4.05 -56.92
C ASN M 122 -10.73 2.52 -56.90
N GLY M 123 -11.51 1.90 -56.03
CA GLY M 123 -11.50 0.44 -55.94
C GLY M 123 -10.58 -0.19 -54.92
N ASP M 124 -9.58 0.56 -54.45
CA ASP M 124 -8.62 0.05 -53.48
C ASP M 124 -9.31 -0.41 -52.20
N GLN M 125 -8.85 -1.54 -51.66
CA GLN M 125 -9.42 -2.04 -50.42
C GLN M 125 -8.87 -1.25 -49.25
N PHE M 126 -9.69 -1.08 -48.22
CA PHE M 126 -9.26 -0.35 -47.03
C PHE M 126 -9.50 -1.21 -45.80
N LEU M 127 -8.44 -1.36 -45.00
CA LEU M 127 -8.55 -2.14 -43.80
C LEU M 127 -7.57 -1.62 -42.77
N ARG M 128 -8.08 -0.92 -41.76
CA ARG M 128 -7.21 -0.39 -40.72
C ARG M 128 -7.85 -0.50 -39.34
N TYR M 129 -6.97 -0.55 -38.33
CA TYR M 129 -7.36 -0.72 -36.94
C TYR M 129 -6.97 0.49 -36.09
N VAL M 130 -7.76 0.75 -35.05
CA VAL M 130 -7.49 1.82 -34.09
C VAL M 130 -8.13 1.39 -32.78
N ASN M 131 -7.44 1.60 -31.65
CA ASN M 131 -7.99 1.22 -30.35
C ASN M 131 -7.99 2.38 -29.37
N LEU M 132 -8.33 2.09 -28.12
CA LEU M 132 -8.44 3.09 -27.06
C LEU M 132 -7.16 3.89 -26.79
N LEU M 133 -6.03 3.40 -27.27
CA LEU M 133 -4.78 4.12 -27.05
C LEU M 133 -4.47 5.02 -28.25
N GLY M 134 -5.27 4.90 -29.30
CA GLY M 134 -5.03 5.68 -30.49
C GLY M 134 -4.03 5.00 -31.40
N VAL M 135 -3.67 3.76 -31.06
CA VAL M 135 -2.72 2.99 -31.86
C VAL M 135 -3.36 2.56 -33.19
N THR M 136 -2.62 2.62 -34.29
CA THR M 136 -3.19 2.23 -35.58
C THR M 136 -2.24 1.42 -36.45
N TYR M 137 -2.84 0.57 -37.30
CA TYR M 137 -2.07 -0.26 -38.21
C TYR M 137 -2.95 -0.98 -39.22
N SER M 138 -2.32 -1.41 -40.31
CA SER M 138 -3.00 -2.15 -41.36
C SER M 138 -2.29 -3.46 -41.59
N SER M 139 -3.00 -4.38 -42.24
CA SER M 139 -2.47 -5.69 -42.54
C SER M 139 -3.52 -6.41 -43.37
N PRO M 140 -3.11 -7.40 -44.21
CA PRO M 140 -4.04 -8.16 -45.04
C PRO M 140 -5.17 -8.78 -44.22
N THR M 141 -4.90 -9.01 -42.93
CA THR M 141 -5.91 -9.53 -42.01
C THR M 141 -5.80 -8.70 -40.74
N LEU M 142 -6.90 -8.59 -40.00
CA LEU M 142 -6.91 -7.83 -38.76
C LEU M 142 -8.01 -8.35 -37.88
N ALA M 143 -7.71 -8.55 -36.61
CA ALA M 143 -8.70 -9.05 -35.66
C ALA M 143 -8.43 -8.37 -34.34
N THR M 144 -9.44 -8.29 -33.47
CA THR M 144 -9.26 -7.67 -32.15
C THR M 144 -9.46 -8.71 -31.04
N GLY M 145 -8.89 -8.45 -29.88
CA GLY M 145 -9.04 -9.35 -28.75
C GLY M 145 -8.68 -10.79 -29.08
N PHE M 146 -9.54 -11.73 -28.67
CA PHE M 146 -9.28 -13.14 -28.93
C PHE M 146 -9.01 -13.45 -30.41
N GLY M 147 -9.70 -12.76 -31.30
CA GLY M 147 -9.49 -12.99 -32.72
C GLY M 147 -8.05 -12.74 -33.12
N ALA M 148 -7.39 -11.84 -32.43
CA ALA M 148 -6.01 -11.54 -32.76
C ALA M 148 -5.13 -12.77 -32.54
N HIS M 149 -5.45 -13.57 -31.54
CA HIS M 149 -4.67 -14.77 -31.24
C HIS M 149 -5.10 -16.02 -31.96
N MET M 150 -6.38 -16.12 -32.29
CA MET M 150 -6.86 -17.33 -32.97
C MET M 150 -7.28 -17.13 -34.42
N ALA M 151 -7.92 -16.01 -34.73
CA ALA M 151 -8.34 -15.77 -36.09
C ALA M 151 -7.16 -15.46 -37.01
N ASN M 152 -6.36 -14.45 -36.65
CA ASN M 152 -5.23 -14.08 -37.49
C ASN M 152 -4.39 -15.26 -37.97
N PRO M 153 -4.03 -16.20 -37.07
CA PRO M 153 -3.23 -17.36 -37.50
C PRO M 153 -3.86 -18.13 -38.66
N LEU M 154 -5.17 -18.31 -38.61
CA LEU M 154 -5.88 -19.04 -39.65
C LEU M 154 -5.94 -18.22 -40.92
N LEU M 155 -6.42 -16.99 -40.80
CA LEU M 155 -6.55 -16.09 -41.95
C LEU M 155 -5.23 -15.81 -42.63
N ARG M 156 -4.15 -15.73 -41.87
CA ARG M 156 -2.85 -15.46 -42.47
C ARG M 156 -2.38 -16.66 -43.30
N LYS M 157 -3.01 -17.81 -43.11
CA LYS M 157 -2.67 -19.01 -43.87
C LYS M 157 -3.27 -18.93 -45.27
N VAL M 158 -4.14 -17.95 -45.47
CA VAL M 158 -4.80 -17.71 -46.76
C VAL M 158 -4.12 -16.55 -47.44
N VAL M 159 -3.90 -15.47 -46.69
CA VAL M 159 -3.24 -14.27 -47.20
C VAL M 159 -2.08 -13.93 -46.25
N ASP M 160 -0.92 -14.53 -46.53
CA ASP M 160 0.26 -14.35 -45.67
C ASP M 160 1.06 -13.10 -46.03
N ARG M 161 0.76 -12.51 -47.17
CA ARG M 161 1.43 -11.28 -47.58
C ARG M 161 0.59 -10.58 -48.64
N GLU M 162 1.01 -9.38 -49.02
CA GLU M 162 0.28 -8.59 -50.00
C GLU M 162 -0.01 -9.33 -51.31
N SER M 163 1.01 -9.94 -51.90
CA SER M 163 0.85 -10.65 -53.16
C SER M 163 -0.24 -11.72 -53.16
N ASP M 164 -0.69 -12.13 -51.98
CA ASP M 164 -1.73 -13.16 -51.88
C ASP M 164 -3.14 -12.58 -52.03
N ILE M 165 -3.29 -11.26 -51.92
CA ILE M 165 -4.61 -10.64 -52.02
C ILE M 165 -5.29 -10.92 -53.37
N PRO M 166 -4.62 -10.58 -54.48
CA PRO M 166 -5.21 -10.82 -55.81
C PRO M 166 -5.51 -12.29 -56.11
N LYS M 167 -4.88 -13.19 -55.37
CA LYS M 167 -5.09 -14.62 -55.55
C LYS M 167 -6.22 -15.16 -54.68
N THR M 168 -6.81 -14.30 -53.85
CA THR M 168 -7.87 -14.75 -52.97
C THR M 168 -9.26 -14.31 -53.42
N THR M 169 -10.19 -15.26 -53.49
CA THR M 169 -11.55 -14.99 -53.92
C THR M 169 -12.50 -14.86 -52.73
N VAL M 170 -13.62 -14.21 -52.98
CA VAL M 170 -14.64 -13.99 -51.95
C VAL M 170 -15.07 -15.29 -51.30
N GLN M 171 -15.18 -16.35 -52.09
CA GLN M 171 -15.59 -17.66 -51.59
C GLN M 171 -14.57 -18.18 -50.60
N VAL M 172 -13.31 -18.17 -51.01
CA VAL M 172 -12.22 -18.62 -50.17
C VAL M 172 -12.18 -17.77 -48.90
N ALA M 173 -12.15 -16.44 -49.07
CA ALA M 173 -12.13 -15.53 -47.94
C ALA M 173 -13.32 -15.76 -47.01
N GLU M 174 -14.53 -15.68 -47.54
CA GLU M 174 -15.69 -15.88 -46.68
C GLU M 174 -15.64 -17.20 -45.95
N GLU M 175 -15.02 -18.19 -46.58
CA GLU M 175 -14.91 -19.50 -45.97
C GLU M 175 -14.02 -19.39 -44.73
N ALA M 176 -12.88 -18.72 -44.90
CA ALA M 176 -11.94 -18.52 -43.82
C ALA M 176 -12.60 -17.78 -42.66
N ILE M 177 -13.20 -16.62 -42.94
CA ILE M 177 -13.87 -15.87 -41.89
C ILE M 177 -14.83 -16.74 -41.11
N VAL M 178 -15.70 -17.43 -41.84
CA VAL M 178 -16.69 -18.28 -41.21
C VAL M 178 -16.08 -19.38 -40.35
N ASN M 179 -15.00 -20.01 -40.83
CA ASN M 179 -14.38 -21.07 -40.04
C ASN M 179 -13.78 -20.48 -38.76
N ALA M 180 -13.21 -19.29 -38.90
CA ALA M 180 -12.59 -18.59 -37.77
C ALA M 180 -13.62 -18.32 -36.70
N MET M 181 -14.79 -17.85 -37.12
CA MET M 181 -15.85 -17.56 -36.16
C MET M 181 -16.19 -18.80 -35.38
N ARG M 182 -16.14 -19.96 -36.03
CA ARG M 182 -16.44 -21.21 -35.34
C ARG M 182 -15.36 -21.50 -34.30
N VAL M 183 -14.10 -21.36 -34.69
CA VAL M 183 -13.00 -21.61 -33.76
C VAL M 183 -13.17 -20.72 -32.53
N LEU M 184 -13.42 -19.43 -32.76
CA LEU M 184 -13.60 -18.51 -31.65
C LEU M 184 -14.78 -18.94 -30.77
N TYR M 185 -15.80 -19.54 -31.38
CA TYR M 185 -16.95 -19.99 -30.62
C TYR M 185 -16.55 -21.17 -29.72
N TYR M 186 -15.59 -21.96 -30.20
CA TYR M 186 -15.10 -23.10 -29.43
C TYR M 186 -14.26 -22.69 -28.21
N ARG M 187 -13.32 -21.77 -28.41
CA ARG M 187 -12.43 -21.40 -27.32
C ARG M 187 -12.62 -20.07 -26.57
N ASP M 188 -13.46 -19.16 -27.07
CA ASP M 188 -13.68 -17.89 -26.39
C ASP M 188 -14.91 -17.96 -25.50
N ALA M 189 -14.71 -17.89 -24.19
CA ALA M 189 -15.82 -17.99 -23.24
C ALA M 189 -16.72 -16.76 -23.19
N ARG M 190 -16.48 -15.81 -24.07
CA ARG M 190 -17.29 -14.59 -24.12
C ARG M 190 -17.83 -14.42 -25.53
N SER M 191 -17.97 -15.52 -26.26
CA SER M 191 -18.47 -15.47 -27.63
C SER M 191 -19.86 -16.06 -27.76
N SER M 192 -20.53 -15.70 -28.84
CA SER M 192 -21.87 -16.17 -29.13
C SER M 192 -21.85 -16.97 -30.43
N ARG M 193 -22.87 -17.78 -30.64
CA ARG M 193 -22.97 -18.60 -31.84
C ARG M 193 -23.53 -17.77 -33.01
N ASN M 194 -24.28 -16.74 -32.66
CA ASN M 194 -24.88 -15.86 -33.66
C ASN M 194 -23.96 -14.71 -33.97
N PHE M 195 -23.83 -14.40 -35.25
CA PHE M 195 -22.97 -13.32 -35.66
C PHE M 195 -23.41 -12.66 -36.95
N SER M 196 -22.77 -11.55 -37.29
CA SER M 196 -23.06 -10.82 -38.51
C SER M 196 -21.79 -10.81 -39.32
N LEU M 197 -21.94 -10.76 -40.64
CA LEU M 197 -20.80 -10.73 -41.54
C LEU M 197 -21.11 -9.78 -42.67
N ALA M 198 -20.12 -9.01 -43.11
CA ALA M 198 -20.37 -8.08 -44.19
C ALA M 198 -19.23 -8.11 -45.20
N ILE M 199 -19.60 -7.93 -46.47
CA ILE M 199 -18.65 -7.94 -47.56
C ILE M 199 -18.75 -6.63 -48.31
N ILE M 200 -17.60 -6.03 -48.63
CA ILE M 200 -17.58 -4.80 -49.39
C ILE M 200 -16.74 -5.12 -50.61
N ASP M 201 -17.41 -5.30 -51.74
CA ASP M 201 -16.75 -5.65 -52.98
C ASP M 201 -16.85 -4.48 -53.96
N LYS M 202 -15.76 -4.20 -54.66
CA LYS M 202 -15.72 -3.10 -55.61
C LYS M 202 -16.67 -3.25 -56.79
N ASN M 203 -17.30 -4.41 -56.91
CA ASN M 203 -18.22 -4.65 -58.00
C ASN M 203 -19.61 -4.93 -57.48
N THR M 204 -19.74 -5.86 -56.54
CA THR M 204 -21.05 -6.21 -56.00
C THR M 204 -21.54 -5.25 -54.91
N GLY M 205 -20.69 -4.31 -54.51
CA GLY M 205 -21.09 -3.38 -53.48
C GLY M 205 -20.99 -3.96 -52.08
N LEU M 206 -21.87 -3.51 -51.20
CA LEU M 206 -21.86 -3.96 -49.81
C LEU M 206 -22.96 -4.97 -49.53
N THR M 207 -22.56 -6.14 -49.06
CA THR M 207 -23.52 -7.19 -48.70
C THR M 207 -23.43 -7.34 -47.18
N PHE M 208 -24.55 -7.17 -46.50
CA PHE M 208 -24.56 -7.26 -45.05
C PHE M 208 -25.43 -8.44 -44.61
N LYS M 209 -24.81 -9.50 -44.11
CA LYS M 209 -25.53 -10.70 -43.68
C LYS M 209 -25.74 -10.77 -42.17
N LYS M 210 -27.00 -10.79 -41.75
CA LYS M 210 -27.35 -10.88 -40.35
C LYS M 210 -27.81 -12.29 -39.95
N ASN M 211 -27.85 -12.52 -38.64
CA ASN M 211 -28.29 -13.79 -38.07
C ASN M 211 -27.62 -15.07 -38.54
N LEU M 212 -26.32 -15.02 -38.80
CA LEU M 212 -25.61 -16.22 -39.21
C LEU M 212 -25.43 -17.07 -37.96
N GLN M 213 -24.97 -18.30 -38.12
CA GLN M 213 -24.76 -19.18 -36.99
C GLN M 213 -23.61 -20.13 -37.22
N VAL M 214 -22.92 -20.48 -36.14
CA VAL M 214 -21.83 -21.43 -36.27
C VAL M 214 -22.48 -22.77 -36.53
N GLU M 215 -22.08 -23.41 -37.63
CA GLU M 215 -22.63 -24.71 -38.00
C GLU M 215 -21.48 -25.69 -38.20
N ASN M 216 -21.83 -26.97 -38.34
CA ASN M 216 -20.85 -28.03 -38.57
C ASN M 216 -19.83 -28.15 -37.43
N MET M 217 -20.31 -28.21 -36.20
CA MET M 217 -19.43 -28.34 -35.06
C MET M 217 -19.19 -29.79 -34.65
N LYS M 218 -17.94 -30.11 -34.31
CA LYS M 218 -17.57 -31.44 -33.88
C LYS M 218 -17.64 -31.50 -32.35
N TRP M 219 -18.51 -32.35 -31.82
CA TRP M 219 -18.64 -32.49 -30.36
C TRP M 219 -18.70 -33.95 -29.95
N ASP M 220 -18.98 -34.81 -30.93
CA ASP M 220 -19.10 -36.24 -30.70
C ASP M 220 -17.96 -36.90 -29.91
N PHE M 221 -16.71 -36.62 -30.28
CA PHE M 221 -15.58 -37.22 -29.59
C PHE M 221 -15.62 -37.03 -28.08
N ALA M 222 -16.43 -36.09 -27.62
CA ALA M 222 -16.55 -35.81 -26.20
C ALA M 222 -17.17 -36.95 -25.41
N LYS M 223 -17.74 -37.94 -26.10
CA LYS M 223 -18.39 -39.07 -25.43
C LYS M 223 -17.36 -40.09 -24.97
N ASP M 224 -16.21 -40.08 -25.64
CA ASP M 224 -15.12 -41.00 -25.35
C ASP M 224 -14.25 -40.51 -24.20
N ILE M 225 -14.38 -39.25 -23.84
CA ILE M 225 -13.58 -38.69 -22.77
C ILE M 225 -14.20 -38.83 -21.39
N LYS M 226 -13.52 -39.54 -20.51
CA LYS M 226 -13.99 -39.72 -19.14
C LYS M 226 -12.84 -39.53 -18.15
N GLY M 227 -13.16 -38.99 -16.98
CA GLY M 227 -12.16 -38.76 -15.95
C GLY M 227 -11.10 -37.73 -16.35
N TYR M 228 -10.08 -37.57 -15.50
CA TYR M 228 -9.00 -36.64 -15.79
C TYR M 228 -7.63 -37.31 -15.73
N GLY M 229 -7.60 -38.60 -16.05
CA GLY M 229 -6.36 -39.36 -16.02
C GLY M 229 -6.49 -40.87 -15.89
N THR M 230 -6.78 -41.33 -14.67
CA THR M 230 -6.91 -42.77 -14.40
C THR M 230 -8.29 -43.39 -14.45
N GLN M 231 -9.34 -42.58 -14.30
CA GLN M 231 -10.70 -43.10 -14.32
C GLN M 231 -11.04 -43.78 -15.64
N LYS M 232 -11.58 -44.99 -15.55
CA LYS M 232 -11.93 -45.75 -16.74
C LYS M 232 -13.39 -45.65 -17.18
N ILE M 233 -14.31 -45.48 -16.23
CA ILE M 233 -15.73 -45.37 -16.60
C ILE M 233 -16.25 -43.92 -16.57
N THR N 1 -32.24 -5.68 -4.06
CA THR N 1 -33.29 -5.13 -4.96
C THR N 1 -33.60 -6.04 -6.14
N SER N 2 -34.89 -6.25 -6.38
CA SER N 2 -35.34 -7.06 -7.51
C SER N 2 -36.35 -6.22 -8.27
N ILE N 3 -36.06 -5.96 -9.54
CA ILE N 3 -36.96 -5.14 -10.35
C ILE N 3 -37.01 -5.69 -11.77
N MET N 4 -38.18 -5.54 -12.40
CA MET N 4 -38.35 -6.01 -13.76
C MET N 4 -39.50 -5.25 -14.44
N ALA N 5 -39.49 -5.27 -15.77
CA ALA N 5 -40.54 -4.62 -16.54
C ALA N 5 -40.87 -5.58 -17.67
N VAL N 6 -42.16 -5.90 -17.82
CA VAL N 6 -42.60 -6.82 -18.86
C VAL N 6 -43.65 -6.20 -19.78
N THR N 7 -43.45 -6.29 -21.09
CA THR N 7 -44.42 -5.78 -22.05
C THR N 7 -45.38 -6.92 -22.36
N PHE N 8 -46.66 -6.61 -22.47
CA PHE N 8 -47.65 -7.64 -22.80
C PHE N 8 -48.66 -7.07 -23.79
N LYS N 9 -49.57 -7.94 -24.24
CA LYS N 9 -50.62 -7.58 -25.20
C LYS N 9 -51.18 -6.14 -25.09
N ASP N 10 -51.61 -5.77 -23.89
CA ASP N 10 -52.21 -4.44 -23.65
C ASP N 10 -51.28 -3.33 -23.19
N GLY N 11 -49.98 -3.58 -23.18
CA GLY N 11 -49.06 -2.55 -22.74
C GLY N 11 -47.81 -3.02 -21.99
N VAL N 12 -47.69 -2.65 -20.72
CA VAL N 12 -46.52 -3.05 -19.93
C VAL N 12 -46.73 -2.93 -18.42
N ILE N 13 -46.02 -3.75 -17.65
CA ILE N 13 -46.12 -3.73 -16.20
C ILE N 13 -44.74 -3.70 -15.53
N LEU N 14 -44.61 -2.88 -14.50
CA LEU N 14 -43.36 -2.77 -13.76
C LEU N 14 -43.54 -3.39 -12.38
N GLY N 15 -42.52 -4.10 -11.93
CA GLY N 15 -42.59 -4.72 -10.61
C GLY N 15 -41.30 -4.55 -9.83
N ALA N 16 -41.39 -4.64 -8.51
CA ALA N 16 -40.23 -4.51 -7.65
C ALA N 16 -40.51 -4.91 -6.21
N ASP N 17 -39.47 -5.22 -5.46
CA ASP N 17 -39.62 -5.57 -4.06
C ASP N 17 -39.60 -4.22 -3.32
N SER N 18 -39.71 -4.23 -2.00
CA SER N 18 -39.72 -2.97 -1.27
C SER N 18 -38.64 -2.87 -0.21
N ARG N 19 -37.52 -3.57 -0.43
CA ARG N 19 -36.44 -3.57 0.55
C ARG N 19 -35.18 -2.77 0.18
N THR N 20 -34.76 -1.91 1.09
CA THR N 20 -33.54 -1.14 0.90
C THR N 20 -32.70 -1.42 2.13
N THR N 21 -31.47 -1.82 1.89
CA THR N 21 -30.54 -2.16 2.95
C THR N 21 -29.28 -1.32 2.94
N THR N 22 -28.66 -1.28 4.12
CA THR N 22 -27.39 -0.60 4.31
C THR N 22 -26.68 -1.74 5.06
N GLY N 23 -26.06 -2.62 4.28
CA GLY N 23 -25.40 -3.76 4.88
C GLY N 23 -26.48 -4.80 5.13
N ALA N 24 -26.48 -5.38 6.32
CA ALA N 24 -27.47 -6.38 6.65
C ALA N 24 -28.71 -5.74 7.28
N TYR N 25 -28.64 -4.44 7.56
CA TYR N 25 -29.78 -3.75 8.16
C TYR N 25 -30.75 -3.30 7.09
N ILE N 26 -32.04 -3.54 7.33
CA ILE N 26 -33.07 -3.15 6.38
C ILE N 26 -33.52 -1.75 6.80
N ALA N 27 -32.98 -0.76 6.10
CA ALA N 27 -33.26 0.64 6.38
C ALA N 27 -34.73 0.98 6.14
N ASN N 28 -35.30 0.38 5.11
CA ASN N 28 -36.69 0.60 4.75
C ASN N 28 -37.26 -0.70 4.18
N ARG N 29 -38.34 -1.20 4.77
CA ARG N 29 -38.96 -2.44 4.28
C ARG N 29 -40.19 -2.21 3.40
N VAL N 30 -40.57 -0.95 3.22
CA VAL N 30 -41.74 -0.63 2.40
C VAL N 30 -41.40 0.43 1.35
N THR N 31 -40.18 0.37 0.84
CA THR N 31 -39.70 1.29 -0.18
C THR N 31 -40.55 1.20 -1.45
N ASP N 32 -40.69 2.31 -2.17
CA ASP N 32 -41.42 2.30 -3.44
C ASP N 32 -40.40 2.56 -4.53
N LYS N 33 -39.96 1.49 -5.18
CA LYS N 33 -38.95 1.60 -6.23
C LYS N 33 -39.52 1.91 -7.60
N LEU N 34 -40.85 2.01 -7.68
CA LEU N 34 -41.50 2.31 -8.95
C LEU N 34 -41.66 3.82 -9.02
N THR N 35 -40.85 4.45 -9.87
CA THR N 35 -40.84 5.89 -10.00
C THR N 35 -41.46 6.44 -11.28
N ARG N 36 -42.37 7.40 -11.10
CA ARG N 36 -43.08 8.03 -12.19
C ARG N 36 -42.30 9.22 -12.77
N VAL N 37 -41.88 9.15 -14.02
CA VAL N 37 -41.18 10.28 -14.62
C VAL N 37 -42.16 11.05 -15.49
N HIS N 38 -43.30 10.41 -15.77
CA HIS N 38 -44.35 11.00 -16.57
C HIS N 38 -45.65 10.21 -16.38
N ASP N 39 -46.76 10.77 -16.84
CA ASP N 39 -48.07 10.11 -16.72
C ASP N 39 -47.96 8.62 -17.05
N LYS N 40 -47.44 8.30 -18.23
CA LYS N 40 -47.32 6.90 -18.60
C LYS N 40 -45.90 6.43 -18.95
N ILE N 41 -44.92 7.02 -18.27
CA ILE N 41 -43.52 6.63 -18.42
C ILE N 41 -43.06 6.44 -16.98
N TRP N 42 -42.65 5.23 -16.63
CA TRP N 42 -42.19 4.96 -15.26
C TRP N 42 -40.85 4.24 -15.35
N CYS N 43 -40.17 4.12 -14.21
CA CYS N 43 -38.88 3.44 -14.20
C CYS N 43 -38.65 2.68 -12.90
N CYS N 44 -37.75 1.71 -12.96
CA CYS N 44 -37.40 0.94 -11.79
C CYS N 44 -35.95 1.31 -11.52
N ARG N 45 -35.69 1.69 -10.29
CA ARG N 45 -34.36 2.10 -9.88
C ARG N 45 -33.57 1.00 -9.16
N SER N 46 -32.27 0.92 -9.46
CA SER N 46 -31.33 -0.03 -8.82
C SER N 46 -29.96 0.66 -8.75
N GLY N 47 -29.23 0.42 -7.67
CA GLY N 47 -27.94 1.04 -7.49
C GLY N 47 -28.02 2.02 -6.34
N SER N 48 -27.31 3.14 -6.44
CA SER N 48 -27.33 4.16 -5.41
C SER N 48 -28.70 4.87 -5.34
N ALA N 49 -29.34 4.82 -4.17
CA ALA N 49 -30.65 5.47 -4.02
C ALA N 49 -30.50 6.96 -4.26
N ALA N 50 -29.45 7.55 -3.71
CA ALA N 50 -29.21 8.97 -3.89
C ALA N 50 -29.05 9.28 -5.36
N ASP N 51 -28.25 8.48 -6.06
CA ASP N 51 -28.02 8.72 -7.48
C ASP N 51 -29.24 8.51 -8.35
N THR N 52 -29.96 7.40 -8.15
CA THR N 52 -31.13 7.13 -8.99
C THR N 52 -32.26 8.11 -8.71
N GLN N 53 -32.43 8.50 -7.45
CA GLN N 53 -33.46 9.48 -7.09
C GLN N 53 -33.13 10.80 -7.77
N ALA N 54 -31.88 11.21 -7.68
CA ALA N 54 -31.45 12.46 -8.29
C ALA N 54 -31.65 12.40 -9.82
N ILE N 55 -31.25 11.28 -10.42
CA ILE N 55 -31.41 11.13 -11.86
C ILE N 55 -32.89 11.18 -12.24
N ALA N 56 -33.69 10.43 -11.49
CA ALA N 56 -35.12 10.38 -11.75
C ALA N 56 -35.70 11.80 -11.67
N ASP N 57 -35.44 12.50 -10.58
CA ASP N 57 -35.96 13.86 -10.40
C ASP N 57 -35.59 14.74 -11.61
N ILE N 58 -34.38 14.60 -12.14
CA ILE N 58 -33.97 15.40 -13.29
C ILE N 58 -34.70 15.00 -14.56
N VAL N 59 -34.84 13.70 -14.79
CA VAL N 59 -35.54 13.24 -15.99
C VAL N 59 -36.97 13.75 -15.95
N GLN N 60 -37.58 13.69 -14.77
CA GLN N 60 -38.94 14.17 -14.61
C GLN N 60 -39.00 15.64 -14.98
N TYR N 61 -38.03 16.42 -14.52
CA TYR N 61 -37.98 17.84 -14.84
C TYR N 61 -37.87 18.01 -16.36
N HIS N 62 -37.05 17.20 -17.01
CA HIS N 62 -36.89 17.29 -18.46
C HIS N 62 -38.15 16.96 -19.25
N LEU N 63 -38.79 15.83 -18.93
CA LEU N 63 -39.99 15.45 -19.64
C LEU N 63 -41.14 16.45 -19.40
N GLU N 64 -41.13 17.10 -18.24
CA GLU N 64 -42.16 18.10 -17.94
C GLU N 64 -41.95 19.34 -18.81
N LEU N 65 -40.69 19.69 -19.07
CA LEU N 65 -40.39 20.86 -19.90
C LEU N 65 -40.62 20.50 -21.38
N TYR N 66 -40.35 19.24 -21.73
CA TYR N 66 -40.54 18.72 -23.09
C TYR N 66 -42.02 18.78 -23.44
N THR N 67 -42.83 18.23 -22.54
CA THR N 67 -44.27 18.22 -22.72
C THR N 67 -44.78 19.65 -22.93
N SER N 68 -44.37 20.58 -22.06
CA SER N 68 -44.77 21.98 -22.17
C SER N 68 -44.55 22.53 -23.56
N GLN N 69 -43.50 22.09 -24.22
CA GLN N 69 -43.18 22.61 -25.55
C GLN N 69 -43.54 21.74 -26.74
N TYR N 70 -43.40 20.43 -26.62
CA TYR N 70 -43.66 19.56 -27.76
C TYR N 70 -44.68 18.47 -27.52
N GLY N 71 -45.43 18.59 -26.43
CA GLY N 71 -46.43 17.58 -26.13
C GLY N 71 -45.82 16.34 -25.49
N THR N 72 -46.63 15.31 -25.33
CA THR N 72 -46.18 14.07 -24.73
C THR N 72 -44.99 13.42 -25.44
N PRO N 73 -43.95 13.07 -24.66
CA PRO N 73 -42.72 12.45 -25.18
C PRO N 73 -42.88 10.94 -25.32
N SER N 74 -42.11 10.36 -26.24
CA SER N 74 -42.18 8.93 -26.43
C SER N 74 -41.38 8.24 -25.34
N THR N 75 -41.58 6.94 -25.17
CA THR N 75 -40.86 6.19 -24.16
C THR N 75 -39.40 6.17 -24.59
N GLU N 76 -39.17 6.17 -25.90
CA GLU N 76 -37.81 6.17 -26.41
C GLU N 76 -37.08 7.45 -25.99
N THR N 77 -37.80 8.57 -26.01
CA THR N 77 -37.21 9.84 -25.62
C THR N 77 -36.86 9.89 -24.15
N ALA N 78 -37.69 9.26 -23.31
CA ALA N 78 -37.46 9.23 -21.87
C ALA N 78 -36.24 8.36 -21.60
N ALA N 79 -36.10 7.27 -22.35
CA ALA N 79 -34.96 6.39 -22.18
C ALA N 79 -33.71 7.12 -22.62
N SER N 80 -33.83 7.95 -23.66
CA SER N 80 -32.70 8.71 -24.18
C SER N 80 -32.17 9.72 -23.16
N VAL N 81 -33.08 10.39 -22.47
CA VAL N 81 -32.68 11.38 -21.47
C VAL N 81 -31.97 10.66 -20.31
N PHE N 82 -32.51 9.52 -19.91
CA PHE N 82 -31.92 8.74 -18.83
C PHE N 82 -30.52 8.35 -19.24
N LYS N 83 -30.40 7.82 -20.44
CA LYS N 83 -29.11 7.39 -20.96
C LYS N 83 -28.11 8.53 -20.99
N GLU N 84 -28.54 9.67 -21.51
CA GLU N 84 -27.67 10.82 -21.60
C GLU N 84 -27.05 11.14 -20.24
N LEU N 85 -27.87 11.16 -19.20
CA LEU N 85 -27.39 11.44 -17.85
C LEU N 85 -26.45 10.32 -17.36
N CYS N 86 -26.92 9.08 -17.44
CA CYS N 86 -26.12 7.96 -16.98
C CYS N 86 -24.78 7.75 -17.68
N TYR N 87 -24.76 7.96 -19.00
CA TYR N 87 -23.54 7.75 -19.76
C TYR N 87 -22.54 8.89 -19.56
N GLU N 88 -23.00 10.12 -19.74
CA GLU N 88 -22.17 11.30 -19.59
C GLU N 88 -21.56 11.42 -18.18
N ASN N 89 -22.26 10.92 -17.16
CA ASN N 89 -21.79 10.98 -15.79
C ASN N 89 -21.47 9.61 -15.23
N LYS N 90 -21.10 8.67 -16.10
CA LYS N 90 -20.79 7.29 -15.70
C LYS N 90 -19.75 7.12 -14.60
N ASP N 91 -18.84 8.08 -14.46
CA ASP N 91 -17.80 8.00 -13.43
C ASP N 91 -18.26 8.31 -12.01
N ASN N 92 -19.33 9.08 -11.87
CA ASN N 92 -19.81 9.46 -10.55
C ASN N 92 -21.18 8.92 -10.24
N LEU N 93 -21.62 7.93 -11.01
CA LEU N 93 -22.92 7.35 -10.80
C LEU N 93 -22.90 5.84 -10.68
N THR N 94 -23.83 5.33 -9.89
CA THR N 94 -24.00 3.90 -9.73
C THR N 94 -25.51 3.70 -9.82
N ALA N 95 -26.00 3.67 -11.06
CA ALA N 95 -27.41 3.51 -11.31
C ALA N 95 -27.71 2.51 -12.42
N GLY N 96 -28.64 1.61 -12.13
CA GLY N 96 -29.08 0.63 -13.10
C GLY N 96 -30.56 0.92 -13.22
N ILE N 97 -30.99 1.40 -14.39
CA ILE N 97 -32.41 1.75 -14.54
C ILE N 97 -33.20 1.07 -15.64
N ILE N 98 -34.44 0.68 -15.30
CA ILE N 98 -35.34 0.07 -16.27
C ILE N 98 -36.44 1.10 -16.58
N VAL N 99 -36.59 1.47 -17.84
CA VAL N 99 -37.61 2.44 -18.21
C VAL N 99 -38.73 1.73 -18.95
N ALA N 100 -39.95 1.89 -18.46
CA ALA N 100 -41.11 1.26 -19.08
C ALA N 100 -42.21 2.31 -19.31
N GLY N 101 -42.74 2.33 -20.53
CA GLY N 101 -43.78 3.30 -20.82
C GLY N 101 -44.81 2.79 -21.80
N TYR N 102 -45.97 3.44 -21.80
CA TYR N 102 -47.05 3.07 -22.71
C TYR N 102 -47.45 4.23 -23.59
N ASP N 103 -47.33 3.98 -24.89
CA ASP N 103 -47.65 4.93 -25.93
C ASP N 103 -48.83 4.35 -26.68
N ASP N 104 -49.65 5.20 -27.30
CA ASP N 104 -50.79 4.68 -28.03
C ASP N 104 -50.38 4.16 -29.40
N LYS N 105 -49.38 4.79 -29.99
CA LYS N 105 -48.90 4.38 -31.28
C LYS N 105 -47.96 3.18 -31.13
N ASN N 106 -47.11 3.21 -30.08
CA ASN N 106 -46.14 2.15 -29.84
C ASN N 106 -46.55 1.10 -28.82
N LYS N 107 -47.67 1.33 -28.14
CA LYS N 107 -48.13 0.38 -27.12
C LYS N 107 -47.11 0.35 -25.99
N GLY N 108 -46.79 -0.84 -25.48
CA GLY N 108 -45.82 -0.93 -24.40
C GLY N 108 -44.38 -1.10 -24.86
N GLU N 109 -43.45 -0.45 -24.16
CA GLU N 109 -42.03 -0.55 -24.48
C GLU N 109 -41.17 -0.61 -23.23
N VAL N 110 -40.08 -1.36 -23.31
CA VAL N 110 -39.17 -1.50 -22.18
C VAL N 110 -37.73 -1.26 -22.61
N TYR N 111 -37.06 -0.37 -21.88
CA TYR N 111 -35.66 -0.06 -22.14
C TYR N 111 -34.87 -0.27 -20.86
N THR N 112 -33.72 -0.91 -20.98
CA THR N 112 -32.87 -1.12 -19.82
C THR N 112 -31.58 -0.34 -20.00
N ILE N 113 -31.19 0.34 -18.92
CA ILE N 113 -29.98 1.14 -18.91
C ILE N 113 -29.08 0.64 -17.78
N PRO N 114 -28.12 -0.24 -18.13
CA PRO N 114 -27.20 -0.80 -17.14
C PRO N 114 -26.06 0.15 -16.76
N LEU N 115 -25.32 -0.22 -15.72
CA LEU N 115 -24.20 0.54 -15.21
C LEU N 115 -23.43 1.41 -16.20
N GLY N 116 -22.87 0.82 -17.25
CA GLY N 116 -22.12 1.66 -18.17
C GLY N 116 -22.82 2.89 -18.79
N GLY N 117 -24.14 2.85 -18.93
CA GLY N 117 -24.83 3.97 -19.55
C GLY N 117 -25.31 3.59 -20.94
N SER N 118 -25.23 2.31 -21.29
CA SER N 118 -25.69 1.85 -22.60
C SER N 118 -27.22 1.66 -22.53
N VAL N 119 -27.87 1.55 -23.68
CA VAL N 119 -29.31 1.36 -23.71
C VAL N 119 -29.71 0.12 -24.47
N HIS N 120 -30.73 -0.57 -23.96
CA HIS N 120 -31.20 -1.79 -24.60
C HIS N 120 -32.71 -1.87 -24.55
N LYS N 121 -33.31 -2.01 -25.73
CA LYS N 121 -34.76 -2.15 -25.84
C LYS N 121 -35.03 -3.66 -25.81
N LEU N 122 -35.94 -4.08 -24.94
CA LEU N 122 -36.23 -5.49 -24.81
C LEU N 122 -37.71 -5.79 -24.59
N PRO N 123 -38.13 -7.04 -24.82
CA PRO N 123 -39.52 -7.47 -24.64
C PRO N 123 -39.82 -7.34 -23.16
N TYR N 124 -38.80 -7.61 -22.34
CA TYR N 124 -38.90 -7.50 -20.89
C TYR N 124 -37.49 -7.37 -20.32
N ALA N 125 -37.37 -6.94 -19.07
CA ALA N 125 -36.06 -6.75 -18.47
C ALA N 125 -36.08 -6.97 -16.98
N ILE N 126 -34.99 -7.52 -16.46
CA ILE N 126 -34.86 -7.75 -15.03
C ILE N 126 -33.51 -7.20 -14.57
N ALA N 127 -33.46 -6.70 -13.34
CA ALA N 127 -32.25 -6.14 -12.80
C ALA N 127 -32.29 -6.05 -11.28
N GLY N 128 -31.17 -5.68 -10.68
CA GLY N 128 -31.09 -5.59 -9.24
C GLY N 128 -30.37 -6.83 -8.76
N SER N 129 -29.86 -6.79 -7.53
CA SER N 129 -29.13 -7.93 -6.99
C SER N 129 -29.89 -9.25 -7.10
N GLY N 130 -31.20 -9.24 -6.83
CA GLY N 130 -31.98 -10.45 -6.88
C GLY N 130 -32.24 -11.02 -8.27
N SER N 131 -31.99 -10.22 -9.30
CA SER N 131 -32.26 -10.67 -10.65
C SER N 131 -31.42 -11.85 -11.15
N THR N 132 -30.20 -11.99 -10.65
CA THR N 132 -29.35 -13.10 -11.10
C THR N 132 -29.99 -14.47 -10.91
N PHE N 133 -30.74 -14.60 -9.81
CA PHE N 133 -31.37 -15.86 -9.47
C PHE N 133 -32.57 -16.24 -10.30
N ILE N 134 -33.10 -15.31 -11.07
CA ILE N 134 -34.28 -15.61 -11.89
C ILE N 134 -34.06 -15.52 -13.39
N TYR N 135 -32.80 -15.51 -13.83
CA TYR N 135 -32.55 -15.45 -15.26
C TYR N 135 -33.12 -16.70 -15.91
N GLY N 136 -32.83 -17.85 -15.31
CA GLY N 136 -33.31 -19.10 -15.85
C GLY N 136 -34.83 -19.14 -15.91
N TYR N 137 -35.46 -18.87 -14.78
CA TYR N 137 -36.91 -18.88 -14.68
C TYR N 137 -37.56 -17.97 -15.74
N CYS N 138 -37.25 -16.68 -15.69
CA CYS N 138 -37.81 -15.73 -16.64
C CYS N 138 -37.63 -16.11 -18.11
N ASP N 139 -36.47 -16.62 -18.46
CA ASP N 139 -36.22 -17.00 -19.85
C ASP N 139 -37.05 -18.20 -20.27
N LYS N 140 -37.44 -19.04 -19.31
CA LYS N 140 -38.24 -20.22 -19.61
C LYS N 140 -39.73 -19.91 -19.60
N ASN N 141 -40.14 -18.95 -18.77
CA ASN N 141 -41.55 -18.62 -18.65
C ASN N 141 -42.07 -17.34 -19.32
N PHE N 142 -41.23 -16.59 -20.01
CA PHE N 142 -41.74 -15.39 -20.65
C PHE N 142 -42.28 -15.71 -22.02
N ARG N 143 -43.41 -15.09 -22.35
CA ARG N 143 -44.06 -15.25 -23.65
C ARG N 143 -44.52 -13.86 -24.10
N GLU N 144 -44.41 -13.59 -25.39
CA GLU N 144 -44.85 -12.29 -25.87
C GLU N 144 -46.36 -12.25 -26.02
N ASN N 145 -46.94 -11.09 -25.74
CA ASN N 145 -48.37 -10.88 -25.86
C ASN N 145 -49.24 -11.58 -24.82
N MET N 146 -48.73 -11.69 -23.61
CA MET N 146 -49.48 -12.32 -22.53
C MET N 146 -50.62 -11.37 -22.15
N SER N 147 -51.54 -11.87 -21.35
CA SER N 147 -52.68 -11.06 -20.92
C SER N 147 -52.28 -10.38 -19.63
N LYS N 148 -53.01 -9.35 -19.23
CA LYS N 148 -52.69 -8.67 -17.99
C LYS N 148 -52.56 -9.66 -16.82
N GLU N 149 -53.51 -10.58 -16.69
CA GLU N 149 -53.45 -11.54 -15.57
C GLU N 149 -52.21 -12.44 -15.65
N GLU N 150 -51.90 -12.89 -16.85
CA GLU N 150 -50.72 -13.74 -17.04
C GLU N 150 -49.45 -13.00 -16.65
N THR N 151 -49.34 -11.77 -17.16
CA THR N 151 -48.18 -10.92 -16.90
C THR N 151 -48.01 -10.64 -15.41
N VAL N 152 -49.09 -10.26 -14.75
CA VAL N 152 -49.03 -10.00 -13.32
C VAL N 152 -48.57 -11.25 -12.58
N ASP N 153 -48.85 -12.41 -13.15
CA ASP N 153 -48.48 -13.67 -12.53
C ASP N 153 -47.01 -14.00 -12.77
N PHE N 154 -46.57 -13.78 -14.00
CA PHE N 154 -45.19 -14.00 -14.38
C PHE N 154 -44.31 -13.17 -13.43
N ILE N 155 -44.65 -11.90 -13.29
CA ILE N 155 -43.91 -11.00 -12.42
C ILE N 155 -44.01 -11.39 -10.95
N LYS N 156 -45.21 -11.73 -10.47
CA LYS N 156 -45.37 -12.11 -9.08
C LYS N 156 -44.54 -13.33 -8.73
N HIS N 157 -44.48 -14.29 -9.65
CA HIS N 157 -43.71 -15.51 -9.43
C HIS N 157 -42.22 -15.25 -9.52
N SER N 158 -41.80 -14.57 -10.59
CA SER N 158 -40.40 -14.24 -10.76
C SER N 158 -39.82 -13.54 -9.54
N LEU N 159 -40.45 -12.44 -9.14
CA LEU N 159 -39.97 -11.67 -8.01
C LEU N 159 -40.00 -12.39 -6.67
N SER N 160 -40.93 -13.33 -6.49
CA SER N 160 -40.98 -14.04 -5.22
C SER N 160 -39.77 -14.99 -5.16
N GLN N 161 -39.27 -15.40 -6.31
CA GLN N 161 -38.09 -16.26 -6.34
C GLN N 161 -36.87 -15.39 -6.01
N ALA N 162 -36.81 -14.23 -6.66
CA ALA N 162 -35.73 -13.29 -6.43
C ALA N 162 -35.71 -12.98 -4.94
N ILE N 163 -36.87 -12.63 -4.39
CA ILE N 163 -36.94 -12.31 -2.97
C ILE N 163 -36.53 -13.48 -2.10
N LYS N 164 -36.77 -14.70 -2.59
CA LYS N 164 -36.48 -15.91 -1.85
C LYS N 164 -35.00 -16.18 -1.65
N TRP N 165 -34.23 -15.89 -2.68
CA TRP N 165 -32.80 -16.15 -2.64
C TRP N 165 -31.91 -14.96 -2.29
N ASP N 166 -32.34 -13.74 -2.64
CA ASP N 166 -31.55 -12.55 -2.39
C ASP N 166 -31.96 -11.79 -1.13
N GLY N 167 -31.08 -11.78 -0.14
CA GLY N 167 -31.38 -11.09 1.10
C GLY N 167 -31.52 -9.59 0.94
N SER N 168 -31.08 -9.08 -0.19
CA SER N 168 -31.18 -7.65 -0.43
C SER N 168 -32.56 -7.29 -0.90
N SER N 169 -33.35 -8.31 -1.26
CA SER N 169 -34.71 -8.11 -1.71
C SER N 169 -35.69 -8.62 -0.65
N GLY N 170 -36.91 -8.10 -0.68
CA GLY N 170 -37.90 -8.52 0.30
C GLY N 170 -39.04 -7.54 0.49
N GLY N 171 -39.84 -7.79 1.52
CA GLY N 171 -40.99 -6.93 1.82
C GLY N 171 -42.19 -7.27 0.95
N VAL N 172 -42.81 -6.25 0.36
CA VAL N 172 -43.96 -6.46 -0.49
C VAL N 172 -43.55 -6.35 -1.96
N ILE N 173 -44.37 -6.88 -2.85
CA ILE N 173 -44.07 -6.76 -4.27
C ILE N 173 -45.00 -5.65 -4.76
N ARG N 174 -44.47 -4.69 -5.51
CA ARG N 174 -45.28 -3.60 -6.03
C ARG N 174 -45.29 -3.67 -7.55
N MET N 175 -46.42 -3.28 -8.13
CA MET N 175 -46.53 -3.30 -9.58
C MET N 175 -47.27 -2.08 -10.06
N VAL N 176 -47.05 -1.74 -11.31
CA VAL N 176 -47.72 -0.61 -11.92
C VAL N 176 -48.02 -1.05 -13.33
N VAL N 177 -49.31 -1.03 -13.68
CA VAL N 177 -49.74 -1.44 -15.00
C VAL N 177 -49.96 -0.20 -15.82
N LEU N 178 -49.35 -0.17 -17.00
CA LEU N 178 -49.44 0.95 -17.90
C LEU N 178 -50.15 0.52 -19.17
N THR N 179 -51.38 0.99 -19.34
CA THR N 179 -52.20 0.66 -20.51
C THR N 179 -53.02 1.86 -20.99
N ALA N 180 -53.63 1.73 -22.16
CA ALA N 180 -54.43 2.82 -22.72
C ALA N 180 -55.50 3.18 -21.70
N ALA N 181 -55.90 2.19 -20.91
CA ALA N 181 -56.92 2.39 -19.88
C ALA N 181 -56.43 3.30 -18.78
N GLY N 182 -55.12 3.39 -18.61
CA GLY N 182 -54.59 4.24 -17.56
C GLY N 182 -53.45 3.63 -16.75
N VAL N 183 -53.40 4.00 -15.48
CA VAL N 183 -52.35 3.57 -14.58
C VAL N 183 -52.93 2.84 -13.36
N GLU N 184 -52.42 1.64 -13.10
CA GLU N 184 -52.91 0.88 -11.95
C GLU N 184 -51.81 0.40 -11.01
N ARG N 185 -52.00 0.68 -9.72
CA ARG N 185 -51.06 0.29 -8.66
C ARG N 185 -51.47 -1.05 -8.05
N LEU N 186 -50.54 -1.99 -7.98
CA LEU N 186 -50.79 -3.29 -7.39
C LEU N 186 -49.81 -3.52 -6.25
N ILE N 187 -50.26 -4.20 -5.21
CA ILE N 187 -49.42 -4.49 -4.05
C ILE N 187 -49.70 -5.95 -3.65
N PHE N 188 -48.66 -6.71 -3.34
CA PHE N 188 -48.80 -8.11 -2.95
C PHE N 188 -47.99 -8.36 -1.71
N TYR N 189 -48.66 -8.81 -0.66
CA TYR N 189 -48.01 -9.05 0.62
C TYR N 189 -47.27 -10.38 0.73
N PRO N 190 -46.34 -10.49 1.68
CA PRO N 190 -45.55 -11.69 1.91
C PRO N 190 -46.40 -12.94 2.01
N ASP N 191 -47.37 -12.92 2.90
CA ASP N 191 -48.26 -14.06 3.12
C ASP N 191 -48.84 -14.62 1.83
N GLU N 192 -48.76 -13.86 0.74
CA GLU N 192 -49.27 -14.38 -0.52
C GLU N 192 -48.19 -14.98 -1.42
N TYR N 193 -47.27 -14.15 -1.90
CA TYR N 193 -46.23 -14.65 -2.81
C TYR N 193 -45.24 -15.65 -2.19
N GLU N 194 -45.11 -15.66 -0.86
CA GLU N 194 -44.19 -16.58 -0.21
C GLU N 194 -44.63 -18.03 -0.36
N GLN N 195 -45.92 -18.23 -0.64
CA GLN N 195 -46.43 -19.58 -0.79
C GLN N 195 -46.74 -19.94 -2.23
N LEU N 196 -46.02 -19.32 -3.16
CA LEU N 196 -46.21 -19.61 -4.57
C LEU N 196 -45.18 -20.65 -4.98
N MET O 1 8.47 -50.45 22.11
CA MET O 1 8.84 -50.47 20.67
C MET O 1 10.17 -49.73 20.53
N THR O 2 10.36 -49.13 19.36
CA THR O 2 11.57 -48.39 19.04
C THR O 2 12.81 -49.27 19.12
N ASP O 3 13.48 -49.42 17.99
CA ASP O 3 14.69 -50.21 17.93
C ASP O 3 15.60 -49.73 19.07
N ARG O 4 15.76 -50.56 20.09
CA ARG O 4 16.60 -50.20 21.22
C ARG O 4 17.98 -50.82 21.02
N TYR O 5 18.16 -51.44 19.85
CA TYR O 5 19.40 -52.09 19.46
C TYR O 5 20.27 -51.09 18.72
N SER O 6 20.89 -50.19 19.47
CA SER O 6 21.73 -49.16 18.88
C SER O 6 23.20 -49.49 19.01
N PHE O 7 23.50 -50.73 19.41
CA PHE O 7 24.88 -51.19 19.58
C PHE O 7 25.23 -52.21 18.51
N SER O 8 26.52 -52.31 18.18
CA SER O 8 26.95 -53.25 17.16
C SER O 8 26.63 -54.69 17.53
N LEU O 9 26.29 -55.49 16.51
CA LEU O 9 25.99 -56.90 16.70
C LEU O 9 27.15 -57.72 16.13
N THR O 10 28.12 -57.01 15.56
CA THR O 10 29.31 -57.61 15.00
C THR O 10 30.47 -56.93 15.72
N THR O 11 31.22 -57.68 16.51
CA THR O 11 32.34 -57.09 17.24
C THR O 11 33.60 -57.94 17.10
N PHE O 12 34.70 -57.47 17.68
CA PHE O 12 35.96 -58.20 17.59
C PHE O 12 36.11 -59.23 18.70
N SER O 13 36.54 -60.43 18.32
CA SER O 13 36.78 -61.49 19.30
C SER O 13 38.26 -61.39 19.67
N PRO O 14 38.65 -61.95 20.81
CA PRO O 14 40.06 -61.89 21.22
C PRO O 14 41.07 -62.23 20.13
N SER O 15 40.72 -63.16 19.25
CA SER O 15 41.62 -63.57 18.18
C SER O 15 41.66 -62.52 17.04
N GLY O 16 40.74 -61.56 17.09
CA GLY O 16 40.69 -60.53 16.07
C GLY O 16 39.71 -60.83 14.96
N LYS O 17 38.98 -61.93 15.09
CA LYS O 17 38.01 -62.31 14.08
C LYS O 17 36.73 -61.52 14.30
N LEU O 18 35.95 -61.36 13.23
CA LEU O 18 34.65 -60.68 13.30
C LEU O 18 33.62 -61.77 12.97
N GLY O 19 33.28 -62.53 14.00
CA GLY O 19 32.35 -63.65 13.88
C GLY O 19 31.25 -63.55 12.86
N GLN O 20 30.34 -62.58 13.05
CA GLN O 20 29.21 -62.40 12.15
C GLN O 20 29.59 -62.34 10.68
N ILE O 21 30.73 -61.73 10.37
CA ILE O 21 31.16 -61.66 8.97
C ILE O 21 31.64 -63.03 8.51
N ASP O 22 32.31 -63.74 9.40
CA ASP O 22 32.78 -65.08 9.06
C ASP O 22 31.58 -65.99 8.77
N TYR O 23 30.59 -65.94 9.66
CA TYR O 23 29.38 -66.74 9.54
C TYR O 23 28.65 -66.38 8.25
N ALA O 24 28.57 -65.09 7.96
CA ALA O 24 27.93 -64.67 6.73
C ALA O 24 28.67 -65.33 5.56
N LEU O 25 30.00 -65.32 5.60
CA LEU O 25 30.77 -65.94 4.53
C LEU O 25 30.43 -67.42 4.41
N THR O 26 30.20 -68.06 5.55
CA THR O 26 29.83 -69.47 5.56
C THR O 26 28.50 -69.66 4.83
N ALA O 27 27.56 -68.76 5.08
CA ALA O 27 26.27 -68.84 4.43
C ALA O 27 26.51 -68.76 2.93
N VAL O 28 27.42 -67.91 2.52
CA VAL O 28 27.73 -67.75 1.10
C VAL O 28 28.23 -69.06 0.50
N LYS O 29 29.08 -69.76 1.25
CA LYS O 29 29.65 -71.05 0.80
C LYS O 29 28.60 -72.10 0.44
N GLN O 30 27.52 -72.14 1.20
CA GLN O 30 26.45 -73.10 0.95
C GLN O 30 25.61 -72.69 -0.25
N GLY O 31 25.82 -71.45 -0.72
CA GLY O 31 25.03 -70.95 -1.83
C GLY O 31 25.34 -71.63 -3.14
N VAL O 32 24.39 -71.57 -4.08
CA VAL O 32 24.61 -72.15 -5.39
C VAL O 32 25.78 -71.42 -6.07
N THR O 33 26.56 -72.15 -6.85
CA THR O 33 27.71 -71.58 -7.52
C THR O 33 27.33 -70.58 -8.60
N SER O 34 28.09 -69.49 -8.68
CA SER O 34 27.91 -68.45 -9.69
C SER O 34 29.31 -67.99 -10.11
N LEU O 35 29.46 -67.54 -11.34
CA LEU O 35 30.77 -67.13 -11.82
C LEU O 35 30.78 -65.99 -12.84
N GLY O 36 31.97 -65.46 -13.10
CA GLY O 36 32.10 -64.38 -14.06
C GLY O 36 33.39 -64.49 -14.84
N ILE O 37 33.36 -64.17 -16.13
CA ILE O 37 34.55 -64.24 -16.97
C ILE O 37 34.67 -63.02 -17.86
N LYS O 38 35.81 -62.35 -17.80
CA LYS O 38 36.01 -61.17 -18.62
C LYS O 38 36.75 -61.53 -19.91
N ALA O 39 36.20 -61.09 -21.04
CA ALA O 39 36.80 -61.34 -22.34
C ALA O 39 37.37 -60.00 -22.81
N THR O 40 37.93 -59.98 -24.02
CA THR O 40 38.50 -58.75 -24.56
C THR O 40 37.40 -57.77 -24.94
N ASN O 41 36.24 -58.29 -25.31
CA ASN O 41 35.16 -57.42 -25.72
C ASN O 41 33.85 -57.73 -24.99
N GLY O 42 33.95 -57.99 -23.70
CA GLY O 42 32.75 -58.28 -22.94
C GLY O 42 32.98 -59.04 -21.66
N VAL O 43 31.91 -59.29 -20.93
CA VAL O 43 31.99 -60.04 -19.68
C VAL O 43 30.75 -60.92 -19.61
N VAL O 44 30.88 -62.07 -18.96
CA VAL O 44 29.76 -62.98 -18.80
C VAL O 44 29.65 -63.38 -17.34
N ILE O 45 28.43 -63.38 -16.83
CA ILE O 45 28.18 -63.80 -15.46
C ILE O 45 27.09 -64.85 -15.57
N ALA O 46 27.22 -65.91 -14.78
CA ALA O 46 26.25 -66.99 -14.84
C ALA O 46 26.06 -67.70 -13.50
N THR O 47 24.94 -68.41 -13.40
CA THR O 47 24.64 -69.14 -12.19
C THR O 47 23.62 -70.23 -12.53
N GLU O 48 23.26 -71.03 -11.53
CA GLU O 48 22.30 -72.10 -11.72
C GLU O 48 20.96 -71.69 -11.11
N LYS O 49 19.87 -71.96 -11.82
CA LYS O 49 18.54 -71.64 -11.30
C LYS O 49 17.99 -72.84 -10.53
N LYS O 50 18.45 -72.98 -9.30
CA LYS O 50 18.08 -74.07 -8.41
C LYS O 50 16.59 -74.07 -8.01
N SER O 51 15.72 -74.40 -8.96
CA SER O 51 14.27 -74.44 -8.68
C SER O 51 13.96 -75.26 -7.42
N SER O 52 13.33 -74.62 -6.44
CA SER O 52 12.97 -75.28 -5.17
C SER O 52 11.66 -76.08 -5.23
N SER O 53 11.25 -76.45 -6.44
CA SER O 53 10.04 -77.23 -6.71
C SER O 53 9.72 -77.08 -8.20
N PRO O 54 9.26 -78.17 -8.83
CA PRO O 54 8.93 -78.10 -10.26
C PRO O 54 7.66 -77.26 -10.50
N LEU O 55 6.87 -77.07 -9.44
CA LEU O 55 5.65 -76.27 -9.53
C LEU O 55 5.98 -74.79 -9.60
N ALA O 56 7.16 -74.44 -9.07
CA ALA O 56 7.62 -73.07 -9.08
C ALA O 56 7.93 -72.73 -10.52
N MET O 57 7.92 -71.44 -10.84
CA MET O 57 8.22 -70.98 -12.19
C MET O 57 9.57 -70.29 -12.17
N SER O 58 10.60 -71.06 -12.51
CA SER O 58 11.98 -70.58 -12.51
C SER O 58 12.21 -69.21 -13.16
N GLU O 59 11.39 -68.84 -14.14
CA GLU O 59 11.56 -67.54 -14.79
C GLU O 59 11.17 -66.40 -13.86
N THR O 60 10.14 -66.60 -13.04
CA THR O 60 9.66 -65.58 -12.10
C THR O 60 10.69 -65.29 -11.02
N LEU O 61 11.91 -65.78 -11.23
CA LEU O 61 12.95 -65.52 -10.25
C LEU O 61 14.28 -65.38 -10.96
N SER O 62 14.71 -64.12 -11.12
CA SER O 62 15.98 -63.86 -11.76
C SER O 62 17.06 -63.75 -10.70
N LYS O 63 18.16 -64.45 -10.93
CA LYS O 63 19.29 -64.41 -10.02
C LYS O 63 20.30 -63.45 -10.62
N VAL O 64 20.13 -63.14 -11.89
CA VAL O 64 21.01 -62.19 -12.59
C VAL O 64 20.19 -60.92 -12.81
N SER O 65 20.69 -59.80 -12.30
CA SER O 65 19.98 -58.54 -12.42
C SER O 65 20.73 -57.41 -13.08
N LEU O 66 19.98 -56.58 -13.79
CA LEU O 66 20.53 -55.39 -14.44
C LEU O 66 20.48 -54.29 -13.37
N LEU O 67 21.60 -53.62 -13.17
CA LEU O 67 21.68 -52.55 -12.20
C LEU O 67 21.59 -51.22 -12.96
N THR O 68 22.19 -51.19 -14.14
CA THR O 68 22.18 -50.03 -15.03
C THR O 68 22.27 -50.66 -16.40
N PRO O 69 22.00 -49.89 -17.46
CA PRO O 69 22.10 -50.54 -18.77
C PRO O 69 23.49 -51.09 -19.19
N ASP O 70 24.51 -50.88 -18.36
CA ASP O 70 25.85 -51.39 -18.67
C ASP O 70 26.46 -52.16 -17.51
N ILE O 71 25.65 -52.46 -16.51
CA ILE O 71 26.13 -53.19 -15.34
C ILE O 71 25.13 -54.24 -14.87
N GLY O 72 25.63 -55.44 -14.58
CA GLY O 72 24.78 -56.52 -14.11
C GLY O 72 25.36 -57.15 -12.86
N ALA O 73 24.52 -57.84 -12.10
CA ALA O 73 24.97 -58.50 -10.89
C ALA O 73 24.40 -59.90 -10.75
N VAL O 74 25.13 -60.74 -10.03
CA VAL O 74 24.72 -62.12 -9.78
C VAL O 74 25.28 -62.41 -8.39
N TYR O 75 24.78 -63.45 -7.73
CA TYR O 75 25.24 -63.72 -6.38
C TYR O 75 25.26 -65.18 -5.96
N SER O 76 25.67 -65.39 -4.71
CA SER O 76 25.70 -66.69 -4.07
C SER O 76 25.47 -66.41 -2.59
N GLY O 77 24.50 -67.11 -2.03
CA GLY O 77 24.17 -66.92 -0.62
C GLY O 77 22.68 -66.75 -0.44
N MET O 78 22.29 -65.82 0.43
CA MET O 78 20.89 -65.56 0.72
C MET O 78 20.15 -64.69 -0.27
N GLY O 79 19.34 -65.33 -1.11
CA GLY O 79 18.58 -64.62 -2.12
C GLY O 79 17.86 -63.36 -1.67
N PRO O 80 17.06 -63.40 -0.59
CA PRO O 80 16.36 -62.19 -0.15
C PRO O 80 17.30 -61.01 0.15
N ASP O 81 18.49 -61.28 0.70
CA ASP O 81 19.43 -60.21 0.99
C ASP O 81 19.90 -59.61 -0.34
N TYR O 82 20.08 -60.47 -1.33
CA TYR O 82 20.50 -60.03 -2.65
C TYR O 82 19.45 -59.13 -3.29
N ARG O 83 18.19 -59.53 -3.17
CA ARG O 83 17.11 -58.75 -3.75
C ARG O 83 17.07 -57.32 -3.19
N VAL O 84 17.13 -57.16 -1.86
CA VAL O 84 17.09 -55.81 -1.34
C VAL O 84 18.37 -55.06 -1.70
N LEU O 85 19.48 -55.77 -1.84
CA LEU O 85 20.74 -55.11 -2.22
C LEU O 85 20.62 -54.57 -3.63
N VAL O 86 19.96 -55.33 -4.50
CA VAL O 86 19.77 -54.90 -5.88
C VAL O 86 18.87 -53.65 -5.93
N ASP O 87 17.81 -53.64 -5.13
CA ASP O 87 16.94 -52.48 -5.13
C ASP O 87 17.76 -51.25 -4.74
N LYS O 88 18.50 -51.36 -3.63
CA LYS O 88 19.33 -50.25 -3.16
C LYS O 88 20.40 -49.87 -4.17
N SER O 89 20.99 -50.85 -4.83
CA SER O 89 22.02 -50.58 -5.82
C SER O 89 21.50 -49.80 -6.99
N ARG O 90 20.32 -50.17 -7.48
CA ARG O 90 19.74 -49.47 -8.61
C ARG O 90 19.40 -48.05 -8.23
N LYS O 91 18.97 -47.86 -7.00
CA LYS O 91 18.58 -46.53 -6.55
C LYS O 91 19.76 -45.62 -6.30
N VAL O 92 20.80 -46.18 -5.69
CA VAL O 92 21.99 -45.38 -5.39
C VAL O 92 22.67 -44.95 -6.70
N ALA O 93 22.53 -45.75 -7.74
CA ALA O 93 23.12 -45.41 -9.03
C ALA O 93 22.49 -44.11 -9.51
N HIS O 94 21.22 -43.90 -9.17
CA HIS O 94 20.51 -42.71 -9.58
C HIS O 94 20.77 -41.52 -8.64
N THR O 95 20.37 -41.67 -7.38
CA THR O 95 20.54 -40.60 -6.40
C THR O 95 21.95 -40.10 -6.18
N SER O 96 22.93 -40.99 -6.17
CA SER O 96 24.30 -40.57 -5.93
C SER O 96 25.12 -40.36 -7.19
N TYR O 97 24.49 -40.47 -8.36
CA TYR O 97 25.27 -40.30 -9.56
C TYR O 97 24.54 -39.77 -10.77
N LYS O 98 23.56 -40.50 -11.28
CA LYS O 98 22.86 -40.04 -12.47
C LYS O 98 22.13 -38.71 -12.27
N ARG O 99 21.59 -38.48 -11.08
CA ARG O 99 20.89 -37.24 -10.80
C ARG O 99 21.86 -36.07 -10.58
N ILE O 100 23.16 -36.38 -10.57
CA ILE O 100 24.18 -35.37 -10.38
C ILE O 100 24.93 -35.04 -11.66
N TYR O 101 25.42 -36.07 -12.35
CA TYR O 101 26.20 -35.89 -13.58
C TYR O 101 25.45 -36.26 -14.85
N GLY O 102 24.20 -36.65 -14.73
CA GLY O 102 23.42 -36.99 -15.91
C GLY O 102 23.88 -38.20 -16.71
N GLU O 103 24.63 -39.09 -16.06
CA GLU O 103 25.10 -40.31 -16.70
C GLU O 103 25.20 -41.39 -15.63
N TYR O 104 25.14 -42.65 -16.04
CA TYR O 104 25.21 -43.75 -15.09
C TYR O 104 26.61 -43.86 -14.52
N PRO O 105 26.74 -44.37 -13.30
CA PRO O 105 28.07 -44.50 -12.70
C PRO O 105 28.95 -45.57 -13.33
N PRO O 106 30.27 -45.39 -13.27
CA PRO O 106 31.15 -46.39 -13.86
C PRO O 106 31.12 -47.60 -12.91
N THR O 107 31.37 -48.79 -13.45
CA THR O 107 31.34 -50.02 -12.66
C THR O 107 31.99 -49.96 -11.26
N LYS O 108 33.25 -49.56 -11.19
CA LYS O 108 33.94 -49.49 -9.91
C LYS O 108 33.19 -48.64 -8.88
N LEU O 109 32.71 -47.47 -9.29
CA LEU O 109 32.02 -46.59 -8.35
C LEU O 109 30.73 -47.16 -7.80
N LEU O 110 29.93 -47.78 -8.67
CA LEU O 110 28.69 -48.37 -8.22
C LEU O 110 29.03 -49.49 -7.24
N VAL O 111 30.04 -50.28 -7.60
CA VAL O 111 30.48 -51.39 -6.76
C VAL O 111 30.90 -50.82 -5.41
N SER O 112 31.61 -49.71 -5.48
CA SER O 112 32.09 -49.00 -4.30
C SER O 112 30.88 -48.64 -3.44
N GLU O 113 29.79 -48.25 -4.09
CA GLU O 113 28.56 -47.88 -3.38
C GLU O 113 27.94 -49.07 -2.68
N VAL O 114 27.79 -50.17 -3.40
CA VAL O 114 27.20 -51.37 -2.84
C VAL O 114 28.01 -51.83 -1.65
N ALA O 115 29.32 -51.86 -1.84
CA ALA O 115 30.25 -52.29 -0.80
C ALA O 115 30.04 -51.47 0.46
N LYS O 116 29.78 -50.17 0.29
CA LYS O 116 29.58 -49.31 1.44
C LYS O 116 28.35 -49.77 2.22
N ILE O 117 27.27 -50.05 1.50
CA ILE O 117 26.02 -50.49 2.12
C ILE O 117 26.28 -51.75 2.95
N MET O 118 27.08 -52.64 2.40
CA MET O 118 27.40 -53.87 3.08
C MET O 118 28.30 -53.61 4.28
N GLN O 119 29.28 -52.74 4.13
CA GLN O 119 30.17 -52.43 5.24
C GLN O 119 29.40 -51.92 6.46
N GLU O 120 28.37 -51.12 6.20
CA GLU O 120 27.59 -50.55 7.30
C GLU O 120 26.82 -51.57 8.11
N ALA O 121 26.35 -52.61 7.44
CA ALA O 121 25.59 -53.68 8.08
C ALA O 121 26.54 -54.54 8.93
N THR O 122 27.78 -54.11 8.98
CA THR O 122 28.85 -54.78 9.68
C THR O 122 29.23 -54.01 10.95
N GLN O 123 28.74 -52.79 11.04
CA GLN O 123 29.09 -51.92 12.16
C GLN O 123 27.92 -51.14 12.78
N SER O 124 26.89 -50.84 11.98
CA SER O 124 25.72 -50.11 12.50
C SER O 124 25.07 -50.86 13.64
N GLY O 125 24.25 -50.16 14.41
CA GLY O 125 23.58 -50.80 15.52
C GLY O 125 22.42 -51.68 15.08
N GLY O 126 22.18 -52.73 15.87
CA GLY O 126 21.08 -53.65 15.61
C GLY O 126 20.92 -54.42 14.32
N VAL O 127 21.98 -54.68 13.58
CA VAL O 127 21.82 -55.46 12.36
C VAL O 127 22.87 -56.54 12.22
N ARG O 128 22.69 -57.40 11.22
CA ARG O 128 23.61 -58.49 10.95
C ARG O 128 24.14 -58.24 9.55
N PRO O 129 25.34 -58.73 9.25
CA PRO O 129 25.90 -58.52 7.91
C PRO O 129 25.01 -59.19 6.87
N PHE O 130 25.13 -58.79 5.61
CA PHE O 130 24.36 -59.40 4.53
C PHE O 130 24.98 -60.79 4.30
N GLY O 131 24.14 -61.79 4.06
CA GLY O 131 24.65 -63.12 3.83
C GLY O 131 24.83 -63.43 2.35
N VAL O 132 25.51 -62.55 1.61
CA VAL O 132 25.75 -62.82 0.19
C VAL O 132 27.07 -62.26 -0.32
N SER O 133 27.46 -62.72 -1.49
CA SER O 133 28.66 -62.24 -2.16
C SER O 133 28.15 -61.98 -3.57
N LEU O 134 28.54 -60.85 -4.15
CA LEU O 134 28.06 -60.54 -5.47
C LEU O 134 29.20 -60.47 -6.48
N LEU O 135 28.86 -60.75 -7.73
CA LEU O 135 29.81 -60.63 -8.82
C LEU O 135 29.09 -59.59 -9.65
N ILE O 136 29.76 -58.45 -9.86
CA ILE O 136 29.16 -57.38 -10.64
C ILE O 136 30.03 -57.17 -11.87
N ALA O 137 29.39 -57.13 -13.03
CA ALA O 137 30.10 -56.97 -14.28
C ALA O 137 29.52 -55.79 -15.04
N GLY O 138 30.39 -55.01 -15.65
CA GLY O 138 29.91 -53.87 -16.40
C GLY O 138 30.94 -53.26 -17.33
N HIS O 139 30.54 -52.18 -17.96
CA HIS O 139 31.39 -51.46 -18.89
C HIS O 139 31.13 -49.97 -18.79
N ASP O 140 32.19 -49.19 -18.98
CA ASP O 140 32.07 -47.74 -18.96
C ASP O 140 33.19 -47.19 -19.84
N GLU O 141 32.87 -46.12 -20.57
CA GLU O 141 33.79 -45.50 -21.51
C GLU O 141 35.25 -45.37 -21.13
N PHE O 142 35.54 -44.95 -19.91
CA PHE O 142 36.93 -44.78 -19.55
C PHE O 142 37.62 -45.97 -18.88
N ASN O 143 36.87 -47.04 -18.63
CA ASN O 143 37.46 -48.22 -17.98
C ASN O 143 37.23 -49.50 -18.77
N GLY O 144 36.42 -49.42 -19.81
CA GLY O 144 36.14 -50.59 -20.62
C GLY O 144 35.32 -51.60 -19.83
N PHE O 145 35.65 -52.88 -19.99
CA PHE O 145 34.92 -53.93 -19.28
C PHE O 145 35.59 -54.27 -17.96
N SER O 146 34.79 -54.62 -16.97
CA SER O 146 35.34 -55.00 -15.68
C SER O 146 34.43 -55.95 -14.92
N LEU O 147 35.03 -56.69 -13.99
CA LEU O 147 34.32 -57.65 -13.19
C LEU O 147 34.79 -57.52 -11.75
N TYR O 148 33.85 -57.47 -10.81
CA TYR O 148 34.18 -57.32 -9.41
C TYR O 148 33.44 -58.30 -8.54
N GLN O 149 33.99 -58.58 -7.36
CA GLN O 149 33.37 -59.46 -6.39
C GLN O 149 33.24 -58.62 -5.14
N VAL O 150 32.09 -58.71 -4.45
CA VAL O 150 31.87 -57.94 -3.23
C VAL O 150 31.44 -58.89 -2.13
N ASP O 151 32.15 -58.87 -1.01
CA ASP O 151 31.86 -59.78 0.11
C ASP O 151 31.09 -59.14 1.26
N PRO O 152 30.52 -59.98 2.15
CA PRO O 152 29.75 -59.53 3.31
C PRO O 152 30.49 -58.49 4.17
N SER O 153 31.81 -58.51 4.11
CA SER O 153 32.60 -57.56 4.88
C SER O 153 32.51 -56.18 4.26
N GLY O 154 32.29 -56.15 2.94
CA GLY O 154 32.21 -54.90 2.23
C GLY O 154 33.42 -54.75 1.32
N SER O 155 34.30 -55.75 1.38
CA SER O 155 35.50 -55.75 0.56
C SER O 155 35.13 -56.09 -0.87
N TYR O 156 35.93 -55.61 -1.82
CA TYR O 156 35.65 -55.91 -3.21
C TYR O 156 36.94 -55.93 -4.00
N PHE O 157 37.00 -56.75 -5.04
CA PHE O 157 38.21 -56.84 -5.84
C PHE O 157 37.92 -57.18 -7.29
N PRO O 158 38.75 -56.67 -8.21
CA PRO O 158 38.60 -56.90 -9.64
C PRO O 158 39.17 -58.26 -10.04
N TRP O 159 38.49 -58.95 -10.95
CA TRP O 159 38.91 -60.26 -11.41
C TRP O 159 38.93 -60.38 -12.92
N LYS O 160 39.70 -61.33 -13.41
CA LYS O 160 39.76 -61.62 -14.85
C LYS O 160 38.68 -62.68 -15.01
N ALA O 161 38.55 -63.51 -13.98
CA ALA O 161 37.57 -64.58 -13.92
C ALA O 161 37.51 -65.14 -12.50
N THR O 162 36.33 -65.55 -12.04
CA THR O 162 36.22 -66.12 -10.69
C THR O 162 34.87 -66.79 -10.47
N ALA O 163 34.74 -67.45 -9.33
CA ALA O 163 33.51 -68.13 -8.97
C ALA O 163 33.32 -68.05 -7.46
N ILE O 164 32.07 -68.04 -7.04
CA ILE O 164 31.72 -67.96 -5.63
C ILE O 164 30.65 -69.00 -5.35
N GLY O 165 30.53 -69.38 -4.08
CA GLY O 165 29.53 -70.37 -3.72
C GLY O 165 30.07 -71.78 -3.53
N LYS O 166 29.16 -72.75 -3.58
CA LYS O 166 29.45 -74.18 -3.42
C LYS O 166 30.77 -74.72 -3.96
N GLY O 167 30.84 -74.87 -5.29
CA GLY O 167 32.05 -75.40 -5.88
C GLY O 167 32.99 -74.34 -6.44
N SER O 168 33.13 -73.25 -5.70
CA SER O 168 33.99 -72.17 -6.13
C SER O 168 35.46 -72.59 -6.28
N VAL O 169 35.96 -73.36 -5.32
CA VAL O 169 37.36 -73.80 -5.36
C VAL O 169 37.68 -74.55 -6.64
N ALA O 170 36.87 -75.57 -6.96
CA ALA O 170 37.07 -76.35 -8.17
C ALA O 170 36.92 -75.46 -9.39
N ALA O 171 35.85 -74.67 -9.40
CA ALA O 171 35.55 -73.77 -10.50
C ALA O 171 36.67 -72.76 -10.78
N LYS O 172 37.21 -72.15 -9.72
CA LYS O 172 38.29 -71.20 -9.91
C LYS O 172 39.47 -71.89 -10.55
N THR O 173 39.76 -73.12 -10.11
CA THR O 173 40.87 -73.88 -10.68
C THR O 173 40.64 -74.14 -12.16
N PHE O 174 39.46 -74.63 -12.51
CA PHE O 174 39.19 -74.89 -13.91
C PHE O 174 39.29 -73.62 -14.75
N LEU O 175 38.92 -72.50 -14.15
CA LEU O 175 38.97 -71.21 -14.85
C LEU O 175 40.40 -70.78 -15.13
N GLU O 176 41.28 -70.98 -14.15
CA GLU O 176 42.67 -70.59 -14.31
C GLU O 176 43.32 -71.31 -15.49
N LYS O 177 42.83 -72.51 -15.79
CA LYS O 177 43.37 -73.27 -16.91
C LYS O 177 42.95 -72.72 -18.27
N ARG O 178 41.66 -72.50 -18.42
CA ARG O 178 41.10 -72.02 -19.68
C ARG O 178 41.20 -70.51 -19.99
N TRP O 179 41.46 -69.69 -18.98
CA TRP O 179 41.53 -68.24 -19.20
C TRP O 179 42.83 -67.73 -19.78
N ASN O 180 42.73 -66.75 -20.65
CA ASN O 180 43.89 -66.10 -21.26
C ASN O 180 43.40 -64.70 -21.62
N ASP O 181 44.34 -63.80 -21.92
CA ASP O 181 43.96 -62.42 -22.23
C ASP O 181 43.60 -62.13 -23.69
N GLU O 182 43.29 -63.17 -24.46
CA GLU O 182 42.91 -62.96 -25.85
C GLU O 182 41.55 -63.56 -26.18
N LEU O 183 40.80 -63.90 -25.13
CA LEU O 183 39.47 -64.50 -25.28
C LEU O 183 38.44 -63.54 -25.87
N GLU O 184 37.61 -64.06 -26.76
CA GLU O 184 36.55 -63.29 -27.39
C GLU O 184 35.33 -63.58 -26.49
N LEU O 185 34.28 -62.77 -26.55
CA LEU O 185 33.12 -63.00 -25.70
C LEU O 185 32.52 -64.40 -25.78
N GLU O 186 32.36 -64.92 -27.00
CA GLU O 186 31.79 -66.26 -27.20
C GLU O 186 32.64 -67.34 -26.54
N ASP O 187 33.95 -67.14 -26.55
CA ASP O 187 34.87 -68.09 -25.93
C ASP O 187 34.60 -68.17 -24.44
N ALA O 188 34.39 -67.00 -23.83
CA ALA O 188 34.14 -66.91 -22.40
C ALA O 188 32.79 -67.53 -22.06
N ILE O 189 31.79 -67.31 -22.91
CA ILE O 189 30.47 -67.87 -22.67
C ILE O 189 30.61 -69.39 -22.68
N HIS O 190 31.37 -69.89 -23.65
CA HIS O 190 31.61 -71.31 -23.78
C HIS O 190 32.34 -71.84 -22.54
N ILE O 191 33.41 -71.17 -22.13
CA ILE O 191 34.14 -71.61 -20.94
C ILE O 191 33.25 -71.50 -19.71
N ALA O 192 32.37 -70.51 -19.72
CA ALA O 192 31.45 -70.30 -18.60
C ALA O 192 30.51 -71.50 -18.51
N LEU O 193 29.97 -71.91 -19.65
CA LEU O 193 29.07 -73.04 -19.70
C LEU O 193 29.74 -74.34 -19.26
N LEU O 194 31.01 -74.52 -19.66
CA LEU O 194 31.74 -75.71 -19.27
C LEU O 194 31.95 -75.72 -17.78
N THR O 195 32.42 -74.60 -17.25
CA THR O 195 32.69 -74.46 -15.82
C THR O 195 31.46 -74.74 -14.98
N LEU O 196 30.33 -74.17 -15.41
CA LEU O 196 29.09 -74.33 -14.67
C LEU O 196 28.56 -75.76 -14.69
N LYS O 197 28.85 -76.49 -15.76
CA LYS O 197 28.40 -77.88 -15.87
C LYS O 197 28.89 -78.75 -14.73
N GLU O 198 30.15 -78.57 -14.33
CA GLU O 198 30.71 -79.37 -13.23
C GLU O 198 30.00 -79.13 -11.90
N SER O 199 29.41 -77.95 -11.74
CA SER O 199 28.73 -77.58 -10.50
C SER O 199 27.24 -77.93 -10.48
N VAL O 200 26.68 -78.32 -11.62
CA VAL O 200 25.27 -78.67 -11.69
C VAL O 200 25.04 -80.17 -11.63
N GLU O 201 24.31 -80.59 -10.61
CA GLU O 201 24.00 -82.01 -10.38
C GLU O 201 22.96 -82.57 -11.34
N GLY O 202 21.80 -81.90 -11.44
CA GLY O 202 20.74 -82.38 -12.31
C GLY O 202 20.75 -81.91 -13.75
N GLU O 203 19.59 -81.50 -14.24
CA GLU O 203 19.46 -81.02 -15.61
C GLU O 203 20.32 -79.80 -15.88
N PHE O 204 20.86 -79.74 -17.10
CA PHE O 204 21.72 -78.62 -17.48
C PHE O 204 21.28 -78.11 -18.85
N ASN O 205 20.41 -77.11 -18.85
CA ASN O 205 19.90 -76.53 -20.09
C ASN O 205 19.54 -75.07 -19.88
N GLY O 206 19.05 -74.43 -20.94
CA GLY O 206 18.69 -73.03 -20.86
C GLY O 206 17.55 -72.68 -19.91
N ASP O 207 16.98 -73.67 -19.24
CA ASP O 207 15.89 -73.42 -18.31
C ASP O 207 16.33 -73.58 -16.86
N THR O 208 17.47 -74.23 -16.66
CA THR O 208 18.03 -74.45 -15.32
C THR O 208 19.27 -73.57 -15.13
N ILE O 209 19.62 -72.85 -16.20
CA ILE O 209 20.78 -71.98 -16.23
C ILE O 209 20.39 -70.53 -16.53
N GLU O 210 21.01 -69.60 -15.81
CA GLU O 210 20.77 -68.18 -16.01
C GLU O 210 22.11 -67.55 -16.42
N LEU O 211 22.13 -66.87 -17.56
CA LEU O 211 23.38 -66.29 -18.01
C LEU O 211 23.21 -64.96 -18.75
N ALA O 212 24.02 -63.97 -18.38
CA ALA O 212 23.95 -62.64 -19.00
C ALA O 212 25.32 -62.16 -19.39
N ILE O 213 25.37 -61.17 -20.28
CA ILE O 213 26.64 -60.62 -20.73
C ILE O 213 26.65 -59.10 -20.74
N ILE O 214 27.85 -58.54 -20.85
CA ILE O 214 28.03 -57.11 -20.94
C ILE O 214 28.89 -57.03 -22.19
N GLY O 215 28.30 -56.61 -23.31
CA GLY O 215 29.06 -56.54 -24.54
C GLY O 215 28.81 -55.29 -25.35
N ASP O 216 28.52 -55.46 -26.63
CA ASP O 216 28.25 -54.33 -27.51
C ASP O 216 26.92 -53.72 -27.13
N GLU O 217 26.64 -52.56 -27.72
CA GLU O 217 25.39 -51.87 -27.45
C GLU O 217 24.25 -52.51 -28.26
N ASN O 218 23.07 -52.60 -27.64
CA ASN O 218 21.89 -53.22 -28.26
C ASN O 218 20.84 -52.18 -28.63
N PRO O 219 21.04 -51.46 -29.74
CA PRO O 219 20.08 -50.43 -30.16
C PRO O 219 18.66 -50.97 -30.18
N ASP O 220 18.53 -52.22 -30.61
CA ASP O 220 17.25 -52.88 -30.69
C ASP O 220 16.58 -53.03 -29.32
N LEU O 221 17.36 -52.85 -28.27
CA LEU O 221 16.84 -52.98 -26.90
C LEU O 221 16.61 -51.62 -26.23
N LEU O 222 16.81 -50.54 -26.98
CA LEU O 222 16.64 -49.19 -26.45
C LEU O 222 15.19 -48.78 -26.30
N GLY O 223 14.36 -49.03 -27.32
CA GLY O 223 12.96 -48.67 -27.22
C GLY O 223 12.57 -47.41 -27.95
N TYR O 224 13.55 -46.69 -28.45
CA TYR O 224 13.33 -45.45 -29.20
C TYR O 224 14.53 -45.13 -30.10
N THR O 225 14.36 -44.14 -30.97
CA THR O 225 15.43 -43.71 -31.87
C THR O 225 15.37 -42.19 -32.02
N GLY O 226 16.43 -41.60 -32.56
CA GLY O 226 16.46 -40.16 -32.76
C GLY O 226 17.54 -39.44 -31.97
N ILE O 227 18.17 -40.15 -31.04
CA ILE O 227 19.24 -39.57 -30.23
C ILE O 227 20.54 -40.34 -30.51
N PRO O 228 21.32 -39.89 -31.50
CA PRO O 228 22.59 -40.50 -31.90
C PRO O 228 23.50 -41.07 -30.82
N THR O 229 23.66 -40.34 -29.71
CA THR O 229 24.55 -40.80 -28.64
C THR O 229 23.98 -41.94 -27.78
N ASP O 230 22.71 -42.26 -27.99
CA ASP O 230 22.07 -43.35 -27.24
C ASP O 230 21.96 -44.55 -28.17
N LYS O 231 22.88 -45.50 -28.03
CA LYS O 231 22.90 -46.68 -28.88
C LYS O 231 22.34 -47.96 -28.25
N GLY O 232 21.86 -47.88 -27.02
CA GLY O 232 21.30 -49.03 -26.36
C GLY O 232 22.17 -49.59 -25.25
N PRO O 233 21.61 -50.49 -24.42
CA PRO O 233 22.32 -51.11 -23.29
C PRO O 233 23.34 -52.18 -23.71
N ARG O 234 24.39 -52.30 -22.94
CA ARG O 234 25.42 -53.30 -23.21
C ARG O 234 25.10 -54.57 -22.45
N PHE O 235 24.20 -54.44 -21.48
CA PHE O 235 23.77 -55.57 -20.66
C PHE O 235 22.72 -56.38 -21.40
N ARG O 236 22.94 -57.67 -21.54
CA ARG O 236 21.94 -58.49 -22.20
C ARG O 236 21.87 -59.87 -21.58
N LYS O 237 20.66 -60.25 -21.18
CA LYS O 237 20.44 -61.55 -20.58
C LYS O 237 20.20 -62.50 -21.76
N LEU O 238 20.75 -63.71 -21.71
CA LEU O 238 20.54 -64.65 -22.80
C LEU O 238 19.22 -65.37 -22.60
N THR O 239 18.64 -65.84 -23.70
CA THR O 239 17.38 -66.56 -23.65
C THR O 239 17.63 -68.05 -23.53
N SER O 240 16.65 -68.76 -22.96
CA SER O 240 16.75 -70.21 -22.79
C SER O 240 17.25 -70.81 -24.10
N GLN O 241 16.63 -70.39 -25.21
CA GLN O 241 16.99 -70.86 -26.53
C GLN O 241 18.45 -70.55 -26.89
N GLU O 242 18.89 -69.32 -26.65
CA GLU O 242 20.28 -68.96 -26.97
C GLU O 242 21.28 -69.81 -26.20
N ILE O 243 20.91 -70.19 -24.99
CA ILE O 243 21.78 -71.02 -24.15
C ILE O 243 21.90 -72.40 -24.78
N ASN O 244 20.76 -73.02 -25.07
CA ASN O 244 20.73 -74.35 -25.66
C ASN O 244 21.50 -74.44 -26.97
N ASP O 245 21.40 -73.42 -27.81
CA ASP O 245 22.12 -73.43 -29.08
C ASP O 245 23.61 -73.61 -28.84
N ARG O 246 24.09 -73.06 -27.73
CA ARG O 246 25.50 -73.16 -27.40
C ARG O 246 25.82 -74.42 -26.62
N LEU O 247 24.82 -74.98 -25.95
CA LEU O 247 25.04 -76.20 -25.18
C LEU O 247 25.33 -77.35 -26.14
N GLU O 248 24.83 -77.22 -27.36
CA GLU O 248 25.06 -78.25 -28.37
C GLU O 248 26.54 -78.26 -28.72
N ALA O 249 27.08 -77.08 -29.00
CA ALA O 249 28.49 -76.93 -29.34
C ALA O 249 29.36 -77.04 -28.09
N LEU O 250 28.84 -77.70 -27.06
CA LEU O 250 29.56 -77.87 -25.79
C LEU O 250 30.51 -79.07 -25.87
N GLY P 1 14.48 -57.38 27.71
CA GLY P 1 15.03 -56.18 27.00
C GLY P 1 16.21 -56.48 26.07
N SER P 2 16.79 -55.42 25.52
CA SER P 2 17.93 -55.52 24.61
C SER P 2 19.27 -55.66 25.33
N ARG P 3 19.40 -55.00 26.46
CA ARG P 3 20.61 -55.02 27.29
C ARG P 3 21.33 -56.37 27.20
N ARG P 4 20.52 -57.42 27.16
CA ARG P 4 20.99 -58.79 27.10
C ARG P 4 22.03 -59.06 26.01
N TYR P 5 21.79 -58.52 24.81
CA TYR P 5 22.67 -58.75 23.66
C TYR P 5 23.73 -57.68 23.41
N ASP P 6 23.83 -56.70 24.29
CA ASP P 6 24.80 -55.62 24.15
C ASP P 6 26.20 -56.06 24.57
N SER P 7 27.13 -56.05 23.62
CA SER P 7 28.53 -56.45 23.87
C SER P 7 29.26 -55.42 24.71
N ARG P 8 28.83 -54.17 24.64
CA ARG P 8 29.47 -53.08 25.38
C ARG P 8 30.88 -52.93 24.82
N THR P 9 30.95 -52.48 23.58
CA THR P 9 32.20 -52.28 22.88
C THR P 9 33.10 -51.20 23.44
N THR P 10 32.59 -50.37 24.33
CA THR P 10 33.41 -49.30 24.87
C THR P 10 33.67 -49.33 26.37
N ILE P 11 34.10 -50.48 26.90
CA ILE P 11 34.40 -50.52 28.32
C ILE P 11 35.85 -50.85 28.64
N PHE P 12 36.23 -50.54 29.87
CA PHE P 12 37.58 -50.78 30.36
C PHE P 12 37.69 -52.17 30.97
N SER P 13 38.85 -52.80 30.80
CA SER P 13 39.12 -54.09 31.40
C SER P 13 39.60 -53.77 32.81
N PRO P 14 39.60 -54.76 33.71
CA PRO P 14 40.07 -54.47 35.07
C PRO P 14 41.45 -53.84 35.04
N GLU P 15 42.22 -54.18 34.01
CA GLU P 15 43.59 -53.67 33.83
C GLU P 15 43.59 -52.27 33.20
N GLY P 16 42.41 -51.74 32.88
CA GLY P 16 42.34 -50.43 32.27
C GLY P 16 42.69 -50.42 30.79
N ARG P 17 42.21 -51.42 30.06
CA ARG P 17 42.47 -51.52 28.64
C ARG P 17 41.15 -51.58 27.90
N LEU P 18 41.18 -51.27 26.61
CA LEU P 18 39.99 -51.30 25.78
C LEU P 18 39.92 -52.58 24.97
N TYR P 19 39.16 -53.54 25.46
CA TYR P 19 39.02 -54.83 24.80
C TYR P 19 38.97 -54.75 23.28
N GLN P 20 37.93 -54.11 22.77
CA GLN P 20 37.74 -53.98 21.33
C GLN P 20 38.94 -53.40 20.59
N VAL P 21 39.59 -52.39 21.18
CA VAL P 21 40.75 -51.78 20.54
C VAL P 21 41.88 -52.80 20.42
N GLU P 22 42.10 -53.55 21.49
CA GLU P 22 43.15 -54.57 21.51
C GLU P 22 42.85 -55.66 20.51
N TYR P 23 41.60 -56.07 20.42
CA TYR P 23 41.21 -57.12 19.49
C TYR P 23 41.28 -56.63 18.05
N ALA P 24 40.99 -55.34 17.83
CA ALA P 24 41.05 -54.80 16.48
C ALA P 24 42.51 -54.83 16.04
N LEU P 25 43.39 -54.42 16.94
CA LEU P 25 44.83 -54.43 16.66
C LEU P 25 45.26 -55.85 16.30
N GLU P 26 44.77 -56.81 17.06
CA GLU P 26 45.06 -58.22 16.82
C GLU P 26 44.65 -58.55 15.39
N SER P 27 43.56 -57.96 14.94
CA SER P 27 43.07 -58.18 13.58
C SER P 27 44.05 -57.59 12.58
N ILE P 28 44.45 -56.35 12.83
CA ILE P 28 45.38 -55.62 11.96
C ILE P 28 46.68 -56.38 11.73
N SER P 29 47.19 -56.99 12.80
CA SER P 29 48.43 -57.74 12.76
C SER P 29 48.46 -58.90 11.76
N HIS P 30 47.31 -59.28 11.23
CA HIS P 30 47.24 -60.36 10.26
C HIS P 30 47.13 -59.80 8.86
N ALA P 31 47.12 -58.48 8.75
CA ALA P 31 46.99 -57.80 7.47
C ALA P 31 48.30 -57.61 6.70
N GLY P 32 48.19 -57.55 5.38
CA GLY P 32 49.37 -57.34 4.56
C GLY P 32 50.18 -56.18 5.11
N THR P 33 51.49 -56.37 5.22
CA THR P 33 52.37 -55.34 5.76
C THR P 33 52.51 -54.12 4.87
N ALA P 34 52.60 -52.96 5.51
CA ALA P 34 52.76 -51.69 4.81
C ALA P 34 53.92 -50.97 5.46
N ILE P 35 54.82 -50.43 4.63
CA ILE P 35 55.99 -49.71 5.10
C ILE P 35 55.95 -48.24 4.70
N GLY P 36 56.44 -47.39 5.60
CA GLY P 36 56.50 -45.97 5.33
C GLY P 36 57.90 -45.47 5.68
N ILE P 37 58.64 -44.98 4.68
CA ILE P 37 60.00 -44.48 4.91
C ILE P 37 60.16 -43.04 4.44
N MET P 38 60.66 -42.20 5.33
CA MET P 38 60.86 -40.80 4.98
C MET P 38 62.31 -40.40 4.73
N ALA P 39 62.58 -39.94 3.50
CA ALA P 39 63.91 -39.51 3.11
C ALA P 39 64.01 -37.98 3.21
N SER P 40 65.15 -37.43 2.79
CA SER P 40 65.35 -35.98 2.83
C SER P 40 64.64 -35.29 1.66
N ASP P 41 64.55 -36.00 0.54
CA ASP P 41 63.93 -35.46 -0.65
C ASP P 41 62.64 -36.18 -1.05
N GLY P 42 61.91 -36.70 -0.07
CA GLY P 42 60.67 -37.39 -0.40
C GLY P 42 60.25 -38.48 0.57
N ILE P 43 59.13 -39.15 0.26
CA ILE P 43 58.62 -40.21 1.11
C ILE P 43 58.26 -41.43 0.27
N VAL P 44 58.45 -42.61 0.87
CA VAL P 44 58.14 -43.85 0.18
C VAL P 44 57.09 -44.68 0.95
N LEU P 45 56.09 -45.15 0.21
CA LEU P 45 55.04 -45.98 0.77
C LEU P 45 55.03 -47.29 -0.01
N ALA P 46 55.14 -48.40 0.72
CA ALA P 46 55.13 -49.71 0.09
C ALA P 46 54.19 -50.62 0.88
N ALA P 47 53.48 -51.50 0.18
CA ALA P 47 52.56 -52.41 0.86
C ALA P 47 52.42 -53.74 0.14
N GLU P 48 52.27 -54.80 0.92
CA GLU P 48 52.15 -56.15 0.38
C GLU P 48 50.68 -56.54 0.25
N ARG P 49 50.23 -56.78 -0.98
CA ARG P 49 48.85 -57.19 -1.21
C ARG P 49 48.64 -58.55 -0.56
N LYS P 50 47.67 -58.63 0.35
CA LYS P 50 47.40 -59.90 1.00
C LYS P 50 46.46 -60.69 0.10
N VAL P 51 46.76 -61.98 -0.08
CA VAL P 51 45.97 -62.87 -0.94
C VAL P 51 45.82 -62.35 -2.37
N THR P 52 46.14 -63.22 -3.32
CA THR P 52 46.05 -62.88 -4.73
C THR P 52 45.76 -64.14 -5.55
N SER P 53 45.52 -63.95 -6.84
CA SER P 53 45.23 -65.06 -7.73
C SER P 53 45.74 -64.73 -9.12
N THR P 54 45.77 -65.74 -9.98
CA THR P 54 46.22 -65.54 -11.34
C THR P 54 45.21 -64.67 -12.06
N LEU P 55 43.96 -64.74 -11.60
CA LEU P 55 42.89 -63.97 -12.22
C LEU P 55 42.64 -62.59 -11.63
N LEU P 56 43.17 -62.33 -10.43
CA LEU P 56 42.97 -61.02 -9.83
C LEU P 56 43.53 -59.96 -10.76
N GLU P 57 42.68 -59.02 -11.14
CA GLU P 57 43.07 -57.92 -12.02
C GLU P 57 43.90 -56.95 -11.17
N GLN P 58 45.18 -56.81 -11.47
CA GLN P 58 46.02 -55.93 -10.66
C GLN P 58 46.07 -54.49 -11.15
N ASP P 59 45.99 -54.31 -12.46
CA ASP P 59 46.01 -52.98 -13.04
C ASP P 59 44.84 -52.12 -12.55
N THR P 60 43.73 -52.76 -12.24
CA THR P 60 42.53 -52.07 -11.79
C THR P 60 42.36 -52.13 -10.27
N SER P 61 43.32 -52.76 -9.58
CA SER P 61 43.24 -52.90 -8.13
C SER P 61 43.93 -51.81 -7.31
N THR P 62 43.42 -51.62 -6.09
CA THR P 62 43.93 -50.64 -5.13
C THR P 62 43.35 -51.02 -3.77
N GLU P 63 44.13 -51.72 -2.97
CA GLU P 63 43.63 -52.15 -1.66
C GLU P 63 44.46 -51.59 -0.51
N LYS P 64 45.60 -50.98 -0.81
CA LYS P 64 46.42 -50.47 0.27
C LYS P 64 46.94 -49.04 0.16
N LEU P 65 47.00 -48.50 -1.06
CA LEU P 65 47.49 -47.13 -1.24
C LEU P 65 46.39 -46.23 -1.78
N TYR P 66 46.03 -45.25 -0.97
CA TYR P 66 44.98 -44.32 -1.34
C TYR P 66 45.43 -42.88 -1.27
N LYS P 67 45.00 -42.11 -2.25
CA LYS P 67 45.31 -40.70 -2.32
C LYS P 67 44.24 -39.97 -1.53
N LEU P 68 44.64 -39.17 -0.55
CA LEU P 68 43.66 -38.40 0.24
C LEU P 68 43.57 -36.98 -0.29
N ASN P 69 44.70 -36.49 -0.76
CA ASN P 69 44.85 -35.13 -1.23
C ASN P 69 45.91 -35.17 -2.33
N ASP P 70 46.34 -34.00 -2.81
CA ASP P 70 47.39 -33.98 -3.83
C ASP P 70 48.73 -34.03 -3.13
N LYS P 71 48.71 -33.88 -1.80
CA LYS P 71 49.92 -33.89 -1.01
C LYS P 71 49.94 -34.91 0.13
N ILE P 72 48.78 -35.45 0.49
CA ILE P 72 48.70 -36.46 1.53
C ILE P 72 48.28 -37.78 0.88
N ALA P 73 48.80 -38.89 1.39
CA ALA P 73 48.44 -40.21 0.88
C ALA P 73 48.56 -41.17 2.06
N VAL P 74 47.82 -42.28 2.04
CA VAL P 74 47.91 -43.23 3.13
C VAL P 74 48.07 -44.65 2.66
N ALA P 75 48.66 -45.46 3.52
CA ALA P 75 48.83 -46.89 3.26
C ALA P 75 47.93 -47.54 4.32
N VAL P 76 47.15 -48.53 3.90
CA VAL P 76 46.19 -49.19 4.79
C VAL P 76 46.57 -50.58 5.27
N ALA P 77 46.19 -50.87 6.51
CA ALA P 77 46.43 -52.17 7.10
C ALA P 77 45.20 -52.52 7.94
N GLY P 78 44.43 -53.48 7.46
CA GLY P 78 43.22 -53.88 8.18
C GLY P 78 42.04 -54.09 7.24
N LEU P 79 40.83 -53.84 7.74
CA LEU P 79 39.62 -53.99 6.94
C LEU P 79 39.52 -52.95 5.83
N THR P 80 39.64 -53.36 4.58
CA THR P 80 39.56 -52.41 3.47
C THR P 80 38.29 -51.55 3.53
N ALA P 81 37.15 -52.20 3.65
CA ALA P 81 35.87 -51.51 3.70
C ALA P 81 35.84 -50.45 4.81
N ASP P 82 36.32 -50.77 6.01
CA ASP P 82 36.34 -49.79 7.09
C ASP P 82 37.24 -48.62 6.70
N ALA P 83 38.38 -48.95 6.09
CA ALA P 83 39.33 -47.95 5.68
C ALA P 83 38.68 -46.99 4.68
N GLU P 84 37.95 -47.52 3.70
CA GLU P 84 37.32 -46.64 2.74
C GLU P 84 36.37 -45.63 3.39
N ILE P 85 35.65 -46.04 4.43
CA ILE P 85 34.74 -45.12 5.11
C ILE P 85 35.56 -43.95 5.60
N LEU P 86 36.60 -44.25 6.38
CA LEU P 86 37.47 -43.22 6.95
C LEU P 86 38.17 -42.36 5.89
N ILE P 87 38.63 -43.01 4.82
CA ILE P 87 39.31 -42.30 3.74
C ILE P 87 38.40 -41.24 3.15
N ASN P 88 37.16 -41.62 2.85
CA ASN P 88 36.24 -40.65 2.27
C ASN P 88 36.00 -39.45 3.18
N THR P 89 35.85 -39.65 4.48
CA THR P 89 35.63 -38.51 5.35
C THR P 89 36.92 -37.69 5.38
N ALA P 90 38.05 -38.39 5.27
CA ALA P 90 39.35 -37.73 5.28
C ALA P 90 39.42 -36.79 4.09
N ARG P 91 39.09 -37.30 2.91
CA ARG P 91 39.10 -36.50 1.70
C ARG P 91 38.18 -35.28 1.79
N ILE P 92 37.07 -35.40 2.53
CA ILE P 92 36.15 -34.28 2.69
C ILE P 92 36.71 -33.22 3.65
N HIS P 93 37.31 -33.66 4.75
CA HIS P 93 37.86 -32.70 5.70
C HIS P 93 38.89 -31.86 4.99
N ALA P 94 39.69 -32.52 4.15
CA ALA P 94 40.73 -31.85 3.38
C ALA P 94 40.12 -30.73 2.54
N GLN P 95 39.07 -31.06 1.78
CA GLN P 95 38.42 -30.08 0.94
C GLN P 95 37.69 -28.98 1.72
N ASN P 96 37.14 -29.27 2.90
CA ASN P 96 36.45 -28.22 3.66
C ASN P 96 37.49 -27.20 4.08
N TYR P 97 38.61 -27.70 4.57
CA TYR P 97 39.70 -26.84 5.02
C TYR P 97 40.15 -25.94 3.86
N LEU P 98 40.33 -26.55 2.69
CA LEU P 98 40.74 -25.80 1.53
C LEU P 98 39.73 -24.72 1.18
N LYS P 99 38.45 -25.02 1.35
CA LYS P 99 37.42 -24.05 1.04
C LYS P 99 37.35 -22.91 2.05
N THR P 100 37.61 -23.22 3.32
CA THR P 100 37.57 -22.23 4.38
C THR P 100 38.76 -21.28 4.41
N TYR P 101 39.95 -21.83 4.21
CA TYR P 101 41.17 -21.03 4.28
C TYR P 101 41.92 -20.80 2.97
N ASN P 102 41.50 -21.48 1.92
CA ASN P 102 42.16 -21.34 0.64
C ASN P 102 43.63 -21.74 0.70
N GLU P 103 43.89 -22.78 1.48
CA GLU P 103 45.23 -23.32 1.66
C GLU P 103 45.03 -24.81 1.86
N ASP P 104 46.00 -25.61 1.43
CA ASP P 104 45.91 -27.06 1.60
C ASP P 104 46.00 -27.36 3.09
N ILE P 105 45.31 -28.40 3.53
CA ILE P 105 45.30 -28.71 4.94
C ILE P 105 46.64 -29.24 5.45
N PRO P 106 47.17 -28.63 6.52
CA PRO P 106 48.45 -29.06 7.09
C PRO P 106 48.29 -30.53 7.43
N VAL P 107 49.28 -31.34 7.06
CA VAL P 107 49.24 -32.79 7.27
C VAL P 107 48.79 -33.28 8.65
N GLU P 108 49.32 -32.71 9.72
CA GLU P 108 48.91 -33.18 11.03
C GLU P 108 47.46 -32.89 11.35
N ILE P 109 46.98 -31.72 10.92
CA ILE P 109 45.59 -31.36 11.19
C ILE P 109 44.63 -32.42 10.61
N LEU P 110 44.96 -32.94 9.43
CA LEU P 110 44.12 -33.96 8.82
C LEU P 110 44.25 -35.27 9.59
N VAL P 111 45.47 -35.60 10.01
CA VAL P 111 45.71 -36.84 10.74
C VAL P 111 45.05 -36.83 12.12
N ARG P 112 45.11 -35.70 12.81
CA ARG P 112 44.51 -35.57 14.14
C ARG P 112 42.99 -35.70 14.06
N ARG P 113 42.41 -35.20 12.97
CA ARG P 113 40.99 -35.23 12.76
C ARG P 113 40.49 -36.67 12.61
N LEU P 114 41.13 -37.42 11.71
CA LEU P 114 40.75 -38.81 11.49
C LEU P 114 40.89 -39.61 12.77
N SER P 115 41.96 -39.35 13.50
CA SER P 115 42.22 -40.06 14.75
C SER P 115 41.15 -39.75 15.80
N ASP P 116 40.69 -38.51 15.82
CA ASP P 116 39.64 -38.11 16.76
C ASP P 116 38.36 -38.89 16.46
N ILE P 117 38.11 -39.14 15.18
CA ILE P 117 36.95 -39.90 14.74
C ILE P 117 37.06 -41.29 15.36
N LYS P 118 38.21 -41.93 15.13
CA LYS P 118 38.45 -43.28 15.65
C LYS P 118 38.31 -43.26 17.17
N GLN P 119 38.93 -42.28 17.81
CA GLN P 119 38.86 -42.19 19.27
C GLN P 119 37.43 -42.15 19.76
N GLY P 120 36.55 -41.56 18.94
CA GLY P 120 35.15 -41.47 19.31
C GLY P 120 34.49 -42.82 19.48
N TYR P 121 34.73 -43.72 18.52
CA TYR P 121 34.16 -45.06 18.55
C TYR P 121 34.67 -45.84 19.75
N THR P 122 35.53 -45.19 20.51
CA THR P 122 36.15 -45.77 21.71
C THR P 122 35.48 -45.36 23.02
N GLN P 123 34.88 -44.17 23.03
CA GLN P 123 34.28 -43.66 24.25
C GLN P 123 32.77 -43.63 24.31
N HIS P 124 32.11 -43.69 23.16
CA HIS P 124 30.65 -43.64 23.15
C HIS P 124 30.07 -44.22 21.86
N GLY P 125 28.79 -44.60 21.91
CA GLY P 125 28.15 -45.12 20.72
C GLY P 125 27.77 -46.59 20.70
N GLY P 126 28.45 -47.40 21.51
CA GLY P 126 28.13 -48.82 21.53
C GLY P 126 28.44 -49.54 20.23
N LEU P 127 29.25 -48.93 19.37
CA LEU P 127 29.62 -49.55 18.09
C LEU P 127 31.05 -50.07 18.10
N ARG P 128 31.33 -51.04 17.24
CA ARG P 128 32.67 -51.60 17.14
C ARG P 128 33.60 -50.57 16.50
N PRO P 129 34.89 -50.60 16.89
CA PRO P 129 35.90 -49.67 16.35
C PRO P 129 36.17 -50.05 14.91
N PHE P 130 36.92 -49.21 14.21
CA PHE P 130 37.28 -49.52 12.83
C PHE P 130 38.52 -50.41 12.92
N GLY P 131 38.55 -51.50 12.16
CA GLY P 131 39.71 -52.37 12.19
C GLY P 131 40.71 -51.87 11.17
N VAL P 132 41.27 -50.68 11.43
CA VAL P 132 42.20 -50.08 10.50
C VAL P 132 43.36 -49.33 11.14
N SER P 133 44.52 -49.43 10.50
CA SER P 133 45.71 -48.72 10.93
C SER P 133 46.20 -48.01 9.68
N PHE P 134 46.53 -46.74 9.83
CA PHE P 134 47.00 -45.94 8.70
C PHE P 134 48.42 -45.45 8.84
N ILE P 135 49.08 -45.31 7.70
CA ILE P 135 50.43 -44.74 7.63
C ILE P 135 50.18 -43.54 6.73
N TYR P 136 50.34 -42.34 7.27
CA TYR P 136 50.12 -41.14 6.46
C TYR P 136 51.44 -40.60 5.93
N ALA P 137 51.50 -40.36 4.63
CA ALA P 137 52.70 -39.81 4.01
C ALA P 137 52.29 -38.51 3.29
N GLY P 138 52.67 -37.38 3.87
CA GLY P 138 52.33 -36.12 3.26
C GLY P 138 53.36 -35.02 3.37
N TYR P 139 53.08 -33.91 2.71
CA TYR P 139 53.95 -32.76 2.71
C TYR P 139 53.20 -31.45 2.79
N ASP P 140 53.68 -30.54 3.62
CA ASP P 140 53.08 -29.23 3.73
C ASP P 140 54.22 -28.25 3.95
N ASP P 141 53.94 -26.96 3.79
CA ASP P 141 54.99 -25.96 3.91
C ASP P 141 55.30 -25.46 5.32
N ARG P 142 55.09 -26.31 6.32
CA ARG P 142 55.42 -25.90 7.69
C ARG P 142 56.33 -26.93 8.33
N TYR P 143 56.24 -28.17 7.85
CA TYR P 143 57.05 -29.25 8.37
C TYR P 143 57.62 -30.10 7.23
N GLY P 144 57.36 -29.68 6.00
CA GLY P 144 57.85 -30.46 4.87
C GLY P 144 57.33 -31.89 4.93
N TYR P 145 58.10 -32.83 4.40
CA TYR P 145 57.72 -34.23 4.41
C TYR P 145 57.45 -34.72 5.82
N GLN P 146 56.35 -35.44 6.00
CA GLN P 146 55.99 -35.99 7.29
C GLN P 146 55.49 -37.41 7.14
N LEU P 147 55.53 -38.17 8.24
CA LEU P 147 55.09 -39.55 8.23
C LEU P 147 54.37 -39.81 9.54
N TYR P 148 53.12 -40.25 9.45
CA TYR P 148 52.33 -40.53 10.65
C TYR P 148 51.70 -41.90 10.66
N THR P 149 51.17 -42.27 11.81
CA THR P 149 50.55 -43.55 11.95
C THR P 149 49.39 -43.43 12.95
N SER P 150 48.26 -44.06 12.64
CA SER P 150 47.11 -44.05 13.53
C SER P 150 46.50 -45.44 13.57
N ASN P 151 46.02 -45.85 14.74
CA ASN P 151 45.42 -47.17 14.91
C ASN P 151 44.02 -47.08 15.54
N PRO P 152 43.32 -48.23 15.64
CA PRO P 152 41.96 -48.28 16.23
C PRO P 152 41.71 -47.41 17.47
N SER P 153 42.68 -47.26 18.35
CA SER P 153 42.51 -46.46 19.56
C SER P 153 42.34 -44.98 19.29
N GLY P 154 42.91 -44.49 18.19
CA GLY P 154 42.78 -43.08 17.87
C GLY P 154 44.03 -42.31 18.27
N ASN P 155 45.08 -43.05 18.60
CA ASN P 155 46.34 -42.44 18.96
C ASN P 155 47.17 -42.33 17.68
N TYR P 156 47.98 -41.28 17.55
CA TYR P 156 48.81 -41.13 16.36
C TYR P 156 50.20 -40.60 16.74
N THR P 157 51.19 -40.94 15.91
CA THR P 157 52.57 -40.52 16.16
C THR P 157 53.35 -40.31 14.85
N GLY P 158 54.49 -39.60 14.96
CA GLY P 158 55.30 -39.32 13.79
C GLY P 158 56.53 -40.21 13.67
N TRP P 159 56.95 -40.51 12.44
CA TRP P 159 58.09 -41.38 12.24
C TRP P 159 58.99 -41.04 11.07
N LYS P 160 60.20 -41.61 11.07
CA LYS P 160 61.17 -41.43 9.99
C LYS P 160 60.95 -42.63 9.07
N ALA P 161 60.62 -43.76 9.70
CA ALA P 161 60.33 -45.02 9.02
C ALA P 161 59.43 -45.79 9.99
N ILE P 162 58.42 -46.47 9.46
CA ILE P 162 57.49 -47.19 10.33
C ILE P 162 56.73 -48.21 9.49
N SER P 163 56.18 -49.22 10.15
CA SER P 163 55.42 -50.26 9.47
C SER P 163 54.14 -50.62 10.22
N VAL P 164 53.16 -51.15 9.49
CA VAL P 164 51.91 -51.58 10.11
C VAL P 164 51.48 -52.87 9.43
N GLY P 165 50.71 -53.67 10.16
CA GLY P 165 50.24 -54.93 9.59
C GLY P 165 50.97 -56.10 10.21
N ALA P 166 51.23 -57.11 9.39
CA ALA P 166 51.92 -58.32 9.85
C ALA P 166 53.42 -58.12 10.04
N ASN P 167 53.99 -58.89 10.97
CA ASN P 167 55.42 -58.88 11.25
C ASN P 167 56.00 -57.49 11.45
N THR P 168 55.31 -56.64 12.19
CA THR P 168 55.82 -55.29 12.39
C THR P 168 57.13 -55.32 13.16
N SER P 169 57.18 -56.18 14.17
CA SER P 169 58.37 -56.33 15.01
C SER P 169 59.60 -56.62 14.14
N ALA P 170 59.49 -57.64 13.31
CA ALA P 170 60.57 -58.01 12.43
C ALA P 170 60.95 -56.86 11.52
N ALA P 171 59.96 -56.23 10.92
CA ALA P 171 60.17 -55.10 10.00
C ALA P 171 60.77 -53.88 10.68
N GLN P 172 60.25 -53.54 11.87
CA GLN P 172 60.75 -52.38 12.58
C GLN P 172 62.23 -52.53 12.87
N THR P 173 62.62 -53.73 13.30
CA THR P 173 64.02 -54.02 13.60
C THR P 173 64.90 -53.85 12.35
N LEU P 174 64.47 -54.42 11.23
CA LEU P 174 65.21 -54.30 9.98
C LEU P 174 65.41 -52.84 9.55
N LEU P 175 64.39 -52.01 9.78
CA LEU P 175 64.45 -50.60 9.40
C LEU P 175 65.34 -49.84 10.36
N GLN P 176 65.17 -50.11 11.64
CA GLN P 176 65.95 -49.45 12.68
C GLN P 176 67.43 -49.78 12.53
N MET P 177 67.71 -50.78 11.70
CA MET P 177 69.06 -51.25 11.48
C MET P 177 69.76 -50.57 10.30
N ASP P 178 69.05 -50.37 9.19
CA ASP P 178 69.64 -49.76 8.00
C ASP P 178 69.17 -48.35 7.64
N TYR P 179 68.41 -47.70 8.51
CA TYR P 179 67.93 -46.37 8.19
C TYR P 179 68.94 -45.29 8.59
N LYS P 180 69.07 -44.27 7.76
CA LYS P 180 69.98 -43.16 8.07
C LYS P 180 69.33 -41.82 7.67
N ASP P 181 69.42 -40.84 8.57
CA ASP P 181 68.84 -39.51 8.38
C ASP P 181 69.17 -38.85 7.04
N ASP P 182 70.37 -39.10 6.54
CA ASP P 182 70.79 -38.51 5.27
C ASP P 182 70.31 -39.27 4.05
N MET P 183 69.47 -40.28 4.27
CA MET P 183 68.94 -41.09 3.17
C MET P 183 68.38 -40.28 2.02
N LYS P 184 68.14 -40.97 0.92
CA LYS P 184 67.61 -40.34 -0.28
C LYS P 184 66.44 -41.22 -0.74
N VAL P 185 65.47 -40.62 -1.41
CA VAL P 185 64.30 -41.35 -1.89
C VAL P 185 64.63 -42.69 -2.53
N ASP P 186 65.64 -42.72 -3.38
CA ASP P 186 66.01 -43.97 -4.04
C ASP P 186 66.56 -44.98 -3.04
N ASP P 187 67.22 -44.49 -2.00
CA ASP P 187 67.76 -45.36 -0.98
C ASP P 187 66.57 -45.95 -0.21
N ALA P 188 65.63 -45.06 0.14
CA ALA P 188 64.43 -45.44 0.88
C ALA P 188 63.63 -46.47 0.11
N ILE P 189 63.42 -46.23 -1.17
CA ILE P 189 62.67 -47.17 -1.99
C ILE P 189 63.26 -48.57 -1.84
N GLU P 190 64.57 -48.66 -2.01
CA GLU P 190 65.27 -49.93 -1.92
C GLU P 190 65.17 -50.55 -0.52
N LEU P 191 65.27 -49.73 0.53
CA LEU P 191 65.18 -50.26 1.90
C LEU P 191 63.79 -50.87 2.13
N ALA P 192 62.76 -50.17 1.64
CA ALA P 192 61.39 -50.63 1.79
C ALA P 192 61.22 -52.00 1.17
N LEU P 193 61.67 -52.16 -0.07
CA LEU P 193 61.56 -53.44 -0.77
C LEU P 193 62.30 -54.57 -0.07
N LYS P 194 63.47 -54.25 0.49
CA LYS P 194 64.26 -55.24 1.18
C LYS P 194 63.53 -55.72 2.43
N THR P 195 63.02 -54.75 3.20
CA THR P 195 62.32 -55.07 4.44
C THR P 195 61.14 -55.99 4.18
N LEU P 196 60.28 -55.62 3.23
CA LEU P 196 59.12 -56.43 2.91
C LEU P 196 59.60 -57.79 2.43
N SER P 197 60.60 -57.75 1.58
CA SER P 197 61.20 -58.95 1.02
C SER P 197 61.60 -59.97 2.09
N LYS P 198 62.09 -59.48 3.23
CA LYS P 198 62.51 -60.37 4.31
C LYS P 198 61.41 -60.72 5.30
N THR P 199 60.31 -59.97 5.27
CA THR P 199 59.20 -60.21 6.20
C THR P 199 57.99 -60.89 5.56
N THR P 200 57.96 -61.00 4.24
CA THR P 200 56.86 -61.65 3.56
C THR P 200 56.64 -63.06 4.08
N ASP P 201 55.41 -63.53 4.03
CA ASP P 201 55.10 -64.87 4.48
C ASP P 201 54.96 -65.71 3.22
N SER P 202 55.09 -65.05 2.07
CA SER P 202 54.99 -65.72 0.78
C SER P 202 56.34 -66.19 0.30
N SER P 203 56.33 -66.99 -0.75
CA SER P 203 57.55 -67.55 -1.32
C SER P 203 58.51 -66.41 -1.67
N ALA P 204 58.30 -65.81 -2.84
CA ALA P 204 59.13 -64.71 -3.29
C ALA P 204 58.32 -63.44 -3.16
N LEU P 205 58.87 -62.34 -3.66
CA LEU P 205 58.19 -61.06 -3.60
C LEU P 205 58.07 -60.53 -5.01
N THR P 206 57.00 -60.94 -5.69
CA THR P 206 56.79 -60.49 -7.07
C THR P 206 56.01 -59.18 -7.11
N TYR P 207 56.06 -58.50 -8.26
CA TYR P 207 55.38 -57.22 -8.42
C TYR P 207 53.87 -57.32 -8.26
N ASP P 208 53.29 -58.38 -8.81
CA ASP P 208 51.84 -58.58 -8.74
C ASP P 208 51.32 -58.62 -7.30
N ARG P 209 52.23 -58.58 -6.33
CA ARG P 209 51.83 -58.62 -4.93
C ARG P 209 52.21 -57.34 -4.20
N LEU P 210 52.53 -56.29 -4.95
CA LEU P 210 52.93 -55.03 -4.34
C LEU P 210 52.25 -53.77 -4.83
N GLU P 211 52.25 -52.76 -3.96
CA GLU P 211 51.70 -51.45 -4.26
C GLU P 211 52.80 -50.49 -3.84
N PHE P 212 53.10 -49.53 -4.70
CA PHE P 212 54.17 -48.60 -4.40
C PHE P 212 53.81 -47.16 -4.70
N ALA P 213 54.22 -46.26 -3.81
CA ALA P 213 53.93 -44.84 -4.00
C ALA P 213 55.05 -43.97 -3.43
N THR P 214 55.24 -42.81 -4.05
CA THR P 214 56.27 -41.86 -3.61
C THR P 214 55.80 -40.42 -3.71
N ILE P 215 56.11 -39.63 -2.69
CA ILE P 215 55.77 -38.21 -2.69
C ILE P 215 57.11 -37.51 -2.82
N ARG P 216 57.42 -37.04 -4.02
CA ARG P 216 58.67 -36.34 -4.28
C ARG P 216 58.38 -34.91 -4.67
N LYS P 217 59.40 -34.06 -4.60
CA LYS P 217 59.23 -32.68 -4.99
C LYS P 217 60.10 -32.42 -6.22
N GLY P 218 59.82 -33.15 -7.29
CA GLY P 218 60.57 -33.02 -8.53
C GLY P 218 61.37 -31.73 -8.63
N ALA P 219 62.69 -31.85 -8.63
CA ALA P 219 63.58 -30.69 -8.71
C ALA P 219 63.21 -29.76 -9.86
N ASN P 220 62.85 -30.34 -11.00
CA ASN P 220 62.46 -29.58 -12.18
C ASN P 220 60.96 -29.29 -12.10
N ASP P 221 60.60 -28.34 -11.23
CA ASP P 221 59.20 -27.95 -11.03
C ASP P 221 59.06 -27.01 -9.84
N GLY P 222 59.39 -27.51 -8.65
CA GLY P 222 59.27 -26.71 -7.45
C GLY P 222 58.02 -27.03 -6.65
N GLU P 223 57.29 -28.06 -7.07
CA GLU P 223 56.07 -28.49 -6.40
C GLU P 223 56.16 -29.97 -5.98
N VAL P 224 55.20 -30.42 -5.17
CA VAL P 224 55.17 -31.80 -4.69
C VAL P 224 54.35 -32.69 -5.62
N TYR P 225 54.87 -33.87 -5.92
CA TYR P 225 54.20 -34.80 -6.82
C TYR P 225 54.07 -36.22 -6.26
N GLN P 226 52.84 -36.74 -6.25
CA GLN P 226 52.59 -38.08 -5.77
C GLN P 226 52.66 -39.00 -6.96
N LYS P 227 53.21 -40.19 -6.77
CA LYS P 227 53.32 -41.13 -7.85
C LYS P 227 52.95 -42.51 -7.35
N ILE P 228 51.83 -43.04 -7.82
CA ILE P 228 51.42 -44.37 -7.43
C ILE P 228 51.86 -45.30 -8.56
N PHE P 229 52.95 -46.03 -8.32
CA PHE P 229 53.51 -46.93 -9.31
C PHE P 229 52.55 -47.90 -9.94
N LYS P 230 52.72 -48.08 -11.25
CA LYS P 230 51.89 -48.99 -12.03
C LYS P 230 52.57 -50.36 -11.95
N PRO P 231 51.82 -51.44 -12.25
CA PRO P 231 52.40 -52.79 -12.19
C PRO P 231 53.79 -52.89 -12.82
N GLN P 232 53.92 -52.45 -14.06
CA GLN P 232 55.20 -52.50 -14.76
C GLN P 232 56.28 -51.73 -14.02
N GLU P 233 55.94 -50.55 -13.52
CA GLU P 233 56.87 -49.72 -12.79
C GLU P 233 57.41 -50.44 -11.55
N ILE P 234 56.55 -51.20 -10.88
CA ILE P 234 56.95 -51.95 -9.71
C ILE P 234 57.83 -53.12 -10.15
N LYS P 235 57.46 -53.73 -11.27
CA LYS P 235 58.23 -54.86 -11.81
C LYS P 235 59.65 -54.43 -12.14
N ASP P 236 59.77 -53.26 -12.77
CA ASP P 236 61.07 -52.71 -13.14
C ASP P 236 61.95 -52.49 -11.93
N ILE P 237 61.49 -51.60 -11.05
CA ILE P 237 62.22 -51.26 -9.85
C ILE P 237 62.54 -52.48 -9.00
N LEU P 238 61.78 -53.56 -9.19
CA LEU P 238 61.99 -54.77 -8.43
C LEU P 238 63.23 -55.47 -8.97
N VAL P 239 63.45 -55.33 -10.27
CA VAL P 239 64.61 -55.93 -10.94
C VAL P 239 65.90 -55.18 -10.60
N LYS P 240 65.86 -53.87 -10.79
CA LYS P 240 67.00 -53.01 -10.52
C LYS P 240 67.50 -53.21 -9.10
N THR P 241 66.60 -53.11 -8.13
CA THR P 241 66.99 -53.28 -6.73
C THR P 241 67.45 -54.70 -6.46
N GLY P 242 67.62 -55.47 -7.54
CA GLY P 242 68.10 -56.83 -7.42
C GLY P 242 67.23 -57.86 -6.72
N ILE P 243 65.91 -57.78 -6.92
CA ILE P 243 64.99 -58.74 -6.33
C ILE P 243 64.43 -59.50 -7.53
N THR P 244 64.67 -58.94 -8.71
CA THR P 244 64.20 -59.47 -10.00
C THR P 244 62.75 -59.90 -9.93
N GLY Q 1 21.62 -42.98 19.75
CA GLY Q 1 20.58 -43.56 20.64
C GLY Q 1 21.13 -44.49 21.70
N TYR Q 2 22.40 -44.86 21.59
CA TYR Q 2 23.00 -45.75 22.56
C TYR Q 2 23.18 -45.04 23.91
N ASP Q 3 22.44 -45.47 24.92
CA ASP Q 3 22.54 -44.83 26.24
C ASP Q 3 22.69 -45.80 27.42
N ARG Q 4 23.36 -46.93 27.19
CA ARG Q 4 23.56 -47.92 28.24
C ARG Q 4 24.32 -47.32 29.42
N ALA Q 5 23.91 -47.67 30.63
CA ALA Q 5 24.56 -47.17 31.83
C ALA Q 5 25.83 -48.01 32.05
N LEU Q 6 26.96 -47.49 31.58
CA LEU Q 6 28.22 -48.20 31.71
C LEU Q 6 28.87 -47.95 33.07
N SER Q 7 28.71 -46.74 33.60
CA SER Q 7 29.26 -46.40 34.91
C SER Q 7 28.14 -46.51 35.94
N ILE Q 8 28.11 -47.61 36.66
CA ILE Q 8 27.09 -47.84 37.68
C ILE Q 8 27.69 -48.30 39.01
N PHE Q 9 26.86 -48.35 40.04
CA PHE Q 9 27.33 -48.79 41.35
C PHE Q 9 27.34 -50.30 41.47
N SER Q 10 28.26 -50.82 42.28
CA SER Q 10 28.35 -52.25 42.54
C SER Q 10 28.08 -52.35 44.05
N PRO Q 11 27.64 -53.52 44.53
CA PRO Q 11 27.32 -53.78 45.94
C PRO Q 11 28.11 -53.02 47.02
N ASP Q 12 29.43 -52.99 46.87
CA ASP Q 12 30.31 -52.32 47.83
C ASP Q 12 30.35 -50.79 47.71
N GLY Q 13 29.56 -50.24 46.78
CA GLY Q 13 29.55 -48.80 46.59
C GLY Q 13 30.64 -48.27 45.66
N HIS Q 14 31.11 -49.09 44.74
CA HIS Q 14 32.14 -48.67 43.81
C HIS Q 14 31.61 -48.54 42.40
N ILE Q 15 32.28 -47.73 41.59
CA ILE Q 15 31.91 -47.53 40.21
C ILE Q 15 33.12 -48.04 39.45
N PHE Q 16 33.11 -49.33 39.14
CA PHE Q 16 34.23 -49.96 38.49
C PHE Q 16 34.78 -49.30 37.24
N GLN Q 17 33.92 -48.80 36.37
CA GLN Q 17 34.42 -48.15 35.16
C GLN Q 17 35.28 -46.92 35.48
N VAL Q 18 34.97 -46.23 36.57
CA VAL Q 18 35.76 -45.06 36.97
C VAL Q 18 37.07 -45.57 37.59
N GLU Q 19 36.95 -46.65 38.36
CA GLU Q 19 38.09 -47.28 39.01
C GLU Q 19 39.08 -47.80 37.96
N TYR Q 20 38.55 -48.42 36.92
CA TYR Q 20 39.39 -48.94 35.84
C TYR Q 20 39.98 -47.81 35.05
N ALA Q 21 39.29 -46.67 35.03
CA ALA Q 21 39.78 -45.51 34.32
C ALA Q 21 41.11 -45.14 34.98
N LEU Q 22 41.14 -45.18 36.31
CA LEU Q 22 42.35 -44.88 37.05
C LEU Q 22 43.47 -45.86 36.72
N GLU Q 23 43.13 -47.14 36.56
CA GLU Q 23 44.12 -48.16 36.23
C GLU Q 23 44.83 -47.82 34.92
N ALA Q 24 44.14 -47.11 34.04
CA ALA Q 24 44.73 -46.71 32.76
C ALA Q 24 45.69 -45.56 33.00
N VAL Q 25 45.38 -44.73 34.00
CA VAL Q 25 46.22 -43.60 34.35
C VAL Q 25 47.54 -44.10 34.96
N LYS Q 26 47.45 -45.08 35.85
CA LYS Q 26 48.60 -45.68 36.51
C LYS Q 26 49.56 -46.20 35.45
N ARG Q 27 49.01 -46.59 34.31
CA ARG Q 27 49.79 -47.12 33.21
C ARG Q 27 50.44 -46.02 32.36
N GLY Q 28 49.95 -44.79 32.47
CA GLY Q 28 50.52 -43.71 31.69
C GLY Q 28 51.89 -43.27 32.17
N THR Q 29 52.68 -42.68 31.27
CA THR Q 29 54.01 -42.20 31.63
C THR Q 29 53.88 -41.19 32.76
N CYS Q 30 54.81 -41.21 33.69
CA CYS Q 30 54.78 -40.31 34.84
C CYS Q 30 54.78 -38.83 34.49
N ALA Q 31 54.07 -38.06 35.31
CA ALA Q 31 53.99 -36.62 35.13
C ALA Q 31 54.09 -36.01 36.52
N VAL Q 32 54.75 -34.87 36.61
CA VAL Q 32 54.93 -34.22 37.90
C VAL Q 32 54.98 -32.71 37.75
N GLY Q 33 54.60 -32.02 38.82
CA GLY Q 33 54.62 -30.58 38.81
C GLY Q 33 54.90 -30.03 40.21
N VAL Q 34 55.81 -29.06 40.28
CA VAL Q 34 56.14 -28.46 41.58
C VAL Q 34 56.08 -26.95 41.44
N LYS Q 35 55.45 -26.30 42.41
CA LYS Q 35 55.33 -24.87 42.34
C LYS Q 35 56.39 -24.20 43.18
N GLY Q 36 57.11 -23.28 42.53
CA GLY Q 36 58.16 -22.54 43.19
C GLY Q 36 57.55 -21.35 43.91
N LYS Q 37 58.37 -20.36 44.21
CA LYS Q 37 57.86 -19.19 44.89
C LYS Q 37 57.29 -18.21 43.88
N ASN Q 38 57.78 -18.31 42.64
CA ASN Q 38 57.35 -17.43 41.56
C ASN Q 38 57.35 -18.17 40.23
N CYS Q 39 56.94 -19.43 40.27
CA CYS Q 39 56.88 -20.22 39.05
C CYS Q 39 56.35 -21.61 39.36
N VAL Q 40 56.04 -22.36 38.30
CA VAL Q 40 55.55 -23.72 38.44
C VAL Q 40 56.30 -24.49 37.36
N VAL Q 41 56.67 -25.73 37.67
CA VAL Q 41 57.40 -26.53 36.71
C VAL Q 41 56.73 -27.87 36.45
N LEU Q 42 56.72 -28.29 35.19
CA LEU Q 42 56.11 -29.55 34.82
C LEU Q 42 57.12 -30.48 34.15
N GLY Q 43 57.18 -31.71 34.66
CA GLY Q 43 58.11 -32.69 34.11
C GLY Q 43 57.36 -33.92 33.66
N CYS Q 44 57.82 -34.51 32.57
CA CYS Q 44 57.19 -35.70 32.03
C CYS Q 44 58.27 -36.64 31.52
N GLU Q 45 58.09 -37.93 31.75
CA GLU Q 45 59.05 -38.92 31.29
C GLU Q 45 58.64 -39.39 29.90
N ARG Q 46 59.59 -39.83 29.10
CA ARG Q 46 59.29 -40.31 27.75
C ARG Q 46 59.51 -41.80 27.62
N ARG Q 47 58.44 -42.52 27.28
CA ARG Q 47 58.49 -43.97 27.11
C ARG Q 47 59.55 -44.32 26.07
N SER Q 48 59.77 -45.62 25.88
CA SER Q 48 60.74 -46.11 24.90
C SER Q 48 60.38 -47.54 24.43
N THR Q 49 59.08 -47.78 24.24
CA THR Q 49 58.55 -49.07 23.76
C THR Q 49 58.96 -49.22 22.27
N LEU Q 50 59.25 -48.07 21.66
CA LEU Q 50 59.68 -47.95 20.27
C LEU Q 50 60.38 -46.57 20.16
N LYS Q 51 61.63 -46.56 19.70
CA LYS Q 51 62.35 -45.30 19.54
C LYS Q 51 62.97 -45.26 18.13
N LEU Q 52 62.51 -44.30 17.33
CA LEU Q 52 62.95 -44.10 15.95
C LEU Q 52 61.94 -43.08 15.40
N GLN Q 53 61.37 -42.35 16.34
CA GLN Q 53 60.36 -41.34 16.08
C GLN Q 53 60.90 -40.08 15.46
N ASP Q 54 59.98 -39.13 15.28
CA ASP Q 54 60.27 -37.82 14.74
C ASP Q 54 59.73 -36.85 15.78
N THR Q 55 60.56 -36.57 16.79
CA THR Q 55 60.21 -35.68 17.88
C THR Q 55 59.63 -34.31 17.50
N ARG Q 56 60.03 -33.79 16.33
CA ARG Q 56 59.54 -32.49 15.88
C ARG Q 56 58.02 -32.45 15.91
N ILE Q 57 57.42 -33.37 15.17
CA ILE Q 57 55.98 -33.46 15.05
C ILE Q 57 55.26 -34.22 16.17
N THR Q 58 55.74 -35.41 16.52
CA THR Q 58 55.10 -36.21 17.58
C THR Q 58 54.57 -35.34 18.71
N PRO Q 59 53.25 -35.43 18.98
CA PRO Q 59 52.61 -34.65 20.04
C PRO Q 59 53.39 -34.62 21.36
N SER Q 60 53.64 -33.41 21.87
CA SER Q 60 54.36 -33.22 23.13
C SER Q 60 53.37 -33.36 24.31
N LYS Q 61 53.88 -33.74 25.47
CA LYS Q 61 53.03 -33.98 26.64
C LYS Q 61 52.40 -32.75 27.32
N VAL Q 62 53.09 -31.61 27.29
CA VAL Q 62 52.54 -30.41 27.90
C VAL Q 62 51.81 -29.58 26.86
N SER Q 63 50.56 -29.23 27.15
CA SER Q 63 49.75 -28.45 26.22
C SER Q 63 49.31 -27.12 26.79
N LYS Q 64 49.30 -26.10 25.94
CA LYS Q 64 48.86 -24.78 26.36
C LYS Q 64 47.35 -24.70 26.14
N ILE Q 65 46.63 -24.30 27.18
CA ILE Q 65 45.18 -24.17 27.07
C ILE Q 65 44.98 -22.73 26.63
N ASP Q 66 45.71 -21.82 27.25
CA ASP Q 66 45.70 -20.41 26.89
C ASP Q 66 47.16 -20.00 26.98
N SER Q 67 47.46 -18.71 26.90
CA SER Q 67 48.85 -18.29 26.94
C SER Q 67 49.43 -18.26 28.35
N HIS Q 68 48.59 -18.41 29.36
CA HIS Q 68 49.05 -18.36 30.75
C HIS Q 68 48.73 -19.64 31.51
N VAL Q 69 48.19 -20.65 30.83
CA VAL Q 69 47.84 -21.89 31.48
C VAL Q 69 48.21 -23.11 30.63
N VAL Q 70 48.77 -24.11 31.29
CA VAL Q 70 49.15 -25.32 30.58
C VAL Q 70 48.55 -26.55 31.24
N LEU Q 71 48.52 -27.64 30.49
CA LEU Q 71 47.97 -28.88 30.98
C LEU Q 71 48.78 -30.09 30.54
N SER Q 72 49.07 -30.97 31.49
CA SER Q 72 49.80 -32.19 31.20
C SER Q 72 48.91 -33.27 31.75
N PHE Q 73 49.16 -34.52 31.36
CA PHE Q 73 48.30 -35.60 31.82
C PHE Q 73 49.01 -36.95 31.80
N SER Q 74 48.32 -37.96 32.33
CA SER Q 74 48.82 -39.33 32.36
C SER Q 74 47.62 -40.21 32.05
N GLY Q 75 47.79 -41.11 31.09
CA GLY Q 75 46.71 -42.00 30.75
C GLY Q 75 46.58 -42.15 29.25
N LEU Q 76 45.35 -42.33 28.78
CA LEU Q 76 45.09 -42.49 27.36
C LEU Q 76 45.28 -41.19 26.58
N ASN Q 77 46.23 -41.19 25.65
CA ASN Q 77 46.49 -40.00 24.85
C ASN Q 77 45.26 -39.49 24.13
N ALA Q 78 44.66 -40.36 23.30
CA ALA Q 78 43.48 -39.96 22.55
C ALA Q 78 42.46 -39.26 23.44
N ASP Q 79 42.22 -39.80 24.64
CA ASP Q 79 41.26 -39.20 25.56
C ASP Q 79 41.69 -37.80 25.97
N SER Q 80 42.97 -37.60 26.25
CA SER Q 80 43.44 -36.28 26.65
C SER Q 80 43.18 -35.22 25.58
N ARG Q 81 43.25 -35.59 24.30
CA ARG Q 81 43.02 -34.61 23.24
C ARG Q 81 41.62 -34.01 23.37
N ILE Q 82 40.63 -34.87 23.63
CA ILE Q 82 39.25 -34.42 23.77
C ILE Q 82 39.14 -33.38 24.87
N LEU Q 83 39.71 -33.68 26.04
CA LEU Q 83 39.65 -32.73 27.15
C LEU Q 83 40.38 -31.42 26.84
N ILE Q 84 41.54 -31.53 26.19
CA ILE Q 84 42.32 -30.34 25.87
C ILE Q 84 41.58 -29.40 24.91
N GLU Q 85 40.95 -29.97 23.89
CA GLU Q 85 40.20 -29.17 22.93
C GLU Q 85 39.06 -28.43 23.64
N LYS Q 86 38.30 -29.15 24.46
CA LYS Q 86 37.19 -28.53 25.18
C LYS Q 86 37.66 -27.43 26.11
N ALA Q 87 38.85 -27.60 26.68
CA ALA Q 87 39.39 -26.61 27.59
C ALA Q 87 39.85 -25.36 26.84
N ARG Q 88 40.50 -25.56 25.69
CA ARG Q 88 40.96 -24.45 24.88
C ARG Q 88 39.79 -23.63 24.37
N VAL Q 89 38.70 -24.32 24.06
CA VAL Q 89 37.50 -23.66 23.58
C VAL Q 89 36.86 -22.90 24.73
N GLU Q 90 36.77 -23.52 25.90
CA GLU Q 90 36.16 -22.85 27.04
C GLU Q 90 36.99 -21.64 27.46
N ALA Q 91 38.29 -21.68 27.16
CA ALA Q 91 39.17 -20.58 27.51
C ALA Q 91 38.81 -19.36 26.68
N GLN Q 92 38.62 -19.57 25.37
CA GLN Q 92 38.27 -18.48 24.47
C GLN Q 92 36.88 -17.92 24.76
N SER Q 93 35.96 -18.82 25.06
CA SER Q 93 34.61 -18.42 25.38
C SER Q 93 34.60 -17.51 26.60
N HIS Q 94 35.36 -17.89 27.62
CA HIS Q 94 35.43 -17.11 28.86
C HIS Q 94 35.97 -15.72 28.57
N ARG Q 95 37.00 -15.63 27.74
CA ARG Q 95 37.57 -14.33 27.41
C ARG Q 95 36.51 -13.52 26.69
N LEU Q 96 35.81 -14.18 25.76
CA LEU Q 96 34.79 -13.53 24.94
C LEU Q 96 33.56 -12.99 25.69
N THR Q 97 33.20 -13.60 26.82
CA THR Q 97 32.04 -13.13 27.55
C THR Q 97 32.32 -12.42 28.87
N LEU Q 98 33.35 -12.84 29.60
CA LEU Q 98 33.70 -12.20 30.87
C LEU Q 98 34.72 -11.10 30.63
N GLU Q 99 35.30 -11.11 29.43
CA GLU Q 99 36.33 -10.15 29.06
C GLU Q 99 37.51 -10.23 30.01
N ASP Q 100 37.99 -11.45 30.20
CA ASP Q 100 39.14 -11.71 31.07
C ASP Q 100 39.47 -13.19 30.96
N PRO Q 101 40.75 -13.53 30.78
CA PRO Q 101 41.09 -14.96 30.67
C PRO Q 101 40.77 -15.70 31.96
N VAL Q 102 40.67 -17.01 31.85
CA VAL Q 102 40.31 -17.85 33.00
C VAL Q 102 41.36 -17.93 34.09
N THR Q 103 40.91 -18.15 35.32
CA THR Q 103 41.84 -18.32 36.43
C THR Q 103 42.22 -19.79 36.25
N VAL Q 104 43.27 -20.25 36.92
CA VAL Q 104 43.67 -21.64 36.78
C VAL Q 104 42.65 -22.56 37.46
N GLU Q 105 42.06 -22.09 38.54
CA GLU Q 105 41.08 -22.88 39.27
C GLU Q 105 39.81 -23.06 38.42
N TYR Q 106 39.41 -21.99 37.74
CA TYR Q 106 38.23 -22.04 36.90
C TYR Q 106 38.40 -23.08 35.81
N LEU Q 107 39.49 -22.95 35.06
CA LEU Q 107 39.80 -23.86 33.97
C LEU Q 107 39.89 -25.30 34.49
N THR Q 108 40.35 -25.46 35.73
CA THR Q 108 40.47 -26.79 36.33
C THR Q 108 39.07 -27.31 36.63
N ARG Q 109 38.28 -26.48 37.28
CA ARG Q 109 36.91 -26.85 37.62
C ARG Q 109 36.13 -27.24 36.35
N TYR Q 110 36.45 -26.62 35.23
CA TYR Q 110 35.79 -26.93 33.98
C TYR Q 110 36.13 -28.32 33.50
N VAL Q 111 37.42 -28.61 33.38
CA VAL Q 111 37.86 -29.92 32.93
C VAL Q 111 37.33 -31.00 33.87
N ALA Q 112 37.41 -30.75 35.17
CA ALA Q 112 36.92 -31.70 36.15
C ALA Q 112 35.44 -32.00 35.92
N GLY Q 113 34.66 -30.96 35.64
CA GLY Q 113 33.24 -31.12 35.38
C GLY Q 113 32.97 -32.01 34.18
N VAL Q 114 33.74 -31.81 33.11
CA VAL Q 114 33.59 -32.61 31.90
C VAL Q 114 33.88 -34.07 32.24
N GLN Q 115 34.85 -34.30 33.12
CA GLN Q 115 35.20 -35.66 33.50
C GLN Q 115 34.12 -36.27 34.38
N GLN Q 116 33.63 -35.50 35.33
CA GLN Q 116 32.59 -36.00 36.22
C GLN Q 116 31.38 -36.42 35.39
N ARG Q 117 31.00 -35.59 34.44
CA ARG Q 117 29.84 -35.85 33.58
C ARG Q 117 29.95 -37.18 32.84
N TYR Q 118 31.14 -37.50 32.34
CA TYR Q 118 31.29 -38.78 31.63
C TYR Q 118 31.25 -39.98 32.59
N THR Q 119 31.02 -39.73 33.87
CA THR Q 119 30.94 -40.84 34.82
C THR Q 119 29.50 -41.17 35.15
N GLN Q 120 28.56 -40.33 34.74
CA GLN Q 120 27.16 -40.64 35.01
C GLN Q 120 26.23 -40.22 33.87
N SER Q 121 26.68 -40.53 32.65
CA SER Q 121 25.94 -40.26 31.43
C SER Q 121 25.86 -41.57 30.66
N GLY Q 122 24.67 -41.91 30.18
CA GLY Q 122 24.52 -43.14 29.43
C GLY Q 122 25.28 -43.16 28.13
N GLY Q 123 25.68 -44.34 27.67
CA GLY Q 123 26.40 -44.49 26.43
C GLY Q 123 27.85 -44.06 26.37
N VAL Q 124 28.46 -43.68 27.49
CA VAL Q 124 29.87 -43.26 27.47
C VAL Q 124 30.68 -43.80 28.64
N ARG Q 125 31.98 -44.00 28.41
CA ARG Q 125 32.86 -44.49 29.48
C ARG Q 125 33.62 -43.28 30.00
N PRO Q 126 34.11 -43.34 31.24
CA PRO Q 126 34.87 -42.23 31.82
C PRO Q 126 36.16 -42.01 31.04
N PHE Q 127 36.79 -40.85 31.24
CA PHE Q 127 38.05 -40.56 30.58
C PHE Q 127 39.16 -41.33 31.30
N GLY Q 128 40.00 -42.03 30.54
CA GLY Q 128 41.10 -42.74 31.15
C GLY Q 128 42.26 -41.77 31.27
N VAL Q 129 42.02 -40.64 31.92
CA VAL Q 129 43.02 -39.60 32.06
C VAL Q 129 42.97 -38.86 33.40
N SER Q 130 44.14 -38.37 33.82
CA SER Q 130 44.26 -37.58 35.04
C SER Q 130 45.11 -36.40 34.63
N THR Q 131 44.83 -35.21 35.15
CA THR Q 131 45.59 -34.06 34.71
C THR Q 131 46.22 -33.19 35.78
N LEU Q 132 47.22 -32.44 35.34
CA LEU Q 132 47.93 -31.47 36.16
C LEU Q 132 47.77 -30.21 35.34
N ILE Q 133 47.18 -29.19 35.96
CA ILE Q 133 46.96 -27.92 35.27
C ILE Q 133 47.68 -26.86 36.10
N ALA Q 134 48.47 -26.03 35.42
CA ALA Q 134 49.21 -24.99 36.13
C ALA Q 134 49.35 -23.69 35.34
N GLY Q 135 49.53 -22.60 36.08
CA GLY Q 135 49.68 -21.29 35.47
C GLY Q 135 49.48 -20.18 36.46
N PHE Q 136 49.28 -18.98 35.96
CA PHE Q 136 49.08 -17.82 36.83
C PHE Q 136 47.81 -17.09 36.43
N ASP Q 137 46.98 -16.76 37.43
CA ASP Q 137 45.75 -16.02 37.20
C ASP Q 137 46.11 -14.69 36.54
N PRO Q 138 45.22 -14.17 35.69
CA PRO Q 138 45.52 -12.89 35.05
C PRO Q 138 45.92 -11.82 36.07
N ARG Q 139 46.99 -11.10 35.78
CA ARG Q 139 47.46 -10.03 36.66
C ARG Q 139 47.82 -10.51 38.08
N ASP Q 140 48.17 -11.78 38.20
CA ASP Q 140 48.54 -12.36 39.50
C ASP Q 140 49.89 -13.03 39.32
N ASP Q 141 50.69 -13.05 40.39
CA ASP Q 141 52.02 -13.66 40.34
C ASP Q 141 52.12 -14.95 41.14
N GLU Q 142 51.13 -15.22 41.99
CA GLU Q 142 51.11 -16.42 42.80
C GLU Q 142 50.86 -17.66 41.95
N PRO Q 143 51.82 -18.62 41.93
CA PRO Q 143 51.68 -19.85 41.14
C PRO Q 143 50.51 -20.75 41.52
N LYS Q 144 49.94 -21.42 40.52
CA LYS Q 144 48.80 -22.31 40.72
C LYS Q 144 49.10 -23.68 40.12
N LEU Q 145 48.70 -24.72 40.85
CA LEU Q 145 48.89 -26.09 40.39
C LEU Q 145 47.72 -26.93 40.88
N TYR Q 146 47.02 -27.57 39.95
CA TYR Q 146 45.87 -28.39 40.29
C TYR Q 146 45.93 -29.76 39.65
N GLN Q 147 45.06 -30.64 40.13
CA GLN Q 147 45.01 -31.99 39.61
C GLN Q 147 43.57 -32.48 39.49
N THR Q 148 43.27 -33.18 38.39
CA THR Q 148 41.94 -33.74 38.17
C THR Q 148 42.12 -35.22 37.89
N GLU Q 149 41.06 -36.00 38.09
CA GLU Q 149 41.10 -37.44 37.83
C GLU Q 149 39.78 -37.92 37.21
N PRO Q 150 39.78 -39.15 36.66
CA PRO Q 150 38.57 -39.69 36.03
C PRO Q 150 37.26 -39.44 36.76
N SER Q 151 37.27 -39.51 38.09
CA SER Q 151 36.05 -39.30 38.87
C SER Q 151 35.48 -37.88 38.77
N GLY Q 152 36.33 -36.92 38.43
CA GLY Q 152 35.89 -35.54 38.33
C GLY Q 152 36.31 -34.70 39.52
N ILE Q 153 36.99 -35.34 40.47
CA ILE Q 153 37.47 -34.63 41.65
C ILE Q 153 38.76 -33.86 41.35
N TYR Q 154 38.94 -32.71 41.98
CA TYR Q 154 40.14 -31.91 41.76
C TYR Q 154 40.53 -31.14 43.01
N SER Q 155 41.77 -30.67 43.05
CA SER Q 155 42.27 -29.91 44.20
C SER Q 155 43.66 -29.37 43.86
N SER Q 156 44.18 -28.44 44.66
CA SER Q 156 45.50 -27.87 44.39
C SER Q 156 46.61 -28.51 45.23
N TRP Q 157 47.80 -28.54 44.65
CA TRP Q 157 48.95 -29.13 45.30
C TRP Q 157 50.18 -28.22 45.24
N SER Q 158 51.09 -28.41 46.20
CA SER Q 158 52.34 -27.66 46.25
C SER Q 158 53.21 -28.35 45.21
N ALA Q 159 53.06 -29.66 45.14
CA ALA Q 159 53.77 -30.49 44.19
C ALA Q 159 52.97 -31.78 44.12
N GLN Q 160 52.91 -32.39 42.94
CA GLN Q 160 52.14 -33.61 42.77
C GLN Q 160 52.61 -34.36 41.54
N THR Q 161 52.31 -35.64 41.48
CA THR Q 161 52.72 -36.48 40.36
C THR Q 161 51.62 -37.49 40.06
N ILE Q 162 51.54 -37.94 38.82
CA ILE Q 162 50.54 -38.93 38.43
C ILE Q 162 51.16 -39.84 37.39
N GLY Q 163 50.59 -41.04 37.26
CA GLY Q 163 51.13 -41.99 36.30
C GLY Q 163 51.90 -43.10 36.97
N ARG Q 164 52.58 -43.92 36.18
CA ARG Q 164 53.36 -45.03 36.72
C ARG Q 164 54.46 -44.55 37.67
N ASN Q 165 54.61 -45.28 38.76
CA ASN Q 165 55.63 -44.97 39.76
C ASN Q 165 55.44 -43.60 40.39
N SER Q 166 54.24 -43.05 40.25
CA SER Q 166 53.96 -41.75 40.86
C SER Q 166 54.00 -41.93 42.37
N LYS Q 167 53.80 -43.17 42.82
CA LYS Q 167 53.81 -43.50 44.25
C LYS Q 167 55.20 -43.14 44.77
N THR Q 168 56.21 -43.62 44.05
CA THR Q 168 57.61 -43.39 44.35
C THR Q 168 57.95 -41.90 44.40
N VAL Q 169 57.84 -41.26 43.25
CA VAL Q 169 58.16 -39.84 43.13
C VAL Q 169 57.35 -38.94 44.07
N ARG Q 170 56.17 -39.41 44.49
CA ARG Q 170 55.38 -38.58 45.41
C ARG Q 170 56.10 -38.62 46.76
N GLU Q 171 56.60 -39.80 47.11
CA GLU Q 171 57.33 -39.99 48.36
C GLU Q 171 58.54 -39.07 48.37
N PHE Q 172 59.30 -39.09 47.27
CA PHE Q 172 60.46 -38.23 47.16
C PHE Q 172 60.05 -36.80 47.49
N LEU Q 173 59.06 -36.31 46.76
CA LEU Q 173 58.57 -34.96 46.94
C LEU Q 173 58.06 -34.67 48.36
N GLU Q 174 57.43 -35.65 49.00
CA GLU Q 174 56.91 -35.45 50.35
C GLU Q 174 58.00 -35.24 51.38
N LYS Q 175 59.19 -35.76 51.10
CA LYS Q 175 60.31 -35.60 52.01
C LYS Q 175 61.43 -34.86 51.31
N ASN Q 176 61.06 -33.93 50.45
CA ASN Q 176 62.03 -33.13 49.71
C ASN Q 176 61.41 -31.79 49.29
N TYR Q 177 60.18 -31.54 49.72
CA TYR Q 177 59.50 -30.29 49.41
C TYR Q 177 59.03 -29.64 50.70
N ASP Q 178 59.59 -28.47 51.00
CA ASP Q 178 59.26 -27.74 52.21
C ASP Q 178 58.34 -26.57 51.89
N ARG Q 179 57.13 -26.60 52.45
CA ARG Q 179 56.19 -25.52 52.22
C ARG Q 179 56.73 -24.23 52.81
N LYS Q 180 57.58 -24.36 53.83
CA LYS Q 180 58.19 -23.21 54.49
C LYS Q 180 59.06 -22.45 53.47
N GLU Q 181 59.83 -23.21 52.68
CA GLU Q 181 60.71 -22.61 51.69
C GLU Q 181 60.59 -23.25 50.32
N PRO Q 182 59.56 -22.87 49.56
CA PRO Q 182 59.37 -23.42 48.22
C PRO Q 182 60.53 -23.00 47.34
N PRO Q 183 61.00 -23.88 46.44
CA PRO Q 183 62.11 -23.56 45.54
C PRO Q 183 62.09 -22.11 45.08
N ALA Q 184 62.67 -21.23 45.87
CA ALA Q 184 62.69 -19.79 45.60
C ALA Q 184 63.28 -19.38 44.25
N THR Q 185 63.69 -20.35 43.45
CA THR Q 185 64.27 -20.05 42.14
C THR Q 185 63.74 -20.96 41.05
N VAL Q 186 63.69 -20.43 39.83
CA VAL Q 186 63.25 -21.22 38.70
C VAL Q 186 64.23 -22.38 38.56
N GLU Q 187 65.51 -22.10 38.81
CA GLU Q 187 66.55 -23.12 38.70
C GLU Q 187 66.45 -24.20 39.78
N GLU Q 188 66.39 -23.80 41.05
CA GLU Q 188 66.31 -24.81 42.09
C GLU Q 188 64.98 -25.54 42.07
N CYS Q 189 64.00 -24.95 41.37
CA CYS Q 189 62.70 -25.59 41.26
C CYS Q 189 62.77 -26.61 40.13
N VAL Q 190 63.46 -26.28 39.05
CA VAL Q 190 63.59 -27.18 37.92
C VAL Q 190 64.47 -28.37 38.32
N LYS Q 191 65.37 -28.15 39.27
CA LYS Q 191 66.25 -29.21 39.74
C LYS Q 191 65.47 -30.20 40.60
N LEU Q 192 64.74 -29.68 41.58
CA LEU Q 192 63.94 -30.51 42.46
C LEU Q 192 63.03 -31.41 41.61
N THR Q 193 62.62 -30.88 40.46
CA THR Q 193 61.76 -31.61 39.52
C THR Q 193 62.52 -32.75 38.86
N VAL Q 194 63.63 -32.41 38.21
CA VAL Q 194 64.45 -33.42 37.55
C VAL Q 194 64.82 -34.52 38.53
N ARG Q 195 65.18 -34.11 39.75
CA ARG Q 195 65.54 -35.08 40.79
C ARG Q 195 64.44 -36.10 41.04
N SER Q 196 63.23 -35.62 41.28
CA SER Q 196 62.10 -36.51 41.52
C SER Q 196 61.86 -37.46 40.34
N LEU Q 197 62.15 -36.98 39.13
CA LEU Q 197 61.97 -37.80 37.93
C LEU Q 197 63.04 -38.88 37.78
N LEU Q 198 64.28 -38.54 38.10
CA LEU Q 198 65.37 -39.49 38.01
C LEU Q 198 65.14 -40.71 38.90
N GLU Q 199 64.32 -40.53 39.93
CA GLU Q 199 64.00 -41.62 40.84
C GLU Q 199 63.29 -42.75 40.08
N VAL Q 200 62.74 -42.42 38.91
CA VAL Q 200 62.00 -43.40 38.12
C VAL Q 200 62.35 -43.49 36.64
N VAL Q 201 62.89 -42.41 36.08
CA VAL Q 201 63.21 -42.40 34.66
C VAL Q 201 64.36 -43.31 34.26
N GLN Q 202 65.26 -43.59 35.20
CA GLN Q 202 66.40 -44.46 34.93
C GLN Q 202 67.18 -43.91 33.73
N THR Q 203 68.03 -42.91 33.99
CA THR Q 203 68.86 -42.26 32.98
C THR Q 203 68.07 -42.03 31.69
N GLY Q 204 67.38 -40.90 31.64
CA GLY Q 204 66.58 -40.58 30.48
C GLY Q 204 66.78 -39.16 29.98
N ALA Q 205 67.98 -38.88 29.46
CA ALA Q 205 68.27 -37.57 28.93
C ALA Q 205 67.14 -37.20 27.98
N LYS Q 206 66.86 -38.11 27.04
CA LYS Q 206 65.78 -37.90 26.06
C LYS Q 206 64.46 -38.42 26.62
N ASN Q 207 64.51 -38.92 27.86
CA ASN Q 207 63.32 -39.45 28.52
C ASN Q 207 62.81 -38.54 29.64
N ILE Q 208 63.18 -37.27 29.58
CA ILE Q 208 62.76 -36.28 30.57
C ILE Q 208 62.65 -34.90 29.93
N GLU Q 209 61.43 -34.39 29.84
CA GLU Q 209 61.18 -33.06 29.30
C GLU Q 209 60.62 -32.19 30.40
N ILE Q 210 60.99 -30.92 30.40
CA ILE Q 210 60.52 -30.01 31.44
C ILE Q 210 60.11 -28.67 30.89
N THR Q 211 58.94 -28.19 31.34
CA THR Q 211 58.43 -26.90 30.91
C THR Q 211 58.31 -25.98 32.12
N VAL Q 212 58.81 -24.75 31.95
CA VAL Q 212 58.75 -23.78 33.02
C VAL Q 212 57.73 -22.71 32.69
N VAL Q 213 56.87 -22.41 33.64
CA VAL Q 213 55.84 -21.40 33.47
C VAL Q 213 55.94 -20.31 34.52
N LYS Q 214 56.13 -19.08 34.07
CA LYS Q 214 56.25 -17.92 34.95
C LYS Q 214 55.06 -16.98 34.74
N PRO Q 215 54.87 -16.00 35.64
CA PRO Q 215 53.76 -15.06 35.52
C PRO Q 215 53.71 -14.34 34.17
N ASP Q 216 52.50 -13.90 33.81
CA ASP Q 216 52.28 -13.17 32.57
C ASP Q 216 52.56 -13.91 31.26
N SER Q 217 51.95 -15.08 31.11
CA SER Q 217 52.09 -15.87 29.91
C SER Q 217 53.53 -16.19 29.49
N ASP Q 218 54.43 -16.27 30.46
CA ASP Q 218 55.82 -16.59 30.19
C ASP Q 218 56.01 -18.09 30.32
N ILE Q 219 55.87 -18.80 29.21
CA ILE Q 219 56.01 -20.25 29.22
C ILE Q 219 57.05 -20.70 28.23
N VAL Q 220 57.99 -21.52 28.70
CA VAL Q 220 59.06 -22.03 27.85
C VAL Q 220 59.48 -23.44 28.25
N ALA Q 221 59.84 -24.24 27.25
CA ALA Q 221 60.26 -25.60 27.48
C ALA Q 221 61.76 -25.75 27.24
N LEU Q 222 62.46 -26.38 28.19
CA LEU Q 222 63.90 -26.59 28.10
C LEU Q 222 64.25 -27.58 27.00
N SER Q 223 65.47 -27.49 26.50
CA SER Q 223 65.95 -28.39 25.45
C SER Q 223 66.76 -29.51 26.11
N SER Q 224 66.99 -30.58 25.37
CA SER Q 224 67.73 -31.72 25.86
C SER Q 224 68.93 -31.29 26.70
N GLU Q 225 69.80 -30.48 26.11
CA GLU Q 225 71.01 -29.98 26.78
C GLU Q 225 70.68 -29.33 28.10
N GLU Q 226 69.94 -28.22 28.06
CA GLU Q 226 69.56 -27.48 29.25
C GLU Q 226 69.16 -28.42 30.39
N ILE Q 227 68.38 -29.43 30.05
CA ILE Q 227 67.93 -30.41 31.04
C ILE Q 227 69.09 -31.36 31.36
N ASN Q 228 69.71 -31.88 30.32
CA ASN Q 228 70.83 -32.80 30.45
C ASN Q 228 71.89 -32.24 31.40
N GLN Q 229 71.99 -30.92 31.44
CA GLN Q 229 72.94 -30.24 32.32
C GLN Q 229 72.51 -30.40 33.75
N TYR Q 230 71.20 -30.36 33.99
CA TYR Q 230 70.67 -30.51 35.34
C TYR Q 230 70.94 -31.91 35.87
N VAL Q 231 70.78 -32.90 35.00
CA VAL Q 231 71.02 -34.28 35.38
C VAL Q 231 72.48 -34.47 35.79
N THR Q 232 73.38 -34.00 34.92
CA THR Q 232 74.81 -34.10 35.17
C THR Q 232 75.19 -33.55 36.54
N GLN Q 233 74.75 -32.33 36.83
CA GLN Q 233 75.03 -31.72 38.12
C GLN Q 233 74.43 -32.50 39.28
N ILE Q 234 73.33 -33.21 39.00
CA ILE Q 234 72.63 -34.01 40.02
C ILE Q 234 73.36 -35.32 40.30
N GLU Q 235 73.87 -35.96 39.24
CA GLU Q 235 74.59 -37.22 39.39
C GLU Q 235 75.90 -37.00 40.13
N GLN Q 236 76.37 -35.77 40.12
CA GLN Q 236 77.60 -35.43 40.82
C GLN Q 236 77.30 -35.25 42.30
N GLU Q 237 76.19 -34.55 42.60
CA GLU Q 237 75.80 -34.33 43.99
C GLU Q 237 75.85 -35.67 44.73
N LYS Q 238 75.47 -36.74 44.02
CA LYS Q 238 75.47 -38.09 44.57
C LYS Q 238 76.91 -38.61 44.71
N GLN Q 239 77.59 -38.75 43.58
CA GLN Q 239 78.97 -39.24 43.54
C GLN Q 239 79.87 -38.50 44.51
N GLU Q 240 79.64 -37.19 44.66
CA GLU Q 240 80.42 -36.37 45.59
C GLU Q 240 80.05 -36.77 47.01
N GLN Q 241 79.79 -38.07 47.17
CA GLN Q 241 79.41 -38.63 48.46
C GLN Q 241 79.39 -40.15 48.39
N ASP R 1 22.44 -57.76 31.44
CA ASP R 1 22.79 -57.44 32.85
C ASP R 1 21.52 -57.24 33.71
N ARG R 2 21.34 -56.04 34.24
CA ARG R 2 20.16 -55.74 35.07
C ARG R 2 19.94 -54.23 35.10
N GLY R 3 18.71 -53.80 34.85
CA GLY R 3 18.39 -52.38 34.84
C GLY R 3 18.92 -51.61 36.03
N VAL R 4 19.19 -50.32 35.84
CA VAL R 4 19.71 -49.48 36.91
C VAL R 4 18.59 -48.98 37.80
N SER R 5 17.36 -49.41 37.49
CA SER R 5 16.20 -49.01 38.28
C SER R 5 15.38 -50.24 38.64
N THR R 6 16.06 -51.35 38.92
CA THR R 6 15.43 -52.61 39.28
C THR R 6 15.15 -52.67 40.79
N PHE R 7 14.13 -53.43 41.17
CA PHE R 7 13.78 -53.59 42.58
C PHE R 7 14.32 -54.88 43.12
N SER R 8 14.80 -54.86 44.36
CA SER R 8 15.32 -56.06 45.00
C SER R 8 14.11 -56.82 45.53
N PRO R 9 14.30 -58.10 45.89
CA PRO R 9 13.17 -58.87 46.40
C PRO R 9 12.57 -58.26 47.67
N GLU R 10 13.36 -57.42 48.35
CA GLU R 10 12.89 -56.78 49.58
C GLU R 10 12.16 -55.49 49.30
N GLY R 11 12.17 -55.07 48.03
CA GLY R 11 11.48 -53.84 47.68
C GLY R 11 12.37 -52.62 47.80
N ARG R 12 13.64 -52.77 47.47
CA ARG R 12 14.57 -51.66 47.51
C ARG R 12 15.22 -51.53 46.15
N LEU R 13 15.67 -50.32 45.82
CA LEU R 13 16.31 -50.08 44.54
C LEU R 13 17.82 -50.34 44.68
N PHE R 14 18.30 -51.37 44.01
CA PHE R 14 19.71 -51.74 44.07
C PHE R 14 20.67 -50.54 43.96
N GLN R 15 20.62 -49.83 42.83
CA GLN R 15 21.50 -48.69 42.63
C GLN R 15 21.48 -47.68 43.76
N VAL R 16 20.32 -47.48 44.39
CA VAL R 16 20.22 -46.52 45.49
C VAL R 16 20.91 -47.04 46.75
N GLU R 17 20.75 -48.34 47.02
CA GLU R 17 21.38 -48.94 48.20
C GLU R 17 22.89 -48.96 48.04
N TYR R 18 23.38 -49.33 46.85
CA TYR R 18 24.82 -49.37 46.60
C TYR R 18 25.38 -47.95 46.68
N SER R 19 24.52 -46.98 46.36
CA SER R 19 24.90 -45.58 46.40
C SER R 19 25.18 -45.21 47.86
N LEU R 20 24.30 -45.69 48.74
CA LEU R 20 24.41 -45.44 50.17
C LEU R 20 25.69 -46.05 50.75
N GLU R 21 26.19 -47.10 50.12
CA GLU R 21 27.43 -47.72 50.59
C GLU R 21 28.60 -46.79 50.35
N ALA R 22 28.67 -46.25 49.13
CA ALA R 22 29.74 -45.33 48.75
C ALA R 22 29.77 -44.13 49.69
N ILE R 23 28.58 -43.73 50.16
CA ILE R 23 28.47 -42.60 51.05
C ILE R 23 29.06 -42.90 52.43
N LYS R 24 28.95 -44.15 52.85
CA LYS R 24 29.49 -44.56 54.13
C LYS R 24 31.00 -44.38 54.16
N LEU R 25 31.63 -44.53 52.99
CA LEU R 25 33.07 -44.38 52.85
C LEU R 25 33.52 -42.92 52.84
N GLY R 26 32.59 -41.99 52.70
CA GLY R 26 32.94 -40.58 52.65
C GLY R 26 33.37 -39.96 53.96
N SER R 27 33.97 -38.78 53.88
CA SER R 27 34.41 -38.05 55.06
C SER R 27 33.22 -37.65 55.89
N THR R 28 33.38 -37.70 57.20
CA THR R 28 32.30 -37.35 58.10
C THR R 28 31.87 -35.89 57.97
N ALA R 29 30.58 -35.64 58.15
CA ALA R 29 30.00 -34.30 58.10
C ALA R 29 28.94 -34.28 59.19
N ILE R 30 28.91 -33.22 59.97
CA ILE R 30 27.94 -33.12 61.07
C ILE R 30 27.19 -31.80 61.09
N GLY R 31 25.90 -31.88 61.40
CA GLY R 31 25.09 -30.68 61.48
C GLY R 31 24.30 -30.64 62.78
N ILE R 32 24.32 -29.50 63.45
CA ILE R 32 23.57 -29.31 64.70
C ILE R 32 22.73 -28.04 64.62
N ALA R 33 21.42 -28.19 64.83
CA ALA R 33 20.51 -27.07 64.75
C ALA R 33 20.00 -26.62 66.11
N THR R 34 20.24 -25.36 66.44
CA THR R 34 19.81 -24.76 67.70
C THR R 34 18.99 -23.51 67.42
N LYS R 35 18.34 -22.97 68.44
CA LYS R 35 17.53 -21.77 68.28
C LYS R 35 18.36 -20.51 68.10
N GLU R 36 19.67 -20.69 68.01
CA GLU R 36 20.58 -19.58 67.81
C GLU R 36 21.32 -19.72 66.49
N GLY R 37 20.94 -20.73 65.71
CA GLY R 37 21.57 -20.96 64.43
C GLY R 37 21.82 -22.43 64.19
N VAL R 38 22.44 -22.75 63.06
CA VAL R 38 22.74 -24.13 62.74
C VAL R 38 24.22 -24.21 62.45
N VAL R 39 24.89 -25.21 63.01
CA VAL R 39 26.32 -25.40 62.81
C VAL R 39 26.55 -26.56 61.87
N LEU R 40 27.54 -26.43 61.00
CA LEU R 40 27.86 -27.46 60.03
C LEU R 40 29.38 -27.66 60.05
N GLY R 41 29.81 -28.90 60.26
CA GLY R 41 31.24 -29.18 60.27
C GLY R 41 31.58 -30.39 59.45
N VAL R 42 32.78 -30.41 58.88
CA VAL R 42 33.21 -31.53 58.05
C VAL R 42 34.67 -31.91 58.27
N GLU R 43 35.01 -33.15 57.91
CA GLU R 43 36.38 -33.65 58.00
C GLU R 43 36.99 -33.43 56.62
N LYS R 44 38.05 -32.61 56.54
CA LYS R 44 38.70 -32.37 55.25
C LYS R 44 39.23 -33.68 54.65
N ARG R 45 39.99 -34.43 55.46
CA ARG R 45 40.58 -35.70 55.06
C ARG R 45 41.46 -35.65 53.80
N ALA R 46 42.49 -34.81 53.79
CA ALA R 46 43.38 -34.74 52.63
C ALA R 46 44.04 -36.11 52.48
N THR R 47 44.58 -36.41 51.30
CA THR R 47 45.20 -37.71 51.08
C THR R 47 46.73 -37.70 51.07
N SER R 48 47.30 -36.51 51.23
CA SER R 48 48.76 -36.34 51.23
C SER R 48 49.09 -34.99 51.82
N PRO R 49 50.26 -34.88 52.47
CA PRO R 49 50.65 -33.60 53.07
C PRO R 49 50.92 -32.52 52.02
N LEU R 50 51.16 -32.94 50.77
CA LEU R 50 51.43 -32.01 49.68
C LEU R 50 50.16 -31.33 49.16
N LEU R 51 49.01 -31.88 49.53
CA LEU R 51 47.71 -31.34 49.11
C LEU R 51 47.39 -30.12 49.98
N GLU R 52 47.03 -29.02 49.34
CA GLU R 52 46.71 -27.80 50.07
C GLU R 52 45.31 -27.93 50.65
N SER R 53 45.25 -28.30 51.92
CA SER R 53 44.00 -28.52 52.64
C SER R 53 42.88 -27.50 52.46
N ASP R 54 43.21 -26.25 52.16
CA ASP R 54 42.16 -25.25 52.02
C ASP R 54 41.49 -25.25 50.64
N SER R 55 41.96 -26.09 49.73
CA SER R 55 41.37 -26.19 48.41
C SER R 55 40.33 -27.32 48.46
N ILE R 56 40.06 -27.79 49.67
CA ILE R 56 39.07 -28.84 49.89
C ILE R 56 37.80 -28.12 50.33
N GLU R 57 36.81 -28.12 49.44
CA GLU R 57 35.56 -27.43 49.68
C GLU R 57 34.39 -28.39 49.88
N LYS R 58 34.10 -28.73 51.13
CA LYS R 58 33.00 -29.65 51.38
C LYS R 58 31.83 -28.99 52.10
N ILE R 59 31.91 -27.67 52.24
CA ILE R 59 30.83 -26.89 52.82
C ILE R 59 30.66 -25.71 51.86
N VAL R 60 29.50 -25.64 51.22
CA VAL R 60 29.24 -24.57 50.26
C VAL R 60 28.02 -23.75 50.60
N GLU R 61 27.94 -22.55 50.03
CA GLU R 61 26.81 -21.66 50.23
C GLU R 61 25.78 -21.83 49.11
N ILE R 62 24.52 -22.00 49.50
CA ILE R 62 23.43 -22.15 48.53
C ILE R 62 22.89 -20.74 48.25
N ASP R 63 22.67 -20.00 49.32
CA ASP R 63 22.19 -18.63 49.28
C ASP R 63 22.60 -18.04 50.64
N ARG R 64 22.34 -16.75 50.85
CA ARG R 64 22.74 -16.13 52.10
C ARG R 64 22.11 -16.78 53.35
N HIS R 65 20.99 -17.45 53.19
CA HIS R 65 20.31 -18.08 54.33
C HIS R 65 20.33 -19.60 54.27
N ILE R 66 21.10 -20.17 53.35
CA ILE R 66 21.22 -21.61 53.19
C ILE R 66 22.64 -22.04 52.81
N GLY R 67 23.12 -23.09 53.47
CA GLY R 67 24.45 -23.62 53.18
C GLY R 67 24.34 -25.12 53.30
N CYS R 68 25.34 -25.87 52.85
CA CYS R 68 25.24 -27.31 52.99
C CYS R 68 26.58 -28.01 53.03
N ALA R 69 26.60 -29.20 53.63
CA ALA R 69 27.81 -30.01 53.74
C ALA R 69 27.56 -31.31 52.99
N MET R 70 28.61 -31.81 52.34
CA MET R 70 28.49 -33.03 51.55
C MET R 70 29.37 -34.17 52.07
N SER R 71 29.00 -35.39 51.71
CA SER R 71 29.77 -36.56 52.10
C SER R 71 29.57 -37.67 51.08
N GLY R 72 30.68 -38.23 50.59
CA GLY R 72 30.61 -39.31 49.60
C GLY R 72 31.42 -38.93 48.38
N LEU R 73 30.92 -39.28 47.20
CA LEU R 73 31.60 -38.93 45.95
C LEU R 73 31.31 -37.44 45.70
N THR R 74 32.10 -36.57 46.34
CA THR R 74 31.90 -35.13 46.26
C THR R 74 31.82 -34.49 44.87
N ALA R 75 32.42 -35.09 43.86
CA ALA R 75 32.34 -34.50 42.53
C ALA R 75 30.89 -34.54 42.04
N ASP R 76 30.14 -35.55 42.49
CA ASP R 76 28.74 -35.72 42.11
C ASP R 76 27.86 -34.62 42.72
N ALA R 77 28.40 -33.88 43.67
CA ALA R 77 27.63 -32.84 44.32
C ALA R 77 27.68 -31.50 43.59
N ARG R 78 28.62 -31.34 42.68
CA ARG R 78 28.74 -30.08 41.96
C ARG R 78 27.46 -29.65 41.25
N SER R 79 26.89 -30.54 40.45
CA SER R 79 25.66 -30.21 39.74
C SER R 79 24.47 -30.04 40.70
N MET R 80 24.49 -30.76 41.83
CA MET R 80 23.42 -30.63 42.80
C MET R 80 23.46 -29.23 43.41
N ILE R 81 24.67 -28.74 43.70
CA ILE R 81 24.84 -27.42 44.29
C ILE R 81 24.40 -26.38 43.28
N GLU R 82 24.78 -26.60 42.03
CA GLU R 82 24.43 -25.69 40.95
C GLU R 82 22.91 -25.58 40.83
N HIS R 83 22.24 -26.74 40.86
CA HIS R 83 20.79 -26.75 40.78
C HIS R 83 20.21 -26.00 41.97
N ALA R 84 20.77 -26.23 43.15
CA ALA R 84 20.31 -25.59 44.37
C ALA R 84 20.44 -24.07 44.33
N ARG R 85 21.59 -23.59 43.91
CA ARG R 85 21.81 -22.14 43.84
C ARG R 85 20.87 -21.52 42.82
N THR R 86 20.69 -22.20 41.70
CA THR R 86 19.82 -21.68 40.65
C THR R 86 18.37 -21.65 41.17
N ALA R 87 17.97 -22.70 41.88
CA ALA R 87 16.63 -22.75 42.42
C ALA R 87 16.38 -21.60 43.39
N ALA R 88 17.33 -21.35 44.29
CA ALA R 88 17.16 -20.28 45.26
C ALA R 88 17.13 -18.91 44.59
N VAL R 89 18.06 -18.67 43.66
CA VAL R 89 18.12 -17.41 42.93
C VAL R 89 16.84 -17.24 42.12
N THR R 90 16.44 -18.29 41.40
CA THR R 90 15.25 -18.24 40.56
C THR R 90 14.01 -17.91 41.38
N HIS R 91 13.86 -18.56 42.52
CA HIS R 91 12.71 -18.31 43.37
C HIS R 91 12.69 -16.83 43.73
N ASN R 92 13.85 -16.28 44.06
CA ASN R 92 13.89 -14.90 44.44
C ASN R 92 13.47 -13.99 43.29
N LEU R 93 13.93 -14.32 42.08
CA LEU R 93 13.60 -13.51 40.92
C LEU R 93 12.07 -13.50 40.68
N TYR R 94 11.44 -14.66 40.84
CA TYR R 94 10.00 -14.77 40.66
C TYR R 94 9.16 -14.18 41.77
N TYR R 95 9.57 -14.37 43.02
CA TYR R 95 8.75 -13.87 44.12
C TYR R 95 9.27 -12.76 44.99
N ASP R 96 10.43 -12.21 44.63
CA ASP R 96 11.00 -11.13 45.41
C ASP R 96 11.04 -11.52 46.91
N GLU R 97 11.65 -12.67 47.20
CA GLU R 97 11.74 -13.15 48.58
C GLU R 97 12.73 -14.31 48.65
N ASP R 98 12.93 -14.83 49.86
CA ASP R 98 13.82 -15.97 50.10
C ASP R 98 13.07 -17.27 49.94
N ILE R 99 13.74 -18.27 49.40
CA ILE R 99 13.14 -19.59 49.23
C ILE R 99 13.16 -20.28 50.59
N ASN R 100 12.09 -20.97 50.92
CA ASN R 100 12.07 -21.68 52.19
C ASN R 100 13.08 -22.82 52.14
N VAL R 101 13.77 -23.04 53.25
CA VAL R 101 14.79 -24.08 53.34
C VAL R 101 14.24 -25.45 52.91
N GLU R 102 13.00 -25.75 53.31
CA GLU R 102 12.40 -27.02 52.95
C GLU R 102 12.19 -27.11 51.44
N SER R 103 11.67 -26.03 50.86
CA SER R 103 11.42 -25.96 49.42
C SER R 103 12.69 -26.17 48.62
N LEU R 104 13.77 -25.54 49.07
CA LEU R 104 15.05 -25.67 48.41
C LEU R 104 15.50 -27.13 48.45
N THR R 105 15.32 -27.77 49.59
CA THR R 105 15.70 -29.16 49.76
C THR R 105 14.89 -30.04 48.83
N GLN R 106 13.57 -29.86 48.84
CA GLN R 106 12.68 -30.64 48.00
C GLN R 106 13.09 -30.55 46.52
N SER R 107 13.51 -29.37 46.11
CA SER R 107 13.94 -29.15 44.74
C SER R 107 15.15 -30.02 44.41
N VAL R 108 16.13 -30.02 45.30
CA VAL R 108 17.34 -30.82 45.12
C VAL R 108 16.98 -32.30 45.06
N CYS R 109 16.15 -32.76 45.99
CA CYS R 109 15.75 -34.15 46.02
C CYS R 109 15.01 -34.56 44.75
N ASP R 110 14.42 -33.60 44.05
CA ASP R 110 13.71 -33.90 42.84
C ASP R 110 14.63 -34.43 41.74
N LEU R 111 15.93 -34.13 41.84
CA LEU R 111 16.89 -34.63 40.86
C LEU R 111 17.22 -36.07 41.19
N ALA R 112 17.33 -36.35 42.48
CA ALA R 112 17.67 -37.67 42.98
C ALA R 112 17.27 -38.85 42.10
N LEU R 113 15.98 -39.14 42.01
CA LEU R 113 15.54 -40.30 41.24
C LEU R 113 15.47 -40.14 39.72
N ARG R 114 15.97 -39.02 39.21
CA ARG R 114 15.97 -38.80 37.76
C ARG R 114 17.09 -39.57 37.07
N PHE R 115 17.15 -40.88 37.29
CA PHE R 115 18.16 -41.69 36.64
C PHE R 115 17.50 -42.90 35.99
N GLY R 116 18.22 -43.56 35.11
CA GLY R 116 17.69 -44.73 34.43
C GLY R 116 18.12 -44.75 32.97
N GLU R 117 17.73 -45.80 32.24
CA GLU R 117 18.10 -45.91 30.83
C GLU R 117 16.87 -45.71 29.93
N GLY R 118 15.78 -45.27 30.52
CA GLY R 118 14.55 -45.03 29.77
C GLY R 118 13.31 -45.28 30.61
N ALA R 119 13.30 -44.75 31.83
CA ALA R 119 12.18 -44.91 32.75
C ALA R 119 10.95 -44.11 32.29
N SER R 120 9.86 -44.83 32.02
CA SER R 120 8.59 -44.25 31.54
C SER R 120 7.89 -43.33 32.55
N GLY R 121 8.35 -42.08 32.64
CA GLY R 121 7.76 -41.13 33.56
C GLY R 121 8.09 -39.69 33.18
N GLU R 122 9.05 -39.54 32.27
CA GLU R 122 9.52 -38.25 31.76
C GLU R 122 10.80 -38.51 30.96
N GLU R 123 11.84 -37.70 31.17
CA GLU R 123 13.11 -37.91 30.47
C GLU R 123 14.29 -37.89 31.43
N ARG R 124 14.30 -38.84 32.36
CA ARG R 124 15.36 -38.96 33.36
C ARG R 124 16.68 -39.47 32.75
N LEU R 125 17.44 -38.54 32.19
CA LEU R 125 18.72 -38.88 31.60
C LEU R 125 19.82 -38.59 32.62
N MET R 126 20.31 -39.67 33.21
CA MET R 126 21.37 -39.66 34.22
C MET R 126 21.53 -41.15 34.46
N SER R 127 22.66 -41.70 34.05
CA SER R 127 22.89 -43.13 34.14
C SER R 127 22.87 -43.80 35.51
N ARG R 128 23.15 -43.05 36.57
CA ARG R 128 23.19 -43.63 37.91
C ARG R 128 22.78 -42.62 38.95
N PRO R 129 22.50 -43.09 40.17
CA PRO R 129 22.10 -42.17 41.25
C PRO R 129 23.33 -41.37 41.68
N PHE R 130 23.12 -40.31 42.45
CA PHE R 130 24.25 -39.51 42.94
C PHE R 130 24.93 -40.33 44.03
N GLY R 131 26.24 -40.24 44.14
CA GLY R 131 26.94 -40.98 45.18
C GLY R 131 27.36 -40.07 46.32
N VAL R 132 26.47 -39.19 46.75
CA VAL R 132 26.80 -38.26 47.81
C VAL R 132 25.54 -37.81 48.52
N ALA R 133 25.62 -37.67 49.85
CA ALA R 133 24.49 -37.20 50.64
C ALA R 133 24.77 -35.75 51.02
N LEU R 134 23.74 -35.02 51.41
CA LEU R 134 23.93 -33.63 51.76
C LEU R 134 23.22 -33.21 53.03
N LEU R 135 23.86 -32.34 53.78
CA LEU R 135 23.26 -31.82 54.99
C LEU R 135 22.96 -30.40 54.58
N ILE R 136 21.67 -30.09 54.45
CA ILE R 136 21.25 -28.75 54.07
C ILE R 136 20.75 -28.02 55.30
N ALA R 137 21.34 -26.87 55.57
CA ALA R 137 20.95 -26.09 56.74
C ALA R 137 20.68 -24.63 56.41
N GLY R 138 19.68 -24.07 57.06
CA GLY R 138 19.36 -22.68 56.80
C GLY R 138 18.29 -22.16 57.73
N HIS R 139 17.89 -20.92 57.50
CA HIS R 139 16.86 -20.28 58.29
C HIS R 139 15.89 -19.54 57.39
N ASP R 140 14.64 -19.47 57.82
CA ASP R 140 13.61 -18.77 57.08
C ASP R 140 12.55 -18.35 58.10
N ALA R 141 11.82 -17.27 57.81
CA ALA R 141 10.81 -16.75 58.71
C ALA R 141 9.75 -17.71 59.24
N ASP R 142 9.26 -18.62 58.42
CA ASP R 142 8.20 -19.51 58.87
C ASP R 142 8.57 -20.66 59.81
N ASP R 143 9.71 -21.31 59.58
CA ASP R 143 10.13 -22.43 60.43
C ASP R 143 11.50 -22.27 61.06
N GLY R 144 12.00 -21.04 61.11
CA GLY R 144 13.30 -20.79 61.71
C GLY R 144 14.46 -21.64 61.21
N TYR R 145 15.38 -21.94 62.12
CA TYR R 145 16.56 -22.73 61.78
C TYR R 145 16.21 -24.17 61.49
N GLN R 146 16.72 -24.68 60.38
CA GLN R 146 16.43 -26.04 59.96
C GLN R 146 17.64 -26.80 59.43
N LEU R 147 17.66 -28.10 59.69
CA LEU R 147 18.72 -28.99 59.24
C LEU R 147 18.04 -30.13 58.50
N PHE R 148 18.52 -30.42 57.30
CA PHE R 148 17.94 -31.47 56.47
C PHE R 148 19.01 -32.41 55.96
N HIS R 149 18.62 -33.67 55.81
CA HIS R 149 19.52 -34.68 55.29
C HIS R 149 18.90 -35.12 53.97
N ALA R 150 19.62 -34.87 52.87
CA ALA R 150 19.12 -35.25 51.55
C ALA R 150 19.92 -36.42 50.99
N GLU R 151 19.23 -37.53 50.70
CA GLU R 151 19.88 -38.73 50.17
C GLU R 151 19.63 -38.93 48.67
N PRO R 152 20.45 -39.79 48.02
CA PRO R 152 20.32 -40.11 46.58
C PRO R 152 19.03 -40.85 46.27
N SER R 153 18.29 -41.20 47.32
CA SER R 153 17.03 -41.90 47.18
C SER R 153 15.97 -40.91 46.71
N GLY R 154 16.08 -39.69 47.20
CA GLY R 154 15.13 -38.66 46.84
C GLY R 154 14.38 -38.24 48.10
N THR R 155 14.51 -39.04 49.16
CA THR R 155 13.85 -38.70 50.41
C THR R 155 14.76 -37.75 51.20
N PHE R 156 14.18 -36.96 52.07
CA PHE R 156 14.96 -36.04 52.87
C PHE R 156 14.28 -35.92 54.21
N TYR R 157 15.08 -35.95 55.26
CA TYR R 157 14.59 -35.91 56.62
C TYR R 157 15.07 -34.66 57.33
N ARG R 158 14.31 -34.21 58.30
CA ARG R 158 14.72 -33.04 59.07
C ARG R 158 15.27 -33.56 60.41
N TYR R 159 16.39 -32.99 60.86
CA TYR R 159 16.99 -33.40 62.11
C TYR R 159 17.32 -32.23 63.01
N ASN R 160 17.56 -32.52 64.28
CA ASN R 160 17.94 -31.50 65.26
C ASN R 160 19.45 -31.57 65.21
N ALA R 161 19.94 -32.75 64.85
CA ALA R 161 21.36 -33.00 64.72
C ALA R 161 21.51 -34.22 63.83
N LYS R 162 22.57 -34.27 63.03
CA LYS R 162 22.76 -35.40 62.14
C LYS R 162 24.20 -35.56 61.70
N ALA R 163 24.60 -36.81 61.50
CA ALA R 163 25.95 -37.13 61.09
C ALA R 163 25.91 -38.08 59.90
N ILE R 164 26.71 -37.78 58.87
CA ILE R 164 26.79 -38.61 57.68
C ILE R 164 28.27 -38.82 57.40
N GLY R 165 28.59 -39.93 56.74
CA GLY R 165 29.98 -40.23 56.44
C GLY R 165 30.50 -41.46 57.19
N SER R 166 31.79 -41.73 57.06
CA SER R 166 32.40 -42.90 57.71
C SER R 166 32.06 -43.13 59.19
N GLY R 167 32.13 -42.10 60.02
CA GLY R 167 31.83 -42.33 61.43
C GLY R 167 30.48 -41.83 61.89
N SER R 168 29.45 -42.01 61.06
CA SER R 168 28.11 -41.54 61.39
C SER R 168 27.30 -42.30 62.45
N GLU R 169 27.41 -43.63 62.46
CA GLU R 169 26.67 -44.41 63.46
C GLU R 169 27.17 -44.07 64.86
N GLY R 170 28.50 -44.00 65.00
CA GLY R 170 29.09 -43.68 66.28
C GLY R 170 28.80 -42.23 66.65
N ALA R 171 28.98 -41.34 65.69
CA ALA R 171 28.75 -39.92 65.91
C ALA R 171 27.28 -39.59 66.16
N GLN R 172 26.39 -40.33 65.53
CA GLN R 172 24.97 -40.07 65.70
C GLN R 172 24.59 -40.43 67.13
N ALA R 173 25.12 -41.57 67.59
CA ALA R 173 24.87 -42.03 68.95
C ALA R 173 25.26 -40.92 69.90
N GLU R 174 26.41 -40.31 69.62
CA GLU R 174 26.91 -39.21 70.44
C GLU R 174 25.88 -38.10 70.46
N LEU R 175 25.52 -37.63 69.28
CA LEU R 175 24.55 -36.55 69.12
C LEU R 175 23.27 -36.84 69.88
N LEU R 176 22.89 -38.11 69.92
CA LEU R 176 21.69 -38.54 70.63
C LEU R 176 21.71 -38.06 72.07
N ASN R 177 22.81 -38.34 72.76
CA ASN R 177 22.97 -37.95 74.16
C ASN R 177 23.21 -36.46 74.35
N GLU R 178 24.13 -35.91 73.56
CA GLU R 178 24.51 -34.51 73.66
C GLU R 178 23.47 -33.43 73.29
N TRP R 179 22.55 -33.74 72.38
CA TRP R 179 21.59 -32.73 71.96
C TRP R 179 20.36 -32.48 72.84
N HIS R 180 20.07 -31.19 73.05
CA HIS R 180 18.91 -30.77 73.82
C HIS R 180 18.42 -29.42 73.29
N SER R 181 17.11 -29.21 73.39
CA SER R 181 16.43 -28.01 72.89
C SER R 181 16.98 -26.64 73.28
N SER R 182 17.84 -26.57 74.29
CA SER R 182 18.36 -25.26 74.69
C SER R 182 19.86 -25.07 74.44
N LEU R 183 20.42 -25.87 73.54
CA LEU R 183 21.84 -25.75 73.19
C LEU R 183 22.08 -24.35 72.65
N THR R 184 23.29 -23.84 72.82
CA THR R 184 23.61 -22.52 72.31
C THR R 184 24.54 -22.73 71.13
N LEU R 185 24.65 -21.73 70.28
CA LEU R 185 25.52 -21.83 69.12
C LEU R 185 26.95 -22.19 69.54
N LYS R 186 27.45 -21.53 70.58
CA LYS R 186 28.78 -21.80 71.10
C LYS R 186 28.93 -23.27 71.48
N GLU R 187 27.93 -23.78 72.21
CA GLU R 187 27.93 -25.17 72.63
C GLU R 187 27.99 -26.06 71.41
N ALA R 188 27.02 -25.88 70.51
CA ALA R 188 26.93 -26.65 69.28
C ALA R 188 28.26 -26.69 68.53
N GLU R 189 28.91 -25.54 68.40
CA GLU R 189 30.20 -25.48 67.72
C GLU R 189 31.19 -26.44 68.38
N LEU R 190 31.37 -26.26 69.68
CA LEU R 190 32.28 -27.08 70.47
C LEU R 190 31.90 -28.55 70.35
N LEU R 191 30.60 -28.81 70.45
CA LEU R 191 30.04 -30.15 70.36
C LEU R 191 30.33 -30.83 69.02
N VAL R 192 30.21 -30.09 67.92
CA VAL R 192 30.48 -30.63 66.60
C VAL R 192 31.97 -30.93 66.48
N LEU R 193 32.76 -29.96 66.92
CA LEU R 193 34.21 -30.06 66.88
C LEU R 193 34.69 -31.29 67.68
N LYS R 194 33.97 -31.60 68.75
CA LYS R 194 34.28 -32.72 69.61
C LYS R 194 34.01 -34.08 68.96
N ILE R 195 32.80 -34.25 68.44
CA ILE R 195 32.43 -35.50 67.79
C ILE R 195 33.32 -35.76 66.57
N LEU R 196 33.67 -34.70 65.84
CA LEU R 196 34.52 -34.86 64.67
C LEU R 196 35.83 -35.49 65.12
N LYS R 197 36.34 -34.99 66.24
CA LYS R 197 37.60 -35.48 66.80
C LYS R 197 37.54 -36.97 67.18
N GLN R 198 36.41 -37.42 67.71
CA GLN R 198 36.26 -38.82 68.11
C GLN R 198 36.28 -39.78 66.93
N VAL R 199 35.59 -39.43 65.85
CA VAL R 199 35.52 -40.31 64.68
C VAL R 199 36.63 -40.14 63.65
N MET R 200 37.18 -38.94 63.54
CA MET R 200 38.27 -38.69 62.59
C MET R 200 39.48 -39.57 62.89
N GLU R 201 40.10 -40.10 61.83
CA GLU R 201 41.28 -40.94 61.99
C GLU R 201 42.43 -40.06 62.48
N GLU R 202 42.56 -38.89 61.87
CA GLU R 202 43.59 -37.93 62.21
C GLU R 202 43.27 -37.16 63.48
N LYS R 203 44.27 -36.44 63.98
CA LYS R 203 44.08 -35.65 65.18
C LYS R 203 43.52 -34.33 64.69
N LEU R 204 42.28 -34.04 65.06
CA LEU R 204 41.62 -32.82 64.63
C LEU R 204 42.34 -31.53 64.98
N ASP R 205 42.60 -30.71 63.95
CA ASP R 205 43.22 -29.41 64.10
C ASP R 205 42.51 -28.50 63.10
N GLU R 206 42.85 -27.21 63.05
CA GLU R 206 42.16 -26.28 62.14
C GLU R 206 42.47 -26.46 60.66
N ASN R 207 43.30 -27.43 60.31
CA ASN R 207 43.63 -27.65 58.90
C ASN R 207 43.03 -28.90 58.29
N ASN R 208 42.51 -29.80 59.12
CA ASN R 208 41.90 -31.02 58.59
C ASN R 208 40.43 -31.11 58.95
N ALA R 209 39.87 -29.98 59.38
CA ALA R 209 38.46 -29.92 59.75
C ALA R 209 38.00 -28.49 59.52
N GLN R 210 36.71 -28.31 59.29
CA GLN R 210 36.17 -26.99 59.02
C GLN R 210 34.76 -26.82 59.58
N LEU R 211 34.53 -25.67 60.20
CA LEU R 211 33.24 -25.35 60.78
C LEU R 211 32.57 -24.23 60.00
N SER R 212 31.26 -24.10 60.20
CA SER R 212 30.49 -23.07 59.55
C SER R 212 29.14 -23.05 60.22
N CYS R 213 28.41 -21.96 60.02
CA CYS R 213 27.08 -21.85 60.60
C CYS R 213 26.25 -20.88 59.78
N ILE R 214 25.01 -20.73 60.20
CA ILE R 214 24.10 -19.83 59.53
C ILE R 214 23.19 -19.28 60.61
N THR R 215 23.16 -17.96 60.70
CA THR R 215 22.32 -17.28 61.68
C THR R 215 21.44 -16.29 60.94
N LYS R 216 20.26 -16.05 61.48
CA LYS R 216 19.32 -15.11 60.87
C LYS R 216 20.00 -13.76 60.68
N GLN R 217 20.84 -13.39 61.62
CA GLN R 217 21.51 -12.10 61.55
C GLN R 217 22.61 -11.96 60.52
N ASP R 218 23.48 -12.95 60.39
CA ASP R 218 24.57 -12.81 59.44
C ASP R 218 24.62 -13.82 58.31
N GLY R 219 23.62 -14.69 58.26
CA GLY R 219 23.57 -15.68 57.20
C GLY R 219 24.62 -16.76 57.31
N PHE R 220 24.83 -17.46 56.21
CA PHE R 220 25.80 -18.55 56.17
C PHE R 220 27.24 -18.07 56.06
N LYS R 221 28.06 -18.50 57.02
CA LYS R 221 29.48 -18.14 57.08
C LYS R 221 30.35 -19.37 57.31
N ILE R 222 31.51 -19.40 56.66
CA ILE R 222 32.45 -20.49 56.85
C ILE R 222 33.54 -19.93 57.76
N TYR R 223 33.78 -20.58 58.90
CA TYR R 223 34.80 -20.13 59.84
C TYR R 223 36.18 -20.30 59.25
N ASP R 224 36.97 -19.23 59.24
CA ASP R 224 38.33 -19.33 58.73
C ASP R 224 39.16 -20.02 59.80
N ASN R 225 40.19 -20.73 59.37
CA ASN R 225 41.06 -21.47 60.29
C ASN R 225 41.32 -20.83 61.65
N GLU R 226 41.81 -19.59 61.67
CA GLU R 226 42.08 -18.90 62.92
C GLU R 226 40.92 -19.03 63.91
N LYS R 227 39.72 -18.67 63.46
CA LYS R 227 38.56 -18.75 64.32
C LYS R 227 38.31 -20.16 64.87
N THR R 228 38.54 -21.16 64.02
CA THR R 228 38.33 -22.56 64.41
C THR R 228 39.41 -23.02 65.39
N ALA R 229 40.67 -22.70 65.06
CA ALA R 229 41.79 -23.08 65.91
C ALA R 229 41.49 -22.73 67.37
N GLU R 230 40.99 -21.52 67.60
CA GLU R 230 40.66 -21.09 68.95
C GLU R 230 39.58 -21.98 69.56
N LEU R 231 38.57 -22.30 68.78
CA LEU R 231 37.49 -23.15 69.28
C LEU R 231 38.04 -24.54 69.63
N ILE R 232 39.09 -24.96 68.94
CA ILE R 232 39.71 -26.25 69.19
C ILE R 232 40.31 -26.18 70.60
N LYS R 233 41.21 -25.22 70.78
CA LYS R 233 41.87 -24.98 72.06
C LYS R 233 40.85 -24.92 73.18
N GLU R 234 39.83 -24.09 73.01
CA GLU R 234 38.78 -23.94 74.01
C GLU R 234 38.11 -25.28 74.33
N LEU R 235 38.12 -26.19 73.35
CA LEU R 235 37.51 -27.50 73.55
C LEU R 235 38.46 -28.36 74.38
N LYS R 236 39.73 -28.42 73.96
CA LYS R 236 40.74 -29.20 74.65
C LYS R 236 40.76 -28.85 76.14
N GLU R 237 40.59 -27.57 76.43
CA GLU R 237 40.58 -27.09 77.80
C GLU R 237 39.37 -27.59 78.57
N LYS R 238 38.17 -27.30 78.08
CA LYS R 238 36.98 -27.75 78.77
C LYS R 238 36.91 -29.25 78.96
N GLU R 239 37.65 -30.01 78.15
CA GLU R 239 37.67 -31.46 78.27
C GLU R 239 38.65 -31.90 79.35
N ALA R 240 39.83 -31.29 79.34
CA ALA R 240 40.85 -31.60 80.33
C ALA R 240 40.37 -31.11 81.70
N ALA R 241 39.35 -30.26 81.69
CA ALA R 241 38.77 -29.71 82.91
C ALA R 241 37.84 -30.72 83.59
N GLU R 242 38.01 -31.99 83.22
CA GLU R 242 37.24 -33.11 83.75
C GLU R 242 37.09 -34.20 82.69
N PHE S 1 14.20 -70.46 39.35
CA PHE S 1 12.87 -69.83 39.11
C PHE S 1 13.00 -68.30 39.22
N ARG S 2 12.08 -67.70 39.98
CA ARG S 2 12.00 -66.26 40.21
C ARG S 2 13.21 -65.46 39.76
N ASN S 3 14.38 -65.81 40.26
CA ASN S 3 15.62 -65.11 39.91
C ASN S 3 15.80 -64.89 38.41
N ASN S 4 15.23 -65.75 37.60
CA ASN S 4 15.33 -65.62 36.15
C ASN S 4 14.21 -64.76 35.57
N TYR S 5 13.21 -64.47 36.38
CA TYR S 5 12.08 -63.70 35.89
C TYR S 5 11.77 -62.41 36.66
N ASP S 6 12.69 -61.97 37.52
CA ASP S 6 12.45 -60.75 38.28
C ASP S 6 13.44 -59.63 37.94
N GLY S 7 14.03 -59.72 36.75
CA GLY S 7 14.99 -58.72 36.33
C GLY S 7 14.38 -57.39 35.93
N ASP S 8 13.12 -57.43 35.48
CA ASP S 8 12.40 -56.23 35.07
C ASP S 8 10.91 -56.53 34.86
N THR S 9 10.09 -55.48 34.92
CA THR S 9 8.65 -55.62 34.81
C THR S 9 8.11 -56.12 33.48
N VAL S 10 8.91 -56.03 32.44
CA VAL S 10 8.44 -56.48 31.14
C VAL S 10 8.49 -58.01 30.97
N THR S 11 8.79 -58.71 32.06
CA THR S 11 8.87 -60.17 32.03
C THR S 11 7.84 -60.88 32.89
N PHE S 12 7.17 -61.87 32.28
CA PHE S 12 6.18 -62.67 32.99
C PHE S 12 6.88 -63.91 33.50
N SER S 13 6.55 -64.36 34.71
CA SER S 13 7.17 -65.57 35.23
C SER S 13 6.37 -66.73 34.63
N PRO S 14 6.85 -67.97 34.78
CA PRO S 14 6.12 -69.10 34.20
C PRO S 14 4.70 -69.29 34.75
N THR S 15 4.44 -68.75 35.94
CA THR S 15 3.12 -68.87 36.54
C THR S 15 2.23 -67.66 36.26
N GLY S 16 2.75 -66.69 35.51
CA GLY S 16 1.98 -65.51 35.17
C GLY S 16 2.10 -64.34 36.14
N ARG S 17 3.21 -64.29 36.86
CA ARG S 17 3.43 -63.22 37.83
C ARG S 17 4.43 -62.16 37.35
N LEU S 18 4.37 -60.99 37.97
CA LEU S 18 5.24 -59.87 37.65
C LEU S 18 5.96 -59.53 38.96
N PHE S 19 7.11 -60.17 39.15
CA PHE S 19 7.90 -59.99 40.37
C PHE S 19 8.33 -58.57 40.68
N GLN S 20 8.80 -57.83 39.68
CA GLN S 20 9.21 -56.46 39.93
C GLN S 20 8.09 -55.68 40.61
N VAL S 21 6.85 -55.96 40.20
CA VAL S 21 5.69 -55.29 40.77
C VAL S 21 5.47 -55.78 42.20
N GLU S 22 5.61 -57.08 42.40
CA GLU S 22 5.45 -57.66 43.72
C GLU S 22 6.50 -57.11 44.67
N TYR S 23 7.71 -56.92 44.16
CA TYR S 23 8.79 -56.40 44.98
C TYR S 23 8.47 -54.97 45.39
N ALA S 24 7.85 -54.23 44.47
CA ALA S 24 7.46 -52.85 44.74
C ALA S 24 6.45 -52.85 45.87
N LEU S 25 5.46 -53.72 45.78
CA LEU S 25 4.44 -53.85 46.82
C LEU S 25 5.10 -54.09 48.17
N GLU S 26 6.27 -54.71 48.14
CA GLU S 26 6.97 -55.00 49.38
C GLU S 26 7.46 -53.74 50.09
N ALA S 27 7.79 -52.71 49.32
CA ALA S 27 8.26 -51.47 49.91
C ALA S 27 7.15 -50.83 50.71
N ILE S 28 5.91 -51.14 50.33
CA ILE S 28 4.74 -50.60 51.01
C ILE S 28 4.69 -51.15 52.42
N LYS S 29 4.63 -52.48 52.52
CA LYS S 29 4.58 -53.15 53.82
C LYS S 29 5.68 -52.65 54.74
N GLN S 30 6.82 -52.31 54.17
CA GLN S 30 7.95 -51.82 54.96
C GLN S 30 7.68 -50.40 55.45
N GLY S 31 6.64 -49.76 54.90
CA GLY S 31 6.32 -48.40 55.29
C GLY S 31 5.44 -48.26 56.52
N SER S 32 5.55 -47.14 57.21
CA SER S 32 4.76 -46.89 58.41
C SER S 32 3.25 -46.95 58.14
N VAL S 33 2.50 -47.49 59.11
CA VAL S 33 1.07 -47.65 58.95
C VAL S 33 0.30 -46.34 58.85
N THR S 34 -0.78 -46.37 58.08
CA THR S 34 -1.65 -45.22 57.87
C THR S 34 -3.06 -45.80 57.72
N VAL S 35 -4.05 -45.05 58.19
CA VAL S 35 -5.44 -45.52 58.13
C VAL S 35 -6.41 -44.54 57.47
N GLY S 36 -7.50 -45.08 56.94
CA GLY S 36 -8.52 -44.27 56.29
C GLY S 36 -9.90 -44.86 56.52
N LEU S 37 -10.86 -43.99 56.84
CA LEU S 37 -12.24 -44.42 57.09
C LEU S 37 -13.20 -43.25 56.84
N ARG S 38 -14.45 -43.56 56.56
CA ARG S 38 -15.44 -42.53 56.27
C ARG S 38 -16.86 -42.84 56.70
N SER S 39 -17.60 -41.80 57.08
CA SER S 39 -19.01 -41.97 57.44
C SER S 39 -19.71 -41.54 56.15
N ASN S 40 -20.75 -40.73 56.23
CA ASN S 40 -21.43 -40.29 55.02
C ASN S 40 -21.24 -38.80 54.85
N THR S 41 -20.67 -38.18 55.88
CA THR S 41 -20.46 -36.75 55.86
C THR S 41 -18.96 -36.42 55.82
N HIS S 42 -18.13 -37.35 56.28
CA HIS S 42 -16.70 -37.11 56.29
C HIS S 42 -15.86 -38.33 55.93
N ALA S 43 -14.58 -38.07 55.69
CA ALA S 43 -13.60 -39.09 55.36
C ALA S 43 -12.39 -38.66 56.17
N VAL S 44 -11.72 -39.61 56.79
CA VAL S 44 -10.57 -39.30 57.63
C VAL S 44 -9.31 -40.09 57.31
N LEU S 45 -8.18 -39.43 57.43
CA LEU S 45 -6.90 -40.06 57.21
C LEU S 45 -6.07 -39.89 58.48
N VAL S 46 -5.67 -41.02 59.06
CA VAL S 46 -4.85 -41.01 60.28
C VAL S 46 -3.58 -41.76 59.88
N ALA S 47 -2.46 -41.04 59.86
CA ALA S 47 -1.21 -41.67 59.48
C ALA S 47 -0.13 -41.53 60.54
N LEU S 48 0.50 -42.66 60.87
CA LEU S 48 1.57 -42.71 61.85
C LEU S 48 2.86 -42.24 61.18
N LYS S 49 3.35 -41.06 61.57
CA LYS S 49 4.58 -40.55 60.98
C LYS S 49 5.78 -41.27 61.61
N ARG S 50 6.73 -41.70 60.78
CA ARG S 50 7.91 -42.39 61.26
C ARG S 50 9.13 -41.49 61.30
N ASN S 51 9.97 -41.65 62.33
CA ASN S 51 11.17 -40.85 62.48
C ASN S 51 12.47 -41.68 62.32
N ALA S 52 13.47 -41.07 61.69
CA ALA S 52 14.76 -41.72 61.47
C ALA S 52 15.49 -41.91 62.81
N ASP S 53 15.87 -40.79 63.42
CA ASP S 53 16.55 -40.77 64.73
C ASP S 53 15.62 -40.07 65.69
N GLU S 54 16.11 -39.78 66.88
CA GLU S 54 15.31 -39.09 67.87
C GLU S 54 15.70 -37.62 67.75
N LEU S 55 16.58 -37.36 66.79
CA LEU S 55 17.04 -36.02 66.51
C LEU S 55 16.43 -35.65 65.15
N SER S 56 15.66 -36.58 64.58
CA SER S 56 15.02 -36.37 63.29
C SER S 56 13.52 -36.09 63.39
N SER S 57 12.95 -35.66 62.26
CA SER S 57 11.54 -35.34 62.17
C SER S 57 10.78 -36.61 61.82
N TYR S 58 9.45 -36.55 61.98
CA TYR S 58 8.57 -37.67 61.66
C TYR S 58 7.92 -37.42 60.29
N GLN S 59 8.70 -37.66 59.22
CA GLN S 59 8.30 -37.46 57.84
C GLN S 59 6.80 -37.35 57.52
N LYS S 60 6.44 -36.31 56.77
CA LYS S 60 5.03 -36.07 56.42
C LYS S 60 4.47 -37.16 55.52
N LYS S 61 3.33 -37.73 55.93
CA LYS S 61 2.71 -38.81 55.17
C LYS S 61 1.37 -38.42 54.52
N ILE S 62 0.98 -37.16 54.65
CA ILE S 62 -0.28 -36.70 54.06
C ILE S 62 -0.11 -35.53 53.11
N ILE S 63 -0.64 -35.68 51.89
CA ILE S 63 -0.56 -34.65 50.87
C ILE S 63 -1.95 -34.23 50.42
N LYS S 64 -2.14 -32.93 50.28
CA LYS S 64 -3.41 -32.37 49.83
C LYS S 64 -3.31 -32.18 48.31
N CYS S 65 -4.32 -32.66 47.58
CA CYS S 65 -4.34 -32.56 46.11
C CYS S 65 -5.25 -31.45 45.59
N ASP S 66 -6.29 -31.17 46.36
CA ASP S 66 -7.24 -30.11 46.02
C ASP S 66 -7.95 -29.72 47.31
N GLU S 67 -8.97 -28.88 47.21
CA GLU S 67 -9.71 -28.44 48.39
C GLU S 67 -10.67 -29.52 48.87
N HIS S 68 -10.90 -30.51 48.02
CA HIS S 68 -11.82 -31.58 48.34
C HIS S 68 -11.19 -32.96 48.24
N MET S 69 -9.86 -33.05 48.19
CA MET S 69 -9.21 -34.34 48.02
C MET S 69 -7.78 -34.37 48.55
N GLY S 70 -7.38 -35.51 49.10
CA GLY S 70 -6.03 -35.65 49.63
C GLY S 70 -5.69 -37.12 49.80
N LEU S 71 -4.43 -37.41 50.14
CA LEU S 71 -4.04 -38.80 50.32
C LEU S 71 -2.95 -39.01 51.37
N SER S 72 -2.83 -40.27 51.81
CA SER S 72 -1.82 -40.67 52.78
C SER S 72 -0.94 -41.67 52.03
N LEU S 73 0.36 -41.65 52.31
CA LEU S 73 1.31 -42.52 51.64
C LEU S 73 2.01 -43.52 52.55
N ALA S 74 2.40 -44.65 51.97
CA ALA S 74 3.12 -45.71 52.68
C ALA S 74 4.10 -46.33 51.69
N GLY S 75 5.38 -46.00 51.84
CA GLY S 75 6.39 -46.52 50.92
C GLY S 75 7.38 -45.45 50.49
N LEU S 76 7.85 -45.52 49.25
CA LEU S 76 8.80 -44.54 48.74
C LEU S 76 8.18 -43.15 48.66
N ALA S 77 8.66 -42.23 49.50
CA ALA S 77 8.13 -40.87 49.53
C ALA S 77 8.23 -40.18 48.17
N PRO S 78 9.38 -40.27 47.51
CA PRO S 78 9.53 -39.62 46.20
C PRO S 78 8.41 -40.01 45.23
N ASP S 79 8.06 -41.29 45.21
CA ASP S 79 7.01 -41.76 44.32
C ASP S 79 5.66 -41.16 44.69
N ALA S 80 5.42 -40.96 45.97
CA ALA S 80 4.16 -40.39 46.42
C ALA S 80 4.09 -38.94 45.93
N ARG S 81 5.24 -38.29 45.91
CA ARG S 81 5.32 -36.91 45.45
C ARG S 81 4.93 -36.86 43.98
N VAL S 82 5.54 -37.74 43.18
CA VAL S 82 5.26 -37.81 41.77
C VAL S 82 3.78 -38.07 41.51
N LEU S 83 3.22 -39.08 42.16
CA LEU S 83 1.81 -39.43 41.99
C LEU S 83 0.82 -38.40 42.54
N SER S 84 1.16 -37.77 43.65
CA SER S 84 0.27 -36.78 44.24
C SER S 84 0.32 -35.51 43.40
N ASN S 85 1.47 -35.27 42.77
CA ASN S 85 1.61 -34.10 41.94
C ASN S 85 0.82 -34.32 40.65
N TYR S 86 0.81 -35.55 40.17
CA TYR S 86 0.06 -35.86 38.97
C TYR S 86 -1.41 -35.69 39.27
N LEU S 87 -1.79 -36.03 40.50
CA LEU S 87 -3.17 -35.90 40.92
C LEU S 87 -3.53 -34.43 41.06
N ARG S 88 -2.61 -33.64 41.59
CA ARG S 88 -2.84 -32.21 41.75
C ARG S 88 -3.17 -31.56 40.42
N GLN S 89 -2.46 -31.99 39.37
CA GLN S 89 -2.68 -31.45 38.03
C GLN S 89 -4.03 -31.87 37.46
N GLN S 90 -4.35 -33.15 37.56
CA GLN S 90 -5.64 -33.61 37.04
C GLN S 90 -6.79 -32.89 37.74
N CYS S 91 -6.67 -32.69 39.06
CA CYS S 91 -7.71 -31.98 39.80
C CYS S 91 -7.78 -30.54 39.27
N ASN S 92 -6.60 -30.00 38.96
CA ASN S 92 -6.49 -28.63 38.48
C ASN S 92 -7.05 -28.45 37.07
N TYR S 93 -6.78 -29.43 36.21
CA TYR S 93 -7.26 -29.38 34.85
C TYR S 93 -8.78 -29.38 34.85
N SER S 94 -9.35 -30.26 35.67
CA SER S 94 -10.81 -30.36 35.74
C SER S 94 -11.47 -29.05 36.13
N SER S 95 -10.85 -28.33 37.07
CA SER S 95 -11.38 -27.05 37.53
C SER S 95 -11.21 -25.94 36.50
N LEU S 96 -10.00 -25.85 35.94
CA LEU S 96 -9.71 -24.83 34.95
C LEU S 96 -10.51 -24.97 33.66
N VAL S 97 -10.46 -26.14 33.06
CA VAL S 97 -11.15 -26.36 31.80
C VAL S 97 -12.65 -26.56 31.88
N PHE S 98 -13.10 -27.31 32.88
CA PHE S 98 -14.52 -27.58 33.01
C PHE S 98 -15.21 -26.95 34.21
N ASN S 99 -14.46 -26.21 35.01
CA ASN S 99 -15.01 -25.56 36.19
C ASN S 99 -15.75 -26.62 37.02
N ARG S 100 -15.15 -27.80 37.09
CA ARG S 100 -15.72 -28.95 37.77
C ARG S 100 -14.73 -29.63 38.72
N LYS S 101 -15.20 -29.97 39.92
CA LYS S 101 -14.32 -30.65 40.86
C LYS S 101 -14.21 -32.10 40.41
N LEU S 102 -12.98 -32.60 40.34
CA LEU S 102 -12.74 -33.95 39.91
C LEU S 102 -13.28 -35.00 40.88
N ALA S 103 -14.04 -35.95 40.34
CA ALA S 103 -14.63 -37.03 41.14
C ALA S 103 -13.54 -37.98 41.66
N VAL S 104 -13.65 -38.32 42.95
CA VAL S 104 -12.71 -39.23 43.58
C VAL S 104 -12.57 -40.54 42.80
N GLU S 105 -13.69 -41.06 42.34
CA GLU S 105 -13.66 -42.30 41.59
C GLU S 105 -12.83 -42.14 40.33
N ARG S 106 -12.85 -40.93 39.78
CA ARG S 106 -12.14 -40.62 38.55
C ARG S 106 -10.65 -40.46 38.81
N ALA S 107 -10.31 -39.84 39.92
CA ALA S 107 -8.92 -39.63 40.29
C ALA S 107 -8.29 -41.01 40.48
N GLY S 108 -9.10 -41.97 40.90
CA GLY S 108 -8.62 -43.31 41.09
C GLY S 108 -8.26 -43.95 39.77
N HIS S 109 -9.11 -43.76 38.78
CA HIS S 109 -8.87 -44.32 37.46
C HIS S 109 -7.60 -43.76 36.83
N LEU S 110 -7.34 -42.48 37.09
CA LEU S 110 -6.16 -41.83 36.55
C LEU S 110 -4.89 -42.39 37.18
N LEU S 111 -4.91 -42.58 38.50
CA LEU S 111 -3.76 -43.13 39.18
C LEU S 111 -3.51 -44.55 38.68
N CYS S 112 -4.56 -45.34 38.57
CA CYS S 112 -4.41 -46.71 38.10
C CYS S 112 -3.76 -46.73 36.73
N ASP S 113 -4.25 -45.89 35.83
CA ASP S 113 -3.70 -45.85 34.47
C ASP S 113 -2.26 -45.35 34.43
N LYS S 114 -1.90 -44.46 35.35
CA LYS S 114 -0.53 -43.96 35.35
C LYS S 114 0.41 -45.04 35.86
N ALA S 115 -0.06 -45.78 36.86
CA ALA S 115 0.73 -46.84 37.45
C ALA S 115 0.99 -47.99 36.47
N GLN S 116 -0.04 -48.32 35.70
CA GLN S 116 0.02 -49.42 34.74
C GLN S 116 1.08 -49.26 33.64
N LYS S 117 1.29 -48.03 33.18
CA LYS S 117 2.26 -47.78 32.11
C LYS S 117 3.67 -48.14 32.54
N ASN S 118 3.90 -48.13 33.85
CA ASN S 118 5.19 -48.45 34.44
C ASN S 118 5.30 -49.92 34.82
N THR S 119 4.53 -50.78 34.15
CA THR S 119 4.54 -52.21 34.44
C THR S 119 4.45 -53.02 33.15
N GLN S 120 4.48 -52.35 32.02
CA GLN S 120 4.38 -53.05 30.73
C GLN S 120 5.51 -52.64 29.80
N SER S 121 6.28 -51.64 30.22
CA SER S 121 7.39 -51.13 29.40
C SER S 121 8.78 -51.31 29.99
N TYR S 122 9.72 -51.63 29.11
CA TYR S 122 11.11 -51.84 29.46
C TYR S 122 11.76 -50.54 29.93
N GLY S 123 12.70 -50.65 30.86
CA GLY S 123 13.38 -49.46 31.35
C GLY S 123 12.71 -48.76 32.52
N GLY S 124 11.40 -48.88 32.64
CA GLY S 124 10.72 -48.22 33.75
C GLY S 124 10.64 -49.16 34.93
N ARG S 125 10.28 -48.63 36.09
CA ARG S 125 10.13 -49.44 37.30
C ARG S 125 8.77 -49.11 37.88
N PRO S 126 8.13 -50.07 38.57
CA PRO S 126 6.81 -49.77 39.14
C PRO S 126 6.99 -48.75 40.23
N TYR S 127 5.90 -48.16 40.70
CA TYR S 127 6.00 -47.19 41.77
C TYR S 127 6.07 -47.99 43.05
N GLY S 128 6.87 -47.54 44.01
CA GLY S 128 7.00 -48.27 45.25
C GLY S 128 6.34 -47.56 46.43
N VAL S 129 5.06 -47.29 46.28
CA VAL S 129 4.34 -46.61 47.34
C VAL S 129 2.85 -46.90 47.23
N GLY S 130 2.21 -47.01 48.39
CA GLY S 130 0.78 -47.26 48.43
C GLY S 130 0.13 -45.96 48.84
N LEU S 131 -1.11 -45.75 48.42
CA LEU S 131 -1.80 -44.52 48.75
C LEU S 131 -3.26 -44.74 49.13
N LEU S 132 -3.73 -43.93 50.09
CA LEU S 132 -5.12 -43.98 50.53
C LEU S 132 -5.66 -42.58 50.24
N ILE S 133 -6.66 -42.50 49.38
CA ILE S 133 -7.21 -41.20 49.01
C ILE S 133 -8.62 -40.97 49.54
N ILE S 134 -8.81 -39.86 50.22
CA ILE S 134 -10.12 -39.50 50.75
C ILE S 134 -10.58 -38.21 50.09
N GLY S 135 -11.88 -38.06 49.93
CA GLY S 135 -12.41 -36.85 49.32
C GLY S 135 -13.92 -36.75 49.37
N TYR S 136 -14.42 -35.52 49.32
CA TYR S 136 -15.86 -35.28 49.33
C TYR S 136 -16.24 -34.62 48.01
N ASP S 137 -16.96 -35.35 47.16
CA ASP S 137 -17.37 -34.82 45.86
C ASP S 137 -18.89 -34.79 45.73
N LYS S 138 -19.40 -34.79 44.50
CA LYS S 138 -20.83 -34.73 44.26
C LYS S 138 -21.61 -35.99 44.62
N SER S 139 -20.94 -36.99 45.16
CA SER S 139 -21.64 -38.21 45.55
C SER S 139 -21.28 -38.56 47.00
N GLY S 140 -20.86 -37.57 47.76
CA GLY S 140 -20.52 -37.78 49.15
C GLY S 140 -19.06 -38.00 49.50
N ALA S 141 -18.83 -38.70 50.60
CA ALA S 141 -17.49 -39.01 51.08
C ALA S 141 -16.98 -40.25 50.37
N HIS S 142 -15.67 -40.32 50.19
CA HIS S 142 -15.04 -41.45 49.50
C HIS S 142 -13.66 -41.75 50.05
N LEU S 143 -13.30 -43.04 50.02
CA LEU S 143 -11.98 -43.50 50.44
C LEU S 143 -11.51 -44.52 49.42
N LEU S 144 -10.31 -44.31 48.89
CA LEU S 144 -9.74 -45.19 47.89
C LEU S 144 -8.41 -45.74 48.34
N GLU S 145 -8.10 -46.96 47.91
CA GLU S 145 -6.81 -47.58 48.22
C GLU S 145 -6.11 -47.85 46.90
N PHE S 146 -4.92 -47.28 46.76
CA PHE S 146 -4.13 -47.42 45.54
C PHE S 146 -2.91 -48.31 45.73
N GLN S 147 -2.76 -49.31 44.87
CA GLN S 147 -1.63 -50.23 44.91
C GLN S 147 -0.77 -50.06 43.66
N PRO S 148 0.57 -50.04 43.81
CA PRO S 148 1.56 -49.89 42.74
C PRO S 148 1.31 -50.78 41.53
N SER S 149 0.57 -51.85 41.73
CA SER S 149 0.27 -52.75 40.62
C SER S 149 -0.69 -51.99 39.73
N GLY S 150 -1.34 -51.00 40.31
CA GLY S 150 -2.29 -50.19 39.57
C GLY S 150 -3.73 -50.44 39.99
N ASN S 151 -3.91 -51.26 41.03
CA ASN S 151 -5.23 -51.59 41.52
C ASN S 151 -5.74 -50.56 42.53
N VAL S 152 -6.86 -49.95 42.19
CA VAL S 152 -7.48 -48.95 43.05
C VAL S 152 -8.86 -49.45 43.46
N THR S 153 -9.13 -49.43 44.77
CA THR S 153 -10.41 -49.91 45.29
C THR S 153 -11.07 -48.94 46.26
N GLU S 154 -12.40 -48.82 46.16
CA GLU S 154 -13.16 -47.93 47.05
C GLU S 154 -13.63 -48.73 48.25
N LEU S 155 -13.40 -48.18 49.43
CA LEU S 155 -13.77 -48.84 50.68
C LEU S 155 -14.38 -47.88 51.70
N TYR S 156 -14.87 -48.43 52.82
CA TYR S 156 -15.45 -47.62 53.89
C TYR S 156 -14.29 -47.24 54.80
N GLY S 157 -13.28 -48.11 54.82
CA GLY S 157 -12.11 -47.89 55.64
C GLY S 157 -11.02 -48.88 55.27
N THR S 158 -9.80 -48.63 55.74
CA THR S 158 -8.67 -49.51 55.47
C THR S 158 -7.36 -48.97 56.02
N ALA S 159 -6.32 -49.77 55.90
CA ALA S 159 -4.99 -49.40 56.37
C ALA S 159 -3.94 -50.11 55.52
N ILE S 160 -2.78 -49.47 55.38
CA ILE S 160 -1.68 -50.03 54.61
C ILE S 160 -0.38 -49.71 55.33
N GLY S 161 0.63 -50.54 55.08
CA GLY S 161 1.91 -50.35 55.73
C GLY S 161 2.21 -51.50 56.68
N ALA S 162 3.15 -51.28 57.58
CA ALA S 162 3.55 -52.30 58.54
C ALA S 162 2.50 -52.53 59.61
N ARG S 163 2.13 -53.80 59.79
CA ARG S 163 1.15 -54.19 60.81
C ARG S 163 -0.23 -53.64 60.50
N SER S 164 -0.37 -53.04 59.33
CA SER S 164 -1.64 -52.45 58.93
C SER S 164 -2.81 -53.40 59.21
N GLN S 165 -2.54 -54.70 59.09
CA GLN S 165 -3.56 -55.71 59.31
C GLN S 165 -4.26 -55.58 60.68
N GLY S 166 -3.60 -54.94 61.62
CA GLY S 166 -4.21 -54.76 62.93
C GLY S 166 -5.45 -53.89 62.78
N ALA S 167 -5.22 -52.65 62.36
CA ALA S 167 -6.29 -51.68 62.16
C ALA S 167 -7.33 -52.15 61.15
N LYS S 168 -6.89 -52.88 60.13
CA LYS S 168 -7.82 -53.34 59.10
C LYS S 168 -8.86 -54.29 59.66
N THR S 169 -8.49 -55.07 60.68
CA THR S 169 -9.43 -56.01 61.31
C THR S 169 -10.39 -55.20 62.18
N TYR S 170 -9.81 -54.28 62.94
CA TYR S 170 -10.55 -53.40 63.81
C TYR S 170 -11.68 -52.72 63.02
N LEU S 171 -11.31 -52.09 61.91
CA LEU S 171 -12.27 -51.41 61.07
C LEU S 171 -13.33 -52.36 60.54
N GLU S 172 -12.89 -53.47 59.95
CA GLU S 172 -13.80 -54.45 59.39
C GLU S 172 -14.82 -54.88 60.45
N ARG S 173 -14.48 -54.60 61.71
CA ARG S 173 -15.32 -54.95 62.84
C ARG S 173 -16.19 -53.74 63.21
N THR S 174 -15.52 -52.61 63.47
CA THR S 174 -16.19 -51.36 63.84
C THR S 174 -17.09 -50.79 62.73
N LEU S 175 -17.07 -51.43 61.55
CA LEU S 175 -17.84 -50.96 60.40
C LEU S 175 -19.21 -50.35 60.68
N ASP S 176 -20.20 -51.19 60.98
CA ASP S 176 -21.55 -50.72 61.27
C ASP S 176 -21.59 -49.52 62.22
N THR S 177 -20.52 -49.33 62.99
CA THR S 177 -20.42 -48.24 63.94
C THR S 177 -19.99 -46.90 63.34
N PHE S 178 -18.75 -46.81 62.85
CA PHE S 178 -18.25 -45.55 62.29
C PHE S 178 -18.97 -45.10 61.01
N ILE S 179 -19.53 -46.05 60.28
CA ILE S 179 -20.22 -45.74 59.04
C ILE S 179 -21.35 -44.77 59.29
N LYS S 180 -21.73 -44.64 60.55
CA LYS S 180 -22.82 -43.76 60.94
C LYS S 180 -22.40 -42.54 61.74
N ILE S 181 -21.08 -42.33 61.87
CA ILE S 181 -20.60 -41.18 62.61
C ILE S 181 -20.72 -39.93 61.73
N ASP S 182 -21.95 -39.66 61.29
CA ASP S 182 -22.22 -38.50 60.45
C ASP S 182 -22.41 -37.27 61.31
N GLY S 183 -22.13 -36.10 60.74
CA GLY S 183 -22.30 -34.87 61.48
C GLY S 183 -21.33 -34.64 62.63
N ASN S 184 -20.53 -35.65 62.99
CA ASN S 184 -19.59 -35.48 64.08
C ASN S 184 -18.17 -35.94 63.71
N PRO S 185 -17.36 -35.02 63.20
CA PRO S 185 -15.98 -35.30 62.79
C PRO S 185 -15.08 -35.83 63.91
N ASP S 186 -15.04 -35.13 65.05
CA ASP S 186 -14.19 -35.54 66.17
C ASP S 186 -14.37 -37.00 66.54
N GLU S 187 -15.57 -37.53 66.34
CA GLU S 187 -15.84 -38.92 66.64
C GLU S 187 -15.21 -39.82 65.58
N LEU S 188 -15.33 -39.41 64.32
CA LEU S 188 -14.76 -40.18 63.22
C LEU S 188 -13.23 -40.23 63.36
N ILE S 189 -12.64 -39.09 63.73
CA ILE S 189 -11.18 -39.00 63.91
C ILE S 189 -10.75 -39.92 65.06
N LYS S 190 -11.52 -39.93 66.15
CA LYS S 190 -11.21 -40.77 67.30
C LYS S 190 -11.25 -42.24 66.90
N ALA S 191 -12.27 -42.63 66.11
CA ALA S 191 -12.40 -44.00 65.65
C ALA S 191 -11.21 -44.32 64.75
N GLY S 192 -10.72 -43.29 64.06
CA GLY S 192 -9.58 -43.48 63.18
C GLY S 192 -8.32 -43.73 63.98
N VAL S 193 -8.14 -42.95 65.05
CA VAL S 193 -6.96 -43.09 65.91
C VAL S 193 -7.00 -44.40 66.70
N GLU S 194 -8.20 -44.91 66.96
CA GLU S 194 -8.34 -46.15 67.69
C GLU S 194 -7.87 -47.28 66.77
N ALA S 195 -8.32 -47.23 65.53
CA ALA S 195 -7.95 -48.23 64.54
C ALA S 195 -6.44 -48.25 64.34
N ILE S 196 -5.84 -47.07 64.18
CA ILE S 196 -4.41 -46.99 63.94
C ILE S 196 -3.57 -47.55 65.07
N SER S 197 -4.05 -47.45 66.30
CA SER S 197 -3.30 -47.95 67.45
C SER S 197 -3.38 -49.48 67.52
N GLN S 198 -4.24 -50.07 66.71
CA GLN S 198 -4.41 -51.52 66.64
C GLN S 198 -3.20 -52.12 65.93
N SER S 199 -2.42 -51.27 65.28
CA SER S 199 -1.24 -51.70 64.56
C SER S 199 0.03 -51.23 65.24
N LEU S 200 -0.12 -50.70 66.45
CA LEU S 200 1.02 -50.23 67.23
C LEU S 200 1.72 -51.46 67.79
N ARG S 201 2.74 -51.24 68.62
CA ARG S 201 3.52 -52.34 69.17
C ARG S 201 4.79 -51.72 69.72
N ASP S 202 5.47 -51.02 68.84
CA ASP S 202 6.71 -50.31 69.15
C ASP S 202 6.46 -49.34 70.30
N GLU S 203 5.88 -48.20 69.97
CA GLU S 203 5.58 -47.15 70.95
C GLU S 203 4.07 -46.91 71.01
N SER S 204 3.72 -45.65 71.24
CA SER S 204 2.34 -45.20 71.30
C SER S 204 2.32 -43.82 70.65
N LEU S 205 1.33 -43.58 69.80
CA LEU S 205 1.21 -42.30 69.11
C LEU S 205 1.39 -41.08 70.02
N THR S 206 2.36 -40.25 69.69
CA THR S 206 2.65 -39.04 70.45
C THR S 206 2.17 -37.80 69.68
N VAL S 207 2.44 -36.61 70.22
CA VAL S 207 1.99 -35.37 69.58
C VAL S 207 2.69 -35.06 68.27
N ASP S 208 4.02 -35.19 68.22
CA ASP S 208 4.76 -34.90 67.01
C ASP S 208 4.88 -36.17 66.17
N ASN S 209 4.23 -37.22 66.64
CA ASN S 209 4.26 -38.51 65.99
C ASN S 209 2.95 -38.79 65.23
N LEU S 210 1.87 -38.15 65.67
CA LEU S 210 0.55 -38.35 65.05
C LEU S 210 0.27 -37.34 63.96
N SER S 211 -0.52 -37.74 62.97
CA SER S 211 -0.90 -36.89 61.84
C SER S 211 -2.30 -37.25 61.36
N ILE S 212 -3.18 -36.25 61.33
CA ILE S 212 -4.56 -36.47 60.90
C ILE S 212 -5.05 -35.49 59.84
N ALA S 213 -5.87 -35.99 58.92
CA ALA S 213 -6.43 -35.18 57.86
C ALA S 213 -7.93 -35.47 57.73
N ILE S 214 -8.70 -34.41 57.44
CA ILE S 214 -10.14 -34.56 57.29
C ILE S 214 -10.72 -33.74 56.12
N VAL S 215 -11.83 -34.25 55.58
CA VAL S 215 -12.54 -33.60 54.48
C VAL S 215 -14.00 -34.02 54.58
N GLY S 216 -14.93 -33.14 54.20
CA GLY S 216 -16.33 -33.51 54.26
C GLY S 216 -17.32 -32.42 53.92
N LYS S 217 -18.60 -32.79 53.94
CA LYS S 217 -19.73 -31.91 53.64
C LYS S 217 -19.39 -30.42 53.64
N ASP S 218 -19.03 -29.88 54.79
CA ASP S 218 -18.68 -28.47 54.86
C ASP S 218 -17.31 -28.32 55.50
N THR S 219 -16.36 -29.12 55.01
CA THR S 219 -15.02 -29.11 55.53
C THR S 219 -13.99 -29.31 54.41
N PRO S 220 -13.22 -28.27 54.08
CA PRO S 220 -12.23 -28.43 53.02
C PRO S 220 -11.07 -29.27 53.56
N PHE S 221 -10.60 -30.22 52.74
CA PHE S 221 -9.50 -31.09 53.14
C PHE S 221 -8.45 -30.32 53.92
N THR S 222 -8.25 -30.68 55.18
CA THR S 222 -7.27 -29.99 56.02
C THR S 222 -6.38 -30.94 56.84
N ILE S 223 -5.15 -30.51 57.07
CA ILE S 223 -4.14 -31.30 57.79
C ILE S 223 -3.89 -30.86 59.24
N TYR S 224 -3.97 -31.80 60.17
CA TYR S 224 -3.71 -31.50 61.58
C TYR S 224 -2.50 -32.29 62.08
N ASP S 225 -1.50 -31.55 62.57
CA ASP S 225 -0.28 -32.16 63.09
C ASP S 225 0.12 -31.52 64.42
N GLY S 226 0.73 -32.33 65.29
CA GLY S 226 1.18 -31.86 66.59
C GLY S 226 0.07 -31.40 67.53
N GLU S 227 0.34 -30.31 68.22
CA GLU S 227 -0.60 -29.71 69.17
C GLU S 227 -2.04 -29.91 68.72
N ALA S 228 -2.29 -29.58 67.46
CA ALA S 228 -3.62 -29.71 66.87
C ALA S 228 -4.23 -31.11 67.00
N VAL S 229 -3.41 -32.13 67.23
CA VAL S 229 -3.92 -33.49 67.37
C VAL S 229 -3.77 -34.01 68.80
N ALA S 230 -3.26 -33.16 69.68
CA ALA S 230 -3.06 -33.53 71.08
C ALA S 230 -4.37 -34.01 71.70
N LYS S 231 -5.46 -33.31 71.41
CA LYS S 231 -6.76 -33.69 71.96
C LYS S 231 -7.29 -35.02 71.44
N TYR S 232 -6.40 -35.84 70.88
CA TYR S 232 -6.81 -37.14 70.35
C TYR S 232 -5.92 -38.27 70.86
N ILE S 233 -4.82 -37.88 71.50
CA ILE S 233 -3.87 -38.85 72.04
C ILE S 233 -4.37 -39.40 73.39
N GLY T 1 18.93 -75.05 23.06
CA GLY T 1 19.21 -74.75 24.51
C GLY T 1 17.99 -74.29 25.28
N THR T 2 18.12 -73.18 26.00
CA THR T 2 17.01 -72.61 26.76
C THR T 2 17.06 -71.09 26.80
N GLY T 3 16.17 -70.48 27.59
CA GLY T 3 16.14 -69.03 27.67
C GLY T 3 15.16 -68.43 26.67
N TYR T 4 14.61 -69.28 25.82
CA TYR T 4 13.65 -68.85 24.82
C TYR T 4 12.41 -68.20 25.43
N ASP T 5 12.26 -68.35 26.74
CA ASP T 5 11.10 -67.80 27.46
C ASP T 5 11.40 -66.55 28.28
N LEU T 6 12.56 -65.93 28.05
CA LEU T 6 12.91 -64.74 28.80
C LEU T 6 12.64 -63.43 28.05
N SER T 7 12.52 -63.51 26.73
CA SER T 7 12.26 -62.33 25.90
C SER T 7 10.94 -62.44 25.14
N ASN T 8 10.13 -61.41 25.25
CA ASN T 8 8.82 -61.37 24.63
C ASN T 8 8.69 -61.76 23.15
N SER T 9 9.54 -61.29 22.25
CA SER T 9 9.29 -61.69 20.86
C SER T 9 10.07 -62.88 20.30
N VAL T 10 10.68 -63.67 21.18
CA VAL T 10 11.47 -64.82 20.75
C VAL T 10 10.71 -66.12 20.46
N PHE T 11 10.98 -66.72 19.29
CA PHE T 11 10.35 -67.97 18.90
C PHE T 11 11.13 -69.12 19.55
N SER T 12 10.43 -70.02 20.23
CA SER T 12 11.06 -71.18 20.83
C SER T 12 11.32 -72.13 19.65
N PRO T 13 12.12 -73.19 19.84
CA PRO T 13 12.37 -74.10 18.72
C PRO T 13 11.11 -74.74 18.13
N ASP T 14 10.05 -74.78 18.93
CA ASP T 14 8.78 -75.34 18.47
C ASP T 14 7.80 -74.26 18.02
N GLY T 15 8.35 -73.13 17.55
CA GLY T 15 7.55 -72.02 17.04
C GLY T 15 6.58 -71.31 17.99
N ARG T 16 6.85 -71.34 19.28
CA ARG T 16 5.97 -70.69 20.24
C ARG T 16 6.57 -69.41 20.80
N ASN T 17 5.75 -68.67 21.55
CA ASN T 17 6.17 -67.43 22.19
C ASN T 17 5.78 -67.56 23.66
N PHE T 18 6.67 -68.17 24.44
CA PHE T 18 6.41 -68.40 25.85
C PHE T 18 5.91 -67.24 26.69
N GLN T 19 6.46 -66.05 26.50
CA GLN T 19 5.98 -64.93 27.29
C GLN T 19 4.49 -64.67 27.09
N VAL T 20 3.98 -64.97 25.90
CA VAL T 20 2.57 -64.79 25.62
C VAL T 20 1.79 -65.87 26.39
N GLU T 21 2.38 -67.05 26.46
CA GLU T 21 1.78 -68.18 27.16
C GLU T 21 1.76 -67.95 28.66
N TYR T 22 2.81 -67.30 29.16
CA TYR T 22 2.88 -67.01 30.58
C TYR T 22 1.81 -65.97 30.90
N ALA T 23 1.57 -65.08 29.94
CA ALA T 23 0.58 -64.03 30.12
C ALA T 23 -0.77 -64.71 30.32
N VAL T 24 -1.03 -65.72 29.50
CA VAL T 24 -2.28 -66.45 29.59
C VAL T 24 -2.49 -67.00 31.00
N LYS T 25 -1.42 -67.42 31.65
CA LYS T 25 -1.54 -67.93 33.02
C LYS T 25 -2.18 -66.84 33.89
N ALA T 26 -1.67 -65.62 33.77
CA ALA T 26 -2.20 -64.50 34.54
C ALA T 26 -3.69 -64.33 34.28
N VAL T 27 -4.11 -64.63 33.06
CA VAL T 27 -5.52 -64.51 32.69
C VAL T 27 -6.34 -65.58 33.37
N GLU T 28 -5.83 -66.80 33.38
CA GLU T 28 -6.53 -67.92 33.99
C GLU T 28 -6.61 -67.74 35.49
N ASN T 29 -5.65 -67.03 36.05
CA ASN T 29 -5.63 -66.82 37.48
C ASN T 29 -6.61 -65.73 37.90
N GLY T 30 -7.34 -65.17 36.95
CA GLY T 30 -8.28 -64.13 37.30
C GLY T 30 -9.73 -64.52 37.43
N THR T 31 -10.55 -63.55 37.84
CA THR T 31 -11.99 -63.70 38.02
C THR T 31 -12.62 -64.21 36.73
N THR T 32 -13.73 -64.91 36.83
CA THR T 32 -14.37 -65.40 35.62
C THR T 32 -15.37 -64.37 35.09
N SER T 33 -15.43 -64.24 33.78
CA SER T 33 -16.33 -63.29 33.12
C SER T 33 -16.81 -63.92 31.82
N ILE T 34 -17.97 -63.50 31.34
CA ILE T 34 -18.54 -64.09 30.15
C ILE T 34 -19.27 -63.18 29.19
N GLY T 35 -19.73 -63.77 28.09
CA GLY T 35 -20.45 -63.03 27.09
C GLY T 35 -21.45 -63.96 26.41
N ILE T 36 -22.70 -63.50 26.31
CA ILE T 36 -23.75 -64.30 25.69
C ILE T 36 -24.38 -63.48 24.57
N LYS T 37 -24.28 -63.99 23.35
CA LYS T 37 -24.86 -63.30 22.22
C LYS T 37 -26.30 -63.75 22.12
N CYS T 38 -27.24 -62.80 22.12
CA CYS T 38 -28.64 -63.17 22.03
C CYS T 38 -29.21 -62.83 20.65
N ASN T 39 -30.51 -62.98 20.48
CA ASN T 39 -31.16 -62.74 19.19
C ASN T 39 -31.00 -61.33 18.58
N ASP T 40 -30.76 -60.32 19.41
CA ASP T 40 -30.58 -58.97 18.87
C ASP T 40 -29.66 -58.09 19.73
N GLY T 41 -28.71 -58.73 20.40
CA GLY T 41 -27.78 -57.99 21.22
C GLY T 41 -26.77 -58.92 21.86
N VAL T 42 -26.16 -58.49 22.96
CA VAL T 42 -25.19 -59.30 23.67
C VAL T 42 -25.27 -58.93 25.13
N VAL T 43 -24.89 -59.87 26.00
CA VAL T 43 -24.93 -59.61 27.43
C VAL T 43 -23.55 -59.89 28.00
N PHE T 44 -23.14 -59.07 28.95
CA PHE T 44 -21.84 -59.24 29.58
C PHE T 44 -22.02 -59.35 31.07
N ALA T 45 -21.24 -60.24 31.69
CA ALA T 45 -21.32 -60.44 33.13
C ALA T 45 -19.96 -60.85 33.67
N VAL T 46 -19.69 -60.52 34.93
CA VAL T 46 -18.43 -60.85 35.55
C VAL T 46 -18.56 -61.03 37.05
N GLU T 47 -17.66 -61.85 37.60
CA GLU T 47 -17.61 -62.15 39.02
C GLU T 47 -16.73 -61.13 39.73
N LYS T 48 -17.20 -60.60 40.85
CA LYS T 48 -16.42 -59.62 41.61
C LYS T 48 -16.19 -60.16 43.02
N LEU T 49 -14.98 -60.65 43.29
CA LEU T 49 -14.67 -61.20 44.61
C LEU T 49 -14.69 -60.20 45.75
N ILE T 50 -15.50 -60.48 46.76
CA ILE T 50 -15.61 -59.61 47.92
C ILE T 50 -14.46 -59.93 48.87
N THR T 51 -13.36 -59.21 48.72
CA THR T 51 -12.20 -59.43 49.58
C THR T 51 -12.57 -59.19 51.04
N SER T 52 -13.45 -58.22 51.28
CA SER T 52 -13.85 -57.88 52.63
C SER T 52 -15.16 -57.10 52.68
N LYS T 53 -15.63 -56.86 53.90
CA LYS T 53 -16.86 -56.10 54.12
C LYS T 53 -16.57 -54.63 53.87
N LEU T 54 -15.28 -54.28 53.92
CA LEU T 54 -14.87 -52.90 53.72
C LEU T 54 -15.08 -52.37 52.30
N LEU T 55 -15.19 -53.26 51.32
CA LEU T 55 -15.44 -52.82 49.95
C LEU T 55 -16.84 -52.25 49.86
N VAL T 56 -16.97 -51.02 49.37
CA VAL T 56 -18.29 -50.44 49.22
C VAL T 56 -18.98 -51.24 48.12
N PRO T 57 -20.15 -51.82 48.44
CA PRO T 57 -20.87 -52.62 47.44
C PRO T 57 -21.32 -51.81 46.23
N GLN T 58 -21.30 -52.44 45.06
CA GLN T 58 -21.73 -51.81 43.81
C GLN T 58 -20.85 -50.69 43.27
N LYS T 59 -19.77 -50.36 43.98
CA LYS T 59 -18.92 -49.27 43.53
C LYS T 59 -17.83 -49.61 42.52
N ASN T 60 -16.93 -50.50 42.90
CA ASN T 60 -15.83 -50.88 42.02
C ASN T 60 -16.30 -51.58 40.74
N VAL T 61 -16.87 -50.81 39.81
CA VAL T 61 -17.38 -51.34 38.56
C VAL T 61 -16.26 -51.90 37.67
N LYS T 62 -16.53 -53.00 36.97
CA LYS T 62 -15.54 -53.60 36.12
C LYS T 62 -15.85 -53.56 34.64
N ILE T 63 -17.11 -53.68 34.27
CA ILE T 63 -17.45 -53.64 32.85
C ILE T 63 -17.27 -52.23 32.30
N GLN T 64 -16.65 -52.11 31.13
CA GLN T 64 -16.43 -50.80 30.55
C GLN T 64 -17.10 -50.65 29.20
N VAL T 65 -17.49 -49.40 28.89
CA VAL T 65 -18.13 -49.11 27.63
C VAL T 65 -17.14 -48.38 26.71
N VAL T 66 -17.29 -48.62 25.42
CA VAL T 66 -16.45 -47.98 24.42
C VAL T 66 -17.46 -47.31 23.48
N ASP T 67 -17.25 -46.01 23.25
CA ASP T 67 -18.14 -45.21 22.43
C ASP T 67 -19.47 -45.28 23.18
N ARG T 68 -20.56 -45.52 22.47
CA ARG T 68 -21.83 -45.61 23.17
C ARG T 68 -22.53 -46.97 22.94
N HIS T 69 -21.95 -47.80 22.08
CA HIS T 69 -22.57 -49.09 21.74
C HIS T 69 -21.75 -50.36 21.99
N ILE T 70 -20.61 -50.24 22.64
CA ILE T 70 -19.77 -51.40 22.85
C ILE T 70 -19.49 -51.65 24.32
N GLY T 71 -19.49 -52.93 24.67
CA GLY T 71 -19.24 -53.31 26.05
C GLY T 71 -18.01 -54.17 26.09
N CYS T 72 -17.22 -54.00 27.15
CA CYS T 72 -16.00 -54.75 27.32
C CYS T 72 -15.83 -55.20 28.75
N VAL T 73 -15.47 -56.47 28.91
CA VAL T 73 -15.23 -57.05 30.22
C VAL T 73 -14.00 -57.95 30.00
N TYR T 74 -13.19 -58.10 31.04
CA TYR T 74 -11.98 -58.90 30.93
C TYR T 74 -11.54 -59.53 32.25
N SER T 75 -10.71 -60.56 32.13
CA SER T 75 -10.19 -61.30 33.28
C SER T 75 -8.68 -61.30 33.17
N GLY T 76 -8.00 -61.15 34.31
CA GLY T 76 -6.56 -61.14 34.33
C GLY T 76 -6.10 -59.91 35.08
N LEU T 77 -5.01 -59.31 34.63
CA LEU T 77 -4.49 -58.10 35.24
C LEU T 77 -5.46 -56.96 34.88
N ILE T 78 -6.19 -56.47 35.87
CA ILE T 78 -7.16 -55.42 35.62
C ILE T 78 -6.61 -54.19 34.92
N PRO T 79 -5.56 -53.57 35.49
CA PRO T 79 -5.01 -52.39 34.84
C PRO T 79 -4.73 -52.59 33.35
N ASP T 80 -4.24 -53.77 32.97
CA ASP T 80 -3.96 -54.03 31.55
C ASP T 80 -5.26 -53.93 30.76
N GLY T 81 -6.36 -54.30 31.41
CA GLY T 81 -7.66 -54.23 30.76
C GLY T 81 -8.06 -52.80 30.50
N ARG T 82 -7.91 -51.93 31.50
CA ARG T 82 -8.26 -50.53 31.33
C ARG T 82 -7.41 -49.93 30.19
N HIS T 83 -6.11 -50.21 30.23
CA HIS T 83 -5.18 -49.74 29.20
C HIS T 83 -5.73 -50.08 27.81
N LEU T 84 -6.18 -51.32 27.64
CA LEU T 84 -6.71 -51.77 26.36
C LEU T 84 -8.02 -51.06 25.97
N VAL T 85 -8.83 -50.72 26.97
CA VAL T 85 -10.09 -50.04 26.69
C VAL T 85 -9.81 -48.59 26.27
N ASN T 86 -8.86 -47.94 26.97
CA ASN T 86 -8.48 -46.58 26.64
C ASN T 86 -8.05 -46.54 25.19
N ARG T 87 -7.28 -47.52 24.77
CA ARG T 87 -6.85 -47.58 23.40
C ARG T 87 -8.09 -47.74 22.50
N GLY T 88 -8.97 -48.65 22.88
CA GLY T 88 -10.18 -48.87 22.10
C GLY T 88 -11.01 -47.61 21.94
N ARG T 89 -11.07 -46.82 23.00
CA ARG T 89 -11.82 -45.58 22.96
C ARG T 89 -11.23 -44.61 21.94
N GLU T 90 -9.90 -44.46 21.94
CA GLU T 90 -9.21 -43.57 21.00
C GLU T 90 -9.44 -44.13 19.61
N GLU T 91 -9.32 -45.45 19.53
CA GLU T 91 -9.49 -46.17 18.29
C GLU T 91 -10.89 -45.86 17.73
N ALA T 92 -11.90 -45.94 18.60
CA ALA T 92 -13.28 -45.69 18.20
C ALA T 92 -13.51 -44.23 17.79
N ALA T 93 -13.08 -43.31 18.65
CA ALA T 93 -13.22 -41.87 18.38
C ALA T 93 -12.62 -41.53 17.01
N SER T 94 -11.42 -42.05 16.76
CA SER T 94 -10.73 -41.82 15.51
C SER T 94 -11.56 -42.26 14.31
N PHE T 95 -12.11 -43.47 14.39
CA PHE T 95 -12.91 -44.03 13.31
C PHE T 95 -14.16 -43.19 13.04
N LYS T 96 -14.87 -42.84 14.12
CA LYS T 96 -16.09 -42.06 13.99
C LYS T 96 -15.79 -40.65 13.43
N LYS T 97 -14.68 -40.06 13.88
CA LYS T 97 -14.31 -38.73 13.43
C LYS T 97 -14.15 -38.65 11.93
N LEU T 98 -13.54 -39.66 11.33
CA LEU T 98 -13.32 -39.65 9.88
C LEU T 98 -14.50 -40.19 9.08
N TYR T 99 -15.10 -41.27 9.57
CA TYR T 99 -16.19 -41.91 8.85
C TYR T 99 -17.62 -41.56 9.29
N LYS T 100 -17.73 -40.77 10.35
CA LYS T 100 -19.01 -40.31 10.88
C LYS T 100 -19.84 -41.37 11.61
N THR T 101 -19.99 -42.53 10.98
CA THR T 101 -20.71 -43.64 11.58
C THR T 101 -19.97 -44.25 12.77
N PRO T 102 -20.69 -44.61 13.84
CA PRO T 102 -19.97 -45.22 14.98
C PRO T 102 -19.33 -46.54 14.49
N ILE T 103 -18.18 -46.89 15.07
CA ILE T 103 -17.44 -48.07 14.62
C ILE T 103 -18.11 -49.44 14.71
N PRO T 104 -18.10 -50.18 13.59
CA PRO T 104 -18.68 -51.53 13.50
C PRO T 104 -17.91 -52.43 14.45
N ILE T 105 -18.60 -53.38 15.09
CA ILE T 105 -17.96 -54.27 16.05
C ILE T 105 -16.82 -55.07 15.44
N PRO T 106 -17.00 -55.58 14.21
CA PRO T 106 -15.89 -56.35 13.62
C PRO T 106 -14.64 -55.46 13.47
N ALA T 107 -14.83 -54.24 12.94
CA ALA T 107 -13.73 -53.31 12.75
C ALA T 107 -13.06 -53.00 14.08
N PHE T 108 -13.86 -52.82 15.11
CA PHE T 108 -13.35 -52.50 16.44
C PHE T 108 -12.50 -53.66 16.99
N ALA T 109 -12.98 -54.88 16.75
CA ALA T 109 -12.30 -56.06 17.24
C ALA T 109 -10.90 -56.11 16.67
N ASP T 110 -10.79 -55.88 15.36
CA ASP T 110 -9.47 -55.91 14.73
C ASP T 110 -8.55 -54.80 15.25
N ARG T 111 -9.13 -53.64 15.56
CA ARG T 111 -8.36 -52.54 16.09
C ARG T 111 -7.66 -53.03 17.35
N LEU T 112 -8.43 -53.61 18.27
CA LEU T 112 -7.87 -54.13 19.52
C LEU T 112 -6.93 -55.29 19.20
N GLY T 113 -7.30 -56.08 18.20
CA GLY T 113 -6.48 -57.21 17.80
C GLY T 113 -5.09 -56.85 17.35
N GLN T 114 -5.00 -55.94 16.39
CA GLN T 114 -3.71 -55.50 15.85
C GLN T 114 -2.85 -54.87 16.95
N TYR T 115 -3.49 -54.13 17.86
CA TYR T 115 -2.78 -53.46 18.94
C TYR T 115 -2.18 -54.48 19.91
N VAL T 116 -2.98 -55.47 20.30
CA VAL T 116 -2.50 -56.50 21.22
C VAL T 116 -1.41 -57.33 20.54
N GLN T 117 -1.60 -57.62 19.26
CA GLN T 117 -0.63 -58.41 18.49
C GLN T 117 0.70 -57.64 18.43
N ALA T 118 0.60 -56.32 18.45
CA ALA T 118 1.77 -55.47 18.40
C ALA T 118 2.64 -55.72 19.63
N HIS T 119 2.00 -55.96 20.78
CA HIS T 119 2.77 -56.21 21.99
C HIS T 119 3.38 -57.62 22.10
N THR T 120 3.57 -58.27 20.94
CA THR T 120 4.18 -59.60 20.90
C THR T 120 5.21 -59.59 19.78
N LEU T 121 5.57 -58.39 19.33
CA LEU T 121 6.52 -58.20 18.25
C LEU T 121 7.89 -57.70 18.72
N TYR T 122 7.98 -57.19 19.94
CA TYR T 122 9.22 -56.62 20.46
C TYR T 122 9.53 -57.10 21.87
N ASN T 123 10.80 -57.20 22.23
CA ASN T 123 11.15 -57.63 23.57
C ASN T 123 11.19 -56.43 24.51
N SER T 124 10.85 -55.26 23.98
CA SER T 124 10.85 -54.05 24.80
C SER T 124 9.51 -53.85 25.51
N VAL T 125 8.52 -54.66 25.14
CA VAL T 125 7.21 -54.57 25.78
C VAL T 125 6.78 -55.93 26.31
N ARG T 126 5.76 -55.91 27.15
CA ARG T 126 5.20 -57.12 27.74
C ARG T 126 3.84 -57.37 27.10
N PRO T 127 3.45 -58.65 26.97
CA PRO T 127 2.15 -58.92 26.36
C PRO T 127 1.04 -58.52 27.34
N PHE T 128 -0.21 -58.47 26.89
CA PHE T 128 -1.30 -58.11 27.79
C PHE T 128 -1.71 -59.27 28.70
N GLY T 129 -1.84 -58.97 29.99
CA GLY T 129 -2.23 -59.98 30.96
C GLY T 129 -3.74 -60.13 31.11
N VAL T 130 -4.46 -60.14 29.99
CA VAL T 130 -5.92 -60.26 30.04
C VAL T 130 -6.53 -60.82 28.77
N SER T 131 -7.74 -61.35 28.92
CA SER T 131 -8.52 -61.86 27.79
C SER T 131 -9.74 -60.98 27.90
N THR T 132 -10.17 -60.42 26.77
CA THR T 132 -11.29 -59.51 26.77
C THR T 132 -12.48 -60.02 26.00
N ILE T 133 -13.65 -59.88 26.61
CA ILE T 133 -14.90 -60.26 25.98
C ILE T 133 -15.57 -58.91 25.69
N PHE T 134 -16.02 -58.73 24.47
CA PHE T 134 -16.62 -57.45 24.10
C PHE T 134 -17.48 -57.61 22.88
N GLY T 135 -18.33 -56.61 22.63
CA GLY T 135 -19.20 -56.65 21.48
C GLY T 135 -20.31 -55.63 21.60
N GLY T 136 -21.23 -55.65 20.64
CA GLY T 136 -22.32 -54.71 20.65
C GLY T 136 -23.14 -54.88 19.39
N VAL T 137 -24.05 -53.93 19.16
CA VAL T 137 -24.96 -53.95 18.01
C VAL T 137 -24.47 -52.98 16.95
N ASP T 138 -24.64 -53.32 15.67
CA ASP T 138 -24.22 -52.41 14.64
C ASP T 138 -25.09 -52.52 13.40
N LYS T 139 -24.71 -51.79 12.35
CA LYS T 139 -25.44 -51.76 11.08
C LYS T 139 -26.05 -53.10 10.69
N ASN T 140 -25.40 -54.20 11.03
CA ASN T 140 -25.99 -55.48 10.72
C ASN T 140 -25.84 -56.57 11.76
N GLY T 141 -26.60 -56.45 12.83
CA GLY T 141 -26.58 -57.47 13.85
C GLY T 141 -25.77 -57.20 15.08
N ALA T 142 -25.77 -58.18 15.98
CA ALA T 142 -25.01 -58.10 17.21
C ALA T 142 -23.78 -58.93 16.95
N HIS T 143 -22.70 -58.66 17.70
CA HIS T 143 -21.47 -59.40 17.53
C HIS T 143 -20.83 -59.57 18.90
N LEU T 144 -20.32 -60.78 19.16
CA LEU T 144 -19.65 -61.08 20.42
C LEU T 144 -18.23 -61.52 20.08
N TYR T 145 -17.26 -61.04 20.86
CA TYR T 145 -15.85 -61.35 20.61
C TYR T 145 -15.04 -61.59 21.86
N MET T 146 -13.97 -62.36 21.69
CA MET T 146 -13.04 -62.65 22.77
C MET T 146 -11.63 -62.56 22.18
N LEU T 147 -10.80 -61.78 22.84
CA LEU T 147 -9.42 -61.53 22.42
C LEU T 147 -8.44 -62.06 23.45
N GLU T 148 -7.49 -62.89 23.00
CA GLU T 148 -6.48 -63.48 23.89
C GLU T 148 -5.18 -62.64 23.90
N PRO T 149 -4.28 -62.90 24.87
CA PRO T 149 -3.01 -62.15 24.95
C PRO T 149 -2.14 -62.24 23.69
N SER T 150 -2.38 -63.24 22.84
CA SER T 150 -1.61 -63.40 21.63
C SER T 150 -2.12 -62.45 20.54
N GLY T 151 -3.20 -61.75 20.85
CA GLY T 151 -3.78 -60.86 19.86
C GLY T 151 -4.79 -61.61 19.01
N SER T 152 -4.96 -62.90 19.31
CA SER T 152 -5.93 -63.74 18.60
C SER T 152 -7.38 -63.48 19.09
N TYR T 153 -8.32 -63.48 18.16
CA TYR T 153 -9.72 -63.25 18.50
C TYR T 153 -10.62 -63.86 17.43
N TRP T 154 -11.85 -64.17 17.81
CA TRP T 154 -12.83 -64.76 16.90
C TRP T 154 -14.22 -64.33 17.35
N GLY T 155 -15.21 -64.57 16.49
CA GLY T 155 -16.58 -64.25 16.84
C GLY T 155 -17.11 -65.42 17.68
N TYR T 156 -17.97 -65.13 18.65
CA TYR T 156 -18.49 -66.20 19.50
C TYR T 156 -20.00 -66.15 19.71
N LYS T 157 -20.56 -67.33 19.97
CA LYS T 157 -21.99 -67.47 20.26
C LYS T 157 -22.07 -67.16 21.75
N GLY T 158 -21.04 -67.59 22.48
CA GLY T 158 -20.95 -67.35 23.91
C GLY T 158 -19.49 -67.48 24.24
N ALA T 159 -19.03 -66.77 25.26
CA ALA T 159 -17.61 -66.83 25.62
C ALA T 159 -17.37 -66.64 27.11
N ALA T 160 -16.29 -67.24 27.58
CA ALA T 160 -15.92 -67.17 28.98
C ALA T 160 -14.42 -67.24 29.15
N THR T 161 -13.93 -66.65 30.22
CA THR T 161 -12.51 -66.63 30.49
C THR T 161 -12.32 -66.47 31.99
N GLY T 162 -11.14 -66.86 32.48
CA GLY T 162 -10.86 -66.75 33.90
C GLY T 162 -10.94 -68.07 34.66
N LYS T 163 -10.91 -67.96 35.98
CA LYS T 163 -10.96 -69.08 36.91
C LYS T 163 -11.94 -70.21 36.54
N GLY T 164 -13.22 -69.86 36.43
CA GLY T 164 -14.23 -70.85 36.12
C GLY T 164 -14.69 -70.91 34.68
N ARG T 165 -13.76 -70.73 33.76
CA ARG T 165 -14.08 -70.73 32.34
C ARG T 165 -14.64 -72.07 31.83
N GLN T 166 -14.22 -73.18 32.46
CA GLN T 166 -14.70 -74.50 32.03
C GLN T 166 -16.19 -74.68 32.36
N SER T 167 -16.56 -74.30 33.58
CA SER T 167 -17.95 -74.40 34.02
C SER T 167 -18.79 -73.58 33.05
N ALA T 168 -18.42 -72.32 32.92
CA ALA T 168 -19.11 -71.39 32.05
C ALA T 168 -19.20 -71.93 30.64
N LYS T 169 -18.06 -72.32 30.07
CA LYS T 169 -18.06 -72.85 28.72
C LYS T 169 -19.01 -74.02 28.58
N ALA T 170 -19.11 -74.83 29.63
CA ALA T 170 -20.02 -75.97 29.61
C ALA T 170 -21.47 -75.48 29.54
N GLU T 171 -21.83 -74.63 30.49
CA GLU T 171 -23.18 -74.07 30.56
C GLU T 171 -23.53 -73.37 29.26
N LEU T 172 -22.56 -72.69 28.67
CA LEU T 172 -22.75 -71.99 27.42
C LEU T 172 -23.06 -72.97 26.28
N GLU T 173 -22.30 -74.06 26.21
CA GLU T 173 -22.53 -75.05 25.16
C GLU T 173 -23.93 -75.63 25.23
N LYS T 174 -24.44 -75.79 26.46
CA LYS T 174 -25.79 -76.33 26.66
C LYS T 174 -26.80 -75.39 26.03
N LEU T 175 -26.72 -74.12 26.41
CA LEU T 175 -27.62 -73.10 25.87
C LEU T 175 -27.57 -73.10 24.36
N VAL T 176 -26.37 -73.20 23.78
CA VAL T 176 -26.22 -73.20 22.33
C VAL T 176 -27.01 -74.33 21.70
N ASP T 177 -26.92 -75.51 22.29
CA ASP T 177 -27.62 -76.69 21.80
C ASP T 177 -29.14 -76.57 21.97
N HIS T 178 -29.56 -76.27 23.20
CA HIS T 178 -30.97 -76.16 23.52
C HIS T 178 -31.68 -74.90 23.04
N HIS T 179 -31.05 -74.15 22.14
CA HIS T 179 -31.66 -72.92 21.62
C HIS T 179 -31.10 -72.56 20.26
N PRO T 180 -31.29 -73.43 19.26
CA PRO T 180 -30.80 -73.16 17.91
C PRO T 180 -31.48 -71.97 17.23
N GLU T 181 -32.54 -71.47 17.86
CA GLU T 181 -33.29 -70.34 17.33
C GLU T 181 -32.82 -69.01 17.94
N GLY T 182 -32.04 -69.08 19.01
CA GLY T 182 -31.53 -67.89 19.63
C GLY T 182 -32.18 -67.44 20.93
N LEU T 183 -31.37 -67.20 21.96
CA LEU T 183 -31.85 -66.74 23.25
C LEU T 183 -32.39 -65.32 23.07
N SER T 184 -32.84 -64.69 24.16
CA SER T 184 -33.37 -63.32 24.06
C SER T 184 -32.61 -62.43 25.04
N ALA T 185 -32.63 -61.13 24.79
CA ALA T 185 -31.95 -60.19 25.67
C ALA T 185 -32.31 -60.49 27.12
N ARG T 186 -33.62 -60.51 27.40
CA ARG T 186 -34.15 -60.78 28.74
C ARG T 186 -33.63 -62.11 29.28
N GLU T 187 -33.76 -63.15 28.46
CA GLU T 187 -33.32 -64.48 28.86
C GLU T 187 -31.83 -64.55 29.15
N ALA T 188 -31.02 -64.09 28.18
CA ALA T 188 -29.57 -64.10 28.32
C ALA T 188 -29.13 -63.46 29.63
N VAL T 189 -29.81 -62.40 30.04
CA VAL T 189 -29.47 -61.72 31.29
C VAL T 189 -29.51 -62.65 32.50
N LYS T 190 -30.62 -63.38 32.65
CA LYS T 190 -30.79 -64.32 33.77
C LYS T 190 -29.81 -65.47 33.60
N GLN T 191 -29.80 -66.03 32.40
CA GLN T 191 -28.94 -67.14 32.05
C GLN T 191 -27.50 -66.80 32.43
N ALA T 192 -27.09 -65.58 32.11
CA ALA T 192 -25.75 -65.11 32.41
C ALA T 192 -25.51 -65.07 33.91
N ALA T 193 -26.51 -64.66 34.68
CA ALA T 193 -26.37 -64.59 36.13
C ALA T 193 -26.19 -66.00 36.71
N LYS T 194 -26.80 -66.97 36.04
CA LYS T 194 -26.68 -68.35 36.47
C LYS T 194 -25.25 -68.83 36.24
N ILE T 195 -24.81 -68.78 34.98
CA ILE T 195 -23.45 -69.21 34.59
C ILE T 195 -22.40 -68.65 35.56
N ILE T 196 -22.57 -67.39 35.95
CA ILE T 196 -21.62 -66.76 36.87
C ILE T 196 -21.71 -67.41 38.25
N TYR T 197 -22.95 -67.63 38.72
CA TYR T 197 -23.15 -68.25 40.03
C TYR T 197 -22.52 -69.65 40.04
N LEU T 198 -22.77 -70.42 38.99
CA LEU T 198 -22.23 -71.77 38.88
C LEU T 198 -20.70 -71.71 38.83
N ALA T 199 -20.17 -71.00 37.85
CA ALA T 199 -18.73 -70.88 37.71
C ALA T 199 -18.06 -70.30 38.93
N HIS T 200 -18.82 -69.85 39.91
CA HIS T 200 -18.22 -69.27 41.11
C HIS T 200 -17.69 -70.35 42.06
N GLU T 201 -18.08 -71.61 41.80
CA GLU T 201 -17.65 -72.73 42.62
C GLU T 201 -16.12 -72.90 42.66
N ASP T 202 -15.47 -72.61 41.53
CA ASP T 202 -14.02 -72.71 41.40
C ASP T 202 -13.39 -71.57 42.21
N ASN T 203 -14.17 -70.98 43.10
CA ASN T 203 -13.71 -69.87 43.91
C ASN T 203 -14.71 -69.69 45.07
N LYS T 204 -15.52 -70.72 45.27
CA LYS T 204 -16.56 -70.74 46.31
C LYS T 204 -16.08 -70.28 47.68
N GLU T 205 -14.77 -70.14 47.83
CA GLU T 205 -14.18 -69.73 49.10
C GLU T 205 -14.49 -68.29 49.52
N LYS T 206 -14.50 -67.38 48.55
CA LYS T 206 -14.78 -65.97 48.84
C LYS T 206 -16.16 -65.56 48.35
N ASP T 207 -16.81 -64.66 49.08
CA ASP T 207 -18.13 -64.21 48.70
C ASP T 207 -17.90 -63.21 47.55
N PHE T 208 -18.87 -63.12 46.63
CA PHE T 208 -18.70 -62.22 45.50
C PHE T 208 -19.86 -61.26 45.25
N GLU T 209 -19.75 -60.50 44.15
CA GLU T 209 -20.76 -59.55 43.74
C GLU T 209 -20.93 -59.70 42.23
N LEU T 210 -22.17 -59.85 41.78
CA LEU T 210 -22.43 -60.03 40.36
C LEU T 210 -22.60 -58.70 39.62
N GLU T 211 -22.18 -58.68 38.36
CA GLU T 211 -22.29 -57.48 37.54
C GLU T 211 -22.70 -57.90 36.14
N ILE T 212 -23.73 -57.25 35.61
CA ILE T 212 -24.23 -57.57 34.27
C ILE T 212 -24.50 -56.29 33.50
N SER T 213 -24.38 -56.39 32.19
CA SER T 213 -24.65 -55.25 31.30
C SER T 213 -25.09 -55.89 30.00
N TRP T 214 -25.76 -55.12 29.16
CA TRP T 214 -26.23 -55.65 27.90
C TRP T 214 -26.38 -54.56 26.87
N CYS T 215 -26.58 -55.00 25.63
CA CYS T 215 -26.73 -54.11 24.49
C CYS T 215 -27.68 -54.82 23.54
N SER T 216 -28.95 -54.42 23.58
CA SER T 216 -29.97 -55.03 22.73
C SER T 216 -30.67 -53.99 21.88
N LEU T 217 -30.85 -54.30 20.61
CA LEU T 217 -31.50 -53.39 19.68
C LEU T 217 -32.93 -53.05 20.12
N SER T 218 -33.55 -53.94 20.89
CA SER T 218 -34.91 -53.72 21.33
C SER T 218 -35.02 -53.36 22.81
N GLU T 219 -34.12 -53.90 23.62
CA GLU T 219 -34.17 -53.62 25.04
C GLU T 219 -33.40 -52.36 25.45
N THR T 220 -32.34 -52.02 24.71
CA THR T 220 -31.55 -50.83 25.04
C THR T 220 -31.39 -49.87 23.89
N ASN T 221 -31.94 -50.23 22.72
CA ASN T 221 -31.86 -49.38 21.54
C ASN T 221 -30.50 -49.41 20.88
N GLY T 222 -29.74 -50.47 21.14
CA GLY T 222 -28.44 -50.59 20.53
C GLY T 222 -27.39 -49.86 21.35
N LEU T 223 -27.78 -49.44 22.55
CA LEU T 223 -26.85 -48.73 23.41
C LEU T 223 -26.46 -49.62 24.56
N HIS T 224 -25.19 -49.64 24.91
CA HIS T 224 -24.73 -50.45 26.02
C HIS T 224 -25.18 -49.85 27.35
N LYS T 225 -25.86 -50.67 28.17
CA LYS T 225 -26.34 -50.20 29.47
C LYS T 225 -26.13 -51.26 30.55
N PHE T 226 -25.95 -50.83 31.79
CA PHE T 226 -25.77 -51.74 32.90
C PHE T 226 -27.12 -52.22 33.43
N VAL T 227 -27.15 -53.46 33.89
CA VAL T 227 -28.37 -54.00 34.46
C VAL T 227 -28.37 -53.55 35.92
N LYS T 228 -29.41 -52.81 36.31
CA LYS T 228 -29.51 -52.29 37.67
C LYS T 228 -30.88 -52.59 38.29
N GLY T 229 -30.98 -52.35 39.61
CA GLY T 229 -32.22 -52.57 40.34
C GLY T 229 -32.99 -53.86 40.13
N ASP T 230 -34.30 -53.70 39.92
CA ASP T 230 -35.21 -54.83 39.72
C ASP T 230 -34.72 -55.90 38.76
N LEU T 231 -34.47 -55.51 37.51
CA LEU T 231 -34.01 -56.46 36.50
C LEU T 231 -32.79 -57.23 36.97
N LEU T 232 -31.92 -56.55 37.70
CA LEU T 232 -30.72 -57.18 38.22
C LEU T 232 -31.11 -58.20 39.28
N GLN T 233 -31.81 -57.74 40.32
CA GLN T 233 -32.27 -58.60 41.42
C GLN T 233 -33.03 -59.82 40.91
N GLU T 234 -33.90 -59.62 39.93
CA GLU T 234 -34.66 -60.70 39.34
C GLU T 234 -33.72 -61.81 38.84
N ALA T 235 -32.62 -61.40 38.21
CA ALA T 235 -31.65 -62.37 37.69
C ALA T 235 -30.83 -62.99 38.81
N ILE T 236 -30.58 -62.24 39.88
CA ILE T 236 -29.83 -62.77 41.02
C ILE T 236 -30.61 -63.96 41.56
N ASP T 237 -31.91 -63.74 41.78
CA ASP T 237 -32.78 -64.78 42.29
C ASP T 237 -32.79 -65.98 41.35
N PHE T 238 -33.08 -65.75 40.08
CA PHE T 238 -33.11 -66.84 39.10
C PHE T 238 -31.89 -67.75 39.22
N ALA T 239 -30.76 -67.16 39.59
CA ALA T 239 -29.52 -67.92 39.74
C ALA T 239 -29.47 -68.58 41.12
N GLN T 240 -29.83 -67.83 42.16
CA GLN T 240 -29.83 -68.33 43.52
C GLN T 240 -30.80 -69.51 43.66
N LYS T 241 -31.85 -69.50 42.85
CA LYS T 241 -32.85 -70.55 42.87
C LYS T 241 -32.33 -71.83 42.21
N GLU T 242 -31.73 -71.68 41.03
CA GLU T 242 -31.21 -72.84 40.30
C GLU T 242 -29.84 -73.31 40.76
N ILE T 243 -29.31 -72.66 41.79
CA ILE T 243 -28.02 -73.04 42.33
C ILE T 243 -28.28 -74.06 43.45
N ASN T 244 -29.53 -74.48 43.54
CA ASN T 244 -29.98 -75.46 44.53
C ASN T 244 -31.07 -76.35 43.92
N ALA U 1 26.79 -65.41 23.30
CA ALA U 1 27.03 -66.45 22.26
C ALA U 1 25.76 -67.24 21.93
N GLY U 2 25.21 -67.92 22.94
CA GLY U 2 24.00 -68.72 22.76
C GLY U 2 22.77 -67.91 22.40
N TYR U 3 22.95 -66.60 22.22
CA TYR U 3 21.86 -65.72 21.86
C TYR U 3 21.71 -65.62 20.36
N ASP U 4 22.61 -66.26 19.62
CA ASP U 4 22.52 -66.23 18.18
C ASP U 4 21.33 -67.10 17.79
N ARG U 5 20.52 -67.42 18.79
CA ARG U 5 19.32 -68.21 18.59
C ARG U 5 18.08 -67.48 19.07
N HIS U 6 18.28 -66.30 19.64
CA HIS U 6 17.17 -65.50 20.14
C HIS U 6 16.85 -64.34 19.21
N ILE U 7 17.87 -63.80 18.57
CA ILE U 7 17.68 -62.70 17.65
C ILE U 7 18.20 -63.13 16.29
N THR U 8 17.87 -62.36 15.25
CA THR U 8 18.30 -62.72 13.91
C THR U 8 19.73 -62.39 13.50
N ILE U 9 20.70 -63.00 14.18
CA ILE U 9 22.10 -62.83 13.83
C ILE U 9 22.57 -64.20 13.37
N PHE U 10 23.68 -64.26 12.65
CA PHE U 10 24.17 -65.54 12.14
C PHE U 10 24.68 -66.48 13.22
N SER U 11 24.53 -67.78 12.95
CA SER U 11 25.04 -68.83 13.83
C SER U 11 26.34 -69.21 13.12
N PRO U 12 27.27 -69.88 13.83
CA PRO U 12 28.54 -70.26 13.19
C PRO U 12 28.39 -70.99 11.87
N GLU U 13 27.25 -71.63 11.65
CA GLU U 13 27.00 -72.34 10.39
C GLU U 13 26.37 -71.41 9.38
N GLY U 14 26.31 -70.12 9.73
CA GLY U 14 25.71 -69.14 8.83
C GLY U 14 24.21 -69.27 8.76
N ARG U 15 23.60 -69.75 9.84
CA ARG U 15 22.16 -69.94 9.88
C ARG U 15 21.44 -68.93 10.75
N LEU U 16 20.15 -68.76 10.50
CA LEU U 16 19.32 -67.85 11.28
C LEU U 16 18.18 -68.66 11.93
N TYR U 17 18.45 -69.19 13.10
CA TYR U 17 17.47 -70.01 13.82
C TYR U 17 16.10 -69.40 13.99
N GLN U 18 16.03 -68.12 14.36
CA GLN U 18 14.74 -67.49 14.55
C GLN U 18 13.91 -67.54 13.28
N VAL U 19 14.54 -67.49 12.13
CA VAL U 19 13.81 -67.57 10.88
C VAL U 19 13.29 -69.00 10.71
N GLU U 20 14.09 -69.97 11.16
CA GLU U 20 13.72 -71.37 11.04
C GLU U 20 12.54 -71.70 11.93
N TYR U 21 12.57 -71.20 13.17
CA TYR U 21 11.50 -71.43 14.12
C TYR U 21 10.23 -70.70 13.71
N ALA U 22 10.38 -69.58 13.00
CA ALA U 22 9.21 -68.83 12.56
C ALA U 22 8.51 -69.72 11.53
N PHE U 23 9.30 -70.44 10.74
CA PHE U 23 8.74 -71.37 9.75
C PHE U 23 7.96 -72.44 10.49
N LYS U 24 8.48 -72.87 11.64
CA LYS U 24 7.81 -73.89 12.43
C LYS U 24 6.41 -73.42 12.80
N ALA U 25 6.32 -72.15 13.25
CA ALA U 25 5.04 -71.61 13.63
C ALA U 25 4.00 -71.62 12.52
N THR U 26 4.41 -71.55 11.25
CA THR U 26 3.45 -71.54 10.16
C THR U 26 2.57 -72.78 10.07
N ASN U 27 2.86 -73.79 10.88
CA ASN U 27 2.06 -75.02 10.85
C ASN U 27 1.27 -75.22 12.13
N GLN U 28 1.36 -74.25 13.02
CA GLN U 28 0.68 -74.29 14.31
C GLN U 28 -0.85 -74.50 14.19
N THR U 29 -1.41 -74.06 13.07
CA THR U 29 -2.85 -74.16 12.84
C THR U 29 -3.28 -75.51 12.27
N ASN U 30 -2.30 -76.32 11.88
CA ASN U 30 -2.58 -77.63 11.31
C ASN U 30 -3.54 -77.57 10.13
N ILE U 31 -3.43 -76.51 9.35
CA ILE U 31 -4.29 -76.31 8.17
C ILE U 31 -3.49 -76.43 6.88
N ASN U 32 -4.06 -77.10 5.89
CA ASN U 32 -3.40 -77.25 4.62
C ASN U 32 -4.18 -76.45 3.58
N SER U 33 -3.47 -75.95 2.56
CA SER U 33 -4.10 -75.17 1.49
C SER U 33 -3.35 -75.37 0.19
N LEU U 34 -4.02 -75.07 -0.92
CA LEU U 34 -3.38 -75.23 -2.20
C LEU U 34 -3.99 -74.26 -3.20
N ALA U 35 -3.25 -73.95 -4.26
CA ALA U 35 -3.74 -73.04 -5.26
C ALA U 35 -3.46 -73.56 -6.67
N VAL U 36 -4.40 -73.34 -7.57
CA VAL U 36 -4.21 -73.79 -8.94
C VAL U 36 -4.67 -72.70 -9.90
N ARG U 37 -4.13 -72.76 -11.11
CA ARG U 37 -4.48 -71.76 -12.11
C ARG U 37 -5.32 -72.35 -13.22
N GLY U 38 -6.47 -71.72 -13.46
CA GLY U 38 -7.35 -72.15 -14.53
C GLY U 38 -6.91 -71.52 -15.83
N LYS U 39 -7.79 -71.52 -16.82
CA LYS U 39 -7.48 -70.96 -18.12
C LYS U 39 -7.53 -69.43 -18.01
N ASP U 40 -8.37 -68.94 -17.10
CA ASP U 40 -8.50 -67.51 -16.88
C ASP U 40 -8.99 -67.18 -15.47
N CYS U 41 -8.60 -68.00 -14.51
CA CYS U 41 -8.97 -67.79 -13.12
C CYS U 41 -7.92 -68.44 -12.24
N THR U 42 -7.99 -68.16 -10.94
CA THR U 42 -7.04 -68.72 -10.00
C THR U 42 -7.86 -69.13 -8.79
N VAL U 43 -7.65 -70.36 -8.32
CA VAL U 43 -8.41 -70.85 -7.19
C VAL U 43 -7.52 -71.26 -6.02
N VAL U 44 -8.05 -71.06 -4.82
CA VAL U 44 -7.33 -71.44 -3.62
C VAL U 44 -8.27 -72.09 -2.63
N ILE U 45 -7.92 -73.31 -2.23
CA ILE U 45 -8.69 -74.09 -1.28
C ILE U 45 -7.89 -74.15 0.00
N SER U 46 -8.58 -74.15 1.12
CA SER U 46 -7.93 -74.23 2.40
C SER U 46 -8.87 -74.89 3.40
N GLN U 47 -8.33 -75.78 4.21
CA GLN U 47 -9.14 -76.46 5.18
C GLN U 47 -9.68 -75.47 6.20
N LYS U 48 -10.91 -75.70 6.63
CA LYS U 48 -11.52 -74.85 7.63
C LYS U 48 -11.89 -75.74 8.78
N LYS U 49 -11.24 -75.52 9.93
CA LYS U 49 -11.51 -76.34 11.10
C LYS U 49 -12.02 -75.49 12.26
N VAL U 50 -13.24 -75.74 12.70
CA VAL U 50 -13.81 -74.98 13.80
C VAL U 50 -14.03 -75.91 14.98
N PRO U 51 -13.04 -76.00 15.88
CA PRO U 51 -13.11 -76.85 17.06
C PRO U 51 -14.22 -76.55 18.08
N ASP U 52 -14.20 -75.37 18.70
CA ASP U 52 -15.20 -75.00 19.71
C ASP U 52 -16.62 -74.85 19.17
N LYS U 53 -17.59 -75.33 19.94
CA LYS U 53 -19.00 -75.23 19.56
C LYS U 53 -19.49 -73.81 19.80
N LEU U 54 -18.81 -73.11 20.71
CA LEU U 54 -19.15 -71.74 21.05
C LEU U 54 -18.67 -70.70 20.03
N LEU U 55 -17.85 -71.12 19.07
CA LEU U 55 -17.35 -70.22 18.04
C LEU U 55 -18.42 -69.89 17.02
N ASP U 56 -18.24 -68.75 16.36
CA ASP U 56 -19.15 -68.30 15.33
C ASP U 56 -18.45 -68.63 13.99
N PRO U 57 -18.68 -69.83 13.48
CA PRO U 57 -18.12 -70.35 12.22
C PRO U 57 -17.88 -69.34 11.10
N THR U 58 -18.77 -68.36 10.98
CA THR U 58 -18.64 -67.36 9.92
C THR U 58 -17.42 -66.46 10.06
N THR U 59 -16.90 -66.35 11.28
CA THR U 59 -15.75 -65.50 11.54
C THR U 59 -14.41 -66.22 11.62
N VAL U 60 -14.37 -67.49 11.22
CA VAL U 60 -13.13 -68.24 11.28
C VAL U 60 -12.61 -68.44 9.88
N SER U 61 -11.69 -67.58 9.46
CA SER U 61 -11.15 -67.67 8.12
C SER U 61 -9.65 -67.37 8.04
N TYR U 62 -9.00 -67.88 7.00
CA TYR U 62 -7.59 -67.65 6.80
C TYR U 62 -7.36 -67.16 5.38
N ILE U 63 -8.45 -66.78 4.74
CA ILE U 63 -8.39 -66.26 3.38
C ILE U 63 -8.77 -64.78 3.51
N PHE U 64 -8.09 -63.92 2.75
CA PHE U 64 -8.36 -62.49 2.82
C PHE U 64 -8.53 -61.82 1.47
N CYS U 65 -9.35 -60.78 1.44
CA CYS U 65 -9.57 -60.00 0.22
C CYS U 65 -8.68 -58.76 0.38
N ILE U 66 -7.49 -58.82 -0.18
CA ILE U 66 -6.54 -57.73 -0.07
C ILE U 66 -6.97 -56.52 -0.90
N SER U 67 -7.41 -56.76 -2.12
CA SER U 67 -7.86 -55.69 -2.98
C SER U 67 -8.96 -56.21 -3.88
N ARG U 68 -9.55 -55.35 -4.69
CA ARG U 68 -10.58 -55.80 -5.60
C ARG U 68 -10.09 -56.98 -6.44
N THR U 69 -8.79 -57.03 -6.73
CA THR U 69 -8.25 -58.10 -7.57
C THR U 69 -7.29 -59.11 -6.92
N ILE U 70 -6.76 -58.78 -5.74
CA ILE U 70 -5.81 -59.65 -5.07
C ILE U 70 -6.41 -60.40 -3.90
N GLY U 71 -6.18 -61.71 -3.88
CA GLY U 71 -6.66 -62.54 -2.79
C GLY U 71 -5.44 -63.14 -2.10
N MET U 72 -5.51 -63.29 -0.78
CA MET U 72 -4.40 -63.85 -0.03
C MET U 72 -4.84 -64.85 1.04
N VAL U 73 -4.24 -66.04 1.00
CA VAL U 73 -4.53 -67.08 1.98
C VAL U 73 -3.28 -67.20 2.85
N VAL U 74 -3.48 -67.38 4.15
CA VAL U 74 -2.35 -67.46 5.07
C VAL U 74 -2.22 -68.75 5.84
N ASN U 75 -0.99 -69.26 5.94
CA ASN U 75 -0.70 -70.47 6.70
C ASN U 75 0.08 -69.98 7.94
N GLY U 76 -0.54 -70.03 9.10
CA GLY U 76 0.11 -69.57 10.31
C GLY U 76 -0.91 -69.01 11.29
N PRO U 77 -0.48 -68.66 12.52
CA PRO U 77 -1.35 -68.10 13.56
C PRO U 77 -2.17 -66.91 13.08
N ILE U 78 -3.43 -66.84 13.50
CA ILE U 78 -4.30 -65.75 13.05
C ILE U 78 -3.80 -64.32 13.36
N PRO U 79 -3.25 -64.08 14.58
CA PRO U 79 -2.80 -62.70 14.83
C PRO U 79 -1.71 -62.23 13.84
N ASP U 80 -0.73 -63.08 13.54
CA ASP U 80 0.31 -62.68 12.60
C ASP U 80 -0.31 -62.58 11.21
N ALA U 81 -1.22 -63.47 10.87
CA ALA U 81 -1.85 -63.43 9.55
C ALA U 81 -2.61 -62.12 9.32
N ARG U 82 -3.34 -61.68 10.34
CA ARG U 82 -4.11 -60.44 10.25
C ARG U 82 -3.21 -59.21 10.13
N ASN U 83 -2.05 -59.30 10.76
CA ASN U 83 -1.04 -58.26 10.72
C ASN U 83 -0.56 -58.15 9.26
N ALA U 84 -0.24 -59.29 8.66
CA ALA U 84 0.21 -59.31 7.27
C ALA U 84 -0.87 -58.82 6.32
N ALA U 85 -2.12 -59.14 6.64
CA ALA U 85 -3.26 -58.75 5.81
C ALA U 85 -3.49 -57.24 5.84
N LEU U 86 -3.57 -56.68 7.05
CA LEU U 86 -3.78 -55.25 7.19
C LEU U 86 -2.72 -54.50 6.39
N ARG U 87 -1.47 -54.94 6.53
CA ARG U 87 -0.36 -54.32 5.84
C ARG U 87 -0.52 -54.41 4.33
N ALA U 88 -0.77 -55.61 3.84
CA ALA U 88 -0.91 -55.80 2.41
C ALA U 88 -2.05 -54.95 1.84
N LYS U 89 -3.12 -54.79 2.61
CA LYS U 89 -4.25 -53.99 2.17
C LYS U 89 -3.86 -52.54 2.03
N ALA U 90 -3.15 -52.03 3.04
CA ALA U 90 -2.69 -50.65 3.05
C ALA U 90 -1.74 -50.46 1.88
N GLU U 91 -0.82 -51.41 1.69
CA GLU U 91 0.16 -51.36 0.62
C GLU U 91 -0.50 -51.36 -0.76
N ALA U 92 -1.60 -52.08 -0.88
CA ALA U 92 -2.28 -52.16 -2.16
C ALA U 92 -3.02 -50.86 -2.46
N ALA U 93 -3.57 -50.25 -1.42
CA ALA U 93 -4.31 -49.00 -1.55
C ALA U 93 -3.37 -47.87 -1.94
N GLU U 94 -2.25 -47.77 -1.22
CA GLU U 94 -1.27 -46.75 -1.47
C GLU U 94 -0.69 -46.83 -2.89
N PHE U 95 -0.38 -48.04 -3.32
CA PHE U 95 0.19 -48.24 -4.63
C PHE U 95 -0.72 -47.66 -5.70
N ARG U 96 -2.01 -47.96 -5.59
CA ARG U 96 -2.98 -47.46 -6.56
C ARG U 96 -3.01 -45.93 -6.59
N TYR U 97 -2.96 -45.34 -5.41
CA TYR U 97 -3.00 -43.90 -5.27
C TYR U 97 -1.80 -43.19 -5.89
N LYS U 98 -0.62 -43.76 -5.69
CA LYS U 98 0.61 -43.20 -6.21
C LYS U 98 0.92 -43.49 -7.66
N TYR U 99 0.63 -44.69 -8.13
CA TYR U 99 0.97 -45.02 -9.52
C TYR U 99 -0.15 -45.08 -10.54
N GLY U 100 -1.40 -44.91 -10.09
CA GLY U 100 -2.52 -44.88 -11.00
C GLY U 100 -3.10 -46.16 -11.56
N TYR U 101 -2.57 -47.31 -11.15
CA TYR U 101 -3.10 -48.58 -11.60
C TYR U 101 -3.04 -49.56 -10.44
N ASP U 102 -3.76 -50.67 -10.55
CA ASP U 102 -3.81 -51.66 -9.48
C ASP U 102 -2.51 -52.41 -9.25
N MET U 103 -2.14 -52.55 -7.98
CA MET U 103 -0.90 -53.25 -7.66
C MET U 103 -0.98 -54.70 -8.13
N PRO U 104 -0.02 -55.12 -8.96
CA PRO U 104 -0.02 -56.51 -9.45
C PRO U 104 0.31 -57.48 -8.32
N CYS U 105 -0.24 -58.68 -8.42
CA CYS U 105 -0.04 -59.75 -7.46
C CYS U 105 1.45 -60.00 -7.14
N ASP U 106 2.25 -60.21 -8.18
CA ASP U 106 3.68 -60.46 -8.01
C ASP U 106 4.41 -59.30 -7.31
N VAL U 107 3.97 -58.08 -7.58
CA VAL U 107 4.61 -56.92 -6.96
C VAL U 107 4.30 -56.86 -5.47
N LEU U 108 3.02 -57.03 -5.11
CA LEU U 108 2.65 -57.01 -3.69
C LEU U 108 3.41 -58.13 -2.96
N ALA U 109 3.61 -59.25 -3.65
CA ALA U 109 4.35 -60.36 -3.07
C ALA U 109 5.78 -59.90 -2.78
N LYS U 110 6.44 -59.34 -3.79
CA LYS U 110 7.80 -58.85 -3.63
C LYS U 110 7.86 -57.87 -2.47
N ARG U 111 6.94 -56.91 -2.45
CA ARG U 111 6.89 -55.91 -1.40
C ARG U 111 6.81 -56.52 0.00
N MET U 112 5.90 -57.49 0.17
CA MET U 112 5.74 -58.16 1.46
C MET U 112 6.98 -59.00 1.78
N ALA U 113 7.56 -59.61 0.75
CA ALA U 113 8.76 -60.40 0.94
C ALA U 113 9.87 -59.52 1.49
N ASN U 114 10.04 -58.34 0.87
CA ASN U 114 11.08 -57.40 1.29
C ASN U 114 10.88 -57.01 2.74
N LEU U 115 9.64 -56.73 3.11
CA LEU U 115 9.33 -56.36 4.48
C LEU U 115 9.78 -57.49 5.42
N SER U 116 9.53 -58.74 5.03
CA SER U 116 9.95 -59.88 5.85
C SER U 116 11.47 -60.00 5.89
N GLN U 117 12.12 -59.73 4.76
CA GLN U 117 13.57 -59.81 4.69
C GLN U 117 14.17 -58.90 5.75
N ILE U 118 13.51 -57.78 6.02
CA ILE U 118 14.01 -56.84 7.02
C ILE U 118 13.98 -57.39 8.43
N TYR U 119 12.93 -58.12 8.81
CA TYR U 119 12.86 -58.67 10.18
C TYR U 119 13.97 -59.69 10.37
N THR U 120 14.44 -60.19 9.22
CA THR U 120 15.52 -61.15 9.12
C THR U 120 16.89 -60.52 9.43
N GLN U 121 17.02 -59.22 9.17
CA GLN U 121 18.27 -58.49 9.35
C GLN U 121 18.31 -57.55 10.56
N ARG U 122 17.17 -56.95 10.91
CA ARG U 122 17.14 -56.05 12.07
C ARG U 122 16.75 -56.84 13.32
N ALA U 123 17.55 -56.69 14.36
CA ALA U 123 17.36 -57.41 15.61
C ALA U 123 16.09 -57.17 16.40
N TYR U 124 15.57 -55.95 16.38
CA TYR U 124 14.37 -55.66 17.17
C TYR U 124 13.03 -56.14 16.58
N MET U 125 13.02 -56.51 15.30
CA MET U 125 11.81 -56.98 14.64
C MET U 125 11.82 -58.52 14.54
N ARG U 126 10.77 -59.18 15.04
CA ARG U 126 10.72 -60.64 14.94
C ARG U 126 10.07 -61.02 13.63
N PRO U 127 10.43 -62.17 13.06
CA PRO U 127 9.77 -62.50 11.78
C PRO U 127 8.32 -62.87 12.08
N LEU U 128 7.47 -62.83 11.06
CA LEU U 128 6.08 -63.23 11.25
C LEU U 128 6.03 -64.72 10.91
N GLY U 129 5.37 -65.50 11.78
CA GLY U 129 5.28 -66.93 11.55
C GLY U 129 4.19 -67.31 10.58
N VAL U 130 4.30 -66.85 9.34
CA VAL U 130 3.29 -67.15 8.35
C VAL U 130 3.85 -67.26 6.96
N ILE U 131 3.07 -67.86 6.08
CA ILE U 131 3.42 -68.03 4.67
C ILE U 131 2.23 -67.45 3.92
N LEU U 132 2.50 -66.49 3.04
CA LEU U 132 1.45 -65.83 2.30
C LEU U 132 1.38 -66.28 0.84
N THR U 133 0.19 -66.69 0.43
CA THR U 133 -0.03 -67.12 -0.94
C THR U 133 -0.94 -66.05 -1.56
N PHE U 134 -0.44 -65.37 -2.58
CA PHE U 134 -1.21 -64.32 -3.24
C PHE U 134 -1.67 -64.84 -4.58
N VAL U 135 -2.92 -64.54 -4.91
CA VAL U 135 -3.49 -64.98 -6.18
C VAL U 135 -4.34 -63.89 -6.82
N SER U 136 -4.44 -63.98 -8.14
CA SER U 136 -5.22 -63.02 -8.90
C SER U 136 -5.08 -63.35 -10.38
N VAL U 137 -5.80 -62.59 -11.20
CA VAL U 137 -5.71 -62.76 -12.63
C VAL U 137 -5.12 -61.41 -13.07
N ASP U 138 -3.79 -61.33 -13.02
CA ASP U 138 -3.10 -60.10 -13.39
C ASP U 138 -3.45 -59.67 -14.81
N GLU U 139 -3.57 -58.35 -15.03
CA GLU U 139 -3.92 -57.85 -16.36
C GLU U 139 -2.82 -57.99 -17.39
N GLU U 140 -1.60 -58.30 -16.94
CA GLU U 140 -0.49 -58.47 -17.87
C GLU U 140 0.01 -59.91 -17.86
N LEU U 141 0.03 -60.51 -16.68
CA LEU U 141 0.51 -61.87 -16.52
C LEU U 141 -0.53 -62.97 -16.59
N GLY U 142 -1.79 -62.62 -16.36
CA GLY U 142 -2.83 -63.63 -16.37
C GLY U 142 -2.96 -64.26 -14.99
N PRO U 143 -3.54 -65.46 -14.87
CA PRO U 143 -3.69 -66.12 -13.57
C PRO U 143 -2.34 -66.17 -12.87
N SER U 144 -2.31 -65.74 -11.61
CA SER U 144 -1.05 -65.71 -10.88
C SER U 144 -1.04 -66.21 -9.44
N ILE U 145 0.04 -66.91 -9.09
CA ILE U 145 0.23 -67.42 -7.74
C ILE U 145 1.65 -67.04 -7.29
N TYR U 146 1.73 -66.31 -6.19
CA TYR U 146 3.02 -65.89 -5.64
C TYR U 146 2.96 -66.09 -4.15
N LYS U 147 3.95 -66.77 -3.60
CA LYS U 147 3.96 -67.09 -2.18
C LYS U 147 5.25 -66.61 -1.51
N THR U 148 5.13 -66.12 -0.28
CA THR U 148 6.29 -65.63 0.45
C THR U 148 6.36 -66.27 1.83
N ASP U 149 7.56 -66.35 2.38
CA ASP U 149 7.79 -66.99 3.68
C ASP U 149 8.56 -66.10 4.66
N PRO U 150 8.81 -66.60 5.88
CA PRO U 150 9.55 -65.83 6.90
C PRO U 150 11.00 -65.50 6.54
N ALA U 151 11.51 -66.08 5.48
CA ALA U 151 12.88 -65.83 5.08
C ALA U 151 12.99 -64.65 4.13
N GLY U 152 11.84 -64.16 3.67
CA GLY U 152 11.83 -63.05 2.76
C GLY U 152 11.90 -63.56 1.33
N TYR U 153 11.73 -64.86 1.18
CA TYR U 153 11.77 -65.48 -0.14
C TYR U 153 10.38 -65.48 -0.78
N TYR U 154 10.34 -65.44 -2.11
CA TYR U 154 9.07 -65.49 -2.80
C TYR U 154 9.29 -65.88 -4.24
N VAL U 155 8.30 -66.51 -4.84
CA VAL U 155 8.42 -66.91 -6.23
C VAL U 155 7.04 -67.19 -6.79
N GLY U 156 6.96 -67.36 -8.10
CA GLY U 156 5.70 -67.65 -8.74
C GLY U 156 5.55 -69.13 -8.95
N TYR U 157 4.30 -69.60 -8.93
CA TYR U 157 4.02 -71.02 -9.11
C TYR U 157 2.93 -71.30 -10.13
N LYS U 158 2.98 -72.50 -10.72
CA LYS U 158 1.98 -72.97 -11.68
C LYS U 158 0.80 -73.42 -10.80
N ALA U 159 1.14 -73.92 -9.62
CA ALA U 159 0.21 -74.39 -8.59
C ALA U 159 1.09 -74.59 -7.36
N THR U 160 0.51 -74.54 -6.17
CA THR U 160 1.32 -74.71 -4.97
C THR U 160 0.46 -75.20 -3.80
N ALA U 161 1.11 -75.60 -2.71
CA ALA U 161 0.40 -76.09 -1.54
C ALA U 161 1.18 -75.69 -0.30
N THR U 162 0.48 -75.57 0.83
CA THR U 162 1.12 -75.16 2.06
C THR U 162 0.46 -75.75 3.30
N GLY U 163 1.27 -76.20 4.25
CA GLY U 163 0.73 -76.77 5.48
C GLY U 163 1.46 -78.03 5.92
N PRO U 164 0.99 -78.70 6.97
CA PRO U 164 1.65 -79.92 7.46
C PRO U 164 1.81 -80.98 6.38
N LYS U 165 0.77 -81.18 5.59
CA LYS U 165 0.81 -82.19 4.55
C LYS U 165 1.07 -81.61 3.16
N GLN U 166 1.87 -80.55 3.17
CA GLN U 166 2.27 -79.84 1.96
C GLN U 166 2.86 -80.77 0.90
N GLN U 167 3.79 -81.63 1.32
CA GLN U 167 4.46 -82.54 0.41
C GLN U 167 3.53 -83.47 -0.36
N GLU U 168 2.53 -84.04 0.32
CA GLU U 168 1.59 -84.94 -0.33
C GLU U 168 0.83 -84.20 -1.41
N ILE U 169 0.33 -83.01 -1.07
CA ILE U 169 -0.44 -82.20 -2.01
C ILE U 169 0.41 -81.87 -3.22
N THR U 170 1.64 -81.44 -2.95
CA THR U 170 2.55 -81.06 -4.01
C THR U 170 2.86 -82.16 -5.01
N THR U 171 3.29 -83.32 -4.53
CA THR U 171 3.62 -84.44 -5.42
C THR U 171 2.39 -84.84 -6.26
N ASN U 172 1.22 -84.77 -5.63
CA ASN U 172 -0.04 -85.10 -6.31
C ASN U 172 -0.19 -84.18 -7.52
N LEU U 173 -0.05 -82.88 -7.29
CA LEU U 173 -0.18 -81.88 -8.35
C LEU U 173 0.96 -82.02 -9.36
N GLU U 174 2.17 -82.26 -8.85
CA GLU U 174 3.32 -82.44 -9.73
C GLU U 174 3.01 -83.52 -10.76
N ASN U 175 2.49 -84.64 -10.25
CA ASN U 175 2.15 -85.78 -11.08
C ASN U 175 1.15 -85.42 -12.17
N HIS U 176 0.10 -84.73 -11.76
CA HIS U 176 -0.93 -84.33 -12.72
C HIS U 176 -0.39 -83.48 -13.87
N PHE U 177 0.53 -82.57 -13.58
CA PHE U 177 1.08 -81.72 -14.63
C PHE U 177 2.10 -82.45 -15.50
N LYS U 178 2.82 -83.41 -14.92
CA LYS U 178 3.79 -84.18 -15.70
C LYS U 178 2.99 -84.89 -16.78
N LYS U 179 1.78 -85.27 -16.39
CA LYS U 179 0.84 -85.99 -17.26
C LYS U 179 0.21 -85.08 -18.32
N SER U 180 -0.44 -84.00 -17.87
CA SER U 180 -1.10 -83.06 -18.78
C SER U 180 -0.14 -82.25 -19.65
N LYS U 181 1.12 -82.19 -19.24
CA LYS U 181 2.14 -81.47 -20.01
C LYS U 181 1.91 -79.97 -20.19
N ILE U 182 0.93 -79.43 -19.48
CA ILE U 182 0.65 -77.99 -19.55
C ILE U 182 0.76 -77.47 -18.12
N ASP U 183 0.87 -76.15 -17.98
CA ASP U 183 1.03 -75.54 -16.66
C ASP U 183 -0.24 -74.92 -16.07
N HIS U 184 -1.38 -75.56 -16.30
CA HIS U 184 -2.65 -75.06 -15.77
C HIS U 184 -3.81 -76.03 -16.03
N ILE U 185 -4.89 -75.86 -15.29
CA ILE U 185 -6.08 -76.70 -15.45
C ILE U 185 -6.83 -76.13 -16.65
N ASN U 186 -6.78 -76.84 -17.77
CA ASN U 186 -7.45 -76.39 -18.98
C ASN U 186 -8.97 -76.41 -18.87
N GLU U 187 -9.52 -75.45 -18.13
CA GLU U 187 -10.96 -75.36 -17.92
C GLU U 187 -11.42 -73.91 -18.13
N GLU U 188 -12.57 -73.75 -18.78
CA GLU U 188 -13.09 -72.41 -19.06
C GLU U 188 -13.87 -71.82 -17.90
N SER U 189 -14.44 -72.68 -17.06
CA SER U 189 -15.20 -72.19 -15.93
C SER U 189 -14.41 -72.36 -14.65
N TRP U 190 -14.55 -71.40 -13.74
CA TRP U 190 -13.83 -71.49 -12.49
C TRP U 190 -14.40 -72.60 -11.62
N GLU U 191 -15.70 -72.87 -11.75
CA GLU U 191 -16.36 -73.91 -10.96
C GLU U 191 -15.68 -75.27 -11.18
N LYS U 192 -15.37 -75.60 -12.44
CA LYS U 192 -14.69 -76.85 -12.73
C LYS U 192 -13.25 -76.80 -12.19
N VAL U 193 -12.62 -75.62 -12.22
CA VAL U 193 -11.27 -75.50 -11.69
C VAL U 193 -11.34 -75.65 -10.17
N VAL U 194 -12.38 -75.11 -9.56
CA VAL U 194 -12.56 -75.23 -8.12
C VAL U 194 -12.78 -76.70 -7.77
N GLU U 195 -13.49 -77.42 -8.63
CA GLU U 195 -13.76 -78.83 -8.40
C GLU U 195 -12.49 -79.65 -8.54
N PHE U 196 -11.69 -79.35 -9.56
CA PHE U 196 -10.41 -80.04 -9.75
C PHE U 196 -9.61 -79.85 -8.47
N ALA U 197 -9.53 -78.61 -8.03
CA ALA U 197 -8.80 -78.25 -6.83
C ALA U 197 -9.21 -79.12 -5.65
N ILE U 198 -10.50 -79.11 -5.33
CA ILE U 198 -10.99 -79.91 -4.20
C ILE U 198 -10.78 -81.41 -4.38
N THR U 199 -10.91 -81.89 -5.61
CA THR U 199 -10.71 -83.30 -5.86
C THR U 199 -9.31 -83.71 -5.43
N HIS U 200 -8.30 -83.09 -6.04
CA HIS U 200 -6.92 -83.42 -5.71
C HIS U 200 -6.58 -83.17 -4.25
N MET U 201 -7.34 -82.29 -3.61
CA MET U 201 -7.15 -82.02 -2.20
C MET U 201 -7.54 -83.30 -1.45
N ILE U 202 -8.57 -83.97 -1.94
CA ILE U 202 -9.07 -85.20 -1.33
C ILE U 202 -8.14 -86.37 -1.60
N ASP U 203 -7.66 -86.50 -2.84
CA ASP U 203 -6.76 -87.58 -3.19
C ASP U 203 -5.51 -87.58 -2.32
N ALA U 204 -4.82 -86.45 -2.33
CA ALA U 204 -3.59 -86.29 -1.57
C ALA U 204 -3.77 -86.35 -0.06
N LEU U 205 -4.90 -85.89 0.44
CA LEU U 205 -5.10 -85.94 1.89
C LEU U 205 -5.84 -87.19 2.34
N GLY U 206 -6.39 -87.92 1.38
CA GLY U 206 -7.13 -89.13 1.70
C GLY U 206 -8.30 -88.84 2.62
N THR U 207 -8.94 -87.69 2.43
CA THR U 207 -10.08 -87.34 3.26
C THR U 207 -11.26 -86.80 2.47
N GLU U 208 -12.44 -86.98 3.06
CA GLU U 208 -13.68 -86.53 2.47
C GLU U 208 -14.00 -85.20 3.15
N PHE U 209 -14.66 -84.30 2.43
CA PHE U 209 -14.99 -83.00 3.00
C PHE U 209 -16.47 -82.71 2.94
N SER U 210 -16.98 -82.01 3.94
CA SER U 210 -18.37 -81.60 3.96
C SER U 210 -18.30 -80.16 3.44
N LYS U 211 -19.38 -79.39 3.52
CA LYS U 211 -19.36 -78.02 3.03
C LYS U 211 -18.73 -77.06 4.06
N ASN U 212 -18.61 -77.49 5.30
CA ASN U 212 -18.02 -76.64 6.34
C ASN U 212 -16.59 -77.03 6.71
N ASP U 213 -15.98 -77.86 5.89
CA ASP U 213 -14.60 -78.30 6.13
C ASP U 213 -13.63 -77.56 5.22
N LEU U 214 -14.20 -76.84 4.24
CA LEU U 214 -13.41 -76.09 3.28
C LEU U 214 -13.62 -74.59 3.36
N GLU U 215 -12.82 -73.90 2.55
CA GLU U 215 -12.82 -72.45 2.42
C GLU U 215 -12.27 -72.29 1.01
N VAL U 216 -12.99 -71.55 0.17
CA VAL U 216 -12.56 -71.37 -1.21
C VAL U 216 -12.54 -69.92 -1.68
N GLY U 217 -11.48 -69.54 -2.37
CA GLY U 217 -11.37 -68.20 -2.89
C GLY U 217 -11.15 -68.34 -4.38
N VAL U 218 -11.72 -67.45 -5.16
CA VAL U 218 -11.57 -67.49 -6.61
C VAL U 218 -11.24 -66.10 -7.13
N ALA U 219 -10.27 -66.05 -8.04
CA ALA U 219 -9.86 -64.80 -8.64
C ALA U 219 -10.10 -64.89 -10.13
N THR U 220 -10.66 -63.82 -10.69
CA THR U 220 -10.94 -63.75 -12.12
C THR U 220 -10.62 -62.33 -12.56
N LYS U 221 -10.74 -62.08 -13.86
CA LYS U 221 -10.52 -60.75 -14.41
C LYS U 221 -11.29 -59.72 -13.58
N ASP U 222 -10.56 -58.76 -13.02
CA ASP U 222 -11.16 -57.70 -12.22
C ASP U 222 -11.86 -58.09 -10.94
N LYS U 223 -11.67 -59.31 -10.46
CA LYS U 223 -12.30 -59.67 -9.20
C LYS U 223 -11.84 -60.95 -8.53
N PHE U 224 -11.80 -60.89 -7.20
CA PHE U 224 -11.45 -62.01 -6.35
C PHE U 224 -12.53 -62.09 -5.29
N PHE U 225 -13.12 -63.28 -5.12
CA PHE U 225 -14.17 -63.48 -4.14
C PHE U 225 -14.03 -64.86 -3.50
N THR U 226 -14.72 -65.04 -2.38
CA THR U 226 -14.69 -66.32 -1.68
C THR U 226 -16.10 -66.94 -1.70
N LEU U 227 -16.17 -68.25 -1.96
CA LEU U 227 -17.44 -68.97 -2.01
C LEU U 227 -18.08 -69.12 -0.63
N SER U 228 -19.36 -69.43 -0.62
CA SER U 228 -20.12 -69.63 0.63
C SER U 228 -20.29 -71.13 0.87
N ALA U 229 -20.76 -71.48 2.07
CA ALA U 229 -20.97 -72.89 2.41
C ALA U 229 -21.81 -73.52 1.30
N GLU U 230 -22.82 -72.80 0.83
CA GLU U 230 -23.68 -73.31 -0.21
C GLU U 230 -23.03 -73.37 -1.58
N ASN U 231 -22.18 -72.41 -1.91
CA ASN U 231 -21.53 -72.41 -3.22
C ASN U 231 -20.61 -73.62 -3.27
N ILE U 232 -20.08 -73.97 -2.09
CA ILE U 232 -19.17 -75.10 -1.93
C ILE U 232 -19.95 -76.40 -2.04
N GLU U 233 -21.04 -76.48 -1.28
CA GLU U 233 -21.88 -77.66 -1.30
C GLU U 233 -22.23 -78.02 -2.75
N GLU U 234 -22.56 -77.01 -3.53
CA GLU U 234 -22.90 -77.19 -4.92
C GLU U 234 -21.70 -77.78 -5.67
N ARG U 235 -20.50 -77.42 -5.20
CA ARG U 235 -19.26 -77.90 -5.81
C ARG U 235 -19.02 -79.36 -5.39
N LEU U 236 -19.23 -79.63 -4.11
CA LEU U 236 -19.07 -80.97 -3.55
C LEU U 236 -20.03 -81.96 -4.19
N VAL U 237 -21.22 -81.50 -4.51
CA VAL U 237 -22.23 -82.36 -5.14
C VAL U 237 -21.77 -82.79 -6.54
N ALA U 238 -21.25 -81.85 -7.30
CA ALA U 238 -20.78 -82.15 -8.64
C ALA U 238 -19.64 -83.18 -8.62
N ILE U 239 -18.68 -83.01 -7.73
CA ILE U 239 -17.57 -83.96 -7.65
C ILE U 239 -18.09 -85.31 -7.21
N ALA U 240 -19.21 -85.29 -6.48
CA ALA U 240 -19.82 -86.52 -6.00
C ALA U 240 -20.32 -87.34 -7.18
N GLU U 241 -20.99 -86.68 -8.12
CA GLU U 241 -21.53 -87.33 -9.30
C GLU U 241 -20.46 -87.49 -10.37
N GLN U 242 -19.49 -88.35 -10.06
CA GLN U 242 -18.38 -88.61 -10.98
C GLN U 242 -17.55 -89.74 -10.37
N ASP U 243 -17.65 -89.86 -9.05
CA ASP U 243 -16.97 -90.89 -8.26
C ASP U 243 -18.00 -91.93 -7.81
N THR V 1 6.50 -20.24 -26.27
CA THR V 1 6.56 -21.71 -26.53
C THR V 1 5.25 -22.26 -27.10
N THR V 2 5.38 -23.22 -28.02
CA THR V 2 4.21 -23.87 -28.60
C THR V 2 4.44 -25.37 -28.53
N ILE V 3 3.60 -26.08 -27.79
CA ILE V 3 3.72 -27.53 -27.72
C ILE V 3 2.34 -28.10 -27.98
N VAL V 4 2.30 -29.23 -28.69
CA VAL V 4 1.03 -29.89 -29.00
C VAL V 4 1.15 -31.41 -28.89
N GLY V 5 -0.02 -32.05 -28.80
CA GLY V 5 -0.11 -33.48 -28.70
C GLY V 5 -1.29 -33.88 -29.55
N VAL V 6 -1.12 -34.91 -30.38
CA VAL V 6 -2.18 -35.39 -31.25
C VAL V 6 -2.25 -36.92 -31.32
N LYS V 7 -3.41 -37.48 -30.99
CA LYS V 7 -3.59 -38.93 -31.06
C LYS V 7 -3.97 -39.33 -32.49
N PHE V 8 -3.54 -40.51 -32.91
CA PHE V 8 -3.88 -40.99 -34.24
C PHE V 8 -4.31 -42.46 -34.11
N ASN V 9 -4.84 -43.04 -35.18
CA ASN V 9 -5.35 -44.41 -35.15
C ASN V 9 -4.55 -45.47 -34.39
N ASN V 10 -3.22 -45.37 -34.36
CA ASN V 10 -2.45 -46.40 -33.67
C ASN V 10 -1.35 -45.88 -32.75
N GLY V 11 -1.51 -44.66 -32.24
CA GLY V 11 -0.50 -44.11 -31.36
C GLY V 11 -0.79 -42.68 -30.94
N VAL V 12 0.29 -41.93 -30.72
CA VAL V 12 0.18 -40.54 -30.31
C VAL V 12 1.46 -39.81 -30.73
N VAL V 13 1.32 -38.55 -31.09
CA VAL V 13 2.47 -37.75 -31.51
C VAL V 13 2.52 -36.42 -30.74
N ILE V 14 3.71 -35.89 -30.51
CA ILE V 14 3.85 -34.61 -29.83
C ILE V 14 4.91 -33.80 -30.55
N ALA V 15 4.73 -32.48 -30.56
CA ALA V 15 5.68 -31.60 -31.22
C ALA V 15 5.87 -30.31 -30.42
N ALA V 16 6.91 -29.56 -30.76
CA ALA V 16 7.21 -28.30 -30.09
C ALA V 16 8.16 -27.44 -30.93
N ASP V 17 8.24 -26.16 -30.57
CA ASP V 17 9.16 -25.26 -31.28
C ASP V 17 10.48 -25.33 -30.49
N THR V 18 11.47 -24.54 -30.89
CA THR V 18 12.74 -24.61 -30.20
C THR V 18 13.29 -23.28 -29.67
N ARG V 19 12.41 -22.30 -29.50
CA ARG V 19 12.85 -21.02 -28.99
C ARG V 19 12.77 -20.93 -27.48
N SER V 20 13.90 -20.57 -26.87
CA SER V 20 14.01 -20.40 -25.43
C SER V 20 14.22 -18.90 -25.24
N THR V 21 13.55 -18.29 -24.27
CA THR V 21 13.72 -16.86 -24.11
C THR V 21 13.74 -16.38 -22.69
N GLN V 22 14.23 -15.18 -22.52
CA GLN V 22 14.22 -14.55 -21.22
C GLN V 22 14.13 -13.07 -21.53
N GLY V 23 12.99 -12.50 -21.20
CA GLY V 23 12.76 -11.11 -21.51
C GLY V 23 12.51 -11.19 -23.00
N PRO V 24 12.83 -10.15 -23.79
CA PRO V 24 12.57 -10.26 -25.22
C PRO V 24 13.77 -10.83 -25.98
N ILE V 25 14.73 -11.40 -25.25
CA ILE V 25 15.90 -11.94 -25.90
C ILE V 25 15.86 -13.44 -26.02
N VAL V 26 16.18 -13.94 -27.21
CA VAL V 26 16.20 -15.36 -27.46
C VAL V 26 17.45 -15.95 -26.81
N ALA V 27 17.25 -16.71 -25.73
CA ALA V 27 18.34 -17.34 -25.01
C ALA V 27 18.93 -18.49 -25.82
N ASP V 28 18.06 -19.38 -26.30
CA ASP V 28 18.49 -20.53 -27.10
C ASP V 28 17.65 -20.59 -28.38
N LYS V 29 18.33 -20.70 -29.51
CA LYS V 29 17.64 -20.75 -30.79
C LYS V 29 17.17 -22.15 -31.15
N ASN V 30 17.59 -23.14 -30.37
CA ASN V 30 17.21 -24.51 -30.67
C ASN V 30 17.24 -25.40 -29.43
N CYS V 31 16.50 -25.03 -28.40
CA CYS V 31 16.50 -25.87 -27.20
C CYS V 31 15.43 -26.94 -27.38
N ALA V 32 15.65 -28.10 -26.76
CA ALA V 32 14.71 -29.21 -26.87
C ALA V 32 13.65 -29.16 -25.80
N LYS V 33 12.39 -29.05 -26.23
CA LYS V 33 11.27 -28.99 -25.29
C LYS V 33 10.57 -30.36 -25.20
N LEU V 34 11.15 -31.34 -25.88
CA LEU V 34 10.64 -32.71 -25.89
C LEU V 34 11.50 -33.54 -24.95
N HIS V 35 10.88 -34.05 -23.88
CA HIS V 35 11.58 -34.82 -22.86
C HIS V 35 11.19 -36.29 -22.78
N ARG V 36 12.17 -37.17 -22.64
CA ARG V 36 11.89 -38.58 -22.54
C ARG V 36 11.69 -38.92 -21.07
N ILE V 37 10.62 -39.64 -20.74
CA ILE V 37 10.39 -40.03 -19.36
C ILE V 37 10.83 -41.48 -19.25
N SER V 38 10.45 -42.27 -20.24
CA SER V 38 10.84 -43.67 -20.32
C SER V 38 10.96 -43.83 -21.83
N PRO V 39 11.47 -44.97 -22.31
CA PRO V 39 11.60 -45.12 -23.77
C PRO V 39 10.36 -44.76 -24.57
N LYS V 40 9.18 -45.09 -24.05
CA LYS V 40 7.97 -44.81 -24.80
C LYS V 40 6.96 -43.82 -24.22
N ILE V 41 7.39 -43.05 -23.23
CA ILE V 41 6.55 -42.01 -22.64
C ILE V 41 7.35 -40.72 -22.79
N TRP V 42 6.93 -39.85 -23.70
CA TRP V 42 7.66 -38.60 -23.88
C TRP V 42 6.84 -37.42 -23.38
N CYS V 43 7.53 -36.32 -23.13
CA CYS V 43 6.89 -35.14 -22.60
C CYS V 43 7.25 -33.88 -23.35
N ALA V 44 6.27 -33.01 -23.52
CA ALA V 44 6.48 -31.72 -24.17
C ALA V 44 6.27 -30.73 -23.02
N GLY V 45 7.27 -29.89 -22.76
CA GLY V 45 7.11 -28.97 -21.66
C GLY V 45 7.19 -27.50 -22.01
N ALA V 46 6.39 -26.68 -21.30
CA ALA V 46 6.35 -25.24 -21.47
C ALA V 46 6.38 -24.62 -20.08
N GLY V 47 6.82 -23.36 -19.98
CA GLY V 47 6.89 -22.71 -18.68
C GLY V 47 8.34 -22.37 -18.31
N THR V 48 8.69 -22.55 -17.04
CA THR V 48 10.05 -22.28 -16.59
C THR V 48 10.94 -23.42 -17.11
N ALA V 49 11.77 -23.12 -18.10
CA ALA V 49 12.67 -24.09 -18.73
C ALA V 49 13.38 -25.04 -17.79
N ALA V 50 14.01 -24.52 -16.74
CA ALA V 50 14.71 -25.39 -15.80
C ALA V 50 13.73 -26.33 -15.10
N ASP V 51 12.54 -25.83 -14.78
CA ASP V 51 11.52 -26.64 -14.12
C ASP V 51 10.99 -27.79 -14.99
N THR V 52 10.66 -27.53 -16.25
CA THR V 52 10.16 -28.62 -17.08
C THR V 52 11.23 -29.69 -17.23
N GLU V 53 12.49 -29.27 -17.35
CA GLU V 53 13.59 -30.20 -17.51
C GLU V 53 13.81 -31.01 -16.22
N ALA V 54 13.78 -30.32 -15.09
CA ALA V 54 13.99 -30.94 -13.80
C ALA V 54 12.91 -31.94 -13.38
N VAL V 55 11.67 -31.49 -13.39
CA VAL V 55 10.57 -32.36 -12.98
C VAL V 55 10.42 -33.54 -13.92
N THR V 56 10.76 -33.30 -15.19
CA THR V 56 10.64 -34.32 -16.21
C THR V 56 11.67 -35.44 -16.01
N GLN V 57 12.82 -35.08 -15.46
CA GLN V 57 13.88 -36.07 -15.25
C GLN V 57 13.69 -36.76 -13.92
N LEU V 58 13.20 -36.03 -12.93
CA LEU V 58 12.99 -36.60 -11.60
C LEU V 58 11.99 -37.76 -11.69
N ILE V 59 10.85 -37.50 -12.29
CA ILE V 59 9.83 -38.50 -12.43
C ILE V 59 10.37 -39.60 -13.35
N GLY V 60 11.12 -39.21 -14.37
CA GLY V 60 11.70 -40.18 -15.28
C GLY V 60 12.57 -41.16 -14.51
N SER V 61 13.41 -40.62 -13.65
CA SER V 61 14.29 -41.42 -12.81
C SER V 61 13.47 -42.38 -11.95
N ASN V 62 12.47 -41.85 -11.24
CA ASN V 62 11.64 -42.69 -10.40
C ASN V 62 10.87 -43.72 -11.21
N ILE V 63 10.48 -43.34 -12.42
CA ILE V 63 9.75 -44.25 -13.29
C ILE V 63 10.63 -45.43 -13.67
N GLU V 64 11.88 -45.14 -14.00
CA GLU V 64 12.82 -46.21 -14.37
C GLU V 64 12.98 -47.17 -13.19
N LEU V 65 13.19 -46.61 -12.00
CA LEU V 65 13.34 -47.44 -10.80
C LEU V 65 12.09 -48.30 -10.55
N HIS V 66 10.92 -47.70 -10.74
CA HIS V 66 9.65 -48.39 -10.55
C HIS V 66 9.52 -49.53 -11.56
N SER V 67 9.97 -49.27 -12.78
CA SER V 67 9.94 -50.26 -13.85
C SER V 67 10.79 -51.49 -13.49
N LEU V 68 12.00 -51.25 -13.02
CA LEU V 68 12.89 -52.33 -12.64
C LEU V 68 12.29 -53.11 -11.48
N TYR V 69 11.70 -52.41 -10.53
CA TYR V 69 11.12 -53.04 -9.36
C TYR V 69 9.91 -53.90 -9.67
N THR V 70 9.13 -53.50 -10.67
CA THR V 70 7.93 -54.25 -11.02
C THR V 70 8.08 -55.12 -12.26
N SER V 71 9.23 -55.05 -12.91
CA SER V 71 9.48 -55.85 -14.11
C SER V 71 8.39 -55.63 -15.16
N ARG V 72 7.87 -54.40 -15.22
CA ARG V 72 6.84 -54.04 -16.19
C ARG V 72 7.21 -52.79 -16.96
N GLU V 73 6.61 -52.61 -18.12
CA GLU V 73 6.84 -51.41 -18.93
C GLU V 73 6.14 -50.29 -18.16
N PRO V 74 6.72 -49.08 -18.16
CA PRO V 74 6.09 -47.97 -17.44
C PRO V 74 4.78 -47.58 -18.11
N ARG V 75 3.84 -47.12 -17.31
CA ARG V 75 2.55 -46.70 -17.84
C ARG V 75 2.43 -45.17 -17.80
N VAL V 76 1.84 -44.62 -18.85
CA VAL V 76 1.67 -43.18 -18.92
C VAL V 76 0.92 -42.65 -17.71
N VAL V 77 -0.08 -43.38 -17.21
CA VAL V 77 -0.83 -42.91 -16.05
C VAL V 77 0.03 -42.81 -14.79
N SER V 78 1.17 -43.50 -14.77
CA SER V 78 2.04 -43.44 -13.60
C SER V 78 2.88 -42.17 -13.67
N ALA V 79 3.36 -41.84 -14.87
CA ALA V 79 4.14 -40.63 -15.04
C ALA V 79 3.23 -39.47 -14.68
N LEU V 80 1.97 -39.59 -15.08
CA LEU V 80 0.96 -38.55 -14.85
C LEU V 80 0.65 -38.37 -13.37
N GLN V 81 0.50 -39.46 -12.65
CA GLN V 81 0.18 -39.37 -11.25
C GLN V 81 1.37 -38.83 -10.45
N MET V 82 2.57 -39.29 -10.79
CA MET V 82 3.76 -38.85 -10.08
C MET V 82 4.02 -37.37 -10.33
N LEU V 83 3.87 -36.95 -11.58
CA LEU V 83 4.05 -35.56 -11.94
C LEU V 83 3.06 -34.64 -11.23
N LYS V 84 1.77 -34.96 -11.34
CA LYS V 84 0.76 -34.10 -10.75
C LYS V 84 0.79 -34.03 -9.23
N GLN V 85 1.17 -35.10 -8.55
CA GLN V 85 1.19 -35.01 -7.09
C GLN V 85 2.40 -34.19 -6.66
N HIS V 86 3.44 -34.21 -7.49
CA HIS V 86 4.64 -33.45 -7.20
C HIS V 86 4.38 -31.95 -7.42
N LEU V 87 3.82 -31.62 -8.60
CA LEU V 87 3.52 -30.24 -8.90
C LEU V 87 2.53 -29.66 -7.89
N PHE V 88 1.55 -30.47 -7.50
CA PHE V 88 0.54 -30.02 -6.55
C PHE V 88 1.18 -29.68 -5.21
N LYS V 89 2.11 -30.52 -4.80
CA LYS V 89 2.80 -30.35 -3.54
C LYS V 89 3.49 -28.97 -3.50
N TYR V 90 4.05 -28.56 -4.65
CA TYR V 90 4.75 -27.28 -4.76
C TYR V 90 3.86 -26.09 -5.13
N GLN V 91 2.57 -26.26 -4.90
CA GLN V 91 1.57 -25.23 -5.15
C GLN V 91 1.79 -24.30 -6.33
N GLY V 92 2.32 -24.82 -7.45
CA GLY V 92 2.55 -23.97 -8.61
C GLY V 92 3.92 -23.31 -8.73
N HIS V 93 4.72 -23.36 -7.67
CA HIS V 93 6.04 -22.76 -7.73
C HIS V 93 6.98 -23.44 -8.72
N ILE V 94 6.65 -24.65 -9.14
CA ILE V 94 7.46 -25.31 -10.13
C ILE V 94 6.64 -25.06 -11.38
N GLY V 95 7.02 -24.02 -12.11
CA GLY V 95 6.32 -23.62 -13.32
C GLY V 95 6.43 -24.56 -14.49
N ALA V 96 5.91 -25.77 -14.32
CA ALA V 96 5.94 -26.75 -15.39
C ALA V 96 4.55 -26.93 -15.96
N TYR V 97 4.45 -26.87 -17.29
CA TYR V 97 3.19 -27.05 -18.00
C TYR V 97 3.57 -28.09 -19.01
N LEU V 98 3.07 -29.31 -18.79
CA LEU V 98 3.42 -30.44 -19.65
C LEU V 98 2.31 -31.13 -20.41
N ILE V 99 2.69 -31.70 -21.54
CA ILE V 99 1.80 -32.50 -22.36
C ILE V 99 2.50 -33.84 -22.37
N VAL V 100 2.01 -34.78 -21.57
CA VAL V 100 2.61 -36.11 -21.47
C VAL V 100 1.85 -37.15 -22.31
N ALA V 101 2.58 -37.81 -23.20
CA ALA V 101 2.01 -38.83 -24.07
C ALA V 101 2.86 -40.09 -24.06
N GLY V 102 2.35 -41.14 -24.69
CA GLY V 102 3.11 -42.37 -24.76
C GLY V 102 2.28 -43.62 -24.95
N VAL V 103 2.96 -44.74 -25.17
CA VAL V 103 2.27 -46.01 -25.36
C VAL V 103 2.83 -47.00 -24.34
N ASP V 104 1.94 -47.81 -23.78
CA ASP V 104 2.33 -48.80 -22.79
C ASP V 104 1.42 -50.03 -22.93
N PRO V 105 1.59 -51.04 -22.08
CA PRO V 105 0.73 -52.22 -22.20
C PRO V 105 -0.78 -51.96 -22.31
N THR V 106 -1.26 -50.83 -21.80
CA THR V 106 -2.69 -50.58 -21.85
C THR V 106 -3.15 -49.74 -23.04
N GLY V 107 -2.25 -49.39 -23.95
CA GLY V 107 -2.64 -48.58 -25.09
C GLY V 107 -1.88 -47.26 -25.23
N SER V 108 -2.43 -46.33 -26.01
CA SER V 108 -1.78 -45.03 -26.19
C SER V 108 -2.53 -43.95 -25.42
N HIS V 109 -1.79 -42.99 -24.87
CA HIS V 109 -2.39 -41.95 -24.05
C HIS V 109 -1.93 -40.53 -24.35
N LEU V 110 -2.76 -39.54 -23.99
CA LEU V 110 -2.47 -38.12 -24.20
C LEU V 110 -3.07 -37.29 -23.07
N PHE V 111 -2.21 -36.69 -22.26
CA PHE V 111 -2.66 -35.87 -21.13
C PHE V 111 -1.93 -34.53 -21.08
N SER V 112 -2.45 -33.64 -20.25
CA SER V 112 -1.80 -32.35 -20.03
C SER V 112 -1.81 -32.12 -18.51
N ILE V 113 -0.79 -31.41 -18.03
CA ILE V 113 -0.67 -31.09 -16.61
C ILE V 113 -0.30 -29.62 -16.45
N HIS V 114 -0.96 -28.93 -15.54
CA HIS V 114 -0.63 -27.54 -15.31
C HIS V 114 0.22 -27.42 -14.05
N ALA V 115 0.98 -26.34 -13.96
CA ALA V 115 1.87 -26.09 -12.84
C ALA V 115 1.27 -26.39 -11.45
N HIS V 116 -0.01 -26.11 -11.28
CA HIS V 116 -0.65 -26.34 -9.99
C HIS V 116 -1.00 -27.79 -9.69
N GLY V 117 -1.03 -28.62 -10.73
CA GLY V 117 -1.33 -30.03 -10.50
C GLY V 117 -2.56 -30.61 -11.14
N SER V 118 -3.36 -29.79 -11.81
CA SER V 118 -4.56 -30.31 -12.46
C SER V 118 -4.17 -30.99 -13.75
N THR V 119 -4.94 -32.00 -14.17
CA THR V 119 -4.64 -32.73 -15.40
C THR V 119 -5.85 -32.81 -16.31
N ASP V 120 -5.60 -33.07 -17.59
CA ASP V 120 -6.65 -33.19 -18.60
C ASP V 120 -6.39 -34.33 -19.57
N VAL V 121 -7.44 -34.80 -20.21
CA VAL V 121 -7.31 -35.87 -21.18
C VAL V 121 -8.03 -35.43 -22.46
N GLY V 122 -7.44 -35.75 -23.61
CA GLY V 122 -8.05 -35.37 -24.87
C GLY V 122 -7.35 -36.01 -26.07
N TYR V 123 -7.86 -35.75 -27.27
CA TYR V 123 -7.27 -36.31 -28.49
C TYR V 123 -6.27 -35.37 -29.12
N TYR V 124 -6.40 -34.10 -28.79
CA TYR V 124 -5.48 -33.07 -29.28
C TYR V 124 -5.39 -31.96 -28.22
N LEU V 125 -4.17 -31.55 -27.92
CA LEU V 125 -3.94 -30.54 -26.90
C LEU V 125 -2.78 -29.60 -27.27
N SER V 126 -2.73 -28.44 -26.62
CA SER V 126 -1.64 -27.50 -26.82
C SER V 126 -1.44 -26.65 -25.57
N LEU V 127 -0.20 -26.22 -25.35
CA LEU V 127 0.12 -25.38 -24.21
C LEU V 127 1.19 -24.38 -24.62
N GLY V 128 1.39 -23.35 -23.81
CA GLY V 128 2.41 -22.36 -24.12
C GLY V 128 1.83 -21.07 -24.64
N SER V 129 2.68 -20.07 -24.84
CA SER V 129 2.21 -18.79 -25.34
C SER V 129 1.69 -18.93 -26.77
N GLY V 130 2.13 -19.99 -27.46
CA GLY V 130 1.69 -20.22 -28.83
C GLY V 130 0.44 -21.09 -28.83
N SER V 131 0.04 -21.46 -27.62
CA SER V 131 -1.13 -22.28 -27.37
C SER V 131 -2.34 -21.97 -28.24
N LEU V 132 -2.72 -20.69 -28.34
CA LEU V 132 -3.87 -20.30 -29.12
C LEU V 132 -3.70 -20.38 -30.62
N ALA V 133 -2.51 -20.06 -31.12
CA ALA V 133 -2.26 -20.15 -32.56
C ALA V 133 -2.35 -21.64 -32.94
N ALA V 134 -1.69 -22.48 -32.16
CA ALA V 134 -1.71 -23.92 -32.39
C ALA V 134 -3.12 -24.48 -32.34
N MET V 135 -3.85 -24.17 -31.27
CA MET V 135 -5.20 -24.66 -31.09
C MET V 135 -6.16 -24.23 -32.19
N ALA V 136 -5.93 -23.05 -32.78
CA ALA V 136 -6.81 -22.61 -33.85
C ALA V 136 -6.67 -23.58 -35.02
N VAL V 137 -5.44 -24.00 -35.27
CA VAL V 137 -5.17 -24.93 -36.35
C VAL V 137 -5.74 -26.32 -36.04
N LEU V 138 -5.62 -26.75 -34.79
CA LEU V 138 -6.15 -28.05 -34.41
C LEU V 138 -7.67 -28.07 -34.53
N GLU V 139 -8.33 -27.04 -34.00
CA GLU V 139 -9.78 -26.98 -34.06
C GLU V 139 -10.25 -26.93 -35.50
N SER V 140 -9.36 -26.59 -36.41
CA SER V 140 -9.71 -26.49 -37.82
C SER V 140 -9.41 -27.70 -38.69
N HIS V 141 -8.46 -28.54 -38.29
CA HIS V 141 -8.12 -29.68 -39.12
C HIS V 141 -8.16 -31.04 -38.47
N TRP V 142 -8.38 -31.09 -37.17
CA TRP V 142 -8.44 -32.38 -36.50
C TRP V 142 -9.74 -33.08 -36.85
N LYS V 143 -9.66 -34.41 -36.91
CA LYS V 143 -10.79 -35.27 -37.19
C LYS V 143 -10.45 -36.57 -36.50
N GLN V 144 -11.46 -37.37 -36.20
CA GLN V 144 -11.22 -38.64 -35.54
C GLN V 144 -10.61 -39.61 -36.55
N ASP V 145 -9.78 -40.51 -36.05
CA ASP V 145 -9.12 -41.51 -36.89
C ASP V 145 -8.13 -40.96 -37.91
N LEU V 146 -7.14 -40.23 -37.43
CA LEU V 146 -6.10 -39.69 -38.30
C LEU V 146 -5.09 -40.81 -38.45
N THR V 147 -4.31 -40.75 -39.52
CA THR V 147 -3.28 -41.77 -39.72
C THR V 147 -2.02 -41.15 -39.15
N LYS V 148 -0.99 -41.97 -38.96
CA LYS V 148 0.27 -41.47 -38.44
C LYS V 148 0.75 -40.26 -39.25
N GLU V 149 0.72 -40.38 -40.57
CA GLU V 149 1.16 -39.30 -41.45
C GLU V 149 0.33 -38.04 -41.31
N GLU V 150 -0.98 -38.21 -41.14
CA GLU V 150 -1.88 -37.07 -40.98
C GLU V 150 -1.63 -36.37 -39.64
N ALA V 151 -1.46 -37.16 -38.59
CA ALA V 151 -1.20 -36.62 -37.28
C ALA V 151 0.08 -35.79 -37.29
N ILE V 152 1.16 -36.35 -37.85
CA ILE V 152 2.42 -35.61 -37.91
C ILE V 152 2.24 -34.27 -38.65
N LYS V 153 1.49 -34.31 -39.75
CA LYS V 153 1.22 -33.12 -40.55
C LYS V 153 0.48 -32.09 -39.71
N LEU V 154 -0.57 -32.55 -39.03
CA LEU V 154 -1.40 -31.70 -38.18
C LEU V 154 -0.62 -31.09 -37.03
N ALA V 155 0.10 -31.94 -36.30
CA ALA V 155 0.90 -31.49 -35.17
C ALA V 155 1.94 -30.48 -35.65
N SER V 156 2.59 -30.80 -36.76
CA SER V 156 3.62 -29.96 -37.34
C SER V 156 3.06 -28.57 -37.76
N ASP V 157 1.89 -28.57 -38.38
CA ASP V 157 1.25 -27.33 -38.81
C ASP V 157 0.87 -26.47 -37.62
N ALA V 158 0.41 -27.11 -36.55
CA ALA V 158 0.02 -26.41 -35.33
C ALA V 158 1.22 -25.68 -34.73
N ILE V 159 2.36 -26.36 -34.66
CA ILE V 159 3.57 -25.74 -34.11
C ILE V 159 3.96 -24.54 -34.97
N GLN V 160 3.80 -24.68 -36.28
CA GLN V 160 4.15 -23.59 -37.18
C GLN V 160 3.28 -22.37 -36.93
N ALA V 161 1.99 -22.59 -36.65
CA ALA V 161 1.09 -21.49 -36.37
C ALA V 161 1.73 -20.68 -35.23
N GLY V 162 2.29 -21.40 -34.25
CA GLY V 162 2.93 -20.75 -33.13
C GLY V 162 4.19 -20.02 -33.55
N ILE V 163 5.10 -20.71 -34.23
CA ILE V 163 6.36 -20.11 -34.66
C ILE V 163 6.14 -18.78 -35.41
N TRP V 164 5.25 -18.80 -36.40
CA TRP V 164 4.98 -17.61 -37.19
C TRP V 164 4.16 -16.52 -36.51
N ASN V 165 3.18 -16.91 -35.69
CA ASN V 165 2.33 -15.91 -35.06
C ASN V 165 2.59 -15.56 -33.59
N ASP V 166 3.34 -16.39 -32.89
CA ASP V 166 3.64 -16.10 -31.49
C ASP V 166 5.09 -15.65 -31.34
N LEU V 167 5.29 -14.54 -30.63
CA LEU V 167 6.63 -14.01 -30.43
C LEU V 167 7.44 -14.85 -29.45
N GLY V 168 6.73 -15.59 -28.60
CA GLY V 168 7.41 -16.44 -27.64
C GLY V 168 7.86 -17.74 -28.26
N SER V 169 7.49 -17.95 -29.52
CA SER V 169 7.84 -19.16 -30.25
C SER V 169 8.58 -18.91 -31.56
N GLY V 170 9.50 -19.82 -31.89
CA GLY V 170 10.24 -19.69 -33.13
C GLY V 170 11.19 -20.84 -33.47
N SER V 171 11.99 -20.61 -34.51
CA SER V 171 12.98 -21.56 -34.99
C SER V 171 12.49 -22.84 -35.65
N ASN V 172 12.77 -23.97 -35.01
CA ASN V 172 12.41 -25.28 -35.58
C ASN V 172 11.29 -26.04 -34.93
N VAL V 173 10.89 -27.11 -35.59
CA VAL V 173 9.84 -28.01 -35.11
C VAL V 173 10.46 -29.35 -34.72
N ASP V 174 10.20 -29.77 -33.48
CA ASP V 174 10.68 -31.05 -32.98
C ASP V 174 9.47 -31.95 -32.88
N VAL V 175 9.63 -33.22 -33.21
CA VAL V 175 8.53 -34.17 -33.16
C VAL V 175 8.97 -35.49 -32.56
N CYS V 176 8.02 -36.23 -32.00
CA CYS V 176 8.27 -37.54 -31.44
C CYS V 176 7.02 -38.35 -31.65
N VAL V 177 7.17 -39.48 -32.34
CA VAL V 177 6.05 -40.36 -32.62
C VAL V 177 6.08 -41.63 -31.79
N MET V 178 4.96 -41.92 -31.13
CA MET V 178 4.88 -43.12 -30.31
C MET V 178 3.74 -43.99 -30.83
N GLU V 179 4.08 -45.06 -31.52
CA GLU V 179 3.08 -45.96 -32.09
C GLU V 179 2.97 -47.23 -31.26
N ILE V 180 1.75 -47.74 -31.11
CA ILE V 180 1.46 -48.91 -30.30
C ILE V 180 2.43 -50.08 -30.35
N GLY V 181 2.82 -50.53 -31.53
CA GLY V 181 3.73 -51.67 -31.54
C GLY V 181 5.17 -51.43 -31.89
N LYS V 182 5.55 -50.17 -32.11
CA LYS V 182 6.92 -49.89 -32.51
C LYS V 182 7.75 -49.12 -31.49
N ASP V 183 8.95 -48.75 -31.87
CA ASP V 183 9.81 -47.98 -30.99
C ASP V 183 9.37 -46.53 -31.14
N ALA V 184 9.53 -45.75 -30.09
CA ALA V 184 9.17 -44.35 -30.17
C ALA V 184 10.22 -43.70 -31.07
N GLU V 185 9.80 -42.83 -31.99
CA GLU V 185 10.79 -42.19 -32.83
C GLU V 185 10.83 -40.67 -32.66
N TYR V 186 11.95 -40.23 -32.13
CA TYR V 186 12.22 -38.82 -31.87
C TYR V 186 12.83 -38.15 -33.10
N LEU V 187 12.10 -37.20 -33.65
CA LEU V 187 12.55 -36.47 -34.83
C LEU V 187 12.96 -35.04 -34.46
N ARG V 188 14.18 -34.92 -33.92
CA ARG V 188 14.72 -33.63 -33.52
C ARG V 188 14.96 -32.76 -34.76
N ASN V 189 14.31 -31.59 -34.80
CA ASN V 189 14.42 -30.68 -35.93
C ASN V 189 13.80 -31.28 -37.19
N TYR V 190 12.59 -31.82 -37.02
CA TYR V 190 11.83 -32.41 -38.11
C TYR V 190 11.66 -31.36 -39.21
N LEU V 191 11.62 -30.10 -38.80
CA LEU V 191 11.49 -28.98 -39.72
C LEU V 191 12.41 -27.87 -39.26
N THR V 192 13.05 -27.21 -40.21
CA THR V 192 13.96 -26.12 -39.89
C THR V 192 13.71 -25.00 -40.91
N PRO V 193 12.52 -24.39 -40.85
CA PRO V 193 12.07 -23.30 -41.73
C PRO V 193 12.64 -21.91 -41.46
N ASN V 194 13.59 -21.80 -40.54
CA ASN V 194 14.17 -20.52 -40.21
C ASN V 194 15.70 -20.45 -40.26
N VAL V 195 16.28 -20.86 -41.38
CA VAL V 195 17.73 -20.80 -41.54
C VAL V 195 18.11 -19.35 -41.86
N ARG V 196 19.11 -18.82 -41.17
CA ARG V 196 19.55 -17.44 -41.41
C ARG V 196 20.23 -17.26 -42.76
N GLU V 197 19.76 -16.29 -43.55
CA GLU V 197 20.36 -16.03 -44.85
C GLU V 197 21.83 -15.70 -44.69
N GLU V 198 22.59 -15.86 -45.77
CA GLU V 198 24.01 -15.58 -45.75
C GLU V 198 24.23 -14.10 -45.46
N LYS V 199 25.20 -13.81 -44.60
CA LYS V 199 25.48 -12.43 -44.26
C LYS V 199 25.99 -11.65 -45.47
N GLN V 200 25.77 -10.35 -45.43
CA GLN V 200 26.15 -9.46 -46.51
C GLN V 200 27.68 -9.25 -46.55
N LYS V 201 28.36 -9.68 -45.49
CA LYS V 201 29.79 -9.44 -45.41
C LYS V 201 30.45 -10.38 -44.39
N SER V 202 31.77 -10.46 -44.41
CA SER V 202 32.50 -11.28 -43.46
C SER V 202 33.24 -10.33 -42.54
N TYR V 203 33.17 -10.59 -41.24
CA TYR V 203 33.80 -9.69 -40.27
C TYR V 203 35.09 -10.22 -39.68
N LYS V 204 35.69 -11.16 -40.40
CA LYS V 204 36.95 -11.76 -40.00
C LYS V 204 37.98 -10.63 -39.96
N PHE V 205 38.54 -10.39 -38.78
CA PHE V 205 39.52 -9.33 -38.59
C PHE V 205 40.93 -9.71 -39.02
N PRO V 206 41.74 -8.72 -39.43
CA PRO V 206 43.10 -9.04 -39.83
C PRO V 206 43.86 -9.25 -38.51
N ARG V 207 44.65 -10.31 -38.42
CA ARG V 207 45.36 -10.61 -37.19
C ARG V 207 46.19 -9.42 -36.73
N GLY V 208 46.24 -9.23 -35.41
CA GLY V 208 46.97 -8.12 -34.85
C GLY V 208 46.10 -6.93 -34.61
N THR V 209 44.85 -7.01 -35.04
CA THR V 209 43.91 -5.91 -34.85
C THR V 209 43.69 -5.55 -33.37
N THR V 210 43.73 -6.56 -32.50
CA THR V 210 43.50 -6.36 -31.07
C THR V 210 44.78 -6.05 -30.28
N ALA V 211 44.72 -5.03 -29.44
CA ALA V 211 45.86 -4.65 -28.62
C ALA V 211 46.00 -5.56 -27.40
N VAL V 212 47.14 -6.25 -27.32
CA VAL V 212 47.41 -7.17 -26.21
C VAL V 212 48.42 -6.57 -25.24
N LEU V 213 48.17 -6.70 -23.94
CA LEU V 213 49.08 -6.18 -22.92
C LEU V 213 50.05 -7.23 -22.42
N LYS V 214 49.53 -8.41 -22.12
CA LYS V 214 50.36 -9.49 -21.60
C LYS V 214 49.89 -10.83 -22.16
N GLU V 215 50.81 -11.78 -22.25
CA GLU V 215 50.49 -13.09 -22.78
C GLU V 215 51.22 -14.17 -21.98
N SER V 216 50.65 -15.37 -21.94
CA SER V 216 51.25 -16.47 -21.20
C SER V 216 50.53 -17.78 -21.47
N ILE V 217 51.17 -18.88 -21.10
CA ILE V 217 50.60 -20.20 -21.29
C ILE V 217 49.99 -20.67 -19.98
N VAL V 218 48.83 -21.32 -20.07
CA VAL V 218 48.15 -21.79 -18.88
C VAL V 218 48.46 -23.27 -18.66
N ASN V 219 48.67 -23.62 -17.39
CA ASN V 219 48.98 -24.98 -17.01
C ASN V 219 47.75 -25.83 -16.68
N ILE V 220 47.46 -26.79 -17.56
CA ILE V 220 46.32 -27.67 -17.37
C ILE V 220 46.74 -28.98 -16.71
N CYS V 221 47.96 -29.42 -16.97
CA CYS V 221 48.50 -30.66 -16.42
C CYS V 221 48.85 -30.57 -14.93
N ASP V 222 48.36 -31.53 -14.15
CA ASP V 222 48.61 -31.55 -12.71
C ASP V 222 49.98 -32.14 -12.31
N SER W 1 19.74 -3.60 -5.53
CA SER W 1 18.41 -4.29 -5.58
C SER W 1 18.50 -5.58 -6.38
N ASP W 2 18.74 -5.45 -7.69
CA ASP W 2 18.87 -6.64 -8.54
C ASP W 2 20.28 -7.18 -8.33
N PRO W 3 20.40 -8.32 -7.62
CA PRO W 3 21.68 -8.94 -7.34
C PRO W 3 22.61 -9.00 -8.56
N SER W 4 22.03 -8.97 -9.75
CA SER W 4 22.80 -9.04 -10.97
C SER W 4 23.38 -7.73 -11.49
N SER W 5 22.96 -6.62 -10.92
CA SER W 5 23.45 -5.32 -11.37
C SER W 5 24.22 -4.59 -10.30
N ILE W 6 24.69 -5.31 -9.30
CA ILE W 6 25.44 -4.68 -8.23
C ILE W 6 26.93 -4.65 -8.52
N ASN W 7 27.46 -5.78 -8.98
CA ASN W 7 28.89 -5.90 -9.26
C ASN W 7 29.29 -5.74 -10.72
N GLY W 8 28.38 -6.07 -11.63
CA GLY W 8 28.66 -5.95 -13.05
C GLY W 8 29.65 -7.00 -13.55
N GLY W 9 29.80 -7.10 -14.87
CA GLY W 9 30.73 -8.06 -15.42
C GLY W 9 30.17 -8.84 -16.59
N ILE W 10 31.05 -9.38 -17.44
CA ILE W 10 30.62 -10.17 -18.59
C ILE W 10 31.56 -11.31 -18.91
N VAL W 11 31.04 -12.29 -19.63
CA VAL W 11 31.80 -13.45 -20.04
C VAL W 11 31.24 -13.89 -21.40
N VAL W 12 32.10 -14.33 -22.29
CA VAL W 12 31.65 -14.81 -23.58
C VAL W 12 32.53 -15.97 -23.96
N ALA W 13 31.92 -16.98 -24.60
CA ALA W 13 32.65 -18.15 -25.04
C ALA W 13 32.32 -18.40 -26.51
N MET W 14 33.30 -18.87 -27.26
CA MET W 14 33.16 -19.13 -28.69
C MET W 14 33.86 -20.42 -29.11
N THR W 15 33.38 -21.03 -30.19
CA THR W 15 34.01 -22.25 -30.69
C THR W 15 34.68 -21.95 -32.03
N GLY W 16 35.72 -22.71 -32.34
CA GLY W 16 36.44 -22.53 -33.59
C GLY W 16 36.94 -23.87 -34.08
N LYS W 17 37.80 -23.85 -35.10
CA LYS W 17 38.34 -25.09 -35.65
C LYS W 17 39.23 -25.79 -34.62
N ASP W 18 38.71 -26.87 -34.02
CA ASP W 18 39.45 -27.64 -33.02
C ASP W 18 39.89 -26.82 -31.81
N CYS W 19 39.14 -25.78 -31.49
CA CYS W 19 39.47 -24.93 -30.34
C CYS W 19 38.23 -24.21 -29.79
N VAL W 20 38.38 -23.67 -28.58
CA VAL W 20 37.30 -22.92 -27.95
C VAL W 20 37.97 -21.72 -27.32
N ALA W 21 37.18 -20.68 -27.04
CA ALA W 21 37.72 -19.48 -26.43
C ALA W 21 36.71 -18.95 -25.41
N ILE W 22 37.21 -18.57 -24.25
CA ILE W 22 36.38 -18.05 -23.16
C ILE W 22 37.03 -16.73 -22.74
N ALA W 23 36.23 -15.69 -22.51
CA ALA W 23 36.79 -14.39 -22.14
C ALA W 23 35.92 -13.60 -21.16
N CYS W 24 36.53 -12.71 -20.40
CA CYS W 24 35.78 -11.91 -19.44
C CYS W 24 36.43 -10.55 -19.17
N ASP W 25 35.67 -9.65 -18.54
CA ASP W 25 36.19 -8.33 -18.18
C ASP W 25 36.78 -8.48 -16.78
N LEU W 26 37.36 -7.42 -16.22
CA LEU W 26 37.98 -7.56 -14.91
C LEU W 26 37.39 -6.68 -13.84
N ARG W 27 36.35 -5.93 -14.20
CA ARG W 27 35.74 -5.04 -13.24
C ARG W 27 34.92 -5.72 -12.14
N LEU W 28 34.93 -5.10 -10.98
CA LEU W 28 34.16 -5.55 -9.83
C LEU W 28 33.78 -4.19 -9.25
N GLY W 29 32.49 -3.88 -9.28
CA GLY W 29 32.09 -2.59 -8.75
C GLY W 29 31.08 -2.73 -7.64
N SER W 30 30.58 -1.61 -7.19
CA SER W 30 29.57 -1.56 -6.17
C SER W 30 28.70 -0.40 -6.64
N GLN W 31 27.78 -0.73 -7.56
CA GLN W 31 26.90 0.25 -8.16
C GLN W 31 27.80 1.09 -9.05
N SER W 32 27.75 2.41 -8.88
CA SER W 32 28.57 3.29 -9.70
C SER W 32 30.07 3.22 -9.40
N LEU W 33 30.43 2.95 -8.14
CA LEU W 33 31.82 2.87 -7.73
C LEU W 33 32.63 1.67 -8.20
N GLY W 34 33.68 1.90 -8.98
CA GLY W 34 34.53 0.81 -9.41
C GLY W 34 35.34 0.44 -8.17
N VAL W 35 35.55 -0.84 -7.91
CA VAL W 35 36.29 -1.23 -6.71
C VAL W 35 37.57 -2.01 -7.01
N SER W 36 37.51 -2.88 -8.01
CA SER W 36 38.66 -3.67 -8.40
C SER W 36 38.71 -3.81 -9.90
N ASN W 37 39.94 -3.89 -10.41
CA ASN W 37 40.19 -4.03 -11.84
C ASN W 37 40.91 -5.34 -12.06
N LYS W 38 40.86 -6.21 -11.06
CA LYS W 38 41.54 -7.49 -11.15
C LYS W 38 40.66 -8.67 -10.79
N PHE W 39 39.35 -8.48 -10.87
CA PHE W 39 38.40 -9.54 -10.55
C PHE W 39 38.16 -10.43 -11.76
N GLU W 40 38.99 -11.46 -11.91
CA GLU W 40 38.84 -12.38 -13.02
C GLU W 40 37.61 -13.26 -12.80
N LYS W 41 36.89 -13.51 -13.88
CA LYS W 41 35.68 -14.30 -13.81
C LYS W 41 35.80 -15.64 -14.50
N ILE W 42 37.03 -16.04 -14.83
CA ILE W 42 37.26 -17.33 -15.48
C ILE W 42 38.08 -18.24 -14.56
N PHE W 43 37.60 -19.46 -14.37
CA PHE W 43 38.31 -20.41 -13.51
C PHE W 43 38.40 -21.70 -14.29
N HIS W 44 39.24 -22.62 -13.82
CA HIS W 44 39.35 -23.89 -14.51
C HIS W 44 39.68 -25.02 -13.56
N TYR W 45 39.14 -26.19 -13.88
CA TYR W 45 39.36 -27.39 -13.09
C TYR W 45 39.81 -28.38 -14.15
N GLY W 46 41.10 -28.72 -14.13
CA GLY W 46 41.65 -29.61 -15.13
C GLY W 46 41.63 -28.83 -16.43
N HIS W 47 41.18 -29.45 -17.50
CA HIS W 47 41.11 -28.77 -18.78
C HIS W 47 39.75 -28.11 -19.00
N VAL W 48 38.90 -28.13 -17.98
CA VAL W 48 37.57 -27.52 -18.11
C VAL W 48 37.54 -26.11 -17.53
N PHE W 49 37.06 -25.16 -18.33
CA PHE W 49 36.98 -23.77 -17.89
C PHE W 49 35.56 -23.33 -17.58
N LEU W 50 35.45 -22.49 -16.56
CA LEU W 50 34.17 -21.98 -16.12
C LEU W 50 34.21 -20.48 -15.84
N GLY W 51 33.37 -19.74 -16.55
CA GLY W 51 33.29 -18.30 -16.31
C GLY W 51 32.00 -18.03 -15.53
N ILE W 52 32.03 -17.10 -14.58
CA ILE W 52 30.84 -16.79 -13.81
C ILE W 52 30.59 -15.30 -13.71
N THR W 53 29.45 -14.82 -14.23
CA THR W 53 29.12 -13.41 -14.09
C THR W 53 28.03 -13.32 -13.03
N GLY W 54 27.78 -12.15 -12.48
CA GLY W 54 26.74 -12.02 -11.46
C GLY W 54 27.18 -11.40 -10.16
N LEU W 55 26.51 -11.77 -9.06
CA LEU W 55 26.84 -11.25 -7.73
C LEU W 55 28.20 -11.85 -7.38
N ALA W 56 29.17 -10.99 -7.12
CA ALA W 56 30.55 -11.41 -6.81
C ALA W 56 30.71 -12.45 -5.72
N THR W 57 30.03 -12.24 -4.59
CA THR W 57 30.13 -13.18 -3.49
C THR W 57 29.75 -14.60 -3.93
N ASP W 58 28.83 -14.70 -4.88
CA ASP W 58 28.38 -15.99 -5.39
C ASP W 58 29.34 -16.55 -6.43
N VAL W 59 29.92 -15.65 -7.24
CA VAL W 59 30.89 -16.08 -8.24
C VAL W 59 32.02 -16.76 -7.46
N THR W 60 32.47 -16.12 -6.39
CA THR W 60 33.52 -16.65 -5.53
C THR W 60 33.09 -17.97 -4.88
N THR W 61 31.94 -17.96 -4.23
CA THR W 61 31.41 -19.16 -3.57
C THR W 61 31.30 -20.34 -4.54
N LEU W 62 30.78 -20.09 -5.74
CA LEU W 62 30.61 -21.17 -6.69
C LEU W 62 31.92 -21.73 -7.17
N ASN W 63 32.90 -20.86 -7.35
CA ASN W 63 34.19 -21.36 -7.80
C ASN W 63 34.77 -22.26 -6.73
N GLU W 64 34.61 -21.86 -5.47
CA GLU W 64 35.11 -22.66 -4.37
C GLU W 64 34.37 -23.99 -4.31
N MET W 65 33.07 -23.96 -4.59
CA MET W 65 32.26 -25.17 -4.57
C MET W 65 32.69 -26.15 -5.67
N PHE W 66 32.86 -25.66 -6.89
CA PHE W 66 33.25 -26.57 -7.98
C PHE W 66 34.68 -27.09 -7.88
N ARG W 67 35.56 -26.34 -7.24
CA ARG W 67 36.93 -26.81 -7.08
C ARG W 67 36.81 -28.00 -6.14
N TYR W 68 36.04 -27.80 -5.07
CA TYR W 68 35.77 -28.82 -4.05
C TYR W 68 35.18 -30.09 -4.68
N LYS W 69 34.16 -29.92 -5.50
CA LYS W 69 33.51 -31.06 -6.14
C LYS W 69 34.37 -31.75 -7.20
N THR W 70 35.02 -30.98 -8.07
CA THR W 70 35.89 -31.58 -9.09
C THR W 70 37.10 -32.28 -8.46
N ASN W 71 37.50 -31.83 -7.27
CA ASN W 71 38.60 -32.48 -6.59
C ASN W 71 38.18 -33.88 -6.17
N LEU W 72 37.09 -33.98 -5.42
CA LEU W 72 36.62 -35.28 -4.97
C LEU W 72 36.28 -36.16 -6.17
N TYR W 73 35.83 -35.54 -7.25
CA TYR W 73 35.47 -36.30 -8.46
C TYR W 73 36.69 -36.99 -9.03
N LYS W 74 37.81 -36.27 -9.05
CA LYS W 74 39.05 -36.80 -9.59
C LYS W 74 39.57 -37.93 -8.72
N LEU W 75 39.47 -37.76 -7.41
CA LEU W 75 39.93 -38.78 -6.47
C LEU W 75 39.16 -40.09 -6.62
N LYS W 76 37.87 -39.99 -6.93
CA LYS W 76 37.04 -41.19 -7.05
C LYS W 76 37.08 -41.77 -8.44
N GLU W 77 36.85 -40.92 -9.43
CA GLU W 77 36.83 -41.35 -10.82
C GLU W 77 38.22 -41.65 -11.36
N GLU W 78 39.23 -41.15 -10.66
CA GLU W 78 40.63 -41.33 -11.06
C GLU W 78 40.88 -40.80 -12.47
N ARG W 79 40.17 -39.72 -12.80
CA ARG W 79 40.34 -39.08 -14.09
C ARG W 79 39.75 -37.68 -13.94
N ALA W 80 40.13 -36.78 -14.83
CA ALA W 80 39.64 -35.41 -14.78
C ALA W 80 38.27 -35.31 -15.41
N ILE W 81 37.40 -34.53 -14.79
CA ILE W 81 36.03 -34.36 -15.29
C ILE W 81 36.05 -33.73 -16.69
N GLU W 82 35.09 -34.14 -17.52
CA GLU W 82 34.96 -33.62 -18.89
C GLU W 82 33.91 -32.49 -19.00
N PRO W 83 34.05 -31.62 -20.02
CA PRO W 83 33.14 -30.50 -20.24
C PRO W 83 31.67 -30.85 -20.09
N GLU W 84 31.23 -31.87 -20.79
CA GLU W 84 29.83 -32.31 -20.75
C GLU W 84 29.37 -32.75 -19.37
N THR W 85 30.18 -33.56 -18.71
CA THR W 85 29.85 -34.05 -17.37
C THR W 85 29.76 -32.87 -16.41
N PHE W 86 30.73 -31.97 -16.50
CA PHE W 86 30.80 -30.82 -15.63
C PHE W 86 29.56 -29.94 -15.78
N THR W 87 29.13 -29.75 -17.02
CA THR W 87 27.96 -28.94 -17.32
C THR W 87 26.80 -29.48 -16.50
N GLN W 88 26.64 -30.79 -16.52
CA GLN W 88 25.59 -31.46 -15.76
C GLN W 88 25.73 -31.16 -14.29
N LEU W 89 26.96 -31.22 -13.78
CA LEU W 89 27.21 -30.96 -12.37
C LEU W 89 26.80 -29.53 -12.00
N VAL W 90 27.13 -28.58 -12.87
CA VAL W 90 26.81 -27.17 -12.63
C VAL W 90 25.29 -27.02 -12.57
N SER W 91 24.61 -27.61 -13.54
CA SER W 91 23.17 -27.53 -13.62
C SER W 91 22.50 -28.11 -12.37
N SER W 92 22.84 -29.34 -12.01
CA SER W 92 22.23 -29.95 -10.84
C SER W 92 22.57 -29.15 -9.57
N SER W 93 23.78 -28.62 -9.50
CA SER W 93 24.18 -27.84 -8.33
C SER W 93 23.36 -26.56 -8.21
N LEU W 94 23.07 -25.92 -9.35
CA LEU W 94 22.29 -24.69 -9.32
C LEU W 94 20.82 -24.94 -8.96
N TYR W 95 20.22 -25.96 -9.60
CA TYR W 95 18.83 -26.28 -9.34
C TYR W 95 18.58 -26.69 -7.89
N GLU W 96 19.61 -27.19 -7.24
CA GLU W 96 19.49 -27.62 -5.86
C GLU W 96 19.08 -26.45 -4.97
N ARG W 97 19.35 -25.24 -5.43
CA ARG W 97 19.03 -24.03 -4.70
C ARG W 97 17.90 -23.32 -5.45
N ARG W 98 17.04 -24.12 -6.07
CA ARG W 98 15.92 -23.59 -6.85
C ARG W 98 15.15 -22.45 -6.23
N PHE W 99 14.90 -22.52 -4.92
CA PHE W 99 14.12 -21.47 -4.29
C PHE W 99 14.94 -20.53 -3.40
N GLY W 100 16.22 -20.45 -3.68
CA GLY W 100 17.14 -19.56 -2.96
C GLY W 100 18.41 -19.63 -3.79
N PRO W 101 18.29 -19.35 -5.09
CA PRO W 101 19.39 -19.40 -6.06
C PRO W 101 20.59 -18.48 -5.86
N TYR W 102 21.68 -18.89 -6.50
CA TYR W 102 22.92 -18.13 -6.52
C TYR W 102 22.61 -17.21 -7.69
N PHE W 103 22.86 -15.91 -7.55
CA PHE W 103 22.57 -15.00 -8.64
C PHE W 103 23.77 -14.93 -9.57
N VAL W 104 23.86 -15.91 -10.46
CA VAL W 104 24.99 -15.99 -11.37
C VAL W 104 24.61 -16.42 -12.78
N GLY W 105 25.56 -16.28 -13.70
CA GLY W 105 25.34 -16.65 -15.08
C GLY W 105 26.55 -17.44 -15.54
N PRO W 106 26.61 -18.74 -15.24
CA PRO W 106 27.74 -19.58 -15.62
C PRO W 106 27.93 -19.84 -17.11
N VAL W 107 29.18 -20.07 -17.49
CA VAL W 107 29.55 -20.38 -18.86
C VAL W 107 30.63 -21.45 -18.80
N VAL W 108 30.44 -22.53 -19.54
CA VAL W 108 31.41 -23.62 -19.57
C VAL W 108 32.05 -23.76 -20.94
N ALA W 109 33.38 -23.92 -20.96
CA ALA W 109 34.13 -24.10 -22.20
C ALA W 109 35.27 -25.11 -22.02
N GLY W 110 35.54 -25.87 -23.08
CA GLY W 110 36.61 -26.85 -23.02
C GLY W 110 36.61 -27.80 -24.21
N ILE W 111 37.63 -28.65 -24.30
CA ILE W 111 37.71 -29.63 -25.38
C ILE W 111 37.61 -31.01 -24.72
N ASN W 112 36.82 -31.90 -25.28
CA ASN W 112 36.71 -33.23 -24.69
C ASN W 112 38.01 -33.99 -24.94
N SER W 113 38.68 -34.38 -23.86
CA SER W 113 39.96 -35.09 -23.96
C SER W 113 39.95 -36.35 -24.82
N LYS W 114 38.83 -37.06 -24.84
CA LYS W 114 38.78 -38.30 -25.60
C LYS W 114 38.33 -38.11 -27.04
N SER W 115 37.41 -37.19 -27.30
CA SER W 115 36.91 -36.96 -28.66
C SER W 115 37.57 -35.77 -29.36
N GLY W 116 38.25 -34.93 -28.60
CA GLY W 116 38.90 -33.77 -29.18
C GLY W 116 37.91 -32.73 -29.68
N LYS W 117 36.63 -32.94 -29.35
CA LYS W 117 35.57 -32.05 -29.78
C LYS W 117 35.39 -30.82 -28.87
N PRO W 118 35.25 -29.63 -29.47
CA PRO W 118 35.07 -28.38 -28.72
C PRO W 118 33.68 -28.34 -28.09
N PHE W 119 33.60 -27.75 -26.91
CA PHE W 119 32.34 -27.68 -26.17
C PHE W 119 32.15 -26.38 -25.36
N ILE W 120 30.95 -25.82 -25.47
CA ILE W 120 30.61 -24.62 -24.71
C ILE W 120 29.16 -24.73 -24.24
N ALA W 121 28.84 -24.11 -23.12
CA ALA W 121 27.48 -24.13 -22.59
C ALA W 121 27.23 -22.98 -21.63
N GLY W 122 25.97 -22.56 -21.56
CA GLY W 122 25.57 -21.49 -20.67
C GLY W 122 24.41 -21.97 -19.80
N PHE W 123 24.18 -21.30 -18.67
CA PHE W 123 23.10 -21.68 -17.76
C PHE W 123 22.41 -20.44 -17.21
N ASP W 124 21.16 -20.60 -16.77
CA ASP W 124 20.45 -19.48 -16.15
C ASP W 124 20.71 -19.70 -14.64
N LEU W 125 20.27 -18.80 -13.77
CA LEU W 125 20.58 -18.95 -12.36
C LEU W 125 20.08 -20.21 -11.65
N ILE W 126 19.13 -20.93 -12.25
CA ILE W 126 18.64 -22.14 -11.60
C ILE W 126 19.02 -23.42 -12.32
N GLY W 127 19.99 -23.32 -13.22
CA GLY W 127 20.46 -24.52 -13.90
C GLY W 127 20.04 -24.84 -15.32
N CYS W 128 19.11 -24.10 -15.91
CA CYS W 128 18.73 -24.41 -17.27
C CYS W 128 19.96 -24.34 -18.20
N ILE W 129 20.26 -25.45 -18.87
CA ILE W 129 21.40 -25.53 -19.76
C ILE W 129 21.12 -25.10 -21.19
N ASP W 130 21.92 -24.16 -21.68
CA ASP W 130 21.82 -23.69 -23.05
C ASP W 130 23.08 -24.21 -23.72
N GLU W 131 22.94 -25.10 -24.69
CA GLU W 131 24.13 -25.64 -25.33
C GLU W 131 24.29 -25.28 -26.79
N ALA W 132 24.76 -24.06 -27.04
CA ALA W 132 24.95 -23.60 -28.41
C ALA W 132 26.23 -24.19 -28.98
N LYS W 133 26.34 -24.14 -30.30
CA LYS W 133 27.51 -24.65 -31.00
C LYS W 133 28.43 -23.49 -31.37
N ASP W 134 27.87 -22.28 -31.44
CA ASP W 134 28.67 -21.12 -31.79
C ASP W 134 29.21 -20.31 -30.62
N PHE W 135 28.33 -19.66 -29.87
CA PHE W 135 28.77 -18.82 -28.76
C PHE W 135 27.74 -18.73 -27.63
N ILE W 136 28.24 -18.38 -26.44
CA ILE W 136 27.42 -18.21 -25.24
C ILE W 136 27.86 -16.89 -24.60
N VAL W 137 26.90 -16.07 -24.21
CA VAL W 137 27.18 -14.78 -23.57
C VAL W 137 26.53 -14.74 -22.21
N SER W 138 27.04 -13.87 -21.35
CA SER W 138 26.53 -13.75 -20.00
C SER W 138 27.02 -12.47 -19.38
N GLY W 139 26.24 -11.88 -18.49
CA GLY W 139 26.66 -10.65 -17.84
C GLY W 139 25.74 -9.47 -18.05
N THR W 140 26.15 -8.33 -17.49
CA THR W 140 25.37 -7.09 -17.57
C THR W 140 25.36 -6.44 -18.95
N ALA W 141 26.13 -6.99 -19.88
CA ALA W 141 26.17 -6.43 -21.23
C ALA W 141 25.92 -7.56 -22.21
N SER W 142 25.11 -8.53 -21.77
CA SER W 142 24.80 -9.68 -22.60
C SER W 142 24.06 -9.31 -23.87
N ASP W 143 23.22 -8.27 -23.82
CA ASP W 143 22.50 -7.83 -25.01
C ASP W 143 23.52 -7.37 -26.04
N GLN W 144 24.43 -6.51 -25.59
CA GLN W 144 25.47 -6.01 -26.45
C GLN W 144 26.29 -7.19 -27.02
N LEU W 145 26.65 -8.15 -26.17
CA LEU W 145 27.41 -9.31 -26.61
C LEU W 145 26.66 -10.11 -27.68
N PHE W 146 25.36 -10.27 -27.50
CA PHE W 146 24.55 -11.01 -28.48
C PHE W 146 24.64 -10.30 -29.81
N GLY W 147 24.55 -8.97 -29.77
CA GLY W 147 24.66 -8.20 -30.98
C GLY W 147 26.01 -8.41 -31.64
N MET W 148 27.08 -8.25 -30.88
CA MET W 148 28.43 -8.43 -31.42
C MET W 148 28.58 -9.83 -32.01
N CYS W 149 28.39 -10.85 -31.18
CA CYS W 149 28.52 -12.23 -31.62
C CYS W 149 27.69 -12.57 -32.84
N GLU W 150 26.40 -12.28 -32.79
CA GLU W 150 25.53 -12.59 -33.90
C GLU W 150 26.04 -12.08 -35.25
N SER W 151 26.86 -11.04 -35.24
CA SER W 151 27.41 -10.49 -36.47
C SER W 151 28.86 -10.92 -36.75
N LEU W 152 29.73 -10.61 -35.79
CA LEU W 152 31.14 -10.94 -35.93
C LEU W 152 31.44 -12.42 -36.13
N TYR W 153 30.63 -13.28 -35.53
CA TYR W 153 30.87 -14.71 -35.59
C TYR W 153 30.72 -15.42 -36.94
N GLU W 154 31.53 -16.46 -37.10
CA GLU W 154 31.50 -17.34 -38.27
C GLU W 154 32.19 -18.65 -37.84
N PRO W 155 31.77 -19.80 -38.41
CA PRO W 155 32.30 -21.13 -38.11
C PRO W 155 33.78 -21.38 -38.38
N ASN W 156 34.26 -22.48 -37.82
CA ASN W 156 35.64 -22.96 -37.95
C ASN W 156 36.79 -21.95 -38.03
N LEU W 157 36.74 -20.91 -37.22
CA LEU W 157 37.84 -19.95 -37.22
C LEU W 157 39.05 -20.63 -36.60
N GLU W 158 40.24 -20.25 -37.05
CA GLU W 158 41.46 -20.82 -36.52
C GLU W 158 41.73 -20.12 -35.20
N PRO W 159 42.50 -20.76 -34.30
CA PRO W 159 42.81 -20.17 -33.00
C PRO W 159 43.15 -18.68 -33.10
N GLU W 160 44.11 -18.35 -33.96
CA GLU W 160 44.57 -16.98 -34.15
C GLU W 160 43.48 -16.01 -34.61
N ASP W 161 42.53 -16.54 -35.37
CA ASP W 161 41.42 -15.74 -35.87
C ASP W 161 40.32 -15.63 -34.83
N LEU W 162 40.00 -16.76 -34.20
CA LEU W 162 38.97 -16.78 -33.17
C LEU W 162 39.32 -15.74 -32.11
N PHE W 163 40.61 -15.63 -31.80
CA PHE W 163 41.05 -14.68 -30.80
C PHE W 163 40.63 -13.25 -31.15
N GLU W 164 40.86 -12.83 -32.39
CA GLU W 164 40.50 -11.48 -32.83
C GLU W 164 39.00 -11.25 -32.67
N THR W 165 38.21 -12.26 -33.04
CA THR W 165 36.75 -12.20 -32.95
C THR W 165 36.25 -12.10 -31.53
N ILE W 166 36.54 -13.11 -30.73
CA ILE W 166 36.12 -13.14 -29.33
C ILE W 166 36.51 -11.83 -28.63
N SER W 167 37.71 -11.33 -28.92
CA SER W 167 38.20 -10.09 -28.29
C SER W 167 37.41 -8.85 -28.68
N GLN W 168 37.19 -8.68 -29.97
CA GLN W 168 36.45 -7.53 -30.47
C GLN W 168 35.00 -7.59 -30.00
N ALA W 169 34.50 -8.80 -29.79
CA ALA W 169 33.14 -8.99 -29.31
C ALA W 169 33.05 -8.52 -27.85
N LEU W 170 33.99 -8.95 -27.02
CA LEU W 170 34.02 -8.56 -25.62
C LEU W 170 34.26 -7.06 -25.45
N LEU W 171 35.31 -6.56 -26.06
CA LEU W 171 35.70 -5.15 -25.99
C LEU W 171 34.62 -4.14 -26.35
N ASN W 172 33.96 -4.35 -27.49
CA ASN W 172 32.95 -3.41 -27.93
C ASN W 172 31.64 -3.48 -27.19
N ALA W 173 31.38 -4.63 -26.60
CA ALA W 173 30.16 -4.81 -25.81
C ALA W 173 30.40 -4.14 -24.47
N ALA W 174 31.56 -4.40 -23.88
CA ALA W 174 31.91 -3.83 -22.59
C ALA W 174 31.91 -2.31 -22.61
N ASP W 175 32.29 -1.74 -23.75
CA ASP W 175 32.37 -0.29 -23.88
C ASP W 175 31.02 0.38 -24.00
N ARG W 176 29.95 -0.41 -24.02
CA ARG W 176 28.59 0.11 -24.09
C ARG W 176 27.85 -0.21 -22.78
N ASP W 177 28.56 -0.83 -21.84
CA ASP W 177 28.01 -1.19 -20.56
C ASP W 177 28.73 -0.39 -19.47
N ALA W 178 27.95 0.32 -18.67
CA ALA W 178 28.49 1.14 -17.59
C ALA W 178 29.09 0.30 -16.49
N LEU W 179 28.66 -0.95 -16.38
CA LEU W 179 29.16 -1.80 -15.31
C LEU W 179 30.24 -2.79 -15.71
N SER W 180 30.66 -2.76 -16.97
CA SER W 180 31.71 -3.65 -17.46
C SER W 180 32.96 -2.91 -17.94
N GLY W 181 34.04 -3.66 -18.15
CA GLY W 181 35.28 -3.07 -18.61
C GLY W 181 36.41 -3.15 -17.60
N TRP W 182 37.22 -2.10 -17.53
CA TRP W 182 38.36 -2.04 -16.62
C TRP W 182 39.38 -3.16 -16.83
N GLY W 183 39.53 -3.59 -18.09
CA GLY W 183 40.48 -4.66 -18.37
C GLY W 183 39.75 -5.93 -18.77
N ALA W 184 40.40 -6.75 -19.56
CA ALA W 184 39.80 -7.98 -20.02
C ALA W 184 40.87 -9.05 -20.24
N VAL W 185 40.49 -10.31 -20.12
CA VAL W 185 41.41 -11.43 -20.33
C VAL W 185 40.74 -12.46 -21.22
N VAL W 186 41.49 -12.98 -22.19
CA VAL W 186 40.96 -13.95 -23.12
C VAL W 186 41.74 -15.25 -23.07
N TYR W 187 41.02 -16.37 -23.12
CA TYR W 187 41.63 -17.69 -23.11
C TYR W 187 41.37 -18.36 -24.42
N ILE W 188 42.44 -18.83 -25.07
CA ILE W 188 42.31 -19.57 -26.33
C ILE W 188 42.70 -20.98 -25.94
N ILE W 189 41.78 -21.94 -26.15
CA ILE W 189 42.01 -23.31 -25.74
C ILE W 189 42.09 -24.34 -26.87
N LYS W 190 43.11 -25.20 -26.80
CA LYS W 190 43.34 -26.26 -27.77
C LYS W 190 43.65 -27.55 -26.99
N LYS W 191 43.47 -28.69 -27.64
CA LYS W 191 43.73 -29.99 -27.01
C LYS W 191 45.01 -30.00 -26.18
N ASP W 192 46.07 -29.53 -26.82
CA ASP W 192 47.42 -29.50 -26.26
C ASP W 192 47.79 -28.31 -25.38
N GLU W 193 47.37 -27.11 -25.78
CA GLU W 193 47.74 -25.93 -25.01
C GLU W 193 46.65 -24.89 -24.78
N VAL W 194 46.95 -23.99 -23.86
CA VAL W 194 46.05 -22.91 -23.49
C VAL W 194 46.87 -21.62 -23.31
N VAL W 195 46.47 -20.59 -24.05
CA VAL W 195 47.14 -19.29 -23.97
C VAL W 195 46.18 -18.29 -23.35
N LYS W 196 46.70 -17.46 -22.46
CA LYS W 196 45.91 -16.45 -21.79
C LYS W 196 46.47 -15.07 -22.08
N ARG W 197 45.68 -14.20 -22.68
CA ARG W 197 46.13 -12.85 -23.00
C ARG W 197 45.27 -11.77 -22.36
N TYR W 198 45.90 -10.73 -21.86
CA TYR W 198 45.17 -9.60 -21.29
C TYR W 198 45.04 -8.60 -22.41
N LEU W 199 43.91 -7.91 -22.49
CA LEU W 199 43.70 -6.93 -23.53
C LEU W 199 43.89 -5.51 -23.01
N LYS W 200 44.10 -4.58 -23.94
CA LYS W 200 44.26 -3.17 -23.59
C LYS W 200 42.95 -2.49 -23.96
N MET W 201 42.35 -1.79 -23.00
CA MET W 201 41.08 -1.12 -23.27
C MET W 201 40.89 0.12 -22.41
N ARG W 202 39.83 0.87 -22.71
CA ARG W 202 39.52 2.09 -21.97
C ARG W 202 39.44 1.73 -20.51
N GLN W 203 39.66 2.70 -19.63
CA GLN W 203 39.57 2.44 -18.21
C GLN W 203 38.57 3.38 -17.56
N ASP W 204 37.45 3.61 -18.24
CA ASP W 204 36.41 4.48 -17.71
C ASP W 204 35.02 3.82 -17.74
N MET X 1 27.71 6.61 7.01
CA MET X 1 28.46 5.53 7.71
C MET X 1 29.75 6.08 8.33
N ASP X 2 30.49 5.22 9.03
CA ASP X 2 31.75 5.57 9.68
C ASP X 2 32.86 5.52 8.63
N ILE X 3 34.04 6.07 8.95
CA ILE X 3 35.15 6.04 8.00
C ILE X 3 35.98 4.80 8.26
N ILE X 4 36.30 4.09 7.20
CA ILE X 4 37.11 2.89 7.28
C ILE X 4 38.02 2.93 6.07
N LEU X 5 39.29 3.26 6.32
CA LEU X 5 40.30 3.36 5.25
C LEU X 5 41.45 2.43 5.48
N GLY X 6 42.07 2.02 4.38
CA GLY X 6 43.20 1.13 4.48
C GLY X 6 44.14 1.38 3.33
N ILE X 7 45.43 1.46 3.64
CA ILE X 7 46.44 1.67 2.62
C ILE X 7 47.58 0.69 2.83
N ARG X 8 47.96 0.01 1.75
CA ARG X 8 49.06 -0.95 1.79
C ARG X 8 50.32 -0.35 1.13
N VAL X 9 51.32 -0.05 1.95
CA VAL X 9 52.56 0.51 1.43
C VAL X 9 53.63 -0.56 1.24
N GLN X 10 54.88 -0.13 1.11
CA GLN X 10 56.00 -1.06 0.90
C GLN X 10 56.14 -2.19 1.91
N ASP X 11 56.18 -1.84 3.19
CA ASP X 11 56.38 -2.87 4.19
C ASP X 11 55.35 -2.91 5.29
N SER X 12 54.19 -2.31 5.06
CA SER X 12 53.15 -2.34 6.09
C SER X 12 51.79 -1.95 5.56
N VAL X 13 50.79 -2.14 6.41
CA VAL X 13 49.42 -1.80 6.07
C VAL X 13 48.95 -0.82 7.13
N ILE X 14 48.31 0.26 6.68
CA ILE X 14 47.81 1.26 7.60
C ILE X 14 46.28 1.24 7.59
N LEU X 15 45.67 1.33 8.77
CA LEU X 15 44.21 1.36 8.86
C LEU X 15 43.77 2.58 9.66
N ALA X 16 42.90 3.39 9.03
CA ALA X 16 42.38 4.61 9.67
C ALA X 16 40.87 4.40 9.82
N SER X 17 40.37 4.63 11.03
CA SER X 17 38.94 4.45 11.32
C SER X 17 38.40 5.56 12.21
N SER X 18 37.29 6.17 11.80
CA SER X 18 36.69 7.27 12.56
C SER X 18 36.39 6.90 14.01
N LYS X 19 36.38 7.90 14.88
CA LYS X 19 36.18 7.68 16.31
C LYS X 19 34.79 7.98 16.82
N ALA X 20 33.97 8.59 15.98
CA ALA X 20 32.62 8.94 16.40
C ALA X 20 31.67 7.76 16.44
N VAL X 21 30.77 7.79 17.41
CA VAL X 21 29.72 6.80 17.56
C VAL X 21 28.49 7.64 17.83
N THR X 22 27.65 7.76 16.81
CA THR X 22 26.43 8.56 16.87
C THR X 22 25.18 7.73 16.99
N ARG X 23 24.26 8.16 17.84
CA ARG X 23 23.00 7.46 18.02
C ARG X 23 21.86 8.45 17.94
N GLY X 24 21.31 8.56 16.74
CA GLY X 24 20.20 9.47 16.50
C GLY X 24 20.63 10.92 16.45
N ILE X 25 20.25 11.64 17.49
CA ILE X 25 20.55 13.07 17.58
C ILE X 25 21.89 13.41 18.24
N SER X 26 22.39 12.53 19.10
CA SER X 26 23.64 12.79 19.80
C SER X 26 24.85 11.93 19.43
N VAL X 27 26.04 12.50 19.61
CA VAL X 27 27.30 11.80 19.35
C VAL X 27 27.72 11.27 20.73
N LEU X 28 27.38 10.02 21.00
CA LEU X 28 27.67 9.37 22.28
C LEU X 28 29.14 9.21 22.66
N LYS X 29 29.98 9.02 21.67
CA LYS X 29 31.40 8.84 21.93
C LYS X 29 32.22 9.39 20.76
N ASP X 30 33.42 9.86 21.07
CA ASP X 30 34.30 10.41 20.04
C ASP X 30 35.69 9.80 20.15
N SER X 31 35.76 8.66 20.82
CA SER X 31 37.01 7.95 21.03
C SER X 31 36.82 6.46 20.85
N ASP X 32 36.04 6.08 19.84
CA ASP X 32 35.76 4.69 19.59
C ASP X 32 36.79 4.03 18.66
N ASP X 33 37.26 2.86 19.06
CA ASP X 33 38.23 2.12 18.27
C ASP X 33 37.52 0.99 17.53
N LYS X 34 37.21 1.23 16.26
CA LYS X 34 36.49 0.26 15.43
C LYS X 34 37.43 -0.79 14.85
N THR X 35 38.22 -1.40 15.72
CA THR X 35 39.18 -2.39 15.28
C THR X 35 39.40 -3.49 16.32
N ARG X 36 39.80 -4.66 15.86
CA ARG X 36 40.13 -5.79 16.73
C ARG X 36 41.36 -6.46 16.15
N GLN X 37 42.24 -6.92 17.03
CA GLN X 37 43.44 -7.61 16.59
C GLN X 37 43.15 -9.10 16.55
N LEU X 38 43.22 -9.69 15.37
CA LEU X 38 42.93 -11.11 15.22
C LEU X 38 44.12 -11.98 15.64
N SER X 39 45.32 -11.53 15.32
CA SER X 39 46.54 -12.24 15.69
C SER X 39 47.62 -11.18 15.73
N PRO X 40 48.79 -11.50 16.31
CA PRO X 40 49.87 -10.52 16.37
C PRO X 40 50.18 -9.74 15.09
N HIS X 41 49.94 -10.35 13.93
CA HIS X 41 50.22 -9.66 12.68
C HIS X 41 49.01 -9.44 11.78
N THR X 42 47.81 -9.52 12.35
CA THR X 42 46.59 -9.29 11.56
C THR X 42 45.59 -8.42 12.29
N LEU X 43 45.18 -7.34 11.63
CA LEU X 43 44.22 -6.40 12.20
C LEU X 43 42.98 -6.28 11.32
N MET X 44 41.82 -6.09 11.95
CA MET X 44 40.58 -5.96 11.22
C MET X 44 39.77 -4.77 11.71
N SER X 45 39.39 -3.91 10.78
CA SER X 45 38.58 -2.72 11.07
C SER X 45 37.18 -3.07 10.57
N PHE X 46 36.15 -2.44 11.12
CA PHE X 46 34.79 -2.76 10.71
C PHE X 46 33.80 -1.62 10.87
N ALA X 47 32.74 -1.66 10.07
CA ALA X 47 31.69 -0.65 10.11
C ALA X 47 30.36 -1.26 9.67
N GLY X 48 29.25 -0.73 10.19
CA GLY X 48 27.95 -1.25 9.81
C GLY X 48 26.89 -1.15 10.88
N GLU X 49 25.94 -2.08 10.85
CA GLU X 49 24.83 -2.13 11.80
C GLU X 49 25.27 -2.09 13.26
N ALA X 50 24.60 -1.26 14.05
CA ALA X 50 24.86 -1.05 15.48
C ALA X 50 25.45 -2.16 16.34
N GLY X 51 24.68 -3.19 16.66
CA GLY X 51 25.24 -4.22 17.52
C GLY X 51 26.06 -5.29 16.83
N ASP X 52 25.68 -5.63 15.60
CA ASP X 52 26.34 -6.67 14.82
C ASP X 52 27.80 -6.41 14.58
N THR X 53 28.12 -5.14 14.47
CA THR X 53 29.47 -4.71 14.20
C THR X 53 30.52 -5.29 15.19
N VAL X 54 30.38 -5.01 16.47
CA VAL X 54 31.32 -5.51 17.45
C VAL X 54 31.12 -7.01 17.68
N GLN X 55 29.87 -7.46 17.71
CA GLN X 55 29.57 -8.87 17.92
C GLN X 55 30.29 -9.73 16.93
N PHE X 56 30.25 -9.31 15.66
CA PHE X 56 30.91 -10.07 14.61
C PHE X 56 32.42 -10.04 14.76
N ALA X 57 32.98 -8.86 14.96
CA ALA X 57 34.42 -8.71 15.11
C ALA X 57 34.96 -9.57 16.26
N GLU X 58 34.33 -9.49 17.43
CA GLU X 58 34.77 -10.28 18.58
C GLU X 58 34.60 -11.77 18.33
N TYR X 59 33.58 -12.14 17.56
CA TYR X 59 33.36 -13.53 17.24
C TYR X 59 34.52 -14.03 16.36
N ILE X 60 34.89 -13.24 15.36
CA ILE X 60 36.00 -13.62 14.47
C ILE X 60 37.30 -13.69 15.29
N GLN X 61 37.49 -12.72 16.17
CA GLN X 61 38.69 -12.70 16.98
C GLN X 61 38.82 -13.99 17.79
N ALA X 62 37.78 -14.32 18.53
CA ALA X 62 37.80 -15.53 19.34
C ALA X 62 38.20 -16.74 18.50
N ASN X 63 37.61 -16.89 17.32
CA ASN X 63 37.96 -18.03 16.46
C ASN X 63 39.42 -18.06 16.00
N ILE X 64 39.97 -16.92 15.58
CA ILE X 64 41.36 -16.93 15.17
C ILE X 64 42.27 -17.26 16.36
N GLN X 65 41.95 -16.73 17.54
CA GLN X 65 42.75 -17.01 18.72
C GLN X 65 42.71 -18.51 19.05
N LEU X 66 41.52 -19.12 18.97
CA LEU X 66 41.39 -20.54 19.24
C LEU X 66 42.23 -21.33 18.25
N TYR X 67 42.30 -20.88 17.01
CA TYR X 67 43.09 -21.59 16.01
C TYR X 67 44.57 -21.49 16.37
N SER X 68 45.00 -20.30 16.75
CA SER X 68 46.38 -20.06 17.13
C SER X 68 46.82 -21.00 18.24
N ILE X 69 46.00 -21.14 19.28
CA ILE X 69 46.35 -22.02 20.38
C ILE X 69 46.31 -23.50 20.04
N ARG X 70 45.36 -23.92 19.23
CA ARG X 70 45.28 -25.32 18.88
C ARG X 70 46.48 -25.73 18.04
N GLU X 71 46.86 -24.89 17.10
CA GLU X 71 47.95 -25.20 16.18
C GLU X 71 49.30 -24.56 16.54
N ASP X 72 49.30 -23.71 17.56
CA ASP X 72 50.52 -23.01 17.94
C ASP X 72 51.13 -22.46 16.66
N TYR X 73 50.32 -21.73 15.90
CA TYR X 73 50.76 -21.16 14.63
C TYR X 73 49.83 -20.00 14.31
N GLU X 74 50.29 -19.06 13.49
CA GLU X 74 49.50 -17.91 13.10
C GLU X 74 49.10 -18.01 11.63
N LEU X 75 47.79 -18.12 11.36
CA LEU X 75 47.29 -18.24 10.00
C LEU X 75 47.71 -17.07 9.13
N SER X 76 47.94 -17.34 7.86
CA SER X 76 48.33 -16.26 6.97
C SER X 76 47.18 -15.27 6.82
N PRO X 77 47.48 -14.02 6.46
CA PRO X 77 46.41 -13.04 6.29
C PRO X 77 45.42 -13.52 5.24
N GLN X 78 45.92 -14.18 4.22
CA GLN X 78 45.06 -14.70 3.17
C GLN X 78 44.10 -15.75 3.75
N ALA X 79 44.63 -16.62 4.60
CA ALA X 79 43.82 -17.65 5.20
C ALA X 79 42.77 -17.00 6.11
N VAL X 80 43.20 -16.04 6.91
CA VAL X 80 42.28 -15.37 7.82
C VAL X 80 41.17 -14.65 7.06
N SER X 81 41.50 -14.01 5.95
CA SER X 81 40.48 -13.29 5.20
C SER X 81 39.50 -14.25 4.51
N SER X 82 39.97 -15.42 4.11
CA SER X 82 39.08 -16.39 3.47
C SER X 82 38.10 -16.93 4.51
N PHE X 83 38.60 -17.16 5.72
CA PHE X 83 37.75 -17.64 6.79
C PHE X 83 36.66 -16.62 7.05
N VAL X 84 37.05 -15.35 7.12
CA VAL X 84 36.09 -14.29 7.37
C VAL X 84 35.12 -14.11 6.21
N ARG X 85 35.59 -14.25 4.98
CA ARG X 85 34.66 -14.11 3.84
C ARG X 85 33.57 -15.18 3.94
N GLN X 86 33.99 -16.43 4.13
CA GLN X 86 33.05 -17.52 4.25
C GLN X 86 32.01 -17.26 5.35
N GLU X 87 32.46 -16.74 6.49
CA GLU X 87 31.53 -16.46 7.57
C GLU X 87 30.42 -15.50 7.09
N LEU X 88 30.82 -14.42 6.41
CA LEU X 88 29.85 -13.44 5.93
C LEU X 88 28.95 -14.01 4.84
N ALA X 89 29.49 -14.85 3.96
CA ALA X 89 28.67 -15.44 2.91
C ALA X 89 27.60 -16.35 3.49
N LYS X 90 27.84 -16.91 4.67
CA LYS X 90 26.85 -17.78 5.32
C LYS X 90 25.78 -16.83 5.85
N SER X 91 26.24 -15.83 6.57
CA SER X 91 25.40 -14.82 7.17
C SER X 91 24.41 -14.18 6.20
N ILE X 92 24.86 -13.90 4.99
CA ILE X 92 24.02 -13.25 4.00
C ILE X 92 22.73 -14.01 3.67
N ARG X 93 22.78 -15.34 3.74
CA ARG X 93 21.59 -16.13 3.43
C ARG X 93 20.91 -16.71 4.66
N SER X 94 21.23 -16.18 5.84
CA SER X 94 20.66 -16.66 7.09
C SER X 94 19.43 -15.83 7.50
N ARG X 95 18.84 -16.18 8.63
CA ARG X 95 17.65 -15.51 9.14
C ARG X 95 17.86 -14.01 9.32
N ARG X 96 18.88 -13.63 10.07
CA ARG X 96 19.19 -12.21 10.27
C ARG X 96 20.68 -11.99 10.03
N PRO X 97 21.07 -11.65 8.80
CA PRO X 97 22.46 -11.41 8.43
C PRO X 97 23.19 -10.31 9.23
N TYR X 98 24.51 -10.49 9.33
CA TYR X 98 25.39 -9.53 9.99
C TYR X 98 25.58 -8.42 8.97
N GLN X 99 25.21 -7.20 9.33
CA GLN X 99 25.43 -6.10 8.40
C GLN X 99 26.73 -5.43 8.81
N VAL X 100 27.84 -6.08 8.47
CA VAL X 100 29.17 -5.58 8.81
C VAL X 100 30.14 -5.63 7.63
N ASN X 101 30.88 -4.54 7.45
CA ASN X 101 31.89 -4.45 6.39
C ASN X 101 33.25 -4.40 7.07
N VAL X 102 34.24 -5.03 6.46
CA VAL X 102 35.54 -5.05 7.10
C VAL X 102 36.76 -4.85 6.18
N LEU X 103 37.84 -4.42 6.81
CA LEU X 103 39.12 -4.26 6.14
C LEU X 103 40.02 -5.15 6.97
N ILE X 104 40.77 -6.02 6.33
CA ILE X 104 41.69 -6.86 7.08
C ILE X 104 43.09 -6.56 6.60
N GLY X 105 43.90 -6.05 7.52
CA GLY X 105 45.28 -5.71 7.22
C GLY X 105 46.21 -6.62 7.99
N GLY X 106 47.14 -7.23 7.27
CA GLY X 106 48.08 -8.12 7.94
C GLY X 106 49.42 -8.19 7.25
N TYR X 107 50.44 -8.56 8.02
CA TYR X 107 51.77 -8.72 7.48
C TYR X 107 52.05 -10.22 7.43
N ASP X 108 52.24 -10.73 6.23
CA ASP X 108 52.51 -12.13 6.03
C ASP X 108 53.99 -12.41 6.33
N LYS X 109 54.27 -12.98 7.50
CA LYS X 109 55.64 -13.28 7.89
C LYS X 109 56.36 -14.29 7.01
N LYS X 110 55.60 -15.14 6.31
CA LYS X 110 56.21 -16.13 5.44
C LYS X 110 56.60 -15.52 4.10
N LYS X 111 55.75 -14.66 3.54
CA LYS X 111 56.03 -14.01 2.26
C LYS X 111 56.81 -12.72 2.47
N ASN X 112 56.75 -12.22 3.70
CA ASN X 112 57.38 -10.96 4.07
C ASN X 112 56.86 -9.82 3.21
N LYS X 113 55.53 -9.66 3.23
CA LYS X 113 54.85 -8.63 2.47
C LYS X 113 53.56 -8.26 3.18
N PRO X 114 53.16 -6.98 3.11
CA PRO X 114 51.91 -6.57 3.79
C PRO X 114 50.72 -6.88 2.87
N GLU X 115 49.56 -7.08 3.46
CA GLU X 115 48.38 -7.38 2.64
C GLU X 115 47.12 -6.71 3.20
N LEU X 116 46.31 -6.17 2.29
CA LEU X 116 45.07 -5.49 2.64
C LEU X 116 43.89 -6.16 1.93
N TYR X 117 42.89 -6.52 2.71
CA TYR X 117 41.70 -7.17 2.18
C TYR X 117 40.44 -6.41 2.50
N GLN X 118 39.59 -6.25 1.49
CA GLN X 118 38.32 -5.56 1.66
C GLN X 118 37.21 -6.60 1.50
N ILE X 119 36.31 -6.67 2.48
CA ILE X 119 35.19 -7.62 2.42
C ILE X 119 33.89 -6.96 2.90
N ASP X 120 32.85 -6.98 2.06
CA ASP X 120 31.58 -6.38 2.46
C ASP X 120 30.70 -7.44 3.12
N TYR X 121 29.58 -7.01 3.69
CA TYR X 121 28.69 -7.94 4.39
C TYR X 121 28.09 -9.04 3.53
N LEU X 122 28.18 -8.93 2.21
CA LEU X 122 27.66 -9.97 1.33
C LEU X 122 28.67 -11.10 1.19
N GLY X 123 29.89 -10.85 1.67
CA GLY X 123 30.93 -11.85 1.54
C GLY X 123 31.75 -11.62 0.28
N THR X 124 31.76 -10.36 -0.18
CA THR X 124 32.52 -9.98 -1.38
C THR X 124 33.92 -9.58 -0.93
N LYS X 125 34.92 -10.35 -1.36
CA LYS X 125 36.31 -10.07 -0.99
C LYS X 125 37.17 -9.73 -2.19
N VAL X 126 38.14 -8.85 -1.96
CA VAL X 126 39.06 -8.43 -3.00
C VAL X 126 40.33 -7.94 -2.30
N GLU X 127 41.48 -8.08 -2.96
CA GLU X 127 42.74 -7.61 -2.37
C GLU X 127 43.09 -6.28 -3.05
N LEU X 128 43.54 -5.30 -2.27
CA LEU X 128 43.85 -4.00 -2.85
C LEU X 128 45.05 -3.27 -2.25
N PRO X 129 45.56 -2.27 -3.00
CA PRO X 129 46.70 -1.45 -2.57
C PRO X 129 46.13 -0.55 -1.48
N TYR X 130 44.85 -0.21 -1.66
CA TYR X 130 44.10 0.62 -0.71
C TYR X 130 42.62 0.42 -0.97
N GLY X 131 41.83 0.58 0.10
CA GLY X 131 40.40 0.40 -0.04
C GLY X 131 39.64 1.11 1.07
N ALA X 132 38.32 1.11 0.95
CA ALA X 132 37.45 1.75 1.94
C ALA X 132 36.07 1.09 1.94
N HIS X 133 35.20 1.59 2.82
CA HIS X 133 33.84 1.08 2.90
C HIS X 133 32.90 2.27 3.02
N GLY X 134 31.73 2.14 2.41
CA GLY X 134 30.76 3.22 2.50
C GLY X 134 31.08 4.32 1.52
N TYR X 135 30.92 5.57 1.98
CA TYR X 135 31.17 6.72 1.14
C TYR X 135 32.62 7.15 1.09
N SER X 136 33.40 6.71 2.07
CA SER X 136 34.81 7.06 2.13
C SER X 136 35.52 6.94 0.78
N GLY X 137 35.31 5.82 0.10
CA GLY X 137 35.96 5.64 -1.19
C GLY X 137 35.64 6.74 -2.19
N PHE X 138 34.40 7.22 -2.15
CA PHE X 138 33.94 8.27 -3.05
C PHE X 138 34.75 9.56 -2.99
N TYR X 139 35.32 9.86 -1.83
CA TYR X 139 36.10 11.09 -1.65
C TYR X 139 37.60 10.87 -1.75
N THR X 140 38.05 9.73 -1.26
CA THR X 140 39.47 9.42 -1.22
C THR X 140 40.09 8.64 -2.38
N PHE X 141 39.32 7.85 -3.10
CA PHE X 141 39.90 7.08 -4.19
C PHE X 141 40.53 7.87 -5.31
N SER X 142 40.10 9.11 -5.52
CA SER X 142 40.71 9.88 -6.61
C SER X 142 42.06 10.36 -6.13
N LEU X 143 42.20 10.60 -4.84
CA LEU X 143 43.48 11.05 -4.29
C LEU X 143 44.49 9.90 -4.31
N LEU X 144 44.06 8.73 -3.83
CA LEU X 144 44.93 7.56 -3.80
C LEU X 144 45.30 7.13 -5.22
N ASP X 145 44.33 7.12 -6.13
CA ASP X 145 44.60 6.75 -7.51
C ASP X 145 45.73 7.60 -8.05
N HIS X 146 45.82 8.83 -7.53
CA HIS X 146 46.82 9.79 -7.98
C HIS X 146 48.19 9.63 -7.33
N HIS X 147 48.24 9.84 -6.01
CA HIS X 147 49.47 9.78 -5.25
C HIS X 147 50.00 8.41 -4.81
N TYR X 148 49.26 7.34 -5.03
CA TYR X 148 49.74 6.04 -4.56
C TYR X 148 50.90 5.45 -5.34
N ARG X 149 51.87 4.93 -4.60
CA ARG X 149 53.05 4.27 -5.16
C ARG X 149 53.36 3.02 -4.32
N PRO X 150 53.58 1.87 -4.97
CA PRO X 150 53.88 0.58 -4.31
C PRO X 150 55.07 0.59 -3.36
N ASP X 151 56.01 1.50 -3.59
CA ASP X 151 57.20 1.58 -2.76
C ASP X 151 57.16 2.63 -1.66
N MET X 152 56.00 3.23 -1.44
CA MET X 152 55.87 4.24 -0.39
C MET X 152 56.32 3.72 0.97
N THR X 153 56.82 4.62 1.78
CA THR X 153 57.26 4.23 3.11
C THR X 153 56.09 4.43 4.04
N THR X 154 56.15 3.81 5.21
CA THR X 154 55.08 3.95 6.17
C THR X 154 54.87 5.43 6.40
N GLU X 155 55.93 6.21 6.28
CA GLU X 155 55.82 7.65 6.49
C GLU X 155 55.10 8.35 5.36
N GLU X 156 55.36 7.94 4.12
CA GLU X 156 54.70 8.54 2.97
C GLU X 156 53.23 8.15 3.00
N GLY X 157 52.95 6.91 3.39
CA GLY X 157 51.58 6.44 3.48
C GLY X 157 50.79 7.24 4.51
N LEU X 158 51.36 7.45 5.69
CA LEU X 158 50.67 8.21 6.72
C LEU X 158 50.39 9.63 6.25
N ASP X 159 51.15 10.10 5.28
CA ASP X 159 50.96 11.46 4.77
C ASP X 159 49.84 11.46 3.74
N LEU X 160 49.77 10.39 2.97
CA LEU X 160 48.74 10.25 1.96
C LEU X 160 47.39 10.12 2.65
N LEU X 161 47.36 9.43 3.79
CA LEU X 161 46.13 9.28 4.57
C LEU X 161 45.70 10.64 5.07
N LYS X 162 46.61 11.33 5.73
CA LYS X 162 46.32 12.64 6.27
C LYS X 162 45.62 13.47 5.19
N LEU X 163 46.13 13.39 3.97
CA LEU X 163 45.55 14.12 2.85
C LEU X 163 44.11 13.66 2.66
N CYS X 164 43.92 12.34 2.63
CA CYS X 164 42.60 11.73 2.48
C CYS X 164 41.63 12.18 3.57
N VAL X 165 42.08 12.09 4.81
CA VAL X 165 41.26 12.48 5.95
C VAL X 165 40.89 13.96 5.89
N GLN X 166 41.76 14.78 5.32
CA GLN X 166 41.46 16.21 5.22
C GLN X 166 40.35 16.46 4.19
N GLU X 167 40.42 15.75 3.07
CA GLU X 167 39.41 15.89 2.04
C GLU X 167 38.08 15.46 2.64
N LEU X 168 38.10 14.42 3.47
CA LEU X 168 36.89 13.92 4.12
C LEU X 168 36.33 14.94 5.08
N GLU X 169 37.20 15.57 5.86
CA GLU X 169 36.71 16.55 6.80
C GLU X 169 36.18 17.79 6.11
N LYS X 170 36.59 18.01 4.88
CA LYS X 170 36.13 19.18 4.14
C LYS X 170 34.77 18.98 3.48
N ARG X 171 34.67 17.92 2.67
CA ARG X 171 33.47 17.61 1.91
C ARG X 171 32.37 16.71 2.53
N MET X 172 32.69 15.93 3.54
CA MET X 172 31.68 15.08 4.14
C MET X 172 30.80 15.84 5.15
N PRO X 173 29.48 15.68 5.04
CA PRO X 173 28.47 16.32 5.90
C PRO X 173 28.55 16.00 7.39
N MET X 174 28.95 14.78 7.71
CA MET X 174 29.02 14.34 9.09
C MET X 174 30.34 14.61 9.78
N ASP X 175 30.28 14.80 11.09
CA ASP X 175 31.48 15.02 11.87
C ASP X 175 31.84 13.66 12.48
N PHE X 176 32.87 13.01 11.93
CA PHE X 176 33.25 11.70 12.42
C PHE X 176 34.31 11.73 13.53
N LYS X 177 34.58 12.92 14.05
CA LYS X 177 35.53 13.13 15.14
C LYS X 177 36.95 12.58 14.91
N GLY X 178 37.46 12.73 13.70
CA GLY X 178 38.79 12.25 13.40
C GLY X 178 38.93 10.75 13.32
N VAL X 179 40.15 10.28 13.10
CA VAL X 179 40.40 8.84 12.99
C VAL X 179 41.51 8.33 13.91
N ILE X 180 41.51 7.02 14.13
CA ILE X 180 42.52 6.37 14.92
C ILE X 180 43.29 5.59 13.86
N VAL X 181 44.61 5.71 13.86
CA VAL X 181 45.41 5.02 12.85
C VAL X 181 46.25 3.92 13.47
N LYS X 182 46.47 2.86 12.70
CA LYS X 182 47.26 1.74 13.19
C LYS X 182 48.11 1.16 12.08
N ILE X 183 49.29 0.68 12.45
CA ILE X 183 50.21 0.10 11.48
C ILE X 183 50.43 -1.38 11.74
N VAL X 184 50.49 -2.13 10.66
CA VAL X 184 50.73 -3.56 10.75
C VAL X 184 51.96 -3.82 9.88
N ASP X 185 53.03 -4.33 10.50
CA ASP X 185 54.26 -4.64 9.76
C ASP X 185 54.91 -5.88 10.34
N LYS X 186 56.10 -6.19 9.84
CA LYS X 186 56.84 -7.36 10.29
C LYS X 186 56.99 -7.46 11.80
N ASP X 187 56.84 -6.35 12.51
CA ASP X 187 57.00 -6.37 13.95
C ASP X 187 55.72 -6.41 14.75
N GLY X 188 54.58 -6.39 14.06
CA GLY X 188 53.31 -6.43 14.75
C GLY X 188 52.39 -5.27 14.46
N ILE X 189 51.59 -4.90 15.46
CA ILE X 189 50.62 -3.83 15.34
C ILE X 189 50.87 -2.73 16.36
N ARG X 190 50.96 -1.49 15.90
CA ARG X 190 51.14 -0.36 16.81
C ARG X 190 50.20 0.75 16.38
N GLN X 191 49.85 1.61 17.34
CA GLN X 191 48.93 2.70 17.08
C GLN X 191 49.60 4.08 17.05
N VAL X 192 49.44 4.79 15.93
CA VAL X 192 49.99 6.12 15.78
C VAL X 192 49.18 7.03 16.68
N ASP X 193 49.63 7.22 17.90
CA ASP X 193 48.91 8.06 18.86
C ASP X 193 49.00 9.55 18.55
N ASP X 194 49.63 9.89 17.43
CA ASP X 194 49.78 11.30 17.04
C ASP X 194 49.35 11.59 15.60
N PHE X 195 48.04 11.57 15.37
CA PHE X 195 47.51 11.88 14.04
C PHE X 195 46.50 13.02 14.20
N GLN X 196 46.27 13.41 15.45
CA GLN X 196 45.36 14.51 15.78
C GLN X 196 45.99 15.82 15.35
N ALA X 197 47.25 15.73 14.92
CA ALA X 197 48.03 16.88 14.45
C ALA X 197 49.44 16.41 14.04
N GLN X 198 49.48 15.50 13.08
CA GLN X 198 50.74 14.94 12.57
C GLN X 198 51.33 15.82 11.46
N THR Y 1 11.63 11.20 29.26
CA THR Y 1 12.62 10.56 30.16
C THR Y 1 14.03 11.11 30.01
N THR Y 2 14.66 11.38 31.15
CA THR Y 2 16.04 11.86 31.16
C THR Y 2 16.83 11.10 32.20
N THR Y 3 17.95 10.54 31.78
CA THR Y 3 18.81 9.81 32.71
C THR Y 3 20.26 10.10 32.36
N LEU Y 4 21.08 10.25 33.39
CA LEU Y 4 22.50 10.49 33.17
C LEU Y 4 23.32 9.76 34.21
N ALA Y 5 24.60 9.63 33.90
CA ALA Y 5 25.54 8.97 34.78
C ALA Y 5 26.90 9.42 34.30
N PHE Y 6 27.71 9.89 35.25
CA PHE Y 6 29.05 10.31 34.90
C PHE Y 6 30.03 9.85 35.96
N ARG Y 7 31.25 9.63 35.49
CA ARG Y 7 32.37 9.16 36.29
C ARG Y 7 33.20 10.34 36.74
N PHE Y 8 33.66 10.31 37.98
CA PHE Y 8 34.52 11.37 38.52
C PHE Y 8 35.38 10.86 39.67
N GLN Y 9 36.21 11.74 40.22
CA GLN Y 9 37.11 11.43 41.32
C GLN Y 9 36.45 10.64 42.46
N GLY Y 10 35.25 11.04 42.88
CA GLY Y 10 34.56 10.38 43.98
C GLY Y 10 33.72 9.17 43.65
N GLY Y 11 33.84 8.69 42.41
CA GLY Y 11 33.07 7.54 41.99
C GLY Y 11 32.14 7.85 40.82
N ILE Y 12 30.85 7.53 41.00
CA ILE Y 12 29.88 7.76 39.94
C ILE Y 12 28.59 8.42 40.43
N ILE Y 13 28.10 9.35 39.63
CA ILE Y 13 26.84 10.02 39.96
C ILE Y 13 25.79 9.56 38.95
N VAL Y 14 24.63 9.16 39.47
CA VAL Y 14 23.54 8.70 38.62
C VAL Y 14 22.30 9.50 38.99
N ALA Y 15 21.73 10.19 38.01
CA ALA Y 15 20.54 11.01 38.23
C ALA Y 15 19.51 10.72 37.14
N VAL Y 16 18.25 10.61 37.54
CA VAL Y 16 17.18 10.32 36.61
C VAL Y 16 15.92 11.09 36.99
N ASP Y 17 14.98 11.24 36.06
CA ASP Y 17 13.73 11.92 36.36
C ASP Y 17 12.77 10.81 36.73
N SER Y 18 11.47 11.06 36.80
CA SER Y 18 10.56 9.99 37.17
C SER Y 18 9.21 10.08 36.50
N ARG Y 19 9.17 10.62 35.30
CA ARG Y 19 7.91 10.75 34.57
C ARG Y 19 7.68 9.64 33.54
N ALA Y 20 6.42 9.25 33.40
CA ALA Y 20 5.99 8.24 32.45
C ALA Y 20 4.73 8.76 31.79
N THR Y 21 4.71 8.74 30.46
CA THR Y 21 3.56 9.22 29.71
C THR Y 21 3.10 8.26 28.64
N ALA Y 22 1.79 8.20 28.42
CA ALA Y 22 1.19 7.35 27.40
C ALA Y 22 0.64 8.38 26.41
N GLY Y 23 1.45 8.75 25.44
CA GLY Y 23 1.03 9.76 24.48
C GLY Y 23 1.27 11.11 25.13
N ASN Y 24 0.22 11.89 25.33
CA ASN Y 24 0.35 13.20 25.96
C ASN Y 24 -0.09 13.11 27.40
N TRP Y 25 -0.62 11.93 27.74
CA TRP Y 25 -1.10 11.67 29.08
C TRP Y 25 0.02 11.20 29.99
N VAL Y 26 0.15 11.88 31.12
CA VAL Y 26 1.16 11.55 32.12
C VAL Y 26 0.64 10.47 33.04
N ALA Y 27 1.15 9.25 32.83
CA ALA Y 27 0.74 8.08 33.59
C ALA Y 27 1.22 8.11 35.04
N SER Y 28 2.48 8.49 35.22
CA SER Y 28 3.04 8.56 36.56
C SER Y 28 4.16 9.58 36.66
N GLN Y 29 4.33 10.13 37.86
CA GLN Y 29 5.39 11.10 38.14
C GLN Y 29 6.26 10.49 39.23
N THR Y 30 5.98 9.23 39.57
CA THR Y 30 6.70 8.52 40.64
C THR Y 30 7.36 7.20 40.21
N VAL Y 31 7.92 7.19 39.00
CA VAL Y 31 8.56 5.99 38.47
C VAL Y 31 9.99 5.89 38.93
N LYS Y 32 10.45 4.68 39.27
CA LYS Y 32 11.83 4.49 39.67
C LYS Y 32 12.61 4.10 38.41
N LYS Y 33 13.37 5.04 37.87
CA LYS Y 33 14.13 4.77 36.67
C LYS Y 33 15.54 4.32 36.98
N VAL Y 34 15.79 3.99 38.24
CA VAL Y 34 17.11 3.49 38.61
C VAL Y 34 16.87 2.10 39.20
N ILE Y 35 17.23 1.08 38.43
CA ILE Y 35 17.06 -0.28 38.88
C ILE Y 35 18.24 -0.63 39.78
N GLU Y 36 17.95 -1.07 40.98
CA GLU Y 36 18.99 -1.45 41.92
C GLU Y 36 19.36 -2.92 41.66
N ILE Y 37 20.26 -3.13 40.69
CA ILE Y 37 20.74 -4.48 40.31
C ILE Y 37 21.10 -5.24 41.58
N ASN Y 38 21.92 -4.61 42.41
CA ASN Y 38 22.34 -5.13 43.71
C ASN Y 38 23.08 -3.99 44.42
N PRO Y 39 23.43 -4.16 45.70
CA PRO Y 39 24.13 -3.13 46.47
C PRO Y 39 25.35 -2.44 45.85
N PHE Y 40 25.91 -3.02 44.81
CA PHE Y 40 27.09 -2.43 44.17
C PHE Y 40 26.86 -1.97 42.74
N LEU Y 41 25.79 -2.46 42.12
CA LEU Y 41 25.49 -2.12 40.75
C LEU Y 41 24.17 -1.39 40.56
N LEU Y 42 24.16 -0.42 39.65
CA LEU Y 42 22.96 0.34 39.34
C LEU Y 42 22.68 0.32 37.84
N GLY Y 43 21.40 0.36 37.48
CA GLY Y 43 21.02 0.37 36.08
C GLY Y 43 19.97 1.46 35.87
N THR Y 44 20.00 2.12 34.72
CA THR Y 44 19.02 3.17 34.43
C THR Y 44 17.95 2.67 33.48
N MET Y 45 16.77 3.26 33.57
CA MET Y 45 15.63 2.87 32.74
C MET Y 45 15.26 3.91 31.67
N ALA Y 46 15.41 3.53 30.41
CA ALA Y 46 15.05 4.39 29.27
C ALA Y 46 14.58 3.45 28.17
N GLY Y 47 13.51 3.83 27.47
CA GLY Y 47 12.98 2.97 26.42
C GLY Y 47 11.77 2.27 26.97
N GLY Y 48 11.77 0.94 26.99
CA GLY Y 48 10.63 0.21 27.51
C GLY Y 48 10.73 -0.03 29.00
N ALA Y 49 9.79 0.50 29.76
CA ALA Y 49 9.79 0.33 31.21
C ALA Y 49 9.92 -1.14 31.59
N ALA Y 50 8.99 -1.95 31.11
CA ALA Y 50 9.00 -3.36 31.39
C ALA Y 50 10.32 -3.99 30.95
N ASP Y 51 10.75 -3.70 29.72
CA ASP Y 51 12.00 -4.29 29.21
C ASP Y 51 13.17 -4.04 30.12
N CYS Y 52 13.35 -2.81 30.56
CA CYS Y 52 14.45 -2.48 31.45
C CYS Y 52 14.27 -3.09 32.83
N GLN Y 53 13.12 -2.81 33.43
CA GLN Y 53 12.81 -3.33 34.76
C GLN Y 53 13.00 -4.84 34.82
N PHE Y 54 12.46 -5.54 33.83
CA PHE Y 54 12.54 -6.99 33.79
C PHE Y 54 13.94 -7.56 33.58
N TRP Y 55 14.59 -7.15 32.49
CA TRP Y 55 15.90 -7.69 32.19
C TRP Y 55 17.01 -7.25 33.13
N GLU Y 56 16.86 -6.09 33.75
CA GLU Y 56 17.87 -5.66 34.69
C GLU Y 56 17.66 -6.33 36.05
N THR Y 57 16.42 -6.73 36.36
CA THR Y 57 16.18 -7.45 37.60
C THR Y 57 16.79 -8.82 37.37
N TRP Y 58 16.55 -9.35 36.18
CA TRP Y 58 17.11 -10.64 35.79
C TRP Y 58 18.64 -10.54 35.87
N LEU Y 59 19.17 -9.42 35.41
CA LEU Y 59 20.62 -9.23 35.42
C LEU Y 59 21.11 -9.44 36.85
N GLY Y 60 20.40 -8.83 37.80
CA GLY Y 60 20.76 -8.95 39.19
C GLY Y 60 20.89 -10.41 39.60
N SER Y 61 19.93 -11.21 39.17
CA SER Y 61 19.97 -12.63 39.48
C SER Y 61 21.18 -13.30 38.87
N GLN Y 62 21.54 -12.92 37.65
CA GLN Y 62 22.70 -13.53 36.99
C GLN Y 62 24.00 -13.16 37.70
N CYS Y 63 24.07 -11.94 38.21
CA CYS Y 63 25.25 -11.46 38.92
C CYS Y 63 25.39 -12.19 40.25
N ARG Y 64 24.28 -12.43 40.93
CA ARG Y 64 24.32 -13.14 42.20
C ARG Y 64 24.82 -14.55 41.97
N LEU Y 65 24.38 -15.18 40.89
CA LEU Y 65 24.79 -16.54 40.54
C LEU Y 65 26.29 -16.61 40.24
N HIS Y 66 26.82 -15.54 39.65
CA HIS Y 66 28.23 -15.45 39.30
C HIS Y 66 29.06 -15.49 40.59
N GLU Y 67 28.68 -14.62 41.53
CA GLU Y 67 29.35 -14.50 42.80
C GLU Y 67 29.29 -15.75 43.67
N LEU Y 68 28.23 -16.55 43.53
CA LEU Y 68 28.15 -17.77 44.30
C LEU Y 68 29.12 -18.76 43.68
N ARG Y 69 29.20 -18.73 42.36
CA ARG Y 69 30.06 -19.65 41.61
C ARG Y 69 31.55 -19.32 41.72
N GLU Y 70 31.90 -18.07 41.44
CA GLU Y 70 33.29 -17.63 41.46
C GLU Y 70 33.74 -17.03 42.79
N LYS Y 71 32.87 -17.08 43.80
CA LYS Y 71 33.21 -16.52 45.10
C LYS Y 71 34.00 -15.23 44.95
N GLU Y 72 33.45 -14.32 44.16
CA GLU Y 72 34.09 -13.04 43.89
C GLU Y 72 33.13 -12.09 43.17
N ARG Y 73 33.05 -10.86 43.68
CA ARG Y 73 32.20 -9.83 43.11
C ARG Y 73 32.37 -9.72 41.59
N ILE Y 74 31.26 -9.65 40.85
CA ILE Y 74 31.34 -9.58 39.41
C ILE Y 74 31.79 -8.20 38.93
N SER Y 75 32.55 -8.16 37.83
CA SER Y 75 33.03 -6.91 37.30
C SER Y 75 31.93 -6.21 36.49
N VAL Y 76 32.01 -4.88 36.41
CA VAL Y 76 31.04 -4.12 35.65
C VAL Y 76 31.13 -4.51 34.19
N ALA Y 77 32.33 -4.83 33.72
CA ALA Y 77 32.49 -5.22 32.33
C ALA Y 77 31.65 -6.45 32.03
N ALA Y 78 31.76 -7.47 32.88
CA ALA Y 78 31.02 -8.70 32.69
C ALA Y 78 29.50 -8.58 32.95
N ALA Y 79 29.12 -7.80 33.95
CA ALA Y 79 27.70 -7.64 34.26
C ALA Y 79 27.02 -7.01 33.06
N SER Y 80 27.64 -5.95 32.55
CA SER Y 80 27.11 -5.23 31.41
C SER Y 80 27.05 -6.12 30.17
N LYS Y 81 28.07 -6.95 29.96
CA LYS Y 81 28.09 -7.79 28.79
C LYS Y 81 27.06 -8.92 28.86
N ILE Y 82 26.64 -9.29 30.06
CA ILE Y 82 25.64 -10.33 30.20
C ILE Y 82 24.34 -9.75 29.64
N LEU Y 83 24.01 -8.55 30.10
CA LEU Y 83 22.81 -7.86 29.67
C LEU Y 83 22.89 -7.60 28.16
N SER Y 84 24.04 -7.14 27.71
CA SER Y 84 24.25 -6.85 26.31
C SER Y 84 24.07 -8.07 25.41
N ASN Y 85 24.64 -9.20 25.81
CA ASN Y 85 24.55 -10.42 25.00
C ASN Y 85 23.13 -10.98 24.95
N LEU Y 86 22.39 -10.82 26.05
CA LEU Y 86 21.00 -11.27 26.14
C LEU Y 86 20.18 -10.46 25.15
N VAL Y 87 20.25 -9.14 25.33
CA VAL Y 87 19.53 -8.20 24.48
C VAL Y 87 19.82 -8.49 23.00
N TYR Y 88 21.08 -8.76 22.68
CA TYR Y 88 21.46 -9.02 21.31
C TYR Y 88 20.78 -10.26 20.74
N GLN Y 89 20.50 -11.24 21.60
CA GLN Y 89 19.83 -12.46 21.14
C GLN Y 89 18.42 -12.12 20.63
N TYR Y 90 17.83 -11.07 21.18
CA TYR Y 90 16.49 -10.62 20.80
C TYR Y 90 16.47 -9.55 19.71
N LYS Y 91 17.63 -9.19 19.18
CA LYS Y 91 17.69 -8.16 18.14
C LYS Y 91 16.65 -8.38 17.03
N GLY Y 92 15.86 -7.35 16.78
CA GLY Y 92 14.83 -7.41 15.76
C GLY Y 92 13.44 -7.77 16.29
N ALA Y 93 13.40 -8.32 17.51
CA ALA Y 93 12.12 -8.71 18.09
C ALA Y 93 11.31 -7.54 18.65
N GLY Y 94 11.93 -6.38 18.81
CA GLY Y 94 11.19 -5.25 19.32
C GLY Y 94 11.49 -4.76 20.73
N LEU Y 95 12.48 -5.35 21.40
CA LEU Y 95 12.82 -4.87 22.75
C LEU Y 95 13.24 -3.42 22.59
N SER Y 96 13.02 -2.63 23.63
CA SER Y 96 13.39 -1.24 23.57
C SER Y 96 14.02 -0.79 24.87
N MET Y 97 15.33 -0.53 24.84
CA MET Y 97 16.02 -0.07 26.03
C MET Y 97 17.35 0.64 25.79
N GLY Y 98 17.55 1.70 26.59
CA GLY Y 98 18.78 2.47 26.56
C GLY Y 98 19.15 2.49 28.01
N THR Y 99 20.28 1.91 28.37
CA THR Y 99 20.62 1.85 29.78
C THR Y 99 22.09 2.06 30.15
N MET Y 100 22.31 2.53 31.37
CA MET Y 100 23.66 2.73 31.89
C MET Y 100 23.90 1.70 32.98
N ILE Y 101 24.92 0.88 32.82
CA ILE Y 101 25.26 -0.09 33.85
C ILE Y 101 26.44 0.53 34.61
N CYS Y 102 26.20 0.87 35.87
CA CYS Y 102 27.19 1.55 36.70
C CYS Y 102 27.70 0.77 37.90
N GLY Y 103 29.01 0.74 38.05
CA GLY Y 103 29.60 0.03 39.16
C GLY Y 103 30.98 0.56 39.51
N TYR Y 104 31.47 0.14 40.66
CA TYR Y 104 32.79 0.56 41.14
C TYR Y 104 33.47 -0.66 41.73
N THR Y 105 34.37 -1.27 40.97
CA THR Y 105 35.07 -2.44 41.48
C THR Y 105 36.52 -2.08 41.71
N ARG Y 106 37.15 -2.79 42.64
CA ARG Y 106 38.54 -2.57 42.97
C ARG Y 106 39.41 -2.67 41.72
N LYS Y 107 39.17 -3.72 40.95
CA LYS Y 107 39.93 -3.99 39.73
C LYS Y 107 39.69 -2.99 38.59
N GLU Y 108 38.48 -2.42 38.52
CA GLU Y 108 38.14 -1.49 37.44
C GLU Y 108 38.05 -0.02 37.84
N GLY Y 109 37.67 0.24 39.08
CA GLY Y 109 37.50 1.61 39.52
C GLY Y 109 36.11 2.00 39.11
N PRO Y 110 35.76 3.29 39.07
CA PRO Y 110 34.40 3.65 38.66
C PRO Y 110 34.21 3.31 37.18
N THR Y 111 33.13 2.60 36.86
CA THR Y 111 32.90 2.23 35.48
C THR Y 111 31.44 2.35 35.03
N ILE Y 112 31.25 2.85 33.82
CA ILE Y 112 29.92 3.03 33.25
C ILE Y 112 29.85 2.44 31.85
N TYR Y 113 28.85 1.60 31.62
CA TYR Y 113 28.67 1.01 30.31
C TYR Y 113 27.29 1.38 29.77
N TYR Y 114 27.27 1.91 28.56
CA TYR Y 114 26.01 2.25 27.91
C TYR Y 114 25.61 0.98 27.15
N VAL Y 115 24.37 0.55 27.33
CA VAL Y 115 23.87 -0.65 26.65
C VAL Y 115 22.46 -0.43 26.11
N ASP Y 116 22.26 -0.60 24.81
CA ASP Y 116 20.92 -0.43 24.25
C ASP Y 116 20.46 -1.68 23.53
N SER Y 117 19.17 -1.73 23.22
CA SER Y 117 18.59 -2.89 22.56
C SER Y 117 19.10 -3.17 21.15
N ASP Y 118 19.87 -2.26 20.57
CA ASP Y 118 20.44 -2.49 19.24
C ASP Y 118 21.61 -3.47 19.37
N GLY Y 119 22.12 -3.61 20.59
CA GLY Y 119 23.24 -4.48 20.86
C GLY Y 119 24.51 -3.70 21.18
N THR Y 120 24.40 -2.38 21.17
CA THR Y 120 25.53 -1.51 21.45
C THR Y 120 25.94 -1.57 22.91
N ARG Y 121 27.25 -1.65 23.15
CA ARG Y 121 27.82 -1.66 24.50
C ARG Y 121 29.02 -0.72 24.42
N LEU Y 122 28.97 0.37 25.18
CA LEU Y 122 30.05 1.36 25.18
C LEU Y 122 30.51 1.78 26.56
N LYS Y 123 31.83 1.78 26.76
CA LYS Y 123 32.37 2.21 28.04
C LYS Y 123 32.58 3.72 27.89
N GLY Y 124 32.27 4.46 28.94
CA GLY Y 124 32.44 5.90 28.84
C GLY Y 124 32.41 6.62 30.16
N ASP Y 125 32.69 7.92 30.12
CA ASP Y 125 32.72 8.75 31.31
C ASP Y 125 31.41 9.49 31.56
N ILE Y 126 30.78 9.97 30.47
CA ILE Y 126 29.51 10.70 30.59
C ILE Y 126 28.46 10.16 29.62
N PHE Y 127 27.28 9.84 30.12
CA PHE Y 127 26.20 9.34 29.26
C PHE Y 127 24.85 9.89 29.66
N CYS Y 128 24.08 10.31 28.67
CA CYS Y 128 22.72 10.82 28.89
C CYS Y 128 21.82 10.05 27.94
N VAL Y 129 20.74 9.50 28.47
CA VAL Y 129 19.84 8.73 27.63
C VAL Y 129 18.41 9.16 27.89
N GLY Y 130 17.63 9.29 26.83
CA GLY Y 130 16.24 9.68 26.99
C GLY Y 130 15.81 10.83 26.10
N SER Y 131 14.51 11.11 26.09
CA SER Y 131 13.98 12.18 25.28
C SER Y 131 14.54 13.52 25.74
N GLY Y 132 15.02 13.58 26.98
CA GLY Y 132 15.55 14.83 27.49
C GLY Y 132 17.07 14.88 27.51
N GLN Y 133 17.72 13.88 26.93
CA GLN Y 133 19.18 13.82 26.94
C GLN Y 133 19.93 15.09 26.52
N THR Y 134 19.66 15.59 25.32
CA THR Y 134 20.36 16.78 24.84
C THR Y 134 20.31 17.95 25.81
N PHE Y 135 19.25 18.05 26.61
CA PHE Y 135 19.17 19.15 27.57
C PHE Y 135 20.17 18.93 28.70
N ALA Y 136 20.24 17.71 29.20
CA ALA Y 136 21.16 17.37 30.28
C ALA Y 136 22.62 17.43 29.81
N TYR Y 137 22.90 17.00 28.59
CA TYR Y 137 24.26 17.05 28.05
C TYR Y 137 24.77 18.49 28.06
N GLY Y 138 23.89 19.44 27.76
CA GLY Y 138 24.30 20.83 27.75
C GLY Y 138 24.87 21.25 29.08
N VAL Y 139 24.09 21.03 30.14
CA VAL Y 139 24.49 21.38 31.50
C VAL Y 139 25.76 20.62 31.91
N LEU Y 140 25.74 19.31 31.77
CA LEU Y 140 26.88 18.46 32.12
C LEU Y 140 28.18 18.87 31.41
N ASP Y 141 28.15 18.93 30.09
CA ASP Y 141 29.32 19.27 29.31
C ASP Y 141 30.07 20.55 29.71
N SER Y 142 29.36 21.56 30.18
CA SER Y 142 30.01 22.82 30.55
C SER Y 142 30.42 22.95 32.02
N ASN Y 143 30.02 22.01 32.86
CA ASN Y 143 30.39 22.09 34.26
C ASN Y 143 31.10 20.86 34.75
N TYR Y 144 31.33 19.90 33.87
CA TYR Y 144 32.00 18.69 34.30
C TYR Y 144 33.51 18.82 34.43
N LYS Y 145 34.02 18.32 35.55
CA LYS Y 145 35.45 18.31 35.87
C LYS Y 145 35.68 16.97 36.57
N TRP Y 146 36.83 16.34 36.33
CA TRP Y 146 37.09 15.06 36.98
C TRP Y 146 37.27 15.25 38.50
N ASP Y 147 37.61 16.47 38.89
CA ASP Y 147 37.83 16.79 40.29
C ASP Y 147 36.67 17.38 41.04
N LEU Y 148 35.45 17.10 40.60
CA LEU Y 148 34.30 17.64 41.30
C LEU Y 148 34.20 16.93 42.65
N SER Y 149 33.73 17.65 43.67
CA SER Y 149 33.58 17.04 44.98
C SER Y 149 32.27 16.23 44.98
N VAL Y 150 32.24 15.15 45.74
CA VAL Y 150 31.03 14.34 45.80
C VAL Y 150 29.78 15.22 45.95
N GLU Y 151 29.87 16.23 46.80
CA GLU Y 151 28.75 17.13 47.04
C GLU Y 151 28.40 17.97 45.80
N ASP Y 152 29.43 18.43 45.08
CA ASP Y 152 29.23 19.23 43.88
C ASP Y 152 28.80 18.41 42.68
N ALA Y 153 29.34 17.20 42.56
CA ALA Y 153 28.96 16.33 41.46
C ALA Y 153 27.48 16.00 41.62
N LEU Y 154 27.09 15.62 42.83
CA LEU Y 154 25.69 15.30 43.11
C LEU Y 154 24.78 16.42 42.64
N TYR Y 155 25.19 17.66 42.88
CA TYR Y 155 24.37 18.79 42.47
C TYR Y 155 24.33 18.94 40.95
N LEU Y 156 25.48 18.82 40.28
CA LEU Y 156 25.53 18.95 38.82
C LEU Y 156 24.54 17.99 38.17
N GLY Y 157 24.50 16.77 38.67
CA GLY Y 157 23.58 15.79 38.14
C GLY Y 157 22.17 16.26 38.38
N LYS Y 158 21.84 16.55 39.64
CA LYS Y 158 20.51 17.00 40.00
C LYS Y 158 20.11 18.19 39.11
N ARG Y 159 21.05 19.10 38.88
CA ARG Y 159 20.80 20.29 38.08
C ARG Y 159 20.59 19.98 36.62
N SER Y 160 21.33 18.98 36.12
CA SER Y 160 21.19 18.59 34.71
C SER Y 160 19.82 17.98 34.41
N ILE Y 161 19.31 17.18 35.35
CA ILE Y 161 18.00 16.60 35.18
C ILE Y 161 16.99 17.75 35.19
N LEU Y 162 17.17 18.68 36.13
CA LEU Y 162 16.26 19.82 36.22
C LEU Y 162 16.20 20.56 34.88
N ALA Y 163 17.36 20.73 34.23
CA ALA Y 163 17.39 21.40 32.94
C ALA Y 163 16.48 20.68 31.95
N ALA Y 164 16.56 19.36 31.93
CA ALA Y 164 15.76 18.55 31.03
C ALA Y 164 14.28 18.52 31.41
N ALA Y 165 13.98 18.34 32.69
CA ALA Y 165 12.57 18.28 33.14
C ALA Y 165 11.81 19.56 32.77
N HIS Y 166 12.52 20.66 32.70
CA HIS Y 166 11.95 21.97 32.38
C HIS Y 166 11.62 22.12 30.90
N ARG Y 167 12.55 21.72 30.03
CA ARG Y 167 12.33 21.84 28.59
C ARG Y 167 11.58 20.67 27.96
N ASP Y 168 11.94 19.45 28.36
CA ASP Y 168 11.32 18.25 27.80
C ASP Y 168 9.95 17.96 28.39
N ALA Y 169 8.94 17.97 27.53
CA ALA Y 169 7.58 17.71 27.96
C ALA Y 169 7.45 16.31 28.54
N TYR Y 170 8.31 15.40 28.09
CA TYR Y 170 8.27 14.02 28.54
C TYR Y 170 9.13 13.68 29.74
N SER Y 171 9.72 14.70 30.35
CA SER Y 171 10.55 14.53 31.54
C SER Y 171 10.04 15.45 32.63
N GLY Y 172 10.15 14.97 33.87
CA GLY Y 172 9.71 15.75 35.01
C GLY Y 172 9.38 14.90 36.22
N GLY Y 173 8.52 15.44 37.08
CA GLY Y 173 8.13 14.73 38.29
C GLY Y 173 9.07 14.99 39.45
N SER Y 174 10.14 14.22 39.52
CA SER Y 174 11.10 14.37 40.59
C SER Y 174 12.43 13.79 40.17
N VAL Y 175 13.49 14.19 40.87
CA VAL Y 175 14.82 13.70 40.57
C VAL Y 175 15.27 12.70 41.62
N ASN Y 176 15.91 11.63 41.17
CA ASN Y 176 16.42 10.62 42.09
C ASN Y 176 17.93 10.59 41.89
N LEU Y 177 18.65 10.74 43.01
CA LEU Y 177 20.10 10.80 43.00
C LEU Y 177 20.79 9.60 43.63
N TYR Y 178 21.94 9.27 43.07
CA TYR Y 178 22.73 8.16 43.58
C TYR Y 178 24.21 8.44 43.50
N HIS Y 179 24.94 7.96 44.51
CA HIS Y 179 26.38 8.11 44.52
C HIS Y 179 26.90 6.69 44.56
N VAL Y 180 27.77 6.35 43.62
CA VAL Y 180 28.33 5.01 43.58
C VAL Y 180 29.79 5.02 44.00
N THR Y 181 30.05 4.28 45.07
CA THR Y 181 31.39 4.15 45.66
C THR Y 181 31.74 2.67 45.64
N GLU Y 182 33.03 2.35 45.73
CA GLU Y 182 33.47 0.96 45.72
C GLU Y 182 32.77 0.13 46.82
N ASP Y 183 32.32 0.79 47.88
CA ASP Y 183 31.64 0.10 48.98
C ASP Y 183 30.15 -0.07 48.70
N GLY Y 184 29.72 0.42 47.55
CA GLY Y 184 28.33 0.33 47.15
C GLY Y 184 27.79 1.69 46.82
N TRP Y 185 26.51 1.74 46.44
CA TRP Y 185 25.89 3.01 46.09
C TRP Y 185 25.13 3.58 47.28
N ILE Y 186 25.07 4.90 47.36
CA ILE Y 186 24.33 5.53 48.44
C ILE Y 186 23.22 6.38 47.82
N TYR Y 187 21.98 6.07 48.17
CA TYR Y 187 20.86 6.83 47.65
C TYR Y 187 20.93 8.23 48.25
N HIS Y 188 20.69 9.23 47.42
CA HIS Y 188 20.73 10.62 47.86
C HIS Y 188 19.40 11.34 47.67
N GLY Y 189 18.32 10.62 47.92
CA GLY Y 189 16.99 11.20 47.87
C GLY Y 189 16.23 11.51 46.60
N ASN Y 190 14.93 11.72 46.80
CA ASN Y 190 13.99 12.04 45.75
C ASN Y 190 13.64 13.52 45.87
N HIS Y 191 13.93 14.29 44.82
CA HIS Y 191 13.66 15.71 44.84
C HIS Y 191 12.59 16.14 43.85
N ASP Y 192 11.41 16.49 44.36
CA ASP Y 192 10.31 16.94 43.53
C ASP Y 192 10.76 18.11 42.67
N VAL Y 193 10.61 17.96 41.35
CA VAL Y 193 11.01 19.01 40.42
C VAL Y 193 10.22 20.29 40.65
N GLY Y 194 8.96 20.12 41.04
CA GLY Y 194 8.13 21.28 41.31
C GLY Y 194 8.84 22.24 42.24
N GLU Y 195 9.15 21.77 43.45
CA GLU Y 195 9.81 22.60 44.43
C GLU Y 195 11.26 22.87 44.07
N LEU Y 196 11.98 21.85 43.61
CA LEU Y 196 13.38 22.03 43.24
C LEU Y 196 13.61 23.20 42.29
N PHE Y 197 12.72 23.38 41.32
CA PHE Y 197 12.84 24.44 40.33
C PHE Y 197 12.85 25.84 40.92
N TRP Y 198 11.86 26.15 41.74
CA TRP Y 198 11.79 27.48 42.36
C TRP Y 198 13.01 27.73 43.23
N LYS Y 199 13.37 26.73 44.03
CA LYS Y 199 14.53 26.81 44.90
C LYS Y 199 15.77 27.15 44.06
N VAL Y 200 16.12 26.26 43.13
CA VAL Y 200 17.28 26.48 42.28
C VAL Y 200 17.24 27.84 41.59
N LYS Y 201 16.06 28.26 41.16
CA LYS Y 201 15.96 29.54 40.47
C LYS Y 201 16.42 30.69 41.36
N GLU Y 202 15.88 30.72 42.57
CA GLU Y 202 16.22 31.76 43.52
C GLU Y 202 17.70 31.73 43.90
N GLU Y 203 18.14 30.61 44.46
CA GLU Y 203 19.52 30.44 44.90
C GLU Y 203 20.56 30.52 43.79
N GLU Y 204 20.15 30.34 42.54
CA GLU Y 204 21.09 30.34 41.43
C GLU Y 204 20.93 31.53 40.48
N GLY Y 205 19.72 32.08 40.37
CA GLY Y 205 19.49 33.21 39.50
C GLY Y 205 19.28 32.82 38.04
N SER Y 206 19.23 31.51 37.79
CA SER Y 206 19.02 30.97 36.45
C SER Y 206 17.52 30.91 36.19
N PHE Y 207 17.16 30.43 35.00
CA PHE Y 207 15.76 30.31 34.59
C PHE Y 207 15.17 31.71 34.72
N ASN Y 208 15.96 32.70 34.33
CA ASN Y 208 15.52 34.06 34.43
C ASN Y 208 14.23 34.31 33.65
N ASN Y 209 14.12 33.63 32.49
CA ASN Y 209 12.95 33.75 31.63
C ASN Y 209 11.62 33.51 32.36
N VAL Y 210 11.59 32.49 33.22
CA VAL Y 210 10.38 32.16 33.98
C VAL Y 210 10.03 33.19 35.08
N ILE Y 211 8.76 33.56 35.16
CA ILE Y 211 8.29 34.52 36.17
C ILE Y 211 7.92 33.77 37.45
N GLY Y 212 8.46 34.22 38.57
CA GLY Y 212 8.16 33.55 39.83
C GLY Y 212 8.19 34.46 41.05
N GLN Z 1 -8.98 -9.02 7.83
CA GLN Z 1 -8.11 -10.02 8.51
C GLN Z 1 -8.47 -10.13 10.00
N PHE Z 2 -8.22 -11.28 10.60
CA PHE Z 2 -8.55 -11.49 12.02
C PHE Z 2 -7.72 -10.68 13.02
N ASN Z 3 -8.43 -10.00 13.91
CA ASN Z 3 -7.83 -9.20 14.95
C ASN Z 3 -8.11 -9.88 16.28
N PRO Z 4 -7.06 -10.40 16.93
CA PRO Z 4 -7.17 -11.09 18.22
C PRO Z 4 -7.56 -10.24 19.41
N TYR Z 5 -7.57 -8.92 19.25
CA TYR Z 5 -7.89 -8.04 20.36
C TYR Z 5 -9.25 -7.33 20.27
N GLY Z 6 -9.74 -6.89 21.43
CA GLY Z 6 -11.00 -6.17 21.52
C GLY Z 6 -10.90 -5.25 22.73
N ASP Z 7 -11.89 -4.38 22.92
CA ASP Z 7 -11.88 -3.46 24.05
C ASP Z 7 -13.24 -3.47 24.74
N ASN Z 8 -13.28 -3.90 26.00
CA ASN Z 8 -14.54 -3.98 26.73
C ASN Z 8 -14.79 -2.82 27.69
N GLY Z 9 -14.10 -1.71 27.46
CA GLY Z 9 -14.28 -0.53 28.29
C GLY Z 9 -13.97 -0.77 29.75
N GLY Z 10 -14.76 -0.15 30.62
CA GLY Z 10 -14.53 -0.31 32.04
C GLY Z 10 -13.44 0.59 32.59
N THR Z 11 -13.53 0.89 33.88
CA THR Z 11 -12.55 1.73 34.54
C THR Z 11 -12.38 1.18 35.96
N ILE Z 12 -11.14 1.11 36.43
CA ILE Z 12 -10.89 0.60 37.76
C ILE Z 12 -10.09 1.61 38.58
N LEU Z 13 -10.16 1.50 39.90
CA LEU Z 13 -9.48 2.43 40.78
C LEU Z 13 -8.96 1.77 42.06
N GLY Z 14 -7.72 2.09 42.42
CA GLY Z 14 -7.12 1.51 43.62
C GLY Z 14 -6.53 2.53 44.57
N ILE Z 15 -6.97 2.50 45.82
CA ILE Z 15 -6.45 3.43 46.82
C ILE Z 15 -6.00 2.71 48.07
N ALA Z 16 -4.79 3.00 48.50
CA ALA Z 16 -4.22 2.37 49.69
C ALA Z 16 -4.34 3.29 50.89
N GLY Z 17 -5.09 2.84 51.90
CA GLY Z 17 -5.21 3.62 53.12
C GLY Z 17 -4.01 3.30 54.00
N GLU Z 18 -4.09 3.63 55.27
CA GLU Z 18 -2.98 3.36 56.18
C GLU Z 18 -2.94 1.90 56.60
N ASP Z 19 -4.11 1.33 56.87
CA ASP Z 19 -4.21 -0.05 57.30
C ASP Z 19 -5.31 -0.77 56.54
N PHE Z 20 -5.61 -0.25 55.35
CA PHE Z 20 -6.62 -0.83 54.48
C PHE Z 20 -6.27 -0.42 53.06
N ALA Z 21 -6.97 -1.00 52.09
CA ALA Z 21 -6.76 -0.69 50.69
C ALA Z 21 -8.05 -1.04 50.00
N VAL Z 22 -8.37 -0.32 48.93
CA VAL Z 22 -9.60 -0.59 48.19
C VAL Z 22 -9.31 -0.67 46.70
N LEU Z 23 -10.08 -1.50 46.01
CA LEU Z 23 -9.93 -1.63 44.57
C LEU Z 23 -11.35 -1.65 44.04
N ALA Z 24 -11.71 -0.62 43.30
CA ALA Z 24 -13.05 -0.52 42.75
C ALA Z 24 -13.06 -0.51 41.22
N GLY Z 25 -14.18 -0.91 40.66
CA GLY Z 25 -14.35 -0.93 39.22
C GLY Z 25 -15.82 -0.81 38.91
N ASP Z 26 -16.17 -0.28 37.76
CA ASP Z 26 -17.58 -0.18 37.40
C ASP Z 26 -17.95 -1.59 36.94
N THR Z 27 -19.23 -1.88 36.79
CA THR Z 27 -19.60 -3.22 36.39
C THR Z 27 -20.15 -3.33 34.98
N ARG Z 28 -19.92 -2.30 34.18
CA ARG Z 28 -20.40 -2.33 32.80
C ARG Z 28 -19.36 -2.93 31.85
N ASN Z 29 -19.83 -3.79 30.95
CA ASN Z 29 -18.99 -4.45 29.97
C ASN Z 29 -19.56 -4.09 28.60
N ILE Z 30 -18.71 -3.55 27.72
CA ILE Z 30 -19.18 -3.14 26.40
C ILE Z 30 -18.38 -3.65 25.21
N THR Z 31 -18.96 -3.40 24.03
CA THR Z 31 -18.36 -3.74 22.74
C THR Z 31 -18.84 -2.62 21.82
N ASP Z 32 -17.92 -1.77 21.37
CA ASP Z 32 -18.30 -0.67 20.50
C ASP Z 32 -19.31 0.20 21.22
N TYR Z 33 -20.51 0.34 20.65
CA TYR Z 33 -21.55 1.16 21.26
C TYR Z 33 -22.65 0.37 21.98
N SER Z 34 -22.45 -0.93 22.15
CA SER Z 34 -23.42 -1.78 22.80
C SER Z 34 -23.00 -2.16 24.20
N ILE Z 35 -24.00 -2.44 25.03
CA ILE Z 35 -23.73 -2.86 26.40
C ILE Z 35 -23.89 -4.38 26.39
N ASN Z 36 -22.90 -5.09 26.89
CA ASN Z 36 -22.96 -6.55 26.93
C ASN Z 36 -23.59 -7.01 28.24
N SER Z 37 -23.32 -6.27 29.31
CA SER Z 37 -23.84 -6.58 30.62
C SER Z 37 -23.72 -5.34 31.48
N ARG Z 38 -24.70 -5.15 32.37
CA ARG Z 38 -24.68 -3.99 33.27
C ARG Z 38 -24.04 -4.41 34.58
N TYR Z 39 -23.88 -5.72 34.76
CA TYR Z 39 -23.26 -6.25 35.97
C TYR Z 39 -22.39 -7.48 35.71
N GLU Z 40 -21.11 -7.23 35.39
CA GLU Z 40 -20.13 -8.29 35.14
C GLU Z 40 -18.89 -7.90 35.95
N PRO Z 41 -18.79 -8.43 37.19
CA PRO Z 41 -17.67 -8.14 38.10
C PRO Z 41 -16.33 -8.17 37.40
N LYS Z 42 -15.47 -7.22 37.77
CA LYS Z 42 -14.17 -7.07 37.16
C LYS Z 42 -13.03 -7.03 38.20
N VAL Z 43 -13.38 -6.98 39.47
CA VAL Z 43 -12.41 -6.96 40.56
C VAL Z 43 -12.61 -8.26 41.34
N PHE Z 44 -11.56 -9.05 41.52
CA PHE Z 44 -11.67 -10.35 42.19
C PHE Z 44 -10.83 -10.60 43.44
N ASP Z 45 -11.39 -11.40 44.34
CA ASP Z 45 -10.71 -11.80 45.57
C ASP Z 45 -9.94 -13.06 45.13
N CYS Z 46 -8.61 -12.99 45.18
CA CYS Z 46 -7.77 -14.10 44.74
C CYS Z 46 -7.19 -14.95 45.84
N GLY Z 47 -7.62 -14.70 47.08
CA GLY Z 47 -7.09 -15.47 48.20
C GLY Z 47 -5.94 -14.73 48.84
N ASP Z 48 -5.49 -15.22 49.99
CA ASP Z 48 -4.38 -14.59 50.72
C ASP Z 48 -4.51 -13.08 50.90
N ASN Z 49 -5.75 -12.61 50.96
CA ASN Z 49 -6.03 -11.18 51.17
C ASN Z 49 -5.48 -10.30 50.05
N ILE Z 50 -5.66 -10.74 48.81
CA ILE Z 50 -5.21 -9.99 47.65
C ILE Z 50 -6.38 -9.83 46.68
N VAL Z 51 -6.63 -8.58 46.27
CA VAL Z 51 -7.69 -8.31 45.31
C VAL Z 51 -7.00 -7.86 44.03
N MET Z 52 -7.58 -8.24 42.88
CA MET Z 52 -6.98 -7.92 41.61
C MET Z 52 -7.99 -7.63 40.51
N SER Z 53 -7.55 -6.84 39.53
CA SER Z 53 -8.38 -6.48 38.39
C SER Z 53 -7.48 -6.24 37.18
N ALA Z 54 -7.85 -6.83 36.05
CA ALA Z 54 -7.10 -6.70 34.81
C ALA Z 54 -8.05 -6.07 33.81
N ASN Z 55 -8.04 -4.74 33.71
CA ASN Z 55 -8.94 -4.03 32.82
C ASN Z 55 -8.44 -3.80 31.39
N GLY Z 56 -9.36 -3.85 30.44
CA GLY Z 56 -9.00 -3.64 29.04
C GLY Z 56 -9.74 -4.60 28.15
N PHE Z 57 -9.04 -5.57 27.60
CA PHE Z 57 -9.64 -6.59 26.75
C PHE Z 57 -10.04 -7.73 27.70
N ALA Z 58 -11.34 -7.82 27.98
CA ALA Z 58 -11.87 -8.82 28.93
C ALA Z 58 -11.34 -10.24 28.81
N ALA Z 59 -11.19 -10.75 27.59
CA ALA Z 59 -10.67 -12.12 27.44
C ALA Z 59 -9.28 -12.24 28.04
N ASP Z 60 -8.42 -11.25 27.78
CA ASP Z 60 -7.07 -11.30 28.33
C ASP Z 60 -7.14 -11.06 29.83
N GLY Z 61 -8.02 -10.16 30.26
CA GLY Z 61 -8.16 -9.88 31.67
C GLY Z 61 -8.56 -11.12 32.44
N ASP Z 62 -9.48 -11.89 31.88
CA ASP Z 62 -9.93 -13.11 32.53
C ASP Z 62 -8.83 -14.18 32.58
N ALA Z 63 -8.09 -14.33 31.49
CA ALA Z 63 -7.03 -15.31 31.44
C ALA Z 63 -5.98 -15.00 32.50
N LEU Z 64 -5.63 -13.72 32.62
CA LEU Z 64 -4.64 -13.32 33.59
C LEU Z 64 -5.09 -13.63 35.03
N VAL Z 65 -6.22 -13.06 35.44
CA VAL Z 65 -6.73 -13.30 36.80
C VAL Z 65 -6.84 -14.80 37.11
N LYS Z 66 -7.32 -15.57 36.15
CA LYS Z 66 -7.45 -17.00 36.31
C LYS Z 66 -6.06 -17.64 36.50
N ARG Z 67 -5.09 -17.17 35.72
CA ARG Z 67 -3.74 -17.70 35.79
C ARG Z 67 -3.11 -17.33 37.14
N PHE Z 68 -3.32 -16.09 37.58
CA PHE Z 68 -2.75 -15.67 38.85
C PHE Z 68 -3.33 -16.45 40.03
N LYS Z 69 -4.65 -16.63 40.04
CA LYS Z 69 -5.30 -17.35 41.12
C LYS Z 69 -4.69 -18.73 41.24
N ASN Z 70 -4.53 -19.37 40.09
CA ASN Z 70 -3.97 -20.70 40.06
C ASN Z 70 -2.53 -20.64 40.60
N SER Z 71 -1.86 -19.53 40.31
CA SER Z 71 -0.50 -19.34 40.76
C SER Z 71 -0.45 -19.34 42.29
N VAL Z 72 -1.46 -18.74 42.92
CA VAL Z 72 -1.55 -18.67 44.38
C VAL Z 72 -1.73 -20.09 44.94
N LYS Z 73 -2.60 -20.85 44.29
CA LYS Z 73 -2.88 -22.22 44.66
C LYS Z 73 -1.60 -23.04 44.68
N TRP Z 74 -0.83 -22.99 43.59
CA TRP Z 74 0.41 -23.75 43.54
C TRP Z 74 1.46 -23.21 44.48
N TYR Z 75 1.38 -21.91 44.79
CA TYR Z 75 2.34 -21.35 45.72
C TYR Z 75 2.19 -22.12 47.04
N HIS Z 76 0.94 -22.32 47.48
CA HIS Z 76 0.68 -23.04 48.71
C HIS Z 76 1.15 -24.48 48.59
N PHE Z 77 0.87 -25.13 47.46
CA PHE Z 77 1.31 -26.51 47.27
C PHE Z 77 2.82 -26.62 47.37
N ASP Z 78 3.55 -25.71 46.71
CA ASP Z 78 5.00 -25.77 46.69
C ASP Z 78 5.75 -25.15 47.86
N HIS Z 79 5.07 -24.39 48.71
CA HIS Z 79 5.79 -23.77 49.81
C HIS Z 79 5.10 -23.86 51.16
N ASN Z 80 4.66 -25.07 51.48
CA ASN Z 80 4.02 -25.34 52.76
C ASN Z 80 2.97 -24.30 53.13
N ASP Z 81 1.97 -24.13 52.29
CA ASP Z 81 0.90 -23.18 52.57
C ASP Z 81 1.31 -21.78 52.99
N LYS Z 82 2.54 -21.38 52.64
CA LYS Z 82 2.98 -20.04 52.99
C LYS Z 82 2.09 -19.00 52.33
N LYS Z 83 1.73 -17.97 53.08
CA LYS Z 83 0.90 -16.90 52.55
C LYS Z 83 1.70 -16.11 51.52
N LEU Z 84 1.05 -15.81 50.39
CA LEU Z 84 1.69 -15.05 49.32
C LEU Z 84 1.61 -13.56 49.64
N SER Z 85 2.74 -12.97 50.00
CA SER Z 85 2.79 -11.55 50.32
C SER Z 85 2.49 -10.77 49.05
N ILE Z 86 1.77 -9.66 49.20
CA ILE Z 86 1.39 -8.85 48.05
C ILE Z 86 2.57 -8.40 47.18
N ASN Z 87 3.71 -8.16 47.80
CA ASN Z 87 4.89 -7.75 47.04
C ASN Z 87 5.35 -8.96 46.20
N SER Z 88 5.22 -10.15 46.78
CA SER Z 88 5.64 -11.35 46.09
C SER Z 88 4.68 -11.64 44.94
N ALA Z 89 3.40 -11.42 45.20
CA ALA Z 89 2.38 -11.62 44.17
C ALA Z 89 2.66 -10.69 43.00
N ALA Z 90 3.02 -9.44 43.31
CA ALA Z 90 3.32 -8.46 42.27
C ALA Z 90 4.46 -8.92 41.38
N ARG Z 91 5.54 -9.41 41.97
CA ARG Z 91 6.67 -9.87 41.17
C ARG Z 91 6.21 -11.03 40.30
N ASN Z 92 5.31 -11.83 40.85
CA ASN Z 92 4.81 -12.98 40.14
C ASN Z 92 4.05 -12.52 38.90
N ILE Z 93 3.17 -11.53 39.10
CA ILE Z 93 2.36 -10.96 38.01
C ILE Z 93 3.28 -10.44 36.90
N GLN Z 94 4.40 -9.83 37.29
CA GLN Z 94 5.32 -9.31 36.29
C GLN Z 94 5.76 -10.42 35.35
N HIS Z 95 6.14 -11.55 35.91
CA HIS Z 95 6.59 -12.65 35.07
C HIS Z 95 5.48 -13.21 34.21
N LEU Z 96 4.25 -13.17 34.72
CA LEU Z 96 3.11 -13.67 33.97
C LEU Z 96 2.93 -12.80 32.74
N LEU Z 97 2.95 -11.49 32.95
CA LEU Z 97 2.76 -10.56 31.85
C LEU Z 97 3.92 -10.58 30.86
N TYR Z 98 5.14 -10.44 31.36
CA TYR Z 98 6.28 -10.41 30.47
C TYR Z 98 6.43 -11.72 29.72
N GLY Z 99 5.76 -12.75 30.21
CA GLY Z 99 5.82 -14.04 29.54
C GLY Z 99 5.22 -13.93 28.15
N LYS Z 100 4.31 -12.97 27.98
CA LYS Z 100 3.66 -12.75 26.68
C LYS Z 100 4.11 -11.41 26.08
N ARG Z 101 5.38 -11.06 26.31
CA ARG Z 101 5.96 -9.82 25.83
C ARG Z 101 5.76 -9.58 24.33
N PHE Z 102 5.65 -10.66 23.56
CA PHE Z 102 5.47 -10.51 22.13
C PHE Z 102 4.10 -10.91 21.59
N PHE Z 103 3.09 -10.76 22.44
CA PHE Z 103 1.67 -11.03 22.16
C PHE Z 103 1.02 -10.81 23.51
N PRO Z 104 1.15 -9.59 24.03
CA PRO Z 104 0.66 -9.07 25.30
C PRO Z 104 -0.78 -9.30 25.68
N TYR Z 105 -1.00 -9.31 26.98
CA TYR Z 105 -2.33 -9.40 27.55
C TYR Z 105 -2.71 -7.93 27.44
N TYR Z 106 -3.69 -7.63 26.60
CA TYR Z 106 -4.09 -6.25 26.40
C TYR Z 106 -4.87 -5.71 27.61
N VAL Z 107 -4.22 -5.65 28.77
CA VAL Z 107 -4.86 -5.15 29.97
C VAL Z 107 -3.94 -4.35 30.86
N HIS Z 108 -4.53 -3.46 31.64
CA HIS Z 108 -3.82 -2.64 32.62
C HIS Z 108 -4.29 -3.27 33.92
N THR Z 109 -3.39 -3.93 34.65
CA THR Z 109 -3.79 -4.59 35.87
C THR Z 109 -3.35 -3.94 37.18
N ILE Z 110 -4.22 -4.02 38.19
CA ILE Z 110 -3.95 -3.45 39.50
C ILE Z 110 -4.33 -4.46 40.58
N ILE Z 111 -3.52 -4.52 41.64
CA ILE Z 111 -3.82 -5.42 42.74
C ILE Z 111 -3.75 -4.62 44.03
N ALA Z 112 -4.48 -5.06 45.05
CA ALA Z 112 -4.49 -4.35 46.32
C ALA Z 112 -4.51 -5.29 47.50
N GLY Z 113 -3.98 -4.81 48.62
CA GLY Z 113 -3.95 -5.61 49.83
C GLY Z 113 -3.18 -4.90 50.92
N LEU Z 114 -2.56 -5.66 51.82
CA LEU Z 114 -1.79 -5.09 52.91
C LEU Z 114 -0.38 -5.63 52.78
N ASP Z 115 0.62 -4.80 53.00
CA ASP Z 115 1.99 -5.30 52.89
C ASP Z 115 2.29 -6.08 54.16
N GLU Z 116 3.54 -6.49 54.33
CA GLU Z 116 3.91 -7.27 55.50
C GLU Z 116 3.90 -6.54 56.85
N ASP Z 117 3.67 -5.23 56.85
CA ASP Z 117 3.62 -4.49 58.10
C ASP Z 117 2.19 -4.08 58.41
N GLY Z 118 1.26 -4.62 57.63
CA GLY Z 118 -0.15 -4.29 57.83
C GLY Z 118 -0.59 -3.02 57.14
N LYS Z 119 0.34 -2.32 56.50
CA LYS Z 119 0.03 -1.08 55.80
C LYS Z 119 -0.69 -1.34 54.47
N GLY Z 120 -1.57 -0.42 54.09
CA GLY Z 120 -2.31 -0.55 52.84
C GLY Z 120 -1.38 -0.52 51.64
N ALA Z 121 -1.67 -1.35 50.64
CA ALA Z 121 -0.81 -1.40 49.46
C ALA Z 121 -1.50 -1.60 48.13
N VAL Z 122 -1.01 -0.87 47.14
CA VAL Z 122 -1.52 -0.96 45.78
C VAL Z 122 -0.36 -1.06 44.79
N TYR Z 123 -0.52 -1.95 43.82
CA TYR Z 123 0.48 -2.14 42.77
C TYR Z 123 -0.25 -2.07 41.45
N SER Z 124 0.34 -1.40 40.47
CA SER Z 124 -0.30 -1.30 39.15
C SER Z 124 0.70 -1.77 38.09
N PHE Z 125 0.19 -2.51 37.11
CA PHE Z 125 1.02 -3.07 36.05
C PHE Z 125 0.79 -2.54 34.65
N ASP Z 126 1.82 -2.76 33.86
CA ASP Z 126 1.96 -2.39 32.47
C ASP Z 126 1.40 -3.57 31.68
N PRO Z 127 0.95 -3.34 30.44
CA PRO Z 127 0.45 -4.52 29.73
C PRO Z 127 1.52 -5.59 29.57
N VAL Z 128 2.79 -5.19 29.62
CA VAL Z 128 3.86 -6.17 29.48
C VAL Z 128 4.67 -6.46 30.74
N GLY Z 129 4.17 -6.03 31.89
CA GLY Z 129 4.88 -6.37 33.12
C GLY Z 129 5.57 -5.30 33.93
N SER Z 130 5.57 -4.07 33.45
CA SER Z 130 6.22 -3.03 34.22
C SER Z 130 5.32 -2.77 35.43
N TYR Z 131 5.90 -2.62 36.62
CA TYR Z 131 5.06 -2.36 37.79
C TYR Z 131 5.72 -1.48 38.86
N GLU Z 132 4.90 -0.86 39.70
CA GLU Z 132 5.36 0.05 40.74
C GLU Z 132 4.36 0.01 41.89
N ARG Z 133 4.82 0.17 43.12
CA ARG Z 133 3.87 0.22 44.22
C ARG Z 133 3.37 1.65 44.21
N GLU Z 134 2.10 1.85 44.56
CA GLU Z 134 1.54 3.19 44.54
C GLU Z 134 0.51 3.51 45.61
N GLN Z 135 0.22 4.80 45.78
CA GLN Z 135 -0.74 5.28 46.75
C GLN Z 135 -2.13 5.03 46.21
N CYS Z 136 -2.39 5.56 45.02
CA CYS Z 136 -3.68 5.36 44.35
C CYS Z 136 -3.42 5.36 42.85
N ARG Z 137 -4.23 4.59 42.13
CA ARG Z 137 -4.06 4.46 40.69
C ARG Z 137 -5.36 4.10 40.00
N ALA Z 138 -5.75 4.92 39.03
CA ALA Z 138 -6.94 4.65 38.24
C ALA Z 138 -6.47 3.99 36.96
N GLY Z 139 -7.28 3.10 36.42
CA GLY Z 139 -6.92 2.44 35.19
C GLY Z 139 -8.11 2.22 34.29
N GLY Z 140 -7.87 2.27 32.98
CA GLY Z 140 -8.97 2.05 32.05
C GLY Z 140 -9.44 3.29 31.34
N ALA Z 141 -10.61 3.14 30.71
CA ALA Z 141 -11.22 4.21 29.93
C ALA Z 141 -11.20 5.60 30.56
N ALA Z 142 -11.72 5.73 31.78
CA ALA Z 142 -11.79 7.02 32.43
C ALA Z 142 -10.61 7.39 33.33
N ALA Z 143 -9.51 6.65 33.24
CA ALA Z 143 -8.34 6.93 34.07
C ALA Z 143 -7.88 8.39 34.00
N SER Z 144 -7.94 8.99 32.82
CA SER Z 144 -7.50 10.37 32.67
C SER Z 144 -8.46 11.37 33.31
N LEU Z 145 -9.69 10.94 33.59
CA LEU Z 145 -10.66 11.82 34.23
C LEU Z 145 -10.53 11.74 35.75
N ILE Z 146 -10.18 10.55 36.25
CA ILE Z 146 -10.05 10.32 37.68
C ILE Z 146 -8.73 10.77 38.33
N MET Z 147 -7.61 10.38 37.73
CA MET Z 147 -6.32 10.72 38.32
C MET Z 147 -6.12 12.16 38.72
N PRO Z 148 -6.38 13.11 37.80
CA PRO Z 148 -6.19 14.51 38.17
C PRO Z 148 -6.90 14.83 39.48
N PHE Z 149 -8.12 14.32 39.60
CA PHE Z 149 -8.93 14.52 40.80
C PHE Z 149 -8.24 13.98 42.05
N LEU Z 150 -7.82 12.72 41.98
CA LEU Z 150 -7.14 12.08 43.09
C LEU Z 150 -5.87 12.83 43.50
N ASP Z 151 -5.05 13.24 42.54
CA ASP Z 151 -3.83 13.96 42.89
C ASP Z 151 -4.18 15.16 43.75
N ASN Z 152 -5.33 15.74 43.48
CA ASN Z 152 -5.78 16.92 44.20
C ASN Z 152 -6.44 16.63 45.56
N GLN Z 153 -7.34 15.66 45.59
CA GLN Z 153 -8.06 15.34 46.81
C GLN Z 153 -7.42 14.30 47.74
N VAL Z 154 -6.53 13.48 47.20
CA VAL Z 154 -5.87 12.46 48.01
C VAL Z 154 -4.47 12.87 48.43
N ASN Z 155 -3.70 13.45 47.52
CA ASN Z 155 -2.34 13.89 47.83
C ASN Z 155 -2.24 15.41 47.96
N PHE Z 156 -3.39 16.06 48.06
CA PHE Z 156 -3.48 17.51 48.20
C PHE Z 156 -2.56 18.34 47.32
N LYS Z 157 -2.38 17.94 46.06
CA LYS Z 157 -1.51 18.67 45.14
C LYS Z 157 -2.06 20.07 44.80
N ASN Z 158 -1.15 21.01 44.59
CA ASN Z 158 -1.52 22.38 44.25
C ASN Z 158 -2.29 23.13 45.33
N GLN Z 159 -2.56 22.45 46.44
CA GLN Z 159 -3.25 23.07 47.55
C GLN Z 159 -2.26 23.56 48.59
N TYR Z 160 -2.49 24.75 49.12
CA TYR Z 160 -1.60 25.34 50.12
C TYR Z 160 -2.33 25.89 51.35
N GLU Z 161 -1.55 26.29 52.35
CA GLU Z 161 -2.11 26.85 53.59
C GLU Z 161 -2.65 28.26 53.35
N PRO Z 162 -3.97 28.44 53.53
CA PRO Z 162 -4.58 29.75 53.33
C PRO Z 162 -3.87 30.83 54.14
N GLY Z 163 -3.23 31.76 53.45
CA GLY Z 163 -2.53 32.82 54.14
C GLY Z 163 -1.02 32.71 54.06
N THR Z 164 -0.49 31.52 53.76
CA THR Z 164 0.96 31.34 53.67
C THR Z 164 1.52 31.78 52.33
N ASN Z 165 0.65 32.28 51.46
CA ASN Z 165 1.08 32.73 50.14
C ASN Z 165 1.70 31.55 49.40
N GLY Z 166 1.01 30.42 49.42
CA GLY Z 166 1.53 29.24 48.75
C GLY Z 166 2.94 28.87 49.20
N LYS Z 167 3.35 29.38 50.35
CA LYS Z 167 4.69 29.09 50.86
C LYS Z 167 4.67 27.82 51.71
N VAL Z 168 3.49 27.50 52.25
CA VAL Z 168 3.31 26.32 53.07
C VAL Z 168 2.28 25.36 52.44
N LYS Z 169 2.73 24.15 52.11
CA LYS Z 169 1.86 23.16 51.49
C LYS Z 169 0.85 22.58 52.46
N LYS Z 170 -0.36 22.28 51.99
CA LYS Z 170 -1.36 21.69 52.84
C LYS Z 170 -0.82 20.34 53.30
N PRO Z 171 -0.89 20.06 54.61
CA PRO Z 171 -0.41 18.82 55.23
C PRO Z 171 -1.10 17.55 54.73
N LEU Z 172 -0.29 16.50 54.54
CA LEU Z 172 -0.77 15.21 54.05
C LEU Z 172 -1.45 14.31 55.07
N LYS Z 173 -2.47 14.81 55.77
CA LYS Z 173 -3.19 13.98 56.74
C LYS Z 173 -3.80 12.81 55.97
N TYR Z 174 -3.68 11.58 56.48
CA TYR Z 174 -4.26 10.49 55.72
C TYR Z 174 -5.70 10.12 56.03
N LEU Z 175 -6.38 9.73 54.95
CA LEU Z 175 -7.80 9.39 54.94
C LEU Z 175 -8.21 8.06 55.54
N SER Z 176 -9.45 8.03 56.00
CA SER Z 176 -10.06 6.85 56.58
C SER Z 176 -10.73 6.09 55.45
N VAL Z 177 -11.21 4.89 55.75
CA VAL Z 177 -11.86 4.08 54.73
C VAL Z 177 -13.17 4.74 54.30
N GLU Z 178 -13.80 5.48 55.21
CA GLU Z 178 -15.06 6.16 54.91
C GLU Z 178 -14.81 7.35 53.99
N GLU Z 179 -13.79 8.12 54.29
CA GLU Z 179 -13.47 9.27 53.47
C GLU Z 179 -12.98 8.82 52.10
N VAL Z 180 -12.22 7.72 52.06
CA VAL Z 180 -11.73 7.18 50.79
C VAL Z 180 -12.90 6.81 49.90
N ILE Z 181 -13.82 6.00 50.42
CA ILE Z 181 -14.99 5.57 49.64
C ILE Z 181 -15.81 6.73 49.07
N LYS Z 182 -15.89 7.84 49.79
CA LYS Z 182 -16.62 8.99 49.28
C LYS Z 182 -15.95 9.43 47.98
N LEU Z 183 -14.63 9.54 48.02
CA LEU Z 183 -13.84 9.94 46.86
C LEU Z 183 -14.01 8.96 45.70
N VAL Z 184 -14.00 7.67 46.01
CA VAL Z 184 -14.18 6.67 44.97
C VAL Z 184 -15.53 6.92 44.30
N ARG Z 185 -16.59 6.96 45.09
CA ARG Z 185 -17.94 7.18 44.56
C ARG Z 185 -18.03 8.44 43.72
N ASP Z 186 -17.50 9.54 44.24
CA ASP Z 186 -17.55 10.79 43.50
C ASP Z 186 -16.72 10.70 42.21
N SER Z 187 -15.63 9.94 42.24
CA SER Z 187 -14.79 9.78 41.06
C SER Z 187 -15.60 9.07 39.98
N PHE Z 188 -16.31 8.01 40.34
CA PHE Z 188 -17.09 7.27 39.38
C PHE Z 188 -18.35 7.96 38.89
N THR Z 189 -19.01 8.72 39.76
CA THR Z 189 -20.23 9.42 39.31
C THR Z 189 -19.80 10.47 38.29
N SER Z 190 -18.67 11.11 38.56
CA SER Z 190 -18.16 12.13 37.64
C SER Z 190 -17.76 11.47 36.31
N ALA Z 191 -16.96 10.42 36.39
CA ALA Z 191 -16.56 9.72 35.19
C ALA Z 191 -17.78 9.29 34.39
N THR Z 192 -18.82 8.83 35.08
CA THR Z 192 -20.05 8.38 34.42
C THR Z 192 -20.73 9.46 33.61
N GLU Z 193 -20.61 10.71 34.07
CA GLU Z 193 -21.21 11.85 33.39
C GLU Z 193 -20.54 12.21 32.06
N ARG Z 194 -19.22 12.00 31.97
CA ARG Z 194 -18.51 12.38 30.76
C ARG Z 194 -17.93 11.31 29.89
N HIS Z 195 -17.91 10.06 30.37
CA HIS Z 195 -17.36 8.99 29.54
C HIS Z 195 -18.45 7.97 29.28
N ILE Z 196 -18.76 7.77 28.00
CA ILE Z 196 -19.82 6.85 27.62
C ILE Z 196 -19.64 5.37 27.93
N GLN Z 197 -18.44 4.96 28.33
CA GLN Z 197 -18.21 3.56 28.63
C GLN Z 197 -18.35 3.27 30.12
N VAL Z 198 -18.34 4.33 30.93
CA VAL Z 198 -18.46 4.17 32.38
C VAL Z 198 -19.89 4.36 32.87
N GLY Z 199 -20.39 3.40 33.66
CA GLY Z 199 -21.74 3.50 34.19
C GLY Z 199 -22.32 2.19 34.72
N ASP Z 200 -23.64 2.18 34.90
CA ASP Z 200 -24.39 1.01 35.39
C ASP Z 200 -24.23 0.67 36.87
N GLY Z 201 -23.00 0.36 37.29
CA GLY Z 201 -22.79 0.03 38.69
C GLY Z 201 -21.34 0.11 39.13
N LEU Z 202 -21.15 0.33 40.43
CA LEU Z 202 -19.82 0.42 41.02
C LEU Z 202 -19.70 -0.62 42.12
N GLU Z 203 -18.64 -1.42 42.07
CA GLU Z 203 -18.42 -2.45 43.08
C GLU Z 203 -17.05 -2.20 43.67
N ILE Z 204 -16.99 -2.16 45.00
CA ILE Z 204 -15.74 -1.91 45.69
C ILE Z 204 -15.38 -3.06 46.63
N LEU Z 205 -14.11 -3.44 46.62
CA LEU Z 205 -13.64 -4.48 47.53
C LEU Z 205 -12.70 -3.80 48.52
N ILE Z 206 -12.97 -3.96 49.81
CA ILE Z 206 -12.13 -3.35 50.85
C ILE Z 206 -11.30 -4.43 51.55
N VAL Z 207 -10.01 -4.16 51.70
CA VAL Z 207 -9.09 -5.11 52.32
C VAL Z 207 -8.48 -4.58 53.62
N THR Z 208 -8.75 -5.30 54.71
CA THR Z 208 -8.22 -4.94 56.02
C THR Z 208 -7.67 -6.22 56.62
N LYS Z 209 -7.09 -6.13 57.81
CA LYS Z 209 -6.55 -7.30 58.48
C LYS Z 209 -7.64 -8.32 58.81
N ASP Z 210 -8.89 -7.93 58.61
CA ASP Z 210 -10.00 -8.84 58.90
C ASP Z 210 -10.49 -9.55 57.65
N GLY Z 211 -9.85 -9.28 56.52
CA GLY Z 211 -10.28 -9.94 55.30
C GLY Z 211 -10.74 -9.02 54.19
N VAL Z 212 -11.60 -9.55 53.33
CA VAL Z 212 -12.12 -8.82 52.19
C VAL Z 212 -13.63 -8.60 52.25
N ARG Z 213 -14.03 -7.33 52.21
CA ARG Z 213 -15.45 -6.95 52.24
C ARG Z 213 -15.84 -6.29 50.89
N LYS Z 214 -17.13 -6.35 50.54
CA LYS Z 214 -17.62 -5.76 49.29
C LYS Z 214 -18.75 -4.76 49.48
N GLU Z 215 -18.81 -3.76 48.59
CA GLU Z 215 -19.87 -2.75 48.63
C GLU Z 215 -20.28 -2.46 47.18
N PHE Z 216 -21.54 -2.14 46.98
CA PHE Z 216 -22.05 -1.86 45.64
C PHE Z 216 -22.87 -0.58 45.58
N TYR Z 217 -22.80 0.12 44.47
CA TYR Z 217 -23.57 1.35 44.28
C TYR Z 217 -23.96 1.43 42.82
N GLU Z 218 -25.17 1.89 42.56
CA GLU Z 218 -25.62 2.01 41.17
C GLU Z 218 -25.04 3.27 40.52
N LEU Z 219 -24.94 3.23 39.20
CA LEU Z 219 -24.44 4.35 38.41
C LEU Z 219 -25.47 4.56 37.28
N LYS Z 220 -25.48 5.73 36.67
CA LYS Z 220 -26.43 5.99 35.60
C LYS Z 220 -26.26 4.97 34.49
N ARG Z 221 -27.36 4.58 33.86
CA ARG Z 221 -27.35 3.56 32.82
C ARG Z 221 -27.44 4.02 31.38
N ASP Z 222 -27.37 5.33 31.16
CA ASP Z 222 -27.47 5.83 29.78
C ASP Z 222 -26.14 5.76 29.03
N THR AA 1 -5.99 -17.84 10.92
CA THR AA 1 -6.86 -16.71 10.52
C THR AA 1 -7.63 -17.10 9.28
N GLN AA 2 -8.93 -16.87 9.33
CA GLN AA 2 -9.80 -17.27 8.25
C GLN AA 2 -10.85 -16.20 7.99
N GLN AA 3 -11.95 -16.60 7.38
CA GLN AA 3 -13.06 -15.72 7.07
C GLN AA 3 -14.30 -16.59 6.96
N PRO AA 4 -15.38 -16.19 7.64
CA PRO AA 4 -16.61 -16.98 7.59
C PRO AA 4 -17.16 -17.14 6.17
N ILE AA 5 -17.83 -18.25 5.89
CA ILE AA 5 -18.41 -18.46 4.56
C ILE AA 5 -19.92 -18.65 4.70
N VAL AA 6 -20.35 -19.80 5.20
CA VAL AA 6 -21.77 -20.05 5.40
C VAL AA 6 -22.07 -19.58 6.81
N THR AA 7 -22.96 -18.62 6.97
CA THR AA 7 -23.22 -18.10 8.31
C THR AA 7 -24.64 -18.12 8.87
N GLY AA 8 -24.72 -18.11 10.18
CA GLY AA 8 -26.00 -18.07 10.87
C GLY AA 8 -26.06 -16.76 11.60
N THR AA 9 -27.23 -16.12 11.59
CA THR AA 9 -27.37 -14.84 12.25
C THR AA 9 -27.69 -14.92 13.74
N SER AA 10 -28.41 -13.94 14.26
CA SER AA 10 -28.77 -13.84 15.68
C SER AA 10 -29.19 -15.04 16.50
N VAL AA 11 -28.82 -14.99 17.78
CA VAL AA 11 -29.21 -15.99 18.76
C VAL AA 11 -29.61 -15.15 19.97
N ILE AA 12 -30.89 -15.15 20.31
CA ILE AA 12 -31.37 -14.36 21.45
C ILE AA 12 -31.78 -15.23 22.63
N SER AA 13 -31.69 -14.68 23.83
CA SER AA 13 -32.03 -15.44 25.01
C SER AA 13 -32.27 -14.56 26.22
N MET AA 14 -32.95 -15.09 27.22
CA MET AA 14 -33.20 -14.37 28.46
C MET AA 14 -33.55 -15.40 29.51
N LYS AA 15 -33.55 -14.98 30.77
CA LYS AA 15 -33.88 -15.91 31.82
C LYS AA 15 -35.08 -15.40 32.61
N TYR AA 16 -35.99 -16.31 32.97
CA TYR AA 16 -37.17 -15.95 33.75
C TYR AA 16 -37.05 -16.60 35.12
N ASP AA 17 -38.11 -16.53 35.92
CA ASP AA 17 -38.10 -17.07 37.28
C ASP AA 17 -37.75 -18.56 37.47
N ASN AA 18 -38.13 -19.41 36.52
CA ASN AA 18 -37.87 -20.85 36.68
C ASN AA 18 -36.93 -21.48 35.66
N GLY AA 19 -36.45 -20.69 34.71
CA GLY AA 19 -35.55 -21.23 33.72
C GLY AA 19 -34.96 -20.21 32.79
N VAL AA 20 -34.72 -20.64 31.56
CA VAL AA 20 -34.16 -19.77 30.54
C VAL AA 20 -34.75 -20.13 29.19
N ILE AA 21 -34.84 -19.14 28.31
CA ILE AA 21 -35.37 -19.38 26.98
C ILE AA 21 -34.31 -18.93 25.99
N ILE AA 22 -34.25 -19.63 24.86
CA ILE AA 22 -33.28 -19.31 23.83
C ILE AA 22 -33.85 -19.68 22.46
N ALA AA 23 -33.57 -18.85 21.46
CA ALA AA 23 -34.06 -19.08 20.11
C ALA AA 23 -33.06 -18.62 19.03
N ALA AA 24 -33.23 -19.16 17.82
CA ALA AA 24 -32.38 -18.85 16.68
C ALA AA 24 -33.07 -19.28 15.40
N ASP AA 25 -33.07 -18.44 14.38
CA ASP AA 25 -33.74 -18.81 13.13
C ASP AA 25 -33.05 -20.01 12.48
N ASN AA 26 -33.64 -20.54 11.40
CA ASN AA 26 -33.07 -21.72 10.75
C ASN AA 26 -32.34 -21.45 9.45
N LEU AA 27 -31.82 -20.25 9.31
CA LEU AA 27 -31.12 -19.87 8.09
C LEU AA 27 -29.60 -20.06 8.06
N GLY AA 28 -29.10 -20.46 6.89
CA GLY AA 28 -27.68 -20.63 6.68
C GLY AA 28 -27.33 -19.77 5.47
N SER AA 29 -26.91 -18.52 5.72
CA SER AA 29 -26.57 -17.63 4.62
C SER AA 29 -25.19 -17.89 4.01
N TYR AA 30 -25.02 -17.39 2.79
CA TYR AA 30 -23.78 -17.51 2.04
C TYR AA 30 -23.59 -16.13 1.42
N GLY AA 31 -23.22 -15.17 2.25
CA GLY AA 31 -23.09 -13.82 1.77
C GLY AA 31 -24.50 -13.31 1.78
N SER AA 32 -24.96 -12.75 0.67
CA SER AA 32 -26.32 -12.23 0.59
C SER AA 32 -27.29 -13.29 0.07
N LEU AA 33 -26.77 -14.45 -0.33
CA LEU AA 33 -27.61 -15.54 -0.80
C LEU AA 33 -28.15 -16.36 0.38
N LEU AA 34 -29.46 -16.40 0.57
CA LEU AA 34 -30.07 -17.16 1.66
C LEU AA 34 -30.09 -18.64 1.21
N ARG AA 35 -28.90 -19.25 1.21
CA ARG AA 35 -28.71 -20.62 0.73
C ARG AA 35 -29.37 -21.81 1.41
N PHE AA 36 -29.14 -22.00 2.70
CA PHE AA 36 -29.71 -23.17 3.37
C PHE AA 36 -30.81 -22.83 4.34
N ASN AA 37 -31.92 -23.57 4.25
CA ASN AA 37 -33.05 -23.30 5.13
C ASN AA 37 -33.41 -24.29 6.21
N GLY AA 38 -32.71 -25.41 6.31
CA GLY AA 38 -33.06 -26.34 7.37
C GLY AA 38 -31.96 -26.42 8.40
N VAL AA 39 -31.34 -25.29 8.71
CA VAL AA 39 -30.24 -25.28 9.65
C VAL AA 39 -30.63 -25.10 11.10
N GLU AA 40 -30.35 -26.11 11.92
CA GLU AA 40 -30.69 -26.01 13.32
C GLU AA 40 -29.48 -25.44 14.03
N ARG AA 41 -29.66 -24.31 14.69
CA ARG AA 41 -28.56 -23.68 15.38
C ARG AA 41 -28.67 -23.75 16.89
N LEU AA 42 -29.58 -24.59 17.38
CA LEU AA 42 -29.71 -24.77 18.82
C LEU AA 42 -29.27 -26.21 19.11
N ILE AA 43 -28.21 -26.36 19.88
CA ILE AA 43 -27.70 -27.69 20.19
C ILE AA 43 -28.00 -28.07 21.63
N PRO AA 44 -28.88 -29.05 21.83
CA PRO AA 44 -29.22 -29.48 23.19
C PRO AA 44 -28.16 -30.46 23.68
N VAL AA 45 -27.68 -30.26 24.90
CA VAL AA 45 -26.68 -31.13 25.49
C VAL AA 45 -27.26 -31.67 26.77
N GLY AA 46 -27.63 -32.95 26.75
CA GLY AA 46 -28.23 -33.53 27.93
C GLY AA 46 -29.66 -33.03 27.94
N ASP AA 47 -30.20 -32.76 29.13
CA ASP AA 47 -31.56 -32.28 29.20
C ASP AA 47 -31.66 -31.08 30.13
N ASN AA 48 -30.55 -30.38 30.30
CA ASN AA 48 -30.51 -29.21 31.15
C ASN AA 48 -29.71 -28.10 30.47
N THR AA 49 -29.28 -28.35 29.24
CA THR AA 49 -28.47 -27.40 28.51
C THR AA 49 -28.74 -27.31 27.02
N VAL AA 50 -28.77 -26.07 26.53
CA VAL AA 50 -28.96 -25.82 25.11
C VAL AA 50 -27.93 -24.76 24.73
N VAL AA 51 -27.21 -25.04 23.64
CA VAL AA 51 -26.17 -24.14 23.15
C VAL AA 51 -26.60 -23.50 21.84
N GLY AA 52 -26.72 -22.17 21.86
CA GLY AA 52 -27.10 -21.44 20.66
C GLY AA 52 -25.85 -20.91 19.99
N ILE AA 53 -25.71 -21.17 18.69
CA ILE AA 53 -24.52 -20.76 17.95
C ILE AA 53 -24.76 -19.90 16.71
N SER AA 54 -23.98 -18.83 16.57
CA SER AA 54 -24.05 -17.95 15.39
C SER AA 54 -22.67 -17.84 14.76
N GLY AA 55 -22.63 -17.38 13.52
CA GLY AA 55 -21.35 -17.26 12.86
C GLY AA 55 -21.16 -18.32 11.78
N ASP AA 56 -19.90 -18.71 11.58
CA ASP AA 56 -19.57 -19.69 10.56
C ASP AA 56 -20.21 -21.04 10.88
N ILE AA 57 -20.94 -21.57 9.90
CA ILE AA 57 -21.64 -22.83 10.06
C ILE AA 57 -20.72 -24.05 10.10
N SER AA 58 -19.67 -24.07 9.30
CA SER AA 58 -18.75 -25.21 9.32
C SER AA 58 -18.09 -25.31 10.70
N ASP AA 59 -17.79 -24.17 11.30
CA ASP AA 59 -17.20 -24.18 12.62
C ASP AA 59 -18.25 -24.59 13.64
N MET AA 60 -19.51 -24.25 13.39
CA MET AA 60 -20.58 -24.63 14.30
C MET AA 60 -20.68 -26.17 14.31
N GLN AA 61 -20.72 -26.77 13.12
CA GLN AA 61 -20.82 -28.22 12.99
C GLN AA 61 -19.67 -28.89 13.74
N HIS AA 62 -18.54 -28.21 13.77
CA HIS AA 62 -17.36 -28.73 14.45
C HIS AA 62 -17.63 -28.72 15.96
N ILE AA 63 -18.15 -27.59 16.45
CA ILE AA 63 -18.44 -27.45 17.87
C ILE AA 63 -19.50 -28.45 18.29
N GLU AA 64 -20.38 -28.78 17.35
CA GLU AA 64 -21.44 -29.74 17.58
C GLU AA 64 -20.81 -31.10 17.91
N ARG AA 65 -19.88 -31.53 17.05
CA ARG AA 65 -19.21 -32.79 17.23
C ARG AA 65 -18.46 -32.78 18.58
N LEU AA 66 -17.86 -31.65 18.93
CA LEU AA 66 -17.16 -31.59 20.19
C LEU AA 66 -18.12 -31.85 21.34
N LEU AA 67 -19.30 -31.26 21.26
CA LEU AA 67 -20.31 -31.42 22.30
C LEU AA 67 -20.78 -32.86 22.43
N LYS AA 68 -21.02 -33.53 21.31
CA LYS AA 68 -21.44 -34.91 21.38
C LYS AA 68 -20.33 -35.75 22.02
N ASP AA 69 -19.08 -35.50 21.64
CA ASP AA 69 -17.98 -36.26 22.22
C ASP AA 69 -17.86 -36.01 23.71
N LEU AA 70 -18.21 -34.81 24.15
CA LEU AA 70 -18.14 -34.49 25.57
C LEU AA 70 -19.11 -35.41 26.33
N VAL AA 71 -20.28 -35.60 25.77
CA VAL AA 71 -21.28 -36.46 26.37
C VAL AA 71 -20.74 -37.90 26.44
N THR AA 72 -20.37 -38.46 25.29
CA THR AA 72 -19.83 -39.82 25.22
C THR AA 72 -18.72 -40.02 26.26
N GLU AA 73 -17.81 -39.05 26.31
CA GLU AA 73 -16.67 -39.10 27.22
C GLU AA 73 -17.07 -39.05 28.69
N ASN AA 74 -18.01 -38.17 29.02
CA ASN AA 74 -18.46 -38.03 30.40
C ASN AA 74 -19.11 -39.32 30.87
N ALA AA 75 -19.60 -40.10 29.91
CA ALA AA 75 -20.24 -41.36 30.22
C ALA AA 75 -19.22 -42.45 30.60
N TYR AA 76 -18.06 -42.44 29.96
CA TYR AA 76 -17.02 -43.45 30.25
C TYR AA 76 -16.66 -43.59 31.73
N ASP AA 77 -16.75 -44.83 32.22
CA ASP AA 77 -16.41 -45.16 33.60
C ASP AA 77 -17.05 -44.21 34.60
N ASN AA 78 -18.27 -43.76 34.26
CA ASN AA 78 -19.04 -42.84 35.10
C ASN AA 78 -20.39 -43.45 35.38
N PRO AA 79 -20.54 -44.10 36.56
CA PRO AA 79 -21.82 -44.73 36.93
C PRO AA 79 -22.91 -43.73 37.34
N LEU AA 80 -22.54 -42.46 37.49
CA LEU AA 80 -23.50 -41.42 37.84
C LEU AA 80 -23.64 -40.41 36.69
N ALA AA 81 -23.39 -40.90 35.47
CA ALA AA 81 -23.45 -40.09 34.26
C ALA AA 81 -24.80 -39.41 34.02
N ASP AA 82 -25.86 -40.08 34.43
CA ASP AA 82 -27.21 -39.53 34.27
C ASP AA 82 -27.76 -39.08 35.62
N ALA AA 83 -26.88 -38.88 36.59
CA ALA AA 83 -27.30 -38.43 37.90
C ALA AA 83 -26.34 -37.33 38.38
N GLU AA 84 -25.82 -37.47 39.60
CA GLU AA 84 -24.91 -36.47 40.16
C GLU AA 84 -23.74 -36.08 39.27
N GLU AA 85 -23.34 -36.96 38.36
CA GLU AA 85 -22.19 -36.67 37.51
C GLU AA 85 -22.50 -36.44 36.04
N ALA AA 86 -23.64 -35.82 35.77
CA ALA AA 86 -24.03 -35.50 34.40
C ALA AA 86 -23.43 -34.13 34.09
N LEU AA 87 -23.34 -33.81 32.81
CA LEU AA 87 -22.79 -32.52 32.42
C LEU AA 87 -23.68 -31.37 32.88
N GLU AA 88 -23.07 -30.39 33.53
CA GLU AA 88 -23.78 -29.20 34.00
C GLU AA 88 -23.63 -28.11 32.92
N PRO AA 89 -24.57 -27.15 32.89
CA PRO AA 89 -24.41 -26.12 31.86
C PRO AA 89 -23.08 -25.39 32.02
N SER AA 90 -22.67 -25.14 33.26
CA SER AA 90 -21.42 -24.45 33.52
C SER AA 90 -20.20 -25.26 33.03
N TYR AA 91 -20.27 -26.58 33.09
CA TYR AA 91 -19.14 -27.39 32.62
C TYR AA 91 -18.99 -27.21 31.11
N ILE AA 92 -20.11 -27.31 30.40
CA ILE AA 92 -20.13 -27.17 28.95
C ILE AA 92 -19.62 -25.78 28.54
N PHE AA 93 -19.99 -24.77 29.30
CA PHE AA 93 -19.56 -23.42 28.97
C PHE AA 93 -18.07 -23.24 29.20
N GLU AA 94 -17.61 -23.57 30.40
CA GLU AA 94 -16.20 -23.42 30.74
C GLU AA 94 -15.32 -24.11 29.69
N TYR AA 95 -15.82 -25.24 29.19
CA TYR AA 95 -15.12 -26.00 28.18
C TYR AA 95 -15.06 -25.23 26.87
N LEU AA 96 -16.23 -24.85 26.35
CA LEU AA 96 -16.28 -24.12 25.10
C LEU AA 96 -15.51 -22.80 25.17
N ALA AA 97 -15.66 -22.09 26.28
CA ALA AA 97 -14.95 -20.81 26.44
C ALA AA 97 -13.45 -21.11 26.38
N THR AA 98 -13.03 -22.19 27.01
CA THR AA 98 -11.63 -22.55 27.00
C THR AA 98 -11.17 -22.73 25.55
N VAL AA 99 -11.89 -23.56 24.81
CA VAL AA 99 -11.52 -23.80 23.42
C VAL AA 99 -11.47 -22.51 22.62
N MET AA 100 -12.52 -21.71 22.74
CA MET AA 100 -12.60 -20.46 22.01
C MET AA 100 -11.36 -19.60 22.22
N TYR AA 101 -10.95 -19.45 23.47
CA TYR AA 101 -9.80 -18.63 23.78
C TYR AA 101 -8.48 -19.20 23.26
N GLN AA 102 -8.30 -20.50 23.39
CA GLN AA 102 -7.07 -21.12 22.90
C GLN AA 102 -6.98 -20.92 21.41
N ARG AA 103 -8.10 -21.06 20.72
CA ARG AA 103 -8.14 -20.90 19.28
C ARG AA 103 -7.84 -19.48 18.82
N ARG AA 104 -8.31 -18.46 19.55
CA ARG AA 104 -8.01 -17.08 19.14
C ARG AA 104 -6.57 -16.79 19.47
N SER AA 105 -6.04 -17.51 20.44
CA SER AA 105 -4.67 -17.27 20.84
C SER AA 105 -3.67 -17.93 19.90
N LYS AA 106 -4.16 -18.80 19.03
CA LYS AA 106 -3.28 -19.44 18.06
C LYS AA 106 -3.57 -18.82 16.71
N MET AA 107 -4.31 -17.71 16.73
CA MET AA 107 -4.65 -17.00 15.50
C MET AA 107 -5.43 -17.86 14.49
N ASN AA 108 -6.21 -18.80 15.03
CA ASN AA 108 -7.04 -19.66 14.20
C ASN AA 108 -8.36 -19.80 14.94
N PRO AA 109 -9.16 -18.72 14.97
CA PRO AA 109 -10.44 -18.73 15.67
C PRO AA 109 -11.57 -19.56 15.09
N LEU AA 110 -12.51 -19.91 15.97
CA LEU AA 110 -13.74 -20.61 15.60
C LEU AA 110 -14.60 -19.35 15.45
N TRP AA 111 -14.94 -19.03 14.22
CA TRP AA 111 -15.68 -17.82 13.91
C TRP AA 111 -17.15 -17.82 14.36
N ASN AA 112 -17.36 -17.90 15.67
CA ASN AA 112 -18.70 -17.95 16.21
C ASN AA 112 -18.96 -17.03 17.38
N ALA AA 113 -20.24 -16.90 17.70
CA ALA AA 113 -20.72 -16.16 18.86
C ALA AA 113 -21.63 -17.24 19.46
N ILE AA 114 -21.40 -17.60 20.71
CA ILE AA 114 -22.17 -18.66 21.35
C ILE AA 114 -22.84 -18.26 22.64
N ILE AA 115 -24.03 -18.79 22.87
CA ILE AA 115 -24.74 -18.56 24.13
C ILE AA 115 -25.09 -19.93 24.70
N VAL AA 116 -24.72 -20.14 25.96
CA VAL AA 116 -25.02 -21.40 26.63
C VAL AA 116 -26.14 -21.14 27.62
N ALA AA 117 -27.25 -21.83 27.43
CA ALA AA 117 -28.41 -21.66 28.30
C ALA AA 117 -28.83 -22.94 28.97
N GLY AA 118 -29.14 -22.85 30.26
CA GLY AA 118 -29.57 -24.03 30.98
C GLY AA 118 -29.82 -23.81 32.45
N VAL AA 119 -30.19 -24.89 33.13
CA VAL AA 119 -30.45 -24.83 34.56
C VAL AA 119 -29.48 -25.75 35.28
N GLN AA 120 -28.80 -25.20 36.27
CA GLN AA 120 -27.83 -25.96 37.05
C GLN AA 120 -28.58 -27.00 37.90
N SER AA 121 -27.85 -27.98 38.40
CA SER AA 121 -28.43 -29.05 39.21
C SER AA 121 -29.17 -28.53 40.46
N ASN AA 122 -28.78 -27.38 40.98
CA ASN AA 122 -29.44 -26.84 42.16
C ASN AA 122 -30.59 -25.91 41.77
N GLY AA 123 -30.94 -25.92 40.48
CA GLY AA 123 -32.03 -25.08 40.00
C GLY AA 123 -31.66 -23.70 39.46
N ASP AA 124 -30.47 -23.22 39.79
CA ASP AA 124 -30.01 -21.91 39.32
C ASP AA 124 -29.98 -21.82 37.80
N GLN AA 125 -30.42 -20.68 37.27
CA GLN AA 125 -30.42 -20.51 35.82
C GLN AA 125 -28.99 -20.18 35.37
N PHE AA 126 -28.65 -20.63 34.17
CA PHE AA 126 -27.34 -20.36 33.62
C PHE AA 126 -27.47 -19.72 32.25
N LEU AA 127 -26.81 -18.57 32.09
CA LEU AA 127 -26.85 -17.87 30.83
C LEU AA 127 -25.54 -17.11 30.60
N ARG AA 128 -24.69 -17.63 29.73
CA ARG AA 128 -23.43 -16.96 29.48
C ARG AA 128 -23.05 -16.98 28.00
N TYR AA 129 -22.27 -15.98 27.60
CA TYR AA 129 -21.84 -15.80 26.22
C TYR AA 129 -20.33 -15.93 26.06
N VAL AA 130 -19.91 -16.39 24.87
CA VAL AA 130 -18.49 -16.51 24.53
C VAL AA 130 -18.40 -16.41 23.01
N ASN AA 131 -17.43 -15.65 22.51
CA ASN AA 131 -17.28 -15.51 21.05
C ASN AA 131 -15.88 -15.90 20.58
N LEU AA 132 -15.61 -15.62 19.31
CA LEU AA 132 -14.34 -15.98 18.68
C LEU AA 132 -13.10 -15.35 19.32
N LEU AA 133 -13.28 -14.33 20.15
CA LEU AA 133 -12.13 -13.71 20.81
C LEU AA 133 -11.91 -14.32 22.18
N GLY AA 134 -12.85 -15.17 22.61
CA GLY AA 134 -12.75 -15.77 23.93
C GLY AA 134 -13.37 -14.85 24.98
N VAL AA 135 -14.02 -13.79 24.53
CA VAL AA 135 -14.66 -12.84 25.45
C VAL AA 135 -15.91 -13.47 26.08
N THR AA 136 -16.15 -13.23 27.36
CA THR AA 136 -17.30 -13.83 28.02
C THR AA 136 -18.01 -12.89 28.99
N TYR AA 137 -19.32 -13.10 29.13
CA TYR AA 137 -20.14 -12.31 30.03
C TYR AA 137 -21.54 -12.87 30.21
N SER AA 138 -22.17 -12.45 31.30
CA SER AA 138 -23.53 -12.87 31.61
C SER AA 138 -24.40 -11.65 31.78
N SER AA 139 -25.72 -11.87 31.69
CA SER AA 139 -26.69 -10.80 31.85
C SER AA 139 -28.07 -11.46 31.79
N PRO AA 140 -29.08 -10.84 32.41
CA PRO AA 140 -30.46 -11.36 32.41
C PRO AA 140 -30.94 -11.67 30.99
N THR AA 141 -30.38 -10.96 30.01
CA THR AA 141 -30.71 -11.20 28.60
C THR AA 141 -29.36 -11.21 27.84
N LEU AA 142 -29.33 -11.90 26.71
CA LEU AA 142 -28.12 -11.99 25.90
C LEU AA 142 -28.50 -12.31 24.49
N ALA AA 143 -27.93 -11.59 23.54
CA ALA AA 143 -28.21 -11.83 22.13
C ALA AA 143 -26.90 -11.63 21.38
N THR AA 144 -26.78 -12.21 20.18
CA THR AA 144 -25.58 -12.03 19.38
C THR AA 144 -25.90 -11.31 18.07
N GLY AA 145 -24.89 -10.69 17.47
CA GLY AA 145 -25.10 -9.98 16.22
C GLY AA 145 -26.24 -8.99 16.27
N PHE AA 146 -27.10 -9.02 15.25
CA PHE AA 146 -28.23 -8.10 15.18
C PHE AA 146 -29.12 -8.12 16.43
N GLY AA 147 -29.28 -9.30 17.02
CA GLY AA 147 -30.10 -9.41 18.21
C GLY AA 147 -29.56 -8.55 19.33
N ALA AA 148 -28.25 -8.33 19.34
CA ALA AA 148 -27.67 -7.52 20.40
C ALA AA 148 -28.19 -6.09 20.32
N HIS AA 149 -28.43 -5.61 19.11
CA HIS AA 149 -28.91 -4.25 18.92
C HIS AA 149 -30.42 -4.09 18.96
N MET AA 150 -31.14 -5.11 18.52
CA MET AA 150 -32.60 -5.01 18.49
C MET AA 150 -33.32 -5.86 19.54
N ALA AA 151 -32.85 -7.08 19.78
CA ALA AA 151 -33.51 -7.93 20.76
C ALA AA 151 -33.27 -7.44 22.20
N ASN AA 152 -32.01 -7.26 22.59
CA ASN AA 152 -31.73 -6.83 23.95
C ASN AA 152 -32.58 -5.66 24.43
N PRO AA 153 -32.73 -4.60 23.60
CA PRO AA 153 -33.53 -3.45 24.01
C PRO AA 153 -34.95 -3.83 24.43
N LEU AA 154 -35.57 -4.73 23.66
CA LEU AA 154 -36.93 -5.18 23.96
C LEU AA 154 -36.94 -6.06 25.22
N LEU AA 155 -36.12 -7.11 25.21
CA LEU AA 155 -36.05 -8.02 26.34
C LEU AA 155 -35.67 -7.33 27.66
N ARG AA 156 -34.83 -6.31 27.59
CA ARG AA 156 -34.43 -5.62 28.81
C ARG AA 156 -35.58 -4.82 29.40
N LYS AA 157 -36.62 -4.62 28.59
CA LYS AA 157 -37.81 -3.90 29.03
C LYS AA 157 -38.68 -4.81 29.91
N VAL AA 158 -38.36 -6.10 29.90
CA VAL AA 158 -39.06 -7.10 30.69
C VAL AA 158 -38.22 -7.42 31.92
N VAL AA 159 -36.93 -7.63 31.72
CA VAL AA 159 -35.99 -7.93 32.81
C VAL AA 159 -34.82 -6.93 32.71
N ASP AA 160 -34.98 -5.78 33.36
CA ASP AA 160 -33.98 -4.72 33.31
C ASP AA 160 -32.87 -4.91 34.34
N ARG AA 161 -33.10 -5.80 35.29
CA ARG AA 161 -32.10 -6.09 36.30
C ARG AA 161 -32.39 -7.43 36.95
N GLU AA 162 -31.51 -7.87 37.84
CA GLU AA 162 -31.65 -9.15 38.50
C GLU AA 162 -33.00 -9.35 39.22
N SER AA 163 -33.38 -8.38 40.04
CA SER AA 163 -34.62 -8.46 40.78
C SER AA 163 -35.86 -8.71 39.92
N ASP AA 164 -35.76 -8.49 38.61
CA ASP AA 164 -36.90 -8.71 37.72
C ASP AA 164 -37.06 -10.18 37.30
N ILE AA 165 -36.03 -10.99 37.51
CA ILE AA 165 -36.10 -12.40 37.11
C ILE AA 165 -37.24 -13.15 37.79
N PRO AA 166 -37.29 -13.14 39.14
CA PRO AA 166 -38.35 -13.84 39.85
C PRO AA 166 -39.78 -13.34 39.51
N LYS AA 167 -39.87 -12.12 38.97
CA LYS AA 167 -41.16 -11.54 38.61
C LYS AA 167 -41.55 -11.87 37.18
N THR AA 168 -40.71 -12.59 36.46
CA THR AA 168 -41.01 -12.91 35.07
C THR AA 168 -41.42 -14.37 34.87
N THR AA 169 -42.53 -14.57 34.20
CA THR AA 169 -43.04 -15.91 33.95
C THR AA 169 -42.72 -16.38 32.54
N VAL AA 170 -42.75 -17.70 32.36
CA VAL AA 170 -42.46 -18.32 31.07
C VAL AA 170 -43.30 -17.74 29.94
N GLN AA 171 -44.57 -17.45 30.24
CA GLN AA 171 -45.49 -16.91 29.25
C GLN AA 171 -45.02 -15.53 28.81
N VAL AA 172 -44.73 -14.68 29.78
CA VAL AA 172 -44.25 -13.33 29.51
C VAL AA 172 -42.92 -13.42 28.75
N ALA AA 173 -41.98 -14.18 29.28
CA ALA AA 173 -40.69 -14.35 28.62
C ALA AA 173 -40.85 -14.89 27.19
N GLU AA 174 -41.52 -16.04 27.04
CA GLU AA 174 -41.66 -16.59 25.70
C GLU AA 174 -42.31 -15.61 24.76
N GLU AA 175 -43.15 -14.74 25.30
CA GLU AA 175 -43.84 -13.75 24.48
C GLU AA 175 -42.81 -12.76 23.94
N ALA AA 176 -41.95 -12.30 24.84
CA ALA AA 176 -40.89 -11.37 24.49
C ALA AA 176 -39.98 -11.98 23.42
N ILE AA 177 -39.46 -13.17 23.67
CA ILE AA 177 -38.58 -13.82 22.70
C ILE AA 177 -39.24 -13.86 21.35
N VAL AA 178 -40.48 -14.34 21.31
CA VAL AA 178 -41.18 -14.46 20.05
C VAL AA 178 -41.40 -13.12 19.33
N ASN AA 179 -41.68 -12.06 20.08
CA ASN AA 179 -41.89 -10.76 19.45
C ASN AA 179 -40.58 -10.26 18.88
N ALA AA 180 -39.50 -10.50 19.62
CA ALA AA 180 -38.16 -10.10 19.21
C ALA AA 180 -37.79 -10.79 17.89
N MET AA 181 -38.07 -12.07 17.77
CA MET AA 181 -37.77 -12.78 16.55
C MET AA 181 -38.48 -12.13 15.38
N ARG AA 182 -39.67 -11.60 15.63
CA ARG AA 182 -40.42 -10.95 14.56
C ARG AA 182 -39.72 -9.66 14.16
N VAL AA 183 -39.36 -8.85 15.16
CA VAL AA 183 -38.65 -7.61 14.86
C VAL AA 183 -37.41 -7.91 14.02
N LEU AA 184 -36.60 -8.87 14.46
CA LEU AA 184 -35.41 -9.23 13.71
C LEU AA 184 -35.75 -9.66 12.29
N TYR AA 185 -36.92 -10.28 12.10
CA TYR AA 185 -37.30 -10.71 10.77
C TYR AA 185 -37.63 -9.50 9.90
N TYR AA 186 -38.10 -8.43 10.55
CA TYR AA 186 -38.43 -7.20 9.84
C TYR AA 186 -37.18 -6.43 9.39
N ARG AA 187 -36.21 -6.27 10.28
CA ARG AA 187 -35.04 -5.47 9.95
C ARG AA 187 -33.72 -6.15 9.61
N ASP AA 188 -33.57 -7.45 9.87
CA ASP AA 188 -32.31 -8.13 9.56
C ASP AA 188 -32.41 -8.80 8.19
N ALA AA 189 -31.63 -8.32 7.22
CA ALA AA 189 -31.64 -8.85 5.87
C ALA AA 189 -31.00 -10.24 5.75
N ARG AA 190 -30.59 -10.83 6.86
CA ARG AA 190 -29.97 -12.15 6.83
C ARG AA 190 -30.75 -13.08 7.74
N SER AA 191 -32.02 -12.76 7.98
CA SER AA 191 -32.86 -13.58 8.85
C SER AA 191 -33.90 -14.37 8.08
N SER AA 192 -34.42 -15.39 8.74
CA SER AA 192 -35.44 -16.26 8.17
C SER AA 192 -36.70 -16.16 9.02
N ARG AA 193 -37.82 -16.57 8.44
CA ARG AA 193 -39.10 -16.53 9.14
C ARG AA 193 -39.24 -17.76 10.05
N ASN AA 194 -38.56 -18.84 9.69
CA ASN AA 194 -38.60 -20.06 10.47
C ASN AA 194 -37.52 -20.08 11.51
N PHE AA 195 -37.87 -20.52 12.70
CA PHE AA 195 -36.90 -20.57 13.77
C PHE AA 195 -37.20 -21.65 14.78
N SER AA 196 -36.27 -21.85 15.70
CA SER AA 196 -36.43 -22.83 16.75
C SER AA 196 -36.35 -22.08 18.07
N LEU AA 197 -37.02 -22.60 19.09
CA LEU AA 197 -37.00 -21.97 20.40
C LEU AA 197 -36.94 -23.09 21.42
N ALA AA 198 -36.23 -22.86 22.51
CA ALA AA 198 -36.11 -23.89 23.54
C ALA AA 198 -36.22 -23.28 24.92
N ILE AA 199 -36.85 -24.02 25.82
CA ILE AA 199 -37.03 -23.57 27.19
C ILE AA 199 -36.42 -24.60 28.13
N ILE AA 200 -35.69 -24.13 29.13
CA ILE AA 200 -35.11 -25.02 30.10
C ILE AA 200 -35.64 -24.53 31.43
N ASP AA 201 -36.61 -25.27 31.98
CA ASP AA 201 -37.26 -24.92 33.23
C ASP AA 201 -36.88 -25.92 34.31
N LYS AA 202 -36.59 -25.41 35.51
CA LYS AA 202 -36.19 -26.28 36.61
C LYS AA 202 -37.26 -27.28 37.05
N ASN AA 203 -38.47 -27.14 36.52
CA ASN AA 203 -39.55 -28.05 36.88
C ASN AA 203 -40.05 -28.85 35.67
N THR AA 204 -40.34 -28.15 34.57
CA THR AA 204 -40.84 -28.82 33.38
C THR AA 204 -39.73 -29.43 32.50
N GLY AA 205 -38.48 -29.18 32.87
CA GLY AA 205 -37.36 -29.70 32.10
C GLY AA 205 -37.09 -28.90 30.84
N LEU AA 206 -36.61 -29.58 29.82
CA LEU AA 206 -36.29 -28.94 28.55
C LEU AA 206 -37.33 -29.15 27.48
N THR AA 207 -37.87 -28.05 26.97
CA THR AA 207 -38.86 -28.11 25.90
C THR AA 207 -38.19 -27.53 24.66
N PHE AA 208 -38.14 -28.30 23.59
CA PHE AA 208 -37.50 -27.85 22.37
C PHE AA 208 -38.50 -27.73 21.24
N LYS AA 209 -38.86 -26.50 20.87
CA LYS AA 209 -39.82 -26.28 19.80
C LYS AA 209 -39.21 -25.98 18.42
N LYS AA 210 -39.50 -26.83 17.44
CA LYS AA 210 -38.99 -26.66 16.10
C LYS AA 210 -40.05 -26.12 15.14
N ASN AA 211 -39.61 -25.67 13.98
CA ASN AA 211 -40.48 -25.14 12.94
C ASN AA 211 -41.44 -24.02 13.29
N LEU AA 212 -41.06 -23.12 14.19
CA LEU AA 212 -41.92 -22.01 14.53
C LEU AA 212 -41.89 -21.04 13.35
N GLN AA 213 -42.76 -20.04 13.36
CA GLN AA 213 -42.80 -19.05 12.28
C GLN AA 213 -43.23 -17.70 12.80
N VAL AA 214 -42.72 -16.65 12.17
CA VAL AA 214 -43.10 -15.30 12.56
C VAL AA 214 -44.51 -15.14 12.05
N GLU AA 215 -45.42 -14.79 12.97
CA GLU AA 215 -46.82 -14.59 12.62
C GLU AA 215 -47.26 -13.19 13.08
N ASN AA 216 -48.46 -12.81 12.67
CA ASN AA 216 -49.04 -11.51 13.03
C ASN AA 216 -48.17 -10.33 12.58
N MET AA 217 -47.79 -10.32 11.31
CA MET AA 217 -46.96 -9.24 10.78
C MET AA 217 -47.80 -8.12 10.16
N LYS AA 218 -47.42 -6.87 10.43
CA LYS AA 218 -48.09 -5.72 9.88
C LYS AA 218 -47.40 -5.30 8.58
N TRP AA 219 -48.10 -5.37 7.46
CA TRP AA 219 -47.53 -4.97 6.17
C TRP AA 219 -48.50 -4.09 5.40
N ASP AA 220 -49.76 -4.10 5.81
CA ASP AA 220 -50.81 -3.33 5.15
C ASP AA 220 -50.51 -1.85 4.89
N PHE AA 221 -50.00 -1.14 5.90
CA PHE AA 221 -49.70 0.29 5.74
C PHE AA 221 -48.81 0.57 4.52
N ALA AA 222 -48.14 -0.46 4.01
CA ALA AA 222 -47.27 -0.30 2.87
C ALA AA 222 -48.00 0.08 1.58
N LYS AA 223 -49.32 -0.02 1.59
CA LYS AA 223 -50.11 0.30 0.39
C LYS AA 223 -50.28 1.81 0.24
N ASP AA 224 -50.17 2.50 1.36
CA ASP AA 224 -50.34 3.95 1.41
C ASP AA 224 -49.07 4.69 1.04
N ILE AA 225 -47.95 3.98 1.05
CA ILE AA 225 -46.66 4.59 0.73
C ILE AA 225 -46.30 4.57 -0.75
N LYS AA 226 -46.16 5.75 -1.33
CA LYS AA 226 -45.80 5.86 -2.73
C LYS AA 226 -44.73 6.94 -2.92
N GLY AA 227 -43.82 6.71 -3.87
CA GLY AA 227 -42.74 7.65 -4.15
C GLY AA 227 -41.75 7.81 -3.00
N TYR AA 228 -40.83 8.75 -3.15
CA TYR AA 228 -39.85 8.99 -2.11
C TYR AA 228 -39.82 10.46 -1.67
N GLY AA 229 -40.98 11.10 -1.77
CA GLY AA 229 -41.08 12.49 -1.37
C GLY AA 229 -42.24 13.27 -1.96
N THR AA 230 -42.12 13.64 -3.23
CA THR AA 230 -43.13 14.44 -3.90
C THR AA 230 -44.16 13.69 -4.74
N GLN AA 231 -43.85 12.46 -5.14
CA GLN AA 231 -44.76 11.68 -5.96
C GLN AA 231 -46.10 11.44 -5.25
N LYS AA 232 -47.19 11.71 -5.95
CA LYS AA 232 -48.52 11.53 -5.37
C LYS AA 232 -49.20 10.22 -5.71
N ILE AA 233 -48.95 9.66 -6.90
CA ILE AA 233 -49.59 8.42 -7.27
C ILE AA 233 -48.64 7.21 -7.14
N THR BA 1 -18.57 -23.09 -14.58
CA THR BA 1 -19.00 -24.47 -14.20
C THR BA 1 -20.42 -24.53 -13.63
N SER BA 2 -21.19 -25.49 -14.14
CA SER BA 2 -22.54 -25.72 -13.68
C SER BA 2 -22.65 -27.20 -13.34
N ILE BA 3 -22.97 -27.48 -12.08
CA ILE BA 3 -23.08 -28.85 -11.62
C ILE BA 3 -24.24 -29.01 -10.63
N MET BA 4 -24.89 -30.17 -10.69
CA MET BA 4 -26.01 -30.44 -9.79
C MET BA 4 -26.19 -31.93 -9.60
N ALA BA 5 -26.86 -32.29 -8.52
CA ALA BA 5 -27.14 -33.69 -8.21
C ALA BA 5 -28.58 -33.73 -7.73
N VAL BA 6 -29.38 -34.60 -8.33
CA VAL BA 6 -30.79 -34.73 -7.96
C VAL BA 6 -31.16 -36.16 -7.57
N THR BA 7 -31.81 -36.31 -6.42
CA THR BA 7 -32.26 -37.63 -5.98
C THR BA 7 -33.66 -37.83 -6.53
N PHE BA 8 -33.96 -39.03 -6.99
CA PHE BA 8 -35.30 -39.32 -7.51
C PHE BA 8 -35.74 -40.70 -7.06
N LYS BA 9 -36.97 -41.05 -7.40
CA LYS BA 9 -37.57 -42.33 -7.04
C LYS BA 9 -36.60 -43.54 -6.99
N ASP BA 10 -35.88 -43.76 -8.09
CA ASP BA 10 -34.95 -44.89 -8.20
C ASP BA 10 -33.50 -44.66 -7.79
N GLY BA 11 -33.20 -43.50 -7.22
CA GLY BA 11 -31.82 -43.24 -6.82
C GLY BA 11 -31.35 -41.80 -6.94
N VAL BA 12 -30.39 -41.54 -7.83
CA VAL BA 12 -29.86 -40.19 -7.98
C VAL BA 12 -29.09 -39.98 -9.28
N ILE BA 13 -29.09 -38.75 -9.80
CA ILE BA 13 -28.37 -38.43 -11.03
C ILE BA 13 -27.50 -37.18 -10.87
N LEU BA 14 -26.29 -37.24 -11.42
CA LEU BA 14 -25.35 -36.13 -11.37
C LEU BA 14 -25.20 -35.54 -12.76
N GLY BA 15 -25.15 -34.21 -12.82
CA GLY BA 15 -25.00 -33.55 -14.11
C GLY BA 15 -24.01 -32.41 -14.06
N ALA BA 16 -23.44 -32.07 -15.21
CA ALA BA 16 -22.47 -30.99 -15.28
C ALA BA 16 -22.19 -30.59 -16.72
N ASP BA 17 -21.65 -29.37 -16.90
CA ASP BA 17 -21.27 -28.91 -18.23
C ASP BA 17 -19.84 -29.43 -18.44
N SER BA 18 -19.24 -29.15 -19.59
CA SER BA 18 -17.89 -29.65 -19.84
C SER BA 18 -16.88 -28.56 -20.14
N ARG BA 19 -17.09 -27.37 -19.59
CA ARG BA 19 -16.18 -26.25 -19.84
C ARG BA 19 -15.29 -25.82 -18.70
N THR BA 20 -14.00 -25.72 -18.98
CA THR BA 20 -13.03 -25.23 -18.00
C THR BA 20 -12.32 -24.07 -18.67
N THR BA 21 -12.28 -22.97 -17.95
CA THR BA 21 -11.68 -21.77 -18.45
C THR BA 21 -10.55 -21.25 -17.58
N THR BA 22 -9.71 -20.45 -18.20
CA THR BA 22 -8.60 -19.78 -17.54
C THR BA 22 -8.86 -18.39 -18.13
N GLY BA 23 -9.66 -17.61 -17.42
CA GLY BA 23 -10.02 -16.29 -17.91
C GLY BA 23 -11.10 -16.50 -18.94
N ALA BA 24 -10.97 -15.84 -20.08
CA ALA BA 24 -11.97 -15.97 -21.13
C ALA BA 24 -11.61 -17.11 -22.08
N TYR BA 25 -10.43 -17.70 -21.90
CA TYR BA 25 -10.03 -18.80 -22.77
C TYR BA 25 -10.59 -20.12 -22.25
N ILE BA 26 -11.15 -20.92 -23.17
CA ILE BA 26 -11.69 -22.21 -22.80
C ILE BA 26 -10.57 -23.22 -22.97
N ALA BA 27 -9.93 -23.55 -21.86
CA ALA BA 27 -8.80 -24.48 -21.83
C ALA BA 27 -9.21 -25.89 -22.27
N ASN BA 28 -10.41 -26.28 -21.88
CA ASN BA 28 -10.94 -27.58 -22.22
C ASN BA 28 -12.45 -27.47 -22.41
N ARG BA 29 -12.95 -27.87 -23.57
CA ARG BA 29 -14.38 -27.79 -23.83
C ARG BA 29 -15.12 -29.12 -23.66
N VAL BA 30 -14.38 -30.18 -23.38
CA VAL BA 30 -14.98 -31.50 -23.19
C VAL BA 30 -14.57 -32.11 -21.85
N THR BA 31 -14.39 -31.27 -20.84
CA THR BA 31 -14.00 -31.72 -19.49
C THR BA 31 -15.03 -32.69 -18.92
N ASP BA 32 -14.58 -33.61 -18.07
CA ASP BA 32 -15.49 -34.53 -17.40
C ASP BA 32 -15.45 -34.19 -15.92
N LYS BA 33 -16.44 -33.43 -15.46
CA LYS BA 33 -16.51 -33.00 -14.08
C LYS BA 33 -17.19 -34.01 -13.16
N LEU BA 34 -17.64 -35.12 -13.72
CA LEU BA 34 -18.28 -36.16 -12.94
C LEU BA 34 -17.20 -37.15 -12.54
N THR BA 35 -16.85 -37.13 -11.26
CA THR BA 35 -15.78 -37.97 -10.75
C THR BA 35 -16.23 -39.11 -9.85
N ARG BA 36 -15.74 -40.29 -10.18
CA ARG BA 36 -16.05 -41.51 -9.45
C ARG BA 36 -15.11 -41.72 -8.27
N VAL BA 37 -15.65 -41.73 -7.06
CA VAL BA 37 -14.81 -41.97 -5.89
C VAL BA 37 -15.03 -43.41 -5.43
N HIS BA 38 -16.08 -44.02 -5.96
CA HIS BA 38 -16.43 -45.42 -5.66
C HIS BA 38 -17.44 -45.92 -6.69
N ASP BA 39 -17.65 -47.23 -6.71
CA ASP BA 39 -18.59 -47.84 -7.65
C ASP BA 39 -19.86 -47.02 -7.77
N LYS BA 40 -20.51 -46.77 -6.63
CA LYS BA 40 -21.74 -45.99 -6.66
C LYS BA 40 -21.75 -44.73 -5.80
N ILE BA 41 -20.58 -44.10 -5.69
CA ILE BA 41 -20.43 -42.84 -4.98
C ILE BA 41 -19.68 -41.96 -5.97
N TRP BA 42 -20.30 -40.89 -6.42
CA TRP BA 42 -19.65 -39.97 -7.36
C TRP BA 42 -19.73 -38.55 -6.82
N CYS BA 43 -19.01 -37.63 -7.44
CA CYS BA 43 -19.05 -36.23 -7.00
C CYS BA 43 -18.91 -35.27 -8.16
N CYS BA 44 -19.36 -34.05 -7.92
CA CYS BA 44 -19.24 -32.99 -8.93
C CYS BA 44 -18.28 -32.00 -8.33
N ARG BA 45 -17.25 -31.66 -9.11
CA ARG BA 45 -16.22 -30.73 -8.65
C ARG BA 45 -16.42 -29.30 -9.17
N SER BA 46 -16.14 -28.33 -8.30
CA SER BA 46 -16.21 -26.90 -8.63
C SER BA 46 -15.12 -26.20 -7.80
N GLY BA 47 -14.51 -25.17 -8.38
CA GLY BA 47 -13.45 -24.44 -7.71
C GLY BA 47 -12.13 -24.76 -8.41
N SER BA 48 -11.05 -24.86 -7.64
CA SER BA 48 -9.73 -25.17 -8.20
C SER BA 48 -9.67 -26.61 -8.76
N ALA BA 49 -9.36 -26.75 -10.04
CA ALA BA 49 -9.27 -28.08 -10.64
C ALA BA 49 -8.17 -28.87 -9.95
N ALA BA 50 -7.04 -28.20 -9.69
CA ALA BA 50 -5.95 -28.87 -9.04
C ALA BA 50 -6.39 -29.35 -7.66
N ASP BA 51 -7.05 -28.46 -6.93
CA ASP BA 51 -7.49 -28.82 -5.59
C ASP BA 51 -8.55 -29.90 -5.52
N THR BA 52 -9.57 -29.80 -6.37
CA THR BA 52 -10.64 -30.78 -6.33
C THR BA 52 -10.17 -32.14 -6.86
N GLN BA 53 -9.29 -32.14 -7.85
CA GLN BA 53 -8.75 -33.39 -8.40
C GLN BA 53 -7.93 -34.06 -7.30
N ALA BA 54 -7.10 -33.29 -6.63
CA ALA BA 54 -6.28 -33.84 -5.57
C ALA BA 54 -7.15 -34.38 -4.44
N ILE BA 55 -8.18 -33.62 -4.05
CA ILE BA 55 -9.07 -34.07 -3.00
C ILE BA 55 -9.79 -35.34 -3.42
N ALA BA 56 -10.31 -35.34 -4.64
CA ALA BA 56 -11.01 -36.52 -5.15
C ALA BA 56 -10.09 -37.74 -5.11
N ASP BA 57 -8.89 -37.61 -5.69
CA ASP BA 57 -7.94 -38.71 -5.69
C ASP BA 57 -7.70 -39.26 -4.27
N ILE BA 58 -7.62 -38.37 -3.27
CA ILE BA 58 -7.42 -38.84 -1.91
C ILE BA 58 -8.64 -39.55 -1.34
N VAL BA 59 -9.83 -39.00 -1.58
CA VAL BA 59 -11.05 -39.63 -1.08
C VAL BA 59 -11.16 -41.03 -1.70
N GLN BA 60 -10.88 -41.12 -2.99
CA GLN BA 60 -10.93 -42.39 -3.68
C GLN BA 60 -9.98 -43.39 -2.98
N TYR BA 61 -8.79 -42.92 -2.64
CA TYR BA 61 -7.83 -43.78 -1.96
C TYR BA 61 -8.42 -44.22 -0.61
N HIS BA 62 -9.07 -43.30 0.09
CA HIS BA 62 -9.66 -43.64 1.39
C HIS BA 62 -10.79 -44.66 1.32
N LEU BA 63 -11.73 -44.44 0.41
CA LEU BA 63 -12.85 -45.37 0.29
C LEU BA 63 -12.37 -46.75 -0.22
N GLU BA 64 -11.28 -46.78 -0.97
CA GLU BA 64 -10.75 -48.04 -1.45
C GLU BA 64 -10.14 -48.82 -0.27
N LEU BA 65 -9.52 -48.12 0.67
CA LEU BA 65 -8.93 -48.77 1.83
C LEU BA 65 -10.00 -49.17 2.84
N TYR BA 66 -11.06 -48.36 2.90
CA TYR BA 66 -12.22 -48.60 3.79
C TYR BA 66 -12.91 -49.89 3.33
N THR BA 67 -13.18 -49.96 2.03
CA THR BA 67 -13.82 -51.12 1.45
C THR BA 67 -13.00 -52.36 1.78
N SER BA 68 -11.70 -52.31 1.54
CA SER BA 68 -10.83 -53.45 1.82
C SER BA 68 -11.00 -53.99 3.22
N GLN BA 69 -11.28 -53.09 4.17
CA GLN BA 69 -11.42 -53.52 5.55
C GLN BA 69 -12.82 -53.66 6.09
N TYR BA 70 -13.73 -52.77 5.70
CA TYR BA 70 -15.08 -52.83 6.26
C TYR BA 70 -16.20 -52.95 5.24
N GLY BA 71 -15.84 -53.28 4.01
CA GLY BA 71 -16.86 -53.41 2.98
C GLY BA 71 -17.28 -52.07 2.41
N THR BA 72 -18.31 -52.08 1.58
CA THR BA 72 -18.80 -50.86 0.96
C THR BA 72 -19.21 -49.77 1.95
N PRO BA 73 -18.69 -48.55 1.74
CA PRO BA 73 -18.98 -47.39 2.60
C PRO BA 73 -20.29 -46.70 2.22
N SER BA 74 -20.90 -46.04 3.19
CA SER BA 74 -22.14 -45.34 2.90
C SER BA 74 -21.82 -44.01 2.23
N THR BA 75 -22.82 -43.42 1.59
CA THR BA 75 -22.63 -42.14 0.93
C THR BA 75 -22.33 -41.11 2.00
N GLU BA 76 -22.87 -41.32 3.19
CA GLU BA 76 -22.63 -40.39 4.28
C GLU BA 76 -21.16 -40.43 4.68
N THR BA 77 -20.56 -41.61 4.63
CA THR BA 77 -19.16 -41.76 4.99
C THR BA 77 -18.25 -41.09 3.96
N ALA BA 78 -18.62 -41.18 2.69
CA ALA BA 78 -17.84 -40.55 1.63
C ALA BA 78 -17.93 -39.03 1.78
N ALA BA 79 -19.09 -38.53 2.14
CA ALA BA 79 -19.26 -37.09 2.31
C ALA BA 79 -18.45 -36.65 3.52
N SER BA 80 -18.37 -37.50 4.53
CA SER BA 80 -17.62 -37.18 5.74
C SER BA 80 -16.13 -37.06 5.45
N VAL BA 81 -15.60 -37.96 4.62
CA VAL BA 81 -14.19 -37.92 4.29
C VAL BA 81 -13.89 -36.63 3.49
N PHE BA 82 -14.76 -36.30 2.56
CA PHE BA 82 -14.61 -35.10 1.75
C PHE BA 82 -14.59 -33.91 2.69
N LYS BA 83 -15.55 -33.86 3.59
CA LYS BA 83 -15.67 -32.76 4.54
C LYS BA 83 -14.42 -32.63 5.39
N GLU BA 84 -13.96 -33.74 5.94
CA GLU BA 84 -12.78 -33.73 6.76
C GLU BA 84 -11.63 -33.04 6.03
N LEU BA 85 -11.39 -33.41 4.78
CA LEU BA 85 -10.32 -32.80 3.99
C LEU BA 85 -10.59 -31.32 3.74
N CYS BA 86 -11.77 -30.99 3.22
CA CYS BA 86 -12.13 -29.61 2.92
C CYS BA 86 -12.13 -28.65 4.11
N TYR BA 87 -12.62 -29.12 5.24
CA TYR BA 87 -12.69 -28.27 6.44
C TYR BA 87 -11.33 -28.08 7.10
N GLU BA 88 -10.64 -29.18 7.35
CA GLU BA 88 -9.33 -29.15 7.99
C GLU BA 88 -8.29 -28.33 7.19
N ASN BA 89 -8.44 -28.31 5.86
CA ASN BA 89 -7.52 -27.58 4.98
C ASN BA 89 -8.19 -26.40 4.28
N LYS BA 90 -9.22 -25.85 4.92
CA LYS BA 90 -9.98 -24.73 4.34
C LYS BA 90 -9.17 -23.52 3.93
N ASP BA 91 -8.01 -23.31 4.54
CA ASP BA 91 -7.18 -22.16 4.21
C ASP BA 91 -6.39 -22.28 2.91
N ASN BA 92 -6.11 -23.50 2.48
CA ASN BA 92 -5.34 -23.70 1.26
C ASN BA 92 -6.12 -24.37 0.16
N LEU BA 93 -7.44 -24.39 0.30
CA LEU BA 93 -8.28 -25.03 -0.69
C LEU BA 93 -9.40 -24.14 -1.20
N THR BA 94 -9.76 -24.35 -2.45
CA THR BA 94 -10.85 -23.64 -3.09
C THR BA 94 -11.61 -24.73 -3.84
N ALA BA 95 -12.43 -25.44 -3.08
CA ALA BA 95 -13.22 -26.53 -3.62
C ALA BA 95 -14.68 -26.52 -3.14
N GLY BA 96 -15.59 -26.66 -4.09
CA GLY BA 96 -17.00 -26.73 -3.80
C GLY BA 96 -17.39 -28.08 -4.37
N ILE BA 97 -17.75 -29.03 -3.51
CA ILE BA 97 -18.09 -30.36 -3.99
C ILE BA 97 -19.47 -30.92 -3.66
N ILE BA 98 -20.07 -31.55 -4.66
CA ILE BA 98 -21.38 -32.19 -4.50
C ILE BA 98 -21.14 -33.70 -4.50
N VAL BA 99 -21.53 -34.38 -3.43
CA VAL BA 99 -21.35 -35.83 -3.37
C VAL BA 99 -22.71 -36.53 -3.53
N ALA BA 100 -22.78 -37.43 -4.50
CA ALA BA 100 -24.02 -38.16 -4.76
C ALA BA 100 -23.75 -39.65 -4.81
N GLY BA 101 -24.54 -40.42 -4.07
CA GLY BA 101 -24.33 -41.85 -4.09
C GLY BA 101 -25.60 -42.65 -3.94
N TYR BA 102 -25.55 -43.92 -4.36
CA TYR BA 102 -26.69 -44.80 -4.27
C TYR BA 102 -26.38 -46.02 -3.41
N ASP BA 103 -27.17 -46.16 -2.35
CA ASP BA 103 -27.06 -47.23 -1.39
C ASP BA 103 -28.34 -48.04 -1.54
N ASP BA 104 -28.30 -49.32 -1.19
CA ASP BA 104 -29.51 -50.13 -1.32
C ASP BA 104 -30.46 -49.91 -0.14
N LYS BA 105 -29.87 -49.65 1.02
CA LYS BA 105 -30.65 -49.41 2.22
C LYS BA 105 -31.16 -47.96 2.22
N ASN BA 106 -30.29 -47.03 1.82
CA ASN BA 106 -30.63 -45.60 1.79
C ASN BA 106 -31.09 -45.05 0.44
N LYS BA 107 -30.99 -45.86 -0.61
CA LYS BA 107 -31.39 -45.41 -1.95
C LYS BA 107 -30.47 -44.25 -2.36
N GLY BA 108 -31.01 -43.20 -2.97
CA GLY BA 108 -30.19 -42.08 -3.40
C GLY BA 108 -29.99 -41.01 -2.33
N GLU BA 109 -28.79 -40.45 -2.28
CA GLU BA 109 -28.51 -39.38 -1.32
C GLU BA 109 -27.60 -38.32 -1.93
N VAL BA 110 -27.82 -37.07 -1.54
CA VAL BA 110 -27.03 -35.97 -2.03
C VAL BA 110 -26.50 -35.10 -0.88
N TYR BA 111 -25.19 -34.86 -0.90
CA TYR BA 111 -24.54 -34.02 0.10
C TYR BA 111 -23.77 -32.93 -0.61
N THR BA 112 -23.88 -31.71 -0.10
CA THR BA 112 -23.17 -30.60 -0.69
C THR BA 112 -22.15 -30.09 0.33
N ILE BA 113 -20.93 -29.87 -0.16
CA ILE BA 113 -19.84 -29.37 0.66
C ILE BA 113 -19.34 -28.05 0.04
N PRO BA 114 -19.82 -26.92 0.55
CA PRO BA 114 -19.41 -25.62 0.04
C PRO BA 114 -18.05 -25.15 0.56
N LEU BA 115 -17.54 -24.07 -0.03
CA LEU BA 115 -16.27 -23.48 0.34
C LEU BA 115 -15.82 -23.63 1.79
N GLY BA 116 -16.58 -23.16 2.75
CA GLY BA 116 -16.09 -23.32 4.11
C GLY BA 116 -15.72 -24.72 4.63
N GLY BA 117 -16.30 -25.76 4.05
CA GLY BA 117 -16.02 -27.11 4.54
C GLY BA 117 -17.19 -27.67 5.34
N SER BA 118 -18.34 -26.99 5.31
CA SER BA 118 -19.53 -27.46 6.02
C SER BA 118 -20.22 -28.52 5.16
N VAL BA 119 -21.13 -29.29 5.75
CA VAL BA 119 -21.82 -30.32 4.98
C VAL BA 119 -23.33 -30.16 5.05
N HIS BA 120 -23.99 -30.40 3.92
CA HIS BA 120 -25.43 -30.27 3.86
C HIS BA 120 -26.07 -31.38 3.04
N LYS BA 121 -26.96 -32.12 3.67
CA LYS BA 121 -27.69 -33.19 3.01
C LYS BA 121 -28.94 -32.55 2.40
N LEU BA 122 -29.18 -32.78 1.12
CA LEU BA 122 -30.33 -32.19 0.45
C LEU BA 122 -31.00 -33.11 -0.55
N PRO BA 123 -32.25 -32.79 -0.92
CA PRO BA 123 -33.01 -33.59 -1.89
C PRO BA 123 -32.27 -33.48 -3.22
N TYR BA 124 -31.70 -32.30 -3.45
CA TYR BA 124 -30.92 -32.04 -4.66
C TYR BA 124 -30.01 -30.85 -4.37
N ALA BA 125 -29.00 -30.64 -5.21
CA ALA BA 125 -28.06 -29.55 -5.00
C ALA BA 125 -27.51 -29.02 -6.30
N ILE BA 126 -27.24 -27.72 -6.31
CA ILE BA 126 -26.65 -27.10 -7.48
C ILE BA 126 -25.49 -26.21 -7.04
N ALA BA 127 -24.47 -26.13 -7.87
CA ALA BA 127 -23.31 -25.33 -7.54
C ALA BA 127 -22.49 -24.98 -8.79
N GLY BA 128 -21.47 -24.14 -8.61
CA GLY BA 128 -20.67 -23.71 -9.73
C GLY BA 128 -21.12 -22.31 -10.12
N SER BA 129 -20.29 -21.59 -10.85
CA SER BA 129 -20.63 -20.24 -11.24
C SER BA 129 -22.00 -20.12 -11.91
N GLY BA 130 -22.33 -21.07 -12.78
CA GLY BA 130 -23.61 -21.03 -13.47
C GLY BA 130 -24.84 -21.31 -12.62
N SER BA 131 -24.64 -21.87 -11.43
CA SER BA 131 -25.78 -22.19 -10.58
C SER BA 131 -26.62 -21.02 -10.10
N THR BA 132 -26.03 -19.84 -9.94
CA THR BA 132 -26.80 -18.68 -9.46
C THR BA 132 -28.01 -18.36 -10.34
N PHE BA 133 -27.85 -18.56 -11.64
CA PHE BA 133 -28.88 -18.26 -12.60
C PHE BA 133 -30.06 -19.23 -12.64
N ILE BA 134 -29.92 -20.38 -11.99
CA ILE BA 134 -31.00 -21.35 -12.01
C ILE BA 134 -31.60 -21.66 -10.63
N TYR BA 135 -31.33 -20.82 -9.64
CA TYR BA 135 -31.90 -21.05 -8.33
C TYR BA 135 -33.42 -20.97 -8.43
N GLY BA 136 -33.92 -19.93 -9.10
CA GLY BA 136 -35.35 -19.77 -9.26
C GLY BA 136 -35.96 -20.94 -10.00
N TYR BA 137 -35.43 -21.24 -11.17
CA TYR BA 137 -35.94 -22.36 -11.96
C TYR BA 137 -36.01 -23.67 -11.16
N CYS BA 138 -34.86 -24.14 -10.67
CA CYS BA 138 -34.81 -25.38 -9.91
C CYS BA 138 -35.78 -25.44 -8.74
N ASP BA 139 -35.90 -24.36 -8.00
CA ASP BA 139 -36.79 -24.33 -6.85
C ASP BA 139 -38.26 -24.42 -7.28
N LYS BA 140 -38.57 -23.98 -8.49
CA LYS BA 140 -39.96 -24.05 -8.97
C LYS BA 140 -40.25 -25.38 -9.65
N ASN BA 141 -39.25 -26.00 -10.25
CA ASN BA 141 -39.47 -27.25 -10.96
C ASN BA 141 -39.01 -28.56 -10.31
N PHE BA 142 -38.44 -28.52 -9.12
CA PHE BA 142 -38.03 -29.76 -8.50
C PHE BA 142 -39.18 -30.40 -7.72
N ARG BA 143 -39.27 -31.72 -7.85
CA ARG BA 143 -40.29 -32.50 -7.17
C ARG BA 143 -39.61 -33.76 -6.66
N GLU BA 144 -39.98 -34.19 -5.47
CA GLU BA 144 -39.38 -35.40 -4.92
C GLU BA 144 -40.01 -36.65 -5.53
N ASN BA 145 -39.18 -37.67 -5.73
CA ASN BA 145 -39.62 -38.94 -6.29
C ASN BA 145 -39.98 -38.92 -7.77
N MET BA 146 -39.25 -38.12 -8.54
CA MET BA 146 -39.48 -38.05 -9.97
C MET BA 146 -39.00 -39.36 -10.58
N SER BA 147 -39.32 -39.58 -11.85
CA SER BA 147 -38.91 -40.79 -12.54
C SER BA 147 -37.58 -40.50 -13.20
N LYS BA 148 -36.86 -41.54 -13.60
CA LYS BA 148 -35.60 -41.31 -14.26
C LYS BA 148 -35.75 -40.33 -15.43
N GLU BA 149 -36.75 -40.52 -16.28
CA GLU BA 149 -36.91 -39.61 -17.43
C GLU BA 149 -37.18 -38.17 -17.00
N GLU BA 150 -38.01 -37.99 -15.98
CA GLU BA 150 -38.34 -36.66 -15.49
C GLU BA 150 -37.08 -35.98 -14.95
N THR BA 151 -36.32 -36.72 -14.14
CA THR BA 151 -35.09 -36.21 -13.53
C THR BA 151 -34.07 -35.81 -14.58
N VAL BA 152 -33.85 -36.67 -15.57
CA VAL BA 152 -32.90 -36.37 -16.63
C VAL BA 152 -33.33 -35.10 -17.35
N ASP BA 153 -34.63 -34.84 -17.38
CA ASP BA 153 -35.16 -33.65 -18.05
C ASP BA 153 -34.99 -32.41 -17.21
N PHE BA 154 -35.26 -32.56 -15.92
CA PHE BA 154 -35.11 -31.46 -14.98
C PHE BA 154 -33.67 -30.96 -15.08
N ILE BA 155 -32.72 -31.90 -15.01
CA ILE BA 155 -31.31 -31.59 -15.08
C ILE BA 155 -30.91 -31.04 -16.45
N LYS BA 156 -31.38 -31.66 -17.53
CA LYS BA 156 -31.04 -31.17 -18.85
C LYS BA 156 -31.51 -29.74 -19.09
N HIS BA 157 -32.69 -29.41 -18.57
CA HIS BA 157 -33.24 -28.06 -18.72
C HIS BA 157 -32.51 -27.08 -17.82
N SER BA 158 -32.37 -27.42 -16.54
CA SER BA 158 -31.68 -26.55 -15.59
C SER BA 158 -30.30 -26.15 -16.11
N LEU BA 159 -29.49 -27.14 -16.47
CA LEU BA 159 -28.14 -26.90 -16.94
C LEU BA 159 -28.06 -26.14 -18.25
N SER BA 160 -29.04 -26.31 -19.12
CA SER BA 160 -28.98 -25.57 -20.38
C SER BA 160 -29.21 -24.08 -20.08
N GLN BA 161 -29.92 -23.78 -19.00
CA GLN BA 161 -30.16 -22.40 -18.63
C GLN BA 161 -28.87 -21.84 -18.04
N ALA BA 162 -28.27 -22.62 -17.13
CA ALA BA 162 -27.01 -22.23 -16.53
C ALA BA 162 -26.01 -21.97 -17.66
N ILE BA 163 -25.89 -22.91 -18.59
CA ILE BA 163 -24.96 -22.74 -19.70
C ILE BA 163 -25.30 -21.51 -20.52
N LYS BA 164 -26.58 -21.18 -20.59
CA LYS BA 164 -27.04 -20.04 -21.39
C LYS BA 164 -26.59 -18.68 -20.90
N TRP BA 165 -26.58 -18.53 -19.59
CA TRP BA 165 -26.23 -17.27 -18.97
C TRP BA 165 -24.79 -17.14 -18.47
N ASP BA 166 -24.19 -18.26 -18.06
CA ASP BA 166 -22.83 -18.25 -17.53
C ASP BA 166 -21.77 -18.63 -18.57
N GLY BA 167 -20.93 -17.67 -18.92
CA GLY BA 167 -19.87 -17.91 -19.89
C GLY BA 167 -18.85 -18.92 -19.42
N SER BA 168 -18.83 -19.17 -18.11
CA SER BA 168 -17.88 -20.13 -17.56
C SER BA 168 -18.37 -21.55 -17.77
N SER BA 169 -19.63 -21.69 -18.19
CA SER BA 169 -20.21 -23.00 -18.42
C SER BA 169 -20.45 -23.17 -19.92
N GLY BA 170 -20.50 -24.42 -20.37
CA GLY BA 170 -20.73 -24.68 -21.77
C GLY BA 170 -20.32 -26.06 -22.22
N GLY BA 171 -20.29 -26.26 -23.54
CA GLY BA 171 -19.91 -27.54 -24.09
C GLY BA 171 -21.05 -28.53 -24.10
N VAL BA 172 -20.79 -29.76 -23.64
CA VAL BA 172 -21.83 -30.78 -23.59
C VAL BA 172 -22.31 -30.93 -22.15
N ILE BA 173 -23.49 -31.53 -21.98
CA ILE BA 173 -23.99 -31.77 -20.62
C ILE BA 173 -23.73 -33.25 -20.37
N ARG BA 174 -23.15 -33.57 -19.22
CA ARG BA 174 -22.86 -34.97 -18.88
C ARG BA 174 -23.69 -35.37 -17.67
N MET BA 175 -24.10 -36.62 -17.65
CA MET BA 175 -24.88 -37.12 -16.53
C MET BA 175 -24.44 -38.52 -16.18
N VAL BA 176 -24.71 -38.89 -14.94
CA VAL BA 176 -24.41 -40.22 -14.46
C VAL BA 176 -25.57 -40.61 -13.59
N VAL BA 177 -26.22 -41.71 -13.95
CA VAL BA 177 -27.37 -42.18 -13.18
C VAL BA 177 -26.89 -43.29 -12.27
N LEU BA 178 -27.21 -43.17 -10.99
CA LEU BA 178 -26.83 -44.13 -9.99
C LEU BA 178 -28.07 -44.80 -9.41
N THR BA 179 -28.26 -46.07 -9.77
CA THR BA 179 -29.41 -46.85 -9.31
C THR BA 179 -29.02 -48.28 -8.98
N ALA BA 180 -29.94 -49.02 -8.36
CA ALA BA 180 -29.67 -50.41 -8.01
C ALA BA 180 -29.29 -51.17 -9.28
N ALA BA 181 -29.82 -50.71 -10.40
CA ALA BA 181 -29.54 -51.33 -11.70
C ALA BA 181 -28.08 -51.15 -12.11
N GLY BA 182 -27.42 -50.13 -11.55
CA GLY BA 182 -26.03 -49.90 -11.91
C GLY BA 182 -25.66 -48.45 -12.16
N VAL BA 183 -24.72 -48.24 -13.08
CA VAL BA 183 -24.23 -46.91 -13.41
C VAL BA 183 -24.40 -46.61 -14.89
N GLU BA 184 -25.02 -45.47 -15.20
CA GLU BA 184 -25.23 -45.10 -16.60
C GLU BA 184 -24.70 -43.71 -16.96
N ARG BA 185 -23.93 -43.65 -18.03
CA ARG BA 185 -23.34 -42.41 -18.53
C ARG BA 185 -24.23 -41.81 -19.60
N LEU BA 186 -24.56 -40.52 -19.47
CA LEU BA 186 -25.38 -39.83 -20.47
C LEU BA 186 -24.62 -38.61 -20.96
N ILE BA 187 -24.79 -38.30 -22.23
CA ILE BA 187 -24.13 -37.15 -22.83
C ILE BA 187 -25.16 -36.44 -23.72
N PHE BA 188 -25.20 -35.11 -23.65
CA PHE BA 188 -26.15 -34.34 -24.46
C PHE BA 188 -25.42 -33.21 -25.13
N TYR BA 189 -25.49 -33.18 -26.45
CA TYR BA 189 -24.79 -32.18 -27.23
C TYR BA 189 -25.51 -30.83 -27.33
N PRO BA 190 -24.76 -29.77 -27.68
CA PRO BA 190 -25.29 -28.41 -27.83
C PRO BA 190 -26.55 -28.34 -28.68
N ASP BA 191 -26.44 -28.87 -29.90
CA ASP BA 191 -27.56 -28.85 -30.83
C ASP BA 191 -28.85 -29.37 -30.24
N GLU BA 192 -28.78 -30.04 -29.10
CA GLU BA 192 -30.00 -30.50 -28.47
C GLU BA 192 -30.49 -29.56 -27.36
N TYR BA 193 -29.76 -29.46 -26.26
CA TYR BA 193 -30.21 -28.62 -25.16
C TYR BA 193 -30.29 -27.13 -25.43
N GLU BA 194 -29.60 -26.65 -26.46
CA GLU BA 194 -29.64 -25.23 -26.79
C GLU BA 194 -31.02 -24.80 -27.29
N GLN BA 195 -31.79 -25.76 -27.78
CA GLN BA 195 -33.11 -25.46 -28.31
C GLN BA 195 -34.24 -25.90 -27.37
N LEU BA 196 -33.96 -25.95 -26.08
CA LEU BA 196 -34.96 -26.34 -25.09
C LEU BA 196 -35.58 -25.06 -24.54
C1 BIQ CA . -10.26 17.65 16.47
C2 BIQ CA . -10.78 18.79 17.15
C3 BIQ CA . -11.99 18.62 18.10
O4 BIQ CA . -13.29 18.85 17.46
C5 BIQ CA . -13.80 17.84 16.63
N6 BIQ CA . -15.12 18.15 16.21
C7 BIQ CA . -16.02 17.22 15.46
C8 BIQ CA . -16.34 15.99 16.32
O9 BIQ CA . -15.55 15.06 16.29
N10 BIQ CA . -17.41 15.82 17.18
C11 BIQ CA . -18.64 16.62 17.40
C12 BIQ CA . -18.78 18.10 17.80
C13 BIQ CA . -18.71 18.41 19.26
N14 BIQ CA . -17.65 18.04 19.96
O15 BIQ CA . -19.65 19.01 19.76
C16 BIQ CA . -19.83 16.04 16.67
O17 BIQ CA . -19.99 16.34 15.52
N18 BIQ CA . -20.44 15.00 17.28
C19 BIQ CA . -21.47 14.19 16.63
C20 BIQ CA . -22.68 14.28 17.51
O21 BIQ CA . -22.55 14.13 18.75
N22 BIQ CA . -23.82 14.59 16.85
C23 BIQ CA . -25.14 14.79 17.40
C24 BIQ CA . -26.03 15.15 16.17
C25 BIQ CA . -27.48 15.40 16.51
C26 BIQ CA . -21.14 12.69 16.37
C27 BIQ CA . -20.00 12.53 15.40
C28 BIQ CA . -20.23 12.51 14.00
C29 BIQ CA . -19.16 12.39 13.08
C30 BIQ CA . -17.82 12.31 13.54
O31 BIQ CA . -16.74 12.47 12.62
C32 BIQ CA . -16.53 13.87 12.27
C33 BIQ CA . -16.11 14.75 13.29
C34 BIQ CA . -15.68 16.07 13.02
C35 BIQ CA . -15.70 16.52 11.67
C36 BIQ CA . -16.11 15.67 10.62
C37 BIQ CA . -16.54 14.34 10.88
N38 BIQ CA . -16.94 13.56 9.80
O39 BIQ CA . -17.55 14.14 8.85
O40 BIQ CA . -16.69 12.36 9.80
C41 BIQ CA . -15.21 17.01 14.14
C42 BIQ CA . -17.58 12.33 14.98
C43 BIQ CA . -18.67 12.44 15.88
O44 BIQ CA . -13.21 16.77 16.41
C45 BIQ CA . -10.18 20.06 16.94
C46 BIQ CA . -9.08 20.19 16.04
C47 BIQ CA . -8.58 19.04 15.35
C48 BIQ CA . -9.17 17.77 15.57
C1 BIQ DA . 18.15 -13.04 -13.50
C2 BIQ DA . 19.13 -13.94 -14.03
C3 BIQ DA . 19.02 -14.49 -15.45
O4 BIQ DA . 18.43 -15.85 -15.57
C5 BIQ DA . 17.05 -15.94 -15.46
N6 BIQ DA . 16.58 -17.26 -15.72
C7 BIQ DA . 15.14 -17.67 -15.78
C8 BIQ DA . 14.51 -17.00 -16.98
O9 BIQ DA . 14.09 -15.89 -16.81
N10 BIQ DA . 14.39 -17.49 -18.24
C11 BIQ DA . 14.66 -18.82 -18.81
C12 BIQ DA . 15.96 -19.66 -18.76
C13 BIQ DA . 16.97 -19.38 -19.86
N14 BIQ DA . 17.41 -18.15 -20.09
O15 BIQ DA . 17.39 -20.34 -20.52
C16 BIQ DA . 13.40 -19.65 -19.01
O17 BIQ DA . 13.00 -20.27 -18.04
N18 BIQ DA . 12.66 -19.37 -20.12
C19 BIQ DA . 11.31 -19.91 -20.35
C20 BIQ DA . 11.38 -20.65 -21.64
O21 BIQ DA . 11.90 -20.14 -22.62
N22 BIQ DA . 10.86 -21.91 -21.57
C23 BIQ DA . 10.80 -22.89 -22.63
C24 BIQ DA . 10.14 -24.13 -21.98
C25 BIQ DA . 9.98 -25.28 -22.96
C26 BIQ DA . 10.12 -18.90 -20.40
C27 BIQ DA . 9.95 -18.18 -19.05
C28 BIQ DA . 9.13 -18.74 -18.02
C29 BIQ DA . 8.99 -18.10 -16.76
C30 BIQ DA . 9.67 -16.89 -16.50
O31 BIQ DA . 9.71 -16.40 -15.16
C32 BIQ DA . 10.71 -17.11 -14.36
C33 BIQ DA . 12.07 -16.97 -14.73
C34 BIQ DA . 13.13 -17.45 -13.93
C35 BIQ DA . 12.82 -18.09 -12.71
C36 BIQ DA . 11.47 -18.26 -12.29
C37 BIQ DA . 10.38 -17.78 -13.09
N38 BIQ DA . 9.08 -17.96 -12.64
O39 BIQ DA . 8.83 -19.02 -12.03
O40 BIQ DA . 8.24 -17.11 -12.89
C41 BIQ DA . 14.62 -17.28 -14.34
C42 BIQ DA . 10.49 -16.30 -17.53
C43 BIQ DA . 10.62 -16.95 -18.81
O44 BIQ DA . 16.32 -14.96 -15.26
C45 BIQ DA . 20.24 -14.34 -13.22
C46 BIQ DA . 20.36 -13.85 -11.91
C47 BIQ DA . 19.39 -12.96 -11.38
C48 BIQ DA . 18.28 -12.55 -12.17
#